data_8HPV
#
_entry.id   8HPV
#
_cell.length_a   1.00
_cell.length_b   1.00
_cell.length_c   1.00
_cell.angle_alpha   90.00
_cell.angle_beta   90.00
_cell.angle_gamma   90.00
#
_symmetry.space_group_name_H-M   'P 1'
#
loop_
_entity.id
_entity.type
_entity.pdbx_description
1 polymer "Spike protein S2'"
2 polymer 'fab L5.34'
3 polymer 'fab L5.34'
4 polymer 'fab L4.65'
5 polymer 'fab L4.65'
6 branched 2-acetamido-2-deoxy-beta-D-glucopyranose-(1-4)-2-acetamido-2-deoxy-beta-D-glucopyranose
#
loop_
_entity_poly.entity_id
_entity_poly.type
_entity_poly.pdbx_seq_one_letter_code
_entity_poly.pdbx_strand_id
1 'polypeptide(L)'
;QCVNLTTRTQLPPAYTNSFTRGVYYPDKVFRSSVLHSTQDLFLPFFSNVTWFHAIHVSGTNGTKRFDNPVLPFNDGVYFA
STEKSNIIRGWIFGTTLDSKTQSLLIVNNATNVVIKVCEFQFCNDPFLGVYYHKNNKSWMESEFRVYSSANNCTFEYVSQ
PFLMDLEGKQGNFKNLREFVFKNIDGYFKIYSKHTPINLVRDLPQGFSALEPLVDLPIGINITRFQTLLALHRSYLTPGD
SSSGWTAGAAAYYVGYLQPRTFLLKYNENGTITDAVDCALDPLSETKCTLKSFTVEKGIYQTSNFRVQPTESIVRFPNIT
NLCPFGEVFNATRFASVYAWNRKRISNCVADYSVLYNSASFSTFKCYGVSPTKLNDLCFTNVYADSFVIRGDEVRQIAPG
QTGKIADYNYKLPDDFTGCVIAWNSNNLDSKVGGNYNYLYRLFRKSNLKPFERDISTEIYQAGSTPCNGVEGFNCYFPLQ
SYGFQPTNGVGYQPYRVVVLSFELLHAPATVCGPKKSTNLVKNKCVNFNFNGLTGTGVLTESNKKFLPFQQFGRDIADTT
DAVRDPQTLEILDITPCSFGGVSVITPGTNTSNQVAVLYQDVNCTEVPVAIHADQLTPTWRVYSTGSNVFQTRAGCLIGA
EHVNNSYECDIPIGAGICASYQTQTNSPRRARSVASQSIIAYTMSLGAENSVAYSNNSIAIPTNFTISVTTEILPVSMTK
TSVDCTMYICGDSTECSNLLLQYGSFCTQLNRALTGIAVEQDKNTQEVFAQVKQIYKTPPIKDFGGFNFSQILPDPSKPS
KRSPIEDLLFNKVTLADAGFIKQYGDCLGDIAARDLICAQKFNGLTVLPPLLTDEMIAQYTSALLAGTITSGWTFGAGPA
LQIPFPMQMAYRFNGIGVTQNVLYENQKLIANQFNSAIGKIQDSLSSTPSALGKLQDVVNQNAQALNTLVKQLSSNFGAI
SSVLNDILSRLDPPEAEVQIDRLITGRLQSLQTYVTQQLIRAAEIRASANLAATKMSECVLGQSKRVDFCGKGYHLMSFP
QSAPHGVVFLHVTYVPAQEKNFTTAPAICHDGKAHFPREGVFVSNGTHWFVTQRNFYEPQIITTDNTFVSGNCDVVIGIV
NNTVYDPLQPELDS
;
A,B,C
2 'polypeptide(L)'
;EVQLVESGGGLVQPGGSLRLSCAASEITVSSNYMNWVRQAPGKGLEWVSVVYPGGSTFYTDSVKGRFTISRDNSKNTLYL
QMNSLRAEDTAVYYCARESGGFPLAEGAFDIWGQGTMVTVSSASTKGPSVFPLAPSSKSTSGGTAALGCLVKDYFPEPVT
VSWNSGALTSGVHTFPAVLQSSGLYSLSSVVTVPSSSLGTQTYICNVNHKPSNTKVDKRVEPKSC
;
M,E,R
3 'polypeptide(L)'
;DIQMTQSPSSLSASVGDRVSITCRASQSISTHLHWYQQKPGKAPKLLISAASTLQSGVPSRFSGSGSGTDFTLTITSLQP
EDFATYYCQQSYSTPRGLSFGGGTKVEIKRTVAAPSVFIFPPSDEQLKSGTASVVCLLNNFYPREAKVQWKVDNALQSGN
SQESVTEQDSKDSTYSLSSTLTLSKADYEKHKVYACEVTHQGLSSPVTKSFNRGEC
;
N,F,S
4 'polypeptide(L)'
;QITLKESGPTLVKPTQTLTLTCTFSGFSLSTSGVGVAWIRQPPGKALEWLALIYWDNDKRSSPSLNNRLTITKDTSKNQV
VLTMTNMDPEDTATYYCAHFFSHYDSSNYYYGSWFDPWGQGTLVTVSSASTKGPSVFPLAPSSKSTSGGTAALGCLVKDY
FPEPVTVSWNSGALTSGVHTFPAVLQSSGLYSLSSVVTVPSSSLGTQTYICNVNHKPSNTKVDKRVEPKSC
;
H,P,I
5 'polypeptide(L)'
;EIVLTQSPGTLSLSPGERATLSCRASQSFDSRYLGWYQQKSGQAPRLLIYGASSRATGIPDRFSGSGSGTDFTLTISRLE
PEDFAVYYCQQFGDSPFTFGQGTKLEIKRTVAAPSVFIFPPSDEQLKSGTASVVCLLNNFYPREAKVQWKVDNALQSGNS
QESVTEQDSKDSTYSLSSTLTLSKADYEKHKVYACEVTHQGLSSPVTKSFNRGEC
;
L,Q,J
#
# COMPACT_ATOMS: atom_id res chain seq x y z
N GLN A 1 41.32 41.74 -21.04
CA GLN A 1 42.74 42.08 -20.91
C GLN A 1 43.30 41.63 -19.57
N CYS A 2 44.48 41.02 -19.60
CA CYS A 2 45.20 40.63 -18.39
C CYS A 2 46.65 41.07 -18.52
N VAL A 3 47.16 41.69 -17.45
CA VAL A 3 48.51 42.23 -17.43
C VAL A 3 49.21 41.69 -16.18
N ASN A 4 50.35 41.03 -16.38
CA ASN A 4 51.10 40.50 -15.24
C ASN A 4 51.97 41.59 -14.61
N LEU A 5 51.92 41.68 -13.29
CA LEU A 5 52.71 42.64 -12.54
C LEU A 5 53.93 41.91 -11.98
N THR A 6 55.10 42.20 -12.54
CA THR A 6 56.32 41.45 -12.26
C THR A 6 57.41 42.29 -11.61
N THR A 7 57.05 43.36 -10.90
CA THR A 7 58.00 44.16 -10.15
C THR A 7 57.84 43.98 -8.64
N ARG A 8 57.21 42.89 -8.21
CA ARG A 8 56.92 42.65 -6.81
C ARG A 8 58.20 42.28 -6.04
N THR A 9 58.16 42.53 -4.73
CA THR A 9 59.24 42.15 -3.82
C THR A 9 58.75 40.99 -2.96
N GLN A 10 59.40 39.84 -3.09
CA GLN A 10 58.94 38.64 -2.42
C GLN A 10 59.12 38.75 -0.90
N LEU A 11 58.05 38.47 -0.16
CA LEU A 11 58.06 38.53 1.29
C LEU A 11 56.79 37.88 1.83
N PRO A 12 56.88 37.03 2.87
CA PRO A 12 55.67 36.47 3.45
C PRO A 12 54.89 37.52 4.22
N PRO A 13 53.58 37.32 4.41
CA PRO A 13 52.77 38.31 5.12
C PRO A 13 53.04 38.29 6.62
N ALA A 14 52.53 39.32 7.30
CA ALA A 14 52.75 39.48 8.72
C ALA A 14 51.57 38.91 9.52
N TYR A 15 51.71 38.95 10.84
CA TYR A 15 50.64 38.56 11.76
C TYR A 15 50.51 39.62 12.83
N THR A 16 49.29 39.78 13.35
CA THR A 16 49.10 40.70 14.47
C THR A 16 47.88 40.27 15.27
N ASN A 17 47.53 41.08 16.27
CA ASN A 17 46.55 40.73 17.29
C ASN A 17 45.18 41.33 16.97
N SER A 18 44.14 40.54 17.21
CA SER A 18 42.78 41.00 16.92
C SER A 18 42.23 41.90 18.02
N PHE A 19 42.71 41.77 19.26
CA PHE A 19 42.16 42.47 20.42
C PHE A 19 40.71 42.02 20.57
N THR A 20 39.73 42.93 20.59
CA THR A 20 38.33 42.59 20.77
C THR A 20 37.49 43.14 19.64
N ARG A 21 37.92 42.91 18.40
CA ARG A 21 37.24 43.39 17.21
C ARG A 21 36.47 42.27 16.54
N GLY A 22 35.54 42.66 15.66
CA GLY A 22 34.79 41.71 14.86
C GLY A 22 33.43 41.32 15.38
N VAL A 23 32.81 42.13 16.24
CA VAL A 23 31.52 41.78 16.82
C VAL A 23 30.42 42.48 16.04
N TYR A 24 29.43 41.71 15.61
CA TYR A 24 28.33 42.20 14.80
C TYR A 24 27.00 41.82 15.44
N TYR A 25 25.94 42.52 15.03
CA TYR A 25 24.60 42.23 15.54
C TYR A 25 24.13 40.90 14.97
N PRO A 26 23.86 39.89 15.80
CA PRO A 26 23.51 38.57 15.27
C PRO A 26 22.10 38.47 14.71
N ASP A 27 21.16 39.25 15.22
CA ASP A 27 19.79 39.21 14.73
C ASP A 27 19.24 40.63 14.67
N LYS A 28 17.94 40.74 14.41
CA LYS A 28 17.29 42.01 14.15
C LYS A 28 16.51 42.53 15.37
N VAL A 29 16.61 41.82 16.49
CA VAL A 29 15.77 42.08 17.67
C VAL A 29 16.33 43.25 18.46
N PHE A 30 15.44 44.14 18.90
CA PHE A 30 15.83 45.25 19.74
C PHE A 30 15.84 44.81 21.20
N ARG A 31 16.90 45.14 21.92
CA ARG A 31 17.04 44.79 23.32
C ARG A 31 17.63 45.99 24.06
N SER A 32 17.11 46.27 25.25
CA SER A 32 17.49 47.47 25.99
C SER A 32 17.96 47.09 27.38
N SER A 33 19.20 47.45 27.71
CA SER A 33 19.80 47.18 29.01
C SER A 33 19.70 45.70 29.35
N VAL A 34 20.29 44.84 28.52
CA VAL A 34 20.16 43.40 28.65
C VAL A 34 21.55 42.79 28.53
N LEU A 35 21.72 41.60 29.11
CA LEU A 35 22.91 40.78 28.92
C LEU A 35 22.45 39.48 28.27
N HIS A 36 22.75 39.33 26.98
CA HIS A 36 22.21 38.24 26.19
C HIS A 36 23.33 37.30 25.76
N SER A 37 23.10 36.00 25.93
CA SER A 37 24.09 34.98 25.59
C SER A 37 23.69 34.34 24.26
N THR A 38 24.59 34.44 23.28
CA THR A 38 24.30 33.93 21.95
C THR A 38 25.50 33.15 21.40
N GLN A 39 25.23 32.02 20.78
CA GLN A 39 26.26 31.21 20.14
C GLN A 39 26.09 31.33 18.64
N ASP A 40 27.20 31.61 17.93
CA ASP A 40 27.16 31.90 16.51
C ASP A 40 28.60 31.86 15.99
N LEU A 41 28.78 32.26 14.74
CA LEU A 41 30.11 32.31 14.11
C LEU A 41 30.73 33.67 14.39
N PHE A 42 31.77 33.68 15.23
CA PHE A 42 32.38 34.91 15.70
C PHE A 42 33.88 34.84 15.49
N LEU A 43 34.52 36.02 15.52
CA LEU A 43 35.98 36.08 15.49
C LEU A 43 36.54 36.07 16.91
N PRO A 44 37.27 35.04 17.30
CA PRO A 44 37.68 34.91 18.71
C PRO A 44 38.56 36.06 19.16
N PHE A 45 38.45 36.39 20.44
CA PHE A 45 39.20 37.49 21.01
C PHE A 45 40.69 37.18 21.04
N PHE A 46 41.51 38.19 20.77
CA PHE A 46 42.96 38.08 20.80
C PHE A 46 43.46 36.98 19.87
N SER A 47 42.88 36.90 18.67
CA SER A 47 43.28 35.90 17.70
C SER A 47 44.40 36.42 16.82
N ASN A 48 44.91 35.55 15.95
CA ASN A 48 46.05 35.87 15.09
C ASN A 48 45.50 36.24 13.71
N VAL A 49 45.55 37.52 13.38
CA VAL A 49 44.97 38.04 12.14
C VAL A 49 46.10 38.35 11.16
N THR A 50 45.95 37.90 9.91
CA THR A 50 47.00 38.03 8.92
C THR A 50 47.03 39.44 8.36
N TRP A 51 48.24 39.94 8.12
CA TRP A 51 48.48 41.32 7.70
C TRP A 51 49.12 41.33 6.32
N PHE A 52 48.45 41.98 5.36
CA PHE A 52 48.95 42.16 4.01
C PHE A 52 49.16 43.64 3.74
N HIS A 53 50.19 43.96 2.97
CA HIS A 53 50.70 45.31 2.81
C HIS A 53 50.77 45.68 1.34
N ALA A 54 50.82 46.99 1.08
CA ALA A 54 50.96 47.53 -0.26
C ALA A 54 51.75 48.83 -0.13
N ILE A 55 52.98 48.83 -0.64
CA ILE A 55 53.90 49.94 -0.47
C ILE A 55 54.96 49.88 -1.57
N HIS A 56 55.67 50.99 -1.76
CA HIS A 56 56.78 51.03 -2.70
C HIS A 56 58.06 51.43 -1.99
N LYS A 64 58.71 47.79 -2.84
CA LYS A 64 57.64 47.62 -3.80
C LYS A 64 56.77 46.41 -3.42
N ARG A 65 55.73 46.66 -2.64
CA ARG A 65 54.86 45.61 -2.12
C ARG A 65 53.49 45.70 -2.75
N PHE A 66 52.97 44.56 -3.20
CA PHE A 66 51.65 44.48 -3.84
C PHE A 66 51.09 43.08 -3.55
N ASP A 67 50.16 43.02 -2.62
CA ASP A 67 49.64 41.75 -2.11
C ASP A 67 48.27 41.46 -2.72
N ASN A 68 48.14 40.29 -3.37
CA ASN A 68 46.86 39.72 -3.75
C ASN A 68 47.00 38.19 -3.79
N PRO A 69 47.17 37.53 -2.64
CA PRO A 69 47.11 36.06 -2.63
C PRO A 69 45.76 35.48 -3.02
N VAL A 70 45.67 34.16 -2.97
CA VAL A 70 44.43 33.42 -3.10
C VAL A 70 44.06 32.89 -1.72
N LEU A 71 42.97 33.39 -1.16
CA LEU A 71 42.66 33.05 0.22
C LEU A 71 41.40 32.20 0.30
N PRO A 72 41.38 31.20 1.18
CA PRO A 72 40.15 30.42 1.40
C PRO A 72 39.10 31.27 2.13
N PHE A 73 37.85 30.83 2.00
CA PHE A 73 36.74 31.52 2.65
C PHE A 73 36.37 30.88 3.98
N ASN A 74 36.50 29.57 4.10
CA ASN A 74 36.18 28.82 5.33
C ASN A 74 34.69 29.06 5.63
N ASP A 75 34.31 29.25 6.89
CA ASP A 75 32.91 29.46 7.23
C ASP A 75 32.50 30.92 7.14
N GLY A 76 33.44 31.84 7.07
CA GLY A 76 33.15 33.26 7.01
C GLY A 76 34.43 34.05 7.10
N VAL A 77 34.39 35.33 6.75
CA VAL A 77 35.60 36.13 6.65
C VAL A 77 35.41 37.44 7.37
N TYR A 78 36.40 37.84 8.17
CA TYR A 78 36.50 39.19 8.70
C TYR A 78 37.60 39.91 7.91
N PHE A 79 37.27 41.08 7.38
CA PHE A 79 38.16 41.87 6.54
C PHE A 79 38.28 43.24 7.18
N ALA A 80 39.51 43.70 7.40
CA ALA A 80 39.73 45.05 7.88
C ALA A 80 40.71 45.75 6.96
N SER A 81 40.58 47.07 6.86
CA SER A 81 41.45 47.85 5.97
C SER A 81 41.74 49.19 6.63
N THR A 82 43.02 49.48 6.85
CA THR A 82 43.45 50.78 7.36
C THR A 82 43.81 51.63 6.15
N GLU A 83 42.84 52.39 5.66
CA GLU A 83 42.89 52.92 4.31
C GLU A 83 42.92 54.45 4.30
N LYS A 84 43.62 54.97 3.30
CA LYS A 84 43.53 56.36 2.87
C LYS A 84 43.82 56.39 1.38
N SER A 85 43.28 57.40 0.70
CA SER A 85 43.42 57.61 -0.74
C SER A 85 42.68 56.56 -1.57
N ASN A 86 41.88 55.70 -0.92
CA ASN A 86 40.92 54.82 -1.59
C ASN A 86 41.61 53.90 -2.61
N ILE A 87 42.46 53.02 -2.09
CA ILE A 87 43.15 52.06 -2.94
C ILE A 87 42.36 50.76 -3.09
N ILE A 88 41.84 50.23 -1.98
CA ILE A 88 41.09 48.98 -2.03
C ILE A 88 39.70 49.26 -2.59
N ARG A 89 39.22 48.36 -3.45
CA ARG A 89 37.96 48.58 -4.16
C ARG A 89 36.89 47.54 -3.89
N GLY A 90 37.18 46.26 -4.06
CA GLY A 90 36.12 45.26 -4.03
C GLY A 90 36.69 43.87 -3.96
N TRP A 91 35.84 42.90 -4.29
CA TRP A 91 36.18 41.51 -4.03
C TRP A 91 35.60 40.58 -5.10
N ILE A 92 36.27 39.43 -5.23
CA ILE A 92 35.86 38.31 -6.07
C ILE A 92 35.57 37.14 -5.13
N PHE A 93 34.43 36.48 -5.33
CA PHE A 93 34.12 35.28 -4.57
C PHE A 93 33.72 34.17 -5.53
N GLY A 94 34.06 32.93 -5.16
CA GLY A 94 33.60 31.80 -5.93
C GLY A 94 34.23 30.51 -5.45
N THR A 95 34.19 29.50 -6.31
CA THR A 95 34.81 28.20 -6.05
C THR A 95 36.03 27.97 -6.91
N THR A 96 35.93 28.14 -8.23
CA THR A 96 37.06 27.97 -9.12
C THR A 96 37.53 29.28 -9.76
N LEU A 97 36.70 30.33 -9.74
CA LEU A 97 37.06 31.63 -10.31
C LEU A 97 37.36 31.52 -11.81
N ASP A 98 36.54 30.75 -12.52
CA ASP A 98 36.62 30.64 -13.97
C ASP A 98 35.21 30.63 -14.53
N SER A 99 35.07 30.25 -15.80
CA SER A 99 33.75 30.20 -16.43
C SER A 99 33.04 28.88 -16.18
N LYS A 100 33.68 27.91 -15.54
CA LYS A 100 33.03 26.64 -15.25
C LYS A 100 31.97 26.80 -14.16
N THR A 101 32.26 27.59 -13.14
CA THR A 101 31.37 27.78 -12.01
C THR A 101 30.85 29.21 -11.97
N GLN A 102 29.96 29.48 -11.01
CA GLN A 102 29.32 30.77 -10.86
C GLN A 102 30.04 31.57 -9.77
N SER A 103 30.31 32.84 -10.05
CA SER A 103 31.10 33.67 -9.16
C SER A 103 30.43 35.01 -8.92
N LEU A 104 30.73 35.57 -7.76
CA LEU A 104 30.19 36.85 -7.32
C LEU A 104 31.26 37.92 -7.44
N LEU A 105 30.92 39.01 -8.12
CA LEU A 105 31.83 40.14 -8.32
C LEU A 105 31.23 41.36 -7.62
N ILE A 106 31.99 41.95 -6.71
CA ILE A 106 31.58 43.18 -6.05
C ILE A 106 32.63 44.24 -6.35
N VAL A 107 32.21 45.36 -6.94
CA VAL A 107 33.13 46.45 -7.25
C VAL A 107 32.56 47.76 -6.73
N ASN A 108 33.46 48.65 -6.36
CA ASN A 108 33.12 50.03 -5.99
C ASN A 108 34.07 50.93 -6.76
N ASN A 109 33.69 51.27 -7.99
CA ASN A 109 34.49 52.15 -8.82
C ASN A 109 34.24 53.60 -8.39
N ALA A 110 34.70 54.57 -9.19
CA ALA A 110 34.50 55.96 -8.83
C ALA A 110 33.07 56.44 -9.03
N THR A 111 32.16 55.57 -9.48
CA THR A 111 30.79 55.98 -9.75
C THR A 111 29.79 55.39 -8.77
N ASN A 112 29.72 54.06 -8.66
CA ASN A 112 28.71 53.42 -7.84
C ASN A 112 29.12 51.99 -7.53
N VAL A 113 28.44 51.40 -6.55
CA VAL A 113 28.73 50.05 -6.07
C VAL A 113 27.89 49.06 -6.87
N VAL A 114 28.56 48.12 -7.53
CA VAL A 114 27.94 47.18 -8.45
C VAL A 114 28.20 45.76 -7.95
N ILE A 115 27.14 44.95 -7.91
CA ILE A 115 27.22 43.55 -7.51
C ILE A 115 26.66 42.72 -8.66
N LYS A 116 27.43 41.74 -9.13
CA LYS A 116 27.00 40.86 -10.20
C LYS A 116 27.26 39.41 -9.80
N VAL A 117 26.45 38.51 -10.34
CA VAL A 117 26.63 37.08 -10.13
C VAL A 117 26.67 36.44 -11.52
N CYS A 118 27.88 36.18 -12.01
CA CYS A 118 28.05 35.68 -13.37
C CYS A 118 29.20 34.68 -13.39
N GLU A 119 29.37 34.04 -14.55
CA GLU A 119 30.48 33.10 -14.76
C GLU A 119 31.58 33.84 -15.52
N PHE A 120 32.28 34.72 -14.80
CA PHE A 120 33.36 35.48 -15.39
C PHE A 120 34.56 34.59 -15.66
N GLN A 121 35.33 34.94 -16.69
CA GLN A 121 36.65 34.33 -16.92
C GLN A 121 37.68 35.29 -16.33
N PHE A 122 38.00 35.09 -15.06
CA PHE A 122 38.85 36.03 -14.35
C PHE A 122 40.31 35.88 -14.76
N CYS A 123 41.04 36.99 -14.70
CA CYS A 123 42.47 36.96 -14.97
C CYS A 123 43.22 36.30 -13.81
N ASN A 124 44.53 36.11 -14.00
CA ASN A 124 45.37 35.65 -12.91
C ASN A 124 45.67 36.77 -11.93
N ASP A 125 45.82 38.00 -12.43
CA ASP A 125 46.10 39.18 -11.59
C ASP A 125 45.14 40.29 -11.97
N PRO A 126 43.85 40.17 -11.64
CA PRO A 126 42.91 41.26 -11.91
C PRO A 126 43.23 42.49 -11.08
N PHE A 127 42.97 43.66 -11.66
CA PHE A 127 43.29 44.89 -10.96
C PHE A 127 42.52 46.07 -11.56
N LEU A 128 42.63 47.19 -10.86
CA LEU A 128 42.15 48.50 -11.28
C LEU A 128 43.35 49.45 -11.36
N GLY A 129 43.17 50.54 -12.10
CA GLY A 129 44.23 51.50 -12.29
C GLY A 129 43.76 52.92 -12.40
N VAL A 130 44.43 53.83 -11.69
CA VAL A 130 44.07 55.25 -11.67
C VAL A 130 45.23 56.02 -12.27
N TYR A 131 44.93 56.89 -13.24
CA TYR A 131 45.95 57.64 -13.96
C TYR A 131 46.11 59.03 -13.36
N TYR A 132 47.35 59.49 -13.29
CA TYR A 132 47.65 60.81 -12.74
C TYR A 132 48.62 61.57 -13.65
N MET A 140 42.73 59.80 -12.23
CA MET A 140 41.45 59.49 -12.87
C MET A 140 41.43 58.04 -13.38
N GLU A 141 40.28 57.39 -13.21
CA GLU A 141 40.17 55.94 -13.36
C GLU A 141 40.00 55.58 -14.83
N SER A 142 41.01 54.91 -15.40
CA SER A 142 40.96 54.53 -16.81
C SER A 142 41.57 53.15 -17.06
N GLU A 143 41.43 52.22 -16.10
CA GLU A 143 42.03 50.91 -16.25
C GLU A 143 41.28 49.91 -15.38
N PHE A 144 40.76 48.86 -16.02
CA PHE A 144 39.90 47.89 -15.34
C PHE A 144 40.12 46.54 -15.99
N ARG A 145 41.00 45.70 -15.42
CA ARG A 145 41.33 44.41 -16.05
C ARG A 145 41.04 43.31 -15.03
N VAL A 146 39.81 42.79 -15.06
CA VAL A 146 39.35 41.79 -14.11
C VAL A 146 38.93 40.51 -14.83
N TYR A 147 38.01 40.62 -15.78
CA TYR A 147 37.44 39.46 -16.45
C TYR A 147 37.55 39.62 -17.95
N SER A 148 37.64 38.48 -18.64
CA SER A 148 37.67 38.47 -20.10
C SER A 148 36.35 38.05 -20.73
N SER A 149 35.38 37.60 -19.93
CA SER A 149 34.08 37.19 -20.45
C SER A 149 33.06 37.24 -19.33
N ALA A 150 31.79 37.31 -19.73
CA ALA A 150 30.68 37.24 -18.79
C ALA A 150 29.46 36.74 -19.55
N ASN A 151 29.14 35.45 -19.40
CA ASN A 151 28.13 34.82 -20.23
C ASN A 151 26.78 34.68 -19.54
N ASN A 152 26.72 33.97 -18.41
CA ASN A 152 25.46 33.69 -17.73
C ASN A 152 25.42 34.50 -16.44
N CYS A 153 24.59 35.53 -16.41
CA CYS A 153 24.39 36.36 -15.23
C CYS A 153 23.01 36.08 -14.65
N THR A 154 22.97 35.80 -13.35
CA THR A 154 21.73 35.45 -12.65
C THR A 154 21.24 36.55 -11.72
N PHE A 155 22.13 37.38 -11.20
CA PHE A 155 21.78 38.41 -10.24
C PHE A 155 22.59 39.66 -10.48
N GLU A 156 21.96 40.83 -10.31
CA GLU A 156 22.62 42.12 -10.39
C GLU A 156 22.01 43.04 -9.35
N TYR A 157 22.81 43.95 -8.82
CA TYR A 157 22.37 44.83 -7.74
C TYR A 157 23.27 46.06 -7.68
N VAL A 158 22.70 47.23 -7.94
CA VAL A 158 23.41 48.50 -7.81
C VAL A 158 22.99 49.13 -6.48
N SER A 159 23.97 49.59 -5.72
CA SER A 159 23.68 50.16 -4.40
C SER A 159 24.45 51.45 -4.23
N GLN A 160 24.42 51.98 -3.01
CA GLN A 160 25.13 53.20 -2.68
C GLN A 160 26.59 52.90 -2.39
N PRO A 161 27.47 53.91 -2.45
CA PRO A 161 28.91 53.67 -2.20
C PRO A 161 29.15 53.26 -0.75
N PHE A 162 29.82 52.12 -0.57
CA PHE A 162 30.20 51.69 0.77
C PHE A 162 31.17 52.66 1.41
N LEU A 163 32.16 53.12 0.66
CA LEU A 163 33.25 53.92 1.20
C LEU A 163 33.08 55.40 0.88
N ASN A 172 50.02 59.02 7.54
CA ASN A 172 49.18 58.44 8.59
C ASN A 172 47.83 58.03 8.05
N PHE A 173 47.40 56.82 8.44
CA PHE A 173 46.10 56.31 8.00
C PHE A 173 44.98 57.12 8.63
N LYS A 174 43.86 57.25 7.91
CA LYS A 174 42.75 58.07 8.37
C LYS A 174 41.44 57.32 8.48
N ASN A 175 41.17 56.36 7.61
CA ASN A 175 39.92 55.62 7.64
C ASN A 175 40.20 54.16 7.99
N LEU A 176 39.24 53.52 8.64
CA LEU A 176 39.31 52.10 8.95
C LEU A 176 37.99 51.47 8.56
N ARG A 177 38.04 50.42 7.75
CA ARG A 177 36.85 49.79 7.22
C ARG A 177 36.82 48.34 7.65
N GLU A 178 35.76 47.94 8.35
CA GLU A 178 35.59 46.55 8.76
C GLU A 178 34.38 45.95 8.06
N PHE A 179 34.53 44.71 7.62
CA PHE A 179 33.50 43.99 6.89
C PHE A 179 33.48 42.54 7.38
N VAL A 180 32.28 42.00 7.54
CA VAL A 180 32.09 40.60 7.85
C VAL A 180 31.26 39.99 6.74
N PHE A 181 31.79 38.94 6.11
CA PHE A 181 31.14 38.24 5.02
C PHE A 181 30.77 36.85 5.48
N LYS A 182 29.51 36.48 5.26
CA LYS A 182 29.01 35.15 5.61
C LYS A 182 28.16 34.62 4.46
N ASN A 183 28.02 33.30 4.39
CA ASN A 183 27.23 32.64 3.35
C ASN A 183 26.53 31.45 3.99
N ILE A 184 25.24 31.62 4.29
CA ILE A 184 24.46 30.58 4.96
C ILE A 184 23.14 30.40 4.22
N ASP A 185 22.72 29.14 4.06
CA ASP A 185 21.46 28.72 3.42
C ASP A 185 21.07 29.58 2.22
N GLY A 186 22.02 29.79 1.30
CA GLY A 186 21.73 30.45 0.05
C GLY A 186 21.72 31.96 0.11
N TYR A 187 22.06 32.54 1.25
CA TYR A 187 22.07 33.98 1.44
C TYR A 187 23.49 34.42 1.77
N PHE A 188 23.94 35.49 1.11
CA PHE A 188 25.22 36.11 1.38
C PHE A 188 25.00 37.35 2.23
N LYS A 189 25.54 37.35 3.45
CA LYS A 189 25.34 38.43 4.39
C LYS A 189 26.60 39.27 4.49
N ILE A 190 26.43 40.59 4.41
CA ILE A 190 27.51 41.55 4.56
C ILE A 190 27.15 42.49 5.71
N TYR A 191 28.00 42.49 6.73
CA TYR A 191 27.97 43.46 7.82
C TYR A 191 29.16 44.39 7.66
N SER A 192 29.02 45.65 8.07
CA SER A 192 30.07 46.61 7.81
C SER A 192 30.13 47.67 8.90
N LYS A 193 31.27 48.35 8.96
CA LYS A 193 31.47 49.46 9.88
C LYS A 193 32.60 50.34 9.37
N HIS A 194 32.47 51.64 9.59
CA HIS A 194 33.45 52.63 9.19
C HIS A 194 33.87 53.42 10.42
N THR A 195 35.19 53.61 10.57
CA THR A 195 35.72 54.25 11.77
C THR A 195 36.77 55.27 11.39
N PRO A 196 36.76 56.46 11.99
CA PRO A 196 37.88 57.40 11.83
C PRO A 196 38.97 57.17 12.87
N ILE A 197 40.19 56.93 12.40
CA ILE A 197 41.31 56.58 13.25
C ILE A 197 42.49 57.50 12.94
N ASN A 198 43.43 57.53 13.89
CA ASN A 198 44.64 58.34 13.74
C ASN A 198 45.89 57.52 14.04
N LEU A 199 45.75 56.21 14.19
CA LEU A 199 46.86 55.32 14.48
C LEU A 199 47.63 55.05 13.19
N VAL A 200 48.92 54.79 13.33
CA VAL A 200 49.81 54.77 12.16
C VAL A 200 49.77 53.40 11.48
N ARG A 201 50.03 52.32 12.21
CA ARG A 201 50.35 51.05 11.57
C ARG A 201 49.32 49.95 11.80
N ASP A 202 49.00 49.62 13.05
CA ASP A 202 48.28 48.41 13.37
C ASP A 202 46.84 48.71 13.79
N LEU A 203 46.13 47.68 14.23
CA LEU A 203 44.74 47.82 14.61
C LEU A 203 44.63 48.58 15.92
N PRO A 204 43.66 49.49 16.07
CA PRO A 204 43.50 50.20 17.33
C PRO A 204 42.77 49.35 18.35
N GLN A 205 42.94 49.71 19.62
CA GLN A 205 42.30 49.02 20.73
C GLN A 205 40.98 49.71 21.04
N GLY A 206 39.89 48.96 20.96
CA GLY A 206 38.60 49.52 21.27
C GLY A 206 37.49 48.55 20.89
N PHE A 207 36.27 48.95 21.18
CA PHE A 207 35.10 48.14 20.90
C PHE A 207 34.12 48.94 20.05
N SER A 208 33.63 48.31 18.97
CA SER A 208 32.66 48.93 18.08
C SER A 208 31.93 47.82 17.34
N ALA A 209 30.61 47.79 17.45
CA ALA A 209 29.82 46.71 16.86
C ALA A 209 29.59 46.99 15.37
N LEU A 210 29.46 45.92 14.60
CA LEU A 210 29.26 46.01 13.16
C LEU A 210 27.78 45.86 12.85
N GLU A 211 27.24 46.81 12.08
CA GLU A 211 25.83 46.78 11.73
C GLU A 211 25.60 45.99 10.45
N PRO A 212 24.42 45.39 10.27
CA PRO A 212 24.13 44.70 9.02
C PRO A 212 23.97 45.69 7.88
N LEU A 213 24.54 45.34 6.72
CA LEU A 213 24.52 46.22 5.57
C LEU A 213 23.68 45.65 4.43
N VAL A 214 23.81 44.36 4.12
CA VAL A 214 23.03 43.82 3.02
C VAL A 214 22.95 42.30 3.14
N ASP A 215 21.88 41.74 2.57
CA ASP A 215 21.67 40.31 2.47
C ASP A 215 21.27 40.04 1.03
N LEU A 216 21.98 39.13 0.37
CA LEU A 216 21.81 38.91 -1.06
C LEU A 216 21.40 37.47 -1.34
N PRO A 217 20.30 37.25 -2.06
CA PRO A 217 19.89 35.88 -2.45
C PRO A 217 20.56 35.42 -3.73
N ILE A 218 21.83 35.05 -3.61
CA ILE A 218 22.61 34.69 -4.79
C ILE A 218 22.62 33.17 -5.00
N GLY A 219 22.65 32.41 -3.92
CA GLY A 219 22.60 30.96 -4.03
C GLY A 219 23.77 30.33 -4.74
N ILE A 220 24.97 30.85 -4.53
CA ILE A 220 26.18 30.30 -5.14
C ILE A 220 27.10 29.80 -4.05
N ASN A 221 27.87 28.77 -4.38
CA ASN A 221 28.87 28.24 -3.46
C ASN A 221 30.11 29.12 -3.50
N ILE A 222 30.73 29.32 -2.35
CA ILE A 222 31.94 30.12 -2.24
C ILE A 222 32.93 29.39 -1.35
N THR A 223 34.14 29.15 -1.88
CA THR A 223 35.24 28.59 -1.10
C THR A 223 36.53 29.37 -1.24
N ARG A 224 36.59 30.37 -2.13
CA ARG A 224 37.82 31.12 -2.40
C ARG A 224 37.44 32.55 -2.76
N PHE A 225 38.33 33.48 -2.44
CA PHE A 225 38.03 34.89 -2.70
C PHE A 225 39.33 35.65 -2.93
N GLN A 226 39.18 36.81 -3.57
CA GLN A 226 40.28 37.69 -3.95
C GLN A 226 39.93 39.13 -3.60
N THR A 227 40.91 39.90 -3.17
CA THR A 227 40.75 41.34 -3.01
C THR A 227 41.13 42.04 -4.30
N LEU A 228 40.61 43.26 -4.49
CA LEU A 228 40.86 44.03 -5.70
C LEU A 228 41.40 45.40 -5.33
N LEU A 229 42.57 45.74 -5.87
CA LEU A 229 43.24 47.00 -5.59
C LEU A 229 43.17 47.89 -6.82
N ALA A 230 43.64 49.14 -6.67
CA ALA A 230 43.72 50.08 -7.76
C ALA A 230 45.15 50.60 -7.88
N LEU A 231 45.70 50.53 -9.09
CA LEU A 231 47.08 50.95 -9.33
C LEU A 231 47.19 52.47 -9.38
N HIS A 232 48.43 52.95 -9.38
CA HIS A 232 48.74 54.36 -9.58
C HIS A 232 49.68 54.47 -10.78
N ARG A 233 49.21 55.12 -11.85
CA ARG A 233 50.00 55.33 -13.04
C ARG A 233 50.26 56.83 -13.24
N SER A 234 51.53 57.18 -13.42
CA SER A 234 51.92 58.56 -13.63
C SER A 234 52.49 58.76 -15.03
N GLY A 244 55.71 52.09 -15.95
CA GLY A 244 55.51 51.22 -14.83
C GLY A 244 54.30 51.58 -13.99
N TRP A 245 54.28 51.11 -12.75
CA TRP A 245 53.16 51.36 -11.83
C TRP A 245 53.68 51.47 -10.41
N THR A 246 52.89 52.14 -9.57
CA THR A 246 53.21 52.33 -8.16
C THR A 246 51.98 51.99 -7.33
N ALA A 247 52.22 51.41 -6.16
CA ALA A 247 51.15 51.03 -5.25
C ALA A 247 51.11 52.00 -4.07
N GLY A 248 49.92 52.51 -3.76
CA GLY A 248 49.78 53.43 -2.66
C GLY A 248 49.93 52.75 -1.32
N ALA A 249 50.12 53.57 -0.29
CA ALA A 249 50.32 53.06 1.07
C ALA A 249 49.01 52.48 1.59
N ALA A 250 48.89 51.16 1.54
CA ALA A 250 47.67 50.50 1.96
C ALA A 250 48.01 49.28 2.81
N ALA A 251 47.09 48.93 3.70
CA ALA A 251 47.29 47.79 4.58
C ALA A 251 45.94 47.20 4.94
N TYR A 252 45.84 45.88 4.87
CA TYR A 252 44.60 45.23 5.26
C TYR A 252 44.90 43.95 6.03
N TYR A 253 43.87 43.48 6.75
CA TYR A 253 43.98 42.34 7.65
C TYR A 253 42.85 41.37 7.37
N VAL A 254 43.14 40.08 7.48
CA VAL A 254 42.18 39.02 7.21
C VAL A 254 42.13 38.08 8.41
N GLY A 255 40.92 37.82 8.90
CA GLY A 255 40.70 36.86 9.96
C GLY A 255 39.54 35.92 9.65
N TYR A 256 39.41 34.82 10.37
CA TYR A 256 38.41 33.81 10.08
C TYR A 256 37.53 33.55 11.29
N LEU A 257 36.26 33.26 11.03
CA LEU A 257 35.26 33.08 12.08
C LEU A 257 35.15 31.63 12.47
N GLN A 258 34.70 31.38 13.70
CA GLN A 258 34.54 30.06 14.28
C GLN A 258 33.28 30.01 15.13
N PRO A 259 32.67 28.84 15.28
CA PRO A 259 31.45 28.74 16.10
C PRO A 259 31.79 28.75 17.59
N ARG A 260 31.18 29.68 18.32
CA ARG A 260 31.45 29.83 19.75
C ARG A 260 30.35 30.68 20.38
N THR A 261 30.40 30.80 21.70
CA THR A 261 29.38 31.46 22.49
C THR A 261 29.92 32.78 23.05
N PHE A 262 29.11 33.83 22.97
CA PHE A 262 29.47 35.15 23.47
C PHE A 262 28.37 35.66 24.39
N LEU A 263 28.73 36.64 25.21
CA LEU A 263 27.79 37.35 26.08
C LEU A 263 27.85 38.83 25.71
N LEU A 264 26.73 39.37 25.24
CA LEU A 264 26.67 40.72 24.70
C LEU A 264 25.87 41.62 25.63
N LYS A 265 26.30 42.89 25.71
CA LYS A 265 25.67 43.87 26.59
C LYS A 265 24.97 44.92 25.74
N TYR A 266 23.66 45.06 25.95
CA TYR A 266 22.86 46.05 25.24
C TYR A 266 22.52 47.18 26.20
N ASN A 267 22.84 48.41 25.80
CA ASN A 267 22.52 49.58 26.60
C ASN A 267 21.05 49.96 26.38
N GLU A 268 20.62 51.09 26.93
CA GLU A 268 19.20 51.44 26.90
C GLU A 268 18.73 51.81 25.50
N ASN A 269 19.62 52.22 24.60
CA ASN A 269 19.23 52.56 23.24
C ASN A 269 19.30 51.38 22.29
N GLY A 270 19.65 50.19 22.77
CA GLY A 270 19.72 49.03 21.92
C GLY A 270 21.04 48.82 21.20
N THR A 271 22.13 49.40 21.69
CA THR A 271 23.43 49.29 21.06
C THR A 271 24.31 48.31 21.84
N ILE A 272 25.04 47.47 21.13
CA ILE A 272 25.99 46.55 21.77
C ILE A 272 27.23 47.35 22.16
N THR A 273 27.54 47.39 23.46
CA THR A 273 28.65 48.18 23.95
C THR A 273 29.78 47.35 24.55
N ASP A 274 29.57 46.08 24.85
CA ASP A 274 30.64 45.24 25.36
C ASP A 274 30.27 43.78 25.15
N ALA A 275 31.30 42.93 25.15
CA ALA A 275 31.10 41.50 24.93
C ALA A 275 32.11 40.72 25.75
N VAL A 276 31.77 39.46 26.00
CA VAL A 276 32.63 38.51 26.71
C VAL A 276 32.68 37.23 25.89
N ASP A 277 33.89 36.74 25.63
CA ASP A 277 34.09 35.44 24.98
C ASP A 277 34.04 34.34 26.03
N CYS A 278 33.08 33.44 25.91
CA CYS A 278 32.81 32.49 26.98
C CYS A 278 33.83 31.37 27.05
N ALA A 279 34.81 31.33 26.13
CA ALA A 279 35.80 30.26 26.12
C ALA A 279 37.23 30.80 26.05
N LEU A 280 37.46 32.03 26.50
CA LEU A 280 38.80 32.59 26.43
C LEU A 280 39.67 32.11 27.59
N ASP A 281 39.27 32.41 28.83
CA ASP A 281 40.00 32.07 30.02
C ASP A 281 39.01 31.74 31.14
N PRO A 282 39.49 31.22 32.28
CA PRO A 282 38.55 30.84 33.35
C PRO A 282 37.69 31.98 33.89
N LEU A 283 38.22 33.20 33.98
CA LEU A 283 37.42 34.31 34.50
C LEU A 283 36.26 34.63 33.57
N SER A 284 36.50 34.62 32.25
CA SER A 284 35.43 34.84 31.30
C SER A 284 34.39 33.73 31.35
N GLU A 285 34.80 32.48 31.58
CA GLU A 285 33.81 31.43 31.67
C GLU A 285 32.99 31.54 32.95
N THR A 286 33.60 32.00 34.05
CA THR A 286 32.83 32.30 35.25
C THR A 286 31.82 33.41 34.99
N LYS A 287 32.23 34.46 34.28
CA LYS A 287 31.31 35.54 33.94
C LYS A 287 30.15 35.02 33.08
N CYS A 288 30.47 34.14 32.12
CA CYS A 288 29.44 33.63 31.23
C CYS A 288 28.49 32.70 31.97
N THR A 289 28.99 31.99 32.98
CA THR A 289 28.13 31.11 33.76
C THR A 289 27.23 31.90 34.72
N LEU A 290 27.75 32.98 35.30
CA LEU A 290 26.94 33.81 36.17
C LEU A 290 26.13 34.85 35.40
N LYS A 291 26.37 34.99 34.09
CA LYS A 291 25.65 35.96 33.25
C LYS A 291 25.77 37.38 33.81
N SER A 292 26.97 37.75 34.23
CA SER A 292 27.23 39.08 34.76
C SER A 292 28.63 39.51 34.37
N PHE A 293 28.83 40.81 34.24
CA PHE A 293 30.13 41.37 33.91
C PHE A 293 30.99 41.64 35.14
N THR A 294 30.44 41.44 36.33
CA THR A 294 31.18 41.60 37.58
C THR A 294 30.98 40.35 38.43
N VAL A 295 32.00 39.99 39.20
CA VAL A 295 32.00 38.77 39.99
C VAL A 295 32.41 39.13 41.41
N GLU A 296 31.66 38.65 42.39
CA GLU A 296 32.05 38.83 43.79
C GLU A 296 32.96 37.71 44.25
N LYS A 297 33.67 37.97 45.34
CA LYS A 297 34.60 36.99 45.90
C LYS A 297 33.89 35.70 46.27
N GLY A 298 34.48 34.57 45.90
CA GLY A 298 33.89 33.29 46.19
C GLY A 298 34.52 32.21 45.33
N ILE A 299 33.83 31.07 45.28
CA ILE A 299 34.23 29.94 44.45
C ILE A 299 32.99 29.44 43.71
N TYR A 300 33.14 29.21 42.41
CA TYR A 300 32.02 28.93 41.52
C TYR A 300 32.33 27.69 40.70
N GLN A 301 31.39 26.76 40.64
CA GLN A 301 31.59 25.54 39.87
C GLN A 301 31.18 25.80 38.42
N THR A 302 32.16 25.90 37.53
CA THR A 302 31.91 26.34 36.16
C THR A 302 31.90 25.23 35.14
N SER A 303 32.66 24.14 35.33
CA SER A 303 32.80 23.21 34.22
C SER A 303 32.86 21.78 34.75
N ASN A 304 32.91 20.83 33.83
CA ASN A 304 33.03 19.41 34.16
C ASN A 304 34.23 18.85 33.41
N PHE A 305 35.07 18.12 34.13
CA PHE A 305 36.27 17.51 33.56
C PHE A 305 36.05 16.02 33.36
N ARG A 306 36.39 15.52 32.17
CA ARG A 306 36.18 14.12 31.82
C ARG A 306 37.34 13.63 30.96
N VAL A 307 37.95 12.52 31.36
CA VAL A 307 39.06 11.94 30.61
C VAL A 307 38.50 11.07 29.49
N GLN A 308 39.13 11.13 28.32
CA GLN A 308 38.63 10.45 27.13
C GLN A 308 39.44 9.19 26.84
N PRO A 309 38.82 8.16 26.29
CA PRO A 309 39.55 6.91 26.01
C PRO A 309 40.61 7.11 24.94
N THR A 310 41.70 6.35 25.05
CA THR A 310 42.83 6.44 24.14
C THR A 310 42.75 5.46 22.98
N GLU A 311 42.50 4.19 23.26
CA GLU A 311 42.55 3.12 22.28
C GLU A 311 41.26 2.32 22.30
N SER A 312 41.27 1.20 21.59
CA SER A 312 40.15 0.27 21.57
C SER A 312 40.71 -1.14 21.59
N ILE A 313 40.10 -2.02 22.40
CA ILE A 313 40.63 -3.35 22.67
C ILE A 313 39.55 -4.36 22.36
N VAL A 314 39.93 -5.47 21.71
CA VAL A 314 39.05 -6.60 21.47
C VAL A 314 39.82 -7.85 21.83
N ARG A 315 39.26 -8.67 22.71
CA ARG A 315 39.90 -9.91 23.15
C ARG A 315 38.92 -11.07 23.00
N PHE A 316 39.43 -12.20 22.51
CA PHE A 316 38.68 -13.42 22.26
C PHE A 316 39.59 -14.61 22.51
N PRO A 317 39.03 -15.79 22.75
CA PRO A 317 39.86 -16.96 23.06
C PRO A 317 40.60 -17.47 21.82
N ASN A 318 41.56 -18.37 22.06
CA ASN A 318 42.41 -18.88 21.00
C ASN A 318 41.58 -19.59 19.94
N ILE A 319 42.01 -19.46 18.68
CA ILE A 319 41.35 -20.14 17.56
C ILE A 319 41.89 -21.57 17.55
N THR A 320 40.98 -22.53 17.68
CA THR A 320 41.30 -23.95 17.63
C THR A 320 40.30 -24.67 16.72
N ASN A 321 40.48 -25.99 16.61
CA ASN A 321 39.60 -26.93 15.91
C ASN A 321 38.96 -26.31 14.66
N LEU A 322 39.83 -25.92 13.73
CA LEU A 322 39.38 -25.36 12.47
C LEU A 322 38.65 -26.42 11.64
N CYS A 323 37.70 -25.97 10.82
CA CYS A 323 36.96 -26.89 9.98
C CYS A 323 37.89 -27.49 8.92
N PRO A 324 37.83 -28.80 8.68
CA PRO A 324 38.75 -29.47 7.75
C PRO A 324 38.33 -29.33 6.29
N PHE A 325 38.53 -28.14 5.73
CA PHE A 325 38.29 -27.91 4.31
C PHE A 325 39.26 -28.65 3.40
N GLY A 326 40.52 -28.85 3.83
CA GLY A 326 41.47 -29.58 3.02
C GLY A 326 41.09 -31.01 2.75
N GLU A 327 40.18 -31.56 3.53
CA GLU A 327 39.66 -32.91 3.31
C GLU A 327 38.71 -32.97 2.13
N VAL A 328 38.23 -31.83 1.66
CA VAL A 328 37.28 -31.76 0.54
C VAL A 328 37.94 -31.20 -0.71
N PHE A 329 38.56 -30.03 -0.61
CA PHE A 329 39.17 -29.42 -1.78
C PHE A 329 40.39 -30.17 -2.28
N ASN A 330 41.13 -30.83 -1.37
CA ASN A 330 42.33 -31.57 -1.74
C ASN A 330 42.10 -33.08 -1.74
N ALA A 331 40.86 -33.51 -1.95
CA ALA A 331 40.58 -34.94 -2.04
C ALA A 331 41.32 -35.55 -3.22
N THR A 332 41.80 -36.78 -3.03
CA THR A 332 42.58 -37.43 -4.08
C THR A 332 41.72 -37.78 -5.29
N ARG A 333 40.43 -38.06 -5.07
CA ARG A 333 39.50 -38.39 -6.14
C ARG A 333 38.17 -37.71 -5.87
N PHE A 334 37.38 -37.58 -6.92
CA PHE A 334 36.08 -36.93 -6.83
C PHE A 334 34.99 -37.87 -7.35
N ALA A 335 33.76 -37.36 -7.34
CA ALA A 335 32.59 -38.14 -7.72
C ALA A 335 32.04 -37.70 -9.06
N SER A 336 31.16 -38.53 -9.62
CA SER A 336 30.51 -38.24 -10.89
C SER A 336 29.46 -37.14 -10.72
N VAL A 337 28.95 -36.67 -11.85
CA VAL A 337 27.95 -35.60 -11.83
C VAL A 337 26.64 -36.11 -11.26
N TYR A 338 26.19 -37.29 -11.69
CA TYR A 338 24.92 -37.85 -11.25
C TYR A 338 24.99 -38.39 -9.83
N ALA A 339 26.18 -38.67 -9.31
CA ALA A 339 26.38 -39.24 -7.99
C ALA A 339 27.33 -38.36 -7.18
N TRP A 340 27.03 -37.06 -7.16
CA TRP A 340 27.88 -36.09 -6.47
C TRP A 340 28.02 -36.44 -4.99
N ASN A 341 29.14 -36.03 -4.41
CA ASN A 341 29.46 -36.37 -3.03
C ASN A 341 29.04 -35.24 -2.09
N ARG A 342 28.38 -35.59 -0.99
CA ARG A 342 27.91 -34.64 0.00
C ARG A 342 28.65 -34.88 1.31
N LYS A 343 29.02 -33.78 1.98
CA LYS A 343 29.67 -33.83 3.29
C LYS A 343 29.05 -32.77 4.20
N ARG A 344 28.92 -33.11 5.48
CA ARG A 344 28.39 -32.19 6.49
C ARG A 344 29.54 -31.54 7.25
N ILE A 345 29.41 -30.25 7.53
CA ILE A 345 30.37 -29.49 8.31
C ILE A 345 29.62 -28.86 9.48
N SER A 346 30.05 -29.20 10.70
CA SER A 346 29.51 -28.62 11.92
C SER A 346 30.53 -28.84 13.03
N ASN A 347 30.33 -28.12 14.14
CA ASN A 347 31.16 -28.27 15.34
C ASN A 347 32.60 -27.87 15.08
N CYS A 348 32.81 -26.79 14.34
CA CYS A 348 34.14 -26.27 14.09
C CYS A 348 34.04 -24.82 13.64
N VAL A 349 35.19 -24.15 13.62
CA VAL A 349 35.31 -22.78 13.13
C VAL A 349 35.94 -22.84 11.74
N ALA A 350 35.36 -22.09 10.80
CA ALA A 350 35.79 -22.11 9.41
C ALA A 350 36.27 -20.73 9.00
N ASP A 351 37.43 -20.68 8.34
CA ASP A 351 38.04 -19.44 7.86
C ASP A 351 37.99 -19.42 6.34
N TYR A 352 37.09 -18.60 5.79
CA TYR A 352 36.95 -18.51 4.34
C TYR A 352 37.93 -17.53 3.69
N SER A 353 38.62 -16.71 4.48
CA SER A 353 39.57 -15.77 3.90
C SER A 353 40.72 -16.49 3.22
N VAL A 354 41.25 -17.54 3.84
CA VAL A 354 42.30 -18.33 3.21
C VAL A 354 41.74 -19.07 1.99
N LEU A 355 40.49 -19.50 2.06
CA LEU A 355 39.87 -20.14 0.91
C LEU A 355 39.63 -19.13 -0.22
N TYR A 356 39.26 -17.90 0.14
CA TYR A 356 38.93 -16.90 -0.86
C TYR A 356 40.17 -16.35 -1.55
N ASN A 357 41.24 -16.08 -0.80
CA ASN A 357 42.42 -15.42 -1.36
C ASN A 357 43.25 -16.33 -2.26
N SER A 358 42.95 -17.62 -2.31
CA SER A 358 43.70 -18.52 -3.17
C SER A 358 43.49 -18.16 -4.63
N ALA A 359 44.57 -18.20 -5.41
CA ALA A 359 44.54 -17.88 -6.83
C ALA A 359 44.33 -19.09 -7.70
N SER A 360 44.11 -20.27 -7.10
CA SER A 360 43.99 -21.51 -7.85
C SER A 360 42.56 -21.81 -8.30
N PHE A 361 41.60 -20.96 -7.96
CA PHE A 361 40.19 -21.22 -8.25
C PHE A 361 39.74 -20.33 -9.42
N SER A 362 39.31 -20.98 -10.50
CA SER A 362 38.90 -20.25 -11.70
C SER A 362 37.62 -19.46 -11.47
N THR A 363 36.62 -20.06 -10.83
CA THR A 363 35.32 -19.42 -10.62
C THR A 363 34.99 -19.51 -9.14
N PHE A 364 34.61 -18.38 -8.55
CA PHE A 364 34.23 -18.27 -7.14
C PHE A 364 33.05 -17.30 -7.11
N LYS A 365 31.84 -17.82 -7.19
CA LYS A 365 30.69 -16.95 -7.45
C LYS A 365 29.53 -17.25 -6.51
N CYS A 366 28.88 -16.16 -6.08
CA CYS A 366 27.59 -16.17 -5.39
C CYS A 366 27.00 -14.78 -5.25
N TYR A 367 25.70 -14.77 -4.91
CA TYR A 367 24.83 -13.63 -5.18
C TYR A 367 24.19 -13.08 -3.92
N GLY A 368 23.67 -13.95 -3.05
CA GLY A 368 22.96 -13.54 -1.86
C GLY A 368 23.81 -13.12 -0.69
N VAL A 369 25.12 -13.39 -0.73
CA VAL A 369 26.05 -12.95 0.29
C VAL A 369 27.32 -12.44 -0.39
N SER A 370 27.82 -11.33 0.13
CA SER A 370 29.10 -10.82 -0.38
C SER A 370 30.23 -11.59 0.29
N PRO A 371 31.20 -12.10 -0.47
CA PRO A 371 32.19 -13.02 0.10
C PRO A 371 32.98 -12.44 1.25
N THR A 372 33.20 -11.12 1.27
CA THR A 372 33.94 -10.50 2.37
C THR A 372 33.17 -10.51 3.67
N LYS A 373 31.85 -10.74 3.64
CA LYS A 373 31.05 -10.81 4.86
C LYS A 373 30.75 -12.24 5.29
N LEU A 374 31.56 -13.21 4.88
CA LEU A 374 31.32 -14.59 5.27
C LEU A 374 32.12 -14.98 6.50
N ASN A 375 32.87 -14.03 7.08
CA ASN A 375 33.68 -14.35 8.25
C ASN A 375 32.96 -14.05 9.56
N ASP A 376 31.73 -13.56 9.51
CA ASP A 376 30.99 -13.20 10.72
C ASP A 376 29.60 -13.83 10.78
N LEU A 377 28.91 -13.95 9.65
CA LEU A 377 27.61 -14.61 9.64
C LEU A 377 27.75 -16.04 10.12
N CYS A 378 26.90 -16.45 11.06
CA CYS A 378 27.14 -17.67 11.80
C CYS A 378 25.93 -18.58 11.67
N PHE A 379 26.15 -19.76 11.09
CA PHE A 379 25.09 -20.61 10.56
C PHE A 379 24.96 -21.89 11.39
N THR A 380 23.86 -22.62 11.15
CA THR A 380 23.64 -23.88 11.85
C THR A 380 24.59 -24.97 11.35
N ASN A 381 24.71 -25.13 10.04
CA ASN A 381 25.62 -26.14 9.50
C ASN A 381 25.89 -25.85 8.03
N VAL A 382 26.88 -26.55 7.48
CA VAL A 382 27.34 -26.34 6.12
C VAL A 382 27.29 -27.67 5.36
N TYR A 383 26.84 -27.61 4.11
CA TYR A 383 26.82 -28.75 3.21
C TYR A 383 27.84 -28.51 2.10
N ALA A 384 28.63 -29.53 1.78
CA ALA A 384 29.60 -29.45 0.70
C ALA A 384 29.28 -30.53 -0.32
N ASP A 385 28.88 -30.12 -1.52
CA ASP A 385 28.60 -31.04 -2.61
C ASP A 385 29.64 -30.87 -3.71
N SER A 386 30.33 -31.95 -4.04
CA SER A 386 31.46 -31.89 -4.95
C SER A 386 31.27 -32.87 -6.10
N PHE A 387 31.81 -32.51 -7.27
CA PHE A 387 31.80 -33.38 -8.44
C PHE A 387 32.79 -32.84 -9.46
N VAL A 388 32.84 -33.49 -10.62
CA VAL A 388 33.66 -33.09 -11.76
C VAL A 388 32.77 -33.03 -12.99
N ILE A 389 32.85 -31.93 -13.73
CA ILE A 389 32.03 -31.73 -14.92
C ILE A 389 32.92 -31.27 -16.07
N ARG A 390 32.29 -30.97 -17.19
CA ARG A 390 32.94 -30.38 -18.35
C ARG A 390 33.25 -28.91 -18.08
N GLY A 391 34.28 -28.40 -18.76
CA GLY A 391 34.64 -27.00 -18.57
C GLY A 391 33.55 -26.04 -19.01
N ASP A 392 32.82 -26.38 -20.07
CA ASP A 392 31.77 -25.52 -20.59
C ASP A 392 30.51 -25.52 -19.73
N GLU A 393 30.25 -26.60 -18.98
CA GLU A 393 29.02 -26.75 -18.23
C GLU A 393 29.08 -26.13 -16.84
N VAL A 394 30.20 -25.49 -16.48
CA VAL A 394 30.30 -24.81 -15.19
C VAL A 394 29.23 -23.72 -15.08
N ARG A 395 28.90 -23.07 -16.19
CA ARG A 395 27.85 -22.07 -16.19
C ARG A 395 26.50 -22.65 -15.81
N GLN A 396 26.29 -23.95 -16.03
CA GLN A 396 25.01 -24.58 -15.71
C GLN A 396 24.78 -24.73 -14.21
N ILE A 397 25.82 -24.68 -13.40
CA ILE A 397 25.68 -24.86 -11.95
C ILE A 397 25.39 -23.47 -11.37
N ALA A 398 24.13 -23.09 -11.43
CA ALA A 398 23.70 -21.78 -10.95
C ALA A 398 22.18 -21.76 -10.78
N PRO A 399 21.65 -21.00 -9.83
CA PRO A 399 20.20 -20.92 -9.66
C PRO A 399 19.53 -20.35 -10.91
N GLY A 400 18.37 -20.93 -11.26
CA GLY A 400 17.60 -20.45 -12.38
C GLY A 400 18.12 -20.85 -13.75
N GLN A 401 19.08 -21.77 -13.82
CA GLN A 401 19.64 -22.19 -15.09
C GLN A 401 19.02 -23.50 -15.55
N THR A 402 19.03 -23.70 -16.87
CA THR A 402 18.46 -24.90 -17.49
C THR A 402 19.49 -25.55 -18.41
N GLY A 403 19.46 -26.87 -18.43
CA GLY A 403 20.40 -27.65 -19.22
C GLY A 403 20.41 -29.08 -18.74
N LYS A 404 21.21 -29.89 -19.44
CA LYS A 404 21.28 -31.31 -19.12
C LYS A 404 21.76 -31.52 -17.69
N ILE A 405 22.88 -30.89 -17.33
CA ILE A 405 23.40 -30.99 -15.96
C ILE A 405 22.42 -30.39 -14.97
N ALA A 406 21.83 -29.25 -15.32
CA ALA A 406 20.96 -28.55 -14.40
C ALA A 406 19.64 -29.28 -14.18
N ASP A 407 19.21 -30.11 -15.14
CA ASP A 407 17.90 -30.73 -15.04
C ASP A 407 17.96 -32.20 -14.64
N TYR A 408 18.89 -32.97 -15.20
CA TYR A 408 18.94 -34.40 -14.92
C TYR A 408 20.06 -34.82 -13.98
N ASN A 409 20.98 -33.92 -13.62
CA ASN A 409 22.10 -34.28 -12.78
C ASN A 409 22.13 -33.52 -11.46
N TYR A 410 22.05 -32.20 -11.48
CA TYR A 410 22.21 -31.39 -10.27
C TYR A 410 21.50 -30.06 -10.46
N LYS A 411 20.42 -29.86 -9.71
CA LYS A 411 19.63 -28.64 -9.79
C LYS A 411 19.78 -27.86 -8.49
N LEU A 412 19.78 -26.53 -8.60
CA LEU A 412 19.87 -25.62 -7.47
C LEU A 412 18.59 -24.83 -7.32
N PRO A 413 18.18 -24.50 -6.09
CA PRO A 413 16.97 -23.71 -5.90
C PRO A 413 17.18 -22.26 -6.31
N ASP A 414 16.06 -21.60 -6.63
CA ASP A 414 16.11 -20.19 -7.02
C ASP A 414 16.60 -19.30 -5.89
N ASP A 415 16.26 -19.64 -4.64
CA ASP A 415 16.69 -18.89 -3.46
C ASP A 415 17.91 -19.55 -2.80
N PHE A 416 18.80 -20.11 -3.60
CA PHE A 416 19.95 -20.82 -3.09
C PHE A 416 20.87 -19.90 -2.30
N THR A 417 21.25 -20.33 -1.10
CA THR A 417 22.18 -19.60 -0.25
C THR A 417 23.45 -20.43 -0.08
N GLY A 418 24.57 -19.74 0.06
CA GLY A 418 25.87 -20.34 -0.15
C GLY A 418 26.28 -20.19 -1.60
N CYS A 419 27.43 -20.75 -1.95
CA CYS A 419 27.96 -20.48 -3.27
C CYS A 419 29.09 -21.40 -3.68
N VAL A 420 29.59 -21.16 -4.90
CA VAL A 420 30.18 -22.20 -5.74
C VAL A 420 31.61 -21.83 -6.11
N ILE A 421 32.47 -22.85 -6.17
CA ILE A 421 33.86 -22.72 -6.58
C ILE A 421 34.12 -23.79 -7.63
N ALA A 422 34.91 -23.45 -8.63
CA ALA A 422 35.26 -24.37 -9.71
C ALA A 422 36.65 -24.07 -10.22
N TRP A 423 37.42 -25.11 -10.52
CA TRP A 423 38.77 -24.90 -11.04
C TRP A 423 39.18 -26.03 -11.97
N ASN A 424 40.12 -25.72 -12.85
CA ASN A 424 40.62 -26.68 -13.83
C ASN A 424 41.50 -27.73 -13.16
N SER A 425 41.36 -28.98 -13.58
CA SER A 425 42.15 -30.09 -13.07
C SER A 425 42.56 -31.02 -14.21
N ASN A 426 43.02 -30.42 -15.31
CA ASN A 426 43.36 -31.21 -16.50
C ASN A 426 44.53 -32.15 -16.24
N ASN A 427 45.52 -31.71 -15.45
CA ASN A 427 46.68 -32.56 -15.20
C ASN A 427 46.39 -33.73 -14.27
N LEU A 428 45.21 -33.77 -13.66
CA LEU A 428 44.84 -34.85 -12.75
C LEU A 428 43.85 -35.82 -13.35
N ASP A 429 42.80 -35.33 -14.00
CA ASP A 429 41.70 -36.17 -14.45
C ASP A 429 41.76 -36.53 -15.94
N SER A 430 42.88 -36.25 -16.61
CA SER A 430 43.05 -36.58 -18.01
C SER A 430 44.11 -37.67 -18.16
N LYS A 431 43.88 -38.59 -19.09
CA LYS A 431 44.81 -39.66 -19.38
C LYS A 431 45.24 -39.56 -20.84
N VAL A 432 46.52 -39.88 -21.10
CA VAL A 432 47.07 -39.76 -22.44
C VAL A 432 46.34 -40.68 -23.41
N GLY A 433 45.84 -41.81 -22.93
CA GLY A 433 45.05 -42.72 -23.73
C GLY A 433 43.57 -42.49 -23.68
N GLY A 434 43.12 -41.41 -23.03
CA GLY A 434 41.71 -41.17 -22.86
C GLY A 434 41.21 -41.50 -21.47
N ASN A 435 40.38 -40.65 -20.89
CA ASN A 435 39.80 -40.88 -19.57
C ASN A 435 38.31 -41.13 -19.72
N TYR A 436 37.84 -42.27 -19.20
CA TYR A 436 36.45 -42.67 -19.33
C TYR A 436 35.84 -43.08 -18.00
N ASN A 437 36.32 -42.53 -16.89
CA ASN A 437 35.81 -42.87 -15.58
C ASN A 437 34.71 -41.94 -15.10
N TYR A 438 34.40 -40.88 -15.84
CA TYR A 438 33.40 -39.90 -15.45
C TYR A 438 32.16 -40.08 -16.31
N LEU A 439 31.02 -40.24 -15.67
CA LEU A 439 29.76 -40.55 -16.32
C LEU A 439 28.74 -39.45 -16.03
N TYR A 440 27.73 -39.38 -16.90
CA TYR A 440 26.65 -38.41 -16.70
C TYR A 440 25.35 -38.99 -17.23
N ARG A 441 24.24 -38.51 -16.67
CA ARG A 441 22.91 -38.97 -17.05
C ARG A 441 22.42 -38.21 -18.27
N LEU A 442 21.87 -38.95 -19.24
CA LEU A 442 21.34 -38.35 -20.45
C LEU A 442 19.83 -38.57 -20.61
N PHE A 443 19.29 -39.65 -20.06
CA PHE A 443 17.89 -40.00 -20.23
C PHE A 443 17.19 -40.02 -18.88
N ARG A 444 16.15 -39.20 -18.75
CA ARG A 444 15.34 -39.17 -17.53
C ARG A 444 13.93 -38.72 -17.88
N LYS A 445 12.94 -39.30 -17.18
CA LYS A 445 11.54 -39.02 -17.50
C LYS A 445 11.12 -37.63 -17.05
N SER A 446 11.62 -37.16 -15.91
CA SER A 446 11.18 -35.89 -15.36
C SER A 446 12.38 -35.13 -14.81
N ASN A 447 12.22 -33.82 -14.70
CA ASN A 447 13.26 -32.97 -14.14
C ASN A 447 13.48 -33.30 -12.67
N LEU A 448 14.70 -33.08 -12.20
CA LEU A 448 15.07 -33.35 -10.82
C LEU A 448 14.65 -32.20 -9.91
N LYS A 449 14.23 -32.55 -8.70
CA LYS A 449 14.02 -31.55 -7.66
C LYS A 449 15.36 -31.02 -7.18
N PRO A 450 15.39 -29.79 -6.66
CA PRO A 450 16.64 -29.24 -6.14
C PRO A 450 17.21 -30.10 -5.03
N PHE A 451 18.54 -30.26 -5.04
CA PHE A 451 19.26 -31.04 -4.04
C PHE A 451 18.75 -32.49 -3.98
N GLU A 452 18.48 -33.08 -5.14
CA GLU A 452 18.00 -34.45 -5.23
C GLU A 452 18.95 -35.29 -6.04
N ARG A 453 19.22 -36.51 -5.57
CA ARG A 453 20.13 -37.44 -6.21
C ARG A 453 19.37 -38.62 -6.79
N ASP A 454 19.82 -39.10 -7.95
CA ASP A 454 19.19 -40.20 -8.65
C ASP A 454 20.27 -41.04 -9.32
N ILE A 455 20.39 -42.30 -8.90
CA ILE A 455 21.40 -43.22 -9.42
C ILE A 455 20.76 -44.42 -10.12
N SER A 456 19.59 -44.23 -10.74
CA SER A 456 18.90 -45.33 -11.38
C SER A 456 19.65 -45.78 -12.63
N THR A 457 20.02 -47.07 -12.66
CA THR A 457 20.81 -47.64 -13.74
C THR A 457 19.98 -48.67 -14.51
N GLU A 458 18.73 -48.32 -14.78
CA GLU A 458 17.84 -49.18 -15.55
C GLU A 458 17.82 -48.74 -17.01
N ILE A 459 17.35 -49.63 -17.87
CA ILE A 459 17.28 -49.35 -19.30
C ILE A 459 16.15 -48.36 -19.57
N TYR A 460 16.46 -47.30 -20.30
CA TYR A 460 15.50 -46.24 -20.61
C TYR A 460 14.81 -46.54 -21.93
N GLN A 461 13.49 -46.41 -21.95
CA GLN A 461 12.68 -46.70 -23.14
C GLN A 461 12.16 -45.40 -23.73
N ALA A 462 12.47 -45.16 -25.00
CA ALA A 462 11.95 -44.02 -25.74
C ALA A 462 10.97 -44.44 -26.84
N GLY A 463 10.58 -45.71 -26.87
CA GLY A 463 9.67 -46.19 -27.89
C GLY A 463 8.33 -46.63 -27.33
N SER A 464 7.62 -47.50 -28.06
CA SER A 464 6.31 -47.98 -27.64
C SER A 464 6.34 -49.42 -27.15
N THR A 465 7.26 -50.25 -27.65
CA THR A 465 7.36 -51.64 -27.20
C THR A 465 8.26 -51.72 -25.98
N PRO A 466 7.75 -52.18 -24.83
CA PRO A 466 8.58 -52.25 -23.62
C PRO A 466 9.59 -53.38 -23.70
N CYS A 467 10.87 -53.02 -23.61
CA CYS A 467 11.92 -54.02 -23.54
C CYS A 467 12.08 -54.52 -22.10
N ASN A 468 12.51 -55.77 -21.97
CA ASN A 468 12.60 -56.45 -20.68
C ASN A 468 14.02 -56.47 -20.14
N GLY A 469 14.79 -55.40 -20.37
CA GLY A 469 16.14 -55.31 -19.89
C GLY A 469 17.21 -55.60 -20.91
N VAL A 470 16.85 -55.86 -22.16
CA VAL A 470 17.80 -56.07 -23.24
C VAL A 470 17.88 -54.79 -24.06
N GLU A 471 19.10 -54.30 -24.26
CA GLU A 471 19.30 -53.05 -24.99
C GLU A 471 18.98 -53.24 -26.46
N GLY A 472 18.34 -52.22 -27.04
CA GLY A 472 17.89 -52.31 -28.41
C GLY A 472 17.79 -50.98 -29.12
N PHE A 473 17.00 -50.94 -30.19
CA PHE A 473 16.91 -49.73 -31.02
C PHE A 473 16.32 -48.57 -30.23
N ASN A 474 15.31 -48.84 -29.41
CA ASN A 474 14.63 -47.81 -28.63
C ASN A 474 14.79 -48.06 -27.13
N CYS A 475 15.91 -48.66 -26.72
CA CYS A 475 16.19 -48.92 -25.31
C CYS A 475 17.67 -48.69 -25.07
N TYR A 476 17.99 -47.64 -24.31
CA TYR A 476 19.37 -47.20 -24.13
C TYR A 476 19.72 -47.15 -22.64
N PHE A 477 21.01 -47.24 -22.36
CA PHE A 477 21.49 -47.00 -21.00
C PHE A 477 21.49 -45.51 -20.72
N PRO A 478 21.07 -45.06 -19.54
CA PRO A 478 20.94 -43.62 -19.28
C PRO A 478 22.24 -42.92 -18.93
N LEU A 479 23.34 -43.64 -18.75
CA LEU A 479 24.61 -43.05 -18.36
C LEU A 479 25.63 -43.16 -19.49
N GLN A 480 26.34 -42.07 -19.73
CA GLN A 480 27.33 -42.00 -20.80
C GLN A 480 28.64 -41.49 -20.25
N SER A 481 29.75 -41.92 -20.87
CA SER A 481 31.08 -41.60 -20.42
C SER A 481 31.57 -40.30 -21.03
N TYR A 482 32.40 -39.58 -20.28
CA TYR A 482 33.00 -38.35 -20.77
C TYR A 482 34.23 -38.66 -21.63
N GLY A 483 34.68 -37.66 -22.37
CA GLY A 483 35.78 -37.82 -23.30
C GLY A 483 36.99 -36.98 -22.96
N PHE A 484 37.36 -36.95 -21.69
CA PHE A 484 38.50 -36.13 -21.26
C PHE A 484 39.78 -36.61 -21.92
N GLN A 485 40.55 -35.67 -22.46
CA GLN A 485 41.74 -35.95 -23.23
C GLN A 485 42.65 -34.74 -23.13
N PRO A 486 43.95 -34.93 -22.91
CA PRO A 486 44.82 -33.80 -22.54
C PRO A 486 44.90 -32.69 -23.57
N THR A 487 44.67 -32.96 -24.85
CA THR A 487 44.76 -31.92 -25.87
C THR A 487 43.44 -31.25 -26.18
N ASN A 488 42.36 -31.65 -25.51
CA ASN A 488 41.08 -31.00 -25.74
C ASN A 488 41.14 -29.54 -25.29
N GLY A 489 40.50 -28.67 -26.07
CA GLY A 489 40.55 -27.25 -25.77
C GLY A 489 39.80 -26.89 -24.51
N VAL A 490 40.07 -25.68 -24.02
CA VAL A 490 39.43 -25.18 -22.81
C VAL A 490 37.94 -25.01 -23.09
N GLY A 491 37.13 -25.85 -22.49
CA GLY A 491 35.71 -25.91 -22.80
C GLY A 491 35.23 -27.34 -22.80
N TYR A 492 36.17 -28.26 -23.05
CA TYR A 492 35.92 -29.69 -22.91
C TYR A 492 36.93 -30.34 -21.95
N GLN A 493 37.62 -29.54 -21.14
CA GLN A 493 38.54 -30.11 -20.18
C GLN A 493 37.84 -30.31 -18.84
N PRO A 494 38.23 -31.33 -18.08
CA PRO A 494 37.57 -31.58 -16.79
C PRO A 494 37.75 -30.42 -15.82
N TYR A 495 36.70 -30.14 -15.07
CA TYR A 495 36.68 -29.07 -14.08
C TYR A 495 36.12 -29.63 -12.79
N ARG A 496 36.83 -29.41 -11.69
CA ARG A 496 36.35 -29.84 -10.38
C ARG A 496 35.52 -28.72 -9.78
N VAL A 497 34.34 -29.06 -9.28
CA VAL A 497 33.39 -28.09 -8.76
C VAL A 497 32.97 -28.50 -7.36
N VAL A 498 33.01 -27.54 -6.44
CA VAL A 498 32.54 -27.72 -5.07
C VAL A 498 31.58 -26.59 -4.76
N VAL A 499 30.38 -26.95 -4.28
CA VAL A 499 29.39 -25.97 -3.88
C VAL A 499 29.14 -26.09 -2.39
N LEU A 500 29.19 -24.96 -1.69
CA LEU A 500 28.92 -24.91 -0.26
C LEU A 500 27.56 -24.28 -0.05
N SER A 501 26.76 -24.89 0.82
CA SER A 501 25.44 -24.37 1.18
C SER A 501 25.40 -24.17 2.68
N PHE A 502 24.83 -23.06 3.12
CA PHE A 502 24.74 -22.76 4.53
C PHE A 502 23.28 -22.86 4.98
N GLU A 503 23.02 -23.69 5.98
CA GLU A 503 21.70 -23.78 6.58
C GLU A 503 21.76 -23.12 7.95
N LEU A 504 20.88 -22.13 8.16
CA LEU A 504 20.69 -21.47 9.44
C LEU A 504 19.27 -21.78 9.90
N LEU A 505 19.15 -22.58 10.95
CA LEU A 505 17.87 -23.06 11.45
C LEU A 505 17.70 -22.60 12.89
N HIS A 506 16.59 -23.01 13.51
CA HIS A 506 16.31 -22.62 14.89
C HIS A 506 17.29 -23.25 15.88
N ALA A 507 18.06 -24.24 15.46
CA ALA A 507 19.08 -24.81 16.31
C ALA A 507 20.18 -23.78 16.55
N PRO A 508 20.91 -23.90 17.67
CA PRO A 508 21.98 -22.94 17.96
C PRO A 508 23.03 -22.92 16.85
N ALA A 509 23.55 -21.72 16.57
CA ALA A 509 24.61 -21.57 15.58
C ALA A 509 25.85 -22.32 16.03
N THR A 510 26.49 -23.01 15.08
CA THR A 510 27.55 -23.93 15.44
C THR A 510 28.83 -23.70 14.65
N VAL A 511 28.72 -23.36 13.37
CA VAL A 511 29.87 -23.19 12.49
C VAL A 511 29.86 -21.78 11.94
N CYS A 512 31.00 -21.09 12.09
CA CYS A 512 31.18 -19.71 11.62
C CYS A 512 32.59 -19.23 11.88
N GLY A 513 32.86 -18.00 11.45
CA GLY A 513 34.20 -17.50 11.26
C GLY A 513 34.97 -17.22 12.54
N PRO A 514 36.28 -17.06 12.41
CA PRO A 514 37.13 -16.85 13.59
C PRO A 514 36.99 -15.45 14.18
N LYS A 515 37.58 -15.27 15.37
CA LYS A 515 37.52 -14.01 16.09
C LYS A 515 38.91 -13.42 16.15
N LYS A 516 39.04 -12.15 15.78
CA LYS A 516 40.34 -11.48 15.68
C LYS A 516 40.57 -10.65 16.93
N SER A 517 41.60 -11.03 17.69
CA SER A 517 41.92 -10.35 18.94
C SER A 517 43.04 -9.34 18.74
N THR A 518 42.98 -8.24 19.49
CA THR A 518 44.03 -7.25 19.50
C THR A 518 44.99 -7.50 20.65
N ASN A 519 45.88 -6.55 20.91
CA ASN A 519 46.80 -6.68 22.04
C ASN A 519 46.17 -6.06 23.29
N LEU A 520 46.67 -6.49 24.44
CA LEU A 520 46.14 -6.07 25.74
C LEU A 520 47.04 -5.01 26.35
N VAL A 521 46.46 -3.84 26.65
CA VAL A 521 47.19 -2.71 27.19
C VAL A 521 46.59 -2.36 28.56
N LYS A 522 47.46 -2.11 29.53
CA LYS A 522 47.05 -1.82 30.90
C LYS A 522 47.42 -0.39 31.29
N ASN A 523 46.76 0.09 32.36
CA ASN A 523 47.08 1.36 33.00
C ASN A 523 46.70 2.57 32.15
N LYS A 524 45.74 2.40 31.25
CA LYS A 524 45.31 3.50 30.38
C LYS A 524 43.80 3.40 30.17
N CYS A 525 43.18 4.56 29.96
CA CYS A 525 41.73 4.63 29.76
C CYS A 525 41.42 4.23 28.33
N VAL A 526 40.84 3.04 28.15
CA VAL A 526 40.56 2.49 26.83
C VAL A 526 39.14 1.96 26.79
N ASN A 527 38.62 1.80 25.57
CA ASN A 527 37.45 0.97 25.32
C ASN A 527 37.92 -0.48 25.28
N PHE A 528 37.07 -1.38 25.74
CA PHE A 528 37.43 -2.80 25.75
C PHE A 528 36.23 -3.67 25.42
N ASN A 529 36.54 -4.85 24.89
CA ASN A 529 35.56 -5.90 24.56
C ASN A 529 36.17 -7.23 24.98
N PHE A 530 35.55 -7.91 25.95
CA PHE A 530 35.97 -9.22 26.39
C PHE A 530 34.82 -10.20 26.15
N ASN A 531 34.94 -10.99 25.09
CA ASN A 531 33.93 -12.01 24.75
C ASN A 531 32.53 -11.41 24.68
N GLY A 532 32.42 -10.20 24.15
CA GLY A 532 31.14 -9.55 24.01
C GLY A 532 30.73 -8.66 25.17
N LEU A 533 31.51 -8.61 26.24
CA LEU A 533 31.29 -7.66 27.32
C LEU A 533 32.06 -6.39 26.99
N THR A 534 31.36 -5.30 26.73
CA THR A 534 31.96 -4.07 26.27
C THR A 534 31.91 -3.00 27.36
N GLY A 535 32.92 -2.16 27.38
CA GLY A 535 32.96 -1.09 28.35
C GLY A 535 34.10 -0.13 28.10
N THR A 536 34.28 0.80 29.05
CA THR A 536 35.34 1.80 29.00
C THR A 536 35.95 1.93 30.39
N GLY A 537 37.27 1.94 30.47
CA GLY A 537 37.91 2.06 31.76
C GLY A 537 39.39 1.80 31.68
N VAL A 538 39.99 1.63 32.85
CA VAL A 538 41.42 1.37 32.99
C VAL A 538 41.56 -0.04 33.57
N LEU A 539 42.39 -0.86 32.94
CA LEU A 539 42.58 -2.25 33.35
C LEU A 539 43.90 -2.36 34.10
N THR A 540 43.85 -2.91 35.30
CA THR A 540 45.03 -3.07 36.13
C THR A 540 45.16 -4.50 36.64
N GLU A 541 46.35 -4.81 37.15
CA GLU A 541 46.59 -6.11 37.75
C GLU A 541 45.79 -6.26 39.04
N SER A 542 45.33 -7.48 39.30
CA SER A 542 44.38 -7.73 40.37
C SER A 542 44.90 -8.79 41.35
N ASN A 543 44.25 -8.88 42.50
CA ASN A 543 44.54 -9.89 43.50
C ASN A 543 43.40 -10.88 43.70
N LYS A 544 42.25 -10.66 43.05
CA LYS A 544 41.11 -11.55 43.18
C LYS A 544 41.43 -12.89 42.54
N LYS A 545 40.87 -13.97 43.09
CA LYS A 545 41.06 -15.30 42.55
C LYS A 545 39.69 -15.90 42.21
N PHE A 546 39.42 -16.02 40.92
CA PHE A 546 38.16 -16.59 40.47
C PHE A 546 38.17 -18.11 40.63
N LEU A 547 36.98 -18.70 40.60
CA LEU A 547 36.92 -20.14 40.44
C LEU A 547 37.09 -20.48 38.96
N PRO A 548 37.65 -21.65 38.65
CA PRO A 548 38.07 -21.92 37.26
C PRO A 548 36.95 -21.84 36.23
N PHE A 549 35.69 -21.93 36.63
CA PHE A 549 34.59 -21.80 35.68
C PHE A 549 34.04 -20.38 35.57
N GLN A 550 34.54 -19.44 36.37
CA GLN A 550 33.98 -18.10 36.41
C GLN A 550 34.73 -17.17 35.47
N GLN A 551 34.01 -16.18 34.95
CA GLN A 551 34.54 -15.27 33.95
C GLN A 551 34.49 -13.81 34.36
N PHE A 552 33.48 -13.39 35.10
CA PHE A 552 33.21 -11.99 35.38
C PHE A 552 33.28 -11.74 36.87
N GLY A 553 33.23 -10.48 37.25
CA GLY A 553 33.12 -10.10 38.65
C GLY A 553 32.24 -8.88 38.82
N ARG A 554 31.32 -8.96 39.76
CA ARG A 554 30.38 -7.88 40.04
C ARG A 554 30.48 -7.48 41.50
N ASP A 555 30.10 -6.23 41.78
CA ASP A 555 30.10 -5.69 43.13
C ASP A 555 28.67 -5.69 43.67
N ILE A 556 28.46 -5.06 44.83
CA ILE A 556 27.17 -5.14 45.53
C ILE A 556 26.04 -4.57 44.66
N ALA A 557 26.32 -3.52 43.90
CA ALA A 557 25.31 -2.89 43.06
C ALA A 557 25.23 -3.48 41.66
N ASP A 558 25.81 -4.66 41.45
CA ASP A 558 25.80 -5.34 40.15
C ASP A 558 26.40 -4.46 39.04
N THR A 559 27.64 -4.01 39.25
CA THR A 559 28.45 -3.41 38.21
C THR A 559 29.74 -4.21 38.06
N THR A 560 30.12 -4.49 36.82
CA THR A 560 31.29 -5.30 36.57
C THR A 560 32.54 -4.54 36.98
N ASP A 561 33.41 -5.19 37.75
CA ASP A 561 34.64 -4.57 38.23
C ASP A 561 35.87 -5.46 38.09
N ALA A 562 35.70 -6.72 37.73
CA ALA A 562 36.83 -7.59 37.40
C ALA A 562 36.48 -8.39 36.16
N VAL A 563 37.50 -8.87 35.46
CA VAL A 563 37.30 -9.68 34.27
C VAL A 563 38.48 -10.62 34.12
N ARG A 564 38.27 -11.71 33.39
CA ARG A 564 39.33 -12.67 33.11
C ARG A 564 39.68 -12.63 31.63
N ASP A 565 40.96 -12.54 31.34
CA ASP A 565 41.40 -12.48 29.94
C ASP A 565 41.27 -13.88 29.32
N PRO A 566 40.51 -14.02 28.23
CA PRO A 566 40.29 -15.36 27.67
C PRO A 566 41.55 -15.97 27.07
N GLN A 567 42.43 -15.13 26.53
CA GLN A 567 43.69 -15.62 25.98
C GLN A 567 44.56 -16.23 27.07
N THR A 568 44.96 -15.40 28.04
CA THR A 568 45.72 -15.85 29.19
C THR A 568 44.86 -15.70 30.43
N LEU A 569 44.66 -16.82 31.15
CA LEU A 569 43.66 -16.88 32.22
C LEU A 569 44.16 -16.06 33.42
N GLU A 570 44.09 -14.75 33.27
CA GLU A 570 44.53 -13.81 34.30
C GLU A 570 43.41 -12.84 34.62
N ILE A 571 43.39 -12.38 35.88
CA ILE A 571 42.33 -11.53 36.39
C ILE A 571 42.78 -10.08 36.30
N LEU A 572 41.90 -9.21 35.79
CA LEU A 572 42.17 -7.79 35.64
C LEU A 572 41.07 -7.00 36.33
N ASP A 573 41.46 -5.96 37.07
CA ASP A 573 40.49 -5.05 37.67
C ASP A 573 40.17 -3.92 36.71
N ILE A 574 38.92 -3.44 36.79
CA ILE A 574 38.40 -2.41 35.91
C ILE A 574 38.09 -1.19 36.76
N THR A 575 38.67 -0.05 36.40
CA THR A 575 38.45 1.18 37.17
C THR A 575 37.90 2.27 36.25
N PRO A 576 36.89 3.04 36.67
CA PRO A 576 36.36 4.08 35.80
C PRO A 576 37.40 5.15 35.49
N CYS A 577 37.28 5.74 34.30
CA CYS A 577 38.16 6.83 33.93
C CYS A 577 37.77 8.10 34.70
N SER A 578 38.79 8.91 35.00
CA SER A 578 38.63 10.03 35.91
C SER A 578 37.61 11.04 35.39
N PHE A 579 36.87 11.63 36.33
CA PHE A 579 35.90 12.67 36.04
C PHE A 579 35.70 13.49 37.30
N GLY A 580 35.26 14.73 37.12
CA GLY A 580 35.08 15.62 38.26
C GLY A 580 34.54 16.96 37.84
N GLY A 581 34.50 17.87 38.80
CA GLY A 581 34.06 19.23 38.56
C GLY A 581 35.25 20.16 38.49
N VAL A 582 35.05 21.31 37.85
CA VAL A 582 36.09 22.33 37.72
C VAL A 582 35.52 23.64 38.26
N SER A 583 36.16 24.17 39.29
CA SER A 583 35.71 25.37 39.99
C SER A 583 36.77 26.47 39.90
N VAL A 584 36.32 27.71 39.90
CA VAL A 584 37.21 28.88 39.81
C VAL A 584 37.13 29.63 41.13
N ILE A 585 38.27 29.78 41.79
CA ILE A 585 38.42 30.60 42.98
C ILE A 585 38.86 31.98 42.54
N THR A 586 38.07 33.00 42.89
CA THR A 586 38.42 34.36 42.56
C THR A 586 38.09 35.29 43.73
N PRO A 587 38.85 36.36 43.89
CA PRO A 587 38.31 37.51 44.62
C PRO A 587 37.41 38.30 43.70
N GLY A 588 36.92 39.46 44.14
CA GLY A 588 36.10 40.27 43.27
C GLY A 588 36.89 40.79 42.08
N THR A 589 36.19 40.99 40.96
CA THR A 589 36.80 41.69 39.84
C THR A 589 37.08 43.15 40.20
N ASN A 590 36.45 43.67 41.23
CA ASN A 590 36.79 45.00 41.73
C ASN A 590 38.19 45.02 42.34
N THR A 591 38.69 43.85 42.74
CA THR A 591 39.97 43.80 43.43
C THR A 591 41.09 43.35 42.50
N SER A 592 40.86 42.30 41.73
CA SER A 592 41.90 41.77 40.85
C SER A 592 41.25 40.92 39.76
N ASN A 593 42.08 40.51 38.80
CA ASN A 593 41.68 39.55 37.78
C ASN A 593 42.37 38.21 37.92
N GLN A 594 43.14 37.99 38.97
CA GLN A 594 43.80 36.71 39.18
C GLN A 594 42.82 35.68 39.69
N VAL A 595 42.96 34.44 39.21
CA VAL A 595 42.09 33.34 39.61
C VAL A 595 42.93 32.10 39.88
N ALA A 596 42.32 31.15 40.58
CA ALA A 596 42.88 29.83 40.78
C ALA A 596 41.82 28.82 40.38
N VAL A 597 42.25 27.60 40.07
CA VAL A 597 41.34 26.58 39.55
C VAL A 597 41.46 25.33 40.41
N LEU A 598 40.33 24.74 40.75
CA LEU A 598 40.26 23.50 41.51
C LEU A 598 39.64 22.41 40.64
N TYR A 599 40.37 21.31 40.47
CA TYR A 599 39.87 20.11 39.81
C TYR A 599 39.51 19.10 40.89
N GLN A 600 38.23 18.72 40.96
CA GLN A 600 37.74 17.98 42.11
C GLN A 600 37.97 16.48 41.95
N ASP A 601 38.52 15.86 42.98
CA ASP A 601 38.75 14.42 43.03
C ASP A 601 39.61 13.92 41.87
N VAL A 602 40.63 14.70 41.52
CA VAL A 602 41.53 14.35 40.42
C VAL A 602 42.96 14.51 40.91
N ASN A 603 43.80 13.51 40.62
CA ASN A 603 45.20 13.61 40.97
C ASN A 603 45.88 14.68 40.14
N CYS A 604 46.87 15.35 40.75
CA CYS A 604 47.48 16.51 40.10
C CYS A 604 48.29 16.13 38.86
N THR A 605 48.64 14.86 38.69
CA THR A 605 49.49 14.44 37.60
C THR A 605 48.71 14.13 36.31
N GLU A 606 47.38 14.25 36.33
CA GLU A 606 46.55 13.85 35.19
C GLU A 606 45.78 15.03 34.60
N VAL A 607 46.26 16.25 34.79
CA VAL A 607 45.59 17.42 34.26
C VAL A 607 46.50 18.18 33.31
N ASN A 628 52.88 26.19 40.53
CA ASN A 628 51.86 26.31 41.57
C ASN A 628 50.83 25.20 41.45
N VAL A 629 51.22 23.98 41.79
CA VAL A 629 50.35 22.82 41.76
C VAL A 629 50.33 22.21 43.16
N PHE A 630 49.17 22.25 43.81
CA PHE A 630 49.05 21.86 45.21
C PHE A 630 47.98 20.79 45.34
N GLN A 631 48.34 19.69 46.01
CA GLN A 631 47.46 18.54 46.14
C GLN A 631 46.75 18.59 47.49
N THR A 632 45.45 18.86 47.46
CA THR A 632 44.61 18.81 48.64
C THR A 632 43.73 17.57 48.58
N ARG A 633 43.03 17.30 49.68
CA ARG A 633 42.09 16.19 49.66
C ARG A 633 40.85 16.52 48.84
N ALA A 634 40.51 17.80 48.70
CA ALA A 634 39.37 18.18 47.88
C ALA A 634 39.67 18.05 46.40
N GLY A 635 40.94 18.04 46.02
CA GLY A 635 41.30 17.89 44.62
C GLY A 635 42.68 18.46 44.36
N CYS A 636 42.85 18.98 43.15
CA CYS A 636 44.10 19.59 42.73
C CYS A 636 43.89 21.08 42.50
N LEU A 637 44.75 21.90 43.11
CA LEU A 637 44.61 23.35 43.10
C LEU A 637 45.76 23.94 42.30
N ILE A 638 45.43 24.73 41.27
CA ILE A 638 46.41 25.33 40.38
C ILE A 638 46.25 26.85 40.44
N GLY A 639 47.36 27.55 40.63
CA GLY A 639 47.35 28.99 40.67
C GLY A 639 47.39 29.60 42.05
N ALA A 640 47.58 28.81 43.09
CA ALA A 640 47.62 29.29 44.46
C ALA A 640 48.91 28.84 45.12
N GLU A 641 49.44 29.66 46.03
CA GLU A 641 50.67 29.36 46.74
C GLU A 641 50.34 28.86 48.14
N HIS A 642 50.88 27.70 48.49
CA HIS A 642 50.65 27.15 49.83
C HIS A 642 51.60 27.77 50.84
N VAL A 643 51.06 28.24 51.96
CA VAL A 643 51.84 28.85 53.02
C VAL A 643 51.55 28.11 54.32
N ASN A 644 52.50 28.22 55.27
CA ASN A 644 52.41 27.48 56.52
C ASN A 644 51.82 28.28 57.67
N ASN A 645 51.38 29.51 57.43
CA ASN A 645 50.67 30.24 58.46
C ASN A 645 49.22 29.78 58.54
N SER A 646 48.48 30.35 59.49
CA SER A 646 47.07 30.06 59.67
C SER A 646 46.30 31.35 59.87
N TYR A 647 45.17 31.48 59.19
CA TYR A 647 44.31 32.64 59.26
C TYR A 647 42.87 32.19 59.38
N GLU A 648 41.96 33.13 59.58
CA GLU A 648 40.54 32.82 59.54
C GLU A 648 40.10 32.56 58.10
N CYS A 649 39.14 31.66 57.95
CA CYS A 649 38.72 31.23 56.61
C CYS A 649 38.15 32.40 55.84
N ASP A 650 38.66 32.62 54.63
CA ASP A 650 38.14 33.63 53.72
C ASP A 650 37.29 33.01 52.62
N ILE A 651 37.86 32.08 51.85
CA ILE A 651 37.15 31.36 50.81
C ILE A 651 37.31 29.87 51.08
N PRO A 652 36.25 29.14 51.36
CA PRO A 652 36.39 27.73 51.74
C PRO A 652 36.68 26.85 50.54
N ILE A 653 37.79 26.13 50.59
CA ILE A 653 38.10 25.09 49.62
C ILE A 653 37.55 23.75 50.07
N GLY A 654 37.83 23.36 51.30
CA GLY A 654 37.30 22.12 51.82
C GLY A 654 38.33 21.30 52.57
N ALA A 655 37.87 20.34 53.38
CA ALA A 655 38.73 19.46 54.16
C ALA A 655 39.73 20.26 55.00
N GLY A 656 39.28 21.40 55.51
CA GLY A 656 40.10 22.24 56.34
C GLY A 656 40.92 23.29 55.61
N ILE A 657 40.87 23.33 54.30
CA ILE A 657 41.70 24.24 53.51
C ILE A 657 40.86 25.42 53.05
N CYS A 658 41.40 26.63 53.23
CA CYS A 658 40.78 27.86 52.77
C CYS A 658 41.78 28.61 51.90
N ALA A 659 41.26 29.60 51.16
CA ALA A 659 42.06 30.40 50.25
C ALA A 659 41.81 31.87 50.48
N SER A 660 42.80 32.71 50.13
CA SER A 660 42.68 34.13 50.34
C SER A 660 43.60 34.88 49.39
N TYR A 661 43.33 36.18 49.24
CA TYR A 661 44.11 37.07 48.39
C TYR A 661 44.94 38.00 49.26
N GLN A 662 46.26 37.82 49.21
CA GLN A 662 47.18 38.68 49.94
C GLN A 662 48.45 38.93 49.15
N SER A 678 49.04 38.05 45.12
CA SER A 678 48.91 36.64 44.79
C SER A 678 47.77 35.99 45.58
N ILE A 679 47.47 34.74 45.23
CA ILE A 679 46.44 33.95 45.91
C ILE A 679 47.14 32.87 46.70
N ILE A 680 46.79 32.74 47.97
CA ILE A 680 47.40 31.76 48.86
C ILE A 680 46.33 30.78 49.34
N ALA A 681 46.78 29.57 49.67
CA ALA A 681 45.93 28.55 50.27
C ALA A 681 46.59 28.09 51.57
N TYR A 682 45.77 27.85 52.59
CA TYR A 682 46.29 27.53 53.91
C TYR A 682 45.28 26.68 54.67
N THR A 683 45.71 26.18 55.82
CA THR A 683 44.83 25.54 56.78
C THR A 683 44.31 26.60 57.74
N MET A 684 42.99 26.66 57.88
CA MET A 684 42.40 27.73 58.68
C MET A 684 42.54 27.45 60.17
N SER A 685 42.58 28.54 60.94
CA SER A 685 42.65 28.44 62.40
C SER A 685 41.26 28.66 63.00
N LEU A 686 41.02 28.00 64.11
CA LEU A 686 39.70 28.06 64.75
C LEU A 686 39.52 29.33 65.56
N GLY A 687 40.61 30.05 65.82
CA GLY A 687 40.54 31.27 66.60
C GLY A 687 41.79 31.46 67.42
N ALA A 688 41.62 33.92 69.20
CA ALA A 688 42.98 33.59 69.60
C ALA A 688 42.97 32.53 70.70
N GLU A 689 44.15 31.97 70.96
CA GLU A 689 44.31 30.99 72.03
C GLU A 689 44.31 31.72 73.38
N ASN A 690 43.55 31.19 74.33
CA ASN A 690 43.37 31.85 75.62
C ASN A 690 43.47 30.83 76.74
N SER A 691 44.12 31.22 77.83
CA SER A 691 44.25 30.39 79.01
C SER A 691 43.71 31.16 80.21
N VAL A 692 42.74 30.58 80.89
CA VAL A 692 42.14 31.23 82.06
C VAL A 692 42.97 30.89 83.28
N ALA A 693 43.26 31.89 84.10
CA ALA A 693 44.12 31.72 85.27
C ALA A 693 43.32 31.10 86.41
N TYR A 694 43.06 29.80 86.29
CA TYR A 694 42.27 29.09 87.27
C TYR A 694 43.09 28.78 88.52
N SER A 695 42.44 28.93 89.66
CA SER A 695 43.03 28.60 90.96
C SER A 695 41.89 28.27 91.91
N ASN A 696 42.24 27.61 93.01
CA ASN A 696 41.22 27.19 93.97
C ASN A 696 40.81 28.28 94.94
N ASN A 697 41.39 29.48 94.85
CA ASN A 697 40.91 30.59 95.68
C ASN A 697 40.94 31.94 94.95
N SER A 698 40.85 31.95 93.62
CA SER A 698 40.96 33.18 92.85
C SER A 698 39.65 33.46 92.11
N ILE A 699 39.23 34.72 92.10
CA ILE A 699 38.02 35.12 91.40
C ILE A 699 38.28 36.40 90.61
N ALA A 700 37.50 36.60 89.55
CA ALA A 700 37.54 37.81 88.74
C ALA A 700 36.16 38.44 88.73
N ILE A 701 36.10 39.75 88.95
CA ILE A 701 34.83 40.47 89.09
C ILE A 701 34.89 41.72 88.23
N PRO A 702 33.83 42.05 87.48
CA PRO A 702 33.87 43.23 86.61
C PRO A 702 33.65 44.53 87.38
N THR A 703 34.30 45.59 86.90
CA THR A 703 34.16 46.90 87.51
C THR A 703 33.38 47.89 86.64
N ASN A 704 33.10 47.55 85.38
CA ASN A 704 32.35 48.45 84.52
C ASN A 704 31.42 47.63 83.63
N PHE A 705 30.72 48.30 82.73
CA PHE A 705 29.84 47.62 81.79
C PHE A 705 29.75 48.40 80.49
N THR A 706 29.14 47.77 79.50
CA THR A 706 28.86 48.35 78.20
C THR A 706 27.41 48.03 77.84
N ILE A 707 26.73 49.00 77.25
CA ILE A 707 25.39 48.79 76.69
C ILE A 707 25.57 48.50 75.21
N SER A 708 25.04 47.38 74.74
CA SER A 708 25.25 46.92 73.38
C SER A 708 23.92 46.79 72.66
N VAL A 709 23.89 47.17 71.39
CA VAL A 709 22.72 47.02 70.51
C VAL A 709 23.14 46.25 69.27
N THR A 710 22.39 45.20 68.94
CA THR A 710 22.66 44.38 67.77
C THR A 710 21.38 44.13 66.98
N THR A 711 21.53 43.73 65.72
CA THR A 711 20.40 43.53 64.82
C THR A 711 20.21 42.05 64.51
N GLU A 712 18.99 41.69 64.12
CA GLU A 712 18.68 40.31 63.77
C GLU A 712 17.50 40.31 62.81
N ILE A 713 17.71 39.79 61.60
CA ILE A 713 16.76 39.92 60.50
C ILE A 713 16.10 38.56 60.25
N LEU A 714 14.78 38.57 60.05
CA LEU A 714 14.04 37.33 59.80
C LEU A 714 13.06 37.53 58.65
N PRO A 715 12.98 36.60 57.71
CA PRO A 715 11.91 36.66 56.69
C PRO A 715 10.59 36.12 57.23
N VAL A 716 9.49 36.73 56.78
CA VAL A 716 8.16 36.42 57.27
C VAL A 716 7.29 35.80 56.18
N SER A 717 7.25 36.40 55.00
CA SER A 717 6.37 35.94 53.93
C SER A 717 7.10 35.98 52.60
N MET A 718 6.46 35.39 51.60
CA MET A 718 6.88 35.47 50.21
C MET A 718 5.76 36.05 49.35
N THR A 719 6.00 36.09 48.03
CA THR A 719 5.04 36.65 47.10
C THR A 719 3.96 35.63 46.76
N LYS A 720 2.71 36.11 46.70
CA LYS A 720 1.55 35.26 46.39
C LYS A 720 1.37 35.20 44.89
N THR A 721 1.57 34.03 44.31
CA THR A 721 1.47 33.82 42.87
C THR A 721 0.36 32.82 42.56
N SER A 722 -0.20 32.95 41.36
CA SER A 722 -1.19 32.02 40.85
C SER A 722 -0.88 31.72 39.40
N VAL A 723 -1.04 30.44 39.02
CA VAL A 723 -0.79 29.98 37.67
C VAL A 723 -2.03 29.25 37.18
N ASP A 724 -2.64 29.78 36.11
CA ASP A 724 -3.78 29.11 35.49
C ASP A 724 -3.27 27.96 34.63
N CYS A 725 -3.65 26.73 35.00
CA CYS A 725 -3.07 25.54 34.40
C CYS A 725 -3.39 25.44 32.91
N THR A 726 -4.65 25.68 32.55
CA THR A 726 -5.05 25.60 31.14
C THR A 726 -4.37 26.68 30.30
N MET A 727 -4.30 27.91 30.82
CA MET A 727 -3.60 28.97 30.11
C MET A 727 -2.13 28.64 29.89
N TYR A 728 -1.48 28.00 30.86
CA TYR A 728 -0.07 27.68 30.70
C TYR A 728 0.13 26.55 29.70
N ILE A 729 -0.73 25.53 29.74
CA ILE A 729 -0.46 24.35 28.94
C ILE A 729 -0.97 24.51 27.50
N CYS A 730 -2.19 25.04 27.34
CA CYS A 730 -2.80 25.10 26.03
C CYS A 730 -2.95 26.50 25.46
N GLY A 731 -2.94 27.53 26.28
CA GLY A 731 -3.22 28.86 25.77
C GLY A 731 -4.69 28.97 25.39
N ASP A 732 -4.94 29.48 24.19
CA ASP A 732 -6.29 29.69 23.68
C ASP A 732 -6.75 28.58 22.74
N SER A 733 -5.96 27.51 22.61
CA SER A 733 -6.31 26.41 21.71
C SER A 733 -7.43 25.58 22.32
N THR A 734 -8.33 25.08 21.48
CA THR A 734 -9.42 24.24 21.96
C THR A 734 -9.10 22.76 21.82
N GLU A 735 -8.37 22.37 20.77
CA GLU A 735 -7.98 20.97 20.61
C GLU A 735 -7.09 20.52 21.76
N CYS A 736 -6.16 21.38 22.17
CA CYS A 736 -5.30 21.05 23.31
C CYS A 736 -6.11 20.87 24.58
N SER A 737 -7.08 21.75 24.82
CA SER A 737 -7.89 21.62 26.03
C SER A 737 -8.74 20.34 26.00
N ASN A 738 -9.30 20.00 24.84
CA ASN A 738 -10.06 18.76 24.73
C ASN A 738 -9.17 17.54 25.00
N LEU A 739 -7.95 17.55 24.48
CA LEU A 739 -7.03 16.46 24.80
C LEU A 739 -6.62 16.48 26.27
N LEU A 740 -6.55 17.66 26.88
CA LEU A 740 -6.12 17.77 28.28
C LEU A 740 -7.20 17.27 29.23
N LEU A 741 -8.47 17.40 28.86
CA LEU A 741 -9.53 16.91 29.73
C LEU A 741 -9.47 15.39 29.97
N GLN A 742 -8.59 14.69 29.27
CA GLN A 742 -8.47 13.24 29.47
C GLN A 742 -7.56 12.88 30.63
N TYR A 743 -6.82 13.84 31.18
CA TYR A 743 -5.91 13.59 32.29
C TYR A 743 -6.57 13.75 33.65
N GLY A 744 -7.85 14.10 33.70
CA GLY A 744 -8.55 14.15 34.96
C GLY A 744 -8.46 15.47 35.70
N SER A 745 -8.07 15.42 36.97
CA SER A 745 -8.10 16.57 37.87
C SER A 745 -6.72 16.96 38.37
N PHE A 746 -5.72 17.04 37.49
CA PHE A 746 -4.41 17.50 37.90
C PHE A 746 -4.39 19.01 38.11
N CYS A 747 -5.03 19.75 37.19
CA CYS A 747 -4.99 21.21 37.24
C CYS A 747 -5.68 21.74 38.49
N THR A 748 -6.80 21.11 38.88
CA THR A 748 -7.48 21.50 40.10
C THR A 748 -6.59 21.30 41.32
N GLN A 749 -5.85 20.19 41.35
CA GLN A 749 -4.91 19.93 42.43
C GLN A 749 -3.86 21.02 42.52
N LEU A 750 -3.28 21.40 41.37
CA LEU A 750 -2.24 22.42 41.37
C LEU A 750 -2.78 23.77 41.86
N ASN A 751 -3.96 24.15 41.38
CA ASN A 751 -4.56 25.42 41.82
C ASN A 751 -4.86 25.39 43.31
N ARG A 752 -5.33 24.25 43.82
CA ARG A 752 -5.63 24.15 45.24
C ARG A 752 -4.38 24.31 46.09
N ALA A 753 -3.27 23.69 45.67
CA ALA A 753 -2.02 23.82 46.41
C ALA A 753 -1.53 25.27 46.42
N LEU A 754 -1.59 25.95 45.27
CA LEU A 754 -1.13 27.33 45.24
C LEU A 754 -2.03 28.25 46.07
N THR A 755 -3.32 27.98 46.09
CA THR A 755 -4.23 28.76 46.93
C THR A 755 -3.91 28.57 48.41
N GLY A 756 -3.58 27.35 48.80
CA GLY A 756 -3.18 27.11 50.19
C GLY A 756 -1.94 27.90 50.58
N ILE A 757 -0.95 27.95 49.69
CA ILE A 757 0.24 28.75 49.98
C ILE A 757 -0.14 30.22 50.14
N ALA A 758 -0.99 30.72 49.24
CA ALA A 758 -1.35 32.13 49.26
C ALA A 758 -2.06 32.51 50.56
N VAL A 759 -2.92 31.63 51.07
CA VAL A 759 -3.54 31.89 52.37
C VAL A 759 -2.53 31.84 53.52
N GLU A 760 -1.61 30.87 53.48
CA GLU A 760 -0.62 30.76 54.54
C GLU A 760 0.22 32.03 54.69
N GLN A 761 0.50 32.72 53.59
CA GLN A 761 1.33 33.93 53.69
C GLN A 761 0.68 35.01 54.56
N ASP A 762 -0.61 35.26 54.34
CA ASP A 762 -1.31 36.27 55.14
C ASP A 762 -1.44 35.81 56.58
N LYS A 763 -1.63 34.50 56.80
CA LYS A 763 -1.64 34.00 58.17
C LYS A 763 -0.32 34.26 58.88
N ASN A 764 0.81 34.06 58.17
CA ASN A 764 2.13 34.32 58.75
C ASN A 764 2.28 35.77 59.18
N THR A 765 1.91 36.70 58.29
CA THR A 765 2.02 38.12 58.62
C THR A 765 1.15 38.48 59.83
N GLN A 766 -0.08 37.96 59.87
CA GLN A 766 -0.94 38.23 61.02
C GLN A 766 -0.33 37.70 62.31
N GLU A 767 0.24 36.50 62.29
CA GLU A 767 0.77 35.93 63.52
C GLU A 767 2.00 36.66 64.01
N VAL A 768 2.77 37.28 63.10
CA VAL A 768 3.93 38.04 63.58
C VAL A 768 3.52 39.42 64.08
N PHE A 769 2.74 40.17 63.30
CA PHE A 769 2.61 41.61 63.59
C PHE A 769 1.38 42.01 64.38
N ALA A 770 0.27 41.27 64.33
CA ALA A 770 -0.97 41.71 64.97
C ALA A 770 -1.09 41.12 66.38
N GLN A 771 -0.20 41.57 67.26
CA GLN A 771 -0.13 41.05 68.62
C GLN A 771 -0.72 42.00 69.66
N VAL A 772 -1.27 43.14 69.24
CA VAL A 772 -1.97 44.06 70.13
C VAL A 772 -3.23 44.54 69.44
N LYS A 773 -4.31 44.70 70.20
CA LYS A 773 -5.56 45.23 69.67
C LYS A 773 -5.80 46.68 70.09
N GLN A 774 -4.86 47.31 70.77
CA GLN A 774 -4.90 48.72 71.10
C GLN A 774 -3.80 49.43 70.32
N ILE A 775 -4.08 50.63 69.84
CA ILE A 775 -3.07 51.44 69.16
C ILE A 775 -2.54 52.44 70.17
N TYR A 776 -1.29 52.28 70.56
CA TYR A 776 -0.67 53.14 71.54
C TYR A 776 0.12 54.25 70.87
N LYS A 777 0.15 55.41 71.50
CA LYS A 777 0.84 56.58 70.99
C LYS A 777 1.76 57.15 72.06
N THR A 778 2.90 57.69 71.62
CA THR A 778 3.83 58.31 72.54
C THR A 778 3.39 59.75 72.84
N PRO A 779 3.75 60.28 74.01
CA PRO A 779 3.34 61.64 74.34
C PRO A 779 4.01 62.65 73.43
N PRO A 780 3.37 63.80 73.20
CA PRO A 780 3.97 64.81 72.30
C PRO A 780 5.32 65.31 72.74
N ILE A 781 5.59 65.38 74.04
CA ILE A 781 6.88 65.81 74.56
C ILE A 781 7.70 64.56 74.89
N LYS A 782 8.86 64.43 74.25
CA LYS A 782 9.69 63.23 74.38
C LYS A 782 10.80 63.45 75.42
N ASP A 783 10.42 63.30 76.69
CA ASP A 783 11.36 63.46 77.80
C ASP A 783 11.40 62.14 78.58
N PHE A 784 12.39 61.30 78.26
CA PHE A 784 12.49 59.96 78.83
C PHE A 784 13.73 59.80 79.69
N GLY A 785 14.16 60.86 80.37
CA GLY A 785 15.29 60.78 81.28
C GLY A 785 16.65 60.80 80.62
N GLY A 786 16.73 61.20 79.36
CA GLY A 786 17.97 61.26 78.63
C GLY A 786 18.10 60.26 77.51
N PHE A 787 17.15 59.33 77.38
CA PHE A 787 17.18 58.35 76.31
C PHE A 787 16.49 58.90 75.08
N ASN A 788 17.11 58.71 73.92
CA ASN A 788 16.65 59.30 72.67
C ASN A 788 16.23 58.19 71.72
N PHE A 789 14.95 58.18 71.33
CA PHE A 789 14.40 57.14 70.49
C PHE A 789 14.07 57.63 69.08
N SER A 790 14.67 58.75 68.67
CA SER A 790 14.23 59.42 67.45
C SER A 790 14.51 58.60 66.20
N GLN A 791 15.52 57.74 66.23
CA GLN A 791 15.90 56.96 65.06
C GLN A 791 14.98 55.76 64.83
N ILE A 792 14.16 55.39 65.80
CA ILE A 792 13.22 54.28 65.64
C ILE A 792 11.77 54.70 65.78
N LEU A 793 11.48 55.97 66.01
CA LEU A 793 10.11 56.44 66.09
C LEU A 793 9.68 57.01 64.74
N PRO A 794 8.37 57.00 64.46
CA PRO A 794 7.90 57.51 63.16
C PRO A 794 8.28 58.97 62.94
N ASP A 795 8.65 59.28 61.69
CA ASP A 795 9.08 60.62 61.32
C ASP A 795 7.88 61.44 60.87
N PRO A 796 7.53 62.52 61.56
CA PRO A 796 6.34 63.29 61.16
C PRO A 796 6.45 63.94 59.79
N SER A 797 7.66 64.30 59.36
CA SER A 797 7.82 64.99 58.08
C SER A 797 7.49 64.10 56.88
N LYS A 798 7.92 62.84 56.90
CA LYS A 798 7.71 61.93 55.78
C LYS A 798 6.23 61.66 55.57
N PRO A 799 5.77 61.59 54.32
CA PRO A 799 4.38 61.21 54.07
C PRO A 799 4.07 59.77 54.45
N SER A 800 5.05 58.87 54.44
CA SER A 800 4.81 57.45 54.70
C SER A 800 4.76 57.10 56.17
N LYS A 801 5.13 58.04 57.06
CA LYS A 801 5.13 57.81 58.51
C LYS A 801 6.03 56.65 58.91
N ARG A 802 7.21 56.58 58.29
CA ARG A 802 8.21 55.58 58.63
C ARG A 802 9.33 56.22 59.44
N SER A 803 10.01 55.39 60.22
CA SER A 803 11.16 55.86 60.97
C SER A 803 12.39 55.92 60.05
N PRO A 804 13.42 56.68 60.43
CA PRO A 804 14.62 56.73 59.59
C PRO A 804 15.24 55.38 59.28
N ILE A 805 15.30 54.49 60.26
CA ILE A 805 15.85 53.15 60.04
C ILE A 805 14.96 52.36 59.10
N GLU A 806 13.64 52.53 59.22
CA GLU A 806 12.73 51.84 58.31
C GLU A 806 12.83 52.40 56.89
N ASP A 807 13.03 53.71 56.75
CA ASP A 807 13.32 54.27 55.44
C ASP A 807 14.57 53.65 54.83
N LEU A 808 15.63 53.54 55.61
CA LEU A 808 16.86 52.95 55.09
C LEU A 808 16.63 51.49 54.67
N LEU A 809 15.91 50.73 55.50
CA LEU A 809 15.65 49.32 55.17
C LEU A 809 14.84 49.19 53.90
N PHE A 810 13.82 50.03 53.73
CA PHE A 810 12.97 49.92 52.55
C PHE A 810 13.67 50.44 51.30
N ASN A 811 14.69 51.29 51.47
CA ASN A 811 15.45 51.72 50.30
C ASN A 811 16.53 50.72 49.92
N LYS A 812 17.00 49.91 50.88
CA LYS A 812 18.10 49.00 50.60
C LYS A 812 17.67 47.66 50.00
N VAL A 813 16.38 47.43 49.80
CA VAL A 813 15.91 46.22 49.14
C VAL A 813 15.33 46.59 47.79
N THR A 814 15.85 45.98 46.74
CA THR A 814 15.41 46.29 45.38
C THR A 814 14.96 45.04 44.64
N ASN A 843 1.22 34.33 30.33
CA ASN A 843 1.16 32.87 30.22
C ASN A 843 0.27 32.25 31.27
N GLY A 844 -0.68 33.04 31.79
CA GLY A 844 -1.52 32.59 32.87
C GLY A 844 -0.96 32.86 34.26
N LEU A 845 0.09 33.67 34.37
CA LEU A 845 0.72 33.97 35.64
C LEU A 845 0.13 35.25 36.20
N THR A 846 -0.12 35.27 37.50
CA THR A 846 -0.60 36.49 38.15
C THR A 846 -0.10 36.55 39.59
N VAL A 847 -0.10 37.75 40.14
CA VAL A 847 0.37 38.02 41.49
C VAL A 847 -0.78 38.63 42.27
N LEU A 848 -1.03 38.11 43.46
CA LEU A 848 -2.08 38.63 44.31
C LEU A 848 -1.50 39.62 45.31
N PRO A 849 -2.22 40.70 45.65
CA PRO A 849 -1.68 41.65 46.62
C PRO A 849 -1.88 41.14 48.04
N PRO A 850 -0.99 41.49 48.96
CA PRO A 850 -1.18 41.09 50.37
C PRO A 850 -2.30 41.89 51.04
N LEU A 851 -2.92 41.27 52.04
CA LEU A 851 -4.05 41.89 52.71
C LEU A 851 -3.64 43.13 53.49
N LEU A 852 -2.51 43.07 54.19
CA LEU A 852 -2.00 44.20 54.96
C LEU A 852 -1.02 45.00 54.09
N THR A 853 -1.27 46.29 53.95
CA THR A 853 -0.35 47.16 53.25
C THR A 853 0.85 47.47 54.14
N ASP A 854 1.88 48.06 53.53
CA ASP A 854 3.09 48.41 54.26
C ASP A 854 2.82 49.46 55.34
N GLU A 855 1.94 50.42 55.06
CA GLU A 855 1.63 51.45 56.04
C GLU A 855 0.96 50.86 57.28
N MET A 856 0.14 49.82 57.11
CA MET A 856 -0.52 49.21 58.25
C MET A 856 0.45 48.39 59.11
N ILE A 857 1.42 47.73 58.48
CA ILE A 857 2.46 47.04 59.24
C ILE A 857 3.32 48.05 60.01
N ALA A 858 3.62 49.19 59.38
CA ALA A 858 4.35 50.23 60.08
C ALA A 858 3.57 50.78 61.27
N GLN A 859 2.26 50.93 61.11
CA GLN A 859 1.42 51.35 62.24
C GLN A 859 1.44 50.32 63.37
N TYR A 860 1.39 49.04 63.03
CA TYR A 860 1.49 47.99 64.05
C TYR A 860 2.80 48.10 64.82
N THR A 861 3.93 48.25 64.12
CA THR A 861 5.21 48.33 64.81
C THR A 861 5.32 49.58 65.66
N SER A 862 4.76 50.70 65.20
CA SER A 862 4.80 51.91 66.00
C SER A 862 3.96 51.76 67.27
N ALA A 863 2.85 51.03 67.18
CA ALA A 863 2.06 50.77 68.38
C ALA A 863 2.83 49.90 69.37
N LEU A 864 3.54 48.88 68.88
CA LEU A 864 4.37 48.07 69.78
C LEU A 864 5.45 48.89 70.45
N LEU A 865 6.12 49.76 69.70
CA LEU A 865 7.16 50.61 70.27
C LEU A 865 6.60 51.55 71.32
N ALA A 866 5.47 52.21 71.03
CA ALA A 866 4.90 53.12 72.02
C ALA A 866 4.47 52.39 73.28
N GLY A 867 3.88 51.20 73.12
CA GLY A 867 3.49 50.42 74.29
C GLY A 867 4.67 50.03 75.15
N THR A 868 5.77 49.59 74.53
CA THR A 868 6.91 49.19 75.35
C THR A 868 7.70 50.39 75.91
N ILE A 869 7.57 51.56 75.32
CA ILE A 869 8.31 52.71 75.83
C ILE A 869 7.55 53.39 76.97
N THR A 870 6.21 53.38 76.93
CA THR A 870 5.48 54.06 77.98
C THR A 870 5.04 53.15 79.13
N SER A 871 5.03 51.83 78.95
CA SER A 871 4.46 50.97 79.97
C SER A 871 5.23 49.68 80.23
N GLY A 872 6.41 49.51 79.66
CA GLY A 872 7.20 48.32 79.98
C GLY A 872 6.60 47.06 79.40
N TRP A 873 6.55 46.01 80.21
CA TRP A 873 5.96 44.74 79.79
C TRP A 873 4.53 44.54 80.26
N THR A 874 3.90 45.55 80.83
CA THR A 874 2.57 45.35 81.41
C THR A 874 1.49 45.23 80.34
N PHE A 875 1.61 45.98 79.24
CA PHE A 875 0.59 45.95 78.21
C PHE A 875 0.53 44.61 77.48
N GLY A 876 1.55 43.77 77.62
CA GLY A 876 1.53 42.46 77.02
C GLY A 876 0.83 41.39 77.83
N ALA A 877 0.37 41.72 79.03
CA ALA A 877 -0.30 40.75 79.90
C ALA A 877 -1.60 41.27 80.50
N GLY A 878 -2.11 42.39 80.02
CA GLY A 878 -3.30 42.99 80.58
C GLY A 878 -3.40 44.45 80.20
N PRO A 879 -4.03 45.25 81.04
CA PRO A 879 -4.05 46.71 80.80
C PRO A 879 -2.65 47.31 80.91
N ALA A 880 -2.44 48.37 80.15
CA ALA A 880 -1.15 49.06 80.13
C ALA A 880 -1.05 49.99 81.34
N LEU A 881 0.06 49.89 82.06
CA LEU A 881 0.27 50.62 83.30
C LEU A 881 1.49 51.49 83.15
N GLN A 882 1.32 52.80 83.21
CA GLN A 882 2.43 53.71 82.95
C GLN A 882 3.47 53.65 84.07
N ILE A 883 4.70 53.94 83.70
CA ILE A 883 5.85 53.91 84.61
C ILE A 883 6.93 54.78 83.97
N PRO A 884 7.67 55.59 84.73
CA PRO A 884 8.76 56.35 84.13
C PRO A 884 9.84 55.43 83.57
N PHE A 885 10.47 55.86 82.48
CA PHE A 885 11.41 54.99 81.78
C PHE A 885 12.66 54.63 82.60
N PRO A 886 13.31 55.54 83.32
CA PRO A 886 14.44 55.11 84.17
C PRO A 886 14.06 54.09 85.24
N MET A 887 12.85 54.17 85.78
CA MET A 887 12.39 53.16 86.73
C MET A 887 12.21 51.80 86.07
N GLN A 888 11.71 51.78 84.84
CA GLN A 888 11.59 50.53 84.09
C GLN A 888 12.95 49.93 83.80
N MET A 889 13.92 50.77 83.46
CA MET A 889 15.28 50.29 83.24
C MET A 889 15.91 49.77 84.54
N ALA A 890 15.54 50.37 85.67
CA ALA A 890 16.00 49.84 86.97
C ALA A 890 15.41 48.47 87.26
N TYR A 891 14.13 48.28 86.93
CA TYR A 891 13.52 46.94 87.02
C TYR A 891 14.26 45.94 86.15
N ARG A 892 14.67 46.35 84.96
CA ARG A 892 15.35 45.44 84.06
C ARG A 892 16.78 45.13 84.52
N PHE A 893 17.45 46.09 85.17
CA PHE A 893 18.72 45.75 85.81
C PHE A 893 18.52 44.74 86.93
N ASN A 894 17.48 44.91 87.74
CA ASN A 894 17.14 43.91 88.73
C ASN A 894 16.91 42.54 88.09
N GLY A 895 16.39 42.51 86.87
CA GLY A 895 16.12 41.24 86.22
C GLY A 895 17.36 40.41 85.94
N ILE A 896 18.50 41.05 85.74
CA ILE A 896 19.72 40.33 85.38
C ILE A 896 20.68 40.21 86.56
N GLY A 897 20.25 40.64 87.74
CA GLY A 897 21.06 40.46 88.93
C GLY A 897 21.93 41.63 89.32
N VAL A 898 21.58 42.85 88.95
CA VAL A 898 22.30 44.05 89.33
C VAL A 898 21.35 44.94 90.11
N THR A 899 21.85 45.59 91.15
CA THR A 899 20.99 46.39 92.01
C THR A 899 20.59 47.70 91.33
N GLN A 900 19.54 48.33 91.87
CA GLN A 900 18.95 49.51 91.24
C GLN A 900 19.87 50.73 91.34
N ASN A 901 20.59 50.86 92.46
CA ASN A 901 21.43 52.03 92.65
C ASN A 901 22.52 52.10 91.59
N VAL A 902 22.91 50.94 91.03
CA VAL A 902 23.92 50.94 89.97
C VAL A 902 23.41 51.73 88.76
N LEU A 903 22.12 51.57 88.44
CA LEU A 903 21.55 52.32 87.34
C LEU A 903 21.29 53.77 87.73
N TYR A 904 20.79 54.00 88.96
CA TYR A 904 20.43 55.36 89.34
C TYR A 904 21.67 56.24 89.53
N GLU A 905 22.85 55.62 89.68
CA GLU A 905 24.05 56.41 89.93
C GLU A 905 24.88 56.58 88.66
N ASN A 906 24.52 55.90 87.58
CA ASN A 906 25.21 56.00 86.30
C ASN A 906 24.25 56.30 85.16
N GLN A 907 23.18 57.05 85.43
CA GLN A 907 22.09 57.18 84.47
C GLN A 907 22.53 57.90 83.19
N LYS A 908 23.30 58.98 83.31
CA LYS A 908 23.73 59.72 82.13
C LYS A 908 24.68 58.92 81.26
N LEU A 909 25.63 58.22 81.89
CA LEU A 909 26.55 57.39 81.14
C LEU A 909 25.82 56.29 80.38
N ILE A 910 24.84 55.65 81.03
CA ILE A 910 24.07 54.59 80.40
C ILE A 910 23.27 55.14 79.22
N ALA A 911 22.66 56.31 79.39
CA ALA A 911 21.89 56.92 78.31
C ALA A 911 22.79 57.28 77.12
N ASN A 912 23.98 57.82 77.39
CA ASN A 912 24.92 58.15 76.32
C ASN A 912 25.36 56.90 75.58
N GLN A 913 25.67 55.82 76.30
CA GLN A 913 26.05 54.57 75.65
C GLN A 913 24.93 54.05 74.76
N PHE A 914 23.69 54.11 75.25
CA PHE A 914 22.54 53.68 74.44
C PHE A 914 22.43 54.50 73.16
N ASN A 915 22.53 55.83 73.28
CA ASN A 915 22.37 56.69 72.11
C ASN A 915 23.47 56.44 71.08
N SER A 916 24.71 56.28 71.54
CA SER A 916 25.81 55.98 70.63
C SER A 916 25.60 54.64 69.93
N ALA A 917 25.12 53.64 70.65
CA ALA A 917 24.89 52.34 70.04
C ALA A 917 23.84 52.41 68.94
N ILE A 918 22.75 53.15 69.19
CA ILE A 918 21.71 53.28 68.17
C ILE A 918 22.25 54.01 66.94
N GLY A 919 23.02 55.08 67.14
CA GLY A 919 23.62 55.77 66.00
C GLY A 919 24.55 54.88 65.19
N LYS A 920 25.35 54.05 65.86
CA LYS A 920 26.22 53.12 65.14
C LYS A 920 25.41 52.10 64.37
N ILE A 921 24.28 51.64 64.92
CA ILE A 921 23.41 50.73 64.17
C ILE A 921 22.99 51.38 62.85
N GLN A 922 22.54 52.63 62.93
CA GLN A 922 22.10 53.30 61.71
C GLN A 922 23.24 53.41 60.69
N ASP A 923 24.43 53.83 61.15
CA ASP A 923 25.56 53.94 60.23
C ASP A 923 25.94 52.60 59.61
N SER A 924 25.98 51.54 60.42
CA SER A 924 26.36 50.22 59.93
C SER A 924 25.38 49.71 58.88
N LEU A 925 24.08 49.91 59.11
CA LEU A 925 23.11 49.53 58.08
C LEU A 925 23.33 50.35 56.81
N SER A 926 23.58 51.65 56.95
CA SER A 926 23.76 52.49 55.77
C SER A 926 25.03 52.17 55.00
N SER A 927 26.04 51.56 55.62
CA SER A 927 27.35 51.44 55.02
C SER A 927 27.69 50.04 54.52
N THR A 928 26.91 49.02 54.90
CA THR A 928 27.23 47.64 54.50
C THR A 928 26.10 47.08 53.64
N PRO A 929 26.39 46.60 52.43
CA PRO A 929 25.31 46.13 51.54
C PRO A 929 24.79 44.74 51.87
N SER A 930 25.65 43.86 52.36
CA SER A 930 25.30 42.46 52.59
C SER A 930 24.53 42.25 53.89
N ALA A 931 23.96 43.32 54.46
CA ALA A 931 23.23 43.17 55.72
C ALA A 931 21.92 42.43 55.53
N LEU A 932 21.22 42.72 54.43
CA LEU A 932 19.87 42.20 54.20
C LEU A 932 19.87 41.06 53.19
N GLY A 933 20.86 40.18 53.26
CA GLY A 933 21.00 39.12 52.28
C GLY A 933 19.90 38.08 52.30
N LYS A 934 19.28 37.84 53.45
CA LYS A 934 18.28 36.77 53.56
C LYS A 934 17.00 37.11 52.80
N LEU A 935 16.49 38.33 52.98
CA LEU A 935 15.30 38.74 52.24
C LEU A 935 15.55 38.75 50.75
N GLN A 936 16.71 39.25 50.34
CA GLN A 936 17.09 39.22 48.93
C GLN A 936 17.18 37.81 48.41
N ASP A 937 17.68 36.86 49.21
CA ASP A 937 17.75 35.47 48.78
C ASP A 937 16.36 34.90 48.54
N VAL A 938 15.41 35.19 49.43
CA VAL A 938 14.05 34.71 49.21
C VAL A 938 13.49 35.25 47.90
N VAL A 939 13.62 36.57 47.68
CA VAL A 939 13.10 37.18 46.47
C VAL A 939 13.77 36.59 45.22
N ASN A 940 15.09 36.45 45.26
CA ASN A 940 15.84 35.95 44.12
C ASN A 940 15.46 34.52 43.77
N GLN A 941 15.30 33.66 44.78
CA GLN A 941 14.92 32.28 44.51
C GLN A 941 13.56 32.20 43.86
N ASN A 942 12.60 32.98 44.36
CA ASN A 942 11.27 32.92 43.76
C ASN A 942 11.30 33.42 42.32
N ALA A 943 12.01 34.52 42.05
CA ALA A 943 12.11 35.03 40.69
C ALA A 943 12.77 34.04 39.76
N GLN A 944 13.84 33.37 40.22
CA GLN A 944 14.54 32.40 39.40
C GLN A 944 13.64 31.21 39.05
N ALA A 945 12.87 30.72 40.03
CA ALA A 945 11.96 29.62 39.74
C ALA A 945 10.90 30.02 38.72
N LEU A 946 10.35 31.23 38.85
CA LEU A 946 9.33 31.66 37.92
C LEU A 946 9.89 31.86 36.52
N ASN A 947 11.13 32.38 36.43
CA ASN A 947 11.78 32.51 35.13
C ASN A 947 12.02 31.16 34.49
N THR A 948 12.45 30.17 35.26
CA THR A 948 12.64 28.84 34.69
C THR A 948 11.33 28.25 34.19
N LEU A 949 10.24 28.46 34.94
CA LEU A 949 8.94 27.98 34.47
C LEU A 949 8.56 28.63 33.14
N VAL A 950 8.74 29.94 33.02
CA VAL A 950 8.40 30.61 31.76
C VAL A 950 9.32 30.14 30.64
N LYS A 951 10.59 29.91 30.94
CA LYS A 951 11.57 29.54 29.93
C LYS A 951 11.33 28.13 29.42
N GLN A 952 10.76 27.25 30.25
CA GLN A 952 10.46 25.89 29.81
C GLN A 952 9.41 25.84 28.72
N LEU A 953 8.70 26.94 28.49
CA LEU A 953 7.57 26.91 27.58
C LEU A 953 7.99 26.94 26.11
N SER A 954 9.29 27.05 25.84
CA SER A 954 9.79 27.02 24.47
C SER A 954 10.57 25.74 24.15
N SER A 955 10.30 24.65 24.84
CA SER A 955 10.91 23.36 24.54
C SER A 955 9.90 22.46 23.86
N ASN A 956 10.33 21.77 22.80
CA ASN A 956 9.41 20.96 22.03
C ASN A 956 9.17 19.58 22.62
N PHE A 957 10.02 19.14 23.55
CA PHE A 957 9.83 17.89 24.29
C PHE A 957 9.70 16.69 23.34
N GLY A 958 10.39 16.75 22.21
CA GLY A 958 10.35 15.68 21.24
C GLY A 958 9.31 15.82 20.14
N ALA A 959 8.72 17.00 19.98
CA ALA A 959 7.84 17.26 18.85
C ALA A 959 8.60 18.01 17.77
N ILE A 960 7.88 18.37 16.70
CA ILE A 960 8.53 19.10 15.61
C ILE A 960 8.83 20.53 16.04
N SER A 961 7.85 21.21 16.65
CA SER A 961 8.03 22.60 17.04
C SER A 961 7.36 22.81 18.40
N SER A 962 7.80 23.86 19.08
CA SER A 962 7.21 24.22 20.36
C SER A 962 6.00 25.15 20.22
N VAL A 963 5.69 25.60 19.01
CA VAL A 963 4.56 26.47 18.77
C VAL A 963 3.34 25.61 18.44
N LEU A 964 2.32 25.69 19.28
CA LEU A 964 1.13 24.86 19.08
C LEU A 964 0.34 25.29 17.85
N ASN A 965 0.32 26.59 17.57
CA ASN A 965 -0.38 27.10 16.39
C ASN A 965 0.23 26.58 15.09
N ASP A 966 1.56 26.52 15.01
CA ASP A 966 2.20 26.01 13.80
C ASP A 966 1.85 24.55 13.55
N ILE A 967 1.89 23.72 14.59
CA ILE A 967 1.52 22.32 14.43
C ILE A 967 0.05 22.21 14.04
N LEU A 968 -0.82 23.01 14.64
CA LEU A 968 -2.23 22.97 14.28
C LEU A 968 -2.49 23.37 12.84
N SER A 969 -1.79 24.38 12.34
CA SER A 969 -2.05 24.89 11.00
C SER A 969 -1.19 24.22 9.92
N ARG A 970 -0.29 23.33 10.29
CA ARG A 970 0.59 22.70 9.30
C ARG A 970 0.33 21.21 9.16
N LEU A 971 -0.28 20.56 10.14
CA LEU A 971 -0.52 19.13 10.11
C LEU A 971 -2.01 18.83 10.26
N ASP A 972 -2.36 17.56 10.10
CA ASP A 972 -3.74 17.14 10.24
C ASP A 972 -4.00 16.66 11.67
N PRO A 973 -5.27 16.58 12.08
CA PRO A 973 -5.59 16.17 13.45
C PRO A 973 -4.99 14.82 13.84
N PRO A 974 -4.97 13.81 12.96
CA PRO A 974 -4.47 12.49 13.42
C PRO A 974 -3.05 12.51 13.98
N GLU A 975 -2.15 13.33 13.44
CA GLU A 975 -0.78 13.42 13.93
C GLU A 975 -0.56 14.62 14.85
N ALA A 976 -1.29 15.70 14.62
CA ALA A 976 -1.30 16.79 15.58
C ALA A 976 -1.71 16.31 16.95
N GLU A 977 -2.56 15.28 17.02
CA GLU A 977 -2.94 14.72 18.32
C GLU A 977 -1.73 14.16 19.05
N VAL A 978 -0.86 13.42 18.36
CA VAL A 978 0.31 12.84 19.00
C VAL A 978 1.29 13.93 19.42
N GLN A 979 1.54 14.90 18.54
CA GLN A 979 2.45 15.98 18.89
C GLN A 979 1.94 16.78 20.10
N ILE A 980 0.64 17.06 20.12
CA ILE A 980 0.04 17.81 21.21
C ILE A 980 0.11 17.00 22.50
N ASP A 981 -0.05 15.68 22.41
CA ASP A 981 0.10 14.85 23.60
C ASP A 981 1.51 14.96 24.18
N ARG A 982 2.53 14.94 23.31
CA ARG A 982 3.90 15.11 23.79
C ARG A 982 4.07 16.44 24.51
N LEU A 983 3.59 17.52 23.90
CA LEU A 983 3.71 18.83 24.53
C LEU A 983 2.99 18.89 25.88
N ILE A 984 1.80 18.30 25.95
CA ILE A 984 1.02 18.33 27.17
C ILE A 984 1.75 17.60 28.30
N THR A 985 2.34 16.44 28.00
CA THR A 985 3.09 15.74 29.05
C THR A 985 4.27 16.57 29.54
N GLY A 986 5.03 17.18 28.62
CA GLY A 986 6.17 17.97 29.04
C GLY A 986 5.76 19.14 29.93
N ARG A 987 4.70 19.83 29.55
CA ARG A 987 4.28 21.00 30.32
C ARG A 987 3.67 20.61 31.67
N LEU A 988 2.96 19.47 31.74
CA LEU A 988 2.52 19.00 33.05
C LEU A 988 3.69 18.71 33.97
N GLN A 989 4.75 18.07 33.45
CA GLN A 989 5.91 17.81 34.30
C GLN A 989 6.52 19.11 34.82
N SER A 990 6.67 20.11 33.94
CA SER A 990 7.24 21.37 34.38
C SER A 990 6.40 22.01 35.49
N LEU A 991 5.08 22.03 35.30
CA LEU A 991 4.21 22.65 36.31
C LEU A 991 4.27 21.90 37.64
N GLN A 992 4.28 20.57 37.59
CA GLN A 992 4.34 19.80 38.83
C GLN A 992 5.64 20.06 39.58
N THR A 993 6.77 20.15 38.87
CA THR A 993 8.03 20.45 39.52
C THR A 993 7.98 21.82 40.20
N TYR A 994 7.43 22.82 39.51
CA TYR A 994 7.33 24.15 40.10
C TYR A 994 6.51 24.13 41.38
N VAL A 995 5.37 23.44 41.36
CA VAL A 995 4.50 23.43 42.54
C VAL A 995 5.16 22.71 43.72
N THR A 996 5.84 21.60 43.48
CA THR A 996 6.49 20.89 44.58
C THR A 996 7.59 21.73 45.22
N GLN A 997 8.40 22.41 44.40
CA GLN A 997 9.40 23.30 44.95
C GLN A 997 8.78 24.42 45.79
N GLN A 998 7.66 25.00 45.31
CA GLN A 998 7.00 26.04 46.08
C GLN A 998 6.51 25.53 47.42
N LEU A 999 5.99 24.30 47.47
CA LEU A 999 5.53 23.76 48.75
C LEU A 999 6.67 23.62 49.75
N ILE A 1000 7.83 23.13 49.28
CA ILE A 1000 8.98 23.01 50.18
C ILE A 1000 9.41 24.38 50.72
N ARG A 1001 9.50 25.38 49.83
CA ARG A 1001 9.91 26.70 50.28
C ARG A 1001 8.90 27.33 51.23
N ALA A 1002 7.61 27.08 51.00
CA ALA A 1002 6.59 27.61 51.88
C ALA A 1002 6.71 27.02 53.28
N ALA A 1003 7.04 25.73 53.37
CA ALA A 1003 7.27 25.14 54.69
C ALA A 1003 8.43 25.82 55.41
N GLU A 1004 9.52 26.09 54.68
CA GLU A 1004 10.66 26.77 55.31
C GLU A 1004 10.28 28.17 55.81
N ILE A 1005 9.56 28.94 54.99
CA ILE A 1005 9.15 30.28 55.37
C ILE A 1005 8.20 30.25 56.56
N ARG A 1006 7.32 29.25 56.64
CA ARG A 1006 6.44 29.14 57.79
C ARG A 1006 7.21 28.89 59.07
N ALA A 1007 8.25 28.05 59.02
CA ALA A 1007 9.09 27.86 60.19
C ALA A 1007 9.75 29.17 60.63
N SER A 1008 10.28 29.92 59.66
CA SER A 1008 10.92 31.19 59.98
C SER A 1008 9.94 32.17 60.63
N ALA A 1009 8.70 32.21 60.14
CA ALA A 1009 7.71 33.12 60.71
C ALA A 1009 7.28 32.70 62.10
N ASN A 1010 7.23 31.39 62.38
CA ASN A 1010 6.94 30.95 63.74
C ASN A 1010 8.04 31.38 64.70
N LEU A 1011 9.30 31.28 64.27
CA LEU A 1011 10.39 31.78 65.09
C LEU A 1011 10.27 33.27 65.35
N ALA A 1012 9.91 34.04 64.32
CA ALA A 1012 9.74 35.49 64.49
C ALA A 1012 8.62 35.81 65.47
N ALA A 1013 7.51 35.07 65.41
CA ALA A 1013 6.41 35.32 66.35
C ALA A 1013 6.82 35.01 67.78
N THR A 1014 7.56 33.92 68.00
CA THR A 1014 8.07 33.62 69.34
C THR A 1014 9.00 34.71 69.85
N LYS A 1015 9.86 35.24 68.97
CA LYS A 1015 10.75 36.33 69.38
C LYS A 1015 9.99 37.60 69.71
N MET A 1016 8.94 37.91 68.95
CA MET A 1016 8.17 39.11 69.25
C MET A 1016 7.43 38.96 70.57
N SER A 1017 7.00 37.76 70.91
CA SER A 1017 6.36 37.55 72.21
C SER A 1017 7.37 37.65 73.35
N GLU A 1018 8.56 37.06 73.19
CA GLU A 1018 9.43 36.84 74.34
C GLU A 1018 10.57 37.84 74.49
N CYS A 1019 10.92 38.60 73.46
CA CYS A 1019 11.96 39.61 73.60
C CYS A 1019 11.42 41.03 73.56
N VAL A 1020 10.28 41.25 72.91
CA VAL A 1020 9.71 42.59 72.81
C VAL A 1020 8.64 42.82 73.87
N LEU A 1021 7.87 41.80 74.19
CA LEU A 1021 6.82 41.90 75.20
C LEU A 1021 7.26 41.42 76.57
N GLY A 1022 8.53 41.06 76.74
CA GLY A 1022 9.02 40.64 78.04
C GLY A 1022 10.52 40.71 78.07
N GLN A 1023 11.09 40.22 79.17
CA GLN A 1023 12.54 40.10 79.33
C GLN A 1023 12.89 38.63 79.45
N SER A 1024 13.83 38.17 78.63
CA SER A 1024 14.09 36.75 78.45
C SER A 1024 15.33 36.32 79.23
N LYS A 1025 15.23 35.16 79.90
CA LYS A 1025 16.34 34.53 80.58
C LYS A 1025 17.08 33.51 79.72
N ARG A 1026 16.55 33.16 78.56
CA ARG A 1026 17.18 32.15 77.70
C ARG A 1026 18.45 32.70 77.08
N VAL A 1027 19.52 31.92 77.16
CA VAL A 1027 20.84 32.38 76.74
C VAL A 1027 20.90 32.44 75.22
N ASP A 1028 21.33 33.58 74.69
CA ASP A 1028 21.52 33.85 73.27
C ASP A 1028 20.24 33.80 72.47
N PHE A 1029 19.09 34.03 73.09
CA PHE A 1029 17.84 34.04 72.34
C PHE A 1029 17.47 35.44 71.85
N CYS A 1030 17.89 36.47 72.56
CA CYS A 1030 17.63 37.86 72.19
C CYS A 1030 18.93 38.65 72.19
N GLY A 1031 19.95 38.13 71.53
CA GLY A 1031 21.23 38.80 71.40
C GLY A 1031 22.34 38.13 72.19
N LYS A 1032 23.51 38.78 72.18
CA LYS A 1032 24.67 38.31 72.92
C LYS A 1032 24.85 39.15 74.18
N GLY A 1033 24.89 38.49 75.33
CA GLY A 1033 24.98 39.15 76.61
C GLY A 1033 23.75 38.87 77.45
N TYR A 1034 23.52 39.74 78.43
CA TYR A 1034 22.34 39.65 79.28
C TYR A 1034 21.25 40.54 78.69
N HIS A 1035 20.12 39.94 78.32
CA HIS A 1035 19.08 40.66 77.61
C HIS A 1035 18.43 41.71 78.51
N LEU A 1036 18.42 42.95 78.03
CA LEU A 1036 17.66 44.02 78.67
C LEU A 1036 16.33 44.25 77.96
N MET A 1037 16.36 44.56 76.66
CA MET A 1037 15.10 44.81 75.95
C MET A 1037 15.30 44.70 74.45
N SER A 1038 14.21 44.79 73.69
CA SER A 1038 14.25 44.66 72.24
C SER A 1038 13.24 45.60 71.60
N PHE A 1039 13.53 45.99 70.36
CA PHE A 1039 12.69 46.87 69.56
C PHE A 1039 12.46 46.29 68.17
N PRO A 1040 11.23 46.24 67.68
CA PRO A 1040 10.99 45.75 66.32
C PRO A 1040 10.94 46.84 65.27
N GLN A 1041 11.31 46.47 64.04
CA GLN A 1041 11.25 47.33 62.87
C GLN A 1041 10.75 46.50 61.70
N SER A 1042 9.93 47.10 60.85
CA SER A 1042 9.38 46.36 59.71
C SER A 1042 10.29 46.49 58.49
N ALA A 1043 10.33 45.44 57.69
CA ALA A 1043 11.15 45.39 56.49
C ALA A 1043 10.34 44.71 55.40
N PRO A 1044 10.69 44.91 54.13
CA PRO A 1044 9.95 44.22 53.05
C PRO A 1044 9.93 42.72 53.21
N HIS A 1045 8.75 42.17 53.48
CA HIS A 1045 8.55 40.74 53.73
C HIS A 1045 9.38 40.24 54.92
N GLY A 1046 9.65 41.09 55.91
CA GLY A 1046 10.48 40.64 56.99
C GLY A 1046 10.43 41.56 58.19
N VAL A 1047 11.15 41.16 59.23
CA VAL A 1047 11.20 41.90 60.48
C VAL A 1047 12.65 42.01 60.91
N VAL A 1048 13.00 43.13 61.54
CA VAL A 1048 14.32 43.37 62.10
C VAL A 1048 14.17 43.62 63.59
N PHE A 1049 14.98 42.95 64.40
CA PHE A 1049 14.95 43.13 65.84
C PHE A 1049 16.24 43.82 66.28
N LEU A 1050 16.10 44.87 67.08
CA LEU A 1050 17.22 45.52 67.74
C LEU A 1050 17.25 45.06 69.19
N HIS A 1051 18.27 44.31 69.56
CA HIS A 1051 18.42 43.76 70.90
C HIS A 1051 19.39 44.64 71.69
N VAL A 1052 18.97 45.06 72.88
CA VAL A 1052 19.80 45.84 73.79
C VAL A 1052 20.16 44.96 74.98
N THR A 1053 21.46 44.78 75.20
CA THR A 1053 22.01 43.87 76.19
C THR A 1053 23.09 44.57 77.02
N TYR A 1054 23.41 43.92 78.15
CA TYR A 1054 24.38 44.38 79.13
C TYR A 1054 25.62 43.49 79.03
N VAL A 1055 26.79 44.09 78.92
CA VAL A 1055 28.04 43.34 78.78
C VAL A 1055 29.01 43.78 79.87
N PRO A 1056 29.49 42.89 80.72
CA PRO A 1056 30.47 43.30 81.75
C PRO A 1056 31.81 43.66 81.14
N ALA A 1057 32.54 44.55 81.83
CA ALA A 1057 33.81 45.04 81.31
C ALA A 1057 34.75 45.37 82.46
N GLN A 1058 36.05 45.39 82.14
CA GLN A 1058 37.11 45.86 83.04
C GLN A 1058 37.15 45.05 84.34
N GLU A 1059 37.48 43.77 84.21
CA GLU A 1059 37.48 42.88 85.37
C GLU A 1059 38.79 42.97 86.15
N LYS A 1060 38.73 42.53 87.40
CA LYS A 1060 39.86 42.59 88.31
C LYS A 1060 39.90 41.33 89.17
N ASN A 1061 41.10 40.95 89.60
CA ASN A 1061 41.31 39.72 90.34
C ASN A 1061 41.26 39.95 91.85
N PHE A 1062 40.68 38.99 92.57
CA PHE A 1062 40.58 39.03 94.02
C PHE A 1062 40.76 37.62 94.57
N THR A 1063 41.00 37.54 95.88
CA THR A 1063 41.05 36.25 96.57
C THR A 1063 39.69 36.02 97.21
N THR A 1064 39.25 34.76 97.25
CA THR A 1064 37.90 34.46 97.73
C THR A 1064 37.91 33.28 98.69
N ALA A 1065 36.84 33.16 99.45
CA ALA A 1065 36.64 32.07 100.39
C ALA A 1065 35.17 31.66 100.39
N PRO A 1066 34.88 30.39 100.68
CA PRO A 1066 33.47 29.96 100.69
C PRO A 1066 32.69 30.42 101.90
N ALA A 1067 33.33 30.59 103.06
CA ALA A 1067 32.64 30.96 104.27
C ALA A 1067 33.61 31.67 105.22
N ILE A 1068 33.06 32.33 106.23
CA ILE A 1068 33.82 33.06 107.23
C ILE A 1068 33.60 32.40 108.58
N CYS A 1069 34.69 32.13 109.31
CA CYS A 1069 34.61 31.52 110.62
C CYS A 1069 34.71 32.61 111.69
N HIS A 1070 33.71 32.70 112.55
CA HIS A 1070 33.70 33.72 113.59
C HIS A 1070 32.93 33.21 114.79
N ASP A 1071 33.53 33.31 115.98
CA ASP A 1071 32.94 32.83 117.22
C ASP A 1071 32.59 31.35 117.14
N GLY A 1072 33.39 30.60 116.39
CA GLY A 1072 33.11 29.18 116.22
C GLY A 1072 31.91 28.87 115.36
N LYS A 1073 31.45 29.81 114.55
CA LYS A 1073 30.33 29.58 113.65
C LYS A 1073 30.74 29.92 112.23
N ALA A 1074 30.09 29.25 111.28
CA ALA A 1074 30.34 29.46 109.86
C ALA A 1074 29.29 30.40 109.29
N HIS A 1075 29.74 31.38 108.52
CA HIS A 1075 28.89 32.40 107.94
C HIS A 1075 29.00 32.37 106.42
N PHE A 1076 27.85 32.44 105.75
CA PHE A 1076 27.72 32.43 104.31
C PHE A 1076 27.04 33.72 103.85
N PRO A 1077 27.33 34.20 102.66
CA PRO A 1077 26.68 35.42 102.17
C PRO A 1077 25.24 35.14 101.75
N ARG A 1078 24.37 36.11 102.02
CA ARG A 1078 22.98 35.96 101.60
C ARG A 1078 22.84 36.10 100.09
N GLU A 1079 23.52 37.06 99.49
CA GLU A 1079 23.31 37.39 98.09
C GLU A 1079 24.59 37.60 97.28
N GLY A 1080 25.76 37.62 97.91
CA GLY A 1080 26.95 37.97 97.18
C GLY A 1080 28.08 36.97 97.30
N VAL A 1081 29.31 37.46 97.36
CA VAL A 1081 30.49 36.61 97.44
C VAL A 1081 31.53 37.35 98.27
N PHE A 1082 32.25 36.59 99.11
CA PHE A 1082 33.33 37.15 99.91
C PHE A 1082 34.57 37.36 99.04
N VAL A 1083 35.15 38.55 99.12
CA VAL A 1083 36.35 38.87 98.34
C VAL A 1083 37.36 39.55 99.24
N SER A 1084 38.61 39.52 98.80
CA SER A 1084 39.73 40.11 99.53
C SER A 1084 40.71 40.70 98.52
N ASN A 1085 41.17 41.91 98.82
CA ASN A 1085 42.17 42.62 98.04
C ASN A 1085 43.59 42.37 98.53
N GLY A 1086 43.75 41.54 99.55
CA GLY A 1086 45.05 41.24 100.10
C GLY A 1086 45.13 41.48 101.59
N THR A 1087 44.33 42.43 102.08
CA THR A 1087 44.42 42.86 103.46
C THR A 1087 43.08 42.70 104.18
N HIS A 1088 41.99 43.07 103.53
CA HIS A 1088 40.67 43.11 104.14
C HIS A 1088 39.69 42.23 103.39
N TRP A 1089 38.62 41.84 104.08
CA TRP A 1089 37.56 41.02 103.49
C TRP A 1089 36.27 41.81 103.38
N PHE A 1090 35.61 41.69 102.23
CA PHE A 1090 34.36 42.38 101.94
C PHE A 1090 33.37 41.41 101.30
N VAL A 1091 32.14 41.88 101.10
CA VAL A 1091 31.11 41.16 100.37
C VAL A 1091 30.73 42.00 99.16
N THR A 1092 30.66 41.37 97.98
CA THR A 1092 30.22 42.06 96.79
C THR A 1092 29.06 41.32 96.16
N GLN A 1093 28.27 42.06 95.39
CA GLN A 1093 27.36 41.43 94.44
C GLN A 1093 28.17 40.85 93.29
N ARG A 1094 27.64 39.78 92.69
CA ARG A 1094 28.48 38.91 91.88
C ARG A 1094 28.81 39.49 90.51
N ASN A 1095 28.01 40.41 89.99
CA ASN A 1095 28.17 40.89 88.62
C ASN A 1095 28.71 42.31 88.54
N PHE A 1096 29.04 42.93 89.66
CA PHE A 1096 29.50 44.32 89.66
C PHE A 1096 30.22 44.56 90.98
N TYR A 1097 31.43 45.10 90.91
CA TYR A 1097 32.28 45.22 92.09
C TYR A 1097 31.79 46.39 92.95
N GLU A 1098 31.35 46.08 94.17
CA GLU A 1098 30.84 47.07 95.11
C GLU A 1098 31.01 46.52 96.51
N PRO A 1099 32.19 46.67 97.10
CA PRO A 1099 32.48 46.01 98.39
C PRO A 1099 31.70 46.60 99.55
N GLN A 1100 31.40 45.75 100.53
CA GLN A 1100 30.64 46.11 101.73
C GLN A 1100 31.33 45.51 102.95
N ILE A 1101 31.03 46.08 104.11
CA ILE A 1101 31.52 45.53 105.38
C ILE A 1101 30.71 44.30 105.73
N ILE A 1102 31.39 43.23 106.15
CA ILE A 1102 30.73 41.97 106.48
C ILE A 1102 30.02 42.14 107.82
N THR A 1103 28.71 42.28 107.80
CA THR A 1103 27.88 42.39 109.00
C THR A 1103 26.96 41.20 109.10
N THR A 1104 26.09 41.20 110.11
CA THR A 1104 25.14 40.11 110.27
C THR A 1104 23.87 40.32 109.46
N ASP A 1105 23.77 41.42 108.72
CA ASP A 1105 22.60 41.65 107.88
C ASP A 1105 22.76 41.03 106.50
N ASN A 1106 24.00 40.85 106.04
CA ASN A 1106 24.25 40.26 104.72
C ASN A 1106 24.86 38.87 104.81
N THR A 1107 24.78 38.22 105.96
CA THR A 1107 25.28 36.86 106.13
C THR A 1107 24.26 36.03 106.91
N PHE A 1108 24.35 34.72 106.78
CA PHE A 1108 23.61 33.80 107.62
C PHE A 1108 24.52 32.70 108.13
N VAL A 1109 24.15 32.11 109.27
CA VAL A 1109 25.00 31.18 110.02
C VAL A 1109 24.47 29.78 109.83
N SER A 1110 25.38 28.82 109.70
CA SER A 1110 25.00 27.40 109.63
C SER A 1110 26.19 26.55 110.03
N GLY A 1111 26.09 25.88 111.18
CA GLY A 1111 27.10 24.92 111.59
C GLY A 1111 28.32 25.57 112.24
N ASN A 1112 29.32 24.73 112.49
CA ASN A 1112 30.59 25.16 113.04
C ASN A 1112 31.65 25.18 111.95
N CYS A 1113 32.89 25.47 112.33
CA CYS A 1113 33.98 25.65 111.38
C CYS A 1113 34.76 24.37 111.11
N ASP A 1114 34.17 23.19 111.29
CA ASP A 1114 34.90 21.95 111.11
C ASP A 1114 34.60 21.25 109.79
N VAL A 1115 33.51 21.58 109.12
CA VAL A 1115 33.06 20.83 107.96
C VAL A 1115 33.57 21.43 106.66
N VAL A 1116 33.39 22.74 106.45
CA VAL A 1116 33.63 23.33 105.14
C VAL A 1116 35.12 23.44 104.87
N ILE A 1117 35.52 23.07 103.66
CA ILE A 1117 36.92 23.08 103.24
C ILE A 1117 37.26 24.48 102.74
N GLY A 1118 38.31 25.07 103.29
CA GLY A 1118 38.76 26.37 102.86
C GLY A 1118 38.18 27.55 103.62
N ILE A 1119 37.58 27.32 104.78
CA ILE A 1119 37.00 28.40 105.56
C ILE A 1119 38.09 29.34 106.04
N VAL A 1120 37.78 30.63 106.07
CA VAL A 1120 38.71 31.68 106.45
C VAL A 1120 38.24 32.31 107.74
N ASN A 1121 39.20 32.70 108.57
CA ASN A 1121 38.92 33.16 109.92
C ASN A 1121 39.00 34.69 109.96
N ASN A 1122 37.87 35.33 110.27
CA ASN A 1122 37.76 36.77 110.19
C ASN A 1122 36.62 37.22 111.08
N THR A 1123 36.45 38.54 111.20
CA THR A 1123 35.44 39.09 112.09
C THR A 1123 34.15 39.43 111.34
N VAL A 1124 33.03 39.31 112.05
CA VAL A 1124 31.72 39.61 111.51
C VAL A 1124 31.06 40.63 112.42
N TYR A 1125 31.01 41.88 111.97
CA TYR A 1125 30.46 42.97 112.77
C TYR A 1125 28.95 42.84 112.88
N ASP A 1126 28.37 43.45 113.92
CA ASP A 1126 26.93 43.45 114.10
C ASP A 1126 26.43 44.86 114.35
N PRO A 1127 25.36 45.30 113.67
CA PRO A 1127 24.95 46.71 113.78
C PRO A 1127 24.45 47.11 115.15
N LEU A 1128 23.97 46.17 115.96
CA LEU A 1128 23.32 46.51 117.21
C LEU A 1128 24.32 46.84 118.32
N GLN A 1129 25.58 46.42 118.18
CA GLN A 1129 26.54 46.61 119.26
C GLN A 1129 26.78 48.09 119.62
N PRO A 1130 26.99 49.00 118.69
CA PRO A 1130 27.10 50.42 119.08
C PRO A 1130 25.83 51.01 119.67
N GLU A 1131 24.66 50.43 119.38
CA GLU A 1131 23.41 51.00 119.88
C GLU A 1131 23.29 50.87 121.39
N LEU A 1132 23.40 49.65 121.92
CA LEU A 1132 23.30 49.48 123.36
C LEU A 1132 24.52 50.00 124.11
N ASP A 1133 25.62 50.24 123.40
CA ASP A 1133 26.78 50.86 124.02
C ASP A 1133 26.47 52.27 124.49
N SER A 1134 25.78 53.06 123.68
CA SER A 1134 25.45 54.43 124.01
C SER A 1134 24.38 54.50 125.10
N GLU B 1 7.13 -49.66 -35.95
CA GLU B 1 6.65 -48.84 -37.06
C GLU B 1 6.88 -47.36 -36.79
N VAL B 2 8.14 -46.93 -36.93
CA VAL B 2 8.50 -45.55 -36.61
C VAL B 2 8.15 -44.65 -37.79
N GLN B 3 7.27 -43.67 -37.56
CA GLN B 3 7.05 -42.64 -38.57
C GLN B 3 6.89 -41.30 -37.88
N LEU B 4 7.29 -40.24 -38.57
CA LEU B 4 7.03 -38.86 -38.16
C LEU B 4 6.42 -38.13 -39.35
N VAL B 5 5.14 -37.78 -39.24
CA VAL B 5 4.40 -37.19 -40.35
C VAL B 5 3.94 -35.80 -39.96
N GLU B 6 4.22 -34.82 -40.80
CA GLU B 6 3.95 -33.43 -40.52
C GLU B 6 2.86 -32.89 -41.44
N SER B 7 2.33 -31.73 -41.06
CA SER B 7 1.30 -31.04 -41.83
C SER B 7 1.22 -29.59 -41.35
N GLY B 8 0.47 -28.78 -42.11
CA GLY B 8 0.21 -27.40 -41.75
C GLY B 8 0.91 -26.36 -42.59
N GLY B 9 1.79 -26.74 -43.50
CA GLY B 9 2.49 -25.78 -44.32
C GLY B 9 1.60 -25.14 -45.36
N GLY B 10 2.11 -24.08 -45.97
CA GLY B 10 1.35 -23.38 -46.98
C GLY B 10 1.89 -21.98 -47.22
N LEU B 11 1.09 -21.17 -47.89
CA LEU B 11 1.44 -19.82 -48.30
C LEU B 11 0.71 -18.80 -47.43
N VAL B 12 1.47 -17.87 -46.85
CA VAL B 12 0.91 -16.86 -45.97
C VAL B 12 1.54 -15.51 -46.25
N GLN B 13 0.83 -14.45 -45.88
CA GLN B 13 1.33 -13.10 -46.08
C GLN B 13 2.38 -12.76 -45.02
N PRO B 14 3.25 -11.79 -45.29
CA PRO B 14 4.21 -11.36 -44.26
C PRO B 14 3.50 -10.84 -43.02
N GLY B 15 4.09 -11.13 -41.86
CA GLY B 15 3.51 -10.75 -40.59
C GLY B 15 2.40 -11.65 -40.10
N GLY B 16 2.14 -12.76 -40.80
CA GLY B 16 1.08 -13.67 -40.42
C GLY B 16 1.53 -14.72 -39.41
N SER B 17 0.60 -15.59 -39.07
CA SER B 17 0.83 -16.65 -38.09
C SER B 17 0.49 -18.00 -38.71
N LEU B 18 1.21 -19.03 -38.28
CA LEU B 18 0.94 -20.37 -38.80
C LEU B 18 1.21 -21.41 -37.72
N ARG B 19 0.70 -22.61 -37.97
CA ARG B 19 0.80 -23.75 -37.06
C ARG B 19 1.20 -24.97 -37.86
N LEU B 20 2.19 -25.72 -37.35
CA LEU B 20 2.67 -26.94 -37.96
C LEU B 20 2.53 -28.09 -36.96
N SER B 21 2.12 -29.26 -37.45
CA SER B 21 1.92 -30.43 -36.61
C SER B 21 2.83 -31.57 -37.07
N CYS B 22 3.31 -32.33 -36.10
CA CYS B 22 4.17 -33.50 -36.33
C CYS B 22 3.68 -34.63 -35.44
N ALA B 23 3.04 -35.63 -36.04
CA ALA B 23 2.58 -36.81 -35.33
C ALA B 23 3.62 -37.92 -35.46
N ALA B 24 4.00 -38.49 -34.32
CA ALA B 24 5.01 -39.55 -34.26
C ALA B 24 4.38 -40.86 -33.84
N SER B 25 4.86 -41.94 -34.45
CA SER B 25 4.35 -43.29 -34.18
C SER B 25 5.52 -44.23 -33.97
N GLU B 26 5.39 -45.09 -32.96
CA GLU B 26 6.33 -46.06 -32.41
C GLU B 26 7.39 -45.40 -31.53
N ILE B 27 7.44 -44.07 -31.44
CA ILE B 27 8.30 -43.37 -30.51
C ILE B 27 7.45 -42.39 -29.73
N THR B 28 7.88 -42.06 -28.51
CA THR B 28 7.15 -41.15 -27.64
C THR B 28 7.76 -39.76 -27.72
N VAL B 29 6.92 -38.75 -27.89
CA VAL B 29 7.41 -37.37 -28.04
C VAL B 29 8.08 -36.89 -26.75
N SER B 30 7.41 -37.08 -25.61
CA SER B 30 7.93 -36.56 -24.35
C SER B 30 9.08 -37.39 -23.80
N SER B 31 9.35 -38.58 -24.36
CA SER B 31 10.39 -39.46 -23.86
C SER B 31 11.71 -39.30 -24.60
N ASN B 32 11.82 -38.34 -25.52
CA ASN B 32 13.01 -38.18 -26.33
C ASN B 32 13.09 -36.71 -26.76
N TYR B 33 14.26 -36.33 -27.27
CA TYR B 33 14.51 -34.95 -27.67
C TYR B 33 14.01 -34.73 -29.09
N MET B 34 13.17 -33.72 -29.28
CA MET B 34 12.54 -33.45 -30.58
C MET B 34 13.14 -32.19 -31.18
N ASN B 35 13.14 -32.13 -32.52
CA ASN B 35 13.84 -31.08 -33.26
C ASN B 35 12.95 -30.55 -34.39
N TRP B 36 13.00 -29.24 -34.59
CA TRP B 36 12.50 -28.60 -35.80
C TRP B 36 13.66 -27.92 -36.51
N VAL B 37 13.86 -28.26 -37.79
CA VAL B 37 14.98 -27.76 -38.59
C VAL B 37 14.46 -27.33 -39.95
N ARG B 38 14.87 -26.14 -40.41
CA ARG B 38 14.42 -25.65 -41.71
C ARG B 38 15.57 -25.66 -42.71
N GLN B 39 15.20 -25.82 -43.98
CA GLN B 39 16.10 -25.69 -45.11
C GLN B 39 15.48 -24.72 -46.12
N ALA B 40 16.19 -23.65 -46.41
CA ALA B 40 15.70 -22.74 -47.44
C ALA B 40 15.88 -23.36 -48.82
N PRO B 41 15.04 -23.00 -49.79
CA PRO B 41 15.16 -23.57 -51.14
C PRO B 41 16.50 -23.23 -51.79
N GLY B 42 17.26 -24.26 -52.16
CA GLY B 42 18.54 -24.08 -52.81
C GLY B 42 19.73 -23.94 -51.88
N LYS B 43 19.51 -23.89 -50.57
CA LYS B 43 20.58 -23.75 -49.60
C LYS B 43 20.56 -24.93 -48.63
N GLY B 44 21.46 -24.88 -47.63
CA GLY B 44 21.61 -25.97 -46.68
C GLY B 44 20.66 -25.88 -45.50
N LEU B 45 20.71 -26.92 -44.67
CA LEU B 45 19.86 -27.00 -43.50
C LEU B 45 20.33 -26.04 -42.41
N GLU B 46 19.46 -25.81 -41.43
CA GLU B 46 19.79 -24.96 -40.29
C GLU B 46 18.90 -25.34 -39.11
N TRP B 47 19.52 -25.67 -37.98
CA TRP B 47 18.78 -25.99 -36.78
C TRP B 47 17.94 -24.79 -36.35
N VAL B 48 16.72 -25.07 -35.91
CA VAL B 48 15.76 -24.03 -35.51
C VAL B 48 15.42 -24.15 -34.03
N SER B 49 14.83 -25.27 -33.62
CA SER B 49 14.38 -25.40 -32.24
C SER B 49 14.57 -26.84 -31.77
N VAL B 50 14.79 -26.99 -30.47
CA VAL B 50 14.91 -28.29 -29.84
C VAL B 50 14.11 -28.29 -28.54
N VAL B 51 13.44 -29.40 -28.25
CA VAL B 51 12.71 -29.57 -27.01
C VAL B 51 13.19 -30.84 -26.34
N TYR B 52 13.50 -30.73 -25.04
CA TYR B 52 14.02 -31.81 -24.23
C TYR B 52 12.88 -32.69 -23.71
N PRO B 53 13.20 -33.92 -23.28
CA PRO B 53 12.15 -34.74 -22.65
C PRO B 53 11.55 -34.11 -21.40
N GLY B 54 12.36 -33.36 -20.64
CA GLY B 54 11.86 -32.69 -19.46
C GLY B 54 11.07 -31.43 -19.73
N GLY B 55 10.95 -31.03 -20.99
CA GLY B 55 10.24 -29.82 -21.37
C GLY B 55 11.13 -28.64 -21.67
N SER B 56 12.45 -28.78 -21.52
CA SER B 56 13.35 -27.69 -21.84
C SER B 56 13.34 -27.40 -23.33
N THR B 57 13.24 -26.12 -23.68
CA THR B 57 13.16 -25.70 -25.07
C THR B 57 14.27 -24.69 -25.36
N PHE B 58 15.05 -24.97 -26.38
CA PHE B 58 16.14 -24.10 -26.80
C PHE B 58 15.91 -23.66 -28.24
N TYR B 59 16.08 -22.35 -28.45
CA TYR B 59 15.81 -21.70 -29.73
C TYR B 59 17.08 -21.03 -30.22
N THR B 60 17.15 -20.79 -31.52
CA THR B 60 18.26 -20.01 -32.05
C THR B 60 17.99 -18.51 -31.89
N ASP B 61 19.05 -17.73 -32.11
CA ASP B 61 18.91 -16.28 -31.97
C ASP B 61 17.97 -15.69 -33.01
N SER B 62 17.85 -16.33 -34.18
CA SER B 62 17.04 -15.76 -35.25
C SER B 62 15.56 -16.01 -35.04
N VAL B 63 15.19 -16.96 -34.18
CA VAL B 63 13.80 -17.34 -33.99
C VAL B 63 13.27 -17.02 -32.61
N LYS B 64 14.14 -16.62 -31.68
CA LYS B 64 13.71 -16.40 -30.30
C LYS B 64 12.75 -15.23 -30.21
N GLY B 65 11.70 -15.38 -29.41
CA GLY B 65 10.73 -14.34 -29.18
C GLY B 65 9.53 -14.34 -30.11
N ARG B 66 9.51 -15.21 -31.12
CA ARG B 66 8.41 -15.27 -32.07
C ARG B 66 7.94 -16.68 -32.37
N PHE B 67 8.70 -17.69 -31.98
CA PHE B 67 8.40 -19.10 -32.25
C PHE B 67 8.11 -19.82 -30.95
N THR B 68 7.14 -20.74 -30.99
CA THR B 68 6.77 -21.51 -29.81
C THR B 68 6.59 -22.97 -30.19
N ILE B 69 7.21 -23.86 -29.43
CA ILE B 69 7.10 -25.30 -29.63
C ILE B 69 6.37 -25.90 -28.44
N SER B 70 5.39 -26.75 -28.72
CA SER B 70 4.57 -27.36 -27.68
C SER B 70 4.42 -28.86 -27.97
N ARG B 71 4.13 -29.61 -26.92
CA ARG B 71 3.99 -31.06 -27.02
C ARG B 71 2.60 -31.48 -26.56
N ASP B 72 2.09 -32.53 -27.18
CA ASP B 72 0.79 -33.09 -26.78
C ASP B 72 0.99 -34.59 -26.56
N ASN B 73 0.56 -35.07 -25.41
CA ASN B 73 0.77 -36.47 -25.05
C ASN B 73 -0.37 -37.38 -25.49
N SER B 74 -1.61 -36.89 -25.46
CA SER B 74 -2.74 -37.71 -25.91
C SER B 74 -2.62 -38.05 -27.38
N LYS B 75 -2.24 -37.07 -28.19
CA LYS B 75 -2.02 -37.28 -29.61
C LYS B 75 -0.59 -37.69 -29.94
N ASN B 76 0.33 -37.59 -28.98
CA ASN B 76 1.76 -37.83 -29.21
C ASN B 76 2.25 -37.00 -30.39
N THR B 77 2.12 -35.67 -30.26
CA THR B 77 2.37 -34.77 -31.36
C THR B 77 3.22 -33.59 -30.89
N LEU B 78 3.87 -32.95 -31.87
CA LEU B 78 4.67 -31.76 -31.65
C LEU B 78 4.13 -30.63 -32.52
N TYR B 79 3.90 -29.47 -31.91
CA TYR B 79 3.27 -28.34 -32.60
C TYR B 79 4.22 -27.15 -32.59
N LEU B 80 4.33 -26.51 -33.76
CA LEU B 80 5.17 -25.33 -33.93
C LEU B 80 4.27 -24.17 -34.34
N GLN B 81 4.20 -23.14 -33.50
CA GLN B 81 3.40 -21.96 -33.76
C GLN B 81 4.34 -20.79 -34.01
N MET B 82 4.19 -20.11 -35.15
CA MET B 82 5.07 -19.00 -35.49
C MET B 82 4.28 -17.75 -35.87
N ASN B 83 4.78 -16.60 -35.43
CA ASN B 83 4.13 -15.31 -35.54
C ASN B 83 5.08 -14.31 -36.18
N SER B 84 4.50 -13.27 -36.79
CA SER B 84 5.28 -12.18 -37.38
C SER B 84 6.28 -12.69 -38.40
N LEU B 85 5.76 -13.32 -39.44
CA LEU B 85 6.61 -13.98 -40.43
C LEU B 85 7.29 -12.96 -41.34
N ARG B 86 8.42 -13.36 -41.89
CA ARG B 86 9.20 -12.53 -42.81
C ARG B 86 9.53 -13.35 -44.05
N ALA B 87 9.91 -12.66 -45.12
CA ALA B 87 10.22 -13.33 -46.37
C ALA B 87 11.38 -14.30 -46.24
N GLU B 88 12.30 -14.03 -45.31
CA GLU B 88 13.46 -14.90 -45.13
C GLU B 88 13.11 -16.25 -44.52
N ASP B 89 11.88 -16.42 -44.01
CA ASP B 89 11.47 -17.64 -43.34
C ASP B 89 10.90 -18.68 -44.31
N THR B 90 10.76 -18.35 -45.58
CA THR B 90 10.23 -19.30 -46.56
C THR B 90 11.21 -20.45 -46.74
N ALA B 91 10.78 -21.67 -46.41
CA ALA B 91 11.68 -22.81 -46.37
C ALA B 91 10.85 -24.10 -46.34
N VAL B 92 11.54 -25.21 -46.12
CA VAL B 92 10.94 -26.52 -45.91
C VAL B 92 11.38 -27.01 -44.53
N TYR B 93 10.43 -27.40 -43.71
CA TYR B 93 10.69 -27.76 -42.33
C TYR B 93 10.67 -29.26 -42.15
N TYR B 94 11.49 -29.73 -41.20
CA TYR B 94 11.68 -31.13 -40.89
C TYR B 94 11.57 -31.33 -39.38
N CYS B 95 10.88 -32.39 -39.00
CA CYS B 95 10.64 -32.76 -37.62
C CYS B 95 11.44 -34.01 -37.30
N ALA B 96 12.42 -33.89 -36.40
CA ALA B 96 13.45 -34.91 -36.22
C ALA B 96 13.63 -35.29 -34.76
N ARG B 97 14.46 -36.31 -34.54
CA ARG B 97 14.67 -36.91 -33.23
C ARG B 97 16.15 -36.89 -32.87
N GLU B 98 16.44 -36.85 -31.56
CA GLU B 98 17.80 -36.91 -31.05
C GLU B 98 18.07 -38.24 -30.36
N SER B 99 19.36 -38.54 -30.20
CA SER B 99 19.85 -39.54 -29.26
C SER B 99 19.22 -40.91 -29.51
N GLY B 100 19.38 -41.40 -30.73
CA GLY B 100 18.85 -42.71 -31.05
C GLY B 100 19.82 -43.58 -31.83
N GLY B 101 19.27 -44.53 -32.58
CA GLY B 101 20.11 -45.45 -33.33
C GLY B 101 20.58 -46.61 -32.47
N PHE B 102 20.95 -47.72 -33.12
CA PHE B 102 21.45 -48.87 -32.35
C PHE B 102 22.74 -48.53 -31.62
N PRO B 103 23.74 -47.89 -32.22
CA PRO B 103 24.94 -47.50 -31.46
C PRO B 103 24.75 -46.27 -30.58
N LEU B 104 23.53 -45.77 -30.41
CA LEU B 104 23.23 -44.61 -29.58
C LEU B 104 24.02 -43.38 -30.06
N ALA B 105 23.67 -42.95 -31.27
CA ALA B 105 24.31 -41.78 -31.89
C ALA B 105 23.85 -40.53 -31.17
N GLU B 106 24.62 -40.09 -30.19
CA GLU B 106 24.29 -38.90 -29.43
C GLU B 106 24.54 -37.65 -30.26
N GLY B 107 23.62 -36.70 -30.20
CA GLY B 107 23.75 -35.46 -30.93
C GLY B 107 23.59 -35.59 -32.43
N ALA B 108 23.08 -36.71 -32.92
CA ALA B 108 22.95 -36.97 -34.34
C ALA B 108 21.49 -37.07 -34.72
N PHE B 109 21.17 -36.68 -35.96
CA PHE B 109 19.81 -36.73 -36.47
C PHE B 109 19.57 -38.11 -37.06
N ASP B 110 18.72 -38.91 -36.41
CA ASP B 110 18.48 -40.28 -36.82
C ASP B 110 17.15 -40.50 -37.53
N ILE B 111 16.05 -39.96 -36.99
CA ILE B 111 14.74 -40.02 -37.62
C ILE B 111 14.30 -38.60 -37.94
N TRP B 112 13.85 -38.39 -39.17
CA TRP B 112 13.42 -37.10 -39.68
C TRP B 112 11.93 -37.12 -39.96
N GLY B 113 11.45 -36.01 -40.52
CA GLY B 113 10.17 -35.96 -41.18
C GLY B 113 10.33 -35.98 -42.70
N GLN B 114 9.20 -35.87 -43.39
CA GLN B 114 9.25 -35.78 -44.85
C GLN B 114 9.45 -34.36 -45.32
N GLY B 115 9.22 -33.37 -44.46
CA GLY B 115 9.41 -31.98 -44.85
C GLY B 115 8.14 -31.36 -45.40
N THR B 116 7.83 -30.17 -44.89
CA THR B 116 6.65 -29.44 -45.33
C THR B 116 7.04 -28.01 -45.68
N MET B 117 6.41 -27.48 -46.72
CA MET B 117 6.79 -26.18 -47.28
C MET B 117 6.00 -25.07 -46.62
N VAL B 118 6.70 -24.05 -46.13
CA VAL B 118 6.09 -22.85 -45.58
C VAL B 118 6.66 -21.66 -46.33
N THR B 119 5.78 -20.87 -46.95
CA THR B 119 6.18 -19.73 -47.77
C THR B 119 5.51 -18.47 -47.22
N VAL B 120 6.30 -17.40 -47.10
CA VAL B 120 5.82 -16.11 -46.63
C VAL B 120 6.01 -15.12 -47.77
N SER B 121 4.90 -14.65 -48.35
CA SER B 121 4.96 -13.76 -49.49
C SER B 121 3.66 -12.99 -49.61
N SER B 122 3.71 -11.89 -50.35
CA SER B 122 2.55 -11.06 -50.64
C SER B 122 2.48 -10.77 -52.12
N ALA B 123 2.63 -11.80 -52.95
CA ALA B 123 2.80 -11.65 -54.39
C ALA B 123 1.50 -11.63 -55.17
N SER B 124 0.35 -11.63 -54.48
CA SER B 124 -0.97 -11.47 -55.13
C SER B 124 -1.19 -12.58 -56.16
N THR B 125 -1.33 -13.80 -55.65
CA THR B 125 -1.53 -15.03 -56.42
C THR B 125 -2.40 -14.81 -57.66
N LYS B 126 -1.89 -15.22 -58.82
CA LYS B 126 -2.55 -14.94 -60.09
C LYS B 126 -2.04 -15.94 -61.13
N GLY B 127 -2.75 -15.99 -62.27
CA GLY B 127 -2.51 -16.97 -63.29
C GLY B 127 -1.32 -16.68 -64.19
N PRO B 128 -0.77 -17.71 -64.80
CA PRO B 128 0.40 -17.55 -65.65
C PRO B 128 0.06 -17.06 -67.06
N SER B 129 1.09 -16.54 -67.72
CA SER B 129 1.03 -16.16 -69.13
C SER B 129 2.02 -17.00 -69.92
N VAL B 130 1.57 -17.56 -71.03
CA VAL B 130 2.36 -18.49 -71.83
C VAL B 130 2.66 -17.85 -73.17
N PHE B 131 3.94 -17.83 -73.55
CA PHE B 131 4.41 -17.16 -74.76
C PHE B 131 5.18 -18.16 -75.62
N PRO B 132 5.06 -18.08 -76.93
CA PRO B 132 5.77 -19.03 -77.79
C PRO B 132 7.26 -18.70 -77.91
N LEU B 133 8.04 -19.72 -78.26
CA LEU B 133 9.44 -19.58 -78.64
C LEU B 133 9.61 -20.43 -79.89
N ALA B 134 9.40 -19.81 -81.05
CA ALA B 134 9.38 -20.55 -82.30
C ALA B 134 10.81 -20.78 -82.80
N PRO B 135 11.04 -21.85 -83.56
CA PRO B 135 12.37 -22.06 -84.13
C PRO B 135 12.72 -20.99 -85.16
N SER B 136 14.01 -20.70 -85.30
CA SER B 136 14.46 -19.69 -86.23
C SER B 136 14.26 -20.16 -87.67
N SER B 137 14.27 -19.20 -88.59
CA SER B 137 14.07 -19.49 -90.01
C SER B 137 15.29 -20.21 -90.56
N LYS B 138 15.19 -21.53 -90.69
CA LYS B 138 16.29 -22.35 -91.19
C LYS B 138 15.70 -23.58 -91.88
N SER B 139 16.43 -24.09 -92.88
CA SER B 139 15.91 -25.21 -93.66
C SER B 139 16.16 -26.54 -92.95
N THR B 140 17.43 -26.89 -92.73
CA THR B 140 17.78 -28.13 -92.06
C THR B 140 18.64 -27.92 -90.82
N SER B 141 19.71 -27.14 -90.92
CA SER B 141 20.63 -26.90 -89.80
C SER B 141 21.09 -28.21 -89.17
N GLY B 142 21.42 -29.18 -90.02
CA GLY B 142 21.81 -30.49 -89.55
C GLY B 142 20.68 -31.30 -88.97
N GLY B 143 19.44 -30.96 -89.29
CA GLY B 143 18.29 -31.62 -88.72
C GLY B 143 18.15 -31.42 -87.22
N THR B 144 18.43 -30.20 -86.74
CA THR B 144 18.39 -29.91 -85.32
C THR B 144 17.79 -28.53 -85.11
N ALA B 145 16.52 -28.49 -84.71
CA ALA B 145 15.83 -27.25 -84.42
C ALA B 145 15.28 -27.32 -83.00
N ALA B 146 15.09 -26.15 -82.40
CA ALA B 146 14.59 -26.07 -81.03
C ALA B 146 13.39 -25.14 -80.96
N LEU B 147 12.38 -25.55 -80.22
CA LEU B 147 11.21 -24.70 -79.98
C LEU B 147 10.82 -24.82 -78.51
N GLY B 148 9.87 -24.01 -78.08
CA GLY B 148 9.46 -24.13 -76.69
C GLY B 148 8.46 -23.07 -76.29
N CYS B 149 8.24 -22.99 -74.97
CA CYS B 149 7.29 -22.08 -74.37
C CYS B 149 7.92 -21.38 -73.17
N LEU B 150 7.45 -20.17 -72.91
CA LEU B 150 7.84 -19.38 -71.75
C LEU B 150 6.62 -19.16 -70.87
N VAL B 151 6.72 -19.54 -69.60
CA VAL B 151 5.67 -19.30 -68.62
C VAL B 151 6.15 -18.17 -67.73
N LYS B 152 5.38 -17.09 -67.66
CA LYS B 152 5.79 -15.88 -66.97
C LYS B 152 4.66 -15.35 -66.10
N ASP B 153 5.06 -14.67 -65.02
CA ASP B 153 4.16 -13.84 -64.22
C ASP B 153 3.04 -14.67 -63.59
N TYR B 154 3.43 -15.62 -62.75
CA TYR B 154 2.48 -16.43 -62.01
C TYR B 154 2.97 -16.61 -60.57
N PHE B 155 2.04 -17.03 -59.71
CA PHE B 155 2.32 -17.23 -58.30
C PHE B 155 1.19 -18.06 -57.73
N PRO B 156 1.47 -19.03 -56.84
CA PRO B 156 2.80 -19.50 -56.46
C PRO B 156 3.17 -20.80 -57.17
N GLU B 157 4.27 -21.41 -56.76
CA GLU B 157 4.64 -22.73 -57.23
C GLU B 157 3.74 -23.78 -56.57
N PRO B 158 3.59 -24.96 -57.18
CA PRO B 158 4.16 -25.39 -58.46
C PRO B 158 3.28 -25.06 -59.67
N VAL B 159 3.69 -25.59 -60.83
CA VAL B 159 2.94 -25.43 -62.07
C VAL B 159 3.41 -26.54 -63.00
N THR B 160 2.50 -26.99 -63.87
CA THR B 160 2.80 -28.08 -64.80
C THR B 160 2.81 -27.57 -66.22
N VAL B 161 3.83 -27.98 -66.98
CA VAL B 161 3.95 -27.66 -68.40
C VAL B 161 4.13 -28.96 -69.17
N SER B 162 3.32 -29.14 -70.21
CA SER B 162 3.33 -30.36 -71.00
C SER B 162 3.23 -30.02 -72.48
N TRP B 163 3.70 -30.94 -73.31
CA TRP B 163 3.73 -30.77 -74.76
C TRP B 163 2.84 -31.82 -75.42
N ASN B 164 1.88 -31.34 -76.22
CA ASN B 164 1.04 -32.22 -77.05
C ASN B 164 0.26 -33.22 -76.21
N SER B 165 -0.01 -32.85 -74.95
CA SER B 165 -0.74 -33.69 -74.01
C SER B 165 -0.12 -35.08 -73.88
N GLY B 166 1.20 -35.14 -73.73
CA GLY B 166 1.90 -36.40 -73.56
C GLY B 166 2.26 -37.12 -74.84
N ALA B 167 1.99 -36.54 -76.00
CA ALA B 167 2.35 -37.19 -77.26
C ALA B 167 3.84 -37.16 -77.53
N LEU B 168 4.53 -36.08 -77.14
CA LEU B 168 5.97 -35.94 -77.35
C LEU B 168 6.64 -35.74 -75.99
N THR B 169 7.62 -36.58 -75.70
CA THR B 169 8.30 -36.54 -74.42
C THR B 169 9.81 -36.48 -74.59
N SER B 170 10.32 -37.10 -75.65
CA SER B 170 11.76 -37.14 -75.88
C SER B 170 12.28 -35.74 -76.22
N GLY B 171 13.41 -35.39 -75.63
CA GLY B 171 14.02 -34.10 -75.90
C GLY B 171 13.33 -32.94 -75.23
N VAL B 172 12.43 -33.20 -74.29
CA VAL B 172 11.68 -32.14 -73.60
C VAL B 172 12.40 -31.83 -72.30
N HIS B 173 12.90 -30.60 -72.18
CA HIS B 173 13.63 -30.14 -71.01
C HIS B 173 12.89 -28.93 -70.42
N THR B 174 12.47 -29.05 -69.17
CA THR B 174 11.76 -27.98 -68.47
C THR B 174 12.71 -27.37 -67.44
N PHE B 175 13.11 -26.12 -67.69
CA PHE B 175 14.02 -25.44 -66.79
C PHE B 175 13.30 -25.06 -65.50
N PRO B 176 13.96 -25.21 -64.35
CA PRO B 176 13.32 -24.83 -63.08
C PRO B 176 12.99 -23.35 -63.04
N ALA B 177 11.88 -23.04 -62.38
CA ALA B 177 11.42 -21.65 -62.29
C ALA B 177 12.39 -20.82 -61.44
N VAL B 178 12.35 -19.51 -61.65
CA VAL B 178 13.26 -18.58 -61.00
C VAL B 178 12.45 -17.44 -60.40
N LEU B 179 13.01 -16.78 -59.40
CA LEU B 179 12.39 -15.62 -58.76
C LEU B 179 12.86 -14.36 -59.47
N GLN B 180 11.91 -13.58 -60.01
CA GLN B 180 12.21 -12.31 -60.63
C GLN B 180 12.02 -11.18 -59.61
N SER B 181 12.30 -9.95 -60.05
CA SER B 181 12.24 -8.81 -59.14
C SER B 181 10.84 -8.53 -58.64
N SER B 182 9.83 -8.76 -59.48
CA SER B 182 8.45 -8.47 -59.11
C SER B 182 7.85 -9.47 -58.14
N GLY B 183 8.55 -10.56 -57.84
CA GLY B 183 8.05 -11.57 -56.93
C GLY B 183 7.27 -12.69 -57.60
N LEU B 184 6.97 -12.58 -58.89
CA LEU B 184 6.29 -13.65 -59.61
C LEU B 184 7.31 -14.69 -60.07
N TYR B 185 6.85 -15.65 -60.87
CA TYR B 185 7.66 -16.78 -61.28
C TYR B 185 7.70 -16.88 -62.80
N SER B 186 8.80 -17.45 -63.29
CA SER B 186 8.98 -17.63 -64.72
C SER B 186 9.87 -18.85 -64.97
N LEU B 187 9.58 -19.56 -66.06
CA LEU B 187 10.38 -20.70 -66.48
C LEU B 187 10.22 -20.88 -67.98
N SER B 188 11.07 -21.71 -68.56
CA SER B 188 11.01 -22.03 -69.98
C SER B 188 11.06 -23.54 -70.16
N SER B 189 10.24 -24.05 -71.06
CA SER B 189 10.21 -25.47 -71.38
C SER B 189 10.46 -25.63 -72.86
N VAL B 190 11.54 -26.32 -73.23
CA VAL B 190 11.98 -26.39 -74.62
C VAL B 190 12.01 -27.85 -75.06
N VAL B 191 12.02 -28.04 -76.37
CA VAL B 191 12.16 -29.35 -76.98
C VAL B 191 13.02 -29.20 -78.24
N THR B 192 13.92 -30.17 -78.43
CA THR B 192 14.79 -30.24 -79.60
C THR B 192 14.25 -31.29 -80.55
N VAL B 193 13.81 -30.86 -81.73
CA VAL B 193 13.16 -31.74 -82.70
C VAL B 193 13.81 -31.53 -84.06
N PRO B 194 13.74 -32.51 -84.97
CA PRO B 194 14.29 -32.29 -86.31
C PRO B 194 13.53 -31.22 -87.07
N SER B 195 14.23 -30.56 -88.00
CA SER B 195 13.62 -29.48 -88.76
C SER B 195 12.45 -29.98 -89.60
N SER B 196 12.60 -31.17 -90.20
CA SER B 196 11.56 -31.69 -91.09
C SER B 196 10.25 -31.94 -90.37
N SER B 197 10.27 -32.07 -89.05
CA SER B 197 9.06 -32.27 -88.27
C SER B 197 8.38 -30.96 -87.87
N LEU B 198 8.94 -29.82 -88.29
CA LEU B 198 8.36 -28.53 -87.94
C LEU B 198 7.14 -28.18 -88.77
N GLY B 199 6.91 -28.88 -89.88
CA GLY B 199 5.83 -28.52 -90.79
C GLY B 199 4.59 -29.39 -90.69
N THR B 200 4.77 -30.70 -90.62
CA THR B 200 3.63 -31.61 -90.58
C THR B 200 3.15 -31.87 -89.15
N GLN B 201 4.08 -32.18 -88.25
CA GLN B 201 3.72 -32.41 -86.85
C GLN B 201 3.25 -31.11 -86.23
N THR B 202 2.18 -31.20 -85.44
CA THR B 202 1.61 -30.04 -84.76
C THR B 202 2.01 -30.07 -83.29
N TYR B 203 2.44 -28.93 -82.78
CA TYR B 203 2.95 -28.82 -81.42
C TYR B 203 1.91 -28.11 -80.56
N ILE B 204 1.48 -28.76 -79.49
CA ILE B 204 0.49 -28.23 -78.57
C ILE B 204 1.15 -28.03 -77.21
N CYS B 205 1.10 -26.80 -76.72
CA CYS B 205 1.73 -26.42 -75.46
C CYS B 205 0.65 -26.16 -74.43
N ASN B 206 0.70 -26.90 -73.31
CA ASN B 206 -0.31 -26.80 -72.27
C ASN B 206 0.38 -26.46 -70.94
N VAL B 207 -0.23 -25.54 -70.19
CA VAL B 207 0.25 -25.15 -68.88
C VAL B 207 -0.94 -25.16 -67.92
N ASN B 208 -0.79 -25.86 -66.80
CA ASN B 208 -1.82 -25.94 -65.77
C ASN B 208 -1.26 -25.42 -64.46
N HIS B 209 -1.92 -24.42 -63.89
CA HIS B 209 -1.56 -23.83 -62.61
C HIS B 209 -2.70 -24.05 -61.65
N LYS B 210 -2.51 -24.97 -60.70
CA LYS B 210 -3.56 -25.41 -59.78
C LYS B 210 -3.97 -24.33 -58.79
N PRO B 211 -3.03 -23.66 -58.10
CA PRO B 211 -3.46 -22.62 -57.13
C PRO B 211 -4.27 -21.50 -57.76
N SER B 212 -3.94 -21.10 -58.98
CA SER B 212 -4.70 -20.08 -59.70
C SER B 212 -5.75 -20.68 -60.62
N ASN B 213 -5.83 -22.00 -60.72
CA ASN B 213 -6.83 -22.69 -61.53
C ASN B 213 -6.82 -22.19 -62.97
N THR B 214 -5.63 -22.00 -63.52
CA THR B 214 -5.46 -21.45 -64.87
C THR B 214 -4.93 -22.52 -65.80
N LYS B 215 -5.68 -22.81 -66.87
CA LYS B 215 -5.29 -23.79 -67.87
C LYS B 215 -5.16 -23.09 -69.20
N VAL B 216 -3.97 -23.16 -69.80
CA VAL B 216 -3.67 -22.48 -71.05
C VAL B 216 -3.19 -23.52 -72.07
N ASP B 217 -3.81 -23.52 -73.25
CA ASP B 217 -3.38 -24.35 -74.36
C ASP B 217 -3.12 -23.46 -75.57
N LYS B 218 -2.05 -23.75 -76.30
CA LYS B 218 -1.73 -22.93 -77.46
C LYS B 218 -0.92 -23.74 -78.47
N ARG B 219 -0.77 -23.15 -79.65
CA ARG B 219 0.00 -23.72 -80.75
C ARG B 219 1.21 -22.84 -81.02
N VAL B 220 2.35 -23.48 -81.27
CA VAL B 220 3.59 -22.79 -81.61
C VAL B 220 3.87 -23.03 -83.09
N GLU B 221 3.93 -21.96 -83.87
CA GLU B 221 4.09 -22.05 -85.31
C GLU B 221 5.23 -21.16 -85.76
N PRO B 222 6.08 -21.63 -86.67
CA PRO B 222 7.15 -20.77 -87.19
C PRO B 222 6.59 -19.59 -87.98
N LYS B 223 7.34 -18.50 -87.96
CA LYS B 223 6.96 -17.27 -88.63
C LYS B 223 7.92 -16.98 -89.79
N SER B 224 7.41 -16.22 -90.76
CA SER B 224 8.17 -15.86 -91.95
C SER B 224 8.66 -14.43 -91.83
N CYS B 225 9.97 -14.23 -91.96
CA CYS B 225 10.57 -12.91 -91.85
C CYS B 225 10.14 -12.01 -93.01
N ASP C 1 29.27 -20.54 -32.13
CA ASP C 1 29.60 -19.88 -33.39
C ASP C 1 30.67 -20.64 -34.15
N ILE C 2 30.73 -21.96 -33.94
CA ILE C 2 31.69 -22.79 -34.66
C ILE C 2 31.19 -23.04 -36.07
N GLN C 3 32.03 -22.76 -37.05
CA GLN C 3 31.72 -22.98 -38.46
C GLN C 3 32.64 -24.05 -39.02
N MET C 4 32.10 -24.91 -39.88
CA MET C 4 32.84 -25.99 -40.49
C MET C 4 32.81 -25.86 -42.01
N THR C 5 33.90 -26.26 -42.65
CA THR C 5 34.09 -26.14 -44.09
C THR C 5 34.15 -27.53 -44.70
N GLN C 6 33.46 -27.71 -45.82
CA GLN C 6 33.41 -28.99 -46.52
C GLN C 6 34.09 -28.88 -47.87
N SER C 7 34.98 -29.84 -48.17
CA SER C 7 35.66 -29.87 -49.46
C SER C 7 35.58 -31.29 -50.01
N PRO C 8 35.52 -31.45 -51.35
CA PRO C 8 35.42 -30.35 -52.31
C PRO C 8 33.99 -29.87 -52.51
N SER C 9 33.83 -28.68 -53.08
CA SER C 9 32.48 -28.15 -53.32
C SER C 9 31.69 -29.06 -54.26
N SER C 10 32.33 -29.56 -55.31
CA SER C 10 31.74 -30.54 -56.20
C SER C 10 32.79 -31.57 -56.59
N LEU C 11 32.42 -32.84 -56.50
CA LEU C 11 33.31 -33.94 -56.88
C LEU C 11 32.59 -34.84 -57.87
N SER C 12 33.25 -35.14 -58.98
CA SER C 12 32.73 -36.04 -60.00
C SER C 12 33.42 -37.39 -59.86
N ALA C 13 32.62 -38.46 -59.86
CA ALA C 13 33.18 -39.81 -59.74
C ALA C 13 32.30 -40.79 -60.50
N SER C 14 32.93 -41.84 -61.01
CA SER C 14 32.27 -42.90 -61.74
C SER C 14 32.10 -44.13 -60.84
N VAL C 15 31.67 -45.22 -61.46
CA VAL C 15 31.50 -46.47 -60.73
C VAL C 15 32.87 -47.07 -60.43
N GLY C 16 33.09 -47.46 -59.18
CA GLY C 16 34.33 -48.07 -58.77
C GLY C 16 35.45 -47.11 -58.41
N ASP C 17 35.14 -45.84 -58.21
CA ASP C 17 36.15 -44.86 -57.84
C ASP C 17 36.19 -44.67 -56.32
N ARG C 18 37.36 -44.28 -55.83
CA ARG C 18 37.58 -44.02 -54.41
C ARG C 18 37.45 -42.52 -54.15
N VAL C 19 36.52 -42.15 -53.28
CA VAL C 19 36.18 -40.75 -53.06
C VAL C 19 36.45 -40.40 -51.61
N SER C 20 37.22 -39.33 -51.40
CA SER C 20 37.51 -38.84 -50.07
C SER C 20 37.12 -37.37 -49.98
N ILE C 21 36.37 -37.02 -48.94
CA ILE C 21 35.95 -35.65 -48.71
C ILE C 21 36.30 -35.26 -47.28
N THR C 22 36.47 -33.96 -47.04
CA THR C 22 36.99 -33.47 -45.77
C THR C 22 36.04 -32.43 -45.18
N CYS C 23 35.92 -32.47 -43.85
CA CYS C 23 35.21 -31.47 -43.06
C CYS C 23 36.16 -30.91 -42.02
N ARG C 24 36.26 -29.59 -41.95
CA ARG C 24 37.23 -28.91 -41.10
C ARG C 24 36.48 -28.00 -40.14
N ALA C 25 37.00 -27.87 -38.92
CA ALA C 25 36.40 -27.03 -37.89
C ALA C 25 37.33 -25.86 -37.57
N SER C 26 36.72 -24.72 -37.23
CA SER C 26 37.49 -23.54 -36.86
C SER C 26 38.21 -23.70 -35.54
N GLN C 27 37.80 -24.65 -34.72
CA GLN C 27 38.48 -24.97 -33.47
C GLN C 27 38.25 -26.45 -33.16
N SER C 28 39.08 -26.99 -32.28
CA SER C 28 39.01 -28.41 -31.98
C SER C 28 37.64 -28.78 -31.41
N ILE C 29 37.03 -29.82 -31.98
CA ILE C 29 35.72 -30.29 -31.57
C ILE C 29 35.75 -31.76 -31.17
N SER C 30 36.93 -32.27 -30.81
CA SER C 30 37.11 -33.66 -30.37
C SER C 30 36.65 -34.58 -31.49
N THR C 31 35.70 -35.47 -31.28
CA THR C 31 35.16 -36.35 -32.31
C THR C 31 33.67 -36.13 -32.50
N HIS C 32 33.16 -34.98 -32.06
CA HIS C 32 31.73 -34.69 -32.09
C HIS C 32 31.33 -34.16 -33.47
N LEU C 33 31.13 -35.10 -34.39
CA LEU C 33 30.61 -34.77 -35.72
C LEU C 33 29.96 -35.99 -36.33
N HIS C 34 28.96 -35.74 -37.17
CA HIS C 34 28.19 -36.78 -37.82
C HIS C 34 28.05 -36.49 -39.31
N TRP C 35 28.12 -37.55 -40.10
CA TRP C 35 27.95 -37.53 -41.55
C TRP C 35 26.52 -37.92 -41.90
N TYR C 36 25.88 -37.08 -42.71
CA TYR C 36 24.52 -37.29 -43.19
C TYR C 36 24.49 -37.30 -44.71
N GLN C 37 23.58 -38.09 -45.27
CA GLN C 37 23.38 -38.18 -46.71
C GLN C 37 21.97 -37.76 -47.05
N GLN C 38 21.83 -36.81 -48.00
CA GLN C 38 20.55 -36.31 -48.44
C GLN C 38 20.45 -36.41 -49.95
N LYS C 39 19.34 -36.97 -50.45
CA LYS C 39 19.04 -37.07 -51.87
C LYS C 39 18.00 -36.02 -52.26
N PRO C 40 17.97 -35.62 -53.53
CA PRO C 40 17.00 -34.59 -53.95
C PRO C 40 15.57 -35.01 -53.68
N GLY C 41 14.78 -34.07 -53.17
CA GLY C 41 13.38 -34.30 -52.89
C GLY C 41 13.09 -35.15 -51.66
N LYS C 42 14.11 -35.43 -50.84
CA LYS C 42 13.95 -36.28 -49.68
C LYS C 42 14.70 -35.70 -48.50
N ALA C 43 14.49 -36.30 -47.32
CA ALA C 43 15.15 -35.90 -46.10
C ALA C 43 16.56 -36.45 -46.02
N PRO C 44 17.46 -35.77 -45.32
CA PRO C 44 18.79 -36.34 -45.08
C PRO C 44 18.72 -37.57 -44.19
N LYS C 45 19.68 -38.47 -44.39
CA LYS C 45 19.78 -39.70 -43.62
C LYS C 45 21.16 -39.77 -42.98
N LEU C 46 21.19 -40.15 -41.71
CA LEU C 46 22.44 -40.25 -40.96
C LEU C 46 23.25 -41.43 -41.48
N LEU C 47 24.55 -41.22 -41.70
CA LEU C 47 25.45 -42.28 -42.14
C LEU C 47 26.52 -42.59 -41.10
N ILE C 48 27.15 -41.56 -40.54
CA ILE C 48 28.28 -41.75 -39.64
C ILE C 48 28.02 -40.99 -38.34
N SER C 49 28.23 -41.67 -37.22
CA SER C 49 28.17 -41.07 -35.90
C SER C 49 29.55 -41.13 -35.26
N ALA C 50 29.85 -40.12 -34.43
CA ALA C 50 31.13 -39.98 -33.76
C ALA C 50 32.31 -39.95 -34.73
N ALA C 51 32.03 -39.65 -36.00
CA ALA C 51 33.02 -39.47 -37.06
C ALA C 51 33.72 -40.77 -37.43
N SER C 52 33.44 -41.87 -36.72
CA SER C 52 34.05 -43.15 -37.06
C SER C 52 33.10 -44.35 -36.99
N THR C 53 31.91 -44.22 -36.41
CA THR C 53 31.00 -45.35 -36.22
C THR C 53 30.08 -45.48 -37.43
N LEU C 54 29.87 -46.72 -37.88
CA LEU C 54 28.96 -46.98 -38.98
C LEU C 54 27.58 -47.37 -38.45
N GLN C 55 26.55 -46.69 -38.95
CA GLN C 55 25.19 -46.95 -38.52
C GLN C 55 24.67 -48.26 -39.10
N SER C 56 23.76 -48.89 -38.37
CA SER C 56 23.10 -50.10 -38.85
C SER C 56 22.21 -49.76 -40.05
N GLY C 57 22.12 -50.69 -40.99
CA GLY C 57 21.39 -50.45 -42.22
C GLY C 57 22.16 -49.66 -43.25
N VAL C 58 23.41 -49.30 -42.96
CA VAL C 58 24.27 -48.57 -43.89
C VAL C 58 25.33 -49.54 -44.38
N PRO C 59 25.68 -49.51 -45.67
CA PRO C 59 26.74 -50.40 -46.16
C PRO C 59 28.06 -50.17 -45.45
N SER C 60 28.78 -51.28 -45.21
CA SER C 60 30.10 -51.22 -44.60
C SER C 60 31.14 -50.59 -45.51
N ARG C 61 30.82 -50.38 -46.78
CA ARG C 61 31.76 -49.75 -47.71
C ARG C 61 32.10 -48.32 -47.30
N PHE C 62 31.15 -47.60 -46.72
CA PHE C 62 31.43 -46.29 -46.18
C PHE C 62 32.48 -46.39 -45.07
N SER C 63 33.36 -45.39 -44.98
CA SER C 63 34.29 -45.36 -43.86
C SER C 63 34.57 -43.91 -43.48
N GLY C 64 34.97 -43.73 -42.23
CA GLY C 64 35.32 -42.41 -41.73
C GLY C 64 36.60 -42.45 -40.94
N SER C 65 37.31 -41.34 -40.96
CA SER C 65 38.59 -41.24 -40.28
C SER C 65 38.85 -39.78 -39.92
N GLY C 66 40.02 -39.52 -39.36
CA GLY C 66 40.39 -38.18 -38.92
C GLY C 66 40.05 -37.96 -37.46
N SER C 67 40.49 -36.80 -36.98
CA SER C 67 40.34 -36.45 -35.57
C SER C 67 40.74 -35.00 -35.39
N GLY C 68 40.35 -34.43 -34.25
CA GLY C 68 40.68 -33.06 -33.93
C GLY C 68 39.83 -32.07 -34.69
N THR C 69 40.44 -31.38 -35.66
CA THR C 69 39.75 -30.41 -36.49
C THR C 69 39.61 -30.85 -37.94
N ASP C 70 40.10 -32.03 -38.30
CA ASP C 70 40.04 -32.51 -39.68
C ASP C 70 39.42 -33.90 -39.68
N PHE C 71 38.29 -34.05 -40.38
CA PHE C 71 37.61 -35.33 -40.49
C PHE C 71 37.47 -35.68 -41.97
N THR C 72 37.54 -36.97 -42.27
CA THR C 72 37.54 -37.47 -43.64
C THR C 72 36.49 -38.56 -43.80
N LEU C 73 35.78 -38.52 -44.92
CA LEU C 73 34.84 -39.55 -45.33
C LEU C 73 35.38 -40.22 -46.58
N THR C 74 35.36 -41.56 -46.59
CA THR C 74 36.02 -42.35 -47.61
C THR C 74 35.07 -43.39 -48.19
N ILE C 75 35.09 -43.53 -49.52
CA ILE C 75 34.28 -44.48 -50.27
C ILE C 75 35.22 -45.27 -51.17
N THR C 76 35.13 -46.59 -51.12
CA THR C 76 36.03 -47.44 -51.89
C THR C 76 35.60 -47.54 -53.35
N SER C 77 34.41 -48.08 -53.60
CA SER C 77 33.86 -48.19 -54.95
C SER C 77 32.47 -47.58 -54.96
N LEU C 78 32.28 -46.57 -55.78
CA LEU C 78 31.03 -45.82 -55.83
C LEU C 78 29.98 -46.64 -56.57
N GLN C 79 28.95 -47.08 -55.84
CA GLN C 79 27.85 -47.79 -56.45
C GLN C 79 26.86 -46.75 -57.01
N PRO C 80 26.17 -47.06 -58.10
CA PRO C 80 25.46 -45.99 -58.85
C PRO C 80 24.38 -45.23 -58.10
N GLU C 81 24.07 -45.53 -56.83
CA GLU C 81 23.15 -44.65 -56.12
C GLU C 81 23.83 -43.76 -55.08
N ASP C 82 25.16 -43.74 -55.03
CA ASP C 82 25.88 -42.88 -54.10
C ASP C 82 26.00 -41.44 -54.56
N PHE C 83 25.23 -41.04 -55.58
CA PHE C 83 25.22 -39.65 -56.05
C PHE C 83 24.20 -38.88 -55.21
N ALA C 84 24.69 -38.20 -54.17
CA ALA C 84 23.83 -37.47 -53.25
C ALA C 84 24.62 -36.29 -52.67
N THR C 85 24.10 -35.73 -51.58
CA THR C 85 24.71 -34.62 -50.88
C THR C 85 25.14 -35.08 -49.49
N TYR C 86 26.27 -34.57 -49.02
CA TYR C 86 26.87 -35.02 -47.78
C TYR C 86 27.07 -33.83 -46.84
N TYR C 87 26.60 -33.97 -45.60
CA TYR C 87 26.71 -32.92 -44.60
C TYR C 87 27.46 -33.43 -43.37
N CYS C 88 28.27 -32.54 -42.78
CA CYS C 88 28.93 -32.79 -41.50
C CYS C 88 28.37 -31.84 -40.45
N GLN C 89 27.92 -32.41 -39.33
CA GLN C 89 27.29 -31.63 -38.27
C GLN C 89 27.99 -31.89 -36.94
N GLN C 90 28.34 -30.84 -36.22
CA GLN C 90 29.01 -30.95 -34.94
C GLN C 90 28.06 -30.63 -33.79
N SER C 91 28.15 -31.42 -32.73
CA SER C 91 27.39 -31.22 -31.50
C SER C 91 28.32 -30.97 -30.33
N TYR C 92 29.45 -30.30 -30.61
CA TYR C 92 30.44 -30.00 -29.58
C TYR C 92 29.96 -28.93 -28.61
N SER C 93 29.57 -27.77 -29.13
CA SER C 93 29.05 -26.71 -28.27
C SER C 93 27.73 -27.16 -27.65
N THR C 94 27.66 -27.13 -26.33
CA THR C 94 26.55 -27.73 -25.61
C THR C 94 25.23 -26.98 -25.79
N PRO C 95 25.10 -25.72 -25.34
CA PRO C 95 23.75 -25.14 -25.20
C PRO C 95 23.04 -24.88 -26.52
N ARG C 96 23.67 -24.14 -27.44
CA ARG C 96 23.00 -23.73 -28.67
C ARG C 96 23.95 -23.78 -29.86
N GLY C 97 24.89 -24.73 -29.84
CA GLY C 97 25.94 -24.77 -30.84
C GLY C 97 25.69 -25.68 -32.03
N LEU C 98 24.44 -26.05 -32.28
CA LEU C 98 24.13 -26.93 -33.39
C LEU C 98 24.20 -26.16 -34.71
N SER C 99 24.91 -26.72 -35.68
CA SER C 99 25.03 -26.11 -37.01
C SER C 99 25.43 -27.17 -38.01
N PHE C 100 25.25 -26.86 -39.29
CA PHE C 100 25.55 -27.78 -40.39
C PHE C 100 26.59 -27.19 -41.33
N GLY C 101 27.14 -28.06 -42.18
CA GLY C 101 28.22 -27.69 -43.07
C GLY C 101 27.73 -27.24 -44.45
N GLY C 102 28.70 -26.90 -45.30
CA GLY C 102 28.37 -26.45 -46.64
C GLY C 102 27.77 -27.53 -47.50
N GLY C 103 28.34 -28.72 -47.48
CA GLY C 103 27.82 -29.80 -48.28
C GLY C 103 28.77 -30.21 -49.39
N THR C 104 28.65 -31.46 -49.83
CA THR C 104 29.45 -32.01 -50.91
C THR C 104 28.54 -32.74 -51.89
N LYS C 105 28.69 -32.44 -53.18
CA LYS C 105 27.86 -33.00 -54.23
C LYS C 105 28.67 -33.95 -55.09
N VAL C 106 28.06 -35.08 -55.45
CA VAL C 106 28.71 -36.12 -56.24
C VAL C 106 27.87 -36.37 -57.48
N GLU C 107 28.52 -36.39 -58.65
CA GLU C 107 27.86 -36.57 -59.93
C GLU C 107 28.58 -37.64 -60.75
N ILE C 108 27.99 -37.96 -61.89
CA ILE C 108 28.57 -38.93 -62.82
C ILE C 108 29.58 -38.22 -63.71
N LYS C 109 30.69 -38.89 -63.99
CA LYS C 109 31.72 -38.35 -64.87
C LYS C 109 31.56 -38.94 -66.27
N ARG C 110 31.71 -38.09 -67.28
CA ARG C 110 31.53 -38.50 -68.67
C ARG C 110 32.50 -37.72 -69.54
N THR C 111 32.35 -37.87 -70.85
CA THR C 111 33.27 -37.27 -71.82
C THR C 111 32.89 -35.81 -72.05
N VAL C 112 33.52 -35.18 -73.05
CA VAL C 112 33.34 -33.77 -73.36
C VAL C 112 32.18 -33.62 -74.32
N ALA C 113 31.28 -32.68 -74.03
CA ALA C 113 30.10 -32.43 -74.85
C ALA C 113 30.04 -30.96 -75.24
N ALA C 114 29.81 -30.71 -76.54
CA ALA C 114 29.70 -29.36 -77.09
C ALA C 114 28.24 -28.93 -77.14
N PRO C 115 27.87 -27.83 -76.49
CA PRO C 115 26.46 -27.41 -76.49
C PRO C 115 26.00 -26.94 -77.86
N SER C 116 24.71 -27.12 -78.11
CA SER C 116 24.04 -26.54 -79.27
C SER C 116 23.35 -25.25 -78.84
N VAL C 117 23.47 -24.21 -79.67
CA VAL C 117 23.05 -22.87 -79.30
C VAL C 117 21.81 -22.50 -80.11
N PHE C 118 20.84 -21.87 -79.45
CA PHE C 118 19.67 -21.31 -80.09
C PHE C 118 19.31 -19.99 -79.44
N ILE C 119 18.65 -19.12 -80.21
CA ILE C 119 18.19 -17.83 -79.71
C ILE C 119 16.73 -17.64 -80.07
N PHE C 120 15.95 -17.16 -79.11
CA PHE C 120 14.52 -16.88 -79.30
C PHE C 120 14.26 -15.44 -78.94
N PRO C 121 13.95 -14.58 -79.90
CA PRO C 121 13.62 -13.19 -79.59
C PRO C 121 12.21 -13.07 -79.03
N PRO C 122 11.83 -11.92 -78.50
CA PRO C 122 10.46 -11.75 -78.03
C PRO C 122 9.46 -11.89 -79.17
N SER C 123 8.31 -12.46 -78.85
CA SER C 123 7.24 -12.65 -79.82
C SER C 123 6.34 -11.42 -79.86
N ASP C 124 5.57 -11.31 -80.95
CA ASP C 124 4.59 -10.23 -81.06
C ASP C 124 3.52 -10.33 -79.98
N GLU C 125 3.13 -11.56 -79.62
CA GLU C 125 2.17 -11.73 -78.53
C GLU C 125 2.74 -11.20 -77.21
N GLN C 126 4.04 -11.36 -77.00
CA GLN C 126 4.67 -10.76 -75.83
C GLN C 126 4.80 -9.25 -76.01
N LEU C 127 5.17 -8.80 -77.20
CA LEU C 127 5.44 -7.38 -77.44
C LEU C 127 4.18 -6.53 -77.45
N LYS C 128 2.99 -7.13 -77.53
CA LYS C 128 1.77 -6.35 -77.48
C LYS C 128 1.54 -5.76 -76.10
N SER C 129 2.18 -6.31 -75.07
CA SER C 129 1.97 -5.92 -73.68
C SER C 129 3.13 -5.13 -73.10
N GLY C 130 4.02 -4.60 -73.93
CA GLY C 130 5.14 -3.83 -73.43
C GLY C 130 6.23 -4.65 -72.79
N THR C 131 6.39 -5.91 -73.19
CA THR C 131 7.40 -6.80 -72.65
C THR C 131 8.21 -7.41 -73.80
N ALA C 132 9.51 -7.54 -73.59
CA ALA C 132 10.40 -8.16 -74.57
C ALA C 132 11.40 -9.05 -73.84
N SER C 133 11.36 -10.35 -74.12
CA SER C 133 12.28 -11.30 -73.51
C SER C 133 13.07 -12.00 -74.60
N VAL C 134 14.39 -11.98 -74.46
CA VAL C 134 15.31 -12.67 -75.37
C VAL C 134 15.90 -13.85 -74.62
N VAL C 135 15.85 -15.03 -75.23
CA VAL C 135 16.27 -16.28 -74.59
C VAL C 135 17.42 -16.89 -75.38
N CYS C 136 18.49 -17.26 -74.67
CA CYS C 136 19.58 -18.04 -75.22
C CYS C 136 19.53 -19.43 -74.60
N LEU C 137 19.53 -20.45 -75.47
CA LEU C 137 19.38 -21.84 -75.04
C LEU C 137 20.62 -22.63 -75.46
N LEU C 138 21.21 -23.34 -74.49
CA LEU C 138 22.33 -24.24 -74.72
C LEU C 138 21.90 -25.66 -74.38
N ASN C 139 22.20 -26.59 -75.28
CA ASN C 139 21.76 -27.97 -75.13
C ASN C 139 22.95 -28.92 -75.09
N ASN C 140 22.96 -29.81 -74.10
CA ASN C 140 23.88 -30.94 -74.02
C ASN C 140 25.35 -30.48 -73.98
N PHE C 141 25.68 -29.80 -72.89
CA PHE C 141 27.07 -29.44 -72.61
C PHE C 141 27.54 -30.11 -71.34
N TYR C 142 28.78 -30.60 -71.36
CA TYR C 142 29.43 -31.20 -70.22
C TYR C 142 30.90 -30.82 -70.25
N PRO C 143 31.47 -30.39 -69.12
CA PRO C 143 30.77 -30.23 -67.84
C PRO C 143 29.92 -28.96 -67.80
N ARG C 144 29.22 -28.76 -66.67
CA ARG C 144 28.29 -27.65 -66.56
C ARG C 144 29.00 -26.31 -66.61
N GLU C 145 30.30 -26.28 -66.32
CA GLU C 145 31.04 -25.02 -66.23
C GLU C 145 31.11 -24.35 -67.61
N ALA C 146 30.36 -23.26 -67.77
CA ALA C 146 30.39 -22.45 -68.98
C ALA C 146 29.96 -21.04 -68.62
N LYS C 147 30.36 -20.08 -69.44
CA LYS C 147 30.02 -18.68 -69.19
C LYS C 147 29.36 -18.08 -70.42
N VAL C 148 28.23 -17.41 -70.21
CA VAL C 148 27.43 -16.82 -71.27
C VAL C 148 27.27 -15.33 -70.98
N GLN C 149 27.54 -14.50 -71.99
CA GLN C 149 27.35 -13.07 -71.89
C GLN C 149 26.48 -12.59 -73.05
N TRP C 150 26.07 -11.32 -72.96
CA TRP C 150 25.08 -10.74 -73.87
C TRP C 150 25.64 -9.47 -74.50
N LYS C 151 25.21 -9.19 -75.73
CA LYS C 151 25.58 -7.96 -76.44
C LYS C 151 24.31 -7.33 -76.99
N VAL C 152 24.04 -6.09 -76.59
CA VAL C 152 22.91 -5.33 -77.10
C VAL C 152 23.48 -4.21 -77.98
N ASP C 153 23.24 -4.32 -79.28
CA ASP C 153 23.80 -3.39 -80.27
C ASP C 153 25.31 -3.26 -80.08
N ASN C 154 25.97 -4.41 -79.94
CA ASN C 154 27.40 -4.50 -79.72
C ASN C 154 27.85 -3.75 -78.47
N ALA C 155 27.05 -3.80 -77.41
CA ALA C 155 27.38 -3.18 -76.14
C ALA C 155 27.19 -4.18 -75.01
N LEU C 156 28.01 -4.07 -73.98
CA LEU C 156 27.94 -5.00 -72.86
C LEU C 156 26.72 -4.71 -71.98
N GLN C 157 26.22 -5.75 -71.35
CA GLN C 157 25.10 -5.66 -70.42
C GLN C 157 25.41 -6.45 -69.17
N SER C 158 24.79 -6.04 -68.05
CA SER C 158 25.01 -6.70 -66.78
C SER C 158 23.85 -6.38 -65.85
N GLY C 159 23.46 -7.37 -65.04
CA GLY C 159 22.43 -7.20 -64.05
C GLY C 159 21.02 -7.46 -64.53
N ASN C 160 20.82 -7.69 -65.83
CA ASN C 160 19.49 -7.90 -66.40
C ASN C 160 19.37 -9.28 -67.03
N SER C 161 20.18 -10.24 -66.57
CA SER C 161 20.19 -11.59 -67.10
C SER C 161 19.77 -12.57 -66.01
N GLN C 162 18.87 -13.49 -66.35
CA GLN C 162 18.45 -14.55 -65.44
C GLN C 162 18.82 -15.88 -66.05
N GLU C 163 19.54 -16.71 -65.30
CA GLU C 163 20.16 -17.92 -65.83
C GLU C 163 19.73 -19.14 -65.04
N SER C 164 19.44 -20.23 -65.76
CA SER C 164 18.97 -21.46 -65.16
C SER C 164 19.65 -22.67 -65.81
N VAL C 165 19.85 -23.71 -65.01
CA VAL C 165 20.45 -24.97 -65.45
C VAL C 165 19.62 -26.14 -64.91
N THR C 166 19.37 -27.11 -65.76
CA THR C 166 18.68 -28.33 -65.39
C THR C 166 19.67 -29.43 -65.04
N GLU C 167 19.28 -30.28 -64.08
CA GLU C 167 20.15 -31.35 -63.60
C GLU C 167 20.48 -32.34 -64.71
N GLN C 168 21.44 -33.22 -64.43
CA GLN C 168 21.86 -34.22 -65.41
C GLN C 168 20.71 -35.13 -65.77
N ASP C 169 20.61 -35.47 -67.06
CA ASP C 169 19.56 -36.35 -67.55
C ASP C 169 19.98 -37.81 -67.41
N SER C 170 18.99 -38.70 -67.49
CA SER C 170 19.20 -40.12 -67.25
C SER C 170 19.76 -40.88 -68.45
N LYS C 171 19.83 -40.25 -69.62
CA LYS C 171 20.35 -40.92 -70.81
C LYS C 171 21.68 -40.35 -71.30
N ASP C 172 21.95 -39.06 -71.03
CA ASP C 172 23.18 -38.43 -71.48
C ASP C 172 23.98 -37.79 -70.37
N SER C 173 23.37 -37.55 -69.20
CA SER C 173 24.08 -36.98 -68.04
C SER C 173 24.76 -35.66 -68.38
N THR C 174 24.06 -34.80 -69.13
CA THR C 174 24.55 -33.49 -69.47
C THR C 174 23.63 -32.43 -68.89
N TYR C 175 23.88 -31.18 -69.26
CA TYR C 175 23.13 -30.04 -68.75
C TYR C 175 22.63 -29.18 -69.89
N SER C 176 21.60 -28.38 -69.59
CA SER C 176 21.08 -27.39 -70.51
C SER C 176 21.07 -26.04 -69.80
N LEU C 177 21.33 -24.98 -70.55
CA LEU C 177 21.45 -23.64 -69.99
C LEU C 177 20.42 -22.74 -70.63
N SER C 178 19.79 -21.90 -69.82
CA SER C 178 18.77 -20.97 -70.30
C SER C 178 19.05 -19.59 -69.72
N SER C 179 19.38 -18.64 -70.58
CA SER C 179 19.57 -17.26 -70.17
C SER C 179 18.48 -16.39 -70.77
N THR C 180 17.90 -15.53 -69.95
CA THR C 180 16.77 -14.71 -70.39
C THR C 180 16.99 -13.26 -69.98
N LEU C 181 16.64 -12.35 -70.90
CA LEU C 181 16.64 -10.92 -70.64
C LEU C 181 15.23 -10.39 -70.85
N THR C 182 14.70 -9.70 -69.84
CA THR C 182 13.37 -9.11 -69.88
C THR C 182 13.50 -7.59 -69.81
N LEU C 183 12.88 -6.90 -70.78
CA LEU C 183 12.99 -5.46 -70.90
C LEU C 183 11.66 -4.90 -71.41
N SER C 184 11.60 -3.57 -71.48
CA SER C 184 10.42 -2.87 -71.97
C SER C 184 10.50 -2.68 -73.48
N LYS C 185 9.34 -2.39 -74.08
CA LYS C 185 9.27 -2.17 -75.51
C LYS C 185 10.04 -0.92 -75.94
N ALA C 186 10.00 0.13 -75.11
CA ALA C 186 10.68 1.37 -75.44
C ALA C 186 12.19 1.17 -75.53
N ASP C 187 12.76 0.43 -74.58
CA ASP C 187 14.19 0.15 -74.60
C ASP C 187 14.58 -0.85 -75.69
N TYR C 188 13.63 -1.66 -76.16
CA TYR C 188 13.90 -2.66 -77.19
C TYR C 188 13.80 -2.05 -78.59
N GLU C 189 13.00 -1.00 -78.75
CA GLU C 189 12.79 -0.41 -80.06
C GLU C 189 14.04 0.27 -80.59
N LYS C 190 14.79 0.96 -79.72
CA LYS C 190 15.89 1.79 -80.19
C LYS C 190 17.04 0.96 -80.76
N HIS C 191 17.38 -0.15 -80.11
CA HIS C 191 18.52 -0.94 -80.52
C HIS C 191 18.17 -1.81 -81.73
N LYS C 192 19.21 -2.35 -82.36
CA LYS C 192 19.05 -3.06 -83.63
C LYS C 192 19.63 -4.47 -83.61
N VAL C 193 20.75 -4.68 -82.94
CA VAL C 193 21.48 -5.95 -82.95
C VAL C 193 21.44 -6.56 -81.56
N TYR C 194 21.22 -7.88 -81.50
CA TYR C 194 21.34 -8.59 -80.23
C TYR C 194 22.18 -9.84 -80.45
N ALA C 195 22.91 -10.24 -79.41
CA ALA C 195 23.84 -11.34 -79.57
C ALA C 195 24.03 -12.06 -78.24
N CYS C 196 24.13 -13.39 -78.32
CA CYS C 196 24.44 -14.24 -77.18
C CYS C 196 25.79 -14.89 -77.43
N GLU C 197 26.73 -14.70 -76.50
CA GLU C 197 28.07 -15.23 -76.61
C GLU C 197 28.24 -16.32 -75.56
N VAL C 198 28.67 -17.51 -76.00
CA VAL C 198 28.80 -18.67 -75.12
C VAL C 198 30.24 -19.16 -75.17
N THR C 199 30.81 -19.42 -73.99
CA THR C 199 32.16 -19.96 -73.86
C THR C 199 32.10 -21.21 -73.00
N HIS C 200 32.66 -22.30 -73.52
CA HIS C 200 32.67 -23.58 -72.84
C HIS C 200 34.06 -24.19 -72.98
N GLN C 201 34.41 -25.07 -72.04
CA GLN C 201 35.73 -25.69 -72.07
C GLN C 201 35.90 -26.56 -73.32
N GLY C 202 34.80 -27.06 -73.85
CA GLY C 202 34.81 -27.84 -75.08
C GLY C 202 34.79 -27.03 -76.34
N LEU C 203 34.84 -25.71 -76.24
CA LEU C 203 34.79 -24.82 -77.38
C LEU C 203 36.20 -24.34 -77.71
N SER C 204 36.60 -24.52 -78.97
CA SER C 204 37.90 -24.02 -79.40
C SER C 204 37.95 -22.49 -79.31
N SER C 205 36.87 -21.83 -79.71
CA SER C 205 36.72 -20.39 -79.60
C SER C 205 35.32 -20.07 -79.07
N PRO C 206 35.13 -18.89 -78.49
CA PRO C 206 33.78 -18.49 -78.08
C PRO C 206 32.83 -18.47 -79.27
N VAL C 207 31.61 -18.92 -79.04
CA VAL C 207 30.61 -19.08 -80.10
C VAL C 207 29.58 -17.97 -79.96
N THR C 208 29.31 -17.28 -81.06
CA THR C 208 28.35 -16.19 -81.10
C THR C 208 27.08 -16.61 -81.82
N LYS C 209 25.95 -16.09 -81.35
CA LYS C 209 24.68 -16.27 -82.03
C LYS C 209 23.94 -14.94 -81.99
N SER C 210 23.79 -14.32 -83.17
CA SER C 210 23.32 -12.94 -83.25
C SER C 210 22.06 -12.88 -84.12
N PHE C 211 21.21 -11.91 -83.81
CA PHE C 211 20.05 -11.63 -84.64
C PHE C 211 19.84 -10.12 -84.75
N ASN C 212 19.46 -9.69 -85.94
CA ASN C 212 19.18 -8.30 -86.26
C ASN C 212 17.68 -8.11 -86.35
N ARG C 213 17.14 -7.14 -85.61
CA ARG C 213 15.69 -7.00 -85.50
C ARG C 213 15.07 -6.47 -86.79
N GLY C 214 15.71 -5.51 -87.45
CA GLY C 214 15.13 -4.94 -88.65
C GLY C 214 15.05 -5.93 -89.80
N GLU C 215 16.10 -6.74 -89.97
CA GLU C 215 16.14 -7.69 -91.07
C GLU C 215 15.02 -8.73 -90.94
N CYS C 216 14.80 -9.23 -89.73
CA CYS C 216 13.72 -10.17 -89.47
C CYS C 216 13.10 -9.95 -88.10
N GLN D 1 68.02 -37.70 -10.94
CA GLN D 1 68.35 -38.89 -11.72
C GLN D 1 67.72 -40.12 -11.09
N ILE D 2 67.20 -41.01 -11.93
CA ILE D 2 66.46 -42.18 -11.48
C ILE D 2 67.05 -43.43 -12.12
N THR D 3 66.86 -44.55 -11.44
CA THR D 3 67.33 -45.84 -11.94
C THR D 3 66.23 -46.88 -11.81
N LEU D 4 66.21 -47.82 -12.75
CA LEU D 4 65.28 -48.94 -12.73
C LEU D 4 66.05 -50.22 -13.00
N LYS D 5 65.74 -51.27 -12.25
CA LYS D 5 66.39 -52.56 -12.42
C LYS D 5 65.35 -53.66 -12.43
N GLU D 6 65.50 -54.59 -13.37
CA GLU D 6 64.55 -55.68 -13.55
C GLU D 6 65.07 -56.95 -12.89
N SER D 7 64.15 -57.80 -12.46
CA SER D 7 64.48 -59.09 -11.88
C SER D 7 63.34 -60.05 -12.15
N GLY D 8 63.66 -61.35 -12.12
CA GLY D 8 62.69 -62.38 -12.39
C GLY D 8 63.31 -63.55 -13.13
N PRO D 9 62.54 -64.64 -13.26
CA PRO D 9 63.07 -65.83 -13.94
C PRO D 9 63.28 -65.56 -15.43
N THR D 10 64.55 -65.49 -15.83
CA THR D 10 64.90 -65.36 -17.24
C THR D 10 64.76 -66.66 -18.00
N LEU D 11 64.62 -67.79 -17.30
CA LEU D 11 64.39 -69.09 -17.91
C LEU D 11 62.95 -69.51 -17.61
N VAL D 12 62.10 -69.43 -18.63
CA VAL D 12 60.69 -69.75 -18.50
C VAL D 12 60.34 -70.83 -19.52
N LYS D 13 59.72 -71.90 -19.05
CA LYS D 13 59.28 -72.97 -19.93
C LYS D 13 57.99 -72.60 -20.65
N PRO D 14 57.67 -73.27 -21.75
CA PRO D 14 56.43 -72.93 -22.49
C PRO D 14 55.17 -73.20 -21.70
N THR D 15 54.14 -72.41 -21.99
CA THR D 15 52.77 -72.49 -21.43
C THR D 15 52.74 -72.57 -19.90
N GLN D 16 53.72 -71.97 -19.23
CA GLN D 16 53.57 -71.53 -17.85
C GLN D 16 53.40 -70.01 -17.82
N THR D 17 53.49 -69.43 -16.63
CA THR D 17 53.44 -67.99 -16.45
C THR D 17 54.81 -67.47 -16.06
N LEU D 18 55.08 -66.20 -16.41
CA LEU D 18 56.29 -65.50 -15.98
C LEU D 18 55.91 -64.30 -15.13
N THR D 19 56.79 -63.99 -14.18
CA THR D 19 56.61 -62.85 -13.30
C THR D 19 57.89 -62.02 -13.29
N LEU D 20 57.75 -60.71 -13.45
CA LEU D 20 58.87 -59.78 -13.49
C LEU D 20 58.65 -58.69 -12.45
N THR D 21 59.73 -58.23 -11.82
CA THR D 21 59.67 -57.16 -10.85
C THR D 21 60.70 -56.10 -11.20
N CYS D 22 60.25 -54.86 -11.35
CA CYS D 22 61.11 -53.71 -11.56
C CYS D 22 61.19 -52.92 -10.26
N THR D 23 62.42 -52.68 -9.80
CA THR D 23 62.68 -51.85 -8.64
C THR D 23 63.30 -50.54 -9.12
N PHE D 24 62.67 -49.43 -8.78
CA PHE D 24 63.11 -48.12 -9.23
C PHE D 24 63.40 -47.21 -8.04
N SER D 25 64.45 -46.40 -8.20
CA SER D 25 64.85 -45.44 -7.18
C SER D 25 65.02 -44.07 -7.83
N GLY D 26 64.78 -43.03 -7.05
CA GLY D 26 64.81 -41.66 -7.52
C GLY D 26 63.47 -40.95 -7.49
N PHE D 27 62.38 -41.69 -7.27
CA PHE D 27 61.04 -41.10 -7.16
C PHE D 27 60.12 -42.16 -6.56
N SER D 28 58.85 -41.79 -6.41
CA SER D 28 57.85 -42.70 -5.88
C SER D 28 56.57 -42.60 -6.70
N LEU D 29 55.78 -43.67 -6.68
CA LEU D 29 54.50 -43.68 -7.36
C LEU D 29 53.42 -43.06 -6.50
N SER D 30 53.63 -41.80 -6.09
CA SER D 30 52.64 -41.07 -5.32
C SER D 30 52.36 -39.68 -5.88
N THR D 31 53.24 -39.13 -6.71
CA THR D 31 53.04 -37.80 -7.27
C THR D 31 52.23 -37.90 -8.56
N SER D 32 51.44 -36.86 -8.82
CA SER D 32 50.59 -36.84 -10.01
C SER D 32 51.43 -36.68 -11.26
N GLY D 33 51.00 -37.33 -12.34
CA GLY D 33 51.69 -37.27 -13.61
C GLY D 33 52.80 -38.27 -13.80
N VAL D 34 53.00 -39.19 -12.87
CA VAL D 34 54.07 -40.17 -12.93
C VAL D 34 53.48 -41.57 -12.99
N GLY D 35 53.93 -42.36 -13.98
CA GLY D 35 53.52 -43.74 -14.08
C GLY D 35 54.71 -44.62 -14.42
N VAL D 36 54.47 -45.92 -14.41
CA VAL D 36 55.49 -46.91 -14.77
C VAL D 36 54.93 -47.82 -15.87
N ALA D 37 55.74 -48.04 -16.90
CA ALA D 37 55.32 -48.77 -18.08
C ALA D 37 56.16 -50.03 -18.29
N TRP D 38 55.52 -51.06 -18.80
CA TRP D 38 56.14 -52.33 -19.14
C TRP D 38 56.09 -52.51 -20.66
N ILE D 39 57.26 -52.72 -21.26
CA ILE D 39 57.37 -52.96 -22.70
C ILE D 39 58.37 -54.08 -22.94
N ARG D 40 58.45 -54.53 -24.19
CA ARG D 40 59.39 -55.56 -24.58
C ARG D 40 59.92 -55.29 -25.99
N GLN D 41 61.03 -55.95 -26.30
CA GLN D 41 61.63 -55.88 -27.63
C GLN D 41 62.06 -57.28 -28.07
N PRO D 42 61.48 -57.81 -29.14
CA PRO D 42 61.94 -59.08 -29.68
C PRO D 42 63.32 -58.93 -30.29
N PRO D 43 64.12 -60.00 -30.33
CA PRO D 43 65.46 -59.91 -30.91
C PRO D 43 65.44 -59.60 -32.40
N GLY D 44 65.98 -58.45 -32.79
CA GLY D 44 65.97 -58.04 -34.18
C GLY D 44 64.70 -57.36 -34.64
N LYS D 45 63.73 -57.18 -33.76
CA LYS D 45 62.46 -56.55 -34.10
C LYS D 45 62.29 -55.27 -33.27
N ALA D 46 61.26 -54.50 -33.61
CA ALA D 46 61.01 -53.24 -32.96
C ALA D 46 60.24 -53.43 -31.65
N LEU D 47 60.21 -52.36 -30.86
CA LEU D 47 59.48 -52.35 -29.59
C LEU D 47 57.99 -52.54 -29.81
N GLU D 48 57.33 -53.14 -28.84
CA GLU D 48 55.87 -53.18 -28.78
C GLU D 48 55.43 -52.83 -27.38
N TRP D 49 54.49 -51.91 -27.27
CA TRP D 49 54.03 -51.44 -25.96
C TRP D 49 53.10 -52.45 -25.32
N LEU D 50 53.39 -52.82 -24.08
CA LEU D 50 52.65 -53.86 -23.36
C LEU D 50 51.61 -53.29 -22.40
N ALA D 51 52.06 -52.50 -21.41
CA ALA D 51 51.14 -52.06 -20.38
C ALA D 51 51.71 -50.85 -19.64
N LEU D 52 50.88 -50.24 -18.80
CA LEU D 52 51.25 -49.09 -18.01
C LEU D 52 50.35 -49.01 -16.79
N ILE D 53 50.87 -48.48 -15.69
CA ILE D 53 50.08 -48.25 -14.49
C ILE D 53 50.54 -46.96 -13.82
N TYR D 54 49.57 -46.20 -13.30
CA TYR D 54 49.80 -44.85 -12.81
C TYR D 54 49.91 -44.83 -11.29
N TRP D 55 49.98 -43.62 -10.74
CA TRP D 55 50.03 -43.44 -9.29
C TRP D 55 48.68 -43.72 -8.62
N ASP D 56 47.58 -43.51 -9.34
CA ASP D 56 46.24 -43.66 -8.78
C ASP D 56 45.69 -45.07 -8.98
N ASN D 57 46.56 -46.06 -9.13
CA ASN D 57 46.24 -47.48 -9.14
C ASN D 57 45.36 -47.90 -10.31
N ASP D 58 45.29 -47.08 -11.36
CA ASP D 58 44.61 -47.50 -12.58
C ASP D 58 45.63 -48.02 -13.59
N LYS D 59 45.22 -49.01 -14.39
CA LYS D 59 46.13 -49.69 -15.30
C LYS D 59 45.55 -49.72 -16.71
N ARG D 60 46.44 -49.55 -17.68
CA ARG D 60 46.14 -49.70 -19.10
C ARG D 60 46.95 -50.85 -19.64
N SER D 61 46.34 -51.64 -20.53
CA SER D 61 47.00 -52.82 -21.08
C SER D 61 46.77 -52.88 -22.58
N SER D 62 47.65 -53.60 -23.26
CA SER D 62 47.49 -53.80 -24.69
C SER D 62 46.30 -54.71 -24.95
N PRO D 63 45.32 -54.29 -25.76
CA PRO D 63 44.14 -55.14 -25.98
C PRO D 63 44.46 -56.49 -26.59
N SER D 64 45.50 -56.57 -27.44
CA SER D 64 45.86 -57.83 -28.04
C SER D 64 46.36 -58.85 -27.01
N LEU D 65 46.93 -58.39 -25.90
CA LEU D 65 47.37 -59.28 -24.84
C LEU D 65 46.69 -59.00 -23.52
N ASN D 66 45.63 -58.19 -23.51
CA ASN D 66 44.94 -57.86 -22.26
C ASN D 66 44.32 -59.10 -21.63
N ASN D 67 44.17 -60.17 -22.40
CA ASN D 67 43.70 -61.43 -21.82
C ASN D 67 44.70 -61.97 -20.80
N ARG D 68 45.99 -61.84 -21.07
CA ARG D 68 47.02 -62.49 -20.26
C ARG D 68 48.00 -61.50 -19.64
N LEU D 69 47.50 -60.38 -19.12
CA LEU D 69 48.32 -59.38 -18.47
C LEU D 69 47.78 -59.09 -17.08
N THR D 70 48.66 -59.11 -16.07
CA THR D 70 48.33 -58.55 -14.76
C THR D 70 49.46 -57.66 -14.29
N ILE D 71 49.10 -56.53 -13.69
CA ILE D 71 50.06 -55.53 -13.23
C ILE D 71 49.72 -55.13 -11.80
N THR D 72 50.73 -55.12 -10.93
CA THR D 72 50.56 -54.71 -9.54
C THR D 72 51.70 -53.80 -9.15
N LYS D 73 51.45 -52.99 -8.12
CA LYS D 73 52.44 -52.02 -7.64
C LYS D 73 52.49 -52.06 -6.12
N ASP D 74 53.64 -51.69 -5.56
CA ASP D 74 53.81 -51.56 -4.13
C ASP D 74 54.71 -50.35 -3.87
N THR D 75 54.11 -49.24 -3.42
CA THR D 75 54.86 -48.03 -3.15
C THR D 75 55.76 -48.18 -1.92
N SER D 76 55.29 -48.92 -0.91
CA SER D 76 56.05 -49.05 0.33
C SER D 76 57.42 -49.68 0.09
N LYS D 77 57.45 -50.78 -0.65
CA LYS D 77 58.70 -51.43 -1.01
C LYS D 77 59.18 -50.95 -2.38
N ASN D 78 58.38 -50.16 -3.08
CA ASN D 78 58.78 -49.51 -4.34
C ASN D 78 59.12 -50.56 -5.41
N GLN D 79 58.13 -51.41 -5.69
CA GLN D 79 58.27 -52.46 -6.70
C GLN D 79 57.09 -52.42 -7.66
N VAL D 80 57.33 -52.84 -8.90
CA VAL D 80 56.29 -52.98 -9.90
C VAL D 80 56.36 -54.40 -10.45
N VAL D 81 55.25 -55.12 -10.41
CA VAL D 81 55.20 -56.52 -10.78
C VAL D 81 54.33 -56.68 -12.02
N LEU D 82 54.87 -57.37 -13.02
CA LEU D 82 54.16 -57.71 -14.25
C LEU D 82 54.10 -59.23 -14.38
N THR D 83 52.90 -59.76 -14.58
CA THR D 83 52.73 -61.20 -14.74
C THR D 83 52.09 -61.47 -16.10
N MET D 84 52.75 -62.33 -16.88
CA MET D 84 52.30 -62.79 -18.18
C MET D 84 51.95 -64.27 -18.05
N THR D 85 50.90 -64.70 -18.75
CA THR D 85 50.47 -66.08 -18.71
C THR D 85 50.42 -66.66 -20.12
N ASN D 86 50.38 -67.99 -20.19
CA ASN D 86 50.27 -68.73 -21.45
C ASN D 86 51.43 -68.41 -22.38
N MET D 87 52.62 -68.87 -21.97
CA MET D 87 53.84 -68.64 -22.73
C MET D 87 53.74 -69.21 -24.14
N ASP D 88 54.47 -68.59 -25.05
CA ASP D 88 54.63 -69.03 -26.42
C ASP D 88 56.12 -69.11 -26.73
N PRO D 89 56.53 -69.98 -27.66
CA PRO D 89 57.95 -70.04 -28.02
C PRO D 89 58.45 -68.80 -28.75
N GLU D 90 57.55 -67.92 -29.19
CA GLU D 90 57.91 -66.67 -29.84
C GLU D 90 57.91 -65.48 -28.87
N ASP D 91 57.73 -65.74 -27.57
CA ASP D 91 57.72 -64.68 -26.56
C ASP D 91 59.11 -64.36 -26.04
N THR D 92 60.15 -65.00 -26.57
CA THR D 92 61.52 -64.67 -26.19
C THR D 92 61.84 -63.25 -26.61
N ALA D 93 62.24 -62.42 -25.65
CA ALA D 93 62.46 -60.99 -25.92
C ALA D 93 63.33 -60.42 -24.81
N THR D 94 63.48 -59.09 -24.83
CA THR D 94 64.14 -58.35 -23.77
C THR D 94 63.12 -57.38 -23.18
N TYR D 95 62.98 -57.40 -21.85
CA TYR D 95 61.89 -56.76 -21.15
C TYR D 95 62.37 -55.49 -20.49
N TYR D 96 61.56 -54.43 -20.54
CA TYR D 96 61.95 -53.12 -20.06
C TYR D 96 60.84 -52.49 -19.22
N CYS D 97 61.26 -51.84 -18.12
CA CYS D 97 60.38 -51.00 -17.31
C CYS D 97 60.83 -49.56 -17.44
N ALA D 98 59.86 -48.66 -17.63
CA ALA D 98 60.14 -47.29 -18.03
C ALA D 98 59.35 -46.31 -17.17
N HIS D 99 59.92 -45.12 -16.98
CA HIS D 99 59.21 -44.03 -16.32
C HIS D 99 58.33 -43.32 -17.34
N PHE D 100 57.16 -42.87 -16.89
CA PHE D 100 56.21 -42.12 -17.71
C PHE D 100 55.88 -40.81 -17.01
N PHE D 101 55.95 -39.70 -17.75
CA PHE D 101 55.72 -38.39 -17.16
C PHE D 101 55.13 -37.47 -18.21
N SER D 102 54.25 -36.58 -17.76
CA SER D 102 53.59 -35.58 -18.61
C SER D 102 53.97 -34.20 -18.11
N HIS D 103 53.94 -33.21 -19.00
CA HIS D 103 54.39 -31.86 -18.71
C HIS D 103 53.24 -30.88 -18.84
N TYR D 104 53.03 -30.08 -17.79
CA TYR D 104 52.08 -28.97 -17.80
C TYR D 104 52.77 -27.75 -17.21
N ASP D 105 52.28 -26.56 -17.58
CA ASP D 105 52.90 -25.30 -17.15
C ASP D 105 51.84 -24.35 -16.59
N SER D 106 51.52 -24.51 -15.31
CA SER D 106 50.77 -23.53 -14.52
C SER D 106 49.39 -23.22 -15.09
N SER D 107 49.04 -23.85 -16.20
CA SER D 107 47.75 -23.61 -16.84
C SER D 107 47.15 -24.86 -17.45
N ASN D 108 47.78 -26.03 -17.26
CA ASN D 108 47.25 -27.32 -17.70
C ASN D 108 47.08 -27.35 -19.21
N TYR D 109 48.20 -27.22 -19.91
CA TYR D 109 48.19 -27.17 -21.36
C TYR D 109 48.79 -28.41 -22.01
N TYR D 110 49.46 -29.27 -21.24
CA TYR D 110 49.96 -30.54 -21.76
C TYR D 110 50.98 -30.40 -22.88
N TYR D 111 52.20 -29.96 -22.56
CA TYR D 111 53.27 -30.04 -23.55
C TYR D 111 53.71 -31.49 -23.76
N GLY D 112 52.79 -32.34 -24.19
CA GLY D 112 53.09 -33.72 -24.51
C GLY D 112 53.50 -34.54 -23.31
N SER D 113 53.66 -35.84 -23.55
CA SER D 113 54.16 -36.78 -22.56
C SER D 113 55.18 -37.70 -23.22
N TRP D 114 56.10 -38.23 -22.42
CA TRP D 114 57.22 -38.99 -22.94
C TRP D 114 57.51 -40.16 -22.02
N PHE D 115 58.39 -41.04 -22.48
CA PHE D 115 58.99 -42.10 -21.67
C PHE D 115 60.42 -41.68 -21.33
N ASP D 116 60.57 -41.10 -20.14
CA ASP D 116 61.86 -40.79 -19.55
C ASP D 116 62.44 -42.10 -19.01
N PRO D 117 63.67 -42.13 -18.40
CA PRO D 117 64.49 -43.36 -18.44
C PRO D 117 63.79 -44.70 -18.24
N TRP D 118 64.29 -45.70 -18.96
CA TRP D 118 63.80 -47.06 -18.88
C TRP D 118 64.79 -47.91 -18.08
N GLY D 119 64.42 -49.16 -17.86
CA GLY D 119 65.31 -50.11 -17.24
C GLY D 119 66.32 -50.68 -18.23
N GLN D 120 67.27 -51.45 -17.69
CA GLN D 120 68.27 -52.07 -18.54
C GLN D 120 67.65 -53.16 -19.42
N GLY D 121 66.58 -53.80 -18.95
CA GLY D 121 65.94 -54.86 -19.70
C GLY D 121 66.55 -56.22 -19.43
N THR D 122 65.70 -57.21 -19.17
CA THR D 122 66.15 -58.57 -18.91
C THR D 122 65.77 -59.46 -20.09
N LEU D 123 66.73 -60.28 -20.53
CA LEU D 123 66.52 -61.15 -21.67
C LEU D 123 65.86 -62.44 -21.21
N VAL D 124 64.60 -62.62 -21.58
CA VAL D 124 63.82 -63.79 -21.18
C VAL D 124 63.56 -64.63 -22.41
N THR D 125 63.92 -65.91 -22.34
CA THR D 125 63.72 -66.87 -23.40
C THR D 125 62.71 -67.93 -22.95
N VAL D 126 61.84 -68.34 -23.86
CA VAL D 126 60.80 -69.32 -23.58
C VAL D 126 61.00 -70.47 -24.57
N SER D 127 61.53 -71.59 -24.07
CA SER D 127 61.76 -72.76 -24.90
C SER D 127 61.80 -73.99 -24.01
N SER D 128 61.59 -75.14 -24.63
CA SER D 128 61.64 -76.43 -23.94
C SER D 128 62.94 -77.12 -24.30
N ALA D 129 63.93 -77.01 -23.42
CA ALA D 129 65.25 -77.59 -23.67
C ALA D 129 65.95 -77.81 -22.34
N SER D 130 66.99 -78.64 -22.38
CA SER D 130 67.79 -78.96 -21.21
C SER D 130 69.19 -78.39 -21.39
N THR D 131 69.73 -77.81 -20.32
CA THR D 131 71.03 -77.16 -20.37
C THR D 131 72.12 -78.20 -20.59
N LYS D 132 72.94 -77.99 -21.62
CA LYS D 132 74.02 -78.92 -21.96
C LYS D 132 75.23 -78.12 -22.41
N GLY D 133 76.40 -78.74 -22.27
CA GLY D 133 77.66 -78.09 -22.56
C GLY D 133 77.88 -77.87 -24.04
N PRO D 134 78.52 -76.75 -24.38
CA PRO D 134 78.84 -76.47 -25.79
C PRO D 134 79.92 -77.40 -26.31
N SER D 135 79.97 -77.50 -27.63
CA SER D 135 81.00 -78.28 -28.33
C SER D 135 81.69 -77.37 -29.34
N VAL D 136 83.02 -77.33 -29.27
CA VAL D 136 83.82 -76.46 -30.13
C VAL D 136 84.53 -77.32 -31.17
N PHE D 137 84.51 -76.85 -32.41
CA PHE D 137 85.14 -77.52 -33.55
C PHE D 137 86.18 -76.59 -34.16
N PRO D 138 87.43 -77.03 -34.28
CA PRO D 138 88.50 -76.14 -34.77
C PRO D 138 88.50 -76.04 -36.29
N LEU D 139 88.09 -74.87 -36.80
CA LEU D 139 88.18 -74.59 -38.23
C LEU D 139 89.61 -74.15 -38.49
N ALA D 140 90.46 -75.12 -38.83
CA ALA D 140 91.86 -74.86 -39.08
C ALA D 140 92.03 -74.08 -40.39
N PRO D 141 93.11 -73.33 -40.53
CA PRO D 141 93.35 -72.60 -41.78
C PRO D 141 93.61 -73.54 -42.93
N SER D 142 93.26 -73.07 -44.13
CA SER D 142 93.47 -73.84 -45.34
C SER D 142 94.96 -74.00 -45.63
N SER D 143 95.29 -75.08 -46.33
CA SER D 143 96.69 -75.38 -46.68
C SER D 143 97.13 -74.46 -47.81
N LYS D 144 97.47 -73.24 -47.44
CA LYS D 144 97.97 -72.24 -48.37
C LYS D 144 99.31 -71.71 -47.89
N SER D 145 100.18 -71.37 -48.84
CA SER D 145 101.52 -70.90 -48.49
C SER D 145 101.52 -69.42 -48.09
N THR D 146 101.15 -68.55 -49.03
CA THR D 146 101.10 -67.12 -48.75
C THR D 146 99.73 -66.51 -49.04
N SER D 147 99.14 -66.80 -50.20
CA SER D 147 97.84 -66.23 -50.59
C SER D 147 97.82 -64.72 -50.42
N GLY D 148 98.91 -64.07 -50.81
CA GLY D 148 99.04 -62.65 -50.60
C GLY D 148 99.39 -62.25 -49.19
N GLY D 149 99.91 -63.17 -48.39
CA GLY D 149 100.25 -62.88 -47.00
C GLY D 149 99.06 -62.63 -46.11
N THR D 150 97.96 -63.37 -46.30
CA THR D 150 96.79 -63.22 -45.46
C THR D 150 96.00 -64.52 -45.48
N ALA D 151 95.76 -65.08 -44.30
CA ALA D 151 94.96 -66.29 -44.15
C ALA D 151 94.10 -66.14 -42.89
N ALA D 152 93.25 -67.13 -42.64
CA ALA D 152 92.33 -67.05 -41.52
C ALA D 152 92.09 -68.42 -40.93
N LEU D 153 91.62 -68.42 -39.69
CA LEU D 153 91.37 -69.64 -38.91
C LEU D 153 90.29 -69.33 -37.89
N GLY D 154 89.92 -70.32 -37.09
CA GLY D 154 89.02 -70.03 -35.99
C GLY D 154 88.38 -71.28 -35.42
N CYS D 155 87.25 -71.05 -34.74
CA CYS D 155 86.52 -72.11 -34.05
C CYS D 155 85.02 -71.94 -34.30
N LEU D 156 84.28 -73.04 -34.15
CA LEU D 156 82.84 -73.06 -34.33
C LEU D 156 82.21 -73.67 -33.08
N VAL D 157 81.37 -72.90 -32.40
CA VAL D 157 80.71 -73.33 -31.17
C VAL D 157 79.30 -73.80 -31.55
N LYS D 158 78.92 -74.97 -31.05
CA LYS D 158 77.65 -75.59 -31.42
C LYS D 158 77.04 -76.24 -30.19
N ASP D 159 75.72 -76.41 -30.21
CA ASP D 159 74.99 -77.24 -29.24
C ASP D 159 75.19 -76.72 -27.82
N TYR D 160 74.73 -75.49 -27.59
CA TYR D 160 74.73 -74.92 -26.26
C TYR D 160 73.36 -74.33 -25.96
N PHE D 161 72.88 -74.61 -24.74
CA PHE D 161 71.60 -74.14 -24.22
C PHE D 161 71.85 -73.50 -22.86
N PRO D 162 71.43 -72.25 -22.64
CA PRO D 162 71.00 -71.25 -23.62
C PRO D 162 72.07 -70.21 -23.90
N GLU D 163 71.70 -69.15 -24.62
CA GLU D 163 72.59 -68.01 -24.82
C GLU D 163 72.86 -67.31 -23.49
N PRO D 164 73.99 -66.59 -23.38
CA PRO D 164 75.03 -66.38 -24.38
C PRO D 164 76.28 -67.23 -24.15
N VAL D 165 77.31 -67.01 -24.96
CA VAL D 165 78.59 -67.69 -24.84
C VAL D 165 79.70 -66.66 -24.89
N THR D 166 80.64 -66.73 -23.95
CA THR D 166 81.78 -65.84 -23.91
C THR D 166 82.96 -66.52 -24.62
N VAL D 167 83.46 -65.89 -25.67
CA VAL D 167 84.51 -66.44 -26.52
C VAL D 167 85.70 -65.51 -26.48
N SER D 168 86.89 -66.06 -26.23
CA SER D 168 88.12 -65.30 -26.17
C SER D 168 89.18 -65.97 -27.02
N TRP D 169 90.17 -65.19 -27.44
CA TRP D 169 91.28 -65.68 -28.25
C TRP D 169 92.59 -65.27 -27.60
N ASN D 170 93.48 -66.26 -27.42
CA ASN D 170 94.80 -66.05 -26.80
C ASN D 170 94.66 -65.41 -25.43
N SER D 171 93.64 -65.84 -24.68
CA SER D 171 93.36 -65.33 -23.34
C SER D 171 93.24 -63.80 -23.32
N GLY D 172 92.66 -63.24 -24.39
CA GLY D 172 92.50 -61.81 -24.50
C GLY D 172 93.73 -61.06 -24.95
N ALA D 173 94.85 -61.74 -25.18
CA ALA D 173 96.06 -61.10 -25.65
C ALA D 173 96.00 -60.73 -27.14
N LEU D 174 95.08 -61.33 -27.89
CA LEU D 174 94.89 -61.03 -29.30
C LEU D 174 93.54 -60.39 -29.49
N THR D 175 93.52 -59.17 -30.05
CA THR D 175 92.27 -58.44 -30.25
C THR D 175 92.16 -57.86 -31.65
N SER D 176 93.13 -58.10 -32.53
CA SER D 176 93.12 -57.56 -33.89
C SER D 176 92.60 -58.62 -34.84
N GLY D 177 91.66 -58.24 -35.70
CA GLY D 177 91.13 -59.14 -36.71
C GLY D 177 90.35 -60.32 -36.16
N VAL D 178 89.54 -60.11 -35.14
CA VAL D 178 88.73 -61.15 -34.54
C VAL D 178 87.27 -60.75 -34.65
N HIS D 179 86.44 -61.64 -35.19
CA HIS D 179 85.01 -61.41 -35.32
C HIS D 179 84.25 -62.58 -34.70
N THR D 180 83.28 -62.27 -33.84
CA THR D 180 82.42 -63.27 -33.22
C THR D 180 80.99 -62.96 -33.64
N PHE D 181 80.47 -63.73 -34.59
CA PHE D 181 79.14 -63.48 -35.12
C PHE D 181 78.06 -63.85 -34.10
N PRO D 182 76.91 -63.19 -34.16
CA PRO D 182 75.80 -63.57 -33.29
C PRO D 182 75.37 -65.00 -33.55
N ALA D 183 74.98 -65.69 -32.49
CA ALA D 183 74.50 -67.07 -32.63
C ALA D 183 73.15 -67.10 -33.30
N VAL D 184 72.88 -68.17 -34.03
CA VAL D 184 71.63 -68.36 -34.75
C VAL D 184 70.93 -69.61 -34.22
N LEU D 185 69.60 -69.51 -34.09
CA LEU D 185 68.78 -70.64 -33.69
C LEU D 185 68.41 -71.45 -34.93
N GLN D 186 68.53 -72.77 -34.83
CA GLN D 186 68.39 -73.65 -35.98
C GLN D 186 67.02 -74.31 -35.99
N SER D 187 66.84 -75.27 -36.91
CA SER D 187 65.55 -75.90 -37.13
C SER D 187 65.11 -76.77 -35.96
N SER D 188 66.02 -77.14 -35.05
CA SER D 188 65.68 -77.93 -33.88
C SER D 188 65.73 -77.13 -32.60
N GLY D 189 65.61 -75.79 -32.68
CA GLY D 189 65.83 -74.96 -31.51
C GLY D 189 67.23 -75.08 -30.97
N LEU D 190 68.23 -75.08 -31.85
CA LEU D 190 69.60 -75.38 -31.49
C LEU D 190 70.48 -74.18 -31.84
N TYR D 191 71.48 -73.93 -30.98
CA TYR D 191 72.29 -72.73 -31.09
C TYR D 191 73.70 -73.05 -31.60
N SER D 192 74.28 -72.05 -32.27
CA SER D 192 75.58 -72.18 -32.91
C SER D 192 76.12 -70.81 -33.30
N LEU D 193 77.42 -70.59 -33.08
CA LEU D 193 78.09 -69.34 -33.46
C LEU D 193 79.49 -69.67 -33.93
N SER D 194 80.19 -68.66 -34.43
CA SER D 194 81.52 -68.83 -34.99
C SER D 194 82.45 -67.75 -34.48
N SER D 195 83.76 -68.04 -34.51
CA SER D 195 84.78 -67.07 -34.17
C SER D 195 85.93 -67.25 -35.15
N VAL D 196 86.43 -66.14 -35.69
CA VAL D 196 87.46 -66.17 -36.73
C VAL D 196 88.58 -65.20 -36.35
N VAL D 197 89.81 -65.62 -36.61
CA VAL D 197 90.99 -64.79 -36.47
C VAL D 197 91.75 -64.80 -37.79
N THR D 198 92.04 -63.61 -38.31
CA THR D 198 92.81 -63.47 -39.55
C THR D 198 94.25 -63.14 -39.21
N VAL D 199 95.16 -63.96 -39.72
CA VAL D 199 96.60 -63.82 -39.41
C VAL D 199 97.38 -63.87 -40.70
N PRO D 200 98.58 -63.26 -40.70
CA PRO D 200 99.47 -63.41 -41.87
C PRO D 200 99.84 -64.87 -42.09
N SER D 201 99.95 -65.24 -43.37
CA SER D 201 100.17 -66.64 -43.73
C SER D 201 101.50 -67.16 -43.18
N SER D 202 102.53 -66.32 -43.19
CA SER D 202 103.83 -66.74 -42.69
C SER D 202 103.87 -66.95 -41.18
N SER D 203 102.85 -66.49 -40.45
CA SER D 203 102.85 -66.53 -39.00
C SER D 203 102.07 -67.71 -38.43
N LEU D 204 101.59 -68.63 -39.29
CA LEU D 204 100.81 -69.76 -38.78
C LEU D 204 101.66 -70.71 -37.94
N GLY D 205 102.87 -71.01 -38.40
CA GLY D 205 103.68 -72.01 -37.73
C GLY D 205 104.43 -71.50 -36.51
N THR D 206 104.64 -70.19 -36.44
CA THR D 206 105.41 -69.60 -35.35
C THR D 206 104.57 -69.32 -34.11
N GLN D 207 103.25 -69.38 -34.21
CA GLN D 207 102.36 -69.07 -33.09
C GLN D 207 101.24 -70.08 -33.02
N THR D 208 100.96 -70.57 -31.81
CA THR D 208 99.84 -71.47 -31.57
C THR D 208 98.64 -70.67 -31.07
N TYR D 209 97.48 -70.90 -31.68
CA TYR D 209 96.28 -70.14 -31.41
C TYR D 209 95.30 -70.95 -30.58
N ILE D 210 94.75 -70.30 -29.55
CA ILE D 210 93.81 -70.91 -28.61
C ILE D 210 92.50 -70.13 -28.64
N CYS D 211 91.39 -70.86 -28.72
CA CYS D 211 90.07 -70.27 -28.58
C CYS D 211 89.41 -70.83 -27.33
N ASN D 212 88.95 -69.93 -26.46
CA ASN D 212 88.36 -70.28 -25.18
C ASN D 212 86.87 -69.99 -25.22
N VAL D 213 86.07 -71.02 -24.99
CA VAL D 213 84.62 -70.94 -25.00
C VAL D 213 84.12 -71.20 -23.58
N ASN D 214 83.35 -70.26 -23.04
CA ASN D 214 82.84 -70.34 -21.68
C ASN D 214 81.34 -70.11 -21.69
N HIS D 215 80.62 -70.92 -20.90
CA HIS D 215 79.16 -70.95 -20.90
C HIS D 215 78.72 -71.07 -19.44
N LYS D 216 78.26 -69.96 -18.87
CA LYS D 216 77.82 -69.95 -17.49
C LYS D 216 76.65 -70.89 -17.19
N PRO D 217 75.54 -70.88 -17.95
CA PRO D 217 74.42 -71.77 -17.58
C PRO D 217 74.80 -73.24 -17.59
N SER D 218 75.67 -73.66 -18.52
CA SER D 218 76.20 -75.02 -18.49
C SER D 218 77.47 -75.13 -17.66
N ASN D 219 78.02 -74.00 -17.21
CA ASN D 219 79.24 -73.99 -16.39
C ASN D 219 80.37 -74.74 -17.09
N THR D 220 80.53 -74.49 -18.39
CA THR D 220 81.49 -75.19 -19.22
C THR D 220 82.58 -74.24 -19.67
N LYS D 221 83.84 -74.69 -19.58
CA LYS D 221 84.98 -73.91 -20.04
C LYS D 221 85.87 -74.84 -20.85
N VAL D 222 86.01 -74.56 -22.15
CA VAL D 222 86.78 -75.41 -23.06
C VAL D 222 87.78 -74.55 -23.82
N ASP D 223 89.04 -74.97 -23.82
CA ASP D 223 90.09 -74.34 -24.60
C ASP D 223 90.48 -75.25 -25.75
N LYS D 224 90.41 -74.74 -26.98
CA LYS D 224 90.67 -75.52 -28.18
C LYS D 224 91.81 -74.88 -28.96
N ARG D 225 92.85 -75.67 -29.26
CA ARG D 225 93.97 -75.18 -30.05
C ARG D 225 93.71 -75.42 -31.53
N VAL D 226 93.94 -74.38 -32.33
CA VAL D 226 93.78 -74.45 -33.78
C VAL D 226 95.16 -74.32 -34.42
N GLU D 227 95.51 -75.28 -35.26
CA GLU D 227 96.78 -75.31 -35.98
C GLU D 227 96.49 -75.66 -37.43
N PRO D 228 97.33 -75.19 -38.36
CA PRO D 228 97.13 -75.58 -39.77
C PRO D 228 97.27 -77.09 -39.95
N LYS D 229 96.41 -77.64 -40.82
CA LYS D 229 96.45 -79.04 -41.15
C LYS D 229 96.68 -79.20 -42.66
N SER D 230 97.53 -80.15 -43.01
CA SER D 230 97.88 -80.39 -44.41
C SER D 230 96.82 -81.27 -45.07
N CYS D 231 96.97 -81.48 -46.37
CA CYS D 231 96.06 -82.32 -47.12
C CYS D 231 96.44 -83.79 -47.01
N GLU E 1 43.89 -49.73 -35.56
CA GLU E 1 45.02 -49.17 -34.84
C GLU E 1 45.79 -48.19 -35.72
N ILE E 2 46.50 -47.26 -35.09
CA ILE E 2 47.30 -46.27 -35.79
C ILE E 2 48.63 -46.90 -36.17
N VAL E 3 48.96 -46.84 -37.46
CA VAL E 3 50.15 -47.49 -38.00
C VAL E 3 51.05 -46.41 -38.60
N LEU E 4 52.32 -46.43 -38.23
CA LEU E 4 53.30 -45.44 -38.68
C LEU E 4 54.36 -46.11 -39.54
N THR E 5 54.62 -45.51 -40.70
CA THR E 5 55.64 -46.00 -41.62
C THR E 5 56.77 -44.98 -41.71
N GLN E 6 57.99 -45.43 -41.40
CA GLN E 6 59.17 -44.57 -41.40
C GLN E 6 59.87 -44.65 -42.75
N SER E 7 60.33 -43.49 -43.22
CA SER E 7 61.00 -43.36 -44.50
C SER E 7 62.25 -42.49 -44.33
N PRO E 8 63.41 -42.94 -44.82
CA PRO E 8 63.54 -44.26 -45.46
C PRO E 8 63.76 -45.37 -44.44
N GLY E 9 63.72 -46.62 -44.89
CA GLY E 9 64.00 -47.74 -43.99
C GLY E 9 65.42 -47.71 -43.45
N THR E 10 66.37 -47.33 -44.29
CA THR E 10 67.75 -47.18 -43.87
C THR E 10 68.37 -46.02 -44.63
N LEU E 11 69.12 -45.18 -43.93
CA LEU E 11 69.73 -43.99 -44.52
C LEU E 11 71.19 -43.94 -44.14
N SER E 12 72.08 -44.04 -45.13
CA SER E 12 73.51 -44.11 -44.93
C SER E 12 74.17 -42.87 -45.52
N LEU E 13 74.96 -42.17 -44.70
CA LEU E 13 75.67 -40.96 -45.10
C LEU E 13 77.09 -41.02 -44.56
N SER E 14 77.82 -39.93 -44.73
CA SER E 14 79.15 -39.74 -44.18
C SER E 14 79.13 -38.70 -43.07
N PRO E 15 80.00 -38.86 -42.06
CA PRO E 15 80.11 -37.86 -41.00
C PRO E 15 80.18 -36.44 -41.54
N GLY E 16 79.18 -35.63 -41.21
CA GLY E 16 79.22 -34.22 -41.51
C GLY E 16 78.00 -33.67 -42.22
N GLU E 17 77.42 -34.45 -43.13
CA GLU E 17 76.32 -33.98 -43.95
C GLU E 17 75.03 -34.12 -43.14
N ARG E 18 73.95 -33.49 -43.62
CA ARG E 18 72.69 -33.40 -42.89
C ARG E 18 71.84 -34.65 -43.14
N ALA E 19 71.23 -35.15 -42.07
CA ALA E 19 70.42 -36.36 -42.12
C ALA E 19 68.95 -36.02 -41.96
N THR E 20 68.10 -36.63 -42.77
CA THR E 20 66.66 -36.36 -42.75
C THR E 20 65.90 -37.67 -42.65
N LEU E 21 65.02 -37.76 -41.64
CA LEU E 21 64.16 -38.91 -41.43
C LEU E 21 62.72 -38.42 -41.38
N SER E 22 61.77 -39.31 -41.69
CA SER E 22 60.36 -38.98 -41.55
C SER E 22 59.57 -40.22 -41.22
N CYS E 23 58.34 -40.04 -40.74
CA CYS E 23 57.39 -41.13 -40.61
C CYS E 23 55.97 -40.59 -40.73
N ARG E 24 55.12 -41.37 -41.39
CA ARG E 24 53.75 -41.00 -41.69
C ARG E 24 52.80 -41.88 -40.89
N ALA E 25 51.67 -41.31 -40.49
CA ALA E 25 50.70 -42.00 -39.66
C ALA E 25 49.51 -42.46 -40.48
N SER E 26 48.99 -43.65 -40.15
CA SER E 26 47.84 -44.19 -40.86
C SER E 26 46.62 -43.30 -40.70
N GLN E 27 46.38 -42.82 -39.48
CA GLN E 27 45.28 -41.91 -39.18
C GLN E 27 45.84 -40.56 -38.75
N SER E 28 44.95 -39.59 -38.61
CA SER E 28 45.32 -38.21 -38.33
C SER E 28 44.98 -37.88 -36.88
N PHE E 29 45.98 -37.42 -36.13
CA PHE E 29 45.80 -36.98 -34.76
C PHE E 29 46.66 -35.75 -34.53
N ASP E 30 46.60 -35.21 -33.31
CA ASP E 30 47.37 -34.02 -32.99
C ASP E 30 48.86 -34.32 -32.99
N SER E 31 49.65 -33.31 -33.37
CA SER E 31 51.10 -33.50 -33.49
C SER E 31 51.79 -33.71 -32.15
N ARG E 32 51.19 -33.24 -31.05
CA ARG E 32 51.84 -33.28 -29.75
C ARG E 32 51.69 -34.63 -29.06
N TYR E 33 51.34 -35.69 -29.81
CA TYR E 33 51.30 -37.04 -29.29
C TYR E 33 52.49 -37.88 -29.76
N LEU E 34 53.37 -37.30 -30.56
CA LEU E 34 54.45 -38.05 -31.19
C LEU E 34 55.80 -37.59 -30.68
N GLY E 35 56.71 -38.55 -30.51
CA GLY E 35 58.05 -38.26 -30.08
C GLY E 35 59.06 -39.11 -30.82
N TRP E 36 60.33 -38.71 -30.72
CA TRP E 36 61.43 -39.38 -31.40
C TRP E 36 62.40 -39.92 -30.36
N TYR E 37 62.82 -41.18 -30.54
CA TYR E 37 63.76 -41.84 -29.66
C TYR E 37 64.87 -42.47 -30.49
N GLN E 38 66.04 -42.65 -29.86
CA GLN E 38 67.19 -43.26 -30.51
C GLN E 38 67.67 -44.45 -29.71
N GLN E 39 68.03 -45.52 -30.41
CA GLN E 39 68.57 -46.73 -29.79
C GLN E 39 69.87 -47.11 -30.48
N LYS E 40 70.91 -47.38 -29.69
CA LYS E 40 72.20 -47.79 -30.18
C LYS E 40 72.30 -49.32 -30.16
N SER E 41 73.51 -49.85 -30.26
CA SER E 41 73.72 -51.29 -30.20
C SER E 41 73.94 -51.74 -28.77
N GLY E 42 73.13 -52.70 -28.32
CA GLY E 42 73.33 -53.30 -27.01
C GLY E 42 73.19 -52.35 -25.84
N GLN E 43 72.16 -51.51 -25.83
CA GLN E 43 71.90 -50.60 -24.73
C GLN E 43 70.43 -50.21 -24.76
N ALA E 44 70.05 -49.23 -23.91
CA ALA E 44 68.62 -48.94 -23.77
C ALA E 44 68.28 -47.58 -24.39
N PRO E 45 67.23 -47.55 -25.21
CA PRO E 45 66.84 -46.28 -25.86
C PRO E 45 66.50 -45.20 -24.85
N ARG E 46 66.86 -43.96 -25.20
CA ARG E 46 66.62 -42.82 -24.33
C ARG E 46 65.78 -41.79 -25.07
N LEU E 47 65.04 -40.99 -24.30
CA LEU E 47 64.20 -39.95 -24.87
C LEU E 47 65.06 -38.92 -25.60
N LEU E 48 64.64 -38.57 -26.81
CA LEU E 48 65.39 -37.63 -27.64
C LEU E 48 64.58 -36.38 -27.97
N ILE E 49 63.35 -36.52 -28.47
CA ILE E 49 62.45 -35.40 -28.70
C ILE E 49 61.07 -35.79 -28.19
N TYR E 50 60.46 -34.89 -27.41
CA TYR E 50 59.09 -35.09 -26.92
C TYR E 50 58.18 -34.02 -27.50
N GLY E 51 56.96 -34.42 -27.85
CA GLY E 51 56.02 -33.49 -28.43
C GLY E 51 56.28 -33.15 -29.88
N ALA E 52 57.26 -33.81 -30.51
CA ALA E 52 57.58 -33.68 -31.93
C ALA E 52 58.20 -32.33 -32.25
N SER E 53 58.24 -31.42 -31.26
CA SER E 53 58.87 -30.12 -31.46
C SER E 53 59.65 -29.63 -30.25
N SER E 54 59.77 -30.43 -29.19
CA SER E 54 60.41 -30.00 -27.95
C SER E 54 61.55 -30.93 -27.60
N ARG E 55 62.69 -30.36 -27.23
CA ARG E 55 63.89 -31.15 -26.94
C ARG E 55 63.94 -31.56 -25.47
N ALA E 56 64.58 -32.71 -25.23
CA ALA E 56 64.73 -33.21 -23.88
C ALA E 56 66.01 -32.68 -23.24
N THR E 57 66.15 -32.93 -21.94
CA THR E 57 67.31 -32.45 -21.20
C THR E 57 68.56 -33.21 -21.61
N GLY E 58 69.60 -32.46 -21.98
CA GLY E 58 70.86 -33.04 -22.41
C GLY E 58 70.92 -33.39 -23.88
N ILE E 59 69.83 -33.23 -24.61
CA ILE E 59 69.81 -33.55 -26.04
C ILE E 59 70.40 -32.38 -26.81
N PRO E 60 71.39 -32.62 -27.68
CA PRO E 60 72.03 -31.50 -28.39
C PRO E 60 71.09 -30.83 -29.37
N ASP E 61 71.44 -29.59 -29.74
CA ASP E 61 70.65 -28.81 -30.69
C ASP E 61 70.70 -29.38 -32.10
N ARG E 62 71.59 -30.34 -32.37
CA ARG E 62 71.72 -30.89 -33.72
C ARG E 62 70.43 -31.57 -34.17
N PHE E 63 69.65 -32.07 -33.23
CA PHE E 63 68.40 -32.75 -33.56
C PHE E 63 67.23 -31.76 -33.54
N SER E 64 66.45 -31.77 -34.60
CA SER E 64 65.24 -30.95 -34.70
C SER E 64 64.10 -31.81 -35.20
N GLY E 65 62.89 -31.44 -34.84
CA GLY E 65 61.72 -32.19 -35.25
C GLY E 65 60.56 -31.26 -35.59
N SER E 66 59.73 -31.71 -36.51
CA SER E 66 58.55 -30.93 -36.89
C SER E 66 57.57 -31.84 -37.60
N GLY E 67 56.29 -31.69 -37.27
CA GLY E 67 55.29 -32.56 -37.88
C GLY E 67 53.92 -31.93 -37.83
N SER E 68 53.06 -32.42 -38.73
CA SER E 68 51.70 -31.93 -38.83
C SER E 68 50.89 -32.95 -39.62
N GLY E 69 49.56 -32.85 -39.50
CA GLY E 69 48.65 -33.72 -40.21
C GLY E 69 48.92 -35.19 -39.95
N THR E 70 49.46 -35.88 -40.95
CA THR E 70 49.83 -37.28 -40.83
C THR E 70 51.29 -37.53 -41.19
N ASP E 71 52.16 -36.54 -41.02
CA ASP E 71 53.58 -36.70 -41.34
C ASP E 71 54.43 -35.94 -40.34
N PHE E 72 55.49 -36.60 -39.86
CA PHE E 72 56.44 -35.97 -38.96
C PHE E 72 57.85 -36.22 -39.48
N THR E 73 58.76 -35.31 -39.19
CA THR E 73 60.11 -35.37 -39.73
C THR E 73 61.13 -34.95 -38.68
N LEU E 74 62.32 -35.51 -38.81
CA LEU E 74 63.45 -35.27 -37.92
C LEU E 74 64.68 -34.92 -38.75
N THR E 75 65.47 -33.97 -38.26
CA THR E 75 66.60 -33.43 -38.99
C THR E 75 67.83 -33.37 -38.09
N ILE E 76 68.95 -33.85 -38.61
CA ILE E 76 70.25 -33.72 -37.97
C ILE E 76 71.11 -32.82 -38.84
N SER E 77 71.71 -31.78 -38.24
CA SER E 77 72.43 -30.78 -38.99
C SER E 77 73.89 -31.18 -39.23
N ARG E 78 74.64 -31.41 -38.17
CA ARG E 78 76.05 -31.82 -38.25
C ARG E 78 76.19 -33.09 -37.41
N LEU E 79 76.03 -34.24 -38.06
CA LEU E 79 76.10 -35.51 -37.36
C LEU E 79 77.55 -35.90 -37.14
N GLU E 80 77.83 -36.47 -35.98
CA GLU E 80 79.14 -36.92 -35.58
C GLU E 80 79.27 -38.42 -35.76
N PRO E 81 80.47 -38.99 -35.57
CA PRO E 81 80.59 -40.46 -35.57
C PRO E 81 79.76 -41.13 -34.49
N GLU E 82 79.34 -40.40 -33.46
CA GLU E 82 78.50 -40.94 -32.40
C GLU E 82 77.02 -40.93 -32.77
N ASP E 83 76.63 -40.22 -33.84
CA ASP E 83 75.22 -40.00 -34.15
C ASP E 83 74.57 -41.14 -34.91
N PHE E 84 75.28 -42.25 -35.13
CA PHE E 84 74.74 -43.36 -35.91
C PHE E 84 74.03 -44.33 -34.98
N ALA E 85 72.71 -44.43 -35.14
CA ALA E 85 71.90 -45.36 -34.36
C ALA E 85 70.56 -45.52 -35.07
N VAL E 86 69.68 -46.32 -34.48
CA VAL E 86 68.32 -46.50 -35.00
C VAL E 86 67.42 -45.45 -34.38
N TYR E 87 66.43 -44.98 -35.13
CA TYR E 87 65.52 -43.95 -34.66
C TYR E 87 64.08 -44.41 -34.80
N TYR E 88 63.33 -44.31 -33.71
CA TYR E 88 61.94 -44.70 -33.65
C TYR E 88 61.09 -43.45 -33.45
N CYS E 89 59.91 -43.42 -34.07
CA CYS E 89 58.91 -42.41 -33.77
C CYS E 89 57.70 -43.07 -33.14
N GLN E 90 57.34 -42.60 -31.94
CA GLN E 90 56.28 -43.18 -31.14
C GLN E 90 55.11 -42.23 -31.09
N GLN E 91 53.90 -42.80 -31.11
CA GLN E 91 52.66 -42.04 -31.07
C GLN E 91 51.84 -42.42 -29.85
N PHE E 92 51.12 -41.43 -29.30
CA PHE E 92 50.25 -41.64 -28.15
C PHE E 92 48.78 -41.43 -28.49
N GLY E 93 48.44 -41.27 -29.78
CA GLY E 93 47.09 -40.87 -30.14
C GLY E 93 46.04 -41.88 -29.72
N ASP E 94 46.26 -43.15 -30.04
CA ASP E 94 45.30 -44.20 -29.72
C ASP E 94 46.03 -45.41 -29.18
N SER E 95 45.47 -46.02 -28.13
CA SER E 95 46.01 -47.27 -27.63
C SER E 95 45.59 -48.41 -28.54
N PRO E 96 46.46 -49.42 -28.76
CA PRO E 96 47.82 -49.50 -28.18
C PRO E 96 48.82 -48.59 -28.87
N PHE E 97 49.70 -47.99 -28.07
CA PHE E 97 50.75 -47.12 -28.59
C PHE E 97 51.74 -47.92 -29.40
N THR E 98 52.12 -47.39 -30.56
CA THR E 98 52.95 -48.11 -31.51
C THR E 98 54.27 -47.37 -31.73
N PHE E 99 55.30 -48.15 -32.01
CA PHE E 99 56.60 -47.61 -32.37
C PHE E 99 56.89 -47.87 -33.84
N GLY E 100 57.69 -47.00 -34.44
CA GLY E 100 58.04 -47.16 -35.83
C GLY E 100 58.98 -48.33 -36.06
N GLN E 101 59.05 -48.75 -37.32
CA GLN E 101 59.93 -49.86 -37.67
C GLN E 101 61.40 -49.47 -37.59
N GLY E 102 61.71 -48.18 -37.58
CA GLY E 102 63.07 -47.72 -37.37
C GLY E 102 63.79 -47.43 -38.66
N THR E 103 64.80 -46.57 -38.56
CA THR E 103 65.68 -46.24 -39.67
C THR E 103 67.12 -46.27 -39.18
N LYS E 104 67.98 -47.00 -39.89
CA LYS E 104 69.37 -47.15 -39.49
C LYS E 104 70.22 -46.06 -40.14
N LEU E 105 71.05 -45.43 -39.33
CA LEU E 105 72.03 -44.45 -39.80
C LEU E 105 73.37 -45.17 -39.93
N GLU E 106 73.80 -45.38 -41.16
CA GLU E 106 75.02 -46.12 -41.46
C GLU E 106 76.08 -45.17 -41.97
N ILE E 107 77.33 -45.42 -41.59
CA ILE E 107 78.45 -44.60 -42.05
C ILE E 107 78.82 -45.02 -43.46
N LYS E 108 79.15 -44.04 -44.30
CA LYS E 108 79.50 -44.29 -45.69
C LYS E 108 81.01 -44.34 -45.84
N ARG E 109 81.48 -45.29 -46.63
CA ARG E 109 82.90 -45.47 -46.89
C ARG E 109 83.08 -45.89 -48.34
N THR E 110 84.29 -46.32 -48.68
CA THR E 110 84.58 -46.81 -50.01
C THR E 110 84.19 -48.29 -50.13
N VAL E 111 83.81 -48.71 -51.33
CA VAL E 111 83.42 -50.09 -51.58
C VAL E 111 84.60 -51.01 -51.32
N ALA E 112 84.37 -52.09 -50.58
CA ALA E 112 85.40 -53.02 -50.19
C ALA E 112 85.21 -54.36 -50.89
N ALA E 113 86.32 -54.98 -51.29
CA ALA E 113 86.29 -56.26 -51.99
C ALA E 113 86.33 -57.39 -50.99
N PRO E 114 85.33 -58.28 -50.97
CA PRO E 114 85.32 -59.37 -49.99
C PRO E 114 86.44 -60.36 -50.23
N SER E 115 86.90 -60.97 -49.14
CA SER E 115 87.79 -62.12 -49.20
C SER E 115 87.08 -63.32 -48.59
N VAL E 116 87.06 -64.43 -49.31
CA VAL E 116 86.29 -65.60 -48.90
C VAL E 116 87.25 -66.71 -48.51
N PHE E 117 87.05 -67.26 -47.32
CA PHE E 117 87.90 -68.29 -46.73
C PHE E 117 87.07 -69.54 -46.48
N ILE E 118 87.53 -70.67 -46.99
CA ILE E 118 86.79 -71.94 -46.90
C ILE E 118 87.33 -72.75 -45.73
N PHE E 119 86.44 -73.51 -45.07
CA PHE E 119 86.82 -74.37 -43.97
C PHE E 119 85.97 -75.63 -43.99
N PRO E 120 86.55 -76.77 -44.37
CA PRO E 120 85.86 -78.05 -44.24
C PRO E 120 85.68 -78.42 -42.78
N PRO E 121 84.73 -79.31 -42.47
CA PRO E 121 84.55 -79.71 -41.07
C PRO E 121 85.79 -80.37 -40.50
N SER E 122 86.01 -80.17 -39.21
CA SER E 122 87.18 -80.67 -38.52
C SER E 122 87.03 -82.14 -38.17
N ASP E 123 88.15 -82.76 -37.80
CA ASP E 123 88.14 -84.17 -37.43
C ASP E 123 87.38 -84.40 -36.13
N GLU E 124 87.50 -83.46 -35.18
CA GLU E 124 86.79 -83.61 -33.92
C GLU E 124 85.29 -83.51 -34.11
N GLN E 125 84.85 -82.78 -35.14
CA GLN E 125 83.45 -82.76 -35.55
C GLN E 125 83.09 -83.91 -36.48
N LEU E 126 84.09 -84.58 -37.06
CA LEU E 126 83.87 -85.60 -38.09
C LEU E 126 83.54 -86.96 -37.52
N LYS E 127 83.41 -87.09 -36.20
CA LYS E 127 82.99 -88.35 -35.60
C LYS E 127 81.71 -88.24 -34.77
N SER E 128 81.05 -87.08 -34.77
CA SER E 128 79.84 -86.87 -34.00
C SER E 128 78.57 -87.12 -34.79
N GLY E 129 78.69 -87.54 -36.06
CA GLY E 129 77.54 -87.79 -36.89
C GLY E 129 77.07 -86.61 -37.73
N THR E 130 77.60 -85.41 -37.47
CA THR E 130 77.24 -84.22 -38.23
C THR E 130 78.50 -83.50 -38.67
N ALA E 131 78.50 -83.04 -39.92
CA ALA E 131 79.61 -82.28 -40.48
C ALA E 131 79.11 -80.91 -40.91
N SER E 132 79.95 -79.89 -40.72
CA SER E 132 79.59 -78.51 -41.06
C SER E 132 80.75 -77.87 -41.79
N VAL E 133 80.50 -77.40 -43.02
CA VAL E 133 81.48 -76.67 -43.80
C VAL E 133 81.12 -75.20 -43.76
N VAL E 134 82.10 -74.35 -43.47
CA VAL E 134 81.86 -72.93 -43.23
C VAL E 134 82.76 -72.12 -44.14
N CYS E 135 82.18 -71.16 -44.87
CA CYS E 135 83.00 -70.23 -45.64
C CYS E 135 82.61 -68.80 -45.28
N LEU E 136 83.64 -67.95 -45.21
CA LEU E 136 83.55 -66.62 -44.63
C LEU E 136 83.87 -65.55 -45.66
N LEU E 137 83.00 -64.55 -45.73
CA LEU E 137 83.25 -63.32 -46.48
C LEU E 137 83.72 -62.27 -45.48
N ASN E 138 84.85 -61.64 -45.77
CA ASN E 138 85.46 -60.68 -44.86
C ASN E 138 85.77 -59.38 -45.59
N ASN E 139 85.53 -58.27 -44.89
CA ASN E 139 85.97 -56.94 -45.35
C ASN E 139 85.30 -56.58 -46.67
N PHE E 140 83.97 -56.52 -46.65
CA PHE E 140 83.18 -56.14 -47.80
C PHE E 140 82.16 -55.07 -47.42
N TYR E 141 81.96 -54.12 -48.32
CA TYR E 141 81.03 -53.02 -48.15
C TYR E 141 80.24 -52.86 -49.45
N PRO E 142 78.91 -52.65 -49.35
CA PRO E 142 78.12 -52.55 -48.12
C PRO E 142 77.74 -53.91 -47.53
N ARG E 143 76.71 -53.91 -46.68
CA ARG E 143 76.29 -55.13 -46.00
C ARG E 143 75.78 -56.19 -46.97
N GLU E 144 75.25 -55.78 -48.11
CA GLU E 144 74.69 -56.73 -49.07
C GLU E 144 75.78 -57.65 -49.60
N ALA E 145 75.46 -58.95 -49.67
CA ALA E 145 76.38 -59.95 -50.18
C ALA E 145 75.58 -61.18 -50.56
N LYS E 146 75.88 -61.76 -51.72
CA LYS E 146 75.19 -62.93 -52.22
C LYS E 146 76.10 -64.14 -52.08
N VAL E 147 75.66 -65.12 -51.28
CA VAL E 147 76.42 -66.34 -51.04
C VAL E 147 75.58 -67.53 -51.48
N GLN E 148 76.18 -68.40 -52.30
CA GLN E 148 75.51 -69.60 -52.79
C GLN E 148 76.35 -70.81 -52.41
N TRP E 149 75.71 -71.87 -51.95
CA TRP E 149 76.39 -73.12 -51.64
C TRP E 149 76.21 -74.11 -52.79
N LYS E 150 77.30 -74.80 -53.13
CA LYS E 150 77.31 -75.74 -54.24
C LYS E 150 77.91 -77.05 -53.77
N VAL E 151 77.28 -78.15 -54.14
CA VAL E 151 77.76 -79.49 -53.82
C VAL E 151 77.68 -80.33 -55.09
N ASP E 152 78.85 -80.73 -55.61
CA ASP E 152 78.94 -81.47 -56.87
C ASP E 152 78.21 -80.75 -57.99
N ASN E 153 78.49 -79.44 -58.13
CA ASN E 153 77.90 -78.61 -59.18
C ASN E 153 76.37 -78.56 -59.10
N ALA E 154 75.83 -78.67 -57.89
CA ALA E 154 74.39 -78.60 -57.66
C ALA E 154 74.11 -77.52 -56.63
N LEU E 155 73.14 -76.65 -56.93
CA LEU E 155 72.81 -75.54 -56.04
C LEU E 155 72.17 -76.05 -54.77
N GLN E 156 72.68 -75.62 -53.63
CA GLN E 156 72.08 -75.96 -52.35
C GLN E 156 71.07 -74.90 -51.93
N SER E 157 69.99 -75.35 -51.29
CA SER E 157 68.92 -74.45 -50.90
C SER E 157 68.17 -75.06 -49.72
N GLY E 158 68.01 -74.27 -48.65
CA GLY E 158 67.30 -74.70 -47.48
C GLY E 158 68.10 -75.55 -46.50
N ASN E 159 69.40 -75.72 -46.74
CA ASN E 159 70.25 -76.51 -45.85
C ASN E 159 71.44 -75.72 -45.33
N SER E 160 71.39 -74.39 -45.42
CA SER E 160 72.50 -73.54 -45.02
C SER E 160 71.99 -72.36 -44.19
N GLN E 161 72.90 -71.82 -43.37
CA GLN E 161 72.60 -70.69 -42.52
C GLN E 161 73.62 -69.58 -42.75
N GLU E 162 73.16 -68.34 -42.56
CA GLU E 162 73.98 -67.14 -42.75
C GLU E 162 74.01 -66.36 -41.45
N SER E 163 75.19 -65.85 -41.09
CA SER E 163 75.33 -65.02 -39.91
C SER E 163 76.19 -63.81 -40.22
N VAL E 164 75.70 -62.63 -39.89
CA VAL E 164 76.36 -61.36 -40.20
C VAL E 164 76.64 -60.62 -38.90
N THR E 165 77.85 -60.07 -38.80
CA THR E 165 78.22 -59.25 -37.66
C THR E 165 77.92 -57.78 -37.95
N GLU E 166 78.02 -56.97 -36.91
CA GLU E 166 77.74 -55.55 -37.03
C GLU E 166 78.82 -54.85 -37.84
N GLN E 167 78.52 -53.63 -38.27
CA GLN E 167 79.47 -52.83 -39.01
C GLN E 167 80.71 -52.55 -38.16
N ASP E 168 81.88 -52.72 -38.76
CA ASP E 168 83.13 -52.54 -38.02
C ASP E 168 83.30 -51.10 -37.60
N SER E 169 83.83 -50.90 -36.39
CA SER E 169 84.10 -49.57 -35.89
C SER E 169 85.41 -48.98 -36.42
N LYS E 170 86.22 -49.78 -37.11
CA LYS E 170 87.52 -49.33 -37.61
C LYS E 170 87.59 -49.26 -39.12
N ASP E 171 86.91 -50.15 -39.84
CA ASP E 171 86.97 -50.18 -41.29
C ASP E 171 85.62 -49.97 -41.97
N SER E 172 84.52 -49.94 -41.21
CA SER E 172 83.18 -49.80 -41.77
C SER E 172 82.89 -50.89 -42.81
N THR E 173 83.33 -52.11 -42.52
CA THR E 173 83.15 -53.25 -43.40
C THR E 173 82.25 -54.28 -42.72
N TYR E 174 82.15 -55.46 -43.33
CA TYR E 174 81.25 -56.49 -42.82
C TYR E 174 81.90 -57.86 -42.96
N SER E 175 81.40 -58.81 -42.16
CA SER E 175 81.81 -60.19 -42.21
C SER E 175 80.57 -61.08 -42.16
N LEU E 176 80.53 -62.05 -43.06
CA LEU E 176 79.40 -62.96 -43.20
C LEU E 176 79.88 -64.39 -43.23
N SER E 177 79.40 -65.20 -42.30
CA SER E 177 79.77 -66.61 -42.22
C SER E 177 78.61 -67.46 -42.72
N SER E 178 78.90 -68.36 -43.66
CA SER E 178 77.91 -69.26 -44.23
C SER E 178 78.24 -70.68 -43.80
N THR E 179 77.27 -71.34 -43.19
CA THR E 179 77.44 -72.67 -42.64
C THR E 179 76.52 -73.65 -43.37
N LEU E 180 77.06 -74.78 -43.79
CA LEU E 180 76.30 -75.84 -44.44
C LEU E 180 76.48 -77.11 -43.64
N THR E 181 75.38 -77.69 -43.17
CA THR E 181 75.39 -78.84 -42.29
C THR E 181 74.86 -80.06 -43.03
N LEU E 182 75.52 -81.21 -42.85
CA LEU E 182 75.11 -82.46 -43.46
C LEU E 182 75.38 -83.59 -42.47
N SER E 183 74.83 -84.77 -42.77
CA SER E 183 75.10 -85.97 -42.00
C SER E 183 76.26 -86.73 -42.63
N LYS E 184 76.65 -87.83 -41.97
CA LYS E 184 77.75 -88.65 -42.48
C LYS E 184 77.40 -89.24 -43.85
N ALA E 185 76.17 -89.73 -44.01
CA ALA E 185 75.74 -90.21 -45.32
C ALA E 185 75.65 -89.06 -46.32
N ASP E 186 75.23 -87.88 -45.86
CA ASP E 186 75.14 -86.72 -46.73
C ASP E 186 76.50 -86.10 -47.02
N TYR E 187 77.52 -86.43 -46.23
CA TYR E 187 78.84 -85.85 -46.43
C TYR E 187 79.70 -86.74 -47.34
N GLU E 188 79.59 -88.06 -47.17
CA GLU E 188 80.41 -89.01 -47.92
C GLU E 188 79.83 -89.37 -49.28
N LYS E 189 78.67 -88.83 -49.65
CA LYS E 189 78.06 -89.14 -50.94
C LYS E 189 78.39 -88.10 -52.01
N HIS E 190 79.31 -87.18 -51.72
CA HIS E 190 79.74 -86.19 -52.69
C HIS E 190 81.24 -86.00 -52.59
N LYS E 191 81.80 -85.31 -53.58
CA LYS E 191 83.24 -85.21 -53.76
C LYS E 191 83.77 -83.81 -53.51
N VAL E 192 83.20 -82.80 -54.16
CA VAL E 192 83.71 -81.42 -54.08
C VAL E 192 82.60 -80.52 -53.55
N TYR E 193 82.99 -79.58 -52.68
CA TYR E 193 82.06 -78.61 -52.11
C TYR E 193 82.58 -77.20 -52.35
N ALA E 194 81.67 -76.26 -52.58
CA ALA E 194 82.07 -74.92 -52.95
C ALA E 194 81.07 -73.90 -52.42
N CYS E 195 81.53 -72.65 -52.31
CA CYS E 195 80.63 -71.53 -52.13
C CYS E 195 81.05 -70.39 -53.04
N GLU E 196 80.04 -69.73 -53.61
CA GLU E 196 80.21 -68.67 -54.59
C GLU E 196 79.71 -67.35 -54.01
N VAL E 197 80.50 -66.29 -54.26
CA VAL E 197 80.22 -64.96 -53.74
C VAL E 197 79.95 -64.01 -54.90
N THR E 198 78.88 -63.24 -54.78
CA THR E 198 78.54 -62.15 -55.69
C THR E 198 78.38 -60.88 -54.88
N HIS E 199 79.09 -59.83 -55.29
CA HIS E 199 79.11 -58.58 -54.54
C HIS E 199 79.27 -57.42 -55.51
N GLN E 200 78.88 -56.23 -55.04
CA GLN E 200 79.03 -55.03 -55.87
C GLN E 200 80.51 -54.73 -56.13
N GLY E 201 81.36 -54.96 -55.14
CA GLY E 201 82.78 -54.69 -55.29
C GLY E 201 83.54 -55.67 -56.15
N LEU E 202 82.91 -56.79 -56.53
CA LEU E 202 83.53 -57.80 -57.38
C LEU E 202 82.98 -57.67 -58.79
N SER E 203 83.88 -57.67 -59.77
CA SER E 203 83.45 -57.54 -61.16
C SER E 203 82.57 -58.72 -61.58
N SER E 204 82.95 -59.93 -61.20
CA SER E 204 82.20 -61.13 -61.51
C SER E 204 82.07 -62.00 -60.27
N PRO E 205 80.99 -62.79 -60.18
CA PRO E 205 80.89 -63.76 -59.08
C PRO E 205 82.08 -64.71 -59.10
N VAL E 206 82.60 -65.01 -57.90
CA VAL E 206 83.81 -65.81 -57.76
C VAL E 206 83.51 -66.96 -56.82
N THR E 207 83.93 -68.17 -57.20
CA THR E 207 83.65 -69.38 -56.45
C THR E 207 84.93 -69.91 -55.82
N LYS E 208 84.86 -70.27 -54.53
CA LYS E 208 85.89 -71.06 -53.87
C LYS E 208 85.39 -72.47 -53.69
N SER E 209 86.15 -73.44 -54.22
CA SER E 209 85.82 -74.85 -54.16
C SER E 209 86.93 -75.61 -53.47
N PHE E 210 86.58 -76.78 -52.93
CA PHE E 210 87.56 -77.64 -52.27
C PHE E 210 87.12 -79.08 -52.42
N ASN E 211 88.11 -79.98 -52.40
CA ASN E 211 87.90 -81.41 -52.51
C ASN E 211 88.21 -82.06 -51.17
N ARG E 212 87.25 -82.84 -50.65
CA ARG E 212 87.49 -83.55 -49.40
C ARG E 212 88.45 -84.72 -49.60
N GLY E 213 88.43 -85.35 -50.77
CA GLY E 213 89.39 -86.41 -51.04
C GLY E 213 90.81 -85.89 -51.15
N GLU E 214 90.99 -84.77 -51.85
CA GLU E 214 92.34 -84.22 -52.01
C GLU E 214 92.85 -83.58 -50.73
N CYS E 215 92.02 -82.81 -50.05
CA CYS E 215 92.44 -82.09 -48.86
C CYS E 215 91.39 -82.14 -47.75
N GLN F 1 -60.17 12.67 4.24
CA GLN F 1 -61.26 13.49 4.77
C GLN F 1 -60.76 14.48 5.81
N CYS F 2 -60.66 15.75 5.43
CA CYS F 2 -60.26 16.80 6.34
C CYS F 2 -61.19 17.99 6.23
N VAL F 3 -61.39 18.65 7.37
CA VAL F 3 -62.27 19.81 7.48
C VAL F 3 -61.44 20.96 8.04
N ASN F 4 -61.28 22.02 7.26
CA ASN F 4 -60.54 23.18 7.73
C ASN F 4 -61.37 23.94 8.74
N LEU F 5 -60.73 24.44 9.79
CA LEU F 5 -61.39 25.13 10.88
C LEU F 5 -61.14 26.63 10.74
N THR F 6 -62.19 27.39 10.41
CA THR F 6 -62.05 28.79 10.04
C THR F 6 -62.98 29.71 10.84
N THR F 7 -63.54 29.25 11.96
CA THR F 7 -64.30 30.12 12.85
C THR F 7 -63.46 30.58 14.04
N ARG F 8 -62.14 30.59 13.89
CA ARG F 8 -61.23 30.89 14.97
C ARG F 8 -61.14 32.39 15.21
N THR F 9 -60.61 32.75 16.37
CA THR F 9 -60.32 34.14 16.72
C THR F 9 -58.82 34.33 16.76
N GLN F 10 -58.35 35.43 16.16
CA GLN F 10 -56.92 35.66 16.02
C GLN F 10 -56.34 36.24 17.30
N LEU F 11 -55.26 35.62 17.79
CA LEU F 11 -54.61 36.05 19.02
C LEU F 11 -53.22 35.44 19.08
N PRO F 12 -52.17 36.25 19.28
CA PRO F 12 -50.82 35.67 19.39
C PRO F 12 -50.69 34.88 20.68
N PRO F 13 -49.87 33.82 20.68
CA PRO F 13 -49.70 33.03 21.91
C PRO F 13 -49.00 33.82 23.00
N ALA F 14 -49.28 33.46 24.24
CA ALA F 14 -48.75 34.17 25.38
C ALA F 14 -47.39 33.60 25.78
N TYR F 15 -46.80 34.20 26.81
CA TYR F 15 -45.56 33.70 27.39
C TYR F 15 -45.71 33.66 28.90
N THR F 16 -45.07 32.67 29.53
CA THR F 16 -45.15 32.57 30.97
C THR F 16 -43.82 32.03 31.52
N ASN F 17 -43.72 32.01 32.84
CA ASN F 17 -42.49 31.68 33.55
C ASN F 17 -42.39 30.18 33.81
N SER F 18 -41.25 29.60 33.45
CA SER F 18 -41.03 28.18 33.62
C SER F 18 -40.83 27.77 35.08
N PHE F 19 -40.41 28.71 35.93
CA PHE F 19 -40.07 28.44 37.33
C PHE F 19 -38.98 27.37 37.36
N THR F 20 -39.13 26.30 38.15
CA THR F 20 -38.12 25.25 38.27
C THR F 20 -38.64 23.93 37.73
N ARG F 21 -39.61 23.98 36.82
CA ARG F 21 -40.26 22.78 36.32
C ARG F 21 -39.49 22.22 35.12
N GLY F 22 -39.48 20.90 35.04
CA GLY F 22 -38.87 20.21 33.92
C GLY F 22 -37.63 19.41 34.23
N VAL F 23 -37.48 18.90 35.45
CA VAL F 23 -36.31 18.09 35.80
C VAL F 23 -36.70 16.62 35.80
N TYR F 24 -35.95 15.81 35.07
CA TYR F 24 -36.22 14.39 34.94
C TYR F 24 -35.03 13.58 35.42
N TYR F 25 -35.22 12.27 35.52
CA TYR F 25 -34.16 11.37 35.97
C TYR F 25 -33.23 11.06 34.80
N PRO F 26 -31.95 11.43 34.87
CA PRO F 26 -31.07 11.26 33.71
C PRO F 26 -30.58 9.84 33.48
N ASP F 27 -30.83 8.92 34.40
CA ASP F 27 -30.38 7.54 34.23
C ASP F 27 -31.15 6.63 35.20
N LYS F 28 -30.79 5.35 35.17
CA LYS F 28 -31.48 4.33 35.94
C LYS F 28 -30.68 3.86 37.16
N VAL F 29 -29.95 4.78 37.79
CA VAL F 29 -29.05 4.44 38.89
C VAL F 29 -29.68 4.90 40.20
N PHE F 30 -29.62 4.04 41.21
CA PHE F 30 -30.12 4.40 42.54
C PHE F 30 -29.06 5.15 43.32
N ARG F 31 -29.45 6.27 43.92
CA ARG F 31 -28.57 7.05 44.77
C ARG F 31 -29.36 7.47 46.00
N SER F 32 -28.70 7.48 47.15
CA SER F 32 -29.37 7.79 48.41
C SER F 32 -28.59 8.88 49.14
N SER F 33 -29.28 9.98 49.45
CA SER F 33 -28.73 11.06 50.27
C SER F 33 -27.43 11.62 49.67
N VAL F 34 -27.50 12.03 48.40
CA VAL F 34 -26.30 12.41 47.66
C VAL F 34 -26.58 13.63 46.81
N LEU F 35 -25.59 14.51 46.72
CA LEU F 35 -25.61 15.64 45.80
C LEU F 35 -24.78 15.25 44.59
N HIS F 36 -25.42 15.15 43.43
CA HIS F 36 -24.77 14.63 42.23
C HIS F 36 -24.83 15.66 41.11
N SER F 37 -23.70 15.86 40.43
CA SER F 37 -23.58 16.84 39.37
C SER F 37 -23.67 16.13 38.03
N THR F 38 -24.58 16.60 37.16
CA THR F 38 -24.80 15.98 35.86
C THR F 38 -24.94 17.04 34.79
N GLN F 39 -24.39 16.76 33.61
CA GLN F 39 -24.46 17.68 32.47
C GLN F 39 -25.29 17.03 31.38
N ASP F 40 -26.41 17.66 31.01
CA ASP F 40 -27.36 17.01 30.12
C ASP F 40 -28.29 18.09 29.53
N LEU F 41 -29.21 17.65 28.68
CA LEU F 41 -30.20 18.53 28.05
C LEU F 41 -31.32 18.79 29.05
N PHE F 42 -31.44 20.04 29.49
CA PHE F 42 -32.40 20.42 30.51
C PHE F 42 -33.12 21.69 30.08
N LEU F 43 -34.25 21.95 30.74
CA LEU F 43 -34.97 23.20 30.56
C LEU F 43 -34.52 24.20 31.62
N PRO F 44 -33.90 25.31 31.21
CA PRO F 44 -33.31 26.24 32.19
C PRO F 44 -34.35 26.83 33.13
N PHE F 45 -33.89 27.13 34.34
CA PHE F 45 -34.78 27.69 35.36
C PHE F 45 -35.22 29.09 34.98
N PHE F 46 -36.49 29.40 35.28
CA PHE F 46 -37.05 30.74 35.07
C PHE F 46 -36.95 31.18 33.62
N SER F 47 -37.21 30.24 32.71
CA SER F 47 -37.21 30.57 31.29
C SER F 47 -38.61 30.96 30.84
N ASN F 48 -38.72 31.34 29.57
CA ASN F 48 -39.97 31.83 29.00
C ASN F 48 -40.55 30.74 28.12
N VAL F 49 -41.71 30.22 28.50
CA VAL F 49 -42.36 29.13 27.77
C VAL F 49 -43.63 29.65 27.11
N THR F 50 -43.90 29.18 25.91
CA THR F 50 -45.04 29.67 25.13
C THR F 50 -46.32 29.06 25.65
N TRP F 51 -47.38 29.88 25.67
CA TRP F 51 -48.68 29.51 26.20
C TRP F 51 -49.71 29.51 25.07
N PHE F 52 -50.41 28.39 24.91
CA PHE F 52 -51.44 28.22 23.90
C PHE F 52 -52.76 27.86 24.58
N HIS F 53 -53.85 28.41 24.05
CA HIS F 53 -55.18 28.27 24.63
C HIS F 53 -56.10 27.51 23.69
N ALA F 54 -57.21 27.04 24.26
CA ALA F 54 -58.32 26.46 23.52
C ALA F 54 -59.57 26.74 24.35
N ILE F 55 -60.33 27.75 23.93
CA ILE F 55 -61.46 28.25 24.69
C ILE F 55 -62.43 28.91 23.74
N HIS F 56 -63.69 29.04 24.17
CA HIS F 56 -64.71 29.70 23.38
C HIS F 56 -65.23 30.95 24.07
N LYS F 64 -63.48 32.24 21.00
CA LYS F 64 -63.26 31.02 20.22
C LYS F 64 -61.80 30.86 19.84
N ARG F 65 -61.06 30.10 20.65
CA ARG F 65 -59.64 29.87 20.43
C ARG F 65 -59.38 28.39 20.20
N PHE F 66 -58.55 28.08 19.21
CA PHE F 66 -58.17 26.70 18.89
C PHE F 66 -56.73 26.77 18.37
N ASP F 67 -55.78 26.57 19.29
CA ASP F 67 -54.36 26.69 18.98
C ASP F 67 -53.83 25.33 18.52
N ASN F 68 -53.36 25.28 17.28
CA ASN F 68 -52.71 24.11 16.71
C ASN F 68 -51.67 24.56 15.68
N PRO F 69 -50.56 25.17 16.12
CA PRO F 69 -49.49 25.51 15.16
C PRO F 69 -48.70 24.29 14.71
N VAL F 70 -47.65 24.53 13.95
CA VAL F 70 -46.61 23.53 13.69
C VAL F 70 -45.33 24.05 14.33
N LEU F 71 -44.96 23.47 15.48
CA LEU F 71 -43.85 23.97 16.27
C LEU F 71 -42.59 23.16 16.01
N PRO F 72 -41.42 23.78 16.07
CA PRO F 72 -40.17 23.04 15.89
C PRO F 72 -39.90 22.11 17.06
N PHE F 73 -39.09 21.09 16.79
CA PHE F 73 -38.69 20.13 17.81
C PHE F 73 -37.38 20.53 18.48
N ASN F 74 -36.45 21.09 17.71
CA ASN F 74 -35.12 21.50 18.21
C ASN F 74 -34.43 20.26 18.78
N ASP F 75 -33.84 20.35 19.97
CA ASP F 75 -33.14 19.20 20.54
C ASP F 75 -34.02 18.36 21.46
N GLY F 76 -35.12 18.92 21.94
CA GLY F 76 -36.00 18.22 22.84
C GLY F 76 -37.09 19.15 23.30
N VAL F 77 -38.19 18.62 23.82
CA VAL F 77 -39.37 19.44 24.08
C VAL F 77 -39.88 19.14 25.48
N TYR F 78 -40.17 20.20 26.24
CA TYR F 78 -40.94 20.10 27.46
C TYR F 78 -42.37 20.52 27.15
N PHE F 79 -43.32 19.66 27.47
CA PHE F 79 -44.73 19.86 27.15
C PHE F 79 -45.50 19.81 28.46
N ALA F 80 -46.26 20.85 28.75
CA ALA F 80 -47.13 20.83 29.91
C ALA F 80 -48.56 21.09 29.48
N SER F 81 -49.49 20.43 30.14
CA SER F 81 -50.92 20.59 29.82
C SER F 81 -51.69 20.71 31.12
N THR F 82 -52.39 21.82 31.30
CA THR F 82 -53.30 21.95 32.44
C THR F 82 -54.68 21.56 31.93
N GLU F 83 -55.23 20.48 32.47
CA GLU F 83 -56.27 19.75 31.77
C GLU F 83 -57.41 19.39 32.71
N LYS F 84 -58.61 19.36 32.13
CA LYS F 84 -59.79 18.74 32.68
C LYS F 84 -60.66 18.28 31.52
N SER F 85 -61.31 17.13 31.70
CA SER F 85 -62.22 16.52 30.71
C SER F 85 -61.51 16.06 29.44
N ASN F 86 -60.19 15.92 29.48
CA ASN F 86 -59.42 15.12 28.50
C ASN F 86 -59.62 15.62 27.06
N ILE F 87 -59.14 16.83 26.81
CA ILE F 87 -59.12 17.35 25.44
C ILE F 87 -57.83 16.99 24.73
N ILE F 88 -56.67 17.14 25.40
CA ILE F 88 -55.39 16.84 24.77
C ILE F 88 -55.26 15.34 24.55
N ARG F 89 -54.83 14.94 23.36
CA ARG F 89 -54.86 13.53 22.97
C ARG F 89 -53.51 12.94 22.57
N GLY F 90 -52.70 13.63 21.79
CA GLY F 90 -51.49 13.01 21.30
C GLY F 90 -50.67 13.96 20.43
N TRP F 91 -49.72 13.39 19.71
CA TRP F 91 -48.72 14.19 19.02
C TRP F 91 -48.29 13.53 17.71
N ILE F 92 -47.82 14.38 16.81
CA ILE F 92 -47.27 14.02 15.51
C ILE F 92 -45.83 14.48 15.49
N PHE F 93 -44.93 13.64 14.98
CA PHE F 93 -43.53 14.01 14.88
C PHE F 93 -43.00 13.68 13.50
N GLY F 94 -42.14 14.54 12.98
CA GLY F 94 -41.50 14.23 11.72
C GLY F 94 -40.85 15.46 11.12
N THR F 95 -40.53 15.36 9.83
CA THR F 95 -39.89 16.45 9.10
C THR F 95 -40.85 17.18 8.18
N THR F 96 -41.48 16.47 7.25
CA THR F 96 -42.43 17.08 6.33
C THR F 96 -43.88 16.71 6.62
N LEU F 97 -44.11 15.70 7.45
CA LEU F 97 -45.46 15.28 7.84
C LEU F 97 -46.32 14.94 6.63
N ASP F 98 -45.71 14.26 5.65
CA ASP F 98 -46.44 13.79 4.47
C ASP F 98 -45.88 12.42 4.09
N SER F 99 -46.34 11.90 2.95
CA SER F 99 -45.91 10.58 2.50
C SER F 99 -44.48 10.56 1.99
N LYS F 100 -43.90 11.73 1.71
CA LYS F 100 -42.52 11.77 1.21
C LYS F 100 -41.54 11.29 2.26
N THR F 101 -41.75 11.63 3.52
CA THR F 101 -40.87 11.28 4.61
C THR F 101 -41.55 10.30 5.55
N GLN F 102 -40.80 9.86 6.56
CA GLN F 102 -41.28 8.92 7.57
C GLN F 102 -41.69 9.70 8.82
N SER F 103 -42.82 9.33 9.41
CA SER F 103 -43.41 10.10 10.49
C SER F 103 -43.81 9.19 11.64
N LEU F 104 -43.84 9.78 12.85
CA LEU F 104 -44.21 9.11 14.07
C LEU F 104 -45.53 9.69 14.57
N LEU F 105 -46.41 8.82 15.06
CA LEU F 105 -47.75 9.18 15.49
C LEU F 105 -48.01 8.57 16.85
N ILE F 106 -48.48 9.37 17.80
CA ILE F 106 -48.88 8.88 19.11
C ILE F 106 -50.28 9.39 19.39
N VAL F 107 -51.22 8.47 19.63
CA VAL F 107 -52.61 8.84 19.89
C VAL F 107 -53.11 8.10 21.12
N ASN F 108 -54.10 8.71 21.77
CA ASN F 108 -54.82 8.11 22.90
C ASN F 108 -56.30 8.38 22.62
N ASN F 109 -56.96 7.43 21.96
CA ASN F 109 -58.40 7.52 21.76
C ASN F 109 -59.10 7.04 23.02
N ALA F 110 -60.41 6.80 22.95
CA ALA F 110 -61.14 6.35 24.13
C ALA F 110 -60.81 4.91 24.52
N THR F 111 -59.92 4.23 23.79
CA THR F 111 -59.61 2.83 24.05
C THR F 111 -58.21 2.64 24.62
N ASN F 112 -57.17 3.06 23.90
CA ASN F 112 -55.80 2.79 24.34
C ASN F 112 -54.83 3.71 23.59
N VAL F 113 -53.56 3.61 23.96
CA VAL F 113 -52.49 4.42 23.37
C VAL F 113 -51.84 3.64 22.24
N VAL F 114 -51.82 4.25 21.06
CA VAL F 114 -51.28 3.64 19.85
C VAL F 114 -50.10 4.50 19.38
N ILE F 115 -48.97 3.85 19.15
CA ILE F 115 -47.78 4.49 18.62
C ILE F 115 -47.46 3.81 17.30
N LYS F 116 -47.34 4.60 16.24
CA LYS F 116 -47.11 4.06 14.90
C LYS F 116 -46.03 4.86 14.19
N VAL F 117 -45.17 4.17 13.45
CA VAL F 117 -44.19 4.80 12.59
C VAL F 117 -44.56 4.46 11.15
N CYS F 118 -45.07 5.44 10.41
CA CYS F 118 -45.53 5.22 9.05
C CYS F 118 -45.34 6.49 8.24
N GLU F 119 -45.49 6.36 6.93
CA GLU F 119 -45.46 7.51 6.03
C GLU F 119 -46.90 7.93 5.77
N PHE F 120 -47.50 8.55 6.78
CA PHE F 120 -48.88 9.00 6.69
C PHE F 120 -49.00 10.14 5.68
N GLN F 121 -50.24 10.46 5.31
CA GLN F 121 -50.52 11.68 4.57
C GLN F 121 -51.25 12.62 5.51
N PHE F 122 -50.48 13.41 6.25
CA PHE F 122 -51.06 14.33 7.20
C PHE F 122 -51.56 15.59 6.48
N CYS F 123 -52.81 15.93 6.75
CA CYS F 123 -53.37 17.14 6.19
C CYS F 123 -53.25 18.31 7.18
N ASN F 124 -53.63 19.50 6.72
CA ASN F 124 -53.28 20.72 7.44
C ASN F 124 -53.94 20.80 8.82
N ASP F 125 -55.13 20.22 8.98
CA ASP F 125 -55.88 20.33 10.22
C ASP F 125 -56.30 18.95 10.72
N PRO F 126 -55.37 18.19 11.30
CA PRO F 126 -55.75 16.91 11.92
C PRO F 126 -56.35 17.14 13.30
N PHE F 127 -57.35 16.34 13.63
CA PHE F 127 -58.02 16.49 14.91
C PHE F 127 -58.91 15.28 15.21
N LEU F 128 -59.49 15.31 16.41
CA LEU F 128 -60.48 14.36 16.86
C LEU F 128 -61.78 15.08 17.19
N GLY F 129 -62.84 14.31 17.34
CA GLY F 129 -64.14 14.88 17.65
C GLY F 129 -65.02 13.95 18.46
N VAL F 130 -65.66 14.48 19.48
CA VAL F 130 -66.51 13.69 20.38
C VAL F 130 -67.91 14.27 20.32
N TYR F 131 -68.90 13.40 20.08
CA TYR F 131 -70.28 13.83 19.91
C TYR F 131 -71.05 13.60 21.20
N TYR F 132 -71.81 14.60 21.63
CA TYR F 132 -72.61 14.50 22.85
C TYR F 132 -74.09 14.74 22.56
N MET F 140 -69.78 10.61 23.02
CA MET F 140 -68.91 9.54 22.55
C MET F 140 -68.09 9.97 21.33
N GLU F 141 -66.89 9.41 21.22
CA GLU F 141 -65.95 9.78 20.18
C GLU F 141 -66.29 9.05 18.90
N SER F 142 -66.62 9.80 17.85
CA SER F 142 -66.96 9.20 16.57
C SER F 142 -66.38 9.99 15.39
N GLU F 143 -65.27 10.68 15.60
CA GLU F 143 -64.66 11.46 14.51
C GLU F 143 -63.15 11.46 14.68
N PHE F 144 -62.45 10.96 13.65
CA PHE F 144 -61.00 10.80 13.66
C PHE F 144 -60.49 11.29 12.32
N ARG F 145 -60.08 12.57 12.25
CA ARG F 145 -59.76 13.18 10.96
C ARG F 145 -58.32 13.68 11.04
N VAL F 146 -57.37 12.77 10.82
CA VAL F 146 -55.95 13.04 11.04
C VAL F 146 -55.14 12.87 9.77
N TYR F 147 -55.24 11.71 9.12
CA TYR F 147 -54.47 11.41 7.93
C TYR F 147 -55.38 10.79 6.88
N SER F 148 -54.85 10.68 5.66
CA SER F 148 -55.58 10.06 4.57
C SER F 148 -54.93 8.79 4.04
N SER F 149 -53.67 8.51 4.42
CA SER F 149 -53.01 7.30 3.93
C SER F 149 -52.00 6.84 4.96
N ALA F 150 -51.61 5.56 4.85
CA ALA F 150 -50.52 5.01 5.64
C ALA F 150 -49.99 3.79 4.89
N ASN F 151 -48.87 3.95 4.19
CA ASN F 151 -48.40 2.92 3.27
C ASN F 151 -47.27 2.06 3.83
N ASN F 152 -46.15 2.66 4.22
CA ASN F 152 -44.98 1.93 4.67
C ASN F 152 -44.86 2.11 6.18
N CYS F 153 -45.24 1.07 6.94
CA CYS F 153 -45.19 1.09 8.39
C CYS F 153 -44.08 0.15 8.86
N THR F 154 -43.25 0.63 9.78
CA THR F 154 -42.11 -0.12 10.29
C THR F 154 -42.25 -0.48 11.76
N PHE F 155 -42.99 0.30 12.54
CA PHE F 155 -43.07 0.11 13.98
C PHE F 155 -44.50 0.33 14.46
N GLU F 156 -44.99 -0.58 15.29
CA GLU F 156 -46.24 -0.40 16.00
C GLU F 156 -46.03 -0.75 17.46
N TYR F 157 -46.72 -0.04 18.35
CA TYR F 157 -46.61 -0.30 19.78
C TYR F 157 -47.89 0.15 20.45
N VAL F 158 -48.63 -0.79 21.03
CA VAL F 158 -49.81 -0.49 21.81
C VAL F 158 -49.41 -0.51 23.28
N SER F 159 -49.81 0.52 24.02
CA SER F 159 -49.41 0.64 25.42
C SER F 159 -50.65 0.87 26.28
N GLN F 160 -50.44 1.01 27.57
CA GLN F 160 -51.49 1.40 28.49
C GLN F 160 -51.82 2.88 28.30
N PRO F 161 -53.01 3.31 28.70
CA PRO F 161 -53.35 4.74 28.60
C PRO F 161 -52.41 5.58 29.44
N PHE F 162 -51.78 6.58 28.80
CA PHE F 162 -50.95 7.53 29.54
C PHE F 162 -51.78 8.33 30.52
N LEU F 163 -52.96 8.78 30.09
CA LEU F 163 -53.80 9.66 30.88
C LEU F 163 -54.77 8.86 31.73
N ASN F 172 -62.56 25.20 36.57
CA ASN F 172 -61.25 25.16 37.18
C ASN F 172 -60.49 23.90 36.76
N PHE F 173 -59.24 24.09 36.34
CA PHE F 173 -58.40 22.96 35.94
C PHE F 173 -58.05 22.11 37.15
N LYS F 174 -57.95 20.80 36.95
CA LYS F 174 -57.70 19.86 38.03
C LYS F 174 -56.48 18.99 37.84
N ASN F 175 -56.01 18.78 36.61
CA ASN F 175 -54.87 17.91 36.37
C ASN F 175 -53.75 18.68 35.69
N LEU F 176 -52.50 18.29 35.98
CA LEU F 176 -51.33 18.80 35.28
C LEU F 176 -50.55 17.62 34.73
N ARG F 177 -50.29 17.64 33.43
CA ARG F 177 -49.58 16.56 32.76
C ARG F 177 -48.31 17.11 32.16
N GLU F 178 -47.16 16.59 32.60
CA GLU F 178 -45.86 17.05 32.14
C GLU F 178 -45.17 15.94 31.38
N PHE F 179 -44.56 16.29 30.25
CA PHE F 179 -43.89 15.34 29.38
C PHE F 179 -42.58 15.95 28.89
N VAL F 180 -41.58 15.10 28.70
CA VAL F 180 -40.31 15.48 28.12
C VAL F 180 -40.03 14.52 26.98
N PHE F 181 -39.84 15.06 25.77
CA PHE F 181 -39.56 14.26 24.59
C PHE F 181 -38.12 14.52 24.16
N LYS F 182 -37.36 13.44 23.99
CA LYS F 182 -35.99 13.50 23.48
C LYS F 182 -35.80 12.46 22.40
N ASN F 183 -34.80 12.68 21.55
CA ASN F 183 -34.49 11.80 20.42
C ASN F 183 -32.98 11.68 20.30
N ILE F 184 -32.41 10.58 20.79
CA ILE F 184 -30.96 10.37 20.81
C ILE F 184 -30.64 8.98 20.27
N ASP F 185 -29.61 8.91 19.40
CA ASP F 185 -29.11 7.70 18.73
C ASP F 185 -30.21 6.69 18.42
N GLY F 186 -31.13 7.09 17.53
CA GLY F 186 -32.18 6.21 17.05
C GLY F 186 -33.21 5.81 18.07
N TYR F 187 -33.23 6.45 19.23
CA TYR F 187 -34.08 6.07 20.34
C TYR F 187 -34.89 7.28 20.77
N PHE F 188 -36.20 7.11 20.85
CA PHE F 188 -37.12 8.16 21.27
C PHE F 188 -37.45 7.95 22.74
N LYS F 189 -37.01 8.86 23.59
CA LYS F 189 -37.25 8.78 25.03
C LYS F 189 -38.39 9.71 25.42
N ILE F 190 -39.30 9.19 26.24
CA ILE F 190 -40.45 9.93 26.74
C ILE F 190 -40.48 9.80 28.25
N TYR F 191 -40.40 10.94 28.93
CA TYR F 191 -40.53 11.03 30.38
C TYR F 191 -41.84 11.73 30.69
N SER F 192 -42.46 11.40 31.82
CA SER F 192 -43.78 11.93 32.10
C SER F 192 -44.01 12.02 33.60
N LYS F 193 -45.01 12.83 33.97
CA LYS F 193 -45.43 12.98 35.36
C LYS F 193 -46.83 13.57 35.39
N HIS F 194 -47.65 13.08 36.30
CA HIS F 194 -49.00 13.56 36.52
C HIS F 194 -49.10 14.17 37.91
N THR F 195 -49.61 15.40 37.99
CA THR F 195 -49.65 16.14 39.24
C THR F 195 -51.06 16.66 39.47
N PRO F 196 -51.63 16.45 40.67
CA PRO F 196 -52.94 17.03 40.98
C PRO F 196 -52.79 18.48 41.43
N ILE F 197 -53.45 19.39 40.74
CA ILE F 197 -53.38 20.81 41.02
C ILE F 197 -54.79 21.39 41.06
N ASN F 198 -54.88 22.60 41.62
CA ASN F 198 -56.15 23.33 41.70
C ASN F 198 -55.97 24.79 41.34
N LEU F 199 -54.94 25.10 40.54
CA LEU F 199 -54.62 26.47 40.17
C LEU F 199 -55.41 26.85 38.93
N VAL F 200 -55.76 28.14 38.84
CA VAL F 200 -56.73 28.58 37.84
C VAL F 200 -56.08 28.70 36.47
N ARG F 201 -55.02 29.48 36.34
CA ARG F 201 -54.53 29.86 35.02
C ARG F 201 -53.12 29.39 34.70
N ASP F 202 -52.13 29.72 35.53
CA ASP F 202 -50.73 29.61 35.14
C ASP F 202 -50.10 28.33 35.70
N LEU F 203 -48.85 28.10 35.30
CA LEU F 203 -48.10 26.94 35.77
C LEU F 203 -47.88 27.03 37.27
N PRO F 204 -48.04 25.94 38.00
CA PRO F 204 -47.78 25.98 39.45
C PRO F 204 -46.30 26.18 39.74
N GLN F 205 -46.03 26.64 40.95
CA GLN F 205 -44.67 26.89 41.41
C GLN F 205 -44.28 25.78 42.39
N GLY F 206 -43.46 24.85 41.93
CA GLY F 206 -43.07 23.73 42.78
C GLY F 206 -42.06 22.86 42.06
N PHE F 207 -41.62 21.82 42.76
CA PHE F 207 -40.62 20.90 42.23
C PHE F 207 -41.19 19.49 42.17
N SER F 208 -40.92 18.80 41.05
CA SER F 208 -41.35 17.42 40.86
C SER F 208 -40.49 16.82 39.74
N ALA F 209 -39.90 15.67 40.00
CA ALA F 209 -39.05 15.02 39.01
C ALA F 209 -39.87 14.12 38.10
N LEU F 210 -39.48 14.03 36.84
CA LEU F 210 -40.23 13.29 35.82
C LEU F 210 -39.60 11.93 35.60
N GLU F 211 -40.26 10.89 36.11
CA GLU F 211 -39.78 9.52 36.00
C GLU F 211 -39.93 9.02 34.56
N PRO F 212 -38.98 8.22 34.07
CA PRO F 212 -39.05 7.77 32.67
C PRO F 212 -40.31 6.96 32.42
N LEU F 213 -40.95 7.22 31.28
CA LEU F 213 -42.18 6.53 30.92
C LEU F 213 -41.93 5.44 29.89
N VAL F 214 -41.25 5.75 28.78
CA VAL F 214 -41.06 4.76 27.74
C VAL F 214 -39.88 5.15 26.86
N ASP F 215 -39.26 4.15 26.25
CA ASP F 215 -38.21 4.34 25.26
C ASP F 215 -38.58 3.51 24.04
N LEU F 216 -38.39 4.09 22.84
CA LEU F 216 -38.82 3.45 21.61
C LEU F 216 -37.69 3.39 20.60
N PRO F 217 -37.32 2.22 20.10
CA PRO F 217 -36.28 2.13 19.06
C PRO F 217 -36.86 2.33 17.66
N ILE F 218 -37.13 3.59 17.31
CA ILE F 218 -37.75 3.88 16.01
C ILE F 218 -36.70 4.31 15.00
N GLY F 219 -35.73 5.13 15.41
CA GLY F 219 -34.65 5.51 14.52
C GLY F 219 -35.05 6.37 13.34
N ILE F 220 -35.87 7.39 13.56
CA ILE F 220 -36.26 8.33 12.51
C ILE F 220 -35.79 9.72 12.91
N ASN F 221 -35.66 10.59 11.91
CA ASN F 221 -35.25 11.96 12.14
C ASN F 221 -36.47 12.85 12.32
N ILE F 222 -36.46 13.68 13.36
CA ILE F 222 -37.59 14.53 13.72
C ILE F 222 -37.10 15.96 13.84
N THR F 223 -37.82 16.89 13.18
CA THR F 223 -37.54 18.31 13.32
C THR F 223 -38.75 19.14 13.68
N ARG F 224 -39.96 18.60 13.58
CA ARG F 224 -41.19 19.34 13.81
C ARG F 224 -42.21 18.42 14.47
N PHE F 225 -43.12 19.02 15.21
CA PHE F 225 -44.14 18.25 15.91
C PHE F 225 -45.44 19.03 15.95
N GLN F 226 -46.51 18.29 16.21
CA GLN F 226 -47.89 18.78 16.15
C GLN F 226 -48.70 18.20 17.29
N THR F 227 -49.50 19.03 17.95
CA THR F 227 -50.38 18.54 19.01
C THR F 227 -51.73 18.14 18.40
N LEU F 228 -52.44 17.28 19.12
CA LEU F 228 -53.75 16.80 18.67
C LEU F 228 -54.79 17.06 19.75
N LEU F 229 -55.92 17.63 19.36
CA LEU F 229 -57.00 17.96 20.28
C LEU F 229 -58.28 17.26 19.84
N ALA F 230 -59.28 17.27 20.72
CA ALA F 230 -60.57 16.66 20.45
C ALA F 230 -61.65 17.73 20.55
N LEU F 231 -62.47 17.83 19.49
CA LEU F 231 -63.53 18.82 19.43
C LEU F 231 -64.68 18.46 20.37
N HIS F 232 -65.57 19.42 20.57
CA HIS F 232 -66.82 19.22 21.29
C HIS F 232 -67.95 19.70 20.39
N ARG F 233 -68.83 18.78 20.00
CA ARG F 233 -69.93 19.07 19.09
C ARG F 233 -71.26 18.96 19.82
N SER F 234 -72.22 19.77 19.39
CA SER F 234 -73.56 19.75 19.98
C SER F 234 -74.58 20.35 19.02
N GLY F 244 -71.61 23.61 14.08
CA GLY F 244 -70.17 23.79 14.01
C GLY F 244 -69.42 22.94 15.01
N TRP F 245 -68.35 23.49 15.57
CA TRP F 245 -67.53 22.81 16.54
C TRP F 245 -67.20 23.76 17.69
N THR F 246 -66.94 23.18 18.86
CA THR F 246 -66.60 23.93 20.06
C THR F 246 -65.43 23.25 20.76
N ALA F 247 -64.56 24.05 21.37
CA ALA F 247 -63.40 23.54 22.08
C ALA F 247 -63.55 23.84 23.57
N GLY F 248 -63.42 22.80 24.40
CA GLY F 248 -63.48 22.99 25.82
C GLY F 248 -62.22 23.65 26.37
N ALA F 249 -62.31 24.05 27.64
CA ALA F 249 -61.23 24.79 28.29
C ALA F 249 -59.97 23.93 28.32
N ALA F 250 -58.96 24.33 27.56
CA ALA F 250 -57.69 23.62 27.51
C ALA F 250 -56.56 24.61 27.35
N ALA F 251 -55.42 24.28 27.95
CA ALA F 251 -54.26 25.16 27.88
C ALA F 251 -52.98 24.34 27.97
N TYR F 252 -52.03 24.63 27.10
CA TYR F 252 -50.77 23.92 27.13
C TYR F 252 -49.59 24.85 26.86
N TYR F 253 -48.47 24.50 27.49
CA TYR F 253 -47.26 25.31 27.47
C TYR F 253 -46.14 24.50 26.85
N VAL F 254 -45.28 25.17 26.10
CA VAL F 254 -44.20 24.52 25.36
C VAL F 254 -42.88 25.20 25.71
N GLY F 255 -41.88 24.40 26.06
CA GLY F 255 -40.54 24.90 26.31
C GLY F 255 -39.48 24.03 25.65
N TYR F 256 -38.26 24.52 25.53
CA TYR F 256 -37.21 23.83 24.78
C TYR F 256 -36.00 23.56 25.66
N LEU F 257 -35.28 22.50 25.36
CA LEU F 257 -34.16 22.05 26.17
C LEU F 257 -32.84 22.53 25.57
N GLN F 258 -31.95 23.02 26.44
CA GLN F 258 -30.59 23.35 26.09
C GLN F 258 -29.64 22.55 26.97
N PRO F 259 -28.40 22.33 26.50
CA PRO F 259 -27.44 21.54 27.30
C PRO F 259 -26.81 22.38 28.39
N ARG F 260 -26.83 21.87 29.62
CA ARG F 260 -26.27 22.61 30.74
C ARG F 260 -25.98 21.65 31.89
N THR F 261 -25.33 22.17 32.93
CA THR F 261 -24.92 21.41 34.11
C THR F 261 -25.89 21.71 35.25
N PHE F 262 -26.23 20.67 36.00
CA PHE F 262 -27.21 20.73 37.08
C PHE F 262 -26.65 19.98 38.29
N LEU F 263 -27.13 20.36 39.47
CA LEU F 263 -26.79 19.68 40.71
C LEU F 263 -28.07 19.15 41.33
N LEU F 264 -28.21 17.83 41.39
CA LEU F 264 -29.43 17.18 41.84
C LEU F 264 -29.23 16.62 43.24
N LYS F 265 -30.32 16.58 44.01
CA LYS F 265 -30.32 16.12 45.39
C LYS F 265 -31.16 14.85 45.51
N TYR F 266 -30.56 13.77 46.00
CA TYR F 266 -31.25 12.51 46.23
C TYR F 266 -31.42 12.30 47.73
N ASN F 267 -32.65 12.00 48.14
CA ASN F 267 -32.97 11.77 49.54
C ASN F 267 -32.67 10.31 49.91
N GLU F 268 -33.03 9.92 51.13
CA GLU F 268 -32.68 8.60 51.63
C GLU F 268 -33.45 7.48 50.96
N ASN F 269 -34.58 7.78 50.32
CA ASN F 269 -35.35 6.78 49.60
C ASN F 269 -34.99 6.71 48.12
N GLY F 270 -34.08 7.57 47.65
CA GLY F 270 -33.67 7.53 46.26
C GLY F 270 -34.43 8.41 45.32
N THR F 271 -35.03 9.49 45.81
CA THR F 271 -35.88 10.37 45.00
C THR F 271 -35.23 11.74 44.86
N ILE F 272 -35.22 12.26 43.63
CA ILE F 272 -34.72 13.62 43.39
C ILE F 272 -35.70 14.60 44.00
N THR F 273 -35.23 15.38 44.99
CA THR F 273 -36.10 16.30 45.70
C THR F 273 -35.81 17.76 45.41
N ASP F 274 -34.63 18.10 44.90
CA ASP F 274 -34.31 19.49 44.60
C ASP F 274 -33.15 19.53 43.62
N ALA F 275 -32.96 20.68 42.99
CA ALA F 275 -31.91 20.84 41.99
C ALA F 275 -31.45 22.29 41.97
N VAL F 276 -30.24 22.48 41.43
CA VAL F 276 -29.64 23.81 41.28
C VAL F 276 -29.08 23.91 39.87
N ASP F 277 -29.41 25.01 39.19
CA ASP F 277 -28.88 25.28 37.86
C ASP F 277 -27.51 25.96 38.00
N CYS F 278 -26.49 25.38 37.38
CA CYS F 278 -25.11 25.80 37.62
C CYS F 278 -24.75 27.08 36.86
N ALA F 279 -25.65 27.62 36.04
CA ALA F 279 -25.36 28.79 35.25
C ALA F 279 -26.46 29.85 35.33
N LEU F 280 -27.23 29.86 36.41
CA LEU F 280 -28.30 30.86 36.55
C LEU F 280 -27.76 32.20 37.03
N ASP F 281 -27.19 32.23 38.23
CA ASP F 281 -26.68 33.44 38.85
C ASP F 281 -25.42 33.08 39.63
N PRO F 282 -24.66 34.09 40.09
CA PRO F 282 -23.38 33.77 40.77
C PRO F 282 -23.52 32.94 42.03
N LEU F 283 -24.61 33.10 42.78
CA LEU F 283 -24.83 32.28 43.96
C LEU F 283 -24.96 30.81 43.59
N SER F 284 -25.71 30.53 42.51
CA SER F 284 -25.82 29.16 42.03
C SER F 284 -24.48 28.61 41.56
N GLU F 285 -23.65 29.42 40.91
CA GLU F 285 -22.33 28.97 40.53
C GLU F 285 -21.46 28.65 41.74
N THR F 286 -21.56 29.46 42.80
CA THR F 286 -20.83 29.14 44.03
C THR F 286 -21.30 27.83 44.63
N LYS F 287 -22.61 27.62 44.71
CA LYS F 287 -23.14 26.36 45.22
C LYS F 287 -22.66 25.18 44.38
N CYS F 288 -22.64 25.36 43.06
CA CYS F 288 -22.20 24.32 42.16
C CYS F 288 -20.72 24.01 42.35
N THR F 289 -19.90 25.03 42.58
CA THR F 289 -18.47 24.81 42.80
C THR F 289 -18.21 24.12 44.14
N LEU F 290 -18.92 24.52 45.19
CA LEU F 290 -18.70 23.94 46.50
C LEU F 290 -19.41 22.60 46.70
N LYS F 291 -20.28 22.22 45.76
CA LYS F 291 -21.04 20.97 45.84
C LYS F 291 -21.89 20.92 47.11
N SER F 292 -22.63 21.99 47.37
CA SER F 292 -23.45 22.09 48.56
C SER F 292 -24.65 22.96 48.29
N PHE F 293 -25.71 22.75 49.06
CA PHE F 293 -26.90 23.59 48.99
C PHE F 293 -26.87 24.73 49.99
N THR F 294 -25.88 24.75 50.89
CA THR F 294 -25.68 25.83 51.84
C THR F 294 -24.27 26.36 51.69
N VAL F 295 -24.10 27.67 51.85
CA VAL F 295 -22.82 28.33 51.66
C VAL F 295 -22.54 29.17 52.89
N GLU F 296 -21.33 29.06 53.43
CA GLU F 296 -20.92 29.85 54.57
C GLU F 296 -20.32 31.18 54.14
N LYS F 297 -20.26 32.12 55.07
CA LYS F 297 -19.72 33.44 54.80
C LYS F 297 -18.27 33.36 54.37
N GLY F 298 -17.93 34.08 53.32
CA GLY F 298 -16.57 34.06 52.80
C GLY F 298 -16.53 34.59 51.38
N ILE F 299 -15.38 34.35 50.74
CA ILE F 299 -15.15 34.74 49.36
C ILE F 299 -14.58 33.54 48.63
N TYR F 300 -15.21 33.17 47.52
CA TYR F 300 -14.91 31.91 46.82
C TYR F 300 -14.57 32.22 45.38
N GLN F 301 -13.47 31.66 44.89
CA GLN F 301 -13.07 31.85 43.50
C GLN F 301 -13.82 30.86 42.64
N THR F 302 -14.68 31.36 41.77
CA THR F 302 -15.58 30.51 41.01
C THR F 302 -15.22 30.38 39.53
N SER F 303 -14.79 31.45 38.88
CA SER F 303 -14.70 31.39 37.42
C SER F 303 -13.43 32.08 36.96
N ASN F 304 -13.21 32.06 35.64
CA ASN F 304 -12.07 32.73 35.02
C ASN F 304 -12.60 33.64 33.92
N PHE F 305 -12.23 34.91 33.98
CA PHE F 305 -12.61 35.89 32.97
C PHE F 305 -11.53 36.00 31.91
N ARG F 306 -11.94 36.06 30.66
CA ARG F 306 -11.05 36.05 29.50
C ARG F 306 -11.64 36.89 28.38
N VAL F 307 -10.88 37.89 27.91
CA VAL F 307 -11.32 38.77 26.84
C VAL F 307 -10.93 38.15 25.49
N GLN F 308 -11.82 38.26 24.50
CA GLN F 308 -11.62 37.59 23.22
C GLN F 308 -11.28 38.61 22.15
N PRO F 309 -10.40 38.28 21.20
CA PRO F 309 -10.05 39.25 20.14
C PRO F 309 -11.26 39.60 19.29
N THR F 310 -11.30 40.86 18.86
CA THR F 310 -12.43 41.41 18.10
C THR F 310 -12.21 41.35 16.59
N GLU F 311 -11.06 41.81 16.11
CA GLU F 311 -10.78 41.96 14.69
C GLU F 311 -9.53 41.16 14.32
N SER F 312 -9.07 41.37 13.09
CA SER F 312 -7.80 40.83 12.60
C SER F 312 -7.09 41.92 11.83
N ILE F 313 -5.77 42.02 12.02
CA ILE F 313 -4.95 43.07 11.43
C ILE F 313 -3.78 42.42 10.71
N VAL F 314 -3.55 42.82 9.46
CA VAL F 314 -2.39 42.39 8.68
C VAL F 314 -1.72 43.63 8.11
N ARG F 315 -0.41 43.75 8.31
CA ARG F 315 0.36 44.89 7.82
C ARG F 315 1.63 44.37 7.16
N PHE F 316 1.70 44.52 5.84
CA PHE F 316 2.83 44.08 5.04
C PHE F 316 3.35 45.28 4.26
N PRO F 317 4.64 45.33 3.94
CA PRO F 317 5.27 46.57 3.46
C PRO F 317 4.73 47.00 2.09
N ASN F 318 5.07 48.23 1.72
CA ASN F 318 4.58 48.84 0.49
C ASN F 318 4.97 48.03 -0.73
N ILE F 319 4.05 47.96 -1.69
CA ILE F 319 4.28 47.26 -2.94
C ILE F 319 5.00 48.18 -3.92
N THR F 320 6.32 48.12 -3.94
CA THR F 320 7.12 48.91 -4.87
C THR F 320 7.85 48.00 -5.84
N ASN F 321 8.59 48.63 -6.76
CA ASN F 321 9.39 47.97 -7.80
C ASN F 321 8.65 46.79 -8.44
N LEU F 322 7.53 47.14 -9.08
CA LEU F 322 6.76 46.15 -9.83
C LEU F 322 7.57 45.64 -11.03
N CYS F 323 7.26 44.41 -11.44
CA CYS F 323 7.94 43.84 -12.60
C CYS F 323 7.53 44.60 -13.86
N PRO F 324 8.41 44.68 -14.87
CA PRO F 324 8.10 45.43 -16.09
C PRO F 324 7.42 44.57 -17.15
N PHE F 325 6.14 44.25 -16.92
CA PHE F 325 5.37 43.55 -17.94
C PHE F 325 5.02 44.44 -19.12
N GLY F 326 4.93 45.75 -18.92
CA GLY F 326 4.61 46.66 -20.01
C GLY F 326 5.62 46.65 -21.14
N GLU F 327 6.89 46.33 -20.85
CA GLU F 327 7.89 46.22 -21.89
C GLU F 327 7.78 44.93 -22.69
N VAL F 328 6.94 44.00 -22.25
CA VAL F 328 6.69 42.76 -22.98
C VAL F 328 5.35 42.82 -23.71
N PHE F 329 4.31 43.28 -23.03
CA PHE F 329 2.99 43.35 -23.65
C PHE F 329 2.84 44.55 -24.57
N ASN F 330 3.50 45.67 -24.24
CA ASN F 330 3.37 46.90 -25.02
C ASN F 330 4.63 47.21 -25.82
N ALA F 331 5.49 46.22 -26.06
CA ALA F 331 6.66 46.45 -26.89
C ALA F 331 6.23 46.81 -28.30
N THR F 332 6.85 47.85 -28.87
CA THR F 332 6.40 48.42 -30.13
C THR F 332 6.42 47.39 -31.25
N ARG F 333 7.54 46.70 -31.42
CA ARG F 333 7.67 45.69 -32.47
C ARG F 333 8.03 44.35 -31.84
N PHE F 334 7.38 43.30 -32.34
CA PHE F 334 7.64 41.94 -31.88
C PHE F 334 8.48 41.20 -32.90
N ALA F 335 8.70 39.92 -32.62
CA ALA F 335 9.55 39.06 -33.43
C ALA F 335 8.73 38.04 -34.21
N SER F 336 9.41 37.35 -35.11
CA SER F 336 8.80 36.29 -35.90
C SER F 336 8.61 35.04 -35.06
N VAL F 337 7.78 34.12 -35.57
CA VAL F 337 7.50 32.88 -34.85
C VAL F 337 8.74 31.99 -34.81
N TYR F 338 9.50 31.93 -35.90
CA TYR F 338 10.72 31.13 -35.92
C TYR F 338 11.85 31.78 -35.13
N ALA F 339 11.68 33.02 -34.69
CA ALA F 339 12.66 33.74 -33.88
C ALA F 339 11.99 34.41 -32.69
N TRP F 340 11.18 33.65 -31.96
CA TRP F 340 10.43 34.18 -30.83
C TRP F 340 11.37 34.76 -29.78
N ASN F 341 10.94 35.87 -29.18
CA ASN F 341 11.77 36.62 -28.26
C ASN F 341 11.58 36.12 -26.83
N ARG F 342 12.69 36.05 -26.09
CA ARG F 342 12.71 35.52 -24.74
C ARG F 342 13.19 36.58 -23.77
N LYS F 343 12.47 36.76 -22.66
CA LYS F 343 12.81 37.73 -21.63
C LYS F 343 12.72 37.07 -20.26
N ARG F 344 13.54 37.54 -19.33
CA ARG F 344 13.56 37.02 -17.96
C ARG F 344 12.89 38.00 -17.03
N ILE F 345 12.12 37.48 -16.07
CA ILE F 345 11.51 38.26 -15.01
C ILE F 345 12.03 37.71 -13.69
N SER F 346 12.73 38.56 -12.93
CA SER F 346 13.31 38.17 -11.65
C SER F 346 13.58 39.42 -10.83
N ASN F 347 13.71 39.23 -9.52
CA ASN F 347 14.03 40.30 -8.57
C ASN F 347 13.00 41.42 -8.60
N CYS F 348 11.72 41.05 -8.68
CA CYS F 348 10.63 42.02 -8.65
C CYS F 348 9.35 41.32 -8.24
N VAL F 349 8.33 42.14 -7.97
CA VAL F 349 6.99 41.66 -7.63
C VAL F 349 6.11 41.78 -8.86
N ALA F 350 5.40 40.71 -9.19
CA ALA F 350 4.54 40.66 -10.36
C ALA F 350 3.10 40.42 -9.95
N ASP F 351 2.22 41.34 -10.34
CA ASP F 351 0.80 41.27 -10.01
C ASP F 351 0.06 40.74 -11.24
N TYR F 352 -0.51 39.54 -11.10
CA TYR F 352 -1.20 38.89 -12.22
C TYR F 352 -2.68 39.20 -12.27
N SER F 353 -3.21 39.93 -11.30
CA SER F 353 -4.63 40.28 -11.32
C SER F 353 -4.94 41.30 -12.41
N VAL F 354 -4.05 42.28 -12.59
CA VAL F 354 -4.32 43.33 -13.57
C VAL F 354 -4.31 42.77 -14.98
N LEU F 355 -3.43 41.80 -15.25
CA LEU F 355 -3.43 41.15 -16.56
C LEU F 355 -4.72 40.36 -16.77
N TYR F 356 -5.18 39.65 -15.73
CA TYR F 356 -6.37 38.84 -15.85
C TYR F 356 -7.64 39.68 -15.96
N ASN F 357 -7.59 40.92 -15.48
CA ASN F 357 -8.75 41.80 -15.54
C ASN F 357 -8.80 42.66 -16.81
N SER F 358 -7.82 42.54 -17.68
CA SER F 358 -7.85 43.30 -18.93
C SER F 358 -8.79 42.67 -19.93
N ALA F 359 -9.58 43.50 -20.60
CA ALA F 359 -10.57 43.03 -21.57
C ALA F 359 -10.05 43.02 -23.00
N SER F 360 -8.81 43.46 -23.21
CA SER F 360 -8.23 43.46 -24.55
C SER F 360 -7.65 42.12 -24.96
N PHE F 361 -7.58 41.16 -24.05
CA PHE F 361 -6.98 39.86 -24.31
C PHE F 361 -8.06 38.89 -24.78
N SER F 362 -7.93 38.41 -26.02
CA SER F 362 -8.89 37.45 -26.56
C SER F 362 -8.72 36.07 -25.93
N THR F 363 -7.48 35.64 -25.71
CA THR F 363 -7.19 34.30 -25.22
C THR F 363 -6.33 34.41 -23.96
N PHE F 364 -6.81 33.79 -22.88
CA PHE F 364 -6.06 33.70 -21.63
C PHE F 364 -6.21 32.26 -21.15
N LYS F 365 -5.32 31.39 -21.58
CA LYS F 365 -5.51 29.94 -21.41
C LYS F 365 -4.35 29.30 -20.68
N CYS F 366 -4.70 28.53 -19.63
CA CYS F 366 -3.84 27.57 -18.96
C CYS F 366 -4.65 26.61 -18.10
N TYR F 367 -4.02 25.49 -17.76
CA TYR F 367 -4.71 24.32 -17.24
C TYR F 367 -4.26 23.97 -15.82
N GLY F 368 -2.96 23.94 -15.55
CA GLY F 368 -2.42 23.40 -14.32
C GLY F 368 -2.57 24.26 -13.09
N VAL F 369 -2.89 25.55 -13.22
CA VAL F 369 -3.06 26.42 -12.06
C VAL F 369 -4.34 27.22 -12.24
N SER F 370 -4.92 27.61 -11.10
CA SER F 370 -6.08 28.50 -11.10
C SER F 370 -5.62 29.93 -11.35
N PRO F 371 -6.28 30.66 -12.25
CA PRO F 371 -5.81 32.03 -12.57
C PRO F 371 -5.75 32.95 -11.36
N THR F 372 -6.71 32.83 -10.44
CA THR F 372 -6.75 33.67 -9.26
C THR F 372 -5.67 33.31 -8.23
N LYS F 373 -5.09 32.12 -8.32
CA LYS F 373 -4.12 31.66 -7.35
C LYS F 373 -2.69 32.04 -7.71
N LEU F 374 -2.48 32.79 -8.81
CA LEU F 374 -1.14 33.23 -9.15
C LEU F 374 -0.58 34.20 -8.12
N ASN F 375 -1.42 35.09 -7.59
CA ASN F 375 -0.98 36.04 -6.59
C ASN F 375 -0.45 35.37 -5.34
N ASP F 376 -0.82 34.12 -5.09
CA ASP F 376 -0.37 33.38 -3.91
C ASP F 376 0.86 32.52 -4.18
N LEU F 377 0.91 31.86 -5.33
CA LEU F 377 2.05 31.01 -5.63
C LEU F 377 3.30 31.85 -5.84
N CYS F 378 4.44 31.33 -5.41
CA CYS F 378 5.69 32.08 -5.47
C CYS F 378 6.74 31.21 -6.15
N PHE F 379 7.32 31.73 -7.24
CA PHE F 379 8.27 31.01 -8.07
C PHE F 379 9.64 31.68 -8.01
N THR F 380 10.65 30.96 -8.51
CA THR F 380 12.00 31.51 -8.55
C THR F 380 12.13 32.57 -9.64
N ASN F 381 11.65 32.26 -10.85
CA ASN F 381 11.76 33.23 -11.94
C ASN F 381 10.72 32.93 -13.00
N VAL F 382 10.54 33.89 -13.92
CA VAL F 382 9.54 33.79 -14.98
C VAL F 382 10.23 34.01 -16.32
N TYR F 383 9.81 33.24 -17.33
CA TYR F 383 10.27 33.41 -18.70
C TYR F 383 9.12 33.82 -19.60
N ALA F 384 9.33 34.89 -20.37
CA ALA F 384 8.32 35.42 -21.28
C ALA F 384 8.76 35.17 -22.71
N ASP F 385 7.93 34.46 -23.47
CA ASP F 385 8.19 34.17 -24.87
C ASP F 385 7.14 34.89 -25.70
N SER F 386 7.57 35.91 -26.45
CA SER F 386 6.67 36.77 -27.19
C SER F 386 6.90 36.63 -28.68
N PHE F 387 5.81 36.65 -29.45
CA PHE F 387 5.91 36.55 -30.90
C PHE F 387 4.57 36.95 -31.52
N VAL F 388 4.52 36.88 -32.86
CA VAL F 388 3.35 37.23 -33.65
C VAL F 388 3.08 36.09 -34.63
N ILE F 389 1.83 35.63 -34.67
CA ILE F 389 1.45 34.48 -35.48
C ILE F 389 0.12 34.74 -36.15
N ARG F 390 -0.37 33.73 -36.87
CA ARG F 390 -1.68 33.78 -37.50
C ARG F 390 -2.76 33.42 -36.49
N GLY F 391 -3.97 33.94 -36.71
CA GLY F 391 -5.05 33.73 -35.77
C GLY F 391 -5.49 32.28 -35.67
N ASP F 392 -5.56 31.58 -36.80
CA ASP F 392 -6.00 30.20 -36.82
C ASP F 392 -5.05 29.26 -36.08
N GLU F 393 -3.77 29.61 -35.99
CA GLU F 393 -2.75 28.74 -35.44
C GLU F 393 -2.58 28.88 -33.93
N VAL F 394 -3.37 29.77 -33.30
CA VAL F 394 -3.31 29.92 -31.85
C VAL F 394 -3.61 28.60 -31.15
N ARG F 395 -4.51 27.80 -31.72
CA ARG F 395 -4.84 26.50 -31.14
C ARG F 395 -3.63 25.57 -31.12
N GLN F 396 -2.64 25.79 -31.97
CA GLN F 396 -1.46 24.94 -32.00
C GLN F 396 -0.50 25.23 -30.84
N ILE F 397 -0.60 26.40 -30.22
CA ILE F 397 0.30 26.75 -29.10
C ILE F 397 -0.38 26.22 -27.84
N ALA F 398 -0.17 24.92 -27.59
CA ALA F 398 -0.76 24.21 -26.47
C ALA F 398 -0.14 22.82 -26.40
N PRO F 399 -0.04 22.23 -25.20
CA PRO F 399 0.52 20.87 -25.10
C PRO F 399 -0.32 19.86 -25.88
N GLY F 400 0.37 18.92 -26.53
CA GLY F 400 -0.29 17.84 -27.24
C GLY F 400 -0.82 18.19 -28.61
N GLN F 401 -0.41 19.31 -29.19
CA GLN F 401 -0.88 19.71 -30.50
C GLN F 401 0.07 19.23 -31.60
N THR F 402 -0.41 19.32 -32.84
CA THR F 402 0.39 19.02 -34.02
C THR F 402 0.13 20.07 -35.08
N GLY F 403 1.10 20.23 -35.97
CA GLY F 403 0.99 21.21 -37.03
C GLY F 403 2.35 21.82 -37.32
N LYS F 404 2.38 22.66 -38.36
CA LYS F 404 3.64 23.26 -38.79
C LYS F 404 4.22 24.15 -37.70
N ILE F 405 3.40 25.01 -37.10
CA ILE F 405 3.87 25.88 -36.03
C ILE F 405 4.26 25.05 -34.81
N ALA F 406 3.43 24.08 -34.44
CA ALA F 406 3.67 23.30 -33.23
C ALA F 406 4.89 22.40 -33.37
N ASP F 407 5.33 22.12 -34.60
CA ASP F 407 6.44 21.21 -34.81
C ASP F 407 7.75 21.90 -35.19
N TYR F 408 7.72 22.76 -36.22
CA TYR F 408 8.94 23.34 -36.76
C TYR F 408 9.12 24.81 -36.43
N ASN F 409 8.23 25.41 -35.64
CA ASN F 409 8.35 26.81 -35.24
C ASN F 409 8.46 26.98 -33.74
N TYR F 410 7.56 26.38 -32.97
CA TYR F 410 7.54 26.54 -31.52
C TYR F 410 6.85 25.33 -30.90
N LYS F 411 7.58 24.59 -30.07
CA LYS F 411 7.05 23.40 -29.42
C LYS F 411 7.05 23.61 -27.92
N LEU F 412 5.92 23.32 -27.28
CA LEU F 412 5.72 23.43 -25.85
C LEU F 412 5.88 22.08 -25.17
N PRO F 413 6.46 22.05 -23.98
CA PRO F 413 6.55 20.79 -23.24
C PRO F 413 5.17 20.31 -22.79
N ASP F 414 5.07 18.99 -22.63
CA ASP F 414 3.79 18.38 -22.28
C ASP F 414 3.40 18.68 -20.84
N ASP F 415 4.37 18.96 -19.99
CA ASP F 415 4.13 19.35 -18.59
C ASP F 415 4.30 20.85 -18.39
N PHE F 416 3.85 21.64 -19.36
CA PHE F 416 4.05 23.08 -19.35
C PHE F 416 3.39 23.72 -18.14
N THR F 417 4.15 24.58 -17.45
CA THR F 417 3.65 25.38 -16.35
C THR F 417 3.76 26.86 -16.73
N GLY F 418 2.79 27.64 -16.31
CA GLY F 418 2.55 28.95 -16.87
C GLY F 418 1.44 28.86 -17.91
N CYS F 419 1.27 29.94 -18.66
CA CYS F 419 0.24 29.91 -19.69
C CYS F 419 0.29 31.10 -20.64
N VAL F 420 -0.72 31.15 -21.51
CA VAL F 420 -0.64 31.90 -22.75
C VAL F 420 -1.68 33.01 -22.75
N ILE F 421 -1.26 34.21 -23.16
CA ILE F 421 -2.14 35.34 -23.39
C ILE F 421 -1.93 35.81 -24.83
N ALA F 422 -3.01 35.85 -25.59
CA ALA F 422 -2.95 36.20 -27.01
C ALA F 422 -4.08 37.17 -27.33
N TRP F 423 -3.81 38.11 -28.23
CA TRP F 423 -4.83 39.05 -28.67
C TRP F 423 -4.59 39.48 -30.11
N ASN F 424 -5.68 39.80 -30.80
CA ASN F 424 -5.60 40.26 -32.18
C ASN F 424 -4.88 41.61 -32.24
N SER F 425 -4.06 41.79 -33.27
CA SER F 425 -3.28 43.00 -33.48
C SER F 425 -3.34 43.43 -34.94
N ASN F 426 -4.53 43.35 -35.54
CA ASN F 426 -4.68 43.75 -36.93
C ASN F 426 -4.46 45.23 -37.13
N ASN F 427 -4.92 46.07 -36.19
CA ASN F 427 -4.79 47.51 -36.34
C ASN F 427 -3.33 47.97 -36.31
N LEU F 428 -2.40 47.12 -35.89
CA LEU F 428 -1.00 47.49 -35.77
C LEU F 428 -0.10 46.78 -36.77
N ASP F 429 -0.38 45.52 -37.08
CA ASP F 429 0.52 44.70 -37.89
C ASP F 429 0.11 44.58 -39.34
N SER F 430 -0.79 45.45 -39.82
CA SER F 430 -1.34 45.34 -41.15
C SER F 430 -0.97 46.55 -42.00
N LYS F 431 -0.65 46.30 -43.26
CA LYS F 431 -0.29 47.35 -44.22
C LYS F 431 -1.22 47.30 -45.42
N VAL F 432 -1.52 48.48 -45.98
CA VAL F 432 -2.47 48.56 -47.09
C VAL F 432 -1.95 47.81 -48.32
N GLY F 433 -0.63 47.75 -48.49
CA GLY F 433 -0.01 47.01 -49.56
C GLY F 433 0.42 45.61 -49.20
N GLY F 434 0.23 45.18 -47.96
CA GLY F 434 0.64 43.86 -47.54
C GLY F 434 1.93 43.88 -46.74
N ASN F 435 1.90 43.34 -45.53
CA ASN F 435 3.05 43.32 -44.64
C ASN F 435 3.73 41.96 -44.75
N TYR F 436 5.01 41.97 -45.14
CA TYR F 436 5.78 40.76 -45.34
C TYR F 436 7.00 40.69 -44.44
N ASN F 437 6.86 41.07 -43.17
CA ASN F 437 7.99 41.15 -42.26
C ASN F 437 8.07 40.00 -41.27
N TYR F 438 7.08 39.10 -41.25
CA TYR F 438 7.07 37.98 -40.32
C TYR F 438 7.19 36.68 -41.09
N LEU F 439 8.13 35.84 -40.66
CA LEU F 439 8.46 34.60 -41.35
C LEU F 439 8.15 33.40 -40.47
N TYR F 440 8.02 32.25 -41.13
CA TYR F 440 7.78 30.98 -40.45
C TYR F 440 8.47 29.86 -41.22
N ARG F 441 8.92 28.85 -40.49
CA ARG F 441 9.61 27.73 -41.10
C ARG F 441 8.62 26.72 -41.67
N LEU F 442 8.72 26.46 -42.97
CA LEU F 442 7.85 25.52 -43.65
C LEU F 442 8.51 24.16 -43.88
N PHE F 443 9.81 24.12 -44.13
CA PHE F 443 10.53 22.88 -44.41
C PHE F 443 11.51 22.59 -43.28
N ARG F 444 11.43 21.39 -42.74
CA ARG F 444 12.39 20.93 -41.73
C ARG F 444 12.42 19.41 -41.74
N LYS F 445 13.57 18.84 -41.37
CA LYS F 445 13.71 17.39 -41.41
C LYS F 445 12.97 16.72 -40.24
N SER F 446 13.06 17.27 -39.04
CA SER F 446 12.49 16.65 -37.86
C SER F 446 11.95 17.71 -36.92
N ASN F 447 11.09 17.27 -36.00
CA ASN F 447 10.47 18.18 -35.05
C ASN F 447 11.50 18.73 -34.06
N LEU F 448 11.22 19.94 -33.57
CA LEU F 448 12.06 20.60 -32.58
C LEU F 448 11.75 20.04 -31.19
N LYS F 449 12.77 20.03 -30.34
CA LYS F 449 12.58 19.70 -28.94
C LYS F 449 11.85 20.84 -28.24
N PRO F 450 11.22 20.57 -27.09
CA PRO F 450 10.56 21.64 -26.34
C PRO F 450 11.55 22.75 -25.99
N PHE F 451 11.07 23.99 -26.11
CA PHE F 451 11.89 25.18 -25.85
C PHE F 451 13.18 25.16 -26.66
N GLU F 452 13.07 24.83 -27.95
CA GLU F 452 14.21 24.86 -28.86
C GLU F 452 13.93 25.79 -30.03
N ARG F 453 14.87 26.67 -30.32
CA ARG F 453 14.78 27.62 -31.41
C ARG F 453 15.77 27.25 -32.50
N ASP F 454 15.40 27.54 -33.74
CA ASP F 454 16.24 27.25 -34.89
C ASP F 454 16.29 28.47 -35.79
N ILE F 455 17.45 29.11 -35.89
CA ILE F 455 17.65 30.26 -36.76
C ILE F 455 18.49 29.89 -37.97
N SER F 456 18.66 28.60 -38.24
CA SER F 456 19.41 28.15 -39.42
C SER F 456 18.68 28.56 -40.69
N THR F 457 19.43 29.12 -41.63
CA THR F 457 18.87 29.63 -42.88
C THR F 457 19.55 28.98 -44.07
N GLU F 458 19.86 27.69 -43.96
CA GLU F 458 20.41 26.95 -45.08
C GLU F 458 19.30 26.51 -46.02
N ILE F 459 19.66 26.28 -47.27
CA ILE F 459 18.68 25.86 -48.27
C ILE F 459 18.26 24.42 -47.98
N TYR F 460 16.96 24.18 -48.01
CA TYR F 460 16.41 22.85 -47.75
C TYR F 460 16.55 21.99 -49.00
N GLN F 461 16.95 20.73 -48.81
CA GLN F 461 17.11 19.78 -49.90
C GLN F 461 15.90 18.85 -49.92
N ALA F 462 15.19 18.83 -51.04
CA ALA F 462 13.98 18.05 -51.20
C ALA F 462 14.17 16.83 -52.09
N GLY F 463 15.40 16.52 -52.48
CA GLY F 463 15.65 15.38 -53.34
C GLY F 463 16.94 14.65 -53.04
N SER F 464 17.42 13.87 -54.01
CA SER F 464 18.67 13.14 -53.87
C SER F 464 19.89 13.95 -54.28
N THR F 465 19.72 14.94 -55.16
CA THR F 465 20.82 15.76 -55.61
C THR F 465 21.10 16.86 -54.59
N PRO F 466 22.31 16.92 -54.01
CA PRO F 466 22.64 18.00 -53.07
C PRO F 466 23.07 19.25 -53.82
N CYS F 467 22.26 20.31 -53.73
CA CYS F 467 22.63 21.60 -54.29
C CYS F 467 23.67 22.29 -53.41
N ASN F 468 24.46 23.16 -54.04
CA ASN F 468 25.59 23.81 -53.39
C ASN F 468 25.26 25.22 -52.91
N GLY F 469 24.02 25.44 -52.44
CA GLY F 469 23.61 26.73 -51.94
C GLY F 469 22.80 27.58 -52.89
N VAL F 470 22.47 27.06 -54.07
CA VAL F 470 21.65 27.78 -55.04
C VAL F 470 20.32 27.04 -55.18
N GLU F 471 19.23 27.79 -55.06
CA GLU F 471 17.90 27.19 -55.10
C GLU F 471 17.58 26.65 -56.49
N GLY F 472 16.70 25.65 -56.54
CA GLY F 472 16.35 25.03 -57.79
C GLY F 472 15.00 24.37 -57.79
N PHE F 473 14.88 23.24 -58.51
CA PHE F 473 13.60 22.55 -58.59
C PHE F 473 13.27 21.84 -57.29
N ASN F 474 14.28 21.41 -56.54
CA ASN F 474 14.09 20.70 -55.29
C ASN F 474 14.97 21.27 -54.17
N CYS F 475 15.35 22.55 -54.29
CA CYS F 475 16.10 23.24 -53.24
C CYS F 475 15.41 24.57 -53.00
N TYR F 476 14.96 24.80 -51.77
CA TYR F 476 14.10 25.93 -51.47
C TYR F 476 14.48 26.56 -50.14
N PHE F 477 14.14 27.83 -50.00
CA PHE F 477 14.39 28.53 -48.74
C PHE F 477 13.39 28.05 -47.69
N PRO F 478 13.86 27.64 -46.50
CA PRO F 478 12.95 27.04 -45.51
C PRO F 478 12.08 28.04 -44.76
N LEU F 479 12.21 29.33 -45.02
CA LEU F 479 11.39 30.34 -44.37
C LEU F 479 10.44 30.97 -45.38
N GLN F 480 9.21 31.23 -44.94
CA GLN F 480 8.17 31.78 -45.77
C GLN F 480 7.56 33.00 -45.09
N SER F 481 7.13 33.96 -45.90
CA SER F 481 6.55 35.20 -45.41
C SER F 481 5.04 35.09 -45.37
N TYR F 482 4.43 35.71 -44.36
CA TYR F 482 2.99 35.68 -44.22
C TYR F 482 2.34 36.67 -45.18
N GLY F 483 1.05 36.44 -45.43
CA GLY F 483 0.29 37.28 -46.34
C GLY F 483 -0.68 38.18 -45.62
N PHE F 484 -0.23 38.78 -44.51
CA PHE F 484 -1.09 39.63 -43.71
C PHE F 484 -1.62 40.80 -44.53
N GLN F 485 -2.93 41.02 -44.45
CA GLN F 485 -3.61 42.10 -45.11
C GLN F 485 -4.76 42.50 -44.20
N PRO F 486 -4.94 43.79 -43.92
CA PRO F 486 -5.95 44.21 -42.95
C PRO F 486 -7.37 43.80 -43.31
N THR F 487 -7.66 43.56 -44.59
CA THR F 487 -8.97 43.11 -45.00
C THR F 487 -9.11 41.59 -44.99
N ASN F 488 -8.05 40.86 -44.66
CA ASN F 488 -8.15 39.41 -44.60
C ASN F 488 -9.13 38.99 -43.51
N GLY F 489 -9.82 37.88 -43.74
CA GLY F 489 -10.81 37.42 -42.80
C GLY F 489 -10.20 36.93 -41.50
N VAL F 490 -11.06 36.79 -40.49
CA VAL F 490 -10.63 36.35 -39.17
C VAL F 490 -10.19 34.89 -39.26
N GLY F 491 -8.95 34.63 -38.89
CA GLY F 491 -8.35 33.33 -39.08
C GLY F 491 -7.06 33.45 -39.85
N TYR F 492 -6.93 34.54 -40.60
CA TYR F 492 -5.70 34.90 -41.29
C TYR F 492 -5.20 36.28 -40.88
N GLN F 493 -5.61 36.76 -39.71
CA GLN F 493 -5.26 38.06 -39.17
C GLN F 493 -4.15 37.93 -38.12
N PRO F 494 -3.26 38.91 -38.03
CA PRO F 494 -2.15 38.82 -37.07
C PRO F 494 -2.64 38.77 -35.63
N TYR F 495 -1.92 38.00 -34.82
CA TYR F 495 -2.21 37.87 -33.40
C TYR F 495 -0.90 37.92 -32.62
N ARG F 496 -0.88 38.71 -31.55
CA ARG F 496 0.28 38.84 -30.69
C ARG F 496 0.13 37.88 -29.51
N VAL F 497 1.14 37.05 -29.28
CA VAL F 497 1.08 35.95 -28.34
C VAL F 497 2.25 36.05 -27.37
N VAL F 498 1.96 35.92 -26.07
CA VAL F 498 2.95 35.87 -25.02
C VAL F 498 2.71 34.59 -24.21
N VAL F 499 3.78 33.86 -23.94
CA VAL F 499 3.74 32.64 -23.14
C VAL F 499 4.60 32.86 -21.91
N LEU F 500 4.01 32.72 -20.73
CA LEU F 500 4.73 32.86 -19.48
C LEU F 500 4.98 31.48 -18.88
N SER F 501 6.22 31.23 -18.48
CA SER F 501 6.62 29.98 -17.85
C SER F 501 7.22 30.28 -16.48
N PHE F 502 6.70 29.63 -15.45
CA PHE F 502 7.16 29.84 -14.08
C PHE F 502 8.12 28.71 -13.71
N GLU F 503 9.33 29.07 -13.28
CA GLU F 503 10.30 28.09 -12.84
C GLU F 503 10.57 28.29 -11.35
N LEU F 504 10.40 27.22 -10.58
CA LEU F 504 10.70 27.19 -9.15
C LEU F 504 11.82 26.17 -8.95
N LEU F 505 12.98 26.65 -8.55
CA LEU F 505 14.16 25.81 -8.34
C LEU F 505 14.42 25.70 -6.84
N HIS F 506 15.45 24.93 -6.48
CA HIS F 506 15.90 24.88 -5.10
C HIS F 506 16.43 26.23 -4.63
N ALA F 507 16.73 27.13 -5.56
CA ALA F 507 17.13 28.48 -5.21
C ALA F 507 15.96 29.23 -4.58
N PRO F 508 16.23 30.29 -3.82
CA PRO F 508 15.13 31.03 -3.16
C PRO F 508 14.14 31.58 -4.18
N ALA F 509 12.85 31.45 -3.85
CA ALA F 509 11.80 32.02 -4.68
C ALA F 509 11.89 33.54 -4.66
N THR F 510 11.69 34.15 -5.83
CA THR F 510 11.98 35.57 -5.95
C THR F 510 10.83 36.36 -6.59
N VAL F 511 10.07 35.73 -7.49
CA VAL F 511 9.08 36.42 -8.30
C VAL F 511 7.70 35.92 -7.91
N CYS F 512 6.91 36.79 -7.28
CA CYS F 512 5.53 36.47 -6.94
C CYS F 512 4.80 37.71 -6.44
N GLY F 513 3.49 37.57 -6.26
CA GLY F 513 2.57 38.68 -6.25
C GLY F 513 2.63 39.58 -5.03
N PRO F 514 1.99 40.74 -5.15
CA PRO F 514 1.93 41.68 -4.03
C PRO F 514 1.18 41.13 -2.84
N LYS F 515 1.57 41.56 -1.64
CA LYS F 515 0.94 41.15 -0.40
C LYS F 515 -0.18 42.12 -0.05
N LYS F 516 -1.34 41.59 0.29
CA LYS F 516 -2.55 42.39 0.55
C LYS F 516 -2.56 42.78 2.02
N SER F 517 -2.40 44.07 2.29
CA SER F 517 -2.43 44.59 3.65
C SER F 517 -3.75 45.25 3.96
N THR F 518 -4.15 45.22 5.23
CA THR F 518 -5.34 45.92 5.69
C THR F 518 -4.95 47.13 6.54
N ASN F 519 -5.96 47.79 7.11
CA ASN F 519 -5.71 48.98 7.90
C ASN F 519 -5.14 48.63 9.28
N LEU F 520 -4.75 49.67 10.01
CA LEU F 520 -4.16 49.52 11.33
C LEU F 520 -5.08 50.14 12.37
N VAL F 521 -5.43 49.35 13.39
CA VAL F 521 -6.30 49.79 14.47
C VAL F 521 -5.57 49.54 15.79
N LYS F 522 -5.80 50.44 16.75
CA LYS F 522 -5.12 50.39 18.04
C LYS F 522 -6.14 50.38 19.17
N ASN F 523 -5.66 50.00 20.35
CA ASN F 523 -6.42 50.07 21.60
C ASN F 523 -7.56 49.05 21.64
N LYS F 524 -7.40 47.92 20.96
CA LYS F 524 -8.37 46.83 21.00
C LYS F 524 -7.64 45.51 20.90
N CYS F 525 -8.13 44.50 21.63
CA CYS F 525 -7.53 43.18 21.58
C CYS F 525 -7.86 42.55 20.23
N VAL F 526 -6.84 42.37 19.39
CA VAL F 526 -7.02 41.86 18.04
C VAL F 526 -6.01 40.75 17.79
N ASN F 527 -6.22 40.04 16.68
CA ASN F 527 -5.23 39.12 16.13
C ASN F 527 -4.43 39.89 15.08
N PHE F 528 -3.13 39.95 15.26
CA PHE F 528 -2.26 40.71 14.38
C PHE F 528 -1.25 39.81 13.69
N ASN F 529 -0.80 40.26 12.52
CA ASN F 529 0.20 39.57 11.70
C ASN F 529 1.03 40.65 11.02
N PHE F 530 2.23 40.90 11.54
CA PHE F 530 3.16 41.85 10.94
C PHE F 530 4.35 41.07 10.39
N ASN F 531 4.51 41.09 9.06
CA ASN F 531 5.65 40.49 8.38
C ASN F 531 5.82 39.02 8.75
N GLY F 532 4.70 38.32 8.90
CA GLY F 532 4.72 36.91 9.25
C GLY F 532 4.71 36.63 10.74
N LEU F 533 4.97 37.63 11.58
CA LEU F 533 4.93 37.45 13.03
C LEU F 533 3.49 37.63 13.49
N THR F 534 2.91 36.58 14.05
CA THR F 534 1.52 36.55 14.45
C THR F 534 1.40 36.65 15.96
N GLY F 535 0.26 37.18 16.42
CA GLY F 535 0.03 37.28 17.84
C GLY F 535 -1.37 37.80 18.13
N THR F 536 -1.65 37.91 19.43
CA THR F 536 -2.93 38.42 19.92
C THR F 536 -2.65 39.44 21.01
N GLY F 537 -3.32 40.58 20.94
CA GLY F 537 -3.15 41.58 21.99
C GLY F 537 -3.61 42.95 21.57
N VAL F 538 -3.19 43.93 22.35
CA VAL F 538 -3.55 45.33 22.17
C VAL F 538 -2.30 46.08 21.72
N LEU F 539 -2.44 46.87 20.66
CA LEU F 539 -1.34 47.67 20.11
C LEU F 539 -1.54 49.11 20.53
N THR F 540 -0.47 49.73 21.03
CA THR F 540 -0.55 51.12 21.46
C THR F 540 0.72 51.88 21.08
N GLU F 541 0.65 53.20 21.20
CA GLU F 541 1.78 54.05 20.88
C GLU F 541 2.90 53.87 21.90
N SER F 542 4.15 53.98 21.43
CA SER F 542 5.32 53.67 22.21
C SER F 542 6.25 54.87 22.30
N ASN F 543 7.14 54.85 23.30
CA ASN F 543 8.23 55.80 23.41
C ASN F 543 9.58 55.19 23.04
N LYS F 544 9.62 53.89 22.74
CA LYS F 544 10.87 53.21 22.47
C LYS F 544 11.40 53.62 21.10
N LYS F 545 12.68 53.99 21.05
CA LYS F 545 13.31 54.43 19.81
C LYS F 545 14.27 53.35 19.32
N PHE F 546 13.83 52.59 18.33
CA PHE F 546 14.65 51.51 17.80
C PHE F 546 15.81 52.07 16.99
N LEU F 547 16.81 51.23 16.75
CA LEU F 547 17.84 51.60 15.80
C LEU F 547 17.27 51.50 14.38
N PRO F 548 17.82 52.26 13.43
CA PRO F 548 17.21 52.31 12.09
C PRO F 548 17.11 50.97 11.38
N PHE F 549 17.79 49.92 11.84
CA PHE F 549 17.69 48.65 11.17
C PHE F 549 16.84 47.62 11.94
N GLN F 550 16.67 47.78 13.25
CA GLN F 550 15.97 46.79 14.06
C GLN F 550 14.46 46.86 13.85
N GLN F 551 13.80 45.70 13.91
CA GLN F 551 12.37 45.60 13.64
C GLN F 551 11.54 45.28 14.87
N PHE F 552 11.84 44.19 15.57
CA PHE F 552 11.03 43.71 16.68
C PHE F 552 11.68 44.08 18.01
N GLY F 553 11.04 43.65 19.08
CA GLY F 553 11.56 43.89 20.42
C GLY F 553 11.17 42.78 21.36
N ARG F 554 12.16 42.30 22.12
CA ARG F 554 11.95 41.22 23.08
C ARG F 554 12.33 41.70 24.47
N ASP F 555 11.73 41.06 25.48
CA ASP F 555 11.96 41.39 26.88
C ASP F 555 12.92 40.38 27.50
N ILE F 556 13.09 40.43 28.82
CA ILE F 556 14.06 39.58 29.50
C ILE F 556 13.72 38.11 29.31
N ALA F 557 12.44 37.77 29.44
CA ALA F 557 11.98 36.39 29.25
C ALA F 557 11.87 36.00 27.79
N ASP F 558 12.30 36.87 26.87
CA ASP F 558 12.26 36.62 25.43
C ASP F 558 10.83 36.43 24.92
N THR F 559 9.99 37.44 25.16
CA THR F 559 8.67 37.54 24.54
C THR F 559 8.56 38.90 23.85
N THR F 560 7.87 38.92 22.72
CA THR F 560 7.79 40.14 21.91
C THR F 560 6.92 41.17 22.61
N ASP F 561 7.44 42.37 22.79
CA ASP F 561 6.71 43.45 23.42
C ASP F 561 6.59 44.71 22.59
N ALA F 562 7.33 44.83 21.48
CA ALA F 562 7.22 45.98 20.61
C ALA F 562 7.47 45.56 19.17
N VAL F 563 6.77 46.20 18.24
CA VAL F 563 6.92 45.90 16.81
C VAL F 563 6.87 47.20 16.02
N ARG F 564 7.68 47.26 14.97
CA ARG F 564 7.75 48.42 14.09
C ARG F 564 6.81 48.24 12.91
N ASP F 565 6.02 49.27 12.61
CA ASP F 565 5.05 49.19 11.53
C ASP F 565 5.76 49.28 10.18
N PRO F 566 5.61 48.28 9.32
CA PRO F 566 6.29 48.32 8.01
C PRO F 566 5.83 49.44 7.09
N GLN F 567 4.59 49.90 7.24
CA GLN F 567 4.08 50.96 6.37
C GLN F 567 4.67 52.31 6.76
N THR F 568 4.37 52.77 7.97
CA THR F 568 4.97 53.97 8.52
C THR F 568 5.93 53.56 9.62
N LEU F 569 7.15 54.10 9.59
CA LEU F 569 8.20 53.66 10.48
C LEU F 569 7.87 54.12 11.90
N GLU F 570 7.01 53.35 12.56
CA GLU F 570 6.50 53.67 13.88
C GLU F 570 6.54 52.42 14.76
N ILE F 571 6.78 52.65 16.04
CA ILE F 571 6.95 51.56 17.02
C ILE F 571 5.69 51.47 17.86
N LEU F 572 5.18 50.25 18.03
CA LEU F 572 3.96 49.99 18.78
C LEU F 572 4.23 48.99 19.89
N ASP F 573 3.75 49.30 21.10
CA ASP F 573 3.79 48.35 22.21
C ASP F 573 2.67 47.33 22.07
N ILE F 574 2.98 46.10 22.47
CA ILE F 574 2.04 44.99 22.49
C ILE F 574 1.74 44.67 23.94
N THR F 575 0.46 44.56 24.27
CA THR F 575 0.05 44.20 25.62
C THR F 575 -0.94 43.05 25.57
N PRO F 576 -0.84 42.04 26.43
CA PRO F 576 -1.87 41.00 26.45
C PRO F 576 -3.21 41.60 26.86
N CYS F 577 -4.26 41.19 26.16
CA CYS F 577 -5.59 41.67 26.54
C CYS F 577 -6.09 40.87 27.74
N SER F 578 -6.82 41.57 28.61
CA SER F 578 -6.96 41.25 30.02
C SER F 578 -7.59 39.88 30.25
N PHE F 579 -7.15 39.24 31.33
CA PHE F 579 -7.70 37.99 31.82
C PHE F 579 -7.56 38.02 33.35
N GLY F 580 -8.32 37.17 34.03
CA GLY F 580 -8.26 37.17 35.47
C GLY F 580 -9.19 36.15 36.08
N GLY F 581 -9.35 36.25 37.40
CA GLY F 581 -10.24 35.36 38.13
C GLY F 581 -11.50 36.10 38.55
N VAL F 582 -12.57 35.31 38.74
CA VAL F 582 -13.86 35.85 39.17
C VAL F 582 -14.23 35.19 40.49
N SER F 583 -14.39 36.01 41.52
CA SER F 583 -14.68 35.56 42.88
C SER F 583 -16.01 36.12 43.34
N VAL F 584 -16.74 35.33 44.14
CA VAL F 584 -18.05 35.72 44.64
C VAL F 584 -17.94 35.92 46.15
N ILE F 585 -18.36 37.09 46.62
CA ILE F 585 -18.39 37.42 48.03
C ILE F 585 -19.83 37.30 48.51
N THR F 586 -20.05 36.47 49.53
CA THR F 586 -21.37 36.30 50.10
C THR F 586 -21.28 36.18 51.61
N PRO F 587 -22.31 36.62 52.32
CA PRO F 587 -22.52 36.10 53.69
C PRO F 587 -23.11 34.70 53.61
N GLY F 588 -23.46 34.11 54.75
CA GLY F 588 -24.08 32.81 54.72
C GLY F 588 -25.44 32.84 54.04
N THR F 589 -25.81 31.73 53.41
CA THR F 589 -27.13 31.63 52.80
C THR F 589 -28.24 31.65 53.84
N ASN F 590 -27.94 31.34 55.10
CA ASN F 590 -28.93 31.48 56.16
C ASN F 590 -29.13 32.93 56.56
N THR F 591 -28.30 33.83 56.05
CA THR F 591 -28.41 35.25 56.38
C THR F 591 -29.04 36.04 55.24
N SER F 592 -28.59 35.80 54.01
CA SER F 592 -29.11 36.50 52.86
C SER F 592 -28.72 35.75 51.59
N ASN F 593 -29.33 36.15 50.48
CA ASN F 593 -28.99 35.62 49.17
C ASN F 593 -28.34 36.66 48.25
N GLN F 594 -28.01 37.83 48.79
CA GLN F 594 -27.30 38.84 48.01
C GLN F 594 -25.83 38.51 47.94
N VAL F 595 -25.21 38.79 46.79
CA VAL F 595 -23.79 38.53 46.57
C VAL F 595 -23.16 39.75 45.91
N ALA F 596 -21.83 39.77 45.94
CA ALA F 596 -21.03 40.73 45.20
C ALA F 596 -19.98 39.97 44.42
N VAL F 597 -19.46 40.57 43.36
CA VAL F 597 -18.52 39.89 42.47
C VAL F 597 -17.26 40.74 42.36
N LEU F 598 -16.11 40.08 42.47
CA LEU F 598 -14.81 40.70 42.29
C LEU F 598 -14.16 40.11 41.04
N TYR F 599 -13.74 40.99 40.13
CA TYR F 599 -13.00 40.62 38.93
C TYR F 599 -11.55 41.05 39.13
N GLN F 600 -10.63 40.09 39.14
CA GLN F 600 -9.26 40.37 39.58
C GLN F 600 -8.43 40.95 38.44
N ASP F 601 -7.63 41.96 38.76
CA ASP F 601 -6.67 42.56 37.82
C ASP F 601 -7.35 43.06 36.56
N VAL F 602 -8.56 43.60 36.70
CA VAL F 602 -9.35 44.08 35.58
C VAL F 602 -9.81 45.49 35.90
N ASN F 603 -9.66 46.40 34.95
CA ASN F 603 -10.16 47.75 35.13
C ASN F 603 -11.68 47.76 34.99
N CYS F 604 -12.32 48.65 35.75
CA CYS F 604 -13.77 48.63 35.85
C CYS F 604 -14.47 49.01 34.55
N THR F 605 -13.73 49.53 33.57
CA THR F 605 -14.31 50.03 32.34
C THR F 605 -14.26 49.03 31.20
N GLU F 606 -13.95 47.76 31.46
CA GLU F 606 -13.92 46.72 30.44
C GLU F 606 -14.66 45.45 30.86
N VAL F 607 -15.73 45.58 31.63
CA VAL F 607 -16.50 44.42 32.06
C VAL F 607 -17.97 44.61 31.72
N ASN F 628 -23.05 51.13 41.97
CA ASN F 628 -22.33 50.22 42.85
C ASN F 628 -21.21 49.51 42.12
N VAL F 629 -20.29 50.30 41.57
CA VAL F 629 -19.08 49.81 40.92
C VAL F 629 -17.90 50.47 41.60
N PHE F 630 -16.95 49.67 42.08
CA PHE F 630 -15.84 50.18 42.86
C PHE F 630 -14.53 49.66 42.28
N GLN F 631 -13.53 50.52 42.19
CA GLN F 631 -12.23 50.17 41.66
C GLN F 631 -11.22 50.10 42.79
N THR F 632 -10.81 48.89 43.16
CA THR F 632 -9.80 48.68 44.17
C THR F 632 -8.49 48.28 43.50
N ARG F 633 -7.44 48.13 44.32
CA ARG F 633 -6.18 47.62 43.81
C ARG F 633 -6.23 46.12 43.54
N ALA F 634 -7.24 45.44 44.08
CA ALA F 634 -7.36 44.01 43.82
C ALA F 634 -8.14 43.73 42.53
N GLY F 635 -8.98 44.67 42.10
CA GLY F 635 -9.76 44.47 40.90
C GLY F 635 -10.99 45.37 40.92
N CYS F 636 -12.00 44.93 40.18
CA CYS F 636 -13.27 45.66 40.09
C CYS F 636 -14.33 44.92 40.90
N LEU F 637 -14.99 45.65 41.80
CA LEU F 637 -15.97 45.08 42.71
C LEU F 637 -17.35 45.61 42.35
N ILE F 638 -18.29 44.70 42.08
CA ILE F 638 -19.64 45.05 41.66
C ILE F 638 -20.63 44.45 42.64
N GLY F 639 -21.53 45.28 43.15
CA GLY F 639 -22.55 44.83 44.08
C GLY F 639 -22.38 45.30 45.50
N ALA F 640 -21.29 46.00 45.80
CA ALA F 640 -21.00 46.49 47.15
C ALA F 640 -20.97 48.01 47.11
N GLU F 641 -21.35 48.63 48.23
CA GLU F 641 -21.46 50.08 48.31
C GLU F 641 -20.36 50.59 49.23
N HIS F 642 -19.55 51.51 48.73
CA HIS F 642 -18.36 51.97 49.43
C HIS F 642 -18.71 53.02 50.48
N VAL F 643 -18.11 52.87 51.67
CA VAL F 643 -18.36 53.77 52.79
C VAL F 643 -17.03 54.28 53.33
N ASN F 644 -17.08 55.44 53.97
CA ASN F 644 -15.89 56.08 54.52
C ASN F 644 -15.62 55.73 55.97
N ASN F 645 -16.49 54.94 56.61
CA ASN F 645 -16.20 54.46 57.96
C ASN F 645 -15.23 53.29 57.90
N SER F 646 -14.65 52.97 59.05
CA SER F 646 -13.72 51.86 59.19
C SER F 646 -14.17 50.95 60.32
N TYR F 647 -14.18 49.65 60.05
CA TYR F 647 -14.52 48.63 61.04
C TYR F 647 -13.43 47.57 61.04
N GLU F 648 -13.59 46.56 61.88
CA GLU F 648 -12.72 45.41 61.82
C GLU F 648 -13.05 44.57 60.58
N CYS F 649 -12.05 43.84 60.09
CA CYS F 649 -12.23 43.06 58.88
C CYS F 649 -13.21 41.92 59.13
N ASP F 650 -14.12 41.70 58.18
CA ASP F 650 -15.04 40.58 58.21
C ASP F 650 -14.74 39.59 57.09
N ILE F 651 -14.71 40.06 55.85
CA ILE F 651 -14.34 39.24 54.70
C ILE F 651 -13.23 39.98 53.96
N PRO F 652 -12.03 39.42 53.87
CA PRO F 652 -10.91 40.16 53.27
C PRO F 652 -11.00 40.18 51.75
N ILE F 653 -10.95 41.39 51.19
CA ILE F 653 -10.85 41.56 49.74
C ILE F 653 -9.40 41.73 49.32
N GLY F 654 -8.65 42.58 50.01
CA GLY F 654 -7.25 42.75 49.71
C GLY F 654 -6.81 44.19 49.67
N ALA F 655 -5.49 44.42 49.80
CA ALA F 655 -4.91 45.76 49.79
C ALA F 655 -5.56 46.66 50.83
N GLY F 656 -5.89 46.10 51.97
CA GLY F 656 -6.54 46.84 53.03
C GLY F 656 -8.03 46.97 52.92
N ILE F 657 -8.67 46.32 51.96
CA ILE F 657 -10.11 46.44 51.74
C ILE F 657 -10.80 45.18 52.24
N CYS F 658 -11.88 45.37 53.01
CA CYS F 658 -12.70 44.29 53.52
C CYS F 658 -14.17 44.58 53.21
N ALA F 659 -14.98 43.53 53.25
CA ALA F 659 -16.40 43.62 52.93
C ALA F 659 -17.23 43.04 54.07
N SER F 660 -18.42 43.61 54.26
CA SER F 660 -19.27 43.17 55.36
C SER F 660 -20.74 43.32 54.98
N TYR F 661 -21.59 42.57 55.68
CA TYR F 661 -23.03 42.64 55.51
C TYR F 661 -23.63 43.42 56.68
N GLN F 662 -24.13 44.61 56.39
CA GLN F 662 -24.65 45.47 57.45
C GLN F 662 -26.15 45.68 57.30
N SER F 678 -27.41 45.95 53.23
CA SER F 678 -26.72 45.57 52.01
C SER F 678 -25.30 45.09 52.30
N ILE F 679 -24.46 45.10 51.27
CA ILE F 679 -23.07 44.70 51.38
C ILE F 679 -22.22 45.96 51.19
N ILE F 680 -21.29 46.20 52.12
CA ILE F 680 -20.45 47.39 52.09
C ILE F 680 -19.00 46.98 52.00
N ALA F 681 -18.19 47.88 51.44
CA ALA F 681 -16.75 47.72 51.34
C ALA F 681 -16.06 48.89 52.02
N TYR F 682 -15.03 48.60 52.81
CA TYR F 682 -14.41 49.63 53.62
C TYR F 682 -12.94 49.29 53.83
N THR F 683 -12.16 50.31 54.17
CA THR F 683 -10.80 50.15 54.66
C THR F 683 -10.87 49.73 56.12
N MET F 684 -10.13 48.69 56.48
CA MET F 684 -10.27 48.12 57.81
C MET F 684 -9.42 48.88 58.83
N SER F 685 -9.91 48.92 60.06
CA SER F 685 -9.17 49.55 61.15
C SER F 685 -8.32 48.52 61.87
N LEU F 686 -7.17 48.96 62.35
CA LEU F 686 -6.22 48.07 63.00
C LEU F 686 -6.56 47.83 64.46
N GLY F 687 -7.47 48.62 65.01
CA GLY F 687 -7.84 48.50 66.40
C GLY F 687 -8.57 49.73 66.86
N ALA F 688 -9.14 49.92 69.83
CA ALA F 688 -9.32 51.35 69.63
C ALA F 688 -8.00 52.10 69.77
N GLU F 689 -8.08 53.42 69.76
CA GLU F 689 -6.94 54.27 70.03
C GLU F 689 -6.77 54.40 71.54
N ASN F 690 -5.53 54.30 72.02
CA ASN F 690 -5.25 54.41 73.43
C ASN F 690 -3.95 55.17 73.62
N SER F 691 -3.98 56.18 74.47
CA SER F 691 -2.80 56.96 74.80
C SER F 691 -2.55 56.85 76.29
N VAL F 692 -1.42 56.25 76.64
CA VAL F 692 -1.07 56.05 78.05
C VAL F 692 -0.61 57.37 78.62
N ALA F 693 -1.10 57.71 79.82
CA ALA F 693 -0.82 58.99 80.45
C ALA F 693 0.58 58.98 81.06
N TYR F 694 1.57 59.11 80.18
CA TYR F 694 2.96 59.06 80.60
C TYR F 694 3.39 60.37 81.25
N SER F 695 4.16 60.26 82.33
CA SER F 695 4.78 61.39 83.00
C SER F 695 6.07 60.89 83.62
N ASN F 696 6.92 61.82 84.05
CA ASN F 696 8.19 61.42 84.64
C ASN F 696 8.09 61.09 86.12
N ASN F 697 6.90 61.20 86.73
CA ASN F 697 6.77 60.81 88.13
C ASN F 697 5.43 60.14 88.43
N SER F 698 4.77 59.54 87.45
CA SER F 698 3.46 58.92 87.64
C SER F 698 3.57 57.41 87.51
N ILE F 699 2.81 56.68 88.33
CA ILE F 699 2.76 55.23 88.21
C ILE F 699 1.32 54.77 88.37
N ALA F 700 1.02 53.62 87.78
CA ALA F 700 -0.29 52.98 87.92
C ALA F 700 -0.08 51.60 88.54
N ILE F 701 -0.83 51.30 89.60
CA ILE F 701 -0.71 50.05 90.34
C ILE F 701 -2.06 49.35 90.32
N PRO F 702 -2.11 48.04 90.09
CA PRO F 702 -3.39 47.32 90.16
C PRO F 702 -3.89 47.15 91.58
N THR F 703 -5.20 47.18 91.74
CA THR F 703 -5.83 47.01 93.04
C THR F 703 -6.64 45.72 93.17
N ASN F 704 -6.82 44.99 92.07
CA ASN F 704 -7.56 43.73 92.13
C ASN F 704 -7.04 42.83 91.02
N PHE F 705 -7.65 41.66 90.87
CA PHE F 705 -7.19 40.72 89.86
C PHE F 705 -8.36 39.90 89.34
N THR F 706 -8.07 39.10 88.33
CA THR F 706 -8.99 38.19 87.70
C THR F 706 -8.27 36.87 87.44
N ILE F 707 -8.96 35.76 87.65
CA ILE F 707 -8.46 34.45 87.25
C ILE F 707 -9.09 34.13 85.91
N SER F 708 -8.26 33.80 84.92
CA SER F 708 -8.73 33.56 83.56
C SER F 708 -8.36 32.16 83.12
N VAL F 709 -9.25 31.51 82.37
CA VAL F 709 -9.01 30.19 81.79
C VAL F 709 -9.26 30.28 80.30
N THR F 710 -8.27 29.83 79.51
CA THR F 710 -8.37 29.85 78.05
C THR F 710 -7.99 28.47 77.49
N THR F 711 -8.31 28.26 76.22
CA THR F 711 -8.11 26.97 75.58
C THR F 711 -7.09 27.05 74.46
N GLU F 712 -6.45 25.93 74.17
CA GLU F 712 -5.54 25.82 73.03
C GLU F 712 -5.65 24.43 72.44
N ILE F 713 -5.91 24.33 71.14
CA ILE F 713 -6.12 23.06 70.45
C ILE F 713 -4.92 22.79 69.56
N LEU F 714 -4.39 21.56 69.62
CA LEU F 714 -3.24 21.18 68.79
C LEU F 714 -3.48 19.80 68.17
N PRO F 715 -3.25 19.64 66.87
CA PRO F 715 -3.31 18.30 66.27
C PRO F 715 -2.02 17.52 66.50
N VAL F 716 -2.17 16.20 66.71
CA VAL F 716 -1.07 15.34 67.11
C VAL F 716 -0.76 14.29 66.04
N SER F 717 -1.79 13.71 65.43
CA SER F 717 -1.57 12.60 64.52
C SER F 717 -2.56 12.63 63.36
N MET F 718 -2.22 11.89 62.31
CA MET F 718 -3.08 11.64 61.16
C MET F 718 -3.57 10.20 61.20
N THR F 719 -4.37 9.83 60.21
CA THR F 719 -4.81 8.45 60.06
C THR F 719 -3.75 7.65 59.30
N LYS F 720 -3.58 6.39 59.69
CA LYS F 720 -2.57 5.52 59.09
C LYS F 720 -3.18 4.81 57.90
N THR F 721 -2.74 5.17 56.70
CA THR F 721 -3.32 4.68 55.46
C THR F 721 -2.26 3.97 54.63
N SER F 722 -2.63 2.81 54.08
CA SER F 722 -1.73 1.98 53.30
C SER F 722 -2.32 1.74 51.92
N VAL F 723 -1.48 1.79 50.90
CA VAL F 723 -1.89 1.61 49.51
C VAL F 723 -1.09 0.47 48.93
N ASP F 724 -1.79 -0.53 48.39
CA ASP F 724 -1.15 -1.59 47.64
C ASP F 724 -0.92 -1.12 46.21
N CYS F 725 0.35 -0.98 45.82
CA CYS F 725 0.68 -0.37 44.54
C CYS F 725 0.15 -1.21 43.38
N THR F 726 0.34 -2.52 43.44
CA THR F 726 -0.07 -3.39 42.34
C THR F 726 -1.59 -3.43 42.19
N MET F 727 -2.32 -3.54 43.30
CA MET F 727 -3.78 -3.55 43.23
C MET F 727 -4.32 -2.25 42.64
N TYR F 728 -3.79 -1.11 43.06
CA TYR F 728 -4.27 0.16 42.53
C TYR F 728 -3.94 0.28 41.05
N ILE F 729 -2.75 -0.14 40.65
CA ILE F 729 -2.26 0.26 39.32
C ILE F 729 -2.69 -0.75 38.26
N CYS F 730 -2.88 -2.01 38.63
CA CYS F 730 -3.23 -3.06 37.68
C CYS F 730 -4.47 -3.86 38.03
N GLY F 731 -4.91 -3.85 39.28
CA GLY F 731 -6.02 -4.72 39.65
C GLY F 731 -5.55 -6.17 39.67
N ASP F 732 -6.46 -7.08 39.32
CA ASP F 732 -6.19 -8.50 39.35
C ASP F 732 -5.71 -9.05 38.02
N SER F 733 -5.41 -8.18 37.05
CA SER F 733 -4.91 -8.62 35.75
C SER F 733 -3.45 -9.02 35.87
N THR F 734 -3.03 -10.03 35.10
CA THR F 734 -1.66 -10.51 35.18
C THR F 734 -0.77 -9.88 34.13
N GLU F 735 -1.30 -9.61 32.94
CA GLU F 735 -0.52 -8.99 31.88
C GLU F 735 -0.03 -7.61 32.29
N CYS F 736 -0.89 -6.83 32.95
CA CYS F 736 -0.50 -5.53 33.45
C CYS F 736 0.65 -5.66 34.44
N SER F 737 0.59 -6.65 35.34
CA SER F 737 1.67 -6.84 36.29
C SER F 737 2.97 -7.20 35.59
N ASN F 738 2.92 -8.08 34.59
CA ASN F 738 4.13 -8.43 33.85
C ASN F 738 4.73 -7.21 33.18
N LEU F 739 3.87 -6.33 32.64
CA LEU F 739 4.38 -5.08 32.07
C LEU F 739 4.93 -4.15 33.13
N LEU F 740 4.33 -4.14 34.33
CA LEU F 740 4.83 -3.30 35.42
C LEU F 740 6.22 -3.71 35.86
N LEU F 741 6.52 -5.00 35.88
CA LEU F 741 7.85 -5.45 36.27
C LEU F 741 8.97 -4.82 35.46
N GLN F 742 8.66 -4.10 34.38
CA GLN F 742 9.69 -3.43 33.61
C GLN F 742 10.05 -2.06 34.17
N TYR F 743 9.33 -1.58 35.18
CA TYR F 743 9.60 -0.28 35.77
C TYR F 743 10.46 -0.32 37.01
N GLY F 744 10.92 -1.50 37.42
CA GLY F 744 11.84 -1.60 38.54
C GLY F 744 11.17 -1.62 39.89
N SER F 745 11.69 -0.79 40.81
CA SER F 745 11.30 -0.83 42.22
C SER F 745 10.55 0.42 42.66
N PHE F 746 9.62 0.92 41.85
CA PHE F 746 8.84 2.08 42.27
C PHE F 746 7.85 1.73 43.37
N CYS F 747 7.16 0.59 43.23
CA CYS F 747 6.11 0.23 44.18
C CYS F 747 6.68 0.00 45.58
N THR F 748 7.84 -0.63 45.67
CA THR F 748 8.48 -0.83 46.96
C THR F 748 8.84 0.49 47.62
N GLN F 749 9.32 1.45 46.83
CA GLN F 749 9.60 2.78 47.37
C GLN F 749 8.35 3.42 47.95
N LEU F 750 7.24 3.37 47.21
CA LEU F 750 6.02 3.98 47.73
C LEU F 750 5.55 3.30 49.02
N ASN F 751 5.63 1.97 49.06
CA ASN F 751 5.21 1.25 50.25
C ASN F 751 6.09 1.61 51.45
N ARG F 752 7.40 1.72 51.23
CA ARG F 752 8.30 2.08 52.32
C ARG F 752 8.00 3.48 52.85
N ALA F 753 7.73 4.43 51.97
CA ALA F 753 7.40 5.78 52.41
C ALA F 753 6.13 5.79 53.25
N LEU F 754 5.09 5.10 52.80
CA LEU F 754 3.85 5.08 53.56
C LEU F 754 4.02 4.38 54.91
N THR F 755 4.83 3.33 54.96
CA THR F 755 5.09 2.66 56.23
C THR F 755 5.83 3.57 57.21
N GLY F 756 6.78 4.36 56.70
CA GLY F 756 7.46 5.32 57.56
C GLY F 756 6.50 6.32 58.16
N ILE F 757 5.58 6.85 57.35
CA ILE F 757 4.56 7.76 57.87
C ILE F 757 3.74 7.08 58.96
N ALA F 758 3.34 5.84 58.73
CA ALA F 758 2.49 5.13 59.67
C ALA F 758 3.16 4.94 61.03
N VAL F 759 4.45 4.59 61.04
CA VAL F 759 5.12 4.46 62.34
C VAL F 759 5.38 5.81 63.00
N GLU F 760 5.62 6.85 62.20
CA GLU F 760 5.78 8.19 62.75
C GLU F 760 4.55 8.65 63.54
N GLN F 761 3.35 8.27 63.08
CA GLN F 761 2.15 8.68 63.82
C GLN F 761 2.12 8.14 65.26
N ASP F 762 2.43 6.85 65.41
CA ASP F 762 2.48 6.25 66.74
C ASP F 762 3.58 6.88 67.59
N LYS F 763 4.72 7.20 66.98
CA LYS F 763 5.76 7.89 67.72
C LYS F 763 5.28 9.25 68.24
N ASN F 764 4.53 9.99 67.40
CA ASN F 764 3.98 11.27 67.83
C ASN F 764 3.11 11.13 69.07
N THR F 765 2.17 10.18 69.02
CA THR F 765 1.28 10.00 70.16
C THR F 765 2.04 9.60 71.43
N GLN F 766 3.02 8.69 71.30
CA GLN F 766 3.84 8.33 72.46
C GLN F 766 4.53 9.56 73.05
N GLU F 767 5.14 10.39 72.20
CA GLU F 767 5.90 11.52 72.71
C GLU F 767 5.01 12.55 73.39
N VAL F 768 3.76 12.70 72.95
CA VAL F 768 2.91 13.68 73.61
C VAL F 768 2.33 13.14 74.91
N PHE F 769 1.80 11.91 74.92
CA PHE F 769 0.94 11.52 76.03
C PHE F 769 1.61 10.64 77.10
N ALA F 770 2.66 9.89 76.76
CA ALA F 770 3.24 8.95 77.73
C ALA F 770 4.45 9.58 78.42
N GLN F 771 4.20 10.65 79.15
CA GLN F 771 5.25 11.38 79.85
C GLN F 771 5.33 11.07 81.33
N VAL F 772 4.55 10.13 81.83
CA VAL F 772 4.65 9.68 83.22
C VAL F 772 4.59 8.16 83.24
N LYS F 773 5.38 7.55 84.12
CA LYS F 773 5.46 6.10 84.22
C LYS F 773 4.68 5.54 85.41
N GLN F 774 4.03 6.38 86.20
CA GLN F 774 3.16 5.95 87.28
C GLN F 774 1.74 6.39 86.98
N ILE F 775 0.78 5.53 87.29
CA ILE F 775 -0.63 5.86 87.13
C ILE F 775 -1.12 6.41 88.46
N TYR F 776 -1.44 7.70 88.49
CA TYR F 776 -1.87 8.36 89.71
C TYR F 776 -3.40 8.43 89.76
N LYS F 777 -3.94 8.34 90.97
CA LYS F 777 -5.36 8.45 91.20
C LYS F 777 -5.65 9.53 92.23
N THR F 778 -6.84 10.09 92.15
CA THR F 778 -7.24 11.16 93.06
C THR F 778 -7.95 10.57 94.28
N PRO F 779 -7.88 11.25 95.44
CA PRO F 779 -8.51 10.71 96.63
C PRO F 779 -10.02 10.70 96.52
N PRO F 780 -10.70 9.75 97.18
CA PRO F 780 -12.16 9.68 97.06
C PRO F 780 -12.90 10.89 97.61
N ILE F 781 -12.37 11.55 98.63
CA ILE F 781 -12.97 12.76 99.17
C ILE F 781 -12.37 13.96 98.47
N LYS F 782 -13.21 14.69 97.73
CA LYS F 782 -12.74 15.80 96.89
C LYS F 782 -12.80 17.13 97.66
N ASP F 783 -11.91 17.26 98.64
CA ASP F 783 -11.82 18.47 99.44
C ASP F 783 -10.50 19.16 99.13
N PHE F 784 -10.55 20.13 98.22
CA PHE F 784 -9.37 20.86 97.77
C PHE F 784 -9.45 22.34 98.14
N GLY F 785 -10.10 22.66 99.24
CA GLY F 785 -10.14 24.03 99.74
C GLY F 785 -11.09 24.95 99.03
N GLY F 786 -12.11 24.40 98.37
CA GLY F 786 -13.09 25.19 97.66
C GLY F 786 -12.98 25.12 96.15
N PHE F 787 -11.91 24.53 95.62
CA PHE F 787 -11.73 24.41 94.19
C PHE F 787 -12.43 23.14 93.68
N ASN F 788 -13.17 23.28 92.58
CA ASN F 788 -13.99 22.21 92.04
C ASN F 788 -13.42 21.79 90.69
N PHE F 789 -13.03 20.51 90.58
CA PHE F 789 -12.42 19.99 89.37
C PHE F 789 -13.30 18.97 88.66
N SER F 790 -14.61 18.97 88.93
CA SER F 790 -15.46 17.88 88.46
C SER F 790 -15.64 17.89 86.95
N GLN F 791 -15.45 19.04 86.30
CA GLN F 791 -15.64 19.12 84.86
C GLN F 791 -14.44 18.61 84.07
N ILE F 792 -13.30 18.42 84.71
CA ILE F 792 -12.13 17.86 84.03
C ILE F 792 -11.72 16.50 84.58
N LEU F 793 -12.27 16.06 85.69
CA LEU F 793 -11.95 14.74 86.20
C LEU F 793 -12.86 13.68 85.57
N PRO F 794 -12.41 12.43 85.50
CA PRO F 794 -13.21 11.40 84.83
C PRO F 794 -14.58 11.22 85.47
N ASP F 795 -15.57 10.94 84.63
CA ASP F 795 -16.93 10.70 85.08
C ASP F 795 -17.13 9.21 85.33
N PRO F 796 -17.33 8.78 86.57
CA PRO F 796 -17.48 7.34 86.82
C PRO F 796 -18.76 6.76 86.23
N SER F 797 -19.80 7.57 86.08
CA SER F 797 -21.07 7.08 85.53
C SER F 797 -20.93 6.59 84.09
N LYS F 798 -20.20 7.31 83.25
CA LYS F 798 -20.11 6.92 81.85
C LYS F 798 -19.29 5.63 81.72
N PRO F 799 -19.63 4.78 80.75
CA PRO F 799 -18.77 3.62 80.45
C PRO F 799 -17.40 4.01 79.92
N SER F 800 -17.27 5.20 79.32
CA SER F 800 -16.01 5.65 78.73
C SER F 800 -15.01 6.13 79.77
N LYS F 801 -15.46 6.45 80.98
CA LYS F 801 -14.60 7.03 82.02
C LYS F 801 -13.94 8.31 81.53
N ARG F 802 -14.71 9.12 80.80
CA ARG F 802 -14.26 10.40 80.28
C ARG F 802 -14.88 11.53 81.06
N SER F 803 -14.17 12.65 81.11
CA SER F 803 -14.70 13.85 81.75
C SER F 803 -15.80 14.46 80.88
N PRO F 804 -16.65 15.31 81.46
CA PRO F 804 -17.67 15.99 80.64
C PRO F 804 -17.11 16.78 79.47
N ILE F 805 -16.00 17.49 79.67
CA ILE F 805 -15.41 18.26 78.58
C ILE F 805 -14.88 17.34 77.50
N GLU F 806 -14.30 16.20 77.89
CA GLU F 806 -13.83 15.25 76.91
C GLU F 806 -14.99 14.61 76.14
N ASP F 807 -16.11 14.37 76.82
CA ASP F 807 -17.31 13.89 76.12
C ASP F 807 -17.77 14.89 75.08
N LEU F 808 -17.85 16.17 75.45
CA LEU F 808 -18.27 17.19 74.49
C LEU F 808 -17.30 17.26 73.32
N LEU F 809 -16.00 17.22 73.59
CA LEU F 809 -15.01 17.29 72.52
C LEU F 809 -15.14 16.11 71.56
N PHE F 810 -15.36 14.90 72.10
CA PHE F 810 -15.46 13.74 71.23
C PHE F 810 -16.78 13.71 70.47
N ASN F 811 -17.81 14.38 70.99
CA ASN F 811 -19.07 14.43 70.27
C ASN F 811 -19.06 15.51 69.19
N LYS F 812 -18.22 16.53 69.33
CA LYS F 812 -18.27 17.66 68.40
C LYS F 812 -17.40 17.49 67.16
N VAL F 813 -16.57 16.45 67.08
CA VAL F 813 -15.71 16.22 65.92
C VAL F 813 -16.28 15.06 65.12
N THR F 814 -16.57 15.31 63.85
CA THR F 814 -17.10 14.28 62.97
C THR F 814 -16.11 13.93 61.86
N ASN F 843 -9.90 -0.90 46.28
CA ASN F 843 -8.94 -0.66 45.21
C ASN F 843 -7.50 -0.75 45.71
N GLY F 844 -7.28 -1.54 46.77
CA GLY F 844 -5.97 -1.64 47.37
C GLY F 844 -5.73 -0.71 48.54
N LEU F 845 -6.77 -0.17 49.16
CA LEU F 845 -6.64 0.84 50.20
C LEU F 845 -6.99 0.23 51.55
N THR F 846 -6.15 0.46 52.55
CA THR F 846 -6.40 -0.02 53.90
C THR F 846 -6.10 1.06 54.92
N VAL F 847 -6.69 0.92 56.10
CA VAL F 847 -6.48 1.82 57.22
C VAL F 847 -6.02 0.98 58.41
N LEU F 848 -4.87 1.34 58.97
CA LEU F 848 -4.33 0.62 60.12
C LEU F 848 -4.79 1.28 61.41
N PRO F 849 -5.13 0.50 62.45
CA PRO F 849 -5.56 1.11 63.71
C PRO F 849 -4.38 1.63 64.49
N PRO F 850 -4.56 2.68 65.27
CA PRO F 850 -3.48 3.16 66.14
C PRO F 850 -3.19 2.19 67.27
N LEU F 851 -1.95 2.23 67.75
CA LEU F 851 -1.51 1.33 68.81
C LEU F 851 -2.23 1.64 70.13
N LEU F 852 -2.42 2.91 70.45
CA LEU F 852 -3.12 3.31 71.67
C LEU F 852 -4.59 3.58 71.34
N THR F 853 -5.48 2.97 72.10
CA THR F 853 -6.90 3.25 71.97
C THR F 853 -7.24 4.56 72.67
N ASP F 854 -8.46 5.03 72.46
CA ASP F 854 -8.91 6.27 73.10
C ASP F 854 -8.96 6.15 74.61
N GLU F 855 -9.31 4.97 75.12
CA GLU F 855 -9.38 4.77 76.56
C GLU F 855 -8.02 4.88 77.21
N MET F 856 -6.97 4.40 76.55
CA MET F 856 -5.64 4.51 77.12
C MET F 856 -5.11 5.94 77.10
N ILE F 857 -5.43 6.71 76.07
CA ILE F 857 -5.06 8.12 76.05
C ILE F 857 -5.81 8.89 77.14
N ALA F 858 -7.09 8.59 77.33
CA ALA F 858 -7.84 9.22 78.42
C ALA F 858 -7.27 8.85 79.78
N GLN F 859 -6.85 7.60 79.95
CA GLN F 859 -6.22 7.17 81.19
C GLN F 859 -4.91 7.91 81.44
N TYR F 860 -4.10 8.12 80.40
CA TYR F 860 -2.89 8.91 80.53
C TYR F 860 -3.19 10.33 80.98
N THR F 861 -4.18 10.97 80.37
CA THR F 861 -4.50 12.34 80.75
C THR F 861 -5.03 12.41 82.19
N SER F 862 -5.81 11.41 82.61
CA SER F 862 -6.32 11.44 83.97
C SER F 862 -5.20 11.22 84.99
N ALA F 863 -4.19 10.41 84.64
CA ALA F 863 -3.03 10.28 85.52
C ALA F 863 -2.26 11.58 85.63
N LEU F 864 -2.09 12.30 84.52
CA LEU F 864 -1.42 13.60 84.57
C LEU F 864 -2.19 14.60 85.43
N LEU F 865 -3.51 14.62 85.29
CA LEU F 865 -4.33 15.53 86.10
C LEU F 865 -4.24 15.19 87.58
N ALA F 866 -4.33 13.91 87.92
CA ALA F 866 -4.24 13.51 89.32
C ALA F 866 -2.89 13.89 89.91
N GLY F 867 -1.81 13.66 89.16
CA GLY F 867 -0.50 14.02 89.64
C GLY F 867 -0.34 15.51 89.86
N THR F 868 -0.84 16.33 88.95
CA THR F 868 -0.69 17.77 89.12
C THR F 868 -1.61 18.33 90.20
N ILE F 869 -2.75 17.69 90.47
CA ILE F 869 -3.64 18.21 91.52
C ILE F 869 -3.13 17.82 92.90
N THR F 870 -2.57 16.62 93.04
CA THR F 870 -2.21 16.16 94.38
C THR F 870 -0.79 16.50 94.78
N SER F 871 0.12 16.76 93.85
CA SER F 871 1.52 16.92 94.20
C SER F 871 2.21 18.11 93.56
N GLY F 872 1.52 18.94 92.81
CA GLY F 872 2.17 20.11 92.25
C GLY F 872 3.05 19.75 91.07
N TRP F 873 4.26 20.33 91.03
CA TRP F 873 5.24 20.02 90.01
C TRP F 873 6.27 19.00 90.45
N THR F 874 6.12 18.37 91.61
CA THR F 874 7.16 17.49 92.11
C THR F 874 7.24 16.19 91.32
N PHE F 875 6.11 15.65 90.88
CA PHE F 875 6.11 14.34 90.24
C PHE F 875 6.78 14.36 88.87
N GLY F 876 6.98 15.52 88.28
CA GLY F 876 7.70 15.62 87.02
C GLY F 876 9.20 15.65 87.14
N ALA F 877 9.74 15.81 88.35
CA ALA F 877 11.18 15.87 88.56
C ALA F 877 11.71 14.75 89.44
N GLY F 878 10.85 13.90 89.99
CA GLY F 878 11.27 12.84 90.87
C GLY F 878 10.08 12.14 91.47
N PRO F 879 10.21 11.67 92.71
CA PRO F 879 9.05 11.12 93.41
C PRO F 879 7.99 12.18 93.66
N ALA F 880 6.74 11.76 93.65
CA ALA F 880 5.62 12.66 93.89
C ALA F 880 5.51 12.94 95.39
N LEU F 881 5.51 14.22 95.75
CA LEU F 881 5.40 14.64 97.14
C LEU F 881 4.10 15.41 97.31
N GLN F 882 3.27 14.96 98.26
CA GLN F 882 1.96 15.57 98.43
C GLN F 882 2.06 16.91 99.15
N ILE F 883 1.10 17.78 98.86
CA ILE F 883 1.02 19.13 99.42
C ILE F 883 -0.44 19.56 99.32
N PRO F 884 -0.98 20.28 100.28
CA PRO F 884 -2.36 20.78 100.14
C PRO F 884 -2.48 21.77 98.98
N PHE F 885 -3.63 21.76 98.33
CA PHE F 885 -3.80 22.55 97.11
C PHE F 885 -3.71 24.05 97.33
N PRO F 886 -4.32 24.66 98.36
CA PRO F 886 -4.10 26.11 98.58
C PRO F 886 -2.65 26.47 98.79
N MET F 887 -1.85 25.60 99.40
CA MET F 887 -0.42 25.86 99.55
C MET F 887 0.28 25.84 98.19
N GLN F 888 -0.10 24.91 97.32
CA GLN F 888 0.44 24.89 95.96
C GLN F 888 0.10 26.16 95.21
N MET F 889 -1.13 26.64 95.33
CA MET F 889 -1.52 27.86 94.63
C MET F 889 -0.82 29.08 95.23
N ALA F 890 -0.51 29.03 96.54
CA ALA F 890 0.31 30.09 97.13
C ALA F 890 1.72 30.09 96.57
N TYR F 891 2.30 28.91 96.37
CA TYR F 891 3.60 28.82 95.72
C TYR F 891 3.56 29.41 94.32
N ARG F 892 2.48 29.16 93.60
CA ARG F 892 2.36 29.68 92.25
C ARG F 892 2.16 31.19 92.23
N PHE F 893 1.47 31.75 93.23
CA PHE F 893 1.42 33.20 93.36
C PHE F 893 2.81 33.78 93.63
N ASN F 894 3.59 33.12 94.48
CA ASN F 894 4.98 33.53 94.62
C ASN F 894 5.74 33.50 93.30
N GLY F 895 5.42 32.54 92.44
CA GLY F 895 6.16 32.42 91.19
C GLY F 895 5.96 33.58 90.24
N ILE F 896 4.87 34.32 90.39
CA ILE F 896 4.60 35.45 89.50
C ILE F 896 4.86 36.77 90.20
N GLY F 897 5.43 36.73 91.40
CA GLY F 897 5.78 37.95 92.09
C GLY F 897 4.71 38.54 92.99
N VAL F 898 3.85 37.73 93.57
CA VAL F 898 2.82 38.18 94.52
C VAL F 898 3.01 37.41 95.82
N THR F 899 2.79 38.08 96.94
CA THR F 899 3.03 37.42 98.23
C THR F 899 1.93 36.41 98.55
N GLN F 900 2.21 35.57 99.54
CA GLN F 900 1.30 34.47 99.89
C GLN F 900 0.05 34.95 100.59
N ASN F 901 0.17 36.00 101.42
CA ASN F 901 -0.97 36.49 102.16
C ASN F 901 -2.07 37.00 101.22
N VAL F 902 -1.69 37.43 100.03
CA VAL F 902 -2.68 37.85 99.05
C VAL F 902 -3.57 36.69 98.65
N LEU F 903 -2.98 35.50 98.53
CA LEU F 903 -3.78 34.32 98.22
C LEU F 903 -4.58 33.85 99.43
N TYR F 904 -3.95 33.80 100.61
CA TYR F 904 -4.63 33.24 101.77
C TYR F 904 -5.77 34.14 102.26
N GLU F 905 -5.68 35.44 101.98
CA GLU F 905 -6.71 36.36 102.47
C GLU F 905 -7.85 36.50 101.48
N ASN F 906 -7.73 35.90 100.31
CA ASN F 906 -8.74 35.98 99.25
C ASN F 906 -9.07 34.60 98.69
N GLN F 907 -8.96 33.56 99.50
CA GLN F 907 -9.04 32.19 99.00
C GLN F 907 -10.40 31.88 98.39
N LYS F 908 -11.48 32.29 99.06
CA LYS F 908 -12.83 31.98 98.59
C LYS F 908 -13.16 32.68 97.27
N LEU F 909 -12.79 33.96 97.17
CA LEU F 909 -13.02 34.70 95.93
C LEU F 909 -12.27 34.07 94.75
N ILE F 910 -11.01 33.68 94.98
CA ILE F 910 -10.22 33.05 93.92
C ILE F 910 -10.82 31.72 93.51
N ALA F 911 -11.28 30.92 94.49
CA ALA F 911 -11.90 29.65 94.17
C ALA F 911 -13.17 29.84 93.33
N ASN F 912 -13.99 30.82 93.71
CA ASN F 912 -15.21 31.08 92.95
C ASN F 912 -14.91 31.54 91.52
N GLN F 913 -13.91 32.41 91.36
CA GLN F 913 -13.53 32.85 90.02
C GLN F 913 -13.05 31.68 89.17
N PHE F 914 -12.26 30.79 89.76
CA PHE F 914 -11.80 29.61 89.05
C PHE F 914 -12.97 28.74 88.58
N ASN F 915 -13.92 28.48 89.49
CA ASN F 915 -15.05 27.62 89.14
C ASN F 915 -15.90 28.24 88.04
N SER F 916 -16.16 29.55 88.14
CA SER F 916 -16.94 30.21 87.10
C SER F 916 -16.23 30.16 85.75
N ALA F 917 -14.90 30.34 85.74
CA ALA F 917 -14.17 30.29 84.49
C ALA F 917 -14.25 28.91 83.83
N ILE F 918 -14.14 27.85 84.62
CA ILE F 918 -14.27 26.51 84.06
C ILE F 918 -15.68 26.28 83.50
N GLY F 919 -16.71 26.73 84.24
CA GLY F 919 -18.07 26.61 83.72
C GLY F 919 -18.26 27.34 82.41
N LYS F 920 -17.68 28.54 82.29
CA LYS F 920 -17.76 29.27 81.03
C LYS F 920 -17.03 28.54 79.92
N ILE F 921 -15.91 27.88 80.22
CA ILE F 921 -15.24 27.06 79.20
C ILE F 921 -16.20 26.02 78.65
N GLN F 922 -16.90 25.31 79.54
CA GLN F 922 -17.83 24.29 79.06
C GLN F 922 -18.95 24.90 78.22
N ASP F 923 -19.51 26.03 78.67
CA ASP F 923 -20.57 26.68 77.91
C ASP F 923 -20.10 27.11 76.53
N SER F 924 -18.91 27.73 76.45
CA SER F 924 -18.38 28.20 75.18
C SER F 924 -18.12 27.04 74.22
N LEU F 925 -17.59 25.93 74.74
CA LEU F 925 -17.39 24.76 73.87
C LEU F 925 -18.73 24.22 73.37
N SER F 926 -19.74 24.19 74.25
CA SER F 926 -21.03 23.63 73.86
C SER F 926 -21.79 24.52 72.88
N SER F 927 -21.54 25.83 72.87
CA SER F 927 -22.35 26.75 72.09
C SER F 927 -21.68 27.25 70.82
N THR F 928 -20.38 27.01 70.63
CA THR F 928 -19.67 27.51 69.45
C THR F 928 -19.21 26.34 68.59
N PRO F 929 -19.64 26.26 67.32
CA PRO F 929 -19.32 25.07 66.50
C PRO F 929 -17.92 25.08 65.89
N SER F 930 -17.44 26.25 65.50
CA SER F 930 -16.18 26.37 64.76
C SER F 930 -14.96 26.44 65.68
N ALA F 931 -15.07 25.90 66.89
CA ALA F 931 -13.95 25.95 67.83
C ALA F 931 -12.87 24.94 67.47
N LEU F 932 -13.27 23.79 66.94
CA LEU F 932 -12.36 22.67 66.69
C LEU F 932 -12.02 22.54 65.21
N GLY F 933 -11.79 23.66 64.52
CA GLY F 933 -11.60 23.64 63.09
C GLY F 933 -10.27 23.08 62.63
N LYS F 934 -9.26 23.03 63.50
CA LYS F 934 -7.95 22.54 63.09
C LYS F 934 -7.95 21.03 62.87
N LEU F 935 -8.51 20.28 63.81
CA LEU F 935 -8.61 18.83 63.65
C LEU F 935 -9.51 18.48 62.46
N GLN F 936 -10.62 19.20 62.31
CA GLN F 936 -11.50 19.00 61.17
C GLN F 936 -10.79 19.31 59.86
N ASP F 937 -9.94 20.32 59.85
CA ASP F 937 -9.14 20.62 58.66
C ASP F 937 -8.24 19.46 58.30
N VAL F 938 -7.56 18.87 59.29
CA VAL F 938 -6.68 17.74 59.00
C VAL F 938 -7.48 16.59 58.40
N VAL F 939 -8.61 16.25 59.02
CA VAL F 939 -9.42 15.14 58.54
C VAL F 939 -9.94 15.40 57.12
N ASN F 940 -10.42 16.62 56.87
CA ASN F 940 -10.97 16.96 55.57
C ASN F 940 -9.91 16.88 54.48
N GLN F 941 -8.70 17.39 54.75
CA GLN F 941 -7.64 17.32 53.76
C GLN F 941 -7.29 15.88 53.42
N ASN F 942 -7.15 15.02 54.44
CA ASN F 942 -6.81 13.63 54.15
C ASN F 942 -7.91 12.94 53.34
N ALA F 943 -9.18 13.17 53.73
CA ALA F 943 -10.29 12.53 53.03
C ALA F 943 -10.37 12.98 51.57
N GLN F 944 -10.18 14.26 51.30
CA GLN F 944 -10.30 14.72 49.93
C GLN F 944 -9.12 14.27 49.08
N ALA F 945 -7.93 14.11 49.70
CA ALA F 945 -6.82 13.53 48.97
C ALA F 945 -7.12 12.09 48.54
N LEU F 946 -7.68 11.28 49.45
CA LEU F 946 -8.03 9.91 49.07
C LEU F 946 -9.12 9.88 48.02
N ASN F 947 -10.11 10.78 48.13
CA ASN F 947 -11.17 10.82 47.13
C ASN F 947 -10.61 11.15 45.75
N THR F 948 -9.69 12.12 45.67
CA THR F 948 -9.06 12.43 44.38
C THR F 948 -8.29 11.23 43.84
N LEU F 949 -7.56 10.53 44.71
CA LEU F 949 -6.81 9.36 44.25
C LEU F 949 -7.72 8.30 43.66
N VAL F 950 -8.84 8.01 44.33
CA VAL F 950 -9.77 7.02 43.80
C VAL F 950 -10.42 7.50 42.51
N LYS F 951 -10.80 8.78 42.46
CA LYS F 951 -11.44 9.33 41.27
C LYS F 951 -10.51 9.27 40.06
N GLN F 952 -9.20 9.31 40.25
CA GLN F 952 -8.28 9.27 39.11
C GLN F 952 -8.35 7.97 38.33
N LEU F 953 -8.92 6.89 38.90
CA LEU F 953 -8.97 5.62 38.17
C LEU F 953 -9.96 5.64 37.01
N SER F 954 -10.81 6.65 36.93
CA SER F 954 -11.78 6.74 35.84
C SER F 954 -11.23 7.47 34.62
N SER F 955 -9.97 7.87 34.62
CA SER F 955 -9.36 8.55 33.50
C SER F 955 -8.65 7.55 32.60
N ASN F 956 -8.66 7.82 31.29
CA ASN F 956 -8.06 6.90 30.34
C ASN F 956 -6.66 7.33 29.89
N PHE F 957 -6.29 8.60 30.11
CA PHE F 957 -4.93 9.07 29.87
C PHE F 957 -4.50 8.85 28.43
N GLY F 958 -5.41 9.08 27.48
CA GLY F 958 -5.12 8.95 26.08
C GLY F 958 -5.27 7.56 25.50
N ALA F 959 -5.80 6.61 26.28
CA ALA F 959 -6.03 5.28 25.77
C ALA F 959 -7.46 5.14 25.25
N ILE F 960 -7.81 3.91 24.85
CA ILE F 960 -9.15 3.68 24.33
C ILE F 960 -10.18 3.69 25.45
N SER F 961 -9.91 2.98 26.54
CA SER F 961 -10.84 2.91 27.66
C SER F 961 -10.05 2.86 28.96
N SER F 962 -10.73 3.19 30.05
CA SER F 962 -10.15 3.13 31.38
C SER F 962 -10.33 1.78 32.05
N VAL F 963 -10.88 0.79 31.34
CA VAL F 963 -11.16 -0.52 31.91
C VAL F 963 -10.17 -1.52 31.33
N LEU F 964 -9.42 -2.18 32.20
CA LEU F 964 -8.44 -3.16 31.75
C LEU F 964 -9.09 -4.41 31.18
N ASN F 965 -10.16 -4.89 31.82
CA ASN F 965 -10.81 -6.11 31.34
C ASN F 965 -11.37 -5.93 29.94
N ASP F 966 -12.06 -4.81 29.68
CA ASP F 966 -12.63 -4.58 28.36
C ASP F 966 -11.55 -4.45 27.30
N ILE F 967 -10.49 -3.70 27.60
CA ILE F 967 -9.47 -3.45 26.58
C ILE F 967 -8.67 -4.72 26.31
N LEU F 968 -8.50 -5.58 27.31
CA LEU F 968 -7.88 -6.88 27.07
C LEU F 968 -8.77 -7.80 26.26
N SER F 969 -10.07 -7.89 26.59
CA SER F 969 -10.95 -8.81 25.88
C SER F 969 -11.48 -8.24 24.57
N ARG F 970 -11.08 -7.03 24.20
CA ARG F 970 -11.50 -6.42 22.94
C ARG F 970 -10.38 -6.33 21.91
N LEU F 971 -9.12 -6.54 22.32
CA LEU F 971 -7.99 -6.32 21.43
C LEU F 971 -6.96 -7.42 21.58
N ASP F 972 -6.02 -7.46 20.63
CA ASP F 972 -4.93 -8.41 20.69
C ASP F 972 -3.76 -7.84 21.50
N PRO F 973 -2.86 -8.69 21.97
CA PRO F 973 -1.74 -8.22 22.81
C PRO F 973 -0.88 -7.14 22.16
N PRO F 974 -0.61 -7.21 20.84
CA PRO F 974 0.29 -6.19 20.26
C PRO F 974 -0.11 -4.74 20.53
N GLU F 975 -1.39 -4.42 20.43
CA GLU F 975 -1.86 -3.05 20.69
C GLU F 975 -2.32 -2.84 22.12
N ALA F 976 -2.81 -3.91 22.75
CA ALA F 976 -3.13 -3.86 24.17
C ALA F 976 -1.91 -3.47 24.99
N GLU F 977 -0.72 -3.87 24.54
CA GLU F 977 0.50 -3.50 25.27
C GLU F 977 0.68 -1.98 25.31
N VAL F 978 0.52 -1.31 24.16
CA VAL F 978 0.70 0.13 24.13
C VAL F 978 -0.36 0.84 24.97
N GLN F 979 -1.62 0.42 24.81
CA GLN F 979 -2.68 1.09 25.57
C GLN F 979 -2.51 0.88 27.08
N ILE F 980 -2.12 -0.32 27.48
CA ILE F 980 -1.89 -0.61 28.88
C ILE F 980 -0.68 0.18 29.39
N ASP F 981 0.32 0.42 28.53
CA ASP F 981 1.44 1.26 28.93
C ASP F 981 0.96 2.68 29.24
N ARG F 982 0.07 3.21 28.40
CA ARG F 982 -0.53 4.52 28.69
C ARG F 982 -1.20 4.54 30.06
N LEU F 983 -2.06 3.55 30.33
CA LEU F 983 -2.76 3.51 31.61
C LEU F 983 -1.78 3.38 32.78
N ILE F 984 -0.75 2.55 32.62
CA ILE F 984 0.20 2.31 33.70
C ILE F 984 0.94 3.59 34.05
N THR F 985 1.40 4.33 33.03
CA THR F 985 2.09 5.58 33.31
C THR F 985 1.17 6.57 34.03
N GLY F 986 -0.08 6.71 33.57
CA GLY F 986 -0.97 7.65 34.23
C GLY F 986 -1.20 7.32 35.69
N ARG F 987 -1.50 6.06 35.98
CA ARG F 987 -1.77 5.67 37.35
C ARG F 987 -0.54 5.79 38.25
N LEU F 988 0.64 5.44 37.72
CA LEU F 988 1.86 5.59 38.50
C LEU F 988 2.12 7.06 38.86
N GLN F 989 1.88 7.97 37.91
CA GLN F 989 2.07 9.38 38.20
C GLN F 989 1.12 9.86 39.28
N SER F 990 -0.15 9.44 39.21
CA SER F 990 -1.10 9.83 40.25
C SER F 990 -0.65 9.33 41.63
N LEU F 991 -0.20 8.08 41.70
CA LEU F 991 0.23 7.53 42.97
C LEU F 991 1.42 8.29 43.55
N GLN F 992 2.38 8.65 42.68
CA GLN F 992 3.56 9.38 43.18
C GLN F 992 3.19 10.76 43.70
N THR F 993 2.27 11.46 43.02
CA THR F 993 1.85 12.76 43.52
C THR F 993 1.18 12.63 44.89
N TYR F 994 0.33 11.61 45.06
CA TYR F 994 -0.29 11.39 46.35
C TYR F 994 0.75 11.17 47.45
N VAL F 995 1.76 10.33 47.17
CA VAL F 995 2.75 10.03 48.20
C VAL F 995 3.56 11.27 48.56
N THR F 996 3.91 12.11 47.57
CA THR F 996 4.67 13.32 47.88
C THR F 996 3.88 14.27 48.78
N GLN F 997 2.61 14.51 48.45
CA GLN F 997 1.83 15.40 49.31
C GLN F 997 1.64 14.82 50.70
N GLN F 998 1.52 13.50 50.83
CA GLN F 998 1.40 12.89 52.15
C GLN F 998 2.66 13.10 52.96
N LEU F 999 3.83 12.99 52.34
CA LEU F 999 5.08 13.21 53.08
C LEU F 999 5.15 14.65 53.60
N ILE F 1000 4.76 15.62 52.78
CA ILE F 1000 4.82 17.01 53.24
C ILE F 1000 3.85 17.27 54.39
N ARG F 1001 2.62 16.75 54.28
CA ARG F 1001 1.67 16.92 55.39
C ARG F 1001 2.14 16.21 56.66
N ALA F 1002 2.80 15.06 56.53
CA ALA F 1002 3.32 14.37 57.70
C ALA F 1002 4.40 15.21 58.40
N ALA F 1003 5.25 15.88 57.62
CA ALA F 1003 6.25 16.75 58.23
C ALA F 1003 5.61 17.89 59.03
N GLU F 1004 4.54 18.48 58.47
CA GLU F 1004 3.84 19.53 59.20
C GLU F 1004 3.22 19.01 60.50
N ILE F 1005 2.57 17.84 60.44
CA ILE F 1005 1.98 17.25 61.64
C ILE F 1005 3.04 16.94 62.69
N ARG F 1006 4.22 16.50 62.26
CA ARG F 1006 5.28 16.22 63.22
C ARG F 1006 5.75 17.47 63.93
N ALA F 1007 5.88 18.59 63.20
CA ALA F 1007 6.20 19.85 63.86
C ALA F 1007 5.16 20.22 64.91
N SER F 1008 3.88 20.07 64.57
CA SER F 1008 2.81 20.39 65.51
C SER F 1008 2.87 19.52 66.77
N ALA F 1009 3.16 18.22 66.59
CA ALA F 1009 3.24 17.32 67.73
C ALA F 1009 4.45 17.62 68.61
N ASN F 1010 5.57 18.02 68.02
CA ASN F 1010 6.70 18.47 68.83
C ASN F 1010 6.34 19.68 69.68
N LEU F 1011 5.62 20.64 69.10
CA LEU F 1011 5.16 21.78 69.89
C LEU F 1011 4.26 21.35 71.04
N ALA F 1012 3.33 20.42 70.78
CA ALA F 1012 2.44 19.95 71.84
C ALA F 1012 3.19 19.23 72.95
N ALA F 1013 4.23 18.46 72.60
CA ALA F 1013 5.02 17.80 73.63
C ALA F 1013 5.80 18.80 74.48
N THR F 1014 6.32 19.86 73.86
CA THR F 1014 6.97 20.91 74.64
C THR F 1014 5.99 21.59 75.58
N LYS F 1015 4.76 21.84 75.12
CA LYS F 1015 3.76 22.46 75.99
C LYS F 1015 3.37 21.54 77.15
N MET F 1016 3.27 20.23 76.89
CA MET F 1016 2.95 19.32 77.99
C MET F 1016 4.08 19.28 79.01
N SER F 1017 5.33 19.36 78.57
CA SER F 1017 6.44 19.39 79.51
C SER F 1017 6.47 20.69 80.31
N GLU F 1018 6.26 21.83 79.67
CA GLU F 1018 6.58 23.11 80.30
C GLU F 1018 5.39 23.85 80.89
N CYS F 1019 4.15 23.50 80.53
CA CYS F 1019 2.98 24.17 81.11
C CYS F 1019 2.21 23.28 82.07
N VAL F 1020 2.24 21.96 81.88
CA VAL F 1020 1.50 21.06 82.74
C VAL F 1020 2.38 20.49 83.85
N LEU F 1021 3.64 20.23 83.54
CA LEU F 1021 4.59 19.71 84.52
C LEU F 1021 5.40 20.81 85.20
N GLY F 1022 5.13 22.06 84.89
CA GLY F 1022 5.81 23.15 85.56
C GLY F 1022 5.02 24.44 85.46
N GLN F 1023 5.65 25.51 85.90
CA GLN F 1023 5.13 26.87 85.73
C GLN F 1023 6.11 27.64 84.87
N SER F 1024 5.60 28.32 83.85
CA SER F 1024 6.43 28.88 82.79
C SER F 1024 6.56 30.38 82.93
N LYS F 1025 7.77 30.89 82.66
CA LYS F 1025 8.05 32.32 82.66
C LYS F 1025 8.02 32.94 81.27
N ARG F 1026 8.02 32.13 80.22
CA ARG F 1026 8.01 32.65 78.85
C ARG F 1026 6.67 33.33 78.56
N VAL F 1027 6.74 34.47 77.86
CA VAL F 1027 5.55 35.30 77.63
C VAL F 1027 4.70 34.69 76.52
N ASP F 1028 3.41 34.52 76.80
CA ASP F 1028 2.40 34.03 75.87
C ASP F 1028 2.63 32.60 75.42
N PHE F 1029 3.42 31.81 76.16
CA PHE F 1029 3.61 30.41 75.77
C PHE F 1029 2.52 29.51 76.32
N CYS F 1030 1.97 29.84 77.49
CA CYS F 1030 0.92 29.07 78.12
C CYS F 1030 -0.27 29.97 78.44
N GLY F 1031 -0.70 30.76 77.46
CA GLY F 1031 -1.86 31.61 77.61
C GLY F 1031 -1.51 33.09 77.67
N LYS F 1032 -2.55 33.90 77.76
CA LYS F 1032 -2.41 35.35 77.83
C LYS F 1032 -2.58 35.83 79.27
N GLY F 1033 -1.52 36.41 79.82
CA GLY F 1033 -1.44 36.77 81.22
C GLY F 1033 -0.22 36.16 81.88
N TYR F 1034 -0.26 36.14 83.20
CA TYR F 1034 0.80 35.49 83.98
C TYR F 1034 0.39 34.06 84.28
N HIS F 1035 1.19 33.11 83.85
CA HIS F 1035 0.80 31.71 83.89
C HIS F 1035 0.77 31.18 85.31
N LEU F 1036 -0.36 30.60 85.70
CA LEU F 1036 -0.47 29.87 86.97
C LEU F 1036 -0.34 28.37 86.75
N MET F 1037 -1.19 27.77 85.91
CA MET F 1037 -1.12 26.33 85.70
C MET F 1037 -1.87 25.96 84.43
N SER F 1038 -1.83 24.67 84.08
CA SER F 1038 -2.50 24.18 82.88
C SER F 1038 -3.00 22.76 83.11
N PHE F 1039 -4.07 22.41 82.39
CA PHE F 1039 -4.71 21.10 82.46
C PHE F 1039 -4.88 20.52 81.07
N PRO F 1040 -4.46 19.28 80.84
CA PRO F 1040 -4.67 18.65 79.52
C PRO F 1040 -5.98 17.87 79.41
N GLN F 1041 -6.53 17.85 78.19
CA GLN F 1041 -7.69 17.05 77.83
C GLN F 1041 -7.40 16.42 76.47
N SER F 1042 -7.92 15.22 76.24
CA SER F 1042 -7.65 14.55 74.99
C SER F 1042 -8.81 14.73 74.01
N ALA F 1043 -8.48 14.87 72.73
CA ALA F 1043 -9.45 15.07 71.67
C ALA F 1043 -9.08 14.12 70.53
N PRO F 1044 -10.01 13.83 69.62
CA PRO F 1044 -9.68 12.94 68.49
C PRO F 1044 -8.51 13.44 67.67
N HIS F 1045 -7.41 12.69 67.71
CA HIS F 1045 -6.17 13.04 67.02
C HIS F 1045 -5.56 14.35 67.53
N GLY F 1046 -5.84 14.73 68.77
CA GLY F 1046 -5.31 16.01 69.21
C GLY F 1046 -5.38 16.17 70.71
N VAL F 1047 -4.93 17.33 71.16
CA VAL F 1047 -4.90 17.67 72.58
C VAL F 1047 -5.45 19.07 72.76
N VAL F 1048 -6.10 19.28 73.91
CA VAL F 1048 -6.65 20.58 74.31
C VAL F 1048 -5.98 20.94 75.64
N PHE F 1049 -5.48 22.16 75.73
CA PHE F 1049 -4.89 22.67 76.96
C PHE F 1049 -5.78 23.76 77.53
N LEU F 1050 -6.08 23.67 78.83
CA LEU F 1050 -6.77 24.71 79.57
C LEU F 1050 -5.73 25.45 80.40
N HIS F 1051 -5.47 26.70 80.04
CA HIS F 1051 -4.47 27.53 80.70
C HIS F 1051 -5.13 28.43 81.72
N VAL F 1052 -4.64 28.40 82.95
CA VAL F 1052 -5.11 29.26 84.03
C VAL F 1052 -4.06 30.31 84.31
N THR F 1053 -4.44 31.58 84.16
CA THR F 1053 -3.55 32.72 84.29
C THR F 1053 -4.16 33.78 85.21
N TYR F 1054 -3.28 34.71 85.61
CA TYR F 1054 -3.58 35.81 86.51
C TYR F 1054 -3.60 37.10 85.69
N VAL F 1055 -4.64 37.90 85.84
CA VAL F 1055 -4.77 39.15 85.08
C VAL F 1055 -4.97 40.30 86.08
N PRO F 1056 -4.16 41.34 86.05
CA PRO F 1056 -4.40 42.49 86.93
C PRO F 1056 -5.63 43.27 86.52
N ALA F 1057 -6.22 43.97 87.49
CA ALA F 1057 -7.46 44.69 87.23
C ALA F 1057 -7.61 45.86 88.19
N GLN F 1058 -8.38 46.86 87.74
CA GLN F 1058 -8.75 48.03 88.55
C GLN F 1058 -7.54 48.81 89.03
N GLU F 1059 -6.81 49.40 88.09
CA GLU F 1059 -5.58 50.10 88.42
C GLU F 1059 -5.88 51.51 88.91
N LYS F 1060 -4.88 52.11 89.56
CA LYS F 1060 -5.03 53.41 90.19
C LYS F 1060 -3.71 54.18 90.09
N ASN F 1061 -3.84 55.50 89.98
CA ASN F 1061 -2.67 56.37 89.79
C ASN F 1061 -2.07 56.81 91.11
N PHE F 1062 -0.74 56.94 91.13
CA PHE F 1062 0.00 57.42 92.28
C PHE F 1062 1.22 58.21 91.81
N THR F 1063 1.80 58.97 92.72
CA THR F 1063 3.06 59.66 92.44
C THR F 1063 4.20 58.77 92.94
N THR F 1064 5.33 58.78 92.24
CA THR F 1064 6.42 57.88 92.56
C THR F 1064 7.76 58.61 92.54
N ALA F 1065 8.73 58.04 93.25
CA ALA F 1065 10.07 58.57 93.35
C ALA F 1065 11.08 57.43 93.29
N PRO F 1066 12.29 57.69 92.82
CA PRO F 1066 13.29 56.61 92.75
C PRO F 1066 13.95 56.28 94.09
N ALA F 1067 14.15 57.26 94.96
CA ALA F 1067 14.82 57.04 96.23
C ALA F 1067 14.30 58.02 97.26
N ILE F 1068 14.57 57.74 98.53
CA ILE F 1068 14.19 58.60 99.65
C ILE F 1068 15.45 59.14 100.30
N CYS F 1069 15.46 60.43 100.61
CA CYS F 1069 16.59 61.05 101.29
C CYS F 1069 16.27 61.17 102.78
N HIS F 1070 17.20 60.71 103.61
CA HIS F 1070 17.01 60.78 105.06
C HIS F 1070 18.37 60.79 105.73
N ASP F 1071 18.61 61.78 106.58
CA ASP F 1071 19.87 61.94 107.31
C ASP F 1071 21.05 62.04 106.34
N GLY F 1072 20.82 62.64 105.18
CA GLY F 1072 21.87 62.75 104.19
C GLY F 1072 22.23 61.44 103.53
N LYS F 1073 21.37 60.43 103.60
CA LYS F 1073 21.61 59.15 102.97
C LYS F 1073 20.45 58.82 102.03
N ALA F 1074 20.74 58.01 101.02
CA ALA F 1074 19.77 57.63 100.00
C ALA F 1074 19.30 56.21 100.27
N HIS F 1075 17.98 56.01 100.25
CA HIS F 1075 17.36 54.72 100.53
C HIS F 1075 16.57 54.27 99.32
N PHE F 1076 16.67 52.98 99.02
CA PHE F 1076 16.02 52.29 97.92
C PHE F 1076 15.20 51.12 98.46
N PRO F 1077 14.11 50.74 97.78
CA PRO F 1077 13.30 49.64 98.28
C PRO F 1077 13.94 48.28 98.00
N ARG F 1078 13.78 47.35 98.94
CA ARG F 1078 14.34 46.02 98.74
C ARG F 1078 13.63 45.26 97.64
N GLU F 1079 12.30 45.29 97.63
CA GLU F 1079 11.53 44.54 96.65
C GLU F 1079 10.29 45.24 96.12
N GLY F 1080 10.05 46.51 96.48
CA GLY F 1080 8.86 47.16 95.99
C GLY F 1080 9.09 48.49 95.28
N VAL F 1081 8.16 49.42 95.47
CA VAL F 1081 8.21 50.71 94.81
C VAL F 1081 7.62 51.74 95.76
N PHE F 1082 8.22 52.94 95.75
CA PHE F 1082 7.72 54.05 96.57
C PHE F 1082 6.53 54.70 95.87
N VAL F 1083 5.43 54.86 96.61
CA VAL F 1083 4.24 55.49 96.07
C VAL F 1083 3.74 56.53 97.05
N SER F 1084 2.98 57.49 96.51
CA SER F 1084 2.41 58.58 97.27
C SER F 1084 1.01 58.85 96.77
N ASN F 1085 0.06 58.95 97.69
CA ASN F 1085 -1.32 59.31 97.41
C ASN F 1085 -1.56 60.81 97.44
N GLY F 1086 -0.51 61.60 97.62
CA GLY F 1086 -0.62 63.04 97.63
C GLY F 1086 -0.06 63.64 98.91
N THR F 1087 -0.16 62.90 100.01
CA THR F 1087 0.21 63.42 101.31
C THR F 1087 1.31 62.59 101.97
N HIS F 1088 1.18 61.26 101.91
CA HIS F 1088 2.05 60.37 102.65
C HIS F 1088 2.75 59.40 101.69
N TRP F 1089 3.92 58.91 102.10
CA TRP F 1089 4.73 58.02 101.29
C TRP F 1089 4.71 56.60 101.86
N PHE F 1090 4.49 55.63 100.98
CA PHE F 1090 4.48 54.21 101.34
C PHE F 1090 5.35 53.45 100.35
N VAL F 1091 5.52 52.16 100.63
CA VAL F 1091 6.19 51.24 99.72
C VAL F 1091 5.27 50.04 99.48
N THR F 1092 5.05 49.72 98.21
CA THR F 1092 4.18 48.61 97.84
C THR F 1092 4.96 47.55 97.08
N GLN F 1093 4.39 46.35 97.01
CA GLN F 1093 4.82 45.40 96.01
C GLN F 1093 4.27 45.82 94.65
N ARG F 1094 4.95 45.38 93.59
CA ARG F 1094 4.77 46.03 92.29
C ARG F 1094 3.53 45.58 91.53
N ASN F 1095 2.93 44.44 91.89
CA ASN F 1095 1.82 43.89 91.13
C ASN F 1095 0.50 43.93 91.87
N PHE F 1096 0.49 44.41 93.11
CA PHE F 1096 -0.72 44.45 93.91
C PHE F 1096 -0.57 45.54 94.95
N TYR F 1097 -1.59 46.37 95.09
CA TYR F 1097 -1.48 47.55 95.94
C TYR F 1097 -1.66 47.14 97.41
N GLU F 1098 -0.63 47.36 98.22
CA GLU F 1098 -0.65 47.02 99.63
C GLU F 1098 0.40 47.86 100.34
N PRO F 1099 0.04 49.08 100.74
CA PRO F 1099 1.06 50.02 101.21
C PRO F 1099 1.55 49.74 102.62
N GLN F 1100 2.84 49.99 102.84
CA GLN F 1100 3.48 49.75 104.12
C GLN F 1100 4.15 51.03 104.59
N ILE F 1101 4.56 51.05 105.86
CA ILE F 1101 5.35 52.16 106.38
C ILE F 1101 6.80 51.96 105.97
N ILE F 1102 7.45 53.05 105.56
CA ILE F 1102 8.84 52.97 105.10
C ILE F 1102 9.74 52.88 106.33
N THR F 1103 10.36 51.73 106.53
CA THR F 1103 11.26 51.49 107.65
C THR F 1103 12.62 51.06 107.12
N THR F 1104 13.53 50.74 108.04
CA THR F 1104 14.85 50.28 107.65
C THR F 1104 14.87 48.79 107.32
N ASP F 1105 13.74 48.10 107.47
CA ASP F 1105 13.70 46.68 107.15
C ASP F 1105 13.35 46.44 105.69
N ASN F 1106 12.58 47.33 105.07
CA ASN F 1106 12.21 47.17 103.68
C ASN F 1106 12.96 48.12 102.75
N THR F 1107 14.02 48.76 103.23
CA THR F 1107 14.87 49.61 102.39
C THR F 1107 16.34 49.29 102.67
N PHE F 1108 17.18 49.68 101.72
CA PHE F 1108 18.63 49.63 101.90
C PHE F 1108 19.24 50.94 101.44
N VAL F 1109 20.38 51.27 102.03
CA VAL F 1109 21.01 52.59 101.88
C VAL F 1109 22.23 52.45 100.98
N SER F 1110 22.45 53.44 100.12
CA SER F 1110 23.60 53.43 99.22
C SER F 1110 23.89 54.86 98.77
N GLY F 1111 24.98 55.44 99.29
CA GLY F 1111 25.40 56.76 98.85
C GLY F 1111 24.69 57.88 99.58
N ASN F 1112 24.96 59.10 99.12
CA ASN F 1112 24.36 60.30 99.68
C ASN F 1112 23.30 60.86 98.73
N CYS F 1113 22.62 61.91 99.15
CA CYS F 1113 21.46 62.46 98.44
C CYS F 1113 21.84 63.41 97.30
N ASP F 1114 23.07 63.34 96.80
CA ASP F 1114 23.53 64.32 95.82
C ASP F 1114 23.43 63.79 94.39
N VAL F 1115 23.53 62.48 94.18
CA VAL F 1115 23.73 61.91 92.86
C VAL F 1115 22.41 61.58 92.16
N VAL F 1116 21.43 61.07 92.90
CA VAL F 1116 20.22 60.54 92.26
C VAL F 1116 19.35 61.68 91.76
N ILE F 1117 18.79 61.51 90.57
CA ILE F 1117 17.91 62.52 89.97
C ILE F 1117 16.47 62.21 90.34
N GLY F 1118 15.84 63.14 91.07
CA GLY F 1118 14.46 62.96 91.46
C GLY F 1118 14.25 62.41 92.85
N ILE F 1119 15.26 62.50 93.72
CA ILE F 1119 15.13 61.99 95.09
C ILE F 1119 14.22 62.91 95.89
N VAL F 1120 13.53 62.35 96.88
CA VAL F 1120 12.53 63.03 97.67
C VAL F 1120 12.89 62.92 99.15
N ASN F 1121 12.57 63.97 99.91
CA ASN F 1121 12.79 63.98 101.35
C ASN F 1121 11.58 63.37 102.06
N ASN F 1122 11.85 62.45 102.98
CA ASN F 1122 10.82 61.85 103.81
C ASN F 1122 11.51 61.11 104.94
N THR F 1123 10.77 60.81 105.99
CA THR F 1123 11.34 60.14 107.14
C THR F 1123 11.30 58.63 106.98
N VAL F 1124 12.36 57.98 107.46
CA VAL F 1124 12.47 56.52 107.44
C VAL F 1124 12.44 56.07 108.89
N TYR F 1125 11.37 55.35 109.25
CA TYR F 1125 11.17 54.94 110.63
C TYR F 1125 12.12 53.81 110.99
N ASP F 1126 12.57 53.80 112.24
CA ASP F 1126 13.46 52.77 112.74
C ASP F 1126 12.70 51.88 113.71
N PRO F 1127 12.46 50.60 113.39
CA PRO F 1127 11.68 49.76 114.30
C PRO F 1127 12.34 49.52 115.64
N LEU F 1128 13.66 49.59 115.72
CA LEU F 1128 14.36 49.36 116.98
C LEU F 1128 14.36 50.59 117.88
N GLN F 1129 14.06 51.77 117.33
CA GLN F 1129 14.11 52.99 118.13
C GLN F 1129 13.17 52.99 119.34
N PRO F 1130 11.89 52.63 119.23
CA PRO F 1130 11.03 52.63 120.43
C PRO F 1130 11.36 51.53 121.43
N GLU F 1131 12.12 50.51 121.03
CA GLU F 1131 12.46 49.43 121.96
C GLU F 1131 13.36 49.93 123.07
N LEU F 1132 14.49 50.55 122.72
CA LEU F 1132 15.38 51.10 123.75
C LEU F 1132 14.86 52.41 124.32
N ASP F 1133 13.80 52.97 123.73
CA ASP F 1133 13.19 54.17 124.30
C ASP F 1133 12.54 53.87 125.65
N SER F 1134 12.21 52.61 125.88
CA SER F 1134 11.58 52.21 127.15
C SER F 1134 12.33 51.05 127.78
N GLN G 1 -7.35 69.99 -36.18
CA GLN G 1 -7.04 70.32 -37.56
C GLN G 1 -5.53 70.21 -37.79
N ILE G 2 -5.14 69.84 -39.01
CA ILE G 2 -3.74 69.62 -39.34
C ILE G 2 -3.36 70.49 -40.52
N THR G 3 -2.08 70.87 -40.56
CA THR G 3 -1.54 71.68 -41.64
C THR G 3 -0.26 71.03 -42.16
N LEU G 4 -0.08 71.08 -43.48
CA LEU G 4 1.10 70.52 -44.13
C LEU G 4 1.54 71.44 -45.27
N LYS G 5 2.75 71.99 -45.14
CA LYS G 5 3.28 72.94 -46.10
C LYS G 5 4.54 72.40 -46.74
N GLU G 6 4.69 72.62 -48.04
CA GLU G 6 5.84 72.18 -48.81
C GLU G 6 6.88 73.30 -48.93
N SER G 7 8.12 72.89 -49.14
CA SER G 7 9.22 73.83 -49.33
C SER G 7 10.35 73.12 -50.06
N GLY G 8 11.26 73.92 -50.61
CA GLY G 8 12.39 73.39 -51.34
C GLY G 8 12.64 74.16 -52.62
N PRO G 9 13.83 74.00 -53.19
CA PRO G 9 14.16 74.71 -54.45
C PRO G 9 13.25 74.25 -55.58
N THR G 10 12.60 75.22 -56.22
CA THR G 10 11.68 74.92 -57.31
C THR G 10 12.36 74.93 -58.68
N LEU G 11 13.59 75.45 -58.79
CA LEU G 11 14.31 75.52 -60.05
C LEU G 11 15.49 74.56 -59.98
N VAL G 12 15.41 73.47 -60.74
CA VAL G 12 16.43 72.43 -60.74
C VAL G 12 16.84 72.13 -62.17
N LYS G 13 18.14 72.19 -62.44
CA LYS G 13 18.69 71.87 -63.75
C LYS G 13 18.53 70.38 -64.05
N PRO G 14 18.58 69.99 -65.32
CA PRO G 14 18.40 68.58 -65.66
C PRO G 14 19.48 67.68 -65.09
N THR G 15 19.09 66.44 -64.78
CA THR G 15 19.95 65.34 -64.31
C THR G 15 20.84 65.71 -63.12
N GLN G 16 20.39 66.66 -62.30
CA GLN G 16 20.86 66.73 -60.91
C GLN G 16 19.77 66.19 -59.99
N THR G 17 19.98 66.33 -58.69
CA THR G 17 19.06 65.81 -57.68
C THR G 17 18.15 66.92 -57.17
N LEU G 18 16.96 66.52 -56.72
CA LEU G 18 15.97 67.44 -56.17
C LEU G 18 15.55 66.95 -54.78
N THR G 19 15.34 67.91 -53.88
CA THR G 19 14.99 67.62 -52.50
C THR G 19 13.87 68.55 -52.06
N LEU G 20 12.76 67.97 -51.61
CA LEU G 20 11.62 68.72 -51.09
C LEU G 20 11.41 68.37 -49.62
N THR G 21 10.86 69.31 -48.86
CA THR G 21 10.63 69.12 -47.44
C THR G 21 9.21 69.56 -47.09
N CYS G 22 8.49 68.71 -46.36
CA CYS G 22 7.14 69.00 -45.91
C CYS G 22 7.16 69.17 -44.40
N THR G 23 6.62 70.28 -43.93
CA THR G 23 6.46 70.56 -42.50
C THR G 23 5.01 70.41 -42.13
N PHE G 24 4.74 69.62 -41.09
CA PHE G 24 3.39 69.29 -40.69
C PHE G 24 3.18 69.62 -39.21
N SER G 25 2.00 70.18 -38.92
CA SER G 25 1.60 70.52 -37.57
C SER G 25 0.18 70.03 -37.34
N GLY G 26 -0.16 69.83 -36.06
CA GLY G 26 -1.44 69.26 -35.68
C GLY G 26 -1.42 67.75 -35.53
N PHE G 27 -0.33 67.10 -35.94
CA PHE G 27 -0.17 65.67 -35.74
C PHE G 27 1.32 65.35 -35.72
N SER G 28 1.65 64.19 -35.16
CA SER G 28 3.02 63.78 -34.99
C SER G 28 3.23 62.41 -35.62
N LEU G 29 4.49 62.10 -35.93
CA LEU G 29 4.82 60.82 -36.54
C LEU G 29 5.14 59.78 -35.48
N SER G 30 4.24 59.64 -34.51
CA SER G 30 4.35 58.58 -33.51
C SER G 30 3.01 57.90 -33.23
N THR G 31 1.90 58.42 -33.75
CA THR G 31 0.58 57.86 -33.51
C THR G 31 0.34 56.67 -34.43
N SER G 32 -0.30 55.63 -33.90
CA SER G 32 -0.66 54.48 -34.70
C SER G 32 -1.59 54.88 -35.83
N GLY G 33 -1.36 54.30 -37.01
CA GLY G 33 -2.20 54.56 -38.15
C GLY G 33 -1.94 55.87 -38.87
N VAL G 34 -0.87 56.58 -38.52
CA VAL G 34 -0.56 57.88 -39.09
C VAL G 34 0.62 57.73 -40.04
N GLY G 35 0.45 58.21 -41.28
CA GLY G 35 1.53 58.19 -42.25
C GLY G 35 1.53 59.46 -43.06
N VAL G 36 2.59 59.62 -43.86
CA VAL G 36 2.77 60.80 -44.71
C VAL G 36 3.02 60.34 -46.14
N ALA G 37 2.31 60.95 -47.09
CA ALA G 37 2.41 60.59 -48.49
C ALA G 37 2.97 61.75 -49.30
N TRP G 38 3.76 61.40 -50.32
CA TRP G 38 4.23 62.35 -51.32
C TRP G 38 3.65 61.97 -52.67
N ILE G 39 3.02 62.94 -53.34
CA ILE G 39 2.37 62.73 -54.62
C ILE G 39 2.80 63.84 -55.57
N ARG G 40 2.79 63.55 -56.87
CA ARG G 40 3.10 64.56 -57.89
C ARG G 40 2.05 64.51 -58.98
N GLN G 41 1.84 65.67 -59.62
CA GLN G 41 0.90 65.79 -60.73
C GLN G 41 1.49 66.67 -61.83
N PRO G 42 1.77 66.13 -63.00
CA PRO G 42 2.16 66.97 -64.13
C PRO G 42 1.03 67.89 -64.53
N PRO G 43 1.34 69.12 -64.97
CA PRO G 43 0.28 70.06 -65.33
C PRO G 43 -0.59 69.58 -66.48
N GLY G 44 -1.91 69.55 -66.26
CA GLY G 44 -2.84 69.10 -67.28
C GLY G 44 -3.09 67.62 -67.31
N LYS G 45 -2.33 66.83 -66.57
CA LYS G 45 -2.46 65.38 -66.53
C LYS G 45 -2.84 64.96 -65.10
N ALA G 46 -3.22 63.69 -64.95
CA ALA G 46 -3.74 63.19 -63.70
C ALA G 46 -2.65 63.15 -62.63
N LEU G 47 -3.10 62.98 -61.38
CA LEU G 47 -2.21 62.84 -60.23
C LEU G 47 -1.39 61.56 -60.33
N GLU G 48 -0.26 61.53 -59.63
CA GLU G 48 0.61 60.35 -59.60
C GLU G 48 1.23 60.21 -58.22
N TRP G 49 0.88 59.15 -57.50
CA TRP G 49 1.45 58.87 -56.20
C TRP G 49 2.94 58.58 -56.31
N LEU G 50 3.72 59.07 -55.36
CA LEU G 50 5.17 58.88 -55.36
C LEU G 50 5.65 57.97 -54.23
N ALA G 51 5.31 58.30 -52.98
CA ALA G 51 5.87 57.55 -51.86
C ALA G 51 4.95 57.65 -50.64
N LEU G 52 5.15 56.71 -49.72
CA LEU G 52 4.43 56.67 -48.45
C LEU G 52 5.40 56.28 -47.33
N ILE G 53 5.25 56.94 -46.19
CA ILE G 53 6.04 56.66 -44.99
C ILE G 53 5.08 56.42 -43.84
N TYR G 54 5.39 55.42 -43.02
CA TYR G 54 4.55 55.01 -41.91
C TYR G 54 5.10 55.55 -40.59
N TRP G 55 4.32 55.37 -39.52
CA TRP G 55 4.79 55.78 -38.20
C TRP G 55 5.88 54.86 -37.68
N ASP G 56 5.89 53.60 -38.13
CA ASP G 56 6.88 52.63 -37.69
C ASP G 56 8.00 52.42 -38.71
N ASN G 57 8.40 53.50 -39.39
CA ASN G 57 9.55 53.54 -40.30
C ASN G 57 9.38 52.67 -41.54
N ASP G 58 8.21 52.08 -41.75
CA ASP G 58 7.97 51.33 -42.97
C ASP G 58 7.84 52.28 -44.14
N LYS G 59 8.48 51.92 -45.26
CA LYS G 59 8.54 52.77 -46.44
C LYS G 59 7.91 52.06 -47.63
N ARG G 60 7.21 52.82 -48.46
CA ARG G 60 6.66 52.31 -49.71
C ARG G 60 6.96 53.31 -50.83
N SER G 61 7.44 52.80 -51.96
CA SER G 61 7.81 53.64 -53.08
C SER G 61 7.23 53.08 -54.36
N SER G 62 7.13 53.92 -55.37
CA SER G 62 6.64 53.50 -56.67
C SER G 62 7.60 52.46 -57.26
N PRO G 63 7.10 51.34 -57.78
CA PRO G 63 8.01 50.30 -58.29
C PRO G 63 8.89 50.77 -59.43
N SER G 64 8.38 51.65 -60.29
CA SER G 64 9.17 52.12 -61.43
C SER G 64 10.26 53.10 -61.02
N LEU G 65 9.98 54.00 -60.07
CA LEU G 65 10.93 55.03 -59.68
C LEU G 65 11.67 54.69 -58.38
N ASN G 66 11.51 53.47 -57.87
CA ASN G 66 12.14 53.09 -56.62
C ASN G 66 13.67 53.18 -56.71
N ASN G 67 14.21 53.17 -57.93
CA ASN G 67 15.66 53.34 -58.09
C ASN G 67 16.11 54.72 -57.64
N ARG G 68 15.31 55.75 -57.93
CA ARG G 68 15.70 57.13 -57.67
C ARG G 68 14.72 57.85 -56.75
N LEU G 69 14.30 57.19 -55.68
CA LEU G 69 13.40 57.78 -54.69
C LEU G 69 13.93 57.48 -53.29
N THR G 70 13.90 58.48 -52.41
CA THR G 70 14.29 58.30 -51.02
C THR G 70 13.42 59.19 -50.13
N ILE G 71 13.02 58.66 -48.98
CA ILE G 71 12.18 59.40 -48.04
C ILE G 71 12.75 59.24 -46.64
N THR G 72 12.85 60.35 -45.90
CA THR G 72 13.33 60.35 -44.53
C THR G 72 12.39 61.18 -43.66
N LYS G 73 12.42 60.93 -42.36
CA LYS G 73 11.54 61.58 -41.41
C LYS G 73 12.34 62.17 -40.27
N ASP G 74 11.81 63.25 -39.70
CA ASP G 74 12.39 63.92 -38.53
C ASP G 74 11.25 64.15 -37.55
N THR G 75 11.20 63.33 -36.49
CA THR G 75 10.09 63.35 -35.55
C THR G 75 10.12 64.56 -34.63
N SER G 76 11.31 64.94 -34.13
CA SER G 76 11.39 66.03 -33.16
C SER G 76 10.98 67.35 -33.79
N LYS G 77 11.44 67.63 -35.02
CA LYS G 77 11.10 68.85 -35.71
C LYS G 77 9.90 68.67 -36.65
N ASN G 78 9.38 67.46 -36.78
CA ASN G 78 8.19 67.16 -37.58
C ASN G 78 8.38 67.60 -39.03
N GLN G 79 9.34 66.95 -39.70
CA GLN G 79 9.59 67.21 -41.12
C GLN G 79 9.69 65.90 -41.88
N VAL G 80 9.30 65.94 -43.15
CA VAL G 80 9.46 64.81 -44.05
C VAL G 80 10.26 65.26 -45.25
N VAL G 81 11.34 64.55 -45.57
CA VAL G 81 12.24 64.92 -46.65
C VAL G 81 12.13 63.89 -47.76
N LEU G 82 11.90 64.37 -48.98
CA LEU G 82 11.80 63.52 -50.16
C LEU G 82 12.89 63.91 -51.14
N THR G 83 13.65 62.92 -51.60
CA THR G 83 14.78 63.16 -52.49
C THR G 83 14.64 62.30 -53.73
N MET G 84 14.80 62.93 -54.90
CA MET G 84 14.87 62.24 -56.18
C MET G 84 16.21 62.54 -56.83
N THR G 85 16.75 61.55 -57.53
CA THR G 85 18.01 61.68 -58.23
C THR G 85 17.81 61.50 -59.73
N ASN G 86 18.69 62.13 -60.51
CA ASN G 86 18.67 62.06 -61.97
C ASN G 86 17.32 62.54 -62.52
N MET G 87 17.07 63.82 -62.26
CA MET G 87 15.81 64.43 -62.66
C MET G 87 15.69 64.49 -64.18
N ASP G 88 14.49 64.31 -64.69
CA ASP G 88 14.17 64.33 -66.11
C ASP G 88 13.42 65.61 -66.46
N PRO G 89 13.60 66.13 -67.67
CA PRO G 89 12.86 67.34 -68.08
C PRO G 89 11.36 67.12 -68.19
N GLU G 90 10.90 65.87 -68.28
CA GLU G 90 9.48 65.55 -68.35
C GLU G 90 8.87 65.36 -66.97
N ASP G 91 9.62 65.64 -65.90
CA ASP G 91 9.14 65.54 -64.54
C ASP G 91 8.56 66.86 -64.02
N THR G 92 8.43 67.86 -64.88
CA THR G 92 7.82 69.12 -64.48
C THR G 92 6.40 68.88 -64.00
N ALA G 93 6.12 69.22 -62.75
CA ALA G 93 4.86 68.85 -62.12
C ALA G 93 4.63 69.75 -60.91
N THR G 94 3.63 69.40 -60.11
CA THR G 94 3.36 70.04 -58.82
C THR G 94 3.31 68.94 -57.77
N TYR G 95 4.00 69.17 -56.65
CA TYR G 95 4.20 68.15 -55.62
C TYR G 95 3.37 68.48 -54.39
N TYR G 96 2.73 67.47 -53.82
CA TYR G 96 1.90 67.60 -52.64
C TYR G 96 2.35 66.60 -51.58
N CYS G 97 2.27 67.01 -50.31
CA CYS G 97 2.49 66.14 -49.17
C CYS G 97 1.19 66.06 -48.37
N ALA G 98 0.79 64.84 -48.04
CA ALA G 98 -0.55 64.56 -47.55
C ALA G 98 -0.49 63.70 -46.30
N HIS G 99 -1.52 63.80 -45.46
CA HIS G 99 -1.63 62.91 -44.31
C HIS G 99 -2.31 61.61 -44.72
N PHE G 100 -2.08 60.56 -43.96
CA PHE G 100 -2.68 59.25 -44.21
C PHE G 100 -3.13 58.64 -42.89
N PHE G 101 -4.38 58.18 -42.84
CA PHE G 101 -4.93 57.57 -41.64
C PHE G 101 -6.03 56.60 -42.03
N SER G 102 -6.11 55.48 -41.30
CA SER G 102 -7.08 54.43 -41.55
C SER G 102 -8.02 54.33 -40.36
N HIS G 103 -9.24 53.84 -40.61
CA HIS G 103 -10.30 53.81 -39.60
C HIS G 103 -10.46 52.41 -39.07
N TYR G 104 -10.34 52.26 -37.76
CA TYR G 104 -10.66 51.02 -37.05
C TYR G 104 -11.54 51.38 -35.86
N ASP G 105 -12.44 50.47 -35.49
CA ASP G 105 -13.36 50.70 -34.37
C ASP G 105 -13.33 49.50 -33.42
N SER G 106 -12.35 49.49 -32.52
CA SER G 106 -12.35 48.62 -31.34
C SER G 106 -12.39 47.14 -31.69
N SER G 107 -12.38 46.79 -32.98
CA SER G 107 -12.51 45.40 -33.38
C SER G 107 -11.66 45.03 -34.59
N ASN G 108 -10.88 45.96 -35.13
CA ASN G 108 -9.95 45.70 -36.23
C ASN G 108 -10.70 45.17 -37.46
N TYR G 109 -11.57 46.03 -38.00
CA TYR G 109 -12.29 45.70 -39.22
C TYR G 109 -11.82 46.49 -40.43
N TYR G 110 -11.09 47.59 -40.22
CA TYR G 110 -10.49 48.37 -41.30
C TYR G 110 -11.55 48.91 -42.25
N TYR G 111 -12.34 49.88 -41.79
CA TYR G 111 -13.33 50.50 -42.67
C TYR G 111 -12.66 51.42 -43.69
N GLY G 112 -11.80 50.85 -44.53
CA GLY G 112 -11.14 51.59 -45.59
C GLY G 112 -10.06 52.53 -45.09
N SER G 113 -9.22 52.95 -46.03
CA SER G 113 -8.17 53.93 -45.77
C SER G 113 -8.32 55.05 -46.80
N TRP G 114 -7.81 56.22 -46.45
CA TRP G 114 -8.07 57.41 -47.26
C TRP G 114 -6.86 58.33 -47.21
N PHE G 115 -6.95 59.40 -47.99
CA PHE G 115 -5.97 60.48 -47.99
C PHE G 115 -6.66 61.74 -47.48
N ASP G 116 -6.60 61.92 -46.16
CA ASP G 116 -7.12 63.11 -45.49
C ASP G 116 -6.13 64.25 -45.75
N PRO G 117 -6.39 65.52 -45.26
CA PRO G 117 -5.81 66.71 -45.94
C PRO G 117 -4.38 66.61 -46.45
N TRP G 118 -4.18 67.20 -47.63
CA TRP G 118 -2.92 67.20 -48.33
C TRP G 118 -2.19 68.52 -48.09
N GLY G 119 -1.14 68.75 -48.87
CA GLY G 119 -0.41 69.99 -48.81
C GLY G 119 -0.82 70.98 -49.88
N GLN G 120 -0.18 72.15 -49.83
CA GLN G 120 -0.44 73.20 -50.83
C GLN G 120 0.08 72.80 -52.20
N GLY G 121 1.24 72.14 -52.26
CA GLY G 121 1.84 71.77 -53.51
C GLY G 121 2.77 72.83 -54.08
N THR G 122 3.97 72.43 -54.47
CA THR G 122 4.96 73.33 -55.03
C THR G 122 5.26 72.93 -56.47
N LEU G 123 5.44 73.92 -57.32
CA LEU G 123 5.66 73.68 -58.75
C LEU G 123 7.15 73.47 -59.00
N VAL G 124 7.47 72.39 -59.72
CA VAL G 124 8.85 72.06 -60.08
C VAL G 124 8.94 71.97 -61.59
N THR G 125 9.80 72.78 -62.19
CA THR G 125 10.08 72.74 -63.62
C THR G 125 11.56 72.46 -63.83
N VAL G 126 11.86 71.43 -64.64
CA VAL G 126 13.22 71.00 -64.89
C VAL G 126 13.53 71.30 -66.36
N SER G 127 14.31 72.35 -66.60
CA SER G 127 14.69 72.73 -67.95
C SER G 127 16.03 73.44 -67.90
N SER G 128 16.72 73.44 -69.04
CA SER G 128 18.05 74.04 -69.15
C SER G 128 17.92 75.38 -69.87
N ALA G 129 17.88 76.46 -69.10
CA ALA G 129 17.79 77.80 -69.66
C ALA G 129 18.18 78.80 -68.57
N SER G 130 18.26 80.07 -68.96
CA SER G 130 18.63 81.15 -68.07
C SER G 130 17.51 82.17 -68.00
N THR G 131 17.31 82.75 -66.81
CA THR G 131 16.24 83.70 -66.60
C THR G 131 16.51 84.99 -67.39
N LYS G 132 15.52 85.42 -68.16
CA LYS G 132 15.62 86.67 -68.92
C LYS G 132 14.28 87.41 -68.84
N GLY G 133 14.34 88.71 -69.08
CA GLY G 133 13.18 89.56 -69.01
C GLY G 133 12.18 89.32 -70.12
N PRO G 134 10.90 89.46 -69.80
CA PRO G 134 9.86 89.29 -70.83
C PRO G 134 9.82 90.48 -71.79
N SER G 135 9.18 90.25 -72.93
CA SER G 135 8.98 91.27 -73.95
C SER G 135 7.50 91.39 -74.25
N VAL G 136 6.99 92.62 -74.26
CA VAL G 136 5.57 92.89 -74.51
C VAL G 136 5.41 93.48 -75.90
N PHE G 137 4.39 93.01 -76.61
CA PHE G 137 4.07 93.48 -77.94
C PHE G 137 2.60 93.94 -77.97
N PRO G 138 2.32 95.16 -78.41
CA PRO G 138 0.95 95.68 -78.39
C PRO G 138 0.13 95.16 -79.56
N LEU G 139 -0.82 94.29 -79.28
CA LEU G 139 -1.78 93.83 -80.28
C LEU G 139 -2.90 94.85 -80.34
N ALA G 140 -2.74 95.81 -81.25
CA ALA G 140 -3.70 96.89 -81.40
C ALA G 140 -4.93 96.40 -82.17
N PRO G 141 -6.08 97.04 -81.97
CA PRO G 141 -7.29 96.64 -82.69
C PRO G 141 -7.21 96.98 -84.16
N SER G 142 -7.94 96.20 -84.96
CA SER G 142 -8.03 96.46 -86.39
C SER G 142 -8.76 97.77 -86.66
N SER G 143 -8.44 98.40 -87.79
CA SER G 143 -9.01 99.71 -88.14
C SER G 143 -10.46 99.52 -88.57
N LYS G 144 -11.33 99.43 -87.58
CA LYS G 144 -12.77 99.30 -87.79
C LYS G 144 -13.49 100.44 -87.08
N SER G 145 -14.56 100.93 -87.71
CA SER G 145 -15.26 102.10 -87.18
C SER G 145 -16.15 101.72 -86.00
N THR G 146 -17.15 100.88 -86.25
CA THR G 146 -18.02 100.39 -85.17
C THR G 146 -18.08 98.87 -85.10
N SER G 147 -18.31 98.19 -86.22
CA SER G 147 -18.49 96.73 -86.25
C SER G 147 -19.53 96.29 -85.23
N GLY G 148 -20.62 97.04 -85.14
CA GLY G 148 -21.63 96.77 -84.13
C GLY G 148 -21.27 97.26 -82.74
N GLY G 149 -20.34 98.20 -82.63
CA GLY G 149 -19.95 98.75 -81.33
C GLY G 149 -19.23 97.79 -80.42
N THR G 150 -18.33 96.98 -80.96
CA THR G 150 -17.55 96.04 -80.15
C THR G 150 -16.23 95.76 -80.83
N ALA G 151 -15.14 95.87 -80.07
CA ALA G 151 -13.81 95.53 -80.57
C ALA G 151 -12.97 95.02 -79.41
N ALA G 152 -11.76 94.58 -79.72
CA ALA G 152 -10.86 94.09 -78.68
C ALA G 152 -9.43 94.42 -79.04
N LEU G 153 -8.58 94.42 -78.01
CA LEU G 153 -7.15 94.74 -78.17
C LEU G 153 -6.41 94.04 -77.05
N GLY G 154 -5.10 94.29 -76.95
CA GLY G 154 -4.39 93.77 -75.80
C GLY G 154 -2.89 93.73 -76.04
N CYS G 155 -2.25 92.84 -75.28
CA CYS G 155 -0.79 92.68 -75.30
C CYS G 155 -0.42 91.21 -75.40
N LEU G 156 0.75 90.96 -75.96
CA LEU G 156 1.33 89.62 -76.06
C LEU G 156 2.66 89.63 -75.34
N VAL G 157 2.79 88.78 -74.32
CA VAL G 157 4.01 88.69 -73.53
C VAL G 157 4.75 87.45 -74.00
N LYS G 158 6.02 87.60 -74.35
CA LYS G 158 6.81 86.50 -74.88
C LYS G 158 8.19 86.50 -74.24
N ASP G 159 8.88 85.37 -74.39
CA ASP G 159 10.31 85.26 -74.09
C ASP G 159 10.58 85.56 -72.61
N TYR G 160 9.96 84.74 -71.77
CA TYR G 160 10.17 84.80 -70.34
C TYR G 160 10.41 83.40 -69.80
N PHE G 161 11.21 83.31 -68.75
CA PHE G 161 11.58 82.04 -68.14
C PHE G 161 12.21 82.31 -66.79
N PRO G 162 11.80 81.63 -65.72
CA PRO G 162 10.71 80.66 -65.71
C PRO G 162 9.36 81.27 -65.33
N GLU G 163 8.36 80.42 -65.13
CA GLU G 163 7.03 80.85 -64.74
C GLU G 163 7.04 81.40 -63.31
N PRO G 164 6.06 82.24 -62.95
CA PRO G 164 4.97 82.77 -63.77
C PRO G 164 5.09 84.26 -64.10
N VAL G 165 4.16 84.75 -64.89
CA VAL G 165 4.06 86.17 -65.26
C VAL G 165 2.69 86.68 -64.84
N THR G 166 2.68 87.83 -64.17
CA THR G 166 1.43 88.48 -63.78
C THR G 166 1.18 89.67 -64.69
N VAL G 167 -0.02 89.72 -65.28
CA VAL G 167 -0.40 90.78 -66.20
C VAL G 167 -1.60 91.51 -65.63
N SER G 168 -1.52 92.84 -65.60
CA SER G 168 -2.59 93.68 -65.10
C SER G 168 -2.94 94.72 -66.16
N TRP G 169 -4.15 95.27 -66.07
CA TRP G 169 -4.61 96.30 -67.00
C TRP G 169 -5.09 97.50 -66.21
N ASN G 170 -4.55 98.68 -66.53
CA ASN G 170 -4.85 99.92 -65.82
C ASN G 170 -4.64 99.75 -64.32
N SER G 171 -3.58 99.02 -63.95
CA SER G 171 -3.29 98.64 -62.58
C SER G 171 -4.48 97.94 -61.93
N GLY G 172 -5.16 97.08 -62.69
CA GLY G 172 -6.31 96.35 -62.20
C GLY G 172 -7.61 97.11 -62.17
N ALA G 173 -7.66 98.31 -62.75
CA ALA G 173 -8.86 99.14 -62.71
C ALA G 173 -10.04 98.53 -63.45
N LEU G 174 -9.80 97.80 -64.53
CA LEU G 174 -10.86 97.25 -65.37
C LEU G 174 -10.80 95.73 -65.28
N THR G 175 -11.97 95.11 -65.08
CA THR G 175 -12.05 93.66 -64.97
C THR G 175 -13.10 93.05 -65.91
N SER G 176 -13.72 93.85 -66.77
CA SER G 176 -14.76 93.36 -67.67
C SER G 176 -14.14 92.95 -69.00
N GLY G 177 -14.35 91.70 -69.39
CA GLY G 177 -13.80 91.21 -70.64
C GLY G 177 -12.29 91.10 -70.66
N VAL G 178 -11.67 90.70 -69.55
CA VAL G 178 -10.22 90.54 -69.47
C VAL G 178 -9.92 89.06 -69.45
N HIS G 179 -9.17 88.59 -70.45
CA HIS G 179 -8.85 87.17 -70.61
C HIS G 179 -7.33 87.02 -70.73
N THR G 180 -6.76 86.20 -69.86
CA THR G 180 -5.33 85.88 -69.88
C THR G 180 -5.20 84.36 -70.05
N PHE G 181 -4.82 83.94 -71.24
CA PHE G 181 -4.71 82.52 -71.54
C PHE G 181 -3.52 81.91 -70.78
N PRO G 182 -3.61 80.62 -70.44
CA PRO G 182 -2.47 79.95 -69.80
C PRO G 182 -1.25 79.96 -70.71
N ALA G 183 -0.08 80.10 -70.09
CA ALA G 183 1.16 80.13 -70.86
C ALA G 183 1.46 78.77 -71.46
N VAL G 184 2.00 78.78 -72.67
CA VAL G 184 2.37 77.56 -73.38
C VAL G 184 3.89 77.50 -73.47
N LEU G 185 4.43 76.29 -73.31
CA LEU G 185 5.86 76.06 -73.42
C LEU G 185 6.22 75.75 -74.87
N GLN G 186 7.05 76.59 -75.46
CA GLN G 186 7.49 76.39 -76.84
C GLN G 186 8.58 75.33 -76.88
N SER G 187 8.98 74.95 -78.10
CA SER G 187 9.99 73.92 -78.27
C SER G 187 11.36 74.32 -77.76
N SER G 188 11.68 75.60 -77.74
CA SER G 188 12.97 76.09 -77.29
C SER G 188 13.02 76.35 -75.79
N GLY G 189 12.11 75.73 -75.02
CA GLY G 189 12.07 75.97 -73.60
C GLY G 189 11.74 77.39 -73.22
N LEU G 190 10.79 78.01 -73.92
CA LEU G 190 10.46 79.41 -73.72
C LEU G 190 8.96 79.56 -73.60
N TYR G 191 8.53 80.66 -73.01
CA TYR G 191 7.12 80.88 -72.68
C TYR G 191 6.55 82.08 -73.41
N SER G 192 5.22 82.08 -73.52
CA SER G 192 4.47 83.16 -74.17
C SER G 192 2.99 83.07 -73.82
N LEU G 193 2.39 84.21 -73.44
CA LEU G 193 0.97 84.28 -73.11
C LEU G 193 0.40 85.55 -73.72
N SER G 194 -0.93 85.66 -73.68
CA SER G 194 -1.64 86.79 -74.26
C SER G 194 -2.64 87.33 -73.25
N SER G 195 -2.82 88.65 -73.27
CA SER G 195 -3.83 89.30 -72.43
C SER G 195 -4.67 90.20 -73.33
N VAL G 196 -5.94 89.85 -73.49
CA VAL G 196 -6.85 90.54 -74.40
C VAL G 196 -8.00 91.15 -73.61
N VAL G 197 -8.30 92.41 -73.88
CA VAL G 197 -9.40 93.13 -73.25
C VAL G 197 -10.32 93.65 -74.35
N THR G 198 -11.62 93.54 -74.11
CA THR G 198 -12.64 93.97 -75.07
C THR G 198 -13.15 95.34 -74.68
N VAL G 199 -13.23 96.24 -75.67
CA VAL G 199 -13.68 97.61 -75.45
C VAL G 199 -14.66 97.99 -76.54
N PRO G 200 -15.58 98.92 -76.24
CA PRO G 200 -16.47 99.44 -77.29
C PRO G 200 -15.68 100.17 -78.36
N SER G 201 -16.22 100.15 -79.59
CA SER G 201 -15.56 100.82 -80.70
C SER G 201 -15.47 102.32 -80.48
N SER G 202 -16.54 102.92 -79.94
CA SER G 202 -16.52 104.35 -79.65
C SER G 202 -15.59 104.72 -78.50
N SER G 203 -15.12 103.73 -77.72
CA SER G 203 -14.20 103.97 -76.63
C SER G 203 -12.75 103.67 -77.00
N LEU G 204 -12.46 103.44 -78.28
CA LEU G 204 -11.11 103.11 -78.70
C LEU G 204 -10.14 104.27 -78.43
N GLY G 205 -10.57 105.50 -78.72
CA GLY G 205 -9.68 106.63 -78.62
C GLY G 205 -9.90 107.52 -77.42
N THR G 206 -11.07 107.46 -76.81
CA THR G 206 -11.38 108.30 -75.66
C THR G 206 -10.70 107.83 -74.38
N GLN G 207 -10.15 106.61 -74.37
CA GLN G 207 -9.47 106.06 -73.21
C GLN G 207 -8.17 105.41 -73.65
N THR G 208 -7.08 105.76 -72.99
CA THR G 208 -5.78 105.13 -73.24
C THR G 208 -5.69 103.87 -72.39
N TYR G 209 -5.04 102.85 -72.93
CA TYR G 209 -4.93 101.56 -72.26
C TYR G 209 -3.48 101.19 -72.02
N ILE G 210 -3.19 100.75 -70.79
CA ILE G 210 -1.87 100.37 -70.35
C ILE G 210 -1.92 98.93 -69.86
N CYS G 211 -0.96 98.11 -70.30
CA CYS G 211 -0.84 96.75 -69.82
C CYS G 211 0.48 96.59 -69.10
N ASN G 212 0.43 96.09 -67.87
CA ASN G 212 1.59 95.97 -66.99
C ASN G 212 1.97 94.51 -66.85
N VAL G 213 3.24 94.21 -67.06
CA VAL G 213 3.78 92.86 -66.93
C VAL G 213 4.77 92.85 -65.77
N ASN G 214 4.62 91.84 -64.91
CA ASN G 214 5.49 91.63 -63.76
C ASN G 214 6.03 90.21 -63.81
N HIS G 215 7.34 90.09 -63.69
CA HIS G 215 8.04 88.80 -63.72
C HIS G 215 9.04 88.80 -62.57
N LYS G 216 8.68 88.13 -61.47
CA LYS G 216 9.53 88.10 -60.28
C LYS G 216 10.90 87.48 -60.52
N PRO G 217 11.03 86.30 -61.16
CA PRO G 217 12.39 85.75 -61.34
C PRO G 217 13.32 86.65 -62.14
N SER G 218 12.80 87.38 -63.12
CA SER G 218 13.58 88.36 -63.84
C SER G 218 13.50 89.75 -63.24
N ASN G 219 12.67 89.94 -62.21
CA ASN G 219 12.52 91.23 -61.54
C ASN G 219 12.14 92.32 -62.52
N THR G 220 11.17 92.01 -63.38
CA THR G 220 10.80 92.87 -64.50
C THR G 220 9.42 93.48 -64.24
N LYS G 221 9.35 94.80 -64.38
CA LYS G 221 8.09 95.56 -64.31
C LYS G 221 8.04 96.47 -65.52
N VAL G 222 7.21 96.11 -66.50
CA VAL G 222 7.16 96.87 -67.76
C VAL G 222 5.72 97.22 -68.09
N ASP G 223 5.47 98.49 -68.41
CA ASP G 223 4.15 98.97 -68.79
C ASP G 223 4.18 99.35 -70.27
N LYS G 224 3.25 98.79 -71.04
CA LYS G 224 3.16 99.05 -72.48
C LYS G 224 1.83 99.71 -72.79
N ARG G 225 1.88 100.81 -73.54
CA ARG G 225 0.68 101.51 -73.95
C ARG G 225 0.18 100.95 -75.28
N VAL G 226 -1.13 100.72 -75.36
CA VAL G 226 -1.74 100.19 -76.58
C VAL G 226 -2.74 101.21 -77.11
N GLU G 227 -2.60 101.55 -78.39
CA GLU G 227 -3.50 102.47 -79.08
C GLU G 227 -3.76 101.92 -80.47
N PRO G 228 -4.93 102.22 -81.05
CA PRO G 228 -5.21 101.74 -82.41
C PRO G 228 -4.28 102.37 -83.43
N LYS G 229 -3.97 101.60 -84.47
CA LYS G 229 -3.10 102.04 -85.54
C LYS G 229 -3.85 102.05 -86.87
N SER G 230 -3.49 103.00 -87.72
CA SER G 230 -4.16 103.15 -89.01
C SER G 230 -3.31 102.52 -90.12
N CYS G 231 -3.86 102.53 -91.33
CA CYS G 231 -3.17 101.95 -92.49
C CYS G 231 -2.12 102.91 -93.05
N GLU H 1 -0.39 46.41 -63.68
CA GLU H 1 -0.97 47.17 -62.58
C GLU H 1 -2.49 47.24 -62.70
N ILE H 2 -3.15 47.72 -61.64
CA ILE H 2 -4.60 47.90 -61.63
C ILE H 2 -4.91 49.24 -62.28
N VAL H 3 -5.80 49.21 -63.28
CA VAL H 3 -6.13 50.39 -64.06
C VAL H 3 -7.58 50.76 -63.80
N LEU H 4 -7.82 52.01 -63.46
CA LEU H 4 -9.15 52.53 -63.16
C LEU H 4 -9.56 53.53 -64.24
N THR H 5 -10.72 53.27 -64.85
CA THR H 5 -11.24 54.10 -65.94
C THR H 5 -12.51 54.78 -65.49
N GLN H 6 -12.60 56.09 -65.73
CA GLN H 6 -13.75 56.89 -65.34
C GLN H 6 -14.64 57.19 -66.54
N SER H 7 -15.94 57.06 -66.34
CA SER H 7 -16.94 57.20 -67.38
C SER H 7 -18.02 58.17 -66.89
N PRO H 8 -18.40 59.16 -67.72
CA PRO H 8 -17.78 59.41 -69.02
C PRO H 8 -16.54 60.29 -68.91
N GLY H 9 -15.87 60.55 -70.04
CA GLY H 9 -14.71 61.41 -70.01
C GLY H 9 -15.04 62.82 -69.57
N THR H 10 -16.11 63.39 -70.12
CA THR H 10 -16.59 64.71 -69.72
C THR H 10 -18.11 64.66 -69.60
N LEU H 11 -18.62 65.14 -68.48
CA LEU H 11 -20.05 65.14 -68.21
C LEU H 11 -20.47 66.57 -67.87
N SER H 12 -21.37 67.14 -68.66
CA SER H 12 -21.83 68.51 -68.49
C SER H 12 -23.34 68.52 -68.29
N LEU H 13 -23.79 69.18 -67.24
CA LEU H 13 -25.21 69.30 -66.91
C LEU H 13 -25.52 70.75 -66.54
N SER H 14 -26.78 71.00 -66.25
CA SER H 14 -27.25 72.25 -65.69
C SER H 14 -27.32 72.16 -64.18
N PRO H 15 -27.19 73.29 -63.47
CA PRO H 15 -27.31 73.25 -62.00
C PRO H 15 -28.73 72.86 -61.59
N GLY H 16 -28.85 71.68 -60.97
CA GLY H 16 -30.14 71.23 -60.49
C GLY H 16 -30.43 69.76 -60.73
N GLU H 17 -29.87 69.20 -61.80
CA GLU H 17 -30.13 67.81 -62.16
C GLU H 17 -29.15 66.89 -61.44
N ARG H 18 -29.29 65.58 -61.66
CA ARG H 18 -28.48 64.57 -60.98
C ARG H 18 -27.28 64.19 -61.85
N ALA H 19 -26.13 64.04 -61.20
CA ALA H 19 -24.90 63.69 -61.89
C ALA H 19 -24.45 62.30 -61.46
N THR H 20 -24.15 61.45 -62.43
CA THR H 20 -23.70 60.09 -62.17
C THR H 20 -22.35 59.88 -62.82
N LEU H 21 -21.40 59.33 -62.06
CA LEU H 21 -20.06 59.01 -62.54
C LEU H 21 -19.78 57.54 -62.26
N SER H 22 -18.93 56.94 -63.08
CA SER H 22 -18.58 55.54 -62.92
C SER H 22 -17.07 55.36 -62.94
N CYS H 23 -16.58 54.46 -62.10
CA CYS H 23 -15.16 54.09 -62.08
C CYS H 23 -15.06 52.58 -62.14
N ARG H 24 -14.42 52.08 -63.19
CA ARG H 24 -14.26 50.65 -63.42
C ARG H 24 -12.81 50.24 -63.21
N ALA H 25 -12.62 49.15 -62.47
CA ALA H 25 -11.30 48.60 -62.19
C ALA H 25 -10.96 47.51 -63.20
N SER H 26 -9.69 47.48 -63.62
CA SER H 26 -9.26 46.44 -64.55
C SER H 26 -9.38 45.06 -63.94
N GLN H 27 -8.98 44.91 -62.69
CA GLN H 27 -9.07 43.65 -61.98
C GLN H 27 -10.10 43.75 -60.85
N SER H 28 -10.21 42.69 -60.06
CA SER H 28 -11.18 42.60 -58.99
C SER H 28 -10.48 42.62 -57.64
N PHE H 29 -10.90 43.52 -56.76
CA PHE H 29 -10.33 43.65 -55.43
C PHE H 29 -11.43 44.08 -54.46
N ASP H 30 -11.05 44.24 -53.19
CA ASP H 30 -12.03 44.52 -52.15
C ASP H 30 -12.67 45.89 -52.36
N SER H 31 -13.98 45.97 -52.06
CA SER H 31 -14.70 47.22 -52.23
C SER H 31 -14.28 48.29 -51.24
N ARG H 32 -13.57 47.92 -50.17
CA ARG H 32 -13.13 48.88 -49.16
C ARG H 32 -11.88 49.64 -49.56
N TYR H 33 -11.27 49.29 -50.70
CA TYR H 33 -10.04 49.94 -51.16
C TYR H 33 -10.30 51.06 -52.16
N LEU H 34 -11.56 51.39 -52.43
CA LEU H 34 -11.89 52.35 -53.47
C LEU H 34 -12.42 53.63 -52.83
N GLY H 35 -11.86 54.76 -53.26
CA GLY H 35 -12.27 56.05 -52.74
C GLY H 35 -12.36 57.07 -53.84
N TRP H 36 -12.93 58.23 -53.49
CA TRP H 36 -13.12 59.31 -54.45
C TRP H 36 -12.67 60.63 -53.83
N TYR H 37 -11.99 61.44 -54.63
CA TYR H 37 -11.45 62.74 -54.23
C TYR H 37 -11.97 63.81 -55.19
N GLN H 38 -12.01 65.05 -54.71
CA GLN H 38 -12.46 66.20 -55.49
C GLN H 38 -11.33 67.22 -55.61
N GLN H 39 -11.08 67.68 -56.84
CA GLN H 39 -10.10 68.73 -57.10
C GLN H 39 -10.78 69.84 -57.89
N LYS H 40 -10.59 71.08 -57.44
CA LYS H 40 -11.13 72.25 -58.12
C LYS H 40 -10.07 72.85 -59.03
N SER H 41 -10.36 74.00 -59.61
CA SER H 41 -9.42 74.67 -60.50
C SER H 41 -8.38 75.43 -59.69
N GLY H 42 -7.11 75.07 -59.88
CA GLY H 42 -6.03 75.73 -59.16
C GLY H 42 -6.10 75.56 -57.66
N GLN H 43 -6.48 74.38 -57.18
CA GLN H 43 -6.59 74.11 -55.76
C GLN H 43 -6.28 72.63 -55.53
N ALA H 44 -5.78 72.32 -54.31
CA ALA H 44 -5.34 70.97 -53.99
C ALA H 44 -6.55 70.04 -53.81
N PRO H 45 -6.42 68.79 -54.27
CA PRO H 45 -7.53 67.85 -54.08
C PRO H 45 -7.78 67.56 -52.61
N ARG H 46 -9.04 67.28 -52.29
CA ARG H 46 -9.47 67.01 -50.92
C ARG H 46 -10.19 65.66 -50.86
N LEU H 47 -10.12 65.02 -49.71
CA LEU H 47 -10.84 63.77 -49.51
C LEU H 47 -12.34 63.99 -49.66
N LEU H 48 -12.99 63.11 -50.41
CA LEU H 48 -14.45 63.17 -50.56
C LEU H 48 -15.15 61.97 -49.94
N ILE H 49 -14.85 60.76 -50.40
CA ILE H 49 -15.44 59.56 -49.82
C ILE H 49 -14.38 58.47 -49.76
N TYR H 50 -14.46 57.65 -48.72
CA TYR H 50 -13.50 56.59 -48.46
C TYR H 50 -14.23 55.26 -48.28
N GLY H 51 -13.56 54.18 -48.65
CA GLY H 51 -14.14 52.86 -48.55
C GLY H 51 -15.24 52.57 -49.54
N ALA H 52 -15.53 53.50 -50.45
CA ALA H 52 -16.58 53.38 -51.47
C ALA H 52 -17.97 53.28 -50.85
N SER H 53 -18.06 53.38 -49.52
CA SER H 53 -19.35 53.32 -48.85
C SER H 53 -19.50 54.30 -47.69
N SER H 54 -18.50 55.13 -47.41
CA SER H 54 -18.51 56.02 -46.25
C SER H 54 -18.24 57.45 -46.68
N ARG H 55 -18.97 58.37 -46.07
CA ARG H 55 -18.77 59.80 -46.30
C ARG H 55 -17.74 60.36 -45.33
N ALA H 56 -16.94 61.30 -45.81
CA ALA H 56 -15.91 61.92 -44.99
C ALA H 56 -16.53 63.01 -44.11
N THR H 57 -15.71 63.56 -43.22
CA THR H 57 -16.19 64.55 -42.27
C THR H 57 -16.65 65.82 -42.98
N GLY H 58 -17.92 66.17 -42.77
CA GLY H 58 -18.48 67.38 -43.34
C GLY H 58 -18.98 67.25 -44.77
N ILE H 59 -18.78 66.10 -45.40
CA ILE H 59 -19.22 65.90 -46.79
C ILE H 59 -20.74 65.89 -46.83
N PRO H 60 -21.37 66.69 -47.69
CA PRO H 60 -22.83 66.73 -47.74
C PRO H 60 -23.42 65.40 -48.20
N ASP H 61 -24.63 65.12 -47.72
CA ASP H 61 -25.31 63.87 -48.00
C ASP H 61 -25.71 63.71 -49.47
N ARG H 62 -25.67 64.80 -50.24
CA ARG H 62 -25.98 64.70 -51.67
C ARG H 62 -25.06 63.71 -52.37
N PHE H 63 -23.82 63.60 -51.92
CA PHE H 63 -22.85 62.69 -52.51
C PHE H 63 -23.06 61.29 -51.95
N SER H 64 -23.22 60.31 -52.83
CA SER H 64 -23.36 58.92 -52.41
C SER H 64 -22.63 58.03 -53.39
N GLY H 65 -22.35 56.81 -52.97
CA GLY H 65 -21.63 55.87 -53.81
C GLY H 65 -22.12 54.46 -53.60
N SER H 66 -21.97 53.65 -54.65
CA SER H 66 -22.33 52.23 -54.57
C SER H 66 -21.58 51.46 -55.64
N GLY H 67 -21.08 50.29 -55.28
CA GLY H 67 -20.36 49.49 -56.25
C GLY H 67 -19.75 48.26 -55.61
N SER H 68 -19.24 47.39 -56.47
CA SER H 68 -18.64 46.13 -56.05
C SER H 68 -17.90 45.54 -57.23
N GLY H 69 -17.29 44.38 -57.01
CA GLY H 69 -16.60 43.67 -58.06
C GLY H 69 -15.50 44.50 -58.70
N THR H 70 -15.75 44.94 -59.93
CA THR H 70 -14.80 45.80 -60.66
C THR H 70 -15.43 47.11 -61.10
N ASP H 71 -16.63 47.43 -60.62
CA ASP H 71 -17.30 48.66 -61.03
C ASP H 71 -17.93 49.37 -59.84
N PHE H 72 -17.80 50.70 -59.83
CA PHE H 72 -18.33 51.56 -58.78
C PHE H 72 -18.99 52.76 -59.44
N THR H 73 -19.95 53.37 -58.74
CA THR H 73 -20.60 54.56 -59.24
C THR H 73 -20.80 55.56 -58.11
N LEU H 74 -20.79 56.84 -58.49
CA LEU H 74 -21.00 57.97 -57.60
C LEU H 74 -22.19 58.76 -58.09
N THR H 75 -23.03 59.19 -57.14
CA THR H 75 -24.31 59.83 -57.42
C THR H 75 -24.40 61.16 -56.68
N ILE H 76 -24.81 62.20 -57.41
CA ILE H 76 -25.12 63.51 -56.86
C ILE H 76 -26.56 63.84 -57.22
N SER H 77 -27.37 64.17 -56.22
CA SER H 77 -28.79 64.43 -56.45
C SER H 77 -29.07 65.89 -56.78
N ARG H 78 -28.74 66.80 -55.86
CA ARG H 78 -28.97 68.22 -56.03
C ARG H 78 -27.62 68.93 -55.98
N LEU H 79 -27.05 69.18 -57.15
CA LEU H 79 -25.73 69.81 -57.24
C LEU H 79 -25.86 71.33 -57.34
N GLU H 80 -24.99 72.04 -56.67
CA GLU H 80 -24.89 73.49 -56.72
C GLU H 80 -23.68 73.91 -57.54
N PRO H 81 -23.67 75.14 -58.06
CA PRO H 81 -22.54 75.58 -58.89
C PRO H 81 -21.19 75.56 -58.19
N GLU H 82 -21.14 75.25 -56.90
CA GLU H 82 -19.88 75.19 -56.17
C GLU H 82 -19.18 73.83 -56.27
N ASP H 83 -19.79 72.86 -56.96
CA ASP H 83 -19.18 71.55 -57.14
C ASP H 83 -18.92 71.18 -58.58
N PHE H 84 -18.85 72.14 -59.50
CA PHE H 84 -18.38 71.90 -60.85
C PHE H 84 -16.84 71.87 -60.80
N ALA H 85 -16.29 70.66 -60.78
CA ALA H 85 -14.84 70.48 -60.65
C ALA H 85 -14.50 69.10 -61.21
N VAL H 86 -13.28 68.63 -60.93
CA VAL H 86 -12.81 67.33 -61.41
C VAL H 86 -12.86 66.35 -60.26
N TYR H 87 -13.20 65.10 -60.57
CA TYR H 87 -13.33 64.05 -59.56
C TYR H 87 -12.42 62.88 -59.94
N TYR H 88 -11.70 62.36 -58.95
CA TYR H 88 -10.78 61.25 -59.16
C TYR H 88 -11.24 60.05 -58.35
N CYS H 89 -11.10 58.86 -58.93
CA CYS H 89 -11.33 57.61 -58.21
C CYS H 89 -9.99 56.90 -58.03
N GLN H 90 -9.81 56.31 -56.85
CA GLN H 90 -8.54 55.74 -56.46
C GLN H 90 -8.74 54.38 -55.81
N GLN H 91 -7.72 53.53 -55.91
CA GLN H 91 -7.74 52.18 -55.40
C GLN H 91 -6.56 51.94 -54.47
N PHE H 92 -6.70 50.94 -53.60
CA PHE H 92 -5.62 50.48 -52.73
C PHE H 92 -5.35 48.99 -52.88
N GLY H 93 -5.90 48.35 -53.91
CA GLY H 93 -5.82 46.89 -54.00
C GLY H 93 -4.40 46.38 -54.17
N ASP H 94 -3.65 46.99 -55.09
CA ASP H 94 -2.31 46.50 -55.41
C ASP H 94 -1.39 47.68 -55.66
N SER H 95 -0.16 47.58 -55.13
CA SER H 95 0.86 48.57 -55.41
C SER H 95 1.26 48.51 -56.88
N PRO H 96 1.48 49.66 -57.54
CA PRO H 96 1.30 51.00 -56.96
C PRO H 96 -0.16 51.44 -56.89
N PHE H 97 -0.47 52.32 -55.96
CA PHE H 97 -1.83 52.84 -55.82
C PHE H 97 -2.06 53.92 -56.88
N THR H 98 -3.07 53.72 -57.71
CA THR H 98 -3.27 54.53 -58.90
C THR H 98 -4.54 55.36 -58.78
N PHE H 99 -4.52 56.51 -59.42
CA PHE H 99 -5.64 57.42 -59.50
C PHE H 99 -6.32 57.33 -60.86
N GLY H 100 -7.60 57.68 -60.88
CA GLY H 100 -8.31 57.76 -62.15
C GLY H 100 -7.89 58.99 -62.94
N GLN H 101 -8.16 58.93 -64.24
CA GLN H 101 -7.78 60.04 -65.12
C GLN H 101 -8.61 61.29 -64.83
N GLY H 102 -9.79 61.15 -64.25
CA GLY H 102 -10.60 62.28 -63.87
C GLY H 102 -11.71 62.58 -64.85
N THR H 103 -12.81 63.12 -64.34
CA THR H 103 -13.94 63.55 -65.14
C THR H 103 -14.31 64.97 -64.73
N LYS H 104 -14.47 65.84 -65.71
CA LYS H 104 -14.76 67.24 -65.45
C LYS H 104 -16.26 67.50 -65.50
N LEU H 105 -16.78 68.12 -64.44
CA LEU H 105 -18.18 68.50 -64.35
C LEU H 105 -18.33 69.93 -64.87
N GLU H 106 -19.05 70.10 -65.97
CA GLU H 106 -19.18 71.37 -66.63
C GLU H 106 -20.61 71.90 -66.53
N ILE H 107 -20.74 73.20 -66.34
CA ILE H 107 -22.05 73.84 -66.33
C ILE H 107 -22.53 74.03 -67.75
N LYS H 108 -23.78 73.62 -68.01
CA LYS H 108 -24.36 73.66 -69.34
C LYS H 108 -25.14 74.96 -69.55
N ARG H 109 -25.04 75.52 -70.75
CA ARG H 109 -25.75 76.73 -71.11
C ARG H 109 -26.17 76.63 -72.57
N THR H 110 -26.59 77.75 -73.14
CA THR H 110 -26.98 77.80 -74.53
C THR H 110 -25.76 77.96 -75.43
N VAL H 111 -25.96 77.69 -76.72
CA VAL H 111 -24.89 77.86 -77.70
C VAL H 111 -24.67 79.34 -77.96
N ALA H 112 -23.40 79.75 -77.94
CA ALA H 112 -23.02 81.14 -78.12
C ALA H 112 -22.30 81.33 -79.44
N ALA H 113 -22.53 82.49 -80.07
CA ALA H 113 -21.90 82.82 -81.34
C ALA H 113 -20.58 83.51 -81.08
N PRO H 114 -19.46 82.93 -81.50
CA PRO H 114 -18.15 83.53 -81.20
C PRO H 114 -17.84 84.72 -82.09
N SER H 115 -16.86 85.51 -81.66
CA SER H 115 -16.32 86.61 -82.44
C SER H 115 -14.85 86.32 -82.75
N VAL H 116 -14.44 86.61 -83.98
CA VAL H 116 -13.08 86.35 -84.45
C VAL H 116 -12.39 87.69 -84.71
N PHE H 117 -11.27 87.92 -84.04
CA PHE H 117 -10.53 89.17 -84.14
C PHE H 117 -9.09 88.88 -84.54
N ILE H 118 -8.53 89.68 -85.44
CA ILE H 118 -7.19 89.46 -85.95
C ILE H 118 -6.24 90.52 -85.40
N PHE H 119 -5.09 90.07 -84.90
CA PHE H 119 -4.03 90.91 -84.34
C PHE H 119 -2.72 90.59 -85.04
N PRO H 120 -2.30 91.41 -86.01
CA PRO H 120 -1.01 91.19 -86.66
C PRO H 120 0.13 91.59 -85.75
N PRO H 121 1.33 91.05 -85.96
CA PRO H 121 2.48 91.49 -85.18
C PRO H 121 2.75 92.97 -85.37
N SER H 122 3.11 93.62 -84.27
CA SER H 122 3.30 95.07 -84.26
C SER H 122 4.73 95.42 -84.65
N ASP H 123 4.99 96.73 -84.74
CA ASP H 123 6.33 97.20 -85.07
C ASP H 123 7.34 96.82 -83.99
N GLU H 124 6.92 96.85 -82.73
CA GLU H 124 7.81 96.47 -81.64
C GLU H 124 8.25 95.00 -81.76
N GLN H 125 7.43 94.18 -82.41
CA GLN H 125 7.79 92.79 -82.68
C GLN H 125 8.34 92.59 -84.08
N LEU H 126 8.05 93.49 -85.01
CA LEU H 126 8.52 93.39 -86.39
C LEU H 126 9.95 93.91 -86.56
N LYS H 127 10.71 94.02 -85.47
CA LYS H 127 12.10 94.44 -85.52
C LYS H 127 13.07 93.45 -84.89
N SER H 128 12.57 92.47 -84.14
CA SER H 128 13.41 91.52 -83.43
C SER H 128 13.70 90.26 -84.23
N GLY H 129 13.24 90.19 -85.49
CA GLY H 129 13.46 89.05 -86.33
C GLY H 129 12.40 87.98 -86.27
N THR H 130 11.44 88.08 -85.35
CA THR H 130 10.37 87.11 -85.22
C THR H 130 9.03 87.83 -85.13
N ALA H 131 8.05 87.33 -85.87
CA ALA H 131 6.72 87.91 -85.91
C ALA H 131 5.70 86.88 -85.46
N SER H 132 4.66 87.36 -84.76
CA SER H 132 3.60 86.51 -84.24
C SER H 132 2.26 87.16 -84.54
N VAL H 133 1.42 86.46 -85.31
CA VAL H 133 0.07 86.91 -85.62
C VAL H 133 -0.91 86.06 -84.82
N VAL H 134 -1.82 86.72 -84.10
CA VAL H 134 -2.72 86.05 -83.17
C VAL H 134 -4.15 86.40 -83.52
N CYS H 135 -4.99 85.37 -83.71
CA CYS H 135 -6.41 85.61 -83.90
C CYS H 135 -7.20 84.97 -82.77
N LEU H 136 -8.23 85.68 -82.35
CA LEU H 136 -8.96 85.43 -81.12
C LEU H 136 -10.37 84.96 -81.45
N LEU H 137 -10.75 83.82 -80.85
CA LEU H 137 -12.12 83.34 -80.84
C LEU H 137 -12.70 83.61 -79.46
N ASN H 138 -13.82 84.34 -79.41
CA ASN H 138 -14.36 84.79 -78.14
C ASN H 138 -15.81 84.37 -78.00
N ASN H 139 -16.19 83.95 -76.79
CA ASN H 139 -17.58 83.69 -76.42
C ASN H 139 -18.19 82.60 -77.30
N PHE H 140 -17.57 81.42 -77.23
CA PHE H 140 -18.02 80.27 -78.01
C PHE H 140 -18.32 79.11 -77.08
N TYR H 141 -19.48 78.48 -77.32
CA TYR H 141 -19.91 77.32 -76.56
C TYR H 141 -20.34 76.25 -77.56
N PRO H 142 -19.88 75.01 -77.39
CA PRO H 142 -19.04 74.58 -76.28
C PRO H 142 -17.55 74.81 -76.52
N ARG H 143 -16.72 74.09 -75.77
CA ARG H 143 -15.27 74.23 -75.93
C ARG H 143 -14.81 73.84 -77.32
N GLU H 144 -15.50 72.90 -77.96
CA GLU H 144 -15.07 72.41 -79.26
C GLU H 144 -15.24 73.47 -80.34
N ALA H 145 -14.17 73.72 -81.08
CA ALA H 145 -14.14 74.64 -82.21
C ALA H 145 -12.83 74.45 -82.94
N LYS H 146 -12.86 74.54 -84.26
CA LYS H 146 -11.68 74.27 -85.08
C LYS H 146 -11.21 75.54 -85.76
N VAL H 147 -9.91 75.81 -85.67
CA VAL H 147 -9.28 76.97 -86.29
C VAL H 147 -8.19 76.48 -87.23
N GLN H 148 -8.07 77.15 -88.38
CA GLN H 148 -7.09 76.80 -89.40
C GLN H 148 -6.38 78.06 -89.86
N TRP H 149 -5.06 78.07 -89.79
CA TRP H 149 -4.26 79.18 -90.28
C TRP H 149 -3.93 78.99 -91.75
N LYS H 150 -4.01 80.07 -92.51
CA LYS H 150 -3.69 80.03 -93.93
C LYS H 150 -2.90 81.27 -94.33
N VAL H 151 -1.94 81.08 -95.23
CA VAL H 151 -1.10 82.15 -95.74
C VAL H 151 -1.14 82.08 -97.26
N ASP H 152 -1.60 83.15 -97.89
CA ASP H 152 -1.76 83.21 -99.35
C ASP H 152 -2.61 82.05 -99.86
N ASN H 153 -3.74 81.82 -99.18
CA ASN H 153 -4.69 80.76 -99.53
C ASN H 153 -4.05 79.38 -99.50
N ALA H 154 -3.01 79.22 -98.68
CA ALA H 154 -2.34 77.94 -98.50
C ALA H 154 -2.44 77.54 -97.04
N LEU H 155 -2.92 76.32 -96.80
CA LEU H 155 -3.16 75.85 -95.44
C LEU H 155 -1.86 75.42 -94.79
N GLN H 156 -1.46 76.14 -93.75
CA GLN H 156 -0.29 75.77 -92.97
C GLN H 156 -0.66 74.70 -91.94
N SER H 157 0.35 74.03 -91.41
CA SER H 157 0.13 72.96 -90.45
C SER H 157 1.42 72.70 -89.67
N GLY H 158 1.30 72.57 -88.36
CA GLY H 158 2.43 72.23 -87.51
C GLY H 158 3.30 73.37 -87.06
N ASN H 159 3.02 74.60 -87.50
CA ASN H 159 3.83 75.76 -87.14
C ASN H 159 3.04 76.80 -86.35
N SER H 160 1.92 76.40 -85.76
CA SER H 160 1.07 77.31 -84.99
C SER H 160 0.72 76.69 -83.65
N GLN H 161 0.36 77.54 -82.69
CA GLN H 161 0.03 77.11 -81.34
C GLN H 161 -1.34 77.64 -80.95
N GLU H 162 -1.97 76.97 -79.99
CA GLU H 162 -3.30 77.31 -79.51
C GLU H 162 -3.32 77.37 -78.00
N SER H 163 -4.18 78.22 -77.45
CA SER H 163 -4.39 78.28 -76.00
C SER H 163 -5.86 78.52 -75.70
N VAL H 164 -6.38 77.80 -74.71
CA VAL H 164 -7.77 77.90 -74.29
C VAL H 164 -7.81 78.20 -72.79
N THR H 165 -8.68 79.12 -72.40
CA THR H 165 -8.78 79.57 -71.02
C THR H 165 -9.87 78.82 -70.27
N GLU H 166 -9.88 79.01 -68.96
CA GLU H 166 -10.88 78.40 -68.09
C GLU H 166 -12.26 79.01 -68.33
N GLN H 167 -13.29 78.19 -68.10
CA GLN H 167 -14.66 78.56 -68.45
C GLN H 167 -15.10 79.79 -67.67
N ASP H 168 -15.67 80.76 -68.37
CA ASP H 168 -16.05 82.02 -67.75
C ASP H 168 -17.09 81.80 -66.66
N SER H 169 -16.86 82.44 -65.50
CA SER H 169 -17.76 82.30 -64.37
C SER H 169 -19.02 83.14 -64.49
N LYS H 170 -19.10 84.03 -65.48
CA LYS H 170 -20.25 84.90 -65.64
C LYS H 170 -21.10 84.57 -66.86
N ASP H 171 -20.51 83.98 -67.91
CA ASP H 171 -21.24 83.64 -69.12
C ASP H 171 -21.14 82.18 -69.52
N SER H 172 -20.30 81.39 -68.85
CA SER H 172 -20.10 79.98 -69.19
C SER H 172 -19.66 79.81 -70.64
N THR H 173 -18.79 80.70 -71.10
CA THR H 173 -18.26 80.68 -72.45
C THR H 173 -16.75 80.44 -72.40
N TYR H 174 -16.10 80.50 -73.56
CA TYR H 174 -14.68 80.23 -73.66
C TYR H 174 -14.00 81.27 -74.53
N SER H 175 -12.70 81.45 -74.28
CA SER H 175 -11.83 82.27 -75.10
C SER H 175 -10.68 81.41 -75.60
N LEU H 176 -10.38 81.54 -76.89
CA LEU H 176 -9.35 80.76 -77.55
C LEU H 176 -8.43 81.71 -78.31
N SER H 177 -7.13 81.48 -78.23
CA SER H 177 -6.15 82.29 -78.94
C SER H 177 -5.31 81.39 -79.82
N SER H 178 -5.23 81.74 -81.11
CA SER H 178 -4.42 81.03 -82.08
C SER H 178 -3.25 81.92 -82.48
N THR H 179 -2.03 81.42 -82.33
CA THR H 179 -0.83 82.18 -82.64
C THR H 179 -0.03 81.47 -83.73
N LEU H 180 0.49 82.27 -84.66
CA LEU H 180 1.34 81.78 -85.73
C LEU H 180 2.63 82.59 -85.73
N THR H 181 3.76 81.91 -85.60
CA THR H 181 5.06 82.55 -85.46
C THR H 181 5.92 82.26 -86.69
N LEU H 182 6.57 83.29 -87.22
CA LEU H 182 7.43 83.15 -88.37
C LEU H 182 8.64 84.08 -88.20
N SER H 183 9.57 83.98 -89.14
CA SER H 183 10.75 84.84 -89.18
C SER H 183 10.56 85.92 -90.23
N LYS H 184 11.59 86.78 -90.35
CA LYS H 184 11.53 87.88 -91.31
C LYS H 184 11.45 87.37 -92.74
N ALA H 185 12.24 86.34 -93.07
CA ALA H 185 12.19 85.77 -94.41
C ALA H 185 10.84 85.12 -94.69
N ASP H 186 10.28 84.44 -93.69
CA ASP H 186 8.99 83.79 -93.86
C ASP H 186 7.82 84.77 -93.81
N TYR H 187 8.06 86.01 -93.36
CA TYR H 187 6.97 86.96 -93.19
C TYR H 187 6.78 87.83 -94.43
N GLU H 188 7.89 88.26 -95.03
CA GLU H 188 7.84 89.20 -96.15
C GLU H 188 7.76 88.51 -97.52
N LYS H 189 7.72 87.18 -97.56
CA LYS H 189 7.60 86.45 -98.81
C LYS H 189 6.16 86.13 -99.17
N HIS H 190 5.20 86.66 -98.42
CA HIS H 190 3.79 86.45 -98.71
C HIS H 190 3.03 87.75 -98.44
N LYS H 191 1.74 87.75 -98.74
CA LYS H 191 0.94 88.97 -98.72
C LYS H 191 -0.17 88.95 -97.70
N VAL H 192 -1.03 87.94 -97.72
CA VAL H 192 -2.25 87.93 -96.91
C VAL H 192 -2.20 86.75 -95.94
N TYR H 193 -2.63 87.00 -94.70
CA TYR H 193 -2.67 86.00 -93.64
C TYR H 193 -4.08 85.93 -93.08
N ALA H 194 -4.54 84.71 -92.79
CA ALA H 194 -5.93 84.54 -92.38
C ALA H 194 -6.06 83.37 -91.43
N CYS H 195 -7.14 83.38 -90.65
CA CYS H 195 -7.55 82.20 -89.90
C CYS H 195 -9.03 81.97 -90.10
N GLU H 196 -9.40 80.70 -90.25
CA GLU H 196 -10.75 80.27 -90.54
C GLU H 196 -11.26 79.40 -89.40
N VAL H 197 -12.51 79.62 -88.99
CA VAL H 197 -13.08 78.98 -87.82
C VAL H 197 -14.35 78.24 -88.19
N THR H 198 -14.49 77.03 -87.64
CA THR H 198 -15.73 76.26 -87.65
C THR H 198 -16.17 76.04 -86.22
N HIS H 199 -17.45 76.28 -85.96
CA HIS H 199 -18.04 76.11 -84.64
C HIS H 199 -19.39 75.42 -84.79
N GLN H 200 -19.85 74.80 -83.71
CA GLN H 200 -21.14 74.11 -83.74
C GLN H 200 -22.29 75.08 -84.01
N GLY H 201 -22.24 76.26 -83.38
CA GLY H 201 -23.29 77.24 -83.58
C GLY H 201 -23.17 78.08 -84.82
N LEU H 202 -22.16 77.82 -85.65
CA LEU H 202 -21.91 78.59 -86.86
C LEU H 202 -22.49 77.84 -88.07
N SER H 203 -23.35 78.52 -88.83
CA SER H 203 -23.97 77.90 -89.99
C SER H 203 -22.94 77.53 -91.04
N SER H 204 -21.98 78.42 -91.31
CA SER H 204 -20.92 78.16 -92.27
C SER H 204 -19.60 78.64 -91.70
N PRO H 205 -18.50 77.99 -92.09
CA PRO H 205 -17.18 78.43 -91.59
C PRO H 205 -16.91 79.89 -91.94
N VAL H 206 -16.26 80.59 -91.03
CA VAL H 206 -16.01 82.03 -91.17
C VAL H 206 -14.51 82.26 -91.21
N THR H 207 -14.04 82.92 -92.26
CA THR H 207 -12.62 83.20 -92.46
C THR H 207 -12.35 84.68 -92.26
N LYS H 208 -11.40 85.01 -91.40
CA LYS H 208 -10.95 86.38 -91.20
C LYS H 208 -9.55 86.51 -91.80
N SER H 209 -9.42 87.43 -92.76
CA SER H 209 -8.19 87.61 -93.53
C SER H 209 -7.70 89.04 -93.39
N PHE H 210 -6.40 89.23 -93.57
CA PHE H 210 -5.80 90.54 -93.49
C PHE H 210 -4.63 90.63 -94.47
N ASN H 211 -4.43 91.81 -95.03
CA ASN H 211 -3.35 92.08 -95.96
C ASN H 211 -2.33 93.00 -95.29
N ARG H 212 -1.05 92.62 -95.32
CA ARG H 212 -0.02 93.42 -94.69
C ARG H 212 0.32 94.65 -95.52
N GLY H 213 0.31 94.53 -96.85
CA GLY H 213 0.62 95.68 -97.69
C GLY H 213 -0.45 96.75 -97.61
N GLU H 214 -1.72 96.35 -97.62
CA GLU H 214 -2.80 97.33 -97.58
C GLU H 214 -2.86 98.06 -96.24
N CYS H 215 -2.77 97.31 -95.14
CA CYS H 215 -2.89 97.90 -93.81
C CYS H 215 -2.04 97.17 -92.79
N GLU I 1 14.54 12.69 -62.75
CA GLU I 1 13.63 11.58 -62.98
C GLU I 1 12.65 11.40 -61.82
N VAL I 2 12.01 12.49 -61.42
CA VAL I 2 10.98 12.40 -60.37
C VAL I 2 9.84 11.54 -60.88
N GLN I 3 9.55 10.45 -60.18
CA GLN I 3 8.55 9.51 -60.64
C GLN I 3 7.81 8.93 -59.45
N LEU I 4 6.48 8.81 -59.58
CA LEU I 4 5.63 8.24 -58.54
C LEU I 4 4.76 7.15 -59.15
N VAL I 5 4.89 5.93 -58.64
CA VAL I 5 4.15 4.78 -59.16
C VAL I 5 3.34 4.16 -58.03
N GLU I 6 2.05 3.94 -58.28
CA GLU I 6 1.18 3.28 -57.31
C GLU I 6 1.07 1.79 -57.59
N SER I 7 0.78 1.04 -56.53
CA SER I 7 0.60 -0.40 -56.63
C SER I 7 -0.24 -0.88 -55.46
N GLY I 8 -0.74 -2.11 -55.59
CA GLY I 8 -1.50 -2.74 -54.52
C GLY I 8 -3.01 -2.63 -54.64
N GLY I 9 -3.53 -2.13 -55.76
CA GLY I 9 -4.97 -2.03 -55.94
C GLY I 9 -5.59 -3.38 -56.23
N GLY I 10 -6.93 -3.36 -56.30
CA GLY I 10 -7.67 -4.57 -56.62
C GLY I 10 -9.07 -4.51 -56.07
N LEU I 11 -9.72 -5.67 -56.04
CA LEU I 11 -11.08 -5.82 -55.54
C LEU I 11 -11.05 -6.56 -54.21
N VAL I 12 -11.80 -6.05 -53.24
CA VAL I 12 -11.89 -6.65 -51.92
C VAL I 12 -13.35 -6.75 -51.52
N GLN I 13 -13.66 -7.74 -50.69
CA GLN I 13 -14.99 -7.86 -50.13
C GLN I 13 -15.23 -6.74 -49.11
N PRO I 14 -16.50 -6.36 -48.90
CA PRO I 14 -16.78 -5.26 -47.96
C PRO I 14 -16.27 -5.57 -46.55
N GLY I 15 -15.75 -4.54 -45.89
CA GLY I 15 -15.29 -4.66 -44.52
C GLY I 15 -13.92 -5.27 -44.34
N GLY I 16 -13.15 -5.45 -45.42
CA GLY I 16 -11.86 -6.08 -45.34
C GLY I 16 -10.73 -5.10 -45.12
N SER I 17 -9.51 -5.58 -45.40
CA SER I 17 -8.30 -4.78 -45.28
C SER I 17 -7.57 -4.78 -46.62
N LEU I 18 -6.77 -3.73 -46.83
CA LEU I 18 -6.09 -3.55 -48.12
C LEU I 18 -4.82 -2.75 -47.87
N ARG I 19 -3.88 -2.82 -48.82
CA ARG I 19 -2.63 -2.09 -48.68
C ARG I 19 -2.23 -1.49 -50.02
N LEU I 20 -1.94 -0.19 -50.02
CA LEU I 20 -1.46 0.54 -51.19
C LEU I 20 -0.01 0.93 -50.99
N SER I 21 0.75 0.94 -52.09
CA SER I 21 2.15 1.31 -52.08
C SER I 21 2.40 2.42 -53.10
N CYS I 22 3.15 3.43 -52.67
CA CYS I 22 3.56 4.54 -53.54
C CYS I 22 5.08 4.55 -53.56
N ALA I 23 5.66 4.27 -54.73
CA ALA I 23 7.10 4.30 -54.91
C ALA I 23 7.51 5.61 -55.56
N ALA I 24 8.40 6.34 -54.88
CA ALA I 24 8.88 7.63 -55.34
C ALA I 24 10.37 7.55 -55.67
N SER I 25 10.73 8.16 -56.80
CA SER I 25 12.09 8.14 -57.30
C SER I 25 12.52 9.56 -57.64
N GLU I 26 13.76 9.90 -57.29
CA GLU I 26 14.41 11.20 -57.39
C GLU I 26 13.92 12.16 -56.30
N ILE I 27 12.92 11.80 -55.50
CA ILE I 27 12.49 12.57 -54.35
C ILE I 27 12.53 11.68 -53.12
N THR I 28 12.57 12.30 -51.95
CA THR I 28 12.65 11.58 -50.68
C THR I 28 11.29 11.61 -49.99
N VAL I 29 10.76 10.43 -49.67
CA VAL I 29 9.45 10.35 -49.01
C VAL I 29 9.54 10.81 -47.57
N SER I 30 10.67 10.54 -46.90
CA SER I 30 10.82 10.87 -45.49
C SER I 30 11.10 12.34 -45.25
N SER I 31 11.38 13.12 -46.30
CA SER I 31 11.72 14.52 -46.15
C SER I 31 10.79 15.46 -46.89
N ASN I 32 9.60 14.99 -47.28
CA ASN I 32 8.71 15.79 -48.10
C ASN I 32 7.25 15.55 -47.68
N TYR I 33 6.39 16.52 -48.02
CA TYR I 33 4.98 16.43 -47.71
C TYR I 33 4.28 15.48 -48.69
N MET I 34 3.82 14.35 -48.18
CA MET I 34 3.23 13.31 -49.02
C MET I 34 1.73 13.25 -48.79
N ASN I 35 0.98 12.91 -49.85
CA ASN I 35 -0.47 12.96 -49.80
C ASN I 35 -1.07 11.75 -50.50
N TRP I 36 -2.21 11.30 -49.99
CA TRP I 36 -3.08 10.34 -50.66
C TRP I 36 -4.44 10.97 -50.88
N VAL I 37 -4.87 11.03 -52.14
CA VAL I 37 -6.15 11.61 -52.53
C VAL I 37 -6.89 10.60 -53.39
N ARG I 38 -8.13 10.30 -53.04
CA ARG I 38 -8.95 9.39 -53.82
C ARG I 38 -9.98 10.17 -54.63
N GLN I 39 -10.24 9.67 -55.84
CA GLN I 39 -11.25 10.23 -56.72
C GLN I 39 -12.24 9.13 -57.06
N ALA I 40 -13.52 9.37 -56.76
CA ALA I 40 -14.54 8.40 -57.11
C ALA I 40 -14.71 8.36 -58.62
N PRO I 41 -15.08 7.19 -59.17
CA PRO I 41 -15.24 7.09 -60.63
C PRO I 41 -16.27 8.05 -61.18
N GLY I 42 -15.82 9.01 -61.98
CA GLY I 42 -16.68 10.01 -62.56
C GLY I 42 -16.95 11.22 -61.70
N LYS I 43 -16.48 11.22 -60.44
CA LYS I 43 -16.73 12.31 -59.52
C LYS I 43 -15.49 13.20 -59.42
N GLY I 44 -15.51 14.16 -58.49
CA GLY I 44 -14.38 15.04 -58.27
C GLY I 44 -13.36 14.43 -57.32
N LEU I 45 -12.31 15.21 -57.06
CA LEU I 45 -11.24 14.76 -56.19
C LEU I 45 -11.59 15.04 -54.72
N GLU I 46 -10.97 14.28 -53.83
CA GLU I 46 -11.23 14.39 -52.40
C GLU I 46 -9.99 14.00 -51.62
N TRP I 47 -9.44 14.94 -50.86
CA TRP I 47 -8.28 14.66 -50.03
C TRP I 47 -8.62 13.63 -48.96
N VAL I 48 -7.72 12.68 -48.76
CA VAL I 48 -7.90 11.63 -47.76
C VAL I 48 -6.87 11.75 -46.64
N SER I 49 -5.59 11.63 -46.96
CA SER I 49 -4.59 11.59 -45.90
C SER I 49 -3.34 12.35 -46.31
N VAL I 50 -2.62 12.87 -45.31
CA VAL I 50 -1.38 13.59 -45.55
C VAL I 50 -0.38 13.22 -44.46
N VAL I 51 0.89 13.20 -44.83
CA VAL I 51 1.98 12.96 -43.89
C VAL I 51 3.06 14.02 -44.09
N TYR I 52 3.57 14.56 -42.98
CA TYR I 52 4.62 15.56 -42.95
C TYR I 52 6.00 14.90 -42.99
N PRO I 53 7.03 15.65 -43.35
CA PRO I 53 8.39 15.11 -43.24
C PRO I 53 8.77 14.69 -41.83
N GLY I 54 8.26 15.38 -40.82
CA GLY I 54 8.60 15.08 -39.44
C GLY I 54 7.89 13.89 -38.83
N GLY I 55 6.88 13.36 -39.50
CA GLY I 55 6.15 12.19 -39.03
C GLY I 55 4.70 12.42 -38.70
N SER I 56 4.23 13.66 -38.59
CA SER I 56 2.83 13.91 -38.27
C SER I 56 1.95 13.55 -39.46
N THR I 57 0.75 13.04 -39.16
CA THR I 57 -0.19 12.59 -40.16
C THR I 57 -1.57 13.17 -39.88
N PHE I 58 -2.35 13.36 -40.94
CA PHE I 58 -3.74 13.80 -40.84
C PHE I 58 -4.61 12.95 -41.76
N TYR I 59 -5.83 12.69 -41.30
CA TYR I 59 -6.86 12.00 -42.08
C TYR I 59 -8.14 12.81 -42.04
N THR I 60 -8.98 12.62 -43.06
CA THR I 60 -10.23 13.35 -43.11
C THR I 60 -11.30 12.67 -42.26
N ASP I 61 -12.46 13.32 -42.17
CA ASP I 61 -13.52 12.85 -41.27
C ASP I 61 -14.06 11.49 -41.67
N SER I 62 -14.29 11.26 -42.97
CA SER I 62 -14.94 10.03 -43.39
C SER I 62 -14.00 8.82 -43.30
N VAL I 63 -12.70 9.06 -43.18
CA VAL I 63 -11.72 7.98 -43.22
C VAL I 63 -10.95 7.84 -41.92
N LYS I 64 -11.07 8.79 -41.00
CA LYS I 64 -10.29 8.73 -39.76
C LYS I 64 -10.76 7.55 -38.91
N GLY I 65 -9.79 6.85 -38.31
CA GLY I 65 -10.06 5.67 -37.54
C GLY I 65 -9.97 4.37 -38.33
N ARG I 66 -9.90 4.45 -39.66
CA ARG I 66 -9.81 3.27 -40.51
C ARG I 66 -8.64 3.31 -41.48
N PHE I 67 -8.08 4.48 -41.76
CA PHE I 67 -7.00 4.63 -42.73
C PHE I 67 -5.70 4.97 -42.02
N THR I 68 -4.62 4.32 -42.43
CA THR I 68 -3.31 4.55 -41.82
C THR I 68 -2.29 4.82 -42.91
N ILE I 69 -1.38 5.77 -42.66
CA ILE I 69 -0.32 6.12 -43.60
C ILE I 69 1.03 6.00 -42.89
N SER I 70 2.00 5.36 -43.55
CA SER I 70 3.32 5.16 -43.00
C SER I 70 4.36 5.26 -44.11
N ARG I 71 5.62 5.38 -43.71
CA ARG I 71 6.73 5.58 -44.65
C ARG I 71 7.78 4.51 -44.44
N ASP I 72 8.61 4.31 -45.46
CA ASP I 72 9.70 3.35 -45.42
C ASP I 72 10.92 4.00 -46.06
N ASN I 73 12.00 4.11 -45.29
CA ASN I 73 13.20 4.81 -45.73
C ASN I 73 14.12 3.93 -46.55
N SER I 74 14.27 2.66 -46.17
CA SER I 74 15.13 1.75 -46.92
C SER I 74 14.60 1.54 -48.34
N LYS I 75 13.29 1.40 -48.47
CA LYS I 75 12.65 1.23 -49.77
C LYS I 75 12.19 2.55 -50.38
N ASN I 76 12.25 3.65 -49.63
CA ASN I 76 11.81 4.97 -50.10
C ASN I 76 10.37 4.91 -50.60
N THR I 77 9.50 4.27 -49.81
CA THR I 77 8.14 4.00 -50.23
C THR I 77 7.15 4.54 -49.21
N LEU I 78 5.89 4.62 -49.64
CA LEU I 78 4.78 5.05 -48.80
C LEU I 78 3.74 3.94 -48.76
N TYR I 79 3.26 3.61 -47.57
CA TYR I 79 2.33 2.50 -47.38
C TYR I 79 1.04 3.02 -46.78
N LEU I 80 -0.08 2.57 -47.35
CA LEU I 80 -1.41 3.01 -46.95
C LEU I 80 -2.23 1.79 -46.58
N GLN I 81 -2.61 1.69 -45.32
CA GLN I 81 -3.34 0.53 -44.79
C GLN I 81 -4.81 0.87 -44.63
N MET I 82 -5.66 0.02 -45.19
CA MET I 82 -7.11 0.18 -45.19
C MET I 82 -7.71 -0.89 -44.29
N ASN I 83 -8.44 -0.47 -43.27
CA ASN I 83 -9.09 -1.38 -42.35
C ASN I 83 -10.59 -1.07 -42.28
N SER I 84 -11.41 -2.11 -42.40
CA SER I 84 -12.87 -1.98 -42.44
C SER I 84 -13.31 -1.05 -43.57
N LEU I 85 -13.04 -1.49 -44.81
CA LEU I 85 -13.43 -0.72 -45.98
C LEU I 85 -14.94 -0.76 -46.17
N ARG I 86 -15.41 0.02 -47.14
CA ARG I 86 -16.82 0.07 -47.49
C ARG I 86 -16.96 0.34 -48.98
N ALA I 87 -18.18 0.18 -49.49
CA ALA I 87 -18.44 0.37 -50.91
C ALA I 87 -18.13 1.79 -51.36
N GLU I 88 -18.25 2.77 -50.47
CA GLU I 88 -17.93 4.15 -50.81
C GLU I 88 -16.44 4.39 -50.96
N ASP I 89 -15.60 3.44 -50.58
CA ASP I 89 -14.16 3.56 -50.72
C ASP I 89 -13.67 3.17 -52.12
N THR I 90 -14.54 2.61 -52.95
CA THR I 90 -14.18 2.24 -54.31
C THR I 90 -13.89 3.50 -55.13
N ALA I 91 -12.63 3.69 -55.48
CA ALA I 91 -12.20 4.92 -56.17
C ALA I 91 -10.86 4.64 -56.83
N VAL I 92 -10.21 5.72 -57.30
CA VAL I 92 -8.86 5.66 -57.83
C VAL I 92 -7.99 6.56 -56.94
N TYR I 93 -6.92 6.00 -56.40
CA TYR I 93 -6.06 6.66 -55.43
C TYR I 93 -4.82 7.19 -56.10
N TYR I 94 -4.52 8.47 -55.81
CA TYR I 94 -3.34 9.15 -56.32
C TYR I 94 -2.42 9.49 -55.15
N CYS I 95 -1.15 9.13 -55.30
CA CYS I 95 -0.08 9.53 -54.41
C CYS I 95 0.51 10.84 -54.93
N ALA I 96 0.47 11.88 -54.11
CA ALA I 96 0.77 13.23 -54.56
C ALA I 96 1.81 13.87 -53.66
N ARG I 97 2.48 14.88 -54.20
CA ARG I 97 3.45 15.67 -53.45
C ARG I 97 2.87 17.05 -53.18
N GLU I 98 3.05 17.53 -51.95
CA GLU I 98 2.52 18.82 -51.53
C GLU I 98 3.64 19.84 -51.41
N SER I 99 3.32 21.09 -51.78
CA SER I 99 4.23 22.23 -51.64
C SER I 99 5.52 22.01 -52.44
N GLY I 100 5.37 21.92 -53.75
CA GLY I 100 6.51 21.76 -54.63
C GLY I 100 6.49 22.72 -55.81
N GLY I 101 7.10 22.31 -56.92
CA GLY I 101 7.13 23.14 -58.11
C GLY I 101 8.28 24.15 -58.09
N PHE I 102 8.70 24.58 -59.29
CA PHE I 102 9.79 25.55 -59.37
C PHE I 102 9.44 26.88 -58.73
N PRO I 103 8.26 27.48 -58.94
CA PRO I 103 7.98 28.82 -58.40
C PRO I 103 7.60 28.85 -56.93
N LEU I 104 7.89 27.80 -56.16
CA LEU I 104 7.47 27.70 -54.76
C LEU I 104 5.95 27.75 -54.64
N ALA I 105 5.33 26.74 -55.24
CA ALA I 105 3.89 26.56 -55.17
C ALA I 105 3.55 25.90 -53.84
N GLU I 106 3.32 26.72 -52.81
CA GLU I 106 3.06 26.21 -51.48
C GLU I 106 1.64 25.64 -51.41
N GLY I 107 1.53 24.35 -51.11
CA GLY I 107 0.24 23.70 -51.04
C GLY I 107 -0.37 23.35 -52.38
N ALA I 108 0.40 23.41 -53.46
CA ALA I 108 -0.09 23.10 -54.80
C ALA I 108 0.51 21.78 -55.26
N PHE I 109 -0.33 20.97 -55.90
CA PHE I 109 0.02 19.59 -56.25
C PHE I 109 0.58 19.58 -57.67
N ASP I 110 1.91 19.46 -57.79
CA ASP I 110 2.55 19.42 -59.10
C ASP I 110 3.00 18.02 -59.50
N ILE I 111 3.13 17.11 -58.55
CA ILE I 111 3.55 15.74 -58.84
C ILE I 111 2.50 14.78 -58.30
N TRP I 112 2.00 13.91 -59.19
CA TRP I 112 1.02 12.89 -58.85
C TRP I 112 1.56 11.53 -59.27
N GLY I 113 0.80 10.48 -58.92
CA GLY I 113 1.06 9.15 -59.44
C GLY I 113 0.08 8.77 -60.53
N GLN I 114 0.32 7.60 -61.12
CA GLN I 114 -0.60 7.10 -62.15
C GLN I 114 -1.93 6.66 -61.56
N GLY I 115 -1.98 6.42 -60.25
CA GLY I 115 -3.21 6.04 -59.59
C GLY I 115 -3.39 4.54 -59.54
N THR I 116 -4.15 4.09 -58.54
CA THR I 116 -4.47 2.68 -58.38
C THR I 116 -5.96 2.54 -58.11
N MET I 117 -6.54 1.47 -58.66
CA MET I 117 -7.98 1.23 -58.53
C MET I 117 -8.24 0.39 -57.29
N VAL I 118 -9.16 0.86 -56.45
CA VAL I 118 -9.61 0.13 -55.28
C VAL I 118 -11.12 -0.07 -55.39
N THR I 119 -11.55 -1.33 -55.40
CA THR I 119 -12.96 -1.66 -55.55
C THR I 119 -13.41 -2.46 -54.33
N VAL I 120 -14.58 -2.13 -53.80
CA VAL I 120 -15.17 -2.81 -52.66
C VAL I 120 -16.57 -3.25 -53.07
N SER I 121 -16.74 -4.56 -53.28
CA SER I 121 -18.04 -5.10 -53.65
C SER I 121 -18.05 -6.60 -53.39
N SER I 122 -19.27 -7.14 -53.29
CA SER I 122 -19.47 -8.57 -53.10
C SER I 122 -20.42 -9.11 -54.16
N ALA I 123 -20.16 -8.79 -55.42
CA ALA I 123 -21.09 -9.06 -56.51
C ALA I 123 -20.95 -10.47 -57.08
N SER I 124 -20.17 -11.35 -56.44
CA SER I 124 -20.05 -12.75 -56.84
C SER I 124 -19.58 -12.87 -58.29
N THR I 125 -18.33 -12.45 -58.50
CA THR I 125 -17.67 -12.40 -59.80
C THR I 125 -18.04 -13.58 -60.70
N LYS I 126 -18.46 -13.29 -61.93
CA LYS I 126 -18.95 -14.30 -62.85
C LYS I 126 -18.76 -13.81 -64.28
N GLY I 127 -19.28 -14.59 -65.22
CA GLY I 127 -19.10 -14.32 -66.63
C GLY I 127 -20.25 -13.56 -67.27
N PRO I 128 -19.95 -12.85 -68.36
CA PRO I 128 -20.98 -12.07 -69.05
C PRO I 128 -21.91 -12.92 -69.90
N SER I 129 -23.06 -12.32 -70.22
CA SER I 129 -24.01 -12.88 -71.16
C SER I 129 -24.21 -11.91 -72.32
N VAL I 130 -24.28 -12.44 -73.53
CA VAL I 130 -24.32 -11.63 -74.75
C VAL I 130 -25.62 -11.95 -75.50
N PHE I 131 -26.34 -10.90 -75.90
CA PHE I 131 -27.62 -11.04 -76.56
C PHE I 131 -27.60 -10.21 -77.85
N PRO I 132 -28.33 -10.62 -78.88
CA PRO I 132 -28.32 -9.85 -80.14
C PRO I 132 -29.30 -8.70 -80.10
N LEU I 133 -29.01 -7.68 -80.90
CA LEU I 133 -29.90 -6.56 -81.15
C LEU I 133 -29.93 -6.39 -82.67
N ALA I 134 -30.86 -7.09 -83.31
CA ALA I 134 -30.88 -7.15 -84.77
C ALA I 134 -31.57 -5.92 -85.34
N PRO I 135 -31.21 -5.50 -86.55
CA PRO I 135 -31.88 -4.35 -87.17
C PRO I 135 -33.33 -4.68 -87.51
N SER I 136 -34.16 -3.65 -87.57
CA SER I 136 -35.57 -3.84 -87.89
C SER I 136 -35.74 -4.24 -89.36
N SER I 137 -36.89 -4.82 -89.66
CA SER I 137 -37.19 -5.29 -91.02
C SER I 137 -37.54 -4.09 -91.90
N LYS I 138 -36.51 -3.49 -92.49
CA LYS I 138 -36.68 -2.32 -93.34
C LYS I 138 -35.88 -2.52 -94.61
N SER I 139 -36.38 -1.95 -95.72
CA SER I 139 -35.75 -2.19 -97.02
C SER I 139 -34.50 -1.32 -97.18
N THR I 140 -34.68 0.01 -97.18
CA THR I 140 -33.55 0.92 -97.29
C THR I 140 -33.48 1.91 -96.15
N SER I 141 -34.59 2.57 -95.80
CA SER I 141 -34.62 3.60 -94.75
C SER I 141 -33.52 4.63 -94.95
N GLY I 142 -33.34 5.05 -96.21
CA GLY I 142 -32.25 5.94 -96.54
C GLY I 142 -30.88 5.28 -96.52
N GLY I 143 -30.83 3.96 -96.72
CA GLY I 143 -29.57 3.24 -96.68
C GLY I 143 -28.92 3.25 -95.31
N THR I 144 -29.72 3.10 -94.25
CA THR I 144 -29.21 3.19 -92.88
C THR I 144 -29.92 2.16 -92.02
N ALA I 145 -29.14 1.28 -91.39
CA ALA I 145 -29.65 0.32 -90.41
C ALA I 145 -28.66 0.24 -89.27
N ALA I 146 -29.15 -0.16 -88.10
CA ALA I 146 -28.31 -0.28 -86.91
C ALA I 146 -28.48 -1.65 -86.28
N LEU I 147 -27.37 -2.24 -85.84
CA LEU I 147 -27.39 -3.53 -85.17
C LEU I 147 -26.40 -3.48 -84.01
N GLY I 148 -26.40 -4.52 -83.20
CA GLY I 148 -25.43 -4.53 -82.11
C GLY I 148 -25.60 -5.71 -81.18
N CYS I 149 -24.85 -5.66 -80.08
CA CYS I 149 -24.87 -6.68 -79.04
C CYS I 149 -25.11 -6.02 -77.69
N LEU I 150 -25.84 -6.73 -76.82
CA LEU I 150 -26.09 -6.28 -75.46
C LEU I 150 -25.40 -7.24 -74.50
N VAL I 151 -24.51 -6.70 -73.67
CA VAL I 151 -23.76 -7.51 -72.71
C VAL I 151 -24.35 -7.21 -71.34
N LYS I 152 -24.72 -8.27 -70.62
CA LYS I 152 -25.41 -8.14 -69.34
C LYS I 152 -24.81 -9.10 -68.33
N ASP I 153 -24.90 -8.73 -67.05
CA ASP I 153 -24.64 -9.63 -65.93
C ASP I 153 -23.20 -10.14 -65.93
N TYR I 154 -22.27 -9.19 -65.81
CA TYR I 154 -20.87 -9.55 -65.67
C TYR I 154 -20.26 -8.76 -64.52
N PHE I 155 -19.13 -9.27 -64.02
CA PHE I 155 -18.41 -8.63 -62.93
C PHE I 155 -17.03 -9.27 -62.86
N PRO I 156 -15.95 -8.49 -62.71
CA PRO I 156 -15.96 -7.03 -62.76
C PRO I 156 -15.45 -6.47 -64.08
N GLU I 157 -15.28 -5.15 -64.13
CA GLU I 157 -14.67 -4.50 -65.28
C GLU I 157 -13.21 -4.91 -65.41
N PRO I 158 -12.64 -4.84 -66.62
CA PRO I 158 -13.25 -4.41 -67.90
C PRO I 158 -13.83 -5.57 -68.71
N VAL I 159 -14.23 -5.26 -69.93
CA VAL I 159 -14.70 -6.26 -70.89
C VAL I 159 -14.37 -5.73 -72.28
N THR I 160 -14.00 -6.64 -73.17
CA THR I 160 -13.55 -6.26 -74.50
C THR I 160 -14.53 -6.80 -75.55
N VAL I 161 -15.03 -5.91 -76.40
CA VAL I 161 -15.99 -6.26 -77.45
C VAL I 161 -15.36 -5.99 -78.80
N SER I 162 -15.52 -6.94 -79.72
CA SER I 162 -15.00 -6.80 -81.07
C SER I 162 -16.04 -7.31 -82.06
N TRP I 163 -15.92 -6.82 -83.30
CA TRP I 163 -16.86 -7.16 -84.36
C TRP I 163 -16.09 -7.69 -85.56
N ASN I 164 -16.50 -8.86 -86.05
CA ASN I 164 -15.90 -9.50 -87.22
C ASN I 164 -14.39 -9.71 -87.04
N SER I 165 -13.99 -9.96 -85.79
CA SER I 165 -12.59 -10.20 -85.44
C SER I 165 -11.68 -9.08 -85.91
N GLY I 166 -12.10 -7.83 -85.71
CA GLY I 166 -11.31 -6.68 -86.09
C GLY I 166 -11.51 -6.20 -87.51
N ALA I 167 -12.39 -6.85 -88.29
CA ALA I 167 -12.65 -6.41 -89.65
C ALA I 167 -13.52 -5.16 -89.70
N LEU I 168 -14.27 -4.87 -88.64
CA LEU I 168 -15.13 -3.70 -88.58
C LEU I 168 -14.72 -2.83 -87.40
N THR I 169 -14.42 -1.56 -87.68
CA THR I 169 -14.09 -0.59 -86.62
C THR I 169 -14.85 0.70 -86.84
N SER I 170 -15.34 0.92 -88.06
CA SER I 170 -16.03 2.16 -88.39
C SER I 170 -17.48 2.12 -87.87
N GLY I 171 -17.98 3.28 -87.46
CA GLY I 171 -19.37 3.38 -87.02
C GLY I 171 -19.70 2.59 -85.78
N VAL I 172 -18.70 2.21 -85.00
CA VAL I 172 -18.90 1.37 -83.82
C VAL I 172 -18.97 2.28 -82.59
N HIS I 173 -19.97 2.06 -81.75
CA HIS I 173 -20.15 2.80 -80.51
C HIS I 173 -20.21 1.80 -79.36
N THR I 174 -19.24 1.90 -78.45
CA THR I 174 -19.19 1.08 -77.25
C THR I 174 -19.56 1.96 -76.07
N PHE I 175 -20.81 1.85 -75.64
CA PHE I 175 -21.30 2.69 -74.56
C PHE I 175 -20.62 2.32 -73.24
N PRO I 176 -20.36 3.30 -72.38
CA PRO I 176 -19.82 2.99 -71.05
C PRO I 176 -20.77 2.10 -70.27
N ALA I 177 -20.19 1.15 -69.54
CA ALA I 177 -20.99 0.19 -68.79
C ALA I 177 -21.71 0.87 -67.63
N VAL I 178 -22.89 0.36 -67.32
CA VAL I 178 -23.73 0.90 -66.25
C VAL I 178 -23.89 -0.17 -65.18
N LEU I 179 -23.67 0.23 -63.92
CA LEU I 179 -23.80 -0.68 -62.79
C LEU I 179 -25.26 -0.70 -62.35
N GLN I 180 -25.86 -1.90 -62.34
CA GLN I 180 -27.28 -2.03 -62.11
C GLN I 180 -27.60 -2.17 -60.62
N SER I 181 -28.88 -2.33 -60.30
CA SER I 181 -29.30 -2.41 -58.91
C SER I 181 -28.93 -3.73 -58.27
N SER I 182 -28.72 -4.78 -59.06
CA SER I 182 -28.34 -6.08 -58.53
C SER I 182 -26.83 -6.22 -58.35
N GLY I 183 -26.07 -5.15 -58.56
CA GLY I 183 -24.63 -5.16 -58.34
C GLY I 183 -23.80 -5.58 -59.54
N LEU I 184 -24.43 -5.99 -60.64
CA LEU I 184 -23.69 -6.42 -61.82
C LEU I 184 -23.64 -5.30 -62.85
N TYR I 185 -23.00 -5.59 -63.98
CA TYR I 185 -22.75 -4.58 -65.00
C TYR I 185 -23.42 -4.96 -66.31
N SER I 186 -23.73 -3.94 -67.10
CA SER I 186 -24.32 -4.13 -68.42
C SER I 186 -23.92 -2.97 -69.33
N LEU I 187 -23.96 -3.22 -70.63
CA LEU I 187 -23.64 -2.23 -71.63
C LEU I 187 -24.11 -2.73 -72.99
N SER I 188 -23.94 -1.89 -74.02
CA SER I 188 -24.29 -2.24 -75.38
C SER I 188 -23.20 -1.76 -76.32
N SER I 189 -22.97 -2.54 -77.38
CA SER I 189 -22.04 -2.17 -78.44
C SER I 189 -22.79 -2.19 -79.75
N VAL I 190 -22.97 -1.02 -80.37
CA VAL I 190 -23.81 -0.87 -81.54
C VAL I 190 -22.95 -0.45 -82.73
N VAL I 191 -23.52 -0.60 -83.92
CA VAL I 191 -22.86 -0.19 -85.15
C VAL I 191 -23.93 0.09 -86.20
N THR I 192 -23.70 1.14 -86.99
CA THR I 192 -24.60 1.55 -88.05
C THR I 192 -23.98 1.19 -89.40
N VAL I 193 -24.72 0.45 -90.21
CA VAL I 193 -24.24 -0.02 -91.51
C VAL I 193 -25.35 0.17 -92.54
N PRO I 194 -25.03 0.26 -93.83
CA PRO I 194 -26.09 0.37 -94.85
C PRO I 194 -26.94 -0.88 -94.90
N SER I 195 -28.20 -0.70 -95.33
CA SER I 195 -29.16 -1.80 -95.37
C SER I 195 -28.73 -2.89 -96.34
N SER I 196 -28.21 -2.50 -97.51
CA SER I 196 -27.88 -3.47 -98.56
C SER I 196 -26.82 -4.46 -98.11
N SER I 197 -26.02 -4.13 -97.11
CA SER I 197 -24.97 -5.02 -96.62
C SER I 197 -25.48 -6.02 -95.59
N LEU I 198 -26.77 -5.96 -95.22
CA LEU I 198 -27.28 -6.81 -94.15
C LEU I 198 -27.52 -8.25 -94.60
N GLY I 199 -27.53 -8.51 -95.90
CA GLY I 199 -27.87 -9.84 -96.37
C GLY I 199 -26.70 -10.66 -96.88
N THR I 200 -25.69 -10.01 -97.44
CA THR I 200 -24.56 -10.71 -98.03
C THR I 200 -23.40 -10.89 -97.05
N GLN I 201 -22.99 -9.81 -96.38
CA GLN I 201 -21.86 -9.88 -95.47
C GLN I 201 -22.27 -10.58 -94.17
N THR I 202 -21.29 -11.20 -93.52
CA THR I 202 -21.49 -11.88 -92.26
C THR I 202 -20.99 -11.03 -91.10
N TYR I 203 -21.70 -11.07 -89.98
CA TYR I 203 -21.36 -10.30 -88.79
C TYR I 203 -21.03 -11.25 -87.65
N ILE I 204 -19.90 -11.01 -86.97
CA ILE I 204 -19.47 -11.81 -85.84
C ILE I 204 -19.28 -10.89 -84.65
N CYS I 205 -19.86 -11.27 -83.51
CA CYS I 205 -19.79 -10.51 -82.28
C CYS I 205 -18.98 -11.29 -81.26
N ASN I 206 -17.92 -10.68 -80.74
CA ASN I 206 -17.03 -11.33 -79.79
C ASN I 206 -16.96 -10.49 -78.51
N VAL I 207 -17.17 -11.15 -77.37
CA VAL I 207 -17.08 -10.50 -76.07
C VAL I 207 -16.15 -11.33 -75.20
N ASN I 208 -15.13 -10.69 -74.63
CA ASN I 208 -14.10 -11.35 -73.86
C ASN I 208 -14.00 -10.71 -72.48
N HIS I 209 -13.98 -11.55 -71.45
CA HIS I 209 -13.89 -11.13 -70.06
C HIS I 209 -12.72 -11.88 -69.42
N LYS I 210 -11.71 -11.13 -68.98
CA LYS I 210 -10.50 -11.74 -68.44
C LYS I 210 -10.68 -12.33 -67.05
N PRO I 211 -11.25 -11.61 -66.07
CA PRO I 211 -11.39 -12.21 -64.74
C PRO I 211 -12.23 -13.48 -64.72
N SER I 212 -13.24 -13.58 -65.57
CA SER I 212 -14.01 -14.81 -65.72
C SER I 212 -13.48 -15.71 -66.83
N ASN I 213 -12.54 -15.22 -67.64
CA ASN I 213 -11.99 -15.97 -68.77
C ASN I 213 -13.08 -16.49 -69.69
N THR I 214 -14.07 -15.63 -69.96
CA THR I 214 -15.22 -15.98 -70.79
C THR I 214 -15.04 -15.36 -72.17
N LYS I 215 -15.00 -16.20 -73.20
CA LYS I 215 -14.87 -15.76 -74.58
C LYS I 215 -16.09 -16.23 -75.35
N VAL I 216 -17.00 -15.31 -75.65
CA VAL I 216 -18.27 -15.64 -76.30
C VAL I 216 -18.28 -15.02 -77.69
N ASP I 217 -18.38 -15.87 -78.71
CA ASP I 217 -18.51 -15.44 -80.10
C ASP I 217 -19.85 -15.92 -80.63
N LYS I 218 -20.58 -15.01 -81.28
CA LYS I 218 -21.91 -15.33 -81.77
C LYS I 218 -22.18 -14.56 -83.05
N ARG I 219 -23.37 -14.77 -83.61
CA ARG I 219 -23.79 -14.17 -84.87
C ARG I 219 -25.07 -13.37 -84.66
N VAL I 220 -25.14 -12.21 -85.28
CA VAL I 220 -26.33 -11.36 -85.28
C VAL I 220 -26.92 -11.38 -86.67
N GLU I 221 -28.12 -11.96 -86.80
CA GLU I 221 -28.77 -12.14 -88.08
C GLU I 221 -30.20 -11.58 -88.00
N PRO I 222 -30.62 -10.79 -88.99
CA PRO I 222 -31.98 -10.26 -88.96
C PRO I 222 -33.02 -11.36 -89.04
N LYS I 223 -34.16 -11.11 -88.40
CA LYS I 223 -35.27 -12.04 -88.36
C LYS I 223 -36.44 -11.50 -89.18
N SER I 224 -37.36 -12.39 -89.51
CA SER I 224 -38.55 -12.06 -90.31
C SER I 224 -39.75 -11.93 -89.37
N CYS I 225 -40.68 -11.06 -89.73
CA CYS I 225 -41.91 -10.87 -88.96
C CYS I 225 -43.07 -11.62 -89.61
N ASP J 1 -14.99 23.87 -43.36
CA ASP J 1 -16.08 23.45 -44.23
C ASP J 1 -16.28 24.44 -45.37
N ILE J 2 -15.23 24.62 -46.18
CA ILE J 2 -15.31 25.54 -47.32
C ILE J 2 -15.69 24.75 -48.57
N GLN J 3 -16.65 25.27 -49.31
CA GLN J 3 -17.05 24.69 -50.59
C GLN J 3 -16.86 25.72 -51.70
N MET J 4 -16.51 25.23 -52.89
CA MET J 4 -16.29 26.09 -54.05
C MET J 4 -17.29 25.74 -55.14
N THR J 5 -17.79 26.77 -55.82
CA THR J 5 -18.68 26.61 -56.97
C THR J 5 -17.95 27.06 -58.22
N GLN J 6 -17.84 26.19 -59.20
CA GLN J 6 -17.12 26.46 -60.43
C GLN J 6 -18.10 26.67 -61.57
N SER J 7 -17.92 27.77 -62.30
CA SER J 7 -18.78 28.15 -63.40
C SER J 7 -17.93 28.40 -64.64
N PRO J 8 -18.41 28.00 -65.83
CA PRO J 8 -19.63 27.20 -65.97
C PRO J 8 -19.38 25.72 -65.69
N SER J 9 -20.45 24.93 -65.55
CA SER J 9 -20.27 23.49 -65.43
C SER J 9 -19.63 22.91 -66.69
N SER J 10 -20.05 23.42 -67.85
CA SER J 10 -19.45 23.06 -69.12
C SER J 10 -19.47 24.27 -70.04
N LEU J 11 -18.43 24.39 -70.86
CA LEU J 11 -18.30 25.49 -71.80
C LEU J 11 -18.00 24.94 -73.18
N SER J 12 -18.62 25.53 -74.20
CA SER J 12 -18.44 25.12 -75.59
C SER J 12 -17.65 26.17 -76.33
N ALA J 13 -16.54 25.75 -76.94
CA ALA J 13 -15.65 26.68 -77.64
C ALA J 13 -14.94 25.94 -78.76
N SER J 14 -14.37 26.72 -79.68
CA SER J 14 -13.62 26.21 -80.80
C SER J 14 -12.14 26.57 -80.66
N VAL J 15 -11.37 26.21 -81.69
CA VAL J 15 -9.94 26.48 -81.68
C VAL J 15 -9.71 27.98 -81.87
N GLY J 16 -8.84 28.55 -81.05
CA GLY J 16 -8.52 29.96 -81.14
C GLY J 16 -9.44 30.89 -80.39
N ASP J 17 -10.21 30.37 -79.43
CA ASP J 17 -11.16 31.18 -78.68
C ASP J 17 -10.61 31.53 -77.30
N ARG J 18 -11.20 32.55 -76.70
CA ARG J 18 -10.87 32.98 -75.34
C ARG J 18 -11.85 32.37 -74.36
N VAL J 19 -11.34 31.75 -73.30
CA VAL J 19 -12.15 31.04 -72.34
C VAL J 19 -11.94 31.64 -70.96
N SER J 20 -13.03 32.00 -70.30
CA SER J 20 -13.00 32.52 -68.94
C SER J 20 -13.73 31.58 -68.01
N ILE J 21 -13.03 31.08 -67.00
CA ILE J 21 -13.60 30.15 -66.03
C ILE J 21 -13.50 30.78 -64.65
N THR J 22 -14.62 30.81 -63.93
CA THR J 22 -14.66 31.42 -62.60
C THR J 22 -14.95 30.35 -61.57
N CYS J 23 -14.48 30.58 -60.35
CA CYS J 23 -14.96 29.79 -59.21
C CYS J 23 -15.00 30.66 -57.97
N ARG J 24 -16.01 30.40 -57.13
CA ARG J 24 -16.40 31.26 -56.03
C ARG J 24 -16.41 30.46 -54.74
N ALA J 25 -15.99 31.09 -53.65
CA ALA J 25 -15.90 30.46 -52.35
C ALA J 25 -16.95 31.06 -51.41
N SER J 26 -17.38 30.25 -50.44
CA SER J 26 -18.33 30.73 -49.44
C SER J 26 -17.69 31.71 -48.45
N GLN J 27 -16.37 31.85 -48.49
CA GLN J 27 -15.68 32.80 -47.63
C GLN J 27 -14.38 33.23 -48.30
N SER J 28 -13.89 34.40 -47.90
CA SER J 28 -12.66 34.94 -48.48
C SER J 28 -11.46 34.10 -48.07
N ILE J 29 -10.64 33.73 -49.05
CA ILE J 29 -9.49 32.86 -48.83
C ILE J 29 -8.20 33.47 -49.36
N SER J 30 -8.17 34.80 -49.49
CA SER J 30 -6.98 35.54 -49.95
C SER J 30 -6.61 35.01 -51.33
N THR J 31 -5.40 34.50 -51.54
CA THR J 31 -4.98 33.95 -52.83
C THR J 31 -4.48 32.51 -52.67
N HIS J 32 -4.97 31.80 -51.65
CA HIS J 32 -4.56 30.42 -51.41
C HIS J 32 -5.43 29.47 -52.25
N LEU J 33 -5.16 29.47 -53.56
CA LEU J 33 -5.85 28.60 -54.49
C LEU J 33 -5.00 28.39 -55.74
N HIS J 34 -5.14 27.22 -56.35
CA HIS J 34 -4.37 26.83 -57.51
C HIS J 34 -5.31 26.23 -58.55
N TRP J 35 -5.00 26.46 -59.83
CA TRP J 35 -5.79 25.93 -60.92
C TRP J 35 -5.05 24.78 -61.59
N TYR J 36 -5.76 23.67 -61.78
CA TYR J 36 -5.23 22.44 -62.33
C TYR J 36 -6.00 22.05 -63.58
N GLN J 37 -5.35 21.29 -64.46
CA GLN J 37 -5.97 20.75 -65.65
C GLN J 37 -5.82 19.23 -65.64
N GLN J 38 -6.94 18.53 -65.78
CA GLN J 38 -6.95 17.07 -65.81
C GLN J 38 -7.64 16.60 -67.08
N LYS J 39 -6.96 15.79 -67.84
CA LYS J 39 -7.54 15.17 -69.03
C LYS J 39 -8.00 13.75 -68.69
N PRO J 40 -9.03 13.26 -69.38
CA PRO J 40 -9.54 11.92 -69.08
C PRO J 40 -8.46 10.86 -69.29
N GLY J 41 -8.41 9.91 -68.35
CA GLY J 41 -7.44 8.84 -68.41
C GLY J 41 -6.07 9.18 -67.87
N LYS J 42 -5.91 10.30 -67.16
CA LYS J 42 -4.63 10.64 -66.55
C LYS J 42 -4.89 11.57 -65.37
N ALA J 43 -3.90 11.63 -64.45
CA ALA J 43 -3.98 12.41 -63.23
C ALA J 43 -3.97 13.92 -63.54
N PRO J 44 -4.47 14.74 -62.63
CA PRO J 44 -4.50 16.19 -62.87
C PRO J 44 -3.10 16.80 -62.92
N LYS J 45 -3.01 17.92 -63.62
CA LYS J 45 -1.76 18.66 -63.78
C LYS J 45 -1.93 20.07 -63.24
N LEU J 46 -0.96 20.52 -62.46
CA LEU J 46 -0.95 21.88 -61.92
C LEU J 46 -0.60 22.86 -63.03
N LEU J 47 -1.47 23.86 -63.24
CA LEU J 47 -1.22 24.90 -64.23
C LEU J 47 -0.85 26.23 -63.56
N ILE J 48 -1.68 26.71 -62.65
CA ILE J 48 -1.51 28.02 -62.04
C ILE J 48 -1.38 27.86 -60.55
N SER J 49 -0.36 28.48 -59.96
CA SER J 49 -0.12 28.42 -58.53
C SER J 49 -0.42 29.79 -57.91
N ALA J 50 -0.96 29.75 -56.69
CA ALA J 50 -1.38 30.93 -55.94
C ALA J 50 -2.40 31.76 -56.70
N ALA J 51 -3.08 31.15 -57.68
CA ALA J 51 -4.15 31.75 -58.45
C ALA J 51 -3.67 32.89 -59.35
N SER J 52 -2.38 33.25 -59.25
CA SER J 52 -1.84 34.30 -60.10
C SER J 52 -0.48 33.98 -60.70
N THR J 53 0.23 32.96 -60.22
CA THR J 53 1.60 32.67 -60.66
C THR J 53 1.59 31.50 -61.62
N LEU J 54 2.11 31.71 -62.83
CA LEU J 54 2.24 30.65 -63.80
C LEU J 54 3.35 29.68 -63.40
N GLN J 55 3.04 28.39 -63.46
CA GLN J 55 4.01 27.36 -63.14
C GLN J 55 5.02 27.20 -64.26
N SER J 56 6.22 26.74 -63.90
CA SER J 56 7.24 26.44 -64.89
C SER J 56 6.81 25.25 -65.74
N GLY J 57 7.08 25.35 -67.05
CA GLY J 57 6.67 24.31 -67.97
C GLY J 57 5.24 24.42 -68.47
N VAL J 58 4.59 25.56 -68.26
CA VAL J 58 3.20 25.76 -68.67
C VAL J 58 3.17 26.81 -69.78
N PRO J 59 2.35 26.64 -70.81
CA PRO J 59 2.25 27.67 -71.86
C PRO J 59 1.81 29.01 -71.29
N SER J 60 2.36 30.08 -71.88
CA SER J 60 2.11 31.44 -71.40
C SER J 60 0.73 31.96 -71.79
N ARG J 61 0.00 31.27 -72.66
CA ARG J 61 -1.32 31.74 -73.08
C ARG J 61 -2.30 31.79 -71.92
N PHE J 62 -2.11 30.92 -70.92
CA PHE J 62 -3.01 30.89 -69.79
C PHE J 62 -2.66 31.99 -68.79
N SER J 63 -3.66 32.48 -68.06
CA SER J 63 -3.42 33.47 -67.02
C SER J 63 -4.48 33.35 -65.95
N GLY J 64 -4.16 33.84 -64.77
CA GLY J 64 -5.09 33.80 -63.64
C GLY J 64 -5.21 35.16 -62.99
N SER J 65 -6.35 35.36 -62.33
CA SER J 65 -6.64 36.62 -61.66
C SER J 65 -7.74 36.38 -60.64
N GLY J 66 -8.16 37.45 -59.98
CA GLY J 66 -9.18 37.39 -58.97
C GLY J 66 -8.62 37.51 -57.56
N SER J 67 -9.53 37.63 -56.60
CA SER J 67 -9.13 37.85 -55.23
C SER J 67 -10.32 37.58 -54.32
N GLY J 68 -10.01 37.19 -53.08
CA GLY J 68 -11.03 36.97 -52.09
C GLY J 68 -11.90 35.76 -52.37
N THR J 69 -13.17 36.00 -52.69
CA THR J 69 -14.14 34.94 -52.89
C THR J 69 -14.41 34.63 -54.35
N ASP J 70 -13.66 35.22 -55.28
CA ASP J 70 -13.88 34.98 -56.70
C ASP J 70 -12.54 34.90 -57.42
N PHE J 71 -12.33 33.81 -58.17
CA PHE J 71 -11.09 33.58 -58.89
C PHE J 71 -11.41 33.27 -60.34
N THR J 72 -10.58 33.78 -61.24
CA THR J 72 -10.82 33.71 -62.68
C THR J 72 -9.58 33.18 -63.40
N LEU J 73 -9.82 32.38 -64.43
CA LEU J 73 -8.78 31.89 -65.33
C LEU J 73 -9.14 32.30 -66.74
N THR J 74 -8.16 32.86 -67.46
CA THR J 74 -8.34 33.39 -68.80
C THR J 74 -7.41 32.69 -69.77
N ILE J 75 -7.96 32.18 -70.86
CA ILE J 75 -7.21 31.53 -71.92
C ILE J 75 -7.41 32.33 -73.20
N THR J 76 -6.30 32.80 -73.79
CA THR J 76 -6.39 33.62 -74.99
C THR J 76 -6.70 32.78 -76.23
N SER J 77 -5.81 31.86 -76.57
CA SER J 77 -5.96 30.98 -77.72
C SER J 77 -6.11 29.55 -77.25
N LEU J 78 -7.22 28.91 -77.62
CA LEU J 78 -7.48 27.52 -77.24
C LEU J 78 -6.91 26.60 -78.32
N GLN J 79 -5.76 26.00 -78.03
CA GLN J 79 -5.17 25.05 -78.94
C GLN J 79 -6.00 23.76 -78.98
N PRO J 80 -5.87 22.96 -80.04
CA PRO J 80 -6.71 21.76 -80.17
C PRO J 80 -6.50 20.75 -79.04
N GLU J 81 -5.39 20.82 -78.31
CA GLU J 81 -5.16 19.92 -77.20
C GLU J 81 -5.57 20.52 -75.85
N ASP J 82 -6.22 21.69 -75.85
CA ASP J 82 -6.65 22.34 -74.62
C ASP J 82 -7.99 21.84 -74.10
N PHE J 83 -8.60 20.87 -74.78
CA PHE J 83 -9.91 20.36 -74.39
C PHE J 83 -9.72 19.32 -73.28
N ALA J 84 -10.00 19.74 -72.05
CA ALA J 84 -9.89 18.86 -70.90
C ALA J 84 -10.78 19.41 -69.79
N THR J 85 -10.63 18.86 -68.59
CA THR J 85 -11.34 19.32 -67.40
C THR J 85 -10.45 20.28 -66.63
N TYR J 86 -11.05 21.33 -66.08
CA TYR J 86 -10.32 22.36 -65.35
C TYR J 86 -10.85 22.47 -63.93
N TYR J 87 -9.94 22.62 -62.97
CA TYR J 87 -10.25 22.57 -61.55
C TYR J 87 -9.58 23.75 -60.85
N CYS J 88 -10.16 24.18 -59.74
CA CYS J 88 -9.51 25.10 -58.82
C CYS J 88 -9.63 24.55 -57.41
N GLN J 89 -8.51 24.55 -56.68
CA GLN J 89 -8.43 23.91 -55.37
C GLN J 89 -7.79 24.87 -54.38
N GLN J 90 -8.33 24.92 -53.18
CA GLN J 90 -7.88 25.85 -52.15
C GLN J 90 -7.07 25.14 -51.07
N SER J 91 -6.24 25.92 -50.38
CA SER J 91 -5.48 25.47 -49.22
C SER J 91 -5.47 26.55 -48.14
N TYR J 92 -6.63 27.16 -47.89
CA TYR J 92 -6.71 28.30 -46.97
C TYR J 92 -6.67 27.87 -45.51
N SER J 93 -7.67 27.12 -45.06
CA SER J 93 -7.71 26.70 -43.67
C SER J 93 -6.57 25.73 -43.38
N THR J 94 -5.82 26.01 -42.32
CA THR J 94 -4.54 25.34 -42.07
C THR J 94 -4.70 23.86 -41.71
N PRO J 95 -5.39 23.49 -40.60
CA PRO J 95 -5.26 22.12 -40.10
C PRO J 95 -5.77 21.04 -41.04
N ARG J 96 -7.06 21.10 -41.39
CA ARG J 96 -7.67 20.09 -42.26
C ARG J 96 -8.69 20.74 -43.18
N GLY J 97 -8.45 22.00 -43.56
CA GLY J 97 -9.40 22.73 -44.37
C GLY J 97 -9.24 22.53 -45.86
N LEU J 98 -8.47 21.51 -46.25
CA LEU J 98 -8.27 21.24 -47.66
C LEU J 98 -9.56 20.70 -48.28
N SER J 99 -10.12 21.47 -49.21
CA SER J 99 -11.36 21.12 -49.87
C SER J 99 -11.22 21.37 -51.36
N PHE J 100 -12.07 20.70 -52.14
CA PHE J 100 -11.98 20.75 -53.59
C PHE J 100 -13.24 21.37 -54.20
N GLY J 101 -13.11 21.81 -55.45
CA GLY J 101 -14.19 22.47 -56.15
C GLY J 101 -14.89 21.57 -57.14
N GLY J 102 -15.90 22.14 -57.81
CA GLY J 102 -16.70 21.35 -58.72
C GLY J 102 -15.96 20.95 -59.99
N GLY J 103 -15.67 21.91 -60.85
CA GLY J 103 -14.94 21.60 -62.07
C GLY J 103 -15.69 22.04 -63.31
N THR J 104 -14.94 22.33 -64.37
CA THR J 104 -15.47 22.78 -65.64
C THR J 104 -14.85 21.96 -66.77
N LYS J 105 -15.69 21.49 -67.68
CA LYS J 105 -15.26 20.70 -68.82
C LYS J 105 -15.42 21.51 -70.10
N VAL J 106 -14.46 21.39 -71.00
CA VAL J 106 -14.44 22.13 -72.27
C VAL J 106 -14.46 21.13 -73.41
N GLU J 107 -15.39 21.31 -74.34
CA GLU J 107 -15.59 20.41 -75.46
C GLU J 107 -15.65 21.19 -76.77
N ILE J 108 -15.49 20.47 -77.87
CA ILE J 108 -15.42 21.08 -79.20
C ILE J 108 -16.79 21.57 -79.63
N LYS J 109 -16.84 22.78 -80.17
CA LYS J 109 -18.08 23.39 -80.62
C LYS J 109 -18.24 23.23 -82.13
N ARG J 110 -19.44 22.84 -82.55
CA ARG J 110 -19.72 22.60 -83.96
C ARG J 110 -21.17 22.98 -84.23
N THR J 111 -21.68 22.57 -85.39
CA THR J 111 -23.05 22.86 -85.78
C THR J 111 -23.99 21.87 -85.10
N VAL J 112 -25.27 21.89 -85.49
CA VAL J 112 -26.30 21.04 -84.91
C VAL J 112 -26.60 19.90 -85.88
N ALA J 113 -26.61 18.67 -85.38
CA ALA J 113 -26.89 17.49 -86.18
C ALA J 113 -28.09 16.75 -85.59
N ALA J 114 -28.97 16.29 -86.48
CA ALA J 114 -30.19 15.59 -86.08
C ALA J 114 -29.87 14.13 -85.75
N PRO J 115 -30.24 13.65 -84.56
CA PRO J 115 -30.00 12.24 -84.22
C PRO J 115 -30.85 11.30 -85.06
N SER J 116 -30.29 10.11 -85.31
CA SER J 116 -31.01 9.03 -85.97
C SER J 116 -31.48 8.04 -84.90
N VAL J 117 -32.72 7.57 -85.05
CA VAL J 117 -33.40 6.78 -84.02
C VAL J 117 -33.54 5.35 -84.49
N PHE J 118 -33.17 4.41 -83.63
CA PHE J 118 -33.33 2.98 -83.90
C PHE J 118 -33.86 2.30 -82.64
N ILE J 119 -34.49 1.15 -82.83
CA ILE J 119 -35.10 0.40 -81.73
C ILE J 119 -34.69 -1.05 -81.82
N PHE J 120 -34.53 -1.69 -80.67
CA PHE J 120 -34.25 -3.12 -80.57
C PHE J 120 -35.17 -3.73 -79.51
N PRO J 121 -36.16 -4.52 -79.90
CA PRO J 121 -36.96 -5.25 -78.91
C PRO J 121 -36.16 -6.38 -78.30
N PRO J 122 -36.58 -6.88 -77.14
CA PRO J 122 -35.89 -8.05 -76.57
C PRO J 122 -36.03 -9.26 -77.49
N SER J 123 -34.96 -10.05 -77.55
CA SER J 123 -34.92 -11.20 -78.43
C SER J 123 -35.50 -12.43 -77.74
N ASP J 124 -35.76 -13.46 -78.55
CA ASP J 124 -36.25 -14.73 -78.01
C ASP J 124 -35.20 -15.39 -77.13
N GLU J 125 -33.92 -15.28 -77.49
CA GLU J 125 -32.85 -15.87 -76.69
C GLU J 125 -32.83 -15.29 -75.29
N GLN J 126 -32.99 -13.97 -75.16
CA GLN J 126 -33.04 -13.35 -73.84
C GLN J 126 -34.32 -13.72 -73.11
N LEU J 127 -35.43 -13.82 -73.84
CA LEU J 127 -36.70 -14.21 -73.23
C LEU J 127 -36.72 -15.67 -72.81
N LYS J 128 -35.74 -16.47 -73.24
CA LYS J 128 -35.63 -17.84 -72.73
C LYS J 128 -35.42 -17.86 -71.22
N SER J 129 -34.68 -16.89 -70.70
CA SER J 129 -34.33 -16.84 -69.28
C SER J 129 -35.24 -15.92 -68.48
N GLY J 130 -36.34 -15.44 -69.07
CA GLY J 130 -37.28 -14.63 -68.34
C GLY J 130 -36.88 -13.19 -68.10
N THR J 131 -36.11 -12.61 -69.01
CA THR J 131 -35.73 -11.20 -68.95
C THR J 131 -35.96 -10.56 -70.31
N ALA J 132 -36.37 -9.29 -70.31
CA ALA J 132 -36.64 -8.56 -71.54
C ALA J 132 -35.98 -7.19 -71.47
N SER J 133 -35.28 -6.81 -72.54
CA SER J 133 -34.61 -5.52 -72.64
C SER J 133 -35.05 -4.83 -73.92
N VAL J 134 -35.61 -3.62 -73.78
CA VAL J 134 -36.05 -2.81 -74.91
C VAL J 134 -35.07 -1.64 -75.03
N VAL J 135 -34.48 -1.48 -76.22
CA VAL J 135 -33.40 -0.52 -76.43
C VAL J 135 -33.85 0.53 -77.44
N CYS J 136 -33.64 1.80 -77.09
CA CYS J 136 -33.81 2.92 -78.02
C CYS J 136 -32.47 3.63 -78.16
N LEU J 137 -32.01 3.78 -79.40
CA LEU J 137 -30.68 4.28 -79.71
C LEU J 137 -30.78 5.55 -80.55
N LEU J 138 -30.06 6.58 -80.14
CA LEU J 138 -29.94 7.84 -80.88
C LEU J 138 -28.49 8.04 -81.27
N ASN J 139 -28.27 8.35 -82.55
CA ASN J 139 -26.93 8.48 -83.11
C ASN J 139 -26.71 9.86 -83.69
N ASN J 140 -25.49 10.38 -83.53
CA ASN J 140 -25.00 11.57 -84.23
C ASN J 140 -25.90 12.79 -83.97
N PHE J 141 -25.90 13.21 -82.71
CA PHE J 141 -26.56 14.45 -82.32
C PHE J 141 -25.57 15.37 -81.59
N TYR J 142 -25.79 16.67 -81.75
CA TYR J 142 -24.97 17.68 -81.10
C TYR J 142 -25.81 18.94 -80.93
N PRO J 143 -25.77 19.58 -79.74
CA PRO J 143 -25.04 19.11 -78.56
C PRO J 143 -25.71 17.94 -77.84
N ARG J 144 -25.15 17.56 -76.68
CA ARG J 144 -25.57 16.33 -76.01
C ARG J 144 -26.97 16.46 -75.40
N GLU J 145 -27.46 17.70 -75.24
CA GLU J 145 -28.76 17.92 -74.60
C GLU J 145 -29.87 17.28 -75.42
N ALA J 146 -30.76 16.56 -74.74
CA ALA J 146 -31.92 15.91 -75.33
C ALA J 146 -32.72 15.27 -74.20
N LYS J 147 -33.96 14.89 -74.49
CA LYS J 147 -34.77 14.18 -73.52
C LYS J 147 -35.45 12.99 -74.17
N VAL J 148 -35.53 11.89 -73.41
CA VAL J 148 -36.11 10.64 -73.89
C VAL J 148 -37.12 10.15 -72.86
N GLN J 149 -38.33 9.86 -73.31
CA GLN J 149 -39.37 9.29 -72.47
C GLN J 149 -39.82 7.94 -73.05
N TRP J 150 -40.38 7.11 -72.19
CA TRP J 150 -40.76 5.75 -72.54
C TRP J 150 -42.27 5.58 -72.39
N LYS J 151 -42.89 4.87 -73.33
CA LYS J 151 -44.33 4.65 -73.34
C LYS J 151 -44.60 3.16 -73.44
N VAL J 152 -45.15 2.58 -72.38
CA VAL J 152 -45.52 1.17 -72.36
C VAL J 152 -47.02 1.09 -72.58
N ASP J 153 -47.42 0.61 -73.76
CA ASP J 153 -48.82 0.50 -74.16
C ASP J 153 -49.55 1.83 -73.96
N ASN J 154 -48.92 2.89 -74.46
CA ASN J 154 -49.43 4.26 -74.37
C ASN J 154 -49.62 4.72 -72.92
N ALA J 155 -48.63 4.44 -72.06
CA ALA J 155 -48.64 4.92 -70.68
C ALA J 155 -47.26 5.46 -70.33
N LEU J 156 -47.23 6.43 -69.43
CA LEU J 156 -45.97 7.04 -69.04
C LEU J 156 -45.16 6.08 -68.17
N GLN J 157 -43.84 6.07 -68.40
CA GLN J 157 -42.93 5.21 -67.67
C GLN J 157 -41.73 6.01 -67.17
N SER J 158 -41.33 5.73 -65.93
CA SER J 158 -40.19 6.41 -65.32
C SER J 158 -39.67 5.55 -64.18
N GLY J 159 -38.37 5.64 -63.91
CA GLY J 159 -37.74 4.89 -62.86
C GLY J 159 -37.21 3.53 -63.28
N ASN J 160 -37.37 3.14 -64.55
CA ASN J 160 -36.88 1.87 -65.05
C ASN J 160 -36.08 2.05 -66.34
N SER J 161 -35.57 3.26 -66.57
CA SER J 161 -34.82 3.59 -67.77
C SER J 161 -33.34 3.71 -67.42
N GLN J 162 -32.51 2.93 -68.11
CA GLN J 162 -31.06 2.99 -67.94
C GLN J 162 -30.46 3.58 -69.21
N GLU J 163 -29.75 4.70 -69.06
CA GLU J 163 -29.24 5.45 -70.20
C GLU J 163 -27.73 5.54 -70.14
N SER J 164 -27.09 5.32 -71.29
CA SER J 164 -25.66 5.50 -71.44
C SER J 164 -25.40 6.45 -72.60
N VAL J 165 -24.33 7.23 -72.49
CA VAL J 165 -24.00 8.26 -73.47
C VAL J 165 -22.54 8.09 -73.89
N THR J 166 -22.25 8.46 -75.13
CA THR J 166 -20.93 8.30 -75.72
C THR J 166 -20.20 9.64 -75.77
N GLU J 167 -18.91 9.60 -75.47
CA GLU J 167 -18.06 10.78 -75.58
C GLU J 167 -17.86 11.14 -77.04
N GLN J 168 -17.45 12.39 -77.28
CA GLN J 168 -17.35 12.92 -78.64
C GLN J 168 -16.36 12.11 -79.46
N ASP J 169 -16.79 11.72 -80.67
CA ASP J 169 -15.95 10.93 -81.55
C ASP J 169 -14.91 11.81 -82.23
N SER J 170 -13.80 11.19 -82.62
CA SER J 170 -12.64 11.92 -83.15
C SER J 170 -12.90 12.55 -84.52
N LYS J 171 -13.95 12.15 -85.22
CA LYS J 171 -14.23 12.67 -86.56
C LYS J 171 -15.43 13.60 -86.62
N ASP J 172 -16.46 13.36 -85.79
CA ASP J 172 -17.66 14.17 -85.82
C ASP J 172 -17.90 14.94 -84.52
N SER J 173 -17.30 14.53 -83.41
CA SER J 173 -17.44 15.22 -82.13
C SER J 173 -18.91 15.34 -81.71
N THR J 174 -19.68 14.31 -82.00
CA THR J 174 -21.08 14.23 -81.60
C THR J 174 -21.23 13.13 -80.55
N TYR J 175 -22.46 12.96 -80.08
CA TYR J 175 -22.76 12.04 -78.98
C TYR J 175 -23.71 10.95 -79.44
N SER J 176 -23.56 9.77 -78.84
CA SER J 176 -24.44 8.64 -79.07
C SER J 176 -25.08 8.25 -77.74
N LEU J 177 -26.39 8.03 -77.77
CA LEU J 177 -27.14 7.72 -76.57
C LEU J 177 -27.91 6.42 -76.75
N SER J 178 -27.98 5.64 -75.67
CA SER J 178 -28.70 4.37 -75.70
C SER J 178 -29.44 4.21 -74.38
N SER J 179 -30.77 4.12 -74.46
CA SER J 179 -31.61 3.90 -73.31
C SER J 179 -32.21 2.51 -73.40
N THR J 180 -32.41 1.89 -72.23
CA THR J 180 -32.97 0.55 -72.17
C THR J 180 -33.93 0.42 -71.01
N LEU J 181 -34.95 -0.42 -71.21
CA LEU J 181 -35.85 -0.85 -70.16
C LEU J 181 -35.65 -2.34 -69.94
N THR J 182 -35.44 -2.73 -68.69
CA THR J 182 -35.29 -4.12 -68.30
C THR J 182 -36.50 -4.54 -67.48
N LEU J 183 -37.15 -5.62 -67.90
CA LEU J 183 -38.41 -6.05 -67.29
C LEU J 183 -38.45 -7.58 -67.26
N SER J 184 -39.40 -8.10 -66.47
CA SER J 184 -39.65 -9.52 -66.40
C SER J 184 -40.65 -9.93 -67.49
N LYS J 185 -40.56 -11.20 -67.90
CA LYS J 185 -41.40 -11.69 -68.99
C LYS J 185 -42.88 -11.62 -68.63
N ALA J 186 -43.22 -11.76 -67.35
CA ALA J 186 -44.61 -11.68 -66.95
C ALA J 186 -45.19 -10.29 -67.23
N ASP J 187 -44.41 -9.24 -66.97
CA ASP J 187 -44.85 -7.88 -67.28
C ASP J 187 -44.75 -7.54 -68.76
N TYR J 188 -43.83 -8.18 -69.49
CA TYR J 188 -43.66 -7.90 -70.91
C TYR J 188 -44.76 -8.55 -71.75
N GLU J 189 -45.20 -9.75 -71.36
CA GLU J 189 -46.27 -10.41 -72.09
C GLU J 189 -47.61 -9.72 -71.90
N LYS J 190 -47.78 -9.02 -70.77
CA LYS J 190 -49.08 -8.42 -70.47
C LYS J 190 -49.42 -7.27 -71.43
N HIS J 191 -48.41 -6.50 -71.82
CA HIS J 191 -48.63 -5.36 -72.70
C HIS J 191 -48.38 -5.75 -74.17
N LYS J 192 -48.81 -4.87 -75.07
CA LYS J 192 -48.77 -5.14 -76.50
C LYS J 192 -47.85 -4.20 -77.27
N VAL J 193 -47.95 -2.90 -77.04
CA VAL J 193 -47.20 -1.89 -77.79
C VAL J 193 -46.18 -1.24 -76.86
N TYR J 194 -45.02 -0.88 -77.41
CA TYR J 194 -44.01 -0.15 -76.66
C TYR J 194 -43.44 0.93 -77.56
N ALA J 195 -42.91 1.99 -76.94
CA ALA J 195 -42.42 3.12 -77.71
C ALA J 195 -41.42 3.93 -76.92
N CYS J 196 -40.54 4.61 -77.64
CA CYS J 196 -39.65 5.62 -77.08
C CYS J 196 -39.84 6.93 -77.83
N GLU J 197 -40.06 8.01 -77.09
CA GLU J 197 -40.20 9.34 -77.65
C GLU J 197 -38.94 10.14 -77.34
N VAL J 198 -38.41 10.84 -78.34
CA VAL J 198 -37.18 11.60 -78.20
C VAL J 198 -37.43 13.04 -78.63
N THR J 199 -36.96 13.98 -77.83
CA THR J 199 -37.08 15.40 -78.13
C THR J 199 -35.69 16.04 -78.08
N HIS J 200 -35.33 16.73 -79.15
CA HIS J 200 -33.99 17.29 -79.32
C HIS J 200 -34.11 18.69 -79.87
N GLN J 201 -33.10 19.52 -79.56
CA GLN J 201 -33.08 20.90 -80.04
C GLN J 201 -32.93 20.96 -81.55
N GLY J 202 -32.26 19.96 -82.14
CA GLY J 202 -32.16 19.84 -83.57
C GLY J 202 -33.38 19.23 -84.22
N LEU J 203 -34.38 18.85 -83.43
CA LEU J 203 -35.62 18.28 -83.92
C LEU J 203 -36.73 19.32 -83.80
N SER J 204 -37.38 19.63 -84.92
CA SER J 204 -38.50 20.56 -84.90
C SER J 204 -39.65 20.00 -84.07
N SER J 205 -39.93 18.71 -84.21
CA SER J 205 -40.93 18.02 -83.41
C SER J 205 -40.35 16.74 -82.86
N PRO J 206 -40.80 16.30 -81.68
CA PRO J 206 -40.29 15.05 -81.11
C PRO J 206 -40.58 13.87 -82.03
N VAL J 207 -39.63 12.93 -82.08
CA VAL J 207 -39.73 11.76 -82.94
C VAL J 207 -40.11 10.56 -82.09
N THR J 208 -41.09 9.80 -82.55
CA THR J 208 -41.56 8.59 -81.90
C THR J 208 -40.91 7.37 -82.54
N LYS J 209 -40.75 6.32 -81.75
CA LYS J 209 -40.39 5.01 -82.29
C LYS J 209 -41.21 3.97 -81.55
N SER J 210 -42.13 3.32 -82.26
CA SER J 210 -43.11 2.43 -81.66
C SER J 210 -43.04 1.07 -82.34
N PHE J 211 -43.31 0.02 -81.55
CA PHE J 211 -43.40 -1.33 -82.09
C PHE J 211 -44.45 -2.12 -81.33
N ASN J 212 -45.17 -2.96 -82.06
CA ASN J 212 -46.18 -3.85 -81.50
C ASN J 212 -45.60 -5.25 -81.40
N ARG J 213 -45.64 -5.81 -80.19
CA ARG J 213 -45.13 -7.16 -79.98
C ARG J 213 -45.95 -8.21 -80.72
N GLY J 214 -47.27 -8.02 -80.78
CA GLY J 214 -48.11 -8.98 -81.48
C GLY J 214 -47.87 -8.98 -82.98
N GLU J 215 -47.60 -7.81 -83.56
CA GLU J 215 -47.40 -7.71 -84.99
C GLU J 215 -46.13 -8.44 -85.43
N CYS J 216 -45.02 -8.20 -84.75
CA CYS J 216 -43.75 -8.83 -85.10
C CYS J 216 -43.02 -9.30 -83.84
N GLN K 1 21.14 -56.36 19.60
CA GLN K 1 20.92 -57.41 20.58
C GLN K 1 20.12 -56.90 21.77
N CYS K 2 18.94 -57.50 21.99
CA CYS K 2 18.09 -57.15 23.11
C CYS K 2 17.81 -58.39 23.94
N VAL K 3 18.01 -58.27 25.25
CA VAL K 3 17.86 -59.37 26.19
C VAL K 3 16.90 -58.93 27.28
N ASN K 4 15.83 -59.70 27.49
CA ASN K 4 14.89 -59.41 28.56
C ASN K 4 15.24 -60.22 29.80
N LEU K 5 15.34 -59.53 30.94
CA LEU K 5 15.67 -60.17 32.21
C LEU K 5 14.38 -60.35 33.01
N THR K 6 14.11 -61.57 33.45
CA THR K 6 12.88 -61.90 34.15
C THR K 6 13.11 -62.51 35.52
N THR K 7 14.16 -62.11 36.24
CA THR K 7 14.41 -62.57 37.60
C THR K 7 14.25 -61.45 38.62
N ARG K 8 13.37 -60.49 38.35
CA ARG K 8 13.17 -59.36 39.25
C ARG K 8 12.14 -59.71 40.32
N THR K 9 12.33 -59.13 41.50
CA THR K 9 11.41 -59.28 42.62
C THR K 9 10.54 -58.03 42.73
N GLN K 10 9.24 -58.19 42.51
CA GLN K 10 8.35 -57.04 42.42
C GLN K 10 8.23 -56.34 43.76
N LEU K 11 8.34 -55.01 43.75
CA LEU K 11 8.31 -54.18 44.94
C LEU K 11 8.17 -52.73 44.51
N PRO K 12 7.37 -51.92 45.21
CA PRO K 12 7.29 -50.50 44.87
C PRO K 12 8.56 -49.77 45.26
N PRO K 13 8.88 -48.67 44.58
CA PRO K 13 10.07 -47.90 44.95
C PRO K 13 9.84 -47.11 46.23
N ALA K 14 10.92 -46.67 46.86
CA ALA K 14 10.83 -45.98 48.13
C ALA K 14 10.78 -44.47 47.91
N TYR K 15 10.61 -43.74 49.01
CA TYR K 15 10.69 -42.29 49.00
C TYR K 15 11.56 -41.86 50.17
N THR K 16 12.21 -40.70 50.02
CA THR K 16 13.02 -40.20 51.11
C THR K 16 13.10 -38.67 51.02
N ASN K 17 13.79 -38.07 51.98
CA ASN K 17 13.83 -36.62 52.17
C ASN K 17 15.03 -36.01 51.46
N SER K 18 14.81 -34.85 50.87
CA SER K 18 15.87 -34.16 50.14
C SER K 18 16.84 -33.43 51.05
N PHE K 19 16.38 -32.96 52.22
CA PHE K 19 17.15 -32.09 53.11
C PHE K 19 17.43 -30.79 52.36
N THR K 20 18.68 -30.35 52.22
CA THR K 20 19.04 -29.13 51.52
C THR K 20 20.00 -29.41 50.37
N ARG K 21 19.68 -30.42 49.55
CA ARG K 21 20.56 -30.85 48.48
C ARG K 21 20.01 -30.40 47.12
N GLY K 22 20.94 -30.16 46.20
CA GLY K 22 20.58 -29.80 44.83
C GLY K 22 20.77 -28.34 44.46
N VAL K 23 21.74 -27.65 45.05
CA VAL K 23 21.96 -26.24 44.75
C VAL K 23 23.18 -26.12 43.85
N TYR K 24 23.04 -25.41 42.74
CA TYR K 24 24.10 -25.24 41.77
C TYR K 24 24.35 -23.75 41.52
N TYR K 25 25.51 -23.46 40.93
CA TYR K 25 25.85 -22.09 40.60
C TYR K 25 25.01 -21.62 39.41
N PRO K 26 24.20 -20.57 39.56
CA PRO K 26 23.26 -20.21 38.50
C PRO K 26 23.87 -19.46 37.34
N ASP K 27 25.14 -19.03 37.45
CA ASP K 27 25.81 -18.34 36.36
C ASP K 27 27.31 -18.38 36.61
N LYS K 28 28.05 -17.62 35.81
CA LYS K 28 29.52 -17.63 35.84
C LYS K 28 30.10 -16.34 36.42
N VAL K 29 29.40 -15.71 37.35
CA VAL K 29 29.79 -14.42 37.90
C VAL K 29 30.45 -14.63 39.25
N PHE K 30 31.63 -14.06 39.43
CA PHE K 30 32.30 -14.09 40.73
C PHE K 30 31.66 -13.08 41.66
N ARG K 31 31.35 -13.52 42.87
CA ARG K 31 30.81 -12.66 43.91
C ARG K 31 31.48 -13.03 45.22
N SER K 32 31.84 -12.03 46.02
CA SER K 32 32.58 -12.27 47.25
C SER K 32 31.87 -11.59 48.42
N SER K 33 31.52 -12.39 49.44
CA SER K 33 30.90 -11.89 50.66
C SER K 33 29.59 -11.16 50.37
N VAL K 34 28.69 -11.82 49.65
CA VAL K 34 27.46 -11.21 49.17
C VAL K 34 26.29 -12.14 49.47
N LEU K 35 25.13 -11.55 49.67
CA LEU K 35 23.86 -12.28 49.74
C LEU K 35 23.07 -11.93 48.49
N HIS K 36 22.94 -12.89 47.58
CA HIS K 36 22.37 -12.63 46.27
C HIS K 36 21.05 -13.38 46.14
N SER K 37 20.08 -12.77 45.46
CA SER K 37 18.75 -13.36 45.29
C SER K 37 18.57 -13.77 43.84
N THR K 38 18.23 -15.03 43.61
CA THR K 38 18.10 -15.55 42.25
C THR K 38 16.81 -16.35 42.10
N GLN K 39 16.17 -16.21 40.94
CA GLN K 39 14.97 -16.97 40.62
C GLN K 39 15.32 -17.94 39.49
N ASP K 40 15.13 -19.24 39.73
CA ASP K 40 15.56 -20.24 38.76
C ASP K 40 14.87 -21.57 39.06
N LEU K 41 15.27 -22.59 38.31
CA LEU K 41 14.73 -23.94 38.45
C LEU K 41 15.56 -24.68 39.49
N PHE K 42 14.98 -24.90 40.66
CA PHE K 42 15.69 -25.46 41.80
C PHE K 42 14.93 -26.66 42.36
N LEU K 43 15.62 -27.44 43.16
CA LEU K 43 14.97 -28.52 43.90
C LEU K 43 14.51 -28.02 45.25
N PRO K 44 13.21 -27.98 45.52
CA PRO K 44 12.73 -27.40 46.78
C PRO K 44 13.26 -28.14 47.99
N PHE K 45 13.41 -27.39 49.08
CA PHE K 45 13.97 -27.95 50.31
C PHE K 45 13.01 -28.95 50.94
N PHE K 46 13.56 -30.02 51.50
CA PHE K 46 12.79 -31.05 52.19
C PHE K 46 11.69 -31.63 51.29
N SER K 47 12.04 -31.88 50.04
CA SER K 47 11.11 -32.49 49.10
C SER K 47 11.23 -34.01 49.15
N ASN K 48 10.28 -34.68 48.52
CA ASN K 48 10.22 -36.14 48.52
C ASN K 48 10.85 -36.64 47.22
N VAL K 49 12.03 -37.24 47.34
CA VAL K 49 12.75 -37.77 46.18
C VAL K 49 12.55 -39.28 46.13
N THR K 50 12.36 -39.79 44.92
CA THR K 50 12.10 -41.21 44.74
C THR K 50 13.40 -42.00 44.85
N TRP K 51 13.33 -43.15 45.53
CA TRP K 51 14.47 -44.00 45.80
C TRP K 51 14.32 -45.30 45.03
N PHE K 52 15.33 -45.60 44.19
CA PHE K 52 15.42 -46.85 43.45
C PHE K 52 16.62 -47.64 43.93
N HIS K 53 16.44 -48.96 44.03
CA HIS K 53 17.42 -49.88 44.56
C HIS K 53 17.98 -50.79 43.47
N ALA K 54 19.10 -51.44 43.79
CA ALA K 54 19.64 -52.54 43.01
C ALA K 54 20.34 -53.45 44.01
N ILE K 55 19.64 -54.49 44.46
CA ILE K 55 20.13 -55.36 45.52
C ILE K 55 19.72 -56.78 45.18
N HIS K 56 20.39 -57.75 45.81
CA HIS K 56 20.10 -59.16 45.59
C HIS K 56 20.14 -59.93 46.91
N LYS K 64 16.42 -59.99 44.81
CA LYS K 64 16.89 -59.47 43.53
C LYS K 64 16.14 -58.21 43.13
N ARG K 65 16.87 -57.11 42.94
CA ARG K 65 16.29 -55.86 42.49
C ARG K 65 17.09 -55.31 41.32
N PHE K 66 16.39 -54.89 40.27
CA PHE K 66 17.01 -54.32 39.07
C PHE K 66 16.05 -53.25 38.56
N ASP K 67 16.28 -52.01 39.00
CA ASP K 67 15.35 -50.90 38.77
C ASP K 67 15.89 -50.05 37.62
N ASN K 68 15.17 -50.05 36.49
CA ASN K 68 15.51 -49.24 35.32
C ASN K 68 14.24 -48.89 34.56
N PRO K 69 13.34 -48.11 35.15
CA PRO K 69 12.09 -47.76 34.45
C PRO K 69 12.21 -46.49 33.63
N VAL K 70 11.20 -46.19 32.83
CA VAL K 70 11.14 -44.97 32.04
C VAL K 70 10.57 -43.89 32.94
N LEU K 71 11.31 -42.79 33.09
CA LEU K 71 10.91 -41.71 33.98
C LEU K 71 10.68 -40.43 33.20
N PRO K 72 9.81 -39.55 33.67
CA PRO K 72 9.64 -38.25 33.02
C PRO K 72 10.87 -37.37 33.25
N PHE K 73 11.00 -36.35 32.40
CA PHE K 73 12.07 -35.38 32.56
C PHE K 73 11.57 -34.07 33.15
N ASN K 74 10.37 -33.65 32.78
CA ASN K 74 9.74 -32.42 33.28
C ASN K 74 10.65 -31.25 32.91
N ASP K 75 10.86 -30.28 33.81
CA ASP K 75 11.66 -29.11 33.48
C ASP K 75 13.12 -29.27 33.85
N GLY K 76 13.51 -30.44 34.36
CA GLY K 76 14.89 -30.68 34.73
C GLY K 76 14.94 -31.80 35.75
N VAL K 77 16.10 -32.37 36.00
CA VAL K 77 16.19 -33.54 36.86
C VAL K 77 17.40 -33.41 37.79
N TYR K 78 17.19 -33.73 39.06
CA TYR K 78 18.27 -33.93 40.00
C TYR K 78 18.46 -35.42 40.20
N PHE K 79 19.70 -35.89 40.02
CA PHE K 79 20.02 -37.31 40.04
C PHE K 79 21.13 -37.51 41.07
N ALA K 80 20.88 -38.31 42.10
CA ALA K 80 21.92 -38.63 43.05
C ALA K 80 22.17 -40.13 43.04
N SER K 81 23.43 -40.51 43.25
CA SER K 81 23.81 -41.92 43.27
C SER K 81 24.72 -42.15 44.47
N THR K 82 24.31 -43.04 45.37
CA THR K 82 25.20 -43.47 46.45
C THR K 82 25.81 -44.79 45.99
N GLU K 83 27.13 -44.81 45.87
CA GLU K 83 27.77 -45.80 45.02
C GLU K 83 29.08 -46.29 45.61
N LYS K 84 29.36 -47.57 45.35
CA LYS K 84 30.69 -48.15 45.43
C LYS K 84 30.77 -49.26 44.41
N SER K 85 31.99 -49.51 43.92
CA SER K 85 32.28 -50.56 42.92
C SER K 85 31.67 -50.25 41.56
N ASN K 86 31.20 -49.02 41.32
CA ASN K 86 30.97 -48.48 39.99
C ASN K 86 29.99 -49.33 39.17
N ILE K 87 28.73 -49.34 39.62
CA ILE K 87 27.67 -49.97 38.83
C ILE K 87 27.01 -48.98 37.88
N ILE K 88 26.72 -47.76 38.33
CA ILE K 88 26.04 -46.78 37.47
C ILE K 88 26.97 -46.35 36.36
N ARG K 89 26.43 -46.21 35.14
CA ARG K 89 27.23 -45.91 33.98
C ARG K 89 26.81 -44.66 33.20
N GLY K 90 25.52 -44.43 32.96
CA GLY K 90 25.14 -43.34 32.10
C GLY K 90 23.64 -43.26 31.93
N TRP K 91 23.22 -42.50 30.92
CA TRP K 91 21.82 -42.16 30.77
C TRP K 91 21.41 -42.10 29.31
N ILE K 92 20.11 -42.26 29.11
CA ILE K 92 19.44 -42.20 27.82
C ILE K 92 18.41 -41.08 27.91
N PHE K 93 18.41 -40.18 26.93
CA PHE K 93 17.46 -39.08 26.94
C PHE K 93 16.73 -39.02 25.61
N GLY K 94 15.43 -38.72 25.67
CA GLY K 94 14.71 -38.48 24.43
C GLY K 94 13.22 -38.43 24.66
N THR K 95 12.48 -38.42 23.55
CA THR K 95 11.02 -38.35 23.58
C THR K 95 10.37 -39.69 23.29
N THR K 96 10.83 -40.42 22.27
CA THR K 96 10.28 -41.72 21.95
C THR K 96 11.25 -42.87 22.18
N LEU K 97 12.55 -42.59 22.32
CA LEU K 97 13.57 -43.60 22.61
C LEU K 97 13.58 -44.72 21.57
N ASP K 98 13.31 -44.37 20.31
CA ASP K 98 13.37 -45.31 19.20
C ASP K 98 13.96 -44.57 18.00
N SER K 99 13.86 -45.18 16.83
CA SER K 99 14.45 -44.60 15.63
C SER K 99 13.61 -43.51 14.99
N LYS K 100 12.38 -43.30 15.48
CA LYS K 100 11.52 -42.30 14.87
C LYS K 100 12.10 -40.89 15.00
N THR K 101 12.62 -40.54 16.17
CA THR K 101 13.12 -39.20 16.45
C THR K 101 14.54 -39.26 16.98
N GLN K 102 15.07 -38.08 17.30
CA GLN K 102 16.48 -37.90 17.67
C GLN K 102 16.62 -38.04 19.18
N SER K 103 17.62 -38.80 19.62
CA SER K 103 17.82 -39.09 21.03
C SER K 103 19.28 -38.93 21.42
N LEU K 104 19.49 -38.63 22.70
CA LEU K 104 20.80 -38.36 23.27
C LEU K 104 21.24 -39.54 24.12
N LEU K 105 22.51 -39.90 24.02
CA LEU K 105 23.08 -41.05 24.70
C LEU K 105 24.35 -40.62 25.39
N ILE K 106 24.42 -40.77 26.71
CA ILE K 106 25.64 -40.47 27.46
C ILE K 106 26.08 -41.77 28.13
N VAL K 107 27.27 -42.25 27.76
CA VAL K 107 27.78 -43.51 28.28
C VAL K 107 29.15 -43.27 28.87
N ASN K 108 29.49 -44.06 29.88
CA ASN K 108 30.81 -44.07 30.50
C ASN K 108 31.25 -45.53 30.59
N ASN K 109 31.85 -46.04 29.52
CA ASN K 109 32.39 -47.39 29.53
C ASN K 109 33.70 -47.38 30.33
N ALA K 110 34.45 -48.47 30.30
CA ALA K 110 35.66 -48.55 31.11
C ALA K 110 36.76 -47.59 30.66
N THR K 111 36.62 -46.96 29.50
CA THR K 111 37.69 -46.14 28.94
C THR K 111 37.36 -44.65 28.92
N ASN K 112 36.24 -44.26 28.30
CA ASN K 112 36.00 -42.85 28.03
C ASN K 112 34.53 -42.53 28.15
N VAL K 113 34.23 -41.23 28.16
CA VAL K 113 32.87 -40.72 28.24
C VAL K 113 32.42 -40.30 26.85
N VAL K 114 31.34 -40.91 26.38
CA VAL K 114 30.87 -40.76 25.01
C VAL K 114 29.48 -40.13 25.04
N ILE K 115 29.34 -38.96 24.41
CA ILE K 115 28.06 -38.30 24.22
C ILE K 115 27.74 -38.35 22.73
N LYS K 116 26.59 -38.90 22.39
CA LYS K 116 26.20 -39.03 21.00
C LYS K 116 24.73 -38.68 20.82
N VAL K 117 24.42 -37.92 19.79
CA VAL K 117 23.05 -37.54 19.47
C VAL K 117 22.69 -38.19 18.16
N CYS K 118 21.95 -39.30 18.22
CA CYS K 118 21.65 -40.09 17.03
C CYS K 118 20.21 -40.58 17.10
N GLU K 119 19.78 -41.26 16.03
CA GLU K 119 18.48 -41.92 16.02
C GLU K 119 18.70 -43.41 16.33
N PHE K 120 18.93 -43.69 17.60
CA PHE K 120 19.16 -45.06 18.04
C PHE K 120 17.86 -45.85 18.03
N GLN K 121 17.99 -47.17 17.88
CA GLN K 121 16.90 -48.09 18.16
C GLN K 121 17.21 -48.76 19.49
N PHE K 122 16.59 -48.26 20.55
CA PHE K 122 16.91 -48.73 21.88
C PHE K 122 16.14 -50.00 22.21
N CYS K 123 16.82 -50.95 22.86
CA CYS K 123 16.16 -52.14 23.34
C CYS K 123 15.23 -51.80 24.50
N ASN K 124 14.33 -52.73 24.81
CA ASN K 124 13.40 -52.49 25.91
C ASN K 124 14.10 -52.48 27.26
N ASP K 125 15.18 -53.25 27.40
CA ASP K 125 15.95 -53.32 28.63
C ASP K 125 17.43 -53.18 28.30
N PRO K 126 17.87 -51.97 27.93
CA PRO K 126 19.29 -51.77 27.64
C PRO K 126 20.14 -51.91 28.89
N PHE K 127 21.35 -52.45 28.72
CA PHE K 127 22.25 -52.65 29.85
C PHE K 127 23.65 -52.94 29.36
N LEU K 128 24.55 -53.10 30.32
CA LEU K 128 25.93 -53.53 30.09
C LEU K 128 26.23 -54.74 30.97
N GLY K 129 27.43 -55.27 30.80
CA GLY K 129 27.85 -56.43 31.56
C GLY K 129 29.31 -56.45 31.93
N VAL K 130 29.62 -56.86 33.15
CA VAL K 130 30.99 -56.94 33.64
C VAL K 130 31.29 -58.39 33.99
N TYR K 131 32.36 -58.93 33.44
CA TYR K 131 32.69 -60.34 33.58
C TYR K 131 33.78 -60.53 34.62
N TYR K 132 33.60 -61.51 35.50
CA TYR K 132 34.57 -61.80 36.54
C TYR K 132 35.02 -63.26 36.46
N MET K 140 36.22 -57.34 33.96
CA MET K 140 36.40 -56.91 32.58
C MET K 140 35.05 -56.79 31.87
N GLU K 141 34.92 -55.77 31.03
CA GLU K 141 33.67 -55.44 30.37
C GLU K 141 33.67 -55.99 28.96
N SER K 142 32.75 -56.91 28.67
CA SER K 142 32.64 -57.50 27.33
C SER K 142 31.19 -57.67 26.91
N GLU K 143 30.29 -56.80 27.37
CA GLU K 143 28.88 -56.92 27.04
C GLU K 143 28.24 -55.55 27.05
N PHE K 144 27.62 -55.18 25.93
CA PHE K 144 27.10 -53.82 25.73
C PHE K 144 25.86 -53.93 24.86
N ARG K 145 24.68 -54.02 25.48
CA ARG K 145 23.44 -54.23 24.73
C ARG K 145 22.50 -53.06 25.04
N VAL K 146 22.65 -51.96 24.29
CA VAL K 146 21.85 -50.77 24.48
C VAL K 146 21.02 -50.45 23.25
N TYR K 147 21.65 -50.41 22.08
CA TYR K 147 20.99 -50.06 20.83
C TYR K 147 21.28 -51.12 19.79
N SER K 148 20.35 -51.26 18.84
CA SER K 148 20.55 -52.15 17.71
C SER K 148 21.04 -51.44 16.46
N SER K 149 20.75 -50.15 16.32
CA SER K 149 21.17 -49.37 15.16
C SER K 149 21.20 -47.90 15.55
N ALA K 150 21.95 -47.12 14.76
CA ALA K 150 22.03 -45.68 14.98
C ALA K 150 22.39 -45.04 13.65
N ASN K 151 21.41 -44.46 12.97
CA ASN K 151 21.57 -44.07 11.57
C ASN K 151 22.14 -42.66 11.40
N ASN K 152 21.43 -41.64 11.87
CA ASN K 152 21.81 -40.25 11.63
C ASN K 152 22.37 -39.66 12.91
N CYS K 153 23.67 -39.41 12.93
CA CYS K 153 24.35 -38.82 14.08
C CYS K 153 24.75 -37.39 13.75
N THR K 154 24.17 -36.44 14.49
CA THR K 154 24.44 -35.02 14.31
C THR K 154 25.54 -34.51 15.22
N PHE K 155 25.69 -35.10 16.41
CA PHE K 155 26.65 -34.64 17.39
C PHE K 155 27.37 -35.82 18.00
N GLU K 156 28.69 -35.71 18.14
CA GLU K 156 29.49 -36.66 18.88
C GLU K 156 30.49 -35.90 19.74
N TYR K 157 30.85 -36.48 20.88
CA TYR K 157 31.71 -35.78 21.84
C TYR K 157 32.36 -36.83 22.72
N VAL K 158 33.68 -36.92 22.66
CA VAL K 158 34.45 -37.74 23.59
C VAL K 158 35.08 -36.82 24.62
N SER K 159 34.91 -37.14 25.89
CA SER K 159 35.42 -36.27 26.94
C SER K 159 36.12 -37.13 27.99
N GLN K 160 36.60 -36.48 29.05
CA GLN K 160 37.24 -37.17 30.15
C GLN K 160 36.21 -37.89 31.01
N PRO K 161 36.62 -38.91 31.76
CA PRO K 161 35.67 -39.60 32.64
C PRO K 161 35.14 -38.67 33.73
N PHE K 162 33.81 -38.63 33.87
CA PHE K 162 33.22 -37.95 35.00
C PHE K 162 33.64 -38.58 36.31
N LEU K 163 33.61 -39.91 36.35
CA LEU K 163 33.64 -40.66 37.60
C LEU K 163 35.06 -41.01 38.01
N ASN K 172 29.50 -50.95 52.73
CA ASN K 172 29.04 -49.58 52.93
C ASN K 172 29.36 -48.70 51.72
N PHE K 173 28.40 -47.87 51.34
CA PHE K 173 28.62 -46.94 50.24
C PHE K 173 29.65 -45.89 50.64
N LYS K 174 30.51 -45.52 49.70
CA LYS K 174 31.59 -44.58 49.97
C LYS K 174 31.53 -43.32 49.13
N ASN K 175 30.93 -43.37 47.93
CA ASN K 175 30.91 -42.22 47.03
C ASN K 175 29.49 -41.70 46.88
N LEU K 176 29.35 -40.38 46.80
CA LEU K 176 28.08 -39.74 46.49
C LEU K 176 28.29 -38.89 45.25
N ARG K 177 27.53 -39.17 44.20
CA ARG K 177 27.63 -38.45 42.94
C ARG K 177 26.33 -37.71 42.71
N GLU K 178 26.39 -36.39 42.55
CA GLU K 178 25.22 -35.57 42.36
C GLU K 178 25.27 -34.88 41.01
N PHE K 179 24.15 -34.93 40.28
CA PHE K 179 24.05 -34.37 38.94
C PHE K 179 22.77 -33.58 38.82
N VAL K 180 22.83 -32.51 38.02
CA VAL K 180 21.64 -31.73 37.66
C VAL K 180 21.64 -31.61 36.15
N PHE K 181 20.51 -31.94 35.53
CA PHE K 181 20.35 -31.91 34.08
C PHE K 181 19.25 -30.92 33.73
N LYS K 182 19.54 -30.00 32.81
CA LYS K 182 18.57 -29.03 32.32
C LYS K 182 18.67 -28.92 30.80
N ASN K 183 17.60 -28.43 30.18
CA ASN K 183 17.51 -28.33 28.72
C ASN K 183 16.74 -27.06 28.38
N ILE K 184 17.47 -25.97 28.08
CA ILE K 184 16.86 -24.67 27.84
C ILE K 184 17.44 -24.07 26.56
N ASP K 185 16.54 -23.55 25.70
CA ASP K 185 16.89 -23.01 24.37
C ASP K 185 17.92 -23.88 23.64
N GLY K 186 17.60 -25.16 23.48
CA GLY K 186 18.46 -26.04 22.71
C GLY K 186 19.80 -26.33 23.34
N TYR K 187 20.01 -25.92 24.60
CA TYR K 187 21.25 -26.18 25.31
C TYR K 187 20.98 -27.17 26.42
N PHE K 188 21.74 -28.27 26.42
CA PHE K 188 21.71 -29.26 27.48
C PHE K 188 22.81 -28.91 28.47
N LYS K 189 22.42 -28.48 29.66
CA LYS K 189 23.38 -28.12 30.70
C LYS K 189 23.47 -29.25 31.71
N ILE K 190 24.68 -29.58 32.12
CA ILE K 190 24.96 -30.62 33.10
C ILE K 190 25.85 -30.03 34.18
N TYR K 191 25.39 -30.09 35.42
CA TYR K 191 26.16 -29.71 36.60
C TYR K 191 26.43 -30.96 37.43
N SER K 192 27.56 -31.00 38.11
CA SER K 192 27.98 -32.21 38.79
C SER K 192 28.76 -31.89 40.06
N LYS K 193 28.79 -32.86 40.97
CA LYS K 193 29.55 -32.75 42.21
C LYS K 193 29.81 -34.15 42.76
N HIS K 194 30.99 -34.32 43.36
CA HIS K 194 31.40 -35.58 43.96
C HIS K 194 31.69 -35.37 45.44
N THR K 195 31.26 -36.30 46.28
CA THR K 195 31.39 -36.16 47.73
C THR K 195 31.84 -37.48 48.36
N PRO K 196 32.85 -37.45 49.23
CA PRO K 196 33.22 -38.64 50.01
C PRO K 196 32.40 -38.72 51.29
N ILE K 197 31.55 -39.73 51.40
CA ILE K 197 30.65 -39.91 52.53
C ILE K 197 31.00 -41.20 53.25
N ASN K 198 30.31 -41.43 54.38
CA ASN K 198 30.44 -42.67 55.12
C ASN K 198 29.10 -43.15 55.65
N LEU K 199 28.00 -42.70 55.05
CA LEU K 199 26.66 -43.05 55.50
C LEU K 199 26.09 -44.14 54.60
N VAL K 200 25.24 -44.98 55.19
CA VAL K 200 24.88 -46.24 54.52
C VAL K 200 23.69 -46.06 53.60
N ARG K 201 22.52 -45.74 54.15
CA ARG K 201 21.28 -45.94 53.39
C ARG K 201 20.69 -44.68 52.79
N ASP K 202 20.51 -43.62 53.58
CA ASP K 202 19.79 -42.44 53.12
C ASP K 202 20.77 -41.39 52.60
N LEU K 203 20.23 -40.33 52.00
CA LEU K 203 21.05 -39.22 51.57
C LEU K 203 21.61 -38.48 52.78
N PRO K 204 22.90 -38.17 52.81
CA PRO K 204 23.44 -37.38 53.91
C PRO K 204 22.85 -35.98 53.92
N GLN K 205 22.84 -35.37 55.10
CA GLN K 205 22.30 -34.03 55.28
C GLN K 205 23.46 -33.04 55.39
N GLY K 206 23.42 -32.00 54.57
CA GLY K 206 24.50 -31.05 54.52
C GLY K 206 24.29 -30.11 53.35
N PHE K 207 25.31 -29.30 53.06
CA PHE K 207 25.23 -28.36 51.94
C PHE K 207 26.46 -28.48 51.06
N SER K 208 26.22 -28.53 49.75
CA SER K 208 27.29 -28.54 48.76
C SER K 208 26.72 -27.96 47.46
N ALA K 209 27.46 -27.07 46.83
CA ALA K 209 27.01 -26.47 45.57
C ALA K 209 27.58 -27.26 44.40
N LEU K 210 26.82 -27.34 43.32
CA LEU K 210 27.17 -28.15 42.15
C LEU K 210 27.74 -27.25 41.07
N GLU K 211 29.02 -27.44 40.74
CA GLU K 211 29.69 -26.61 39.75
C GLU K 211 29.30 -27.05 38.34
N PRO K 212 29.25 -26.11 37.39
CA PRO K 212 28.90 -26.48 36.01
C PRO K 212 29.92 -27.44 35.42
N LEU K 213 29.42 -28.42 34.67
CA LEU K 213 30.26 -29.47 34.10
C LEU K 213 30.35 -29.38 32.59
N VAL K 214 29.22 -29.21 31.91
CA VAL K 214 29.25 -29.14 30.45
C VAL K 214 27.97 -28.51 29.92
N ASP K 215 28.06 -27.93 28.73
CA ASP K 215 26.92 -27.41 27.99
C ASP K 215 27.02 -27.89 26.55
N LEU K 216 25.93 -28.44 26.03
CA LEU K 216 25.91 -29.00 24.69
C LEU K 216 24.83 -28.35 23.85
N PRO K 217 25.14 -27.86 22.66
CA PRO K 217 24.12 -27.22 21.81
C PRO K 217 23.38 -28.21 20.93
N ILE K 218 22.82 -29.24 21.57
CA ILE K 218 22.19 -30.34 20.83
C ILE K 218 20.88 -29.89 20.18
N GLY K 219 20.07 -29.12 20.88
CA GLY K 219 18.82 -28.62 20.31
C GLY K 219 17.78 -29.68 20.01
N ILE K 220 17.56 -30.61 20.94
CA ILE K 220 16.56 -31.66 20.75
C ILE K 220 15.60 -31.63 21.93
N ASN K 221 14.40 -32.17 21.70
CA ASN K 221 13.40 -32.29 22.75
C ASN K 221 13.69 -33.51 23.62
N ILE K 222 13.51 -33.37 24.93
CA ILE K 222 13.67 -34.46 25.87
C ILE K 222 12.48 -34.45 26.82
N THR K 223 11.81 -35.60 26.94
CA THR K 223 10.70 -35.75 27.88
C THR K 223 10.75 -37.04 28.68
N ARG K 224 11.71 -37.92 28.42
CA ARG K 224 11.85 -39.19 29.13
C ARG K 224 13.31 -39.57 29.16
N PHE K 225 13.70 -40.34 30.18
CA PHE K 225 15.09 -40.73 30.31
C PHE K 225 15.20 -42.06 31.06
N GLN K 226 16.27 -42.79 30.72
CA GLN K 226 16.64 -44.08 31.27
C GLN K 226 18.01 -43.98 31.94
N THR K 227 18.25 -44.83 32.92
CA THR K 227 19.59 -44.98 33.49
C THR K 227 20.20 -46.30 33.04
N LEU K 228 21.52 -46.39 33.10
CA LEU K 228 22.26 -47.55 32.63
C LEU K 228 23.08 -48.17 33.78
N LEU K 229 22.85 -49.45 34.03
CA LEU K 229 23.55 -50.19 35.07
C LEU K 229 24.40 -51.30 34.44
N ALA K 230 25.37 -51.79 35.21
CA ALA K 230 26.25 -52.86 34.77
C ALA K 230 25.98 -54.10 35.60
N LEU K 231 25.75 -55.22 34.92
CA LEU K 231 25.49 -56.49 35.57
C LEU K 231 26.80 -57.16 35.99
N HIS K 232 26.68 -58.16 36.86
CA HIS K 232 27.82 -58.93 37.34
C HIS K 232 27.58 -60.40 37.03
N ARG K 233 28.45 -60.98 36.19
CA ARG K 233 28.38 -62.38 35.83
C ARG K 233 29.57 -63.13 36.41
N SER K 234 29.28 -64.24 37.08
CA SER K 234 30.32 -65.05 37.70
C SER K 234 30.14 -66.52 37.36
N GLY K 244 23.22 -67.33 35.96
CA GLY K 244 22.36 -66.25 35.52
C GLY K 244 23.06 -64.91 35.48
N TRP K 245 22.58 -63.98 36.31
CA TRP K 245 23.17 -62.66 36.42
C TRP K 245 22.88 -62.09 37.80
N THR K 246 23.72 -61.14 38.22
CA THR K 246 23.62 -60.53 39.53
C THR K 246 23.79 -59.02 39.40
N ALA K 247 23.00 -58.28 40.17
CA ALA K 247 23.07 -56.82 40.19
C ALA K 247 23.80 -56.38 41.46
N GLY K 248 24.78 -55.50 41.31
CA GLY K 248 25.54 -55.04 42.45
C GLY K 248 24.74 -54.12 43.34
N ALA K 249 25.17 -54.02 44.60
CA ALA K 249 24.47 -53.21 45.58
C ALA K 249 24.62 -51.74 45.23
N ALA K 250 23.56 -51.15 44.69
CA ALA K 250 23.60 -49.75 44.29
C ALA K 250 22.26 -49.11 44.62
N ALA K 251 22.28 -47.78 44.71
CA ALA K 251 21.06 -47.05 45.05
C ALA K 251 21.14 -45.64 44.46
N TYR K 252 20.03 -45.19 43.89
CA TYR K 252 19.98 -43.84 43.35
C TYR K 252 18.64 -43.20 43.64
N TYR K 253 18.63 -41.87 43.54
CA TYR K 253 17.50 -41.05 43.92
C TYR K 253 17.24 -40.04 42.82
N VAL K 254 15.96 -39.79 42.55
CA VAL K 254 15.54 -38.86 41.49
C VAL K 254 14.64 -37.81 42.11
N GLY K 255 14.91 -36.54 41.79
CA GLY K 255 14.06 -35.43 42.16
C GLY K 255 13.81 -34.49 41.00
N TYR K 256 12.78 -33.65 41.09
CA TYR K 256 12.38 -32.79 39.98
C TYR K 256 12.54 -31.33 40.36
N LEU K 257 12.81 -30.49 39.36
CA LEU K 257 13.06 -29.07 39.55
C LEU K 257 11.79 -28.26 39.35
N GLN K 258 11.67 -27.18 40.08
CA GLN K 258 10.55 -26.26 39.98
C GLN K 258 11.05 -24.82 40.03
N PRO K 259 10.32 -23.87 39.45
CA PRO K 259 10.77 -22.47 39.46
C PRO K 259 10.49 -21.84 40.81
N ARG K 260 11.53 -21.27 41.42
CA ARG K 260 11.39 -20.63 42.72
C ARG K 260 12.58 -19.70 42.96
N THR K 261 12.50 -18.95 44.06
CA THR K 261 13.47 -17.93 44.42
C THR K 261 14.31 -18.41 45.60
N PHE K 262 15.62 -18.29 45.47
CA PHE K 262 16.56 -18.66 46.53
C PHE K 262 17.43 -17.46 46.90
N LEU K 263 17.90 -17.46 48.13
CA LEU K 263 18.86 -16.47 48.60
C LEU K 263 20.15 -17.22 48.90
N LEU K 264 21.19 -16.91 48.14
CA LEU K 264 22.46 -17.62 48.20
C LEU K 264 23.51 -16.75 48.89
N LYS K 265 24.42 -17.40 49.62
CA LYS K 265 25.47 -16.73 50.38
C LYS K 265 26.82 -17.05 49.76
N TYR K 266 27.47 -16.05 49.17
CA TYR K 266 28.81 -16.19 48.60
C TYR K 266 29.82 -15.68 49.62
N ASN K 267 30.81 -16.51 49.92
CA ASN K 267 31.86 -16.12 50.86
C ASN K 267 32.97 -15.37 50.12
N GLU K 268 34.11 -15.18 50.78
CA GLU K 268 35.16 -14.33 50.24
C GLU K 268 35.94 -14.99 49.12
N ASN K 269 35.90 -16.31 48.99
CA ASN K 269 36.53 -16.99 47.86
C ASN K 269 35.57 -17.24 46.71
N GLY K 270 34.34 -16.76 46.81
CA GLY K 270 33.38 -16.91 45.74
C GLY K 270 32.62 -18.22 45.72
N THR K 271 32.56 -18.93 46.84
CA THR K 271 31.88 -20.21 46.93
C THR K 271 30.52 -20.03 47.59
N ILE K 272 29.52 -20.74 47.10
CA ILE K 272 28.20 -20.75 47.73
C ILE K 272 28.28 -21.66 48.95
N THR K 273 27.94 -21.12 50.13
CA THR K 273 28.03 -21.88 51.36
C THR K 273 26.70 -22.05 52.08
N ASP K 274 25.65 -21.35 51.67
CA ASP K 274 24.34 -21.50 52.30
C ASP K 274 23.28 -20.91 51.39
N ALA K 275 22.04 -21.37 51.59
CA ALA K 275 20.92 -20.92 50.80
C ALA K 275 19.66 -20.89 51.66
N VAL K 276 18.72 -20.05 51.25
CA VAL K 276 17.40 -19.93 51.88
C VAL K 276 16.34 -20.08 50.81
N ASP K 277 15.39 -20.98 51.03
CA ASP K 277 14.26 -21.17 50.14
C ASP K 277 13.14 -20.20 50.52
N CYS K 278 12.87 -19.24 49.64
CA CYS K 278 12.02 -18.11 50.01
C CYS K 278 10.53 -18.47 50.02
N ALA K 279 10.19 -19.76 49.98
CA ALA K 279 8.79 -20.19 49.97
C ALA K 279 8.57 -21.40 50.86
N LEU K 280 9.45 -21.65 51.81
CA LEU K 280 9.35 -22.85 52.64
C LEU K 280 8.42 -22.62 53.84
N ASP K 281 8.62 -21.51 54.56
CA ASP K 281 7.89 -21.20 55.77
C ASP K 281 8.02 -19.71 56.05
N PRO K 282 7.22 -19.16 56.97
CA PRO K 282 7.22 -17.69 57.15
C PRO K 282 8.55 -17.10 57.57
N LEU K 283 9.36 -17.82 58.35
CA LEU K 283 10.65 -17.29 58.75
C LEU K 283 11.57 -17.11 57.53
N SER K 284 11.56 -18.08 56.62
CA SER K 284 12.33 -17.96 55.40
C SER K 284 11.87 -16.80 54.53
N GLU K 285 10.56 -16.56 54.44
CA GLU K 285 10.07 -15.42 53.69
C GLU K 285 10.50 -14.10 54.34
N THR K 286 10.50 -14.04 55.67
CA THR K 286 11.00 -12.85 56.35
C THR K 286 12.48 -12.63 56.04
N LYS K 287 13.29 -13.69 56.10
CA LYS K 287 14.71 -13.57 55.78
C LYS K 287 14.90 -13.11 54.35
N CYS K 288 14.06 -13.61 53.44
CA CYS K 288 14.22 -13.30 52.02
C CYS K 288 13.82 -11.85 51.74
N THR K 289 12.85 -11.33 52.48
CA THR K 289 12.47 -9.92 52.32
C THR K 289 13.50 -9.00 52.95
N LEU K 290 14.08 -9.40 54.09
CA LEU K 290 15.09 -8.59 54.74
C LEU K 290 16.49 -8.77 54.16
N LYS K 291 16.69 -9.74 53.26
CA LYS K 291 17.97 -9.99 52.62
C LYS K 291 19.06 -10.31 53.63
N SER K 292 18.72 -11.09 54.66
CA SER K 292 19.67 -11.41 55.70
C SER K 292 19.37 -12.79 56.26
N PHE K 293 20.41 -13.45 56.77
CA PHE K 293 20.25 -14.74 57.43
C PHE K 293 19.93 -14.61 58.91
N THR K 294 20.01 -13.40 59.47
CA THR K 294 19.64 -13.15 60.85
C THR K 294 18.57 -12.07 60.88
N VAL K 295 17.57 -12.24 61.74
CA VAL K 295 16.42 -11.35 61.82
C VAL K 295 16.31 -10.83 63.25
N GLU K 296 16.16 -9.52 63.39
CA GLU K 296 15.97 -8.92 64.70
C GLU K 296 14.52 -9.07 65.15
N LYS K 297 14.31 -8.87 66.45
CA LYS K 297 12.97 -8.96 67.02
C LYS K 297 12.08 -7.84 66.48
N GLY K 298 10.84 -8.19 66.13
CA GLY K 298 9.92 -7.20 65.62
C GLY K 298 8.79 -7.85 64.85
N ILE K 299 8.10 -7.02 64.09
CA ILE K 299 7.01 -7.45 63.22
C ILE K 299 7.27 -6.89 61.84
N TYR K 300 7.22 -7.76 60.83
CA TYR K 300 7.61 -7.41 59.47
C TYR K 300 6.48 -7.78 58.53
N GLN K 301 6.11 -6.86 57.65
CA GLN K 301 5.05 -7.12 56.70
C GLN K 301 5.65 -7.78 55.47
N THR K 302 5.31 -9.03 55.23
CA THR K 302 5.98 -9.82 54.20
C THR K 302 5.16 -10.04 52.94
N SER K 303 3.85 -10.25 53.03
CA SER K 303 3.15 -10.68 51.82
C SER K 303 1.75 -10.06 51.76
N ASN K 304 0.98 -10.49 50.76
CA ASN K 304 -0.38 -9.98 50.55
C ASN K 304 -1.33 -11.17 50.41
N PHE K 305 -2.31 -11.23 51.30
CA PHE K 305 -3.38 -12.22 51.22
C PHE K 305 -4.45 -11.76 50.24
N ARG K 306 -4.86 -12.66 49.34
CA ARG K 306 -5.86 -12.37 48.32
C ARG K 306 -6.78 -13.58 48.13
N VAL K 307 -8.08 -13.33 48.07
CA VAL K 307 -9.08 -14.37 47.84
C VAL K 307 -9.46 -14.37 46.37
N GLN K 308 -9.71 -15.55 45.80
CA GLN K 308 -9.93 -15.68 44.36
C GLN K 308 -11.34 -16.17 44.05
N PRO K 309 -11.91 -15.76 42.92
CA PRO K 309 -13.28 -16.18 42.59
C PRO K 309 -13.38 -17.68 42.35
N THR K 310 -14.54 -18.24 42.68
CA THR K 310 -14.76 -19.68 42.61
C THR K 310 -15.66 -20.08 41.44
N GLU K 311 -16.68 -19.29 41.14
CA GLU K 311 -17.66 -19.59 40.11
C GLU K 311 -17.80 -18.42 39.14
N SER K 312 -18.79 -18.53 38.26
CA SER K 312 -19.16 -17.45 37.35
C SER K 312 -20.67 -17.45 37.20
N ILE K 313 -21.27 -16.26 37.20
CA ILE K 313 -22.72 -16.10 37.25
C ILE K 313 -23.14 -15.21 36.09
N VAL K 314 -24.18 -15.62 35.37
CA VAL K 314 -24.81 -14.81 34.33
C VAL K 314 -26.30 -14.80 34.60
N ARG K 315 -26.90 -13.61 34.65
CA ARG K 315 -28.32 -13.46 34.89
C ARG K 315 -28.91 -12.51 33.86
N PHE K 316 -30.01 -12.93 33.24
CA PHE K 316 -30.70 -12.18 32.21
C PHE K 316 -32.21 -12.30 32.44
N PRO K 317 -33.00 -11.35 31.96
CA PRO K 317 -34.44 -11.38 32.21
C PRO K 317 -35.12 -12.50 31.42
N ASN K 318 -36.38 -12.74 31.77
CA ASN K 318 -37.13 -13.86 31.20
C ASN K 318 -37.29 -13.71 29.70
N ILE K 319 -37.42 -14.84 29.01
CA ILE K 319 -37.58 -14.87 27.55
C ILE K 319 -39.08 -14.78 27.27
N THR K 320 -39.48 -13.71 26.60
CA THR K 320 -40.87 -13.49 26.22
C THR K 320 -40.98 -13.22 24.73
N ASN K 321 -42.22 -12.99 24.30
CA ASN K 321 -42.59 -12.49 22.96
C ASN K 321 -41.69 -13.03 21.85
N LEU K 322 -41.66 -14.36 21.74
CA LEU K 322 -40.86 -15.00 20.70
C LEU K 322 -41.39 -14.65 19.32
N CYS K 323 -40.50 -14.68 18.34
CA CYS K 323 -40.87 -14.28 16.98
C CYS K 323 -41.89 -15.26 16.41
N PRO K 324 -42.91 -14.77 15.69
CA PRO K 324 -44.01 -15.62 15.22
C PRO K 324 -43.63 -16.43 13.98
N PHE K 325 -42.69 -17.35 14.15
CA PHE K 325 -42.30 -18.24 13.07
C PHE K 325 -43.35 -19.28 12.76
N GLY K 326 -44.13 -19.70 13.77
CA GLY K 326 -45.21 -20.64 13.52
C GLY K 326 -46.30 -20.11 12.63
N GLU K 327 -46.39 -18.80 12.47
CA GLU K 327 -47.34 -18.18 11.55
C GLU K 327 -46.82 -18.13 10.12
N VAL K 328 -45.59 -18.57 9.89
CA VAL K 328 -44.97 -18.53 8.57
C VAL K 328 -44.69 -19.93 8.05
N PHE K 329 -44.17 -20.82 8.90
CA PHE K 329 -43.83 -22.17 8.45
C PHE K 329 -45.01 -23.12 8.50
N ASN K 330 -45.97 -22.89 9.40
CA ASN K 330 -47.12 -23.77 9.57
C ASN K 330 -48.40 -23.17 9.00
N ALA K 331 -48.31 -22.44 7.89
CA ALA K 331 -49.49 -21.80 7.32
C ALA K 331 -50.43 -22.83 6.72
N THR K 332 -51.73 -22.52 6.75
CA THR K 332 -52.73 -23.42 6.16
C THR K 332 -52.55 -23.52 4.65
N ARG K 333 -52.30 -22.40 3.98
CA ARG K 333 -52.06 -22.39 2.55
C ARG K 333 -50.88 -21.48 2.23
N PHE K 334 -50.16 -21.83 1.16
CA PHE K 334 -49.05 -21.03 0.66
C PHE K 334 -49.44 -20.35 -0.64
N ALA K 335 -48.52 -19.53 -1.15
CA ALA K 335 -48.74 -18.78 -2.37
C ALA K 335 -48.07 -19.45 -3.56
N SER K 336 -48.25 -18.85 -4.72
CA SER K 336 -47.56 -19.29 -5.93
C SER K 336 -46.18 -18.68 -6.02
N VAL K 337 -45.33 -19.29 -6.85
CA VAL K 337 -43.97 -18.79 -7.01
C VAL K 337 -43.95 -17.42 -7.68
N TYR K 338 -44.77 -17.21 -8.71
CA TYR K 338 -44.82 -15.92 -9.37
C TYR K 338 -45.51 -14.86 -8.53
N ALA K 339 -46.15 -15.27 -7.43
CA ALA K 339 -46.82 -14.35 -6.50
C ALA K 339 -46.38 -14.66 -5.07
N TRP K 340 -45.07 -14.76 -4.86
CA TRP K 340 -44.53 -15.20 -3.58
C TRP K 340 -44.92 -14.22 -2.47
N ASN K 341 -45.01 -14.75 -1.25
CA ASN K 341 -45.46 -13.99 -0.11
C ASN K 341 -44.26 -13.49 0.69
N ARG K 342 -44.36 -12.25 1.18
CA ARG K 342 -43.31 -11.63 1.98
C ARG K 342 -43.90 -11.18 3.31
N LYS K 343 -43.22 -11.52 4.41
CA LYS K 343 -43.64 -11.14 5.74
C LYS K 343 -42.45 -10.60 6.52
N ARG K 344 -42.69 -9.61 7.36
CA ARG K 344 -41.63 -8.96 8.11
C ARG K 344 -41.63 -9.45 9.56
N ILE K 345 -40.45 -9.68 10.10
CA ILE K 345 -40.25 -10.07 11.49
C ILE K 345 -39.42 -8.98 12.16
N SER K 346 -40.00 -8.34 13.17
CA SER K 346 -39.33 -7.31 13.95
C SER K 346 -39.94 -7.27 15.34
N ASN K 347 -39.17 -6.69 16.27
CA ASN K 347 -39.62 -6.48 17.65
C ASN K 347 -39.91 -7.81 18.36
N CYS K 348 -38.95 -8.72 18.31
CA CYS K 348 -39.11 -10.01 18.97
C CYS K 348 -37.74 -10.65 19.14
N VAL K 349 -37.70 -11.67 20.00
CA VAL K 349 -36.53 -12.52 20.18
C VAL K 349 -36.77 -13.82 19.43
N ALA K 350 -35.78 -14.25 18.65
CA ALA K 350 -35.93 -15.36 17.73
C ALA K 350 -35.10 -16.55 18.20
N ASP K 351 -35.76 -17.69 18.36
CA ASP K 351 -35.09 -18.95 18.66
C ASP K 351 -34.94 -19.73 17.35
N TYR K 352 -33.74 -19.73 16.79
CA TYR K 352 -33.46 -20.47 15.58
C TYR K 352 -33.06 -21.91 15.84
N SER K 353 -32.93 -22.31 17.12
CA SER K 353 -32.50 -23.66 17.43
C SER K 353 -33.56 -24.68 17.03
N VAL K 354 -34.84 -24.38 17.27
CA VAL K 354 -35.89 -25.34 16.97
C VAL K 354 -35.99 -25.58 15.47
N LEU K 355 -35.75 -24.55 14.66
CA LEU K 355 -35.82 -24.73 13.21
C LEU K 355 -34.69 -25.62 12.71
N TYR K 356 -33.45 -25.33 13.11
CA TYR K 356 -32.32 -26.09 12.58
C TYR K 356 -32.26 -27.51 13.16
N ASN K 357 -32.61 -27.68 14.44
CA ASN K 357 -32.63 -29.01 15.02
C ASN K 357 -33.80 -29.85 14.53
N SER K 358 -34.83 -29.24 13.97
CA SER K 358 -35.92 -29.99 13.38
C SER K 358 -35.44 -30.70 12.11
N ALA K 359 -35.76 -31.98 12.01
CA ALA K 359 -35.34 -32.80 10.88
C ALA K 359 -36.37 -32.84 9.76
N SER K 360 -37.47 -32.11 9.89
CA SER K 360 -38.55 -32.14 8.91
C SER K 360 -38.24 -31.33 7.66
N PHE K 361 -37.03 -30.78 7.53
CA PHE K 361 -36.67 -29.95 6.39
C PHE K 361 -35.77 -30.71 5.44
N SER K 362 -36.17 -30.73 4.17
CA SER K 362 -35.39 -31.43 3.15
C SER K 362 -34.11 -30.68 2.79
N THR K 363 -34.11 -29.36 2.91
CA THR K 363 -32.94 -28.54 2.58
C THR K 363 -32.89 -27.35 3.52
N PHE K 364 -31.73 -27.12 4.12
CA PHE K 364 -31.46 -25.97 4.99
C PHE K 364 -30.07 -25.48 4.62
N LYS K 365 -30.00 -24.56 3.65
CA LYS K 365 -28.73 -24.23 3.00
C LYS K 365 -28.46 -22.73 3.02
N CYS K 366 -27.19 -22.40 3.30
CA CYS K 366 -26.60 -21.06 3.16
C CYS K 366 -25.10 -21.09 3.40
N TYR K 367 -24.46 -20.03 2.90
CA TYR K 367 -23.02 -20.03 2.65
C TYR K 367 -22.29 -18.99 3.47
N GLY K 368 -22.73 -17.73 3.43
CA GLY K 368 -22.01 -16.62 4.03
C GLY K 368 -22.17 -16.45 5.52
N VAL K 369 -23.14 -17.11 6.14
CA VAL K 369 -23.33 -17.06 7.58
C VAL K 369 -23.37 -18.48 8.11
N SER K 370 -22.66 -18.70 9.22
CA SER K 370 -22.59 -20.02 9.82
C SER K 370 -23.96 -20.40 10.39
N PRO K 371 -24.43 -21.63 10.17
CA PRO K 371 -25.75 -22.01 10.67
C PRO K 371 -25.89 -21.92 12.19
N THR K 372 -24.82 -22.17 12.93
CA THR K 372 -24.89 -22.15 14.39
C THR K 372 -24.57 -20.79 14.99
N LYS K 373 -24.27 -19.78 14.17
CA LYS K 373 -24.03 -18.43 14.65
C LYS K 373 -25.25 -17.55 14.58
N LEU K 374 -26.41 -18.10 14.20
CA LEU K 374 -27.64 -17.31 14.17
C LEU K 374 -28.04 -16.86 15.57
N ASN K 375 -27.84 -17.71 16.58
CA ASN K 375 -28.19 -17.35 17.94
C ASN K 375 -27.26 -16.29 18.52
N ASP K 376 -26.28 -15.83 17.74
CA ASP K 376 -25.28 -14.86 18.21
C ASP K 376 -25.30 -13.55 17.44
N LEU K 377 -25.35 -13.60 16.11
CA LEU K 377 -25.48 -12.37 15.33
C LEU K 377 -26.83 -11.74 15.58
N CYS K 378 -26.87 -10.40 15.55
CA CYS K 378 -28.07 -9.67 15.92
C CYS K 378 -28.33 -8.57 14.91
N PHE K 379 -29.51 -8.59 14.29
CA PHE K 379 -29.83 -7.78 13.13
C PHE K 379 -30.99 -6.84 13.41
N THR K 380 -31.34 -6.07 12.37
CA THR K 380 -32.42 -5.09 12.50
C THR K 380 -33.78 -5.71 12.24
N ASN K 381 -33.91 -6.48 11.16
CA ASN K 381 -35.21 -7.11 10.86
C ASN K 381 -35.00 -8.31 9.97
N VAL K 382 -36.07 -9.09 9.80
CA VAL K 382 -36.04 -10.31 9.01
C VAL K 382 -37.15 -10.26 7.97
N TYR K 383 -36.86 -10.71 6.76
CA TYR K 383 -37.86 -10.89 5.72
C TYR K 383 -38.00 -12.37 5.41
N ALA K 384 -39.22 -12.89 5.51
CA ALA K 384 -39.52 -14.27 5.20
C ALA K 384 -40.31 -14.30 3.90
N ASP K 385 -39.73 -14.92 2.87
CA ASP K 385 -40.38 -15.08 1.58
C ASP K 385 -40.77 -16.54 1.39
N SER K 386 -42.06 -16.79 1.27
CA SER K 386 -42.59 -18.14 1.22
C SER K 386 -43.36 -18.36 -0.06
N PHE K 387 -43.21 -19.57 -0.62
CA PHE K 387 -43.92 -19.94 -1.85
C PHE K 387 -43.82 -21.45 -2.03
N VAL K 388 -44.36 -21.92 -3.17
CA VAL K 388 -44.38 -23.33 -3.51
C VAL K 388 -43.87 -23.47 -4.95
N ILE K 389 -42.92 -24.39 -5.16
CA ILE K 389 -42.32 -24.60 -6.47
C ILE K 389 -42.25 -26.11 -6.74
N ARG K 390 -41.68 -26.44 -7.90
CA ARG K 390 -41.39 -27.82 -8.25
C ARG K 390 -40.21 -28.33 -7.44
N GLY K 391 -40.15 -29.66 -7.27
CA GLY K 391 -39.05 -30.24 -6.52
C GLY K 391 -37.71 -30.05 -7.19
N ASP K 392 -37.69 -30.06 -8.53
CA ASP K 392 -36.44 -29.98 -9.28
C ASP K 392 -35.94 -28.56 -9.47
N GLU K 393 -36.67 -27.56 -8.99
CA GLU K 393 -36.25 -26.16 -9.10
C GLU K 393 -35.65 -25.61 -7.82
N VAL K 394 -35.60 -26.42 -6.75
CA VAL K 394 -35.06 -25.96 -5.47
C VAL K 394 -33.60 -25.56 -5.61
N ARG K 395 -32.85 -26.32 -6.42
CA ARG K 395 -31.45 -25.99 -6.68
C ARG K 395 -31.29 -24.59 -7.28
N GLN K 396 -32.30 -24.08 -7.98
CA GLN K 396 -32.20 -22.78 -8.63
C GLN K 396 -32.35 -21.61 -7.66
N ILE K 397 -32.78 -21.84 -6.43
CA ILE K 397 -32.97 -20.75 -5.46
C ILE K 397 -31.64 -20.58 -4.74
N ALA K 398 -30.74 -19.82 -5.39
CA ALA K 398 -29.41 -19.52 -4.88
C ALA K 398 -28.78 -18.46 -5.78
N PRO K 399 -27.85 -17.66 -5.27
CA PRO K 399 -27.14 -16.72 -6.14
C PRO K 399 -26.36 -17.47 -7.23
N GLY K 400 -26.27 -16.85 -8.40
CA GLY K 400 -25.53 -17.43 -9.50
C GLY K 400 -26.23 -18.56 -10.23
N GLN K 401 -27.47 -18.86 -9.89
CA GLN K 401 -28.25 -19.85 -10.61
C GLN K 401 -29.01 -19.19 -11.76
N THR K 402 -29.20 -19.95 -12.83
CA THR K 402 -29.93 -19.47 -14.00
C THR K 402 -31.00 -20.48 -14.37
N GLY K 403 -32.11 -19.97 -14.86
CA GLY K 403 -33.24 -20.81 -15.22
C GLY K 403 -34.51 -19.99 -15.25
N LYS K 404 -35.63 -20.71 -15.44
CA LYS K 404 -36.92 -20.04 -15.56
C LYS K 404 -37.30 -19.35 -14.26
N ILE K 405 -37.19 -20.05 -13.13
CA ILE K 405 -37.54 -19.46 -11.85
C ILE K 405 -36.54 -18.37 -11.46
N ALA K 406 -35.26 -18.59 -11.78
CA ALA K 406 -34.23 -17.63 -11.38
C ALA K 406 -34.27 -16.37 -12.21
N ASP K 407 -34.93 -16.41 -13.38
CA ASP K 407 -34.92 -15.25 -14.28
C ASP K 407 -36.27 -14.55 -14.37
N TYR K 408 -37.37 -15.28 -14.27
CA TYR K 408 -38.70 -14.67 -14.43
C TYR K 408 -39.61 -14.85 -13.25
N ASN K 409 -39.17 -15.52 -12.18
CA ASN K 409 -40.00 -15.69 -10.98
C ASN K 409 -39.37 -15.08 -9.74
N TYR K 410 -38.12 -15.43 -9.44
CA TYR K 410 -37.50 -15.00 -8.18
C TYR K 410 -35.99 -15.01 -8.35
N LYS K 411 -35.35 -13.90 -7.99
CA LYS K 411 -33.91 -13.77 -8.11
C LYS K 411 -33.32 -13.37 -6.76
N LEU K 412 -32.17 -13.94 -6.42
CA LEU K 412 -31.41 -13.66 -5.21
C LEU K 412 -30.14 -12.89 -5.55
N PRO K 413 -29.80 -11.87 -4.76
CA PRO K 413 -28.58 -11.10 -5.03
C PRO K 413 -27.33 -11.94 -4.79
N ASP K 414 -26.26 -11.56 -5.48
CA ASP K 414 -25.01 -12.31 -5.39
C ASP K 414 -24.36 -12.17 -4.02
N ASP K 415 -24.68 -11.11 -3.29
CA ASP K 415 -24.22 -10.92 -1.91
C ASP K 415 -25.29 -11.31 -0.91
N PHE K 416 -26.03 -12.38 -1.22
CA PHE K 416 -27.20 -12.74 -0.44
C PHE K 416 -26.84 -13.02 1.02
N THR K 417 -27.70 -12.55 1.92
CA THR K 417 -27.58 -12.81 3.35
C THR K 417 -28.84 -13.51 3.82
N GLY K 418 -28.74 -14.24 4.91
CA GLY K 418 -29.77 -15.17 5.31
C GLY K 418 -29.67 -16.42 4.46
N CYS K 419 -30.71 -17.27 4.56
CA CYS K 419 -30.67 -18.50 3.78
C CYS K 419 -32.00 -19.23 3.73
N VAL K 420 -31.96 -20.41 3.11
CA VAL K 420 -33.11 -21.00 2.44
C VAL K 420 -33.46 -22.33 3.10
N ILE K 421 -34.77 -22.56 3.31
CA ILE K 421 -35.30 -23.81 3.81
C ILE K 421 -36.35 -24.29 2.82
N ALA K 422 -36.31 -25.58 2.48
CA ALA K 422 -37.27 -26.15 1.54
C ALA K 422 -37.64 -27.54 2.03
N TRP K 423 -38.94 -27.85 1.99
CA TRP K 423 -39.41 -29.14 2.46
C TRP K 423 -40.56 -29.65 1.61
N ASN K 424 -40.66 -30.97 1.52
CA ASN K 424 -41.67 -31.62 0.69
C ASN K 424 -43.04 -31.49 1.34
N SER K 425 -44.04 -31.14 0.52
CA SER K 425 -45.43 -31.02 0.95
C SER K 425 -46.36 -31.69 -0.04
N ASN K 426 -46.02 -32.91 -0.45
CA ASN K 426 -46.83 -33.60 -1.46
C ASN K 426 -48.23 -33.91 -0.95
N ASN K 427 -48.37 -34.34 0.30
CA ASN K 427 -49.68 -34.70 0.83
C ASN K 427 -50.59 -33.49 1.00
N LEU K 428 -50.05 -32.28 0.96
CA LEU K 428 -50.82 -31.07 1.21
C LEU K 428 -51.15 -30.30 -0.06
N ASP K 429 -50.25 -30.30 -1.04
CA ASP K 429 -50.42 -29.51 -2.26
C ASP K 429 -50.78 -30.35 -3.48
N SER K 430 -51.10 -31.63 -3.30
CA SER K 430 -51.48 -32.50 -4.39
C SER K 430 -52.85 -33.11 -4.14
N LYS K 431 -53.67 -33.15 -5.19
CA LYS K 431 -55.01 -33.72 -5.13
C LYS K 431 -55.09 -34.93 -6.06
N VAL K 432 -55.93 -35.90 -5.67
CA VAL K 432 -56.10 -37.09 -6.50
C VAL K 432 -56.67 -36.73 -7.86
N GLY K 433 -57.43 -35.64 -7.95
CA GLY K 433 -57.90 -35.12 -9.21
C GLY K 433 -56.93 -34.23 -9.93
N GLY K 434 -55.74 -34.01 -9.38
CA GLY K 434 -54.76 -33.14 -9.99
C GLY K 434 -54.84 -31.72 -9.50
N ASN K 435 -53.74 -31.21 -8.94
CA ASN K 435 -53.67 -29.85 -8.43
C ASN K 435 -53.14 -28.93 -9.52
N TYR K 436 -53.94 -27.91 -9.86
CA TYR K 436 -53.58 -26.97 -10.92
C TYR K 436 -53.58 -25.52 -10.43
N ASN K 437 -53.50 -25.31 -9.11
CA ASN K 437 -53.66 -23.99 -8.53
C ASN K 437 -52.35 -23.23 -8.37
N TYR K 438 -51.22 -23.81 -8.75
CA TYR K 438 -49.92 -23.16 -8.65
C TYR K 438 -49.47 -22.73 -10.03
N LEU K 439 -49.11 -21.45 -10.17
CA LEU K 439 -48.81 -20.84 -11.45
C LEU K 439 -47.41 -20.23 -11.41
N TYR K 440 -46.79 -20.13 -12.59
CA TYR K 440 -45.48 -19.52 -12.71
C TYR K 440 -45.36 -18.80 -14.04
N ARG K 441 -44.51 -17.78 -14.06
CA ARG K 441 -44.27 -17.00 -15.27
C ARG K 441 -43.28 -17.72 -16.17
N LEU K 442 -43.66 -17.88 -17.44
CA LEU K 442 -42.81 -18.54 -18.43
C LEU K 442 -42.31 -17.59 -19.52
N PHE K 443 -43.13 -16.63 -19.93
CA PHE K 443 -42.75 -15.65 -20.94
C PHE K 443 -42.53 -14.29 -20.27
N ARG K 444 -41.35 -13.73 -20.46
CA ARG K 444 -41.05 -12.39 -19.98
C ARG K 444 -39.98 -11.79 -20.87
N LYS K 445 -40.13 -10.50 -21.19
CA LYS K 445 -39.19 -9.84 -22.09
C LYS K 445 -37.79 -9.77 -21.50
N SER K 446 -37.68 -9.43 -20.21
CA SER K 446 -36.38 -9.24 -19.58
C SER K 446 -36.32 -10.06 -18.30
N ASN K 447 -35.16 -10.03 -17.66
CA ASN K 447 -34.97 -10.71 -16.39
C ASN K 447 -35.65 -9.94 -15.26
N LEU K 448 -35.88 -10.64 -14.15
CA LEU K 448 -36.38 -10.01 -12.94
C LEU K 448 -35.21 -9.61 -12.04
N LYS K 449 -35.28 -8.39 -11.52
CA LYS K 449 -34.28 -7.93 -10.58
C LYS K 449 -34.40 -8.71 -9.27
N PRO K 450 -33.29 -8.85 -8.53
CA PRO K 450 -33.38 -9.50 -7.22
C PRO K 450 -34.38 -8.80 -6.32
N PHE K 451 -35.18 -9.60 -5.61
CA PHE K 451 -36.24 -9.10 -4.75
C PHE K 451 -37.22 -8.21 -5.51
N GLU K 452 -37.62 -8.64 -6.71
CA GLU K 452 -38.63 -7.94 -7.49
C GLU K 452 -39.84 -8.86 -7.69
N ARG K 453 -41.03 -8.27 -7.66
CA ARG K 453 -42.27 -9.00 -7.83
C ARG K 453 -42.98 -8.53 -9.10
N ASP K 454 -43.47 -9.49 -9.88
CA ASP K 454 -44.12 -9.22 -11.15
C ASP K 454 -45.46 -9.94 -11.18
N ILE K 455 -46.55 -9.17 -11.21
CA ILE K 455 -47.89 -9.72 -11.09
C ILE K 455 -48.75 -9.39 -12.31
N SER K 456 -48.12 -8.94 -13.40
CA SER K 456 -48.86 -8.66 -14.63
C SER K 456 -49.38 -9.96 -15.24
N THR K 457 -50.54 -9.89 -15.87
CA THR K 457 -51.17 -11.04 -16.52
C THR K 457 -51.57 -10.68 -17.95
N GLU K 458 -50.87 -9.73 -18.56
CA GLU K 458 -51.18 -9.31 -19.91
C GLU K 458 -50.72 -10.36 -20.91
N ILE K 459 -51.37 -10.36 -22.08
CA ILE K 459 -51.03 -11.31 -23.13
C ILE K 459 -49.64 -10.99 -23.66
N TYR K 460 -48.81 -12.02 -23.82
CA TYR K 460 -47.45 -11.85 -24.28
C TYR K 460 -47.40 -11.86 -25.80
N GLN K 461 -46.63 -10.94 -26.36
CA GLN K 461 -46.45 -10.83 -27.80
C GLN K 461 -45.27 -11.71 -28.23
N ALA K 462 -45.58 -12.79 -28.96
CA ALA K 462 -44.55 -13.72 -29.43
C ALA K 462 -44.25 -13.55 -30.92
N GLY K 463 -44.94 -12.64 -31.59
CA GLY K 463 -44.70 -12.42 -33.01
C GLY K 463 -44.62 -10.95 -33.37
N SER K 464 -44.70 -10.64 -34.67
CA SER K 464 -44.60 -9.26 -35.12
C SER K 464 -45.93 -8.54 -35.16
N THR K 465 -47.01 -9.23 -35.50
CA THR K 465 -48.34 -8.62 -35.52
C THR K 465 -48.87 -8.50 -34.11
N PRO K 466 -49.14 -7.29 -33.61
CA PRO K 466 -49.61 -7.14 -32.23
C PRO K 466 -51.08 -7.52 -32.11
N CYS K 467 -51.36 -8.54 -31.30
CA CYS K 467 -52.73 -8.91 -31.01
C CYS K 467 -53.38 -7.87 -30.11
N ASN K 468 -54.71 -7.80 -30.16
CA ASN K 468 -55.48 -6.77 -29.47
C ASN K 468 -56.08 -7.29 -28.16
N GLY K 469 -55.35 -8.15 -27.45
CA GLY K 469 -55.81 -8.69 -26.20
C GLY K 469 -56.38 -10.09 -26.27
N VAL K 470 -56.30 -10.74 -27.42
CA VAL K 470 -56.83 -12.08 -27.63
C VAL K 470 -55.66 -13.03 -27.90
N GLU K 471 -55.67 -14.17 -27.20
CA GLU K 471 -54.63 -15.16 -27.41
C GLU K 471 -54.74 -15.79 -28.79
N GLY K 472 -53.59 -16.11 -29.38
CA GLY K 472 -53.56 -16.69 -30.71
C GLY K 472 -52.31 -17.52 -30.97
N PHE K 473 -51.90 -17.61 -32.23
CA PHE K 473 -50.73 -18.40 -32.57
C PHE K 473 -49.47 -17.82 -31.93
N ASN K 474 -49.33 -16.50 -31.96
CA ASN K 474 -48.13 -15.84 -31.42
C ASN K 474 -48.49 -14.88 -30.29
N CYS K 475 -49.58 -15.17 -29.58
CA CYS K 475 -49.95 -14.43 -28.37
C CYS K 475 -50.43 -15.45 -27.34
N TYR K 476 -49.70 -15.57 -26.24
CA TYR K 476 -49.98 -16.55 -25.22
C TYR K 476 -50.13 -15.89 -23.86
N PHE K 477 -50.87 -16.54 -22.99
CA PHE K 477 -50.85 -16.18 -21.58
C PHE K 477 -49.49 -16.52 -21.00
N PRO K 478 -48.85 -15.60 -20.29
CA PRO K 478 -47.49 -15.86 -19.79
C PRO K 478 -47.43 -16.76 -18.57
N LEU K 479 -48.55 -17.04 -17.92
CA LEU K 479 -48.59 -17.79 -16.67
C LEU K 479 -49.07 -19.21 -16.93
N GLN K 480 -48.29 -20.19 -16.48
CA GLN K 480 -48.56 -21.60 -16.71
C GLN K 480 -48.75 -22.32 -15.38
N SER K 481 -49.69 -23.26 -15.38
CA SER K 481 -50.04 -24.01 -14.19
C SER K 481 -49.22 -25.28 -14.08
N TYR K 482 -49.00 -25.72 -12.83
CA TYR K 482 -48.28 -26.96 -12.60
C TYR K 482 -49.21 -28.16 -12.71
N GLY K 483 -48.59 -29.34 -12.78
CA GLY K 483 -49.34 -30.57 -12.93
C GLY K 483 -49.17 -31.53 -11.76
N PHE K 484 -49.22 -31.00 -10.55
CA PHE K 484 -48.99 -31.82 -9.37
C PHE K 484 -50.03 -32.94 -9.28
N GLN K 485 -49.54 -34.15 -9.00
CA GLN K 485 -50.35 -35.35 -8.95
C GLN K 485 -49.70 -36.25 -7.91
N PRO K 486 -50.47 -36.85 -7.01
CA PRO K 486 -49.87 -37.49 -5.83
C PRO K 486 -48.93 -38.64 -6.14
N THR K 487 -49.03 -39.26 -7.32
CA THR K 487 -48.09 -40.31 -7.69
C THR K 487 -46.90 -39.79 -8.48
N ASN K 488 -46.72 -38.48 -8.57
CA ASN K 488 -45.54 -37.93 -9.22
C ASN K 488 -44.30 -38.26 -8.40
N GLY K 489 -43.18 -38.45 -9.11
CA GLY K 489 -41.95 -38.80 -8.44
C GLY K 489 -41.23 -37.61 -7.84
N VAL K 490 -40.13 -37.91 -7.15
CA VAL K 490 -39.30 -36.87 -6.56
C VAL K 490 -38.67 -36.04 -7.68
N GLY K 491 -39.07 -34.79 -7.78
CA GLY K 491 -38.62 -33.94 -8.86
C GLY K 491 -39.74 -33.12 -9.46
N TYR K 492 -40.95 -33.67 -9.48
CA TYR K 492 -42.13 -32.94 -9.90
C TYR K 492 -43.12 -32.74 -8.75
N GLN K 493 -42.82 -33.29 -7.58
CA GLN K 493 -43.69 -33.09 -6.43
C GLN K 493 -43.52 -31.70 -5.86
N PRO K 494 -44.61 -31.09 -5.39
CA PRO K 494 -44.52 -29.72 -4.87
C PRO K 494 -43.62 -29.64 -3.64
N TYR K 495 -42.92 -28.51 -3.53
CA TYR K 495 -42.06 -28.24 -2.39
C TYR K 495 -42.32 -26.83 -1.88
N ARG K 496 -42.44 -26.71 -0.56
CA ARG K 496 -42.65 -25.42 0.08
C ARG K 496 -41.29 -24.83 0.45
N VAL K 497 -41.06 -23.59 0.04
CA VAL K 497 -39.78 -22.92 0.20
C VAL K 497 -39.99 -21.64 1.00
N VAL K 498 -39.21 -21.48 2.06
CA VAL K 498 -39.17 -20.26 2.86
C VAL K 498 -37.73 -19.77 2.91
N VAL K 499 -37.51 -18.51 2.50
CA VAL K 499 -36.19 -17.89 2.50
C VAL K 499 -36.21 -16.79 3.53
N LEU K 500 -35.28 -16.85 4.48
CA LEU K 500 -35.15 -15.82 5.51
C LEU K 500 -33.96 -14.95 5.18
N SER K 501 -34.20 -13.64 5.08
CA SER K 501 -33.14 -12.66 4.84
C SER K 501 -33.05 -11.75 6.06
N PHE K 502 -31.82 -11.55 6.53
CA PHE K 502 -31.58 -10.75 7.73
C PHE K 502 -30.93 -9.43 7.33
N GLU K 503 -31.62 -8.32 7.64
CA GLU K 503 -31.12 -7.00 7.31
C GLU K 503 -30.67 -6.32 8.61
N LEU K 504 -29.43 -5.84 8.61
CA LEU K 504 -28.89 -5.03 9.70
C LEU K 504 -28.68 -3.62 9.14
N LEU K 505 -29.42 -2.66 9.70
CA LEU K 505 -29.37 -1.28 9.27
C LEU K 505 -28.66 -0.43 10.33
N HIS K 506 -28.38 0.82 9.97
CA HIS K 506 -27.81 1.75 10.93
C HIS K 506 -28.78 2.09 12.04
N ALA K 507 -30.06 1.75 11.88
CA ALA K 507 -30.99 1.79 12.99
C ALA K 507 -30.63 0.71 14.00
N PRO K 508 -31.04 0.86 15.26
CA PRO K 508 -30.67 -0.12 16.29
C PRO K 508 -31.16 -1.52 15.94
N ALA K 509 -30.34 -2.52 16.27
CA ALA K 509 -30.71 -3.90 16.04
C ALA K 509 -31.93 -4.27 16.87
N THR K 510 -32.77 -5.14 16.31
CA THR K 510 -34.07 -5.39 16.94
C THR K 510 -34.35 -6.87 17.19
N VAL K 511 -33.94 -7.74 16.26
CA VAL K 511 -34.29 -9.15 16.31
C VAL K 511 -33.01 -9.96 16.40
N CYS K 512 -32.93 -10.81 17.43
CA CYS K 512 -31.82 -11.71 17.65
C CYS K 512 -32.06 -12.60 18.87
N GLY K 513 -31.25 -13.64 18.99
CA GLY K 513 -31.55 -14.79 19.80
C GLY K 513 -31.58 -14.55 21.29
N PRO K 514 -32.15 -15.51 22.03
CA PRO K 514 -32.31 -15.35 23.48
C PRO K 514 -31.00 -15.38 24.24
N LYS K 515 -31.06 -15.07 25.53
CA LYS K 515 -29.89 -15.05 26.40
C LYS K 515 -30.02 -16.16 27.43
N LYS K 516 -28.96 -16.95 27.59
CA LYS K 516 -28.94 -18.08 28.51
C LYS K 516 -28.50 -17.56 29.88
N SER K 517 -29.41 -17.64 30.85
CA SER K 517 -29.12 -17.22 32.21
C SER K 517 -28.95 -18.44 33.11
N THR K 518 -27.89 -18.45 33.91
CA THR K 518 -27.64 -19.52 34.86
C THR K 518 -28.26 -19.19 36.21
N ASN K 519 -27.92 -20.00 37.22
CA ASN K 519 -28.50 -19.84 38.54
C ASN K 519 -27.74 -18.78 39.35
N LEU K 520 -28.34 -18.41 40.48
CA LEU K 520 -27.81 -17.37 41.36
C LEU K 520 -27.31 -17.99 42.66
N VAL K 521 -26.06 -17.70 43.02
CA VAL K 521 -25.45 -18.21 44.23
C VAL K 521 -24.85 -17.05 45.01
N LYS K 522 -25.06 -17.04 46.32
CA LYS K 522 -24.67 -15.93 47.18
C LYS K 522 -23.59 -16.36 48.16
N ASN K 523 -23.08 -15.37 48.90
CA ASN K 523 -22.17 -15.57 50.03
C ASN K 523 -20.83 -16.16 49.61
N LYS K 524 -20.40 -15.88 48.38
CA LYS K 524 -19.10 -16.35 47.88
C LYS K 524 -18.53 -15.31 46.93
N CYS K 525 -17.21 -15.31 46.78
CA CYS K 525 -16.57 -14.40 45.82
C CYS K 525 -16.66 -15.04 44.43
N VAL K 526 -17.48 -14.44 43.57
CA VAL K 526 -17.74 -14.98 42.23
C VAL K 526 -17.56 -13.87 41.21
N ASN K 527 -17.55 -14.27 39.94
CA ASN K 527 -17.68 -13.35 38.82
C ASN K 527 -19.15 -13.30 38.42
N PHE K 528 -19.73 -12.11 38.42
CA PHE K 528 -21.13 -11.94 38.12
C PHE K 528 -21.32 -11.04 36.90
N ASN K 529 -22.46 -11.22 36.23
CA ASN K 529 -22.84 -10.46 35.03
C ASN K 529 -24.35 -10.29 35.08
N PHE K 530 -24.82 -9.05 35.19
CA PHE K 530 -26.24 -8.72 35.20
C PHE K 530 -26.48 -7.74 34.05
N ASN K 531 -27.13 -8.21 32.98
CA ASN K 531 -27.50 -7.37 31.84
C ASN K 531 -26.29 -6.63 31.25
N GLY K 532 -25.14 -7.28 31.25
CA GLY K 532 -23.93 -6.67 30.74
C GLY K 532 -23.11 -5.92 31.76
N LEU K 533 -23.63 -5.72 32.96
CA LEU K 533 -22.86 -5.14 34.07
C LEU K 533 -22.13 -6.28 34.77
N THR K 534 -20.82 -6.34 34.58
CA THR K 534 -20.02 -7.45 35.06
C THR K 534 -19.02 -6.99 36.11
N GLY K 535 -18.70 -7.90 37.02
CA GLY K 535 -17.78 -7.58 38.09
C GLY K 535 -17.45 -8.82 38.91
N THR K 536 -16.72 -8.59 39.99
CA THR K 536 -16.29 -9.65 40.90
C THR K 536 -16.66 -9.25 42.31
N GLY K 537 -17.13 -10.22 43.10
CA GLY K 537 -17.43 -9.91 44.49
C GLY K 537 -18.36 -10.93 45.10
N VAL K 538 -18.86 -10.58 46.29
CA VAL K 538 -19.76 -11.40 47.08
C VAL K 538 -21.13 -10.74 47.05
N LEU K 539 -22.15 -11.51 46.67
CA LEU K 539 -23.51 -11.02 46.60
C LEU K 539 -24.25 -11.46 47.85
N THR K 540 -24.90 -10.51 48.52
CA THR K 540 -25.69 -10.78 49.71
C THR K 540 -27.07 -10.16 49.58
N GLU K 541 -28.01 -10.66 50.36
CA GLU K 541 -29.35 -10.06 50.35
C GLU K 541 -29.30 -8.65 50.94
N SER K 542 -30.00 -7.74 50.28
CA SER K 542 -29.86 -6.31 50.53
C SER K 542 -31.13 -5.76 51.17
N ASN K 543 -31.01 -4.58 51.78
CA ASN K 543 -32.11 -3.93 52.45
C ASN K 543 -32.57 -2.66 51.74
N LYS K 544 -31.92 -2.27 50.65
CA LYS K 544 -32.26 -1.03 49.95
C LYS K 544 -33.56 -1.22 49.18
N LYS K 545 -34.37 -0.16 49.11
CA LYS K 545 -35.60 -0.16 48.33
C LYS K 545 -35.42 0.75 47.13
N PHE K 546 -35.22 0.14 45.96
CA PHE K 546 -35.07 0.91 44.74
C PHE K 546 -36.42 1.47 44.28
N LEU K 547 -36.37 2.43 43.37
CA LEU K 547 -37.58 2.79 42.66
C LEU K 547 -37.79 1.83 41.50
N PRO K 548 -39.04 1.58 41.11
CA PRO K 548 -39.32 0.49 40.16
C PRO K 548 -38.58 0.60 38.84
N PHE K 549 -38.14 1.78 38.44
CA PHE K 549 -37.41 1.93 37.19
C PHE K 549 -35.90 1.84 37.37
N GLN K 550 -35.40 1.73 38.59
CA GLN K 550 -33.97 1.75 38.86
C GLN K 550 -33.40 0.35 38.93
N GLN K 551 -32.15 0.20 38.47
CA GLN K 551 -31.51 -1.10 38.36
C GLN K 551 -30.28 -1.25 39.25
N PHE K 552 -29.36 -0.29 39.21
CA PHE K 552 -28.10 -0.42 39.94
C PHE K 552 -28.04 0.61 41.05
N GLY K 553 -27.00 0.51 41.85
CA GLY K 553 -26.74 1.47 42.90
C GLY K 553 -25.27 1.81 42.99
N ARG K 554 -24.99 3.09 43.23
CA ARG K 554 -23.61 3.57 43.33
C ARG K 554 -23.40 4.24 44.69
N ASP K 555 -22.15 4.27 45.11
CA ASP K 555 -21.77 4.89 46.37
C ASP K 555 -21.28 6.31 46.12
N ILE K 556 -20.72 6.95 47.14
CA ILE K 556 -20.28 8.34 47.02
C ILE K 556 -19.13 8.44 46.03
N ALA K 557 -18.31 7.40 45.92
CA ALA K 557 -17.14 7.40 45.05
C ALA K 557 -17.43 6.85 43.65
N ASP K 558 -18.70 6.63 43.31
CA ASP K 558 -19.09 6.14 41.99
C ASP K 558 -18.56 4.73 41.72
N THR K 559 -18.83 3.81 42.64
CA THR K 559 -18.61 2.39 42.43
C THR K 559 -19.91 1.66 42.72
N THR K 560 -20.16 0.57 41.99
CA THR K 560 -21.42 -0.15 42.12
C THR K 560 -21.42 -0.93 43.42
N ASP K 561 -22.47 -0.75 44.23
CA ASP K 561 -22.60 -1.47 45.49
C ASP K 561 -23.89 -2.25 45.64
N ALA K 562 -24.88 -2.01 44.78
CA ALA K 562 -26.11 -2.79 44.79
C ALA K 562 -26.49 -3.13 43.37
N VAL K 563 -27.39 -4.10 43.22
CA VAL K 563 -27.89 -4.50 41.91
C VAL K 563 -29.26 -5.12 42.11
N ARG K 564 -30.03 -5.20 41.03
CA ARG K 564 -31.34 -5.84 41.03
C ARG K 564 -31.30 -7.05 40.12
N ASP K 565 -31.80 -8.17 40.61
CA ASP K 565 -31.80 -9.40 39.82
C ASP K 565 -32.89 -9.31 38.74
N PRO K 566 -32.54 -9.45 37.46
CA PRO K 566 -33.54 -9.30 36.40
C PRO K 566 -34.55 -10.44 36.35
N GLN K 567 -34.12 -11.66 36.67
CA GLN K 567 -35.04 -12.79 36.68
C GLN K 567 -36.16 -12.59 37.70
N THR K 568 -35.79 -12.47 38.97
CA THR K 568 -36.72 -12.17 40.04
C THR K 568 -36.30 -10.87 40.70
N LEU K 569 -37.21 -9.92 40.78
CA LEU K 569 -36.89 -8.55 41.21
C LEU K 569 -36.54 -8.56 42.70
N GLU K 570 -35.24 -8.55 42.97
CA GLU K 570 -34.72 -8.44 44.33
C GLU K 570 -33.41 -7.67 44.30
N ILE K 571 -33.12 -7.00 45.42
CA ILE K 571 -31.93 -6.16 45.54
C ILE K 571 -30.84 -6.93 46.27
N LEU K 572 -29.64 -6.93 45.69
CA LEU K 572 -28.49 -7.63 46.25
C LEU K 572 -27.34 -6.65 46.44
N ASP K 573 -26.73 -6.71 47.62
CA ASP K 573 -25.53 -5.94 47.91
C ASP K 573 -24.29 -6.65 47.38
N ILE K 574 -23.29 -5.86 47.00
CA ILE K 574 -22.05 -6.36 46.43
C ILE K 574 -20.93 -5.94 47.37
N THR K 575 -20.14 -6.90 47.82
CA THR K 575 -19.00 -6.67 48.68
C THR K 575 -17.73 -7.14 47.98
N PRO K 576 -16.59 -6.46 48.12
CA PRO K 576 -15.35 -7.04 47.61
C PRO K 576 -14.95 -8.25 48.45
N CYS K 577 -14.31 -9.22 47.80
CA CYS K 577 -13.86 -10.39 48.55
C CYS K 577 -12.43 -10.17 49.07
N SER K 578 -12.13 -10.86 50.16
CA SER K 578 -11.13 -10.43 51.13
C SER K 578 -9.75 -10.26 50.52
N PHE K 579 -9.03 -9.25 51.02
CA PHE K 579 -7.63 -9.05 50.73
C PHE K 579 -7.01 -8.35 51.93
N GLY K 580 -5.68 -8.40 52.01
CA GLY K 580 -5.02 -7.76 53.14
C GLY K 580 -3.53 -8.01 53.11
N GLY K 581 -2.87 -7.53 54.17
CA GLY K 581 -1.45 -7.75 54.35
C GLY K 581 -1.20 -8.94 55.25
N VAL K 582 -0.01 -9.52 55.11
CA VAL K 582 0.40 -10.66 55.93
C VAL K 582 1.75 -10.30 56.55
N SER K 583 1.79 -10.31 57.89
CA SER K 583 2.96 -9.92 58.67
C SER K 583 3.40 -11.09 59.55
N VAL K 584 4.70 -11.13 59.84
CA VAL K 584 5.31 -12.20 60.63
C VAL K 584 5.89 -11.60 61.90
N ILE K 585 5.47 -12.13 63.05
CA ILE K 585 5.94 -11.70 64.36
C ILE K 585 6.98 -12.71 64.83
N THR K 586 8.20 -12.25 65.04
CA THR K 586 9.29 -13.12 65.45
C THR K 586 10.09 -12.48 66.57
N PRO K 587 10.53 -13.26 67.53
CA PRO K 587 11.70 -12.86 68.32
C PRO K 587 12.93 -13.03 67.44
N GLY K 588 14.08 -12.52 67.85
CA GLY K 588 15.26 -12.68 67.03
C GLY K 588 15.62 -14.13 66.84
N THR K 589 16.22 -14.44 65.69
CA THR K 589 16.75 -15.79 65.47
C THR K 589 17.87 -16.11 66.45
N ASN K 590 18.46 -15.10 67.08
CA ASN K 590 19.37 -15.33 68.18
C ASN K 590 18.67 -15.95 69.38
N THR K 591 17.35 -15.85 69.45
CA THR K 591 16.61 -16.38 70.59
C THR K 591 15.86 -17.67 70.23
N SER K 592 15.09 -17.63 69.14
CA SER K 592 14.26 -18.77 68.78
C SER K 592 13.88 -18.68 67.31
N ASN K 593 13.36 -19.79 66.79
CA ASN K 593 12.89 -19.87 65.41
C ASN K 593 11.38 -19.94 65.30
N GLN K 594 10.65 -19.83 66.41
CA GLN K 594 9.20 -19.79 66.35
C GLN K 594 8.71 -18.45 65.84
N VAL K 595 7.57 -18.45 65.16
CA VAL K 595 6.95 -17.24 64.65
C VAL K 595 5.45 -17.31 64.87
N ALA K 596 4.82 -16.15 64.78
CA ALA K 596 3.37 -16.02 64.68
C ALA K 596 3.06 -15.22 63.43
N VAL K 597 1.83 -15.34 62.94
CA VAL K 597 1.43 -14.70 61.69
C VAL K 597 0.19 -13.87 61.93
N LEU K 598 0.18 -12.65 61.39
CA LEU K 598 -0.98 -11.77 61.45
C LEU K 598 -1.51 -11.55 60.04
N TYR K 599 -2.81 -11.80 59.85
CA TYR K 599 -3.51 -11.48 58.63
C TYR K 599 -4.35 -10.24 58.89
N GLN K 600 -4.01 -9.14 58.23
CA GLN K 600 -4.58 -7.85 58.58
C GLN K 600 -5.99 -7.70 58.01
N ASP K 601 -6.93 -7.35 58.88
CA ASP K 601 -8.32 -7.07 58.51
C ASP K 601 -8.99 -8.26 57.84
N VAL K 602 -8.82 -9.45 58.41
CA VAL K 602 -9.41 -10.68 57.88
C VAL K 602 -10.03 -11.44 59.03
N ASN K 603 -11.27 -11.90 58.83
CA ASN K 603 -11.93 -12.72 59.84
C ASN K 603 -11.29 -14.10 59.87
N CYS K 604 -11.19 -14.67 61.07
CA CYS K 604 -10.40 -15.89 61.25
C CYS K 604 -11.02 -17.10 60.58
N THR K 605 -12.29 -17.03 60.19
CA THR K 605 -12.98 -18.13 59.55
C THR K 605 -12.85 -18.11 58.03
N GLU K 606 -11.94 -17.30 57.49
CA GLU K 606 -11.79 -17.16 56.05
C GLU K 606 -10.35 -17.46 55.59
N VAL K 607 -9.49 -17.88 56.51
CA VAL K 607 -8.10 -18.11 56.19
C VAL K 607 -7.82 -19.60 56.09
N ASN K 628 -4.69 -22.17 68.65
CA ASN K 628 -3.96 -20.91 68.68
C ASN K 628 -4.41 -19.97 67.56
N VAL K 629 -5.71 -19.66 67.53
CA VAL K 629 -6.29 -18.71 66.58
C VAL K 629 -6.98 -17.64 67.39
N PHE K 630 -6.59 -16.39 67.19
CA PHE K 630 -7.06 -15.27 68.01
C PHE K 630 -7.58 -14.17 67.11
N GLN K 631 -8.72 -13.60 67.49
CA GLN K 631 -9.38 -12.56 66.70
C GLN K 631 -9.19 -11.22 67.39
N THR K 632 -8.46 -10.32 66.76
CA THR K 632 -8.21 -8.99 67.26
C THR K 632 -8.85 -7.95 66.36
N ARG K 633 -8.77 -6.69 66.79
CA ARG K 633 -9.19 -5.59 65.93
C ARG K 633 -8.24 -5.39 64.76
N ALA K 634 -6.98 -5.80 64.90
CA ALA K 634 -6.02 -5.59 63.82
C ALA K 634 -6.05 -6.72 62.81
N GLY K 635 -6.70 -7.84 63.13
CA GLY K 635 -6.80 -8.94 62.19
C GLY K 635 -6.80 -10.26 62.93
N CYS K 636 -6.39 -11.31 62.21
CA CYS K 636 -6.38 -12.67 62.73
C CYS K 636 -4.95 -13.09 63.04
N LEU K 637 -4.72 -13.58 64.26
CA LEU K 637 -3.39 -13.93 64.74
C LEU K 637 -3.32 -15.43 64.94
N ILE K 638 -2.36 -16.08 64.29
CA ILE K 638 -2.18 -17.52 64.35
C ILE K 638 -0.79 -17.83 64.85
N GLY K 639 -0.70 -18.63 65.92
CA GLY K 639 0.56 -19.01 66.49
C GLY K 639 0.88 -18.37 67.83
N ALA K 640 -0.07 -17.69 68.45
CA ALA K 640 0.15 -16.99 69.71
C ALA K 640 -0.93 -17.39 70.71
N GLU K 641 -0.56 -17.46 71.98
CA GLU K 641 -1.48 -17.86 73.04
C GLU K 641 -1.93 -16.61 73.82
N HIS K 642 -3.24 -16.42 73.92
CA HIS K 642 -3.78 -15.24 74.57
C HIS K 642 -3.87 -15.44 76.08
N VAL K 643 -3.30 -14.50 76.84
CA VAL K 643 -3.26 -14.59 78.29
C VAL K 643 -3.99 -13.38 78.86
N ASN K 644 -4.45 -13.54 80.12
CA ASN K 644 -5.25 -12.53 80.79
C ASN K 644 -4.43 -11.54 81.62
N ASN K 645 -3.12 -11.74 81.73
CA ASN K 645 -2.28 -10.80 82.43
C ASN K 645 -1.93 -9.61 81.53
N SER K 646 -1.31 -8.60 82.12
CA SER K 646 -0.87 -7.42 81.39
C SER K 646 0.60 -7.16 81.68
N TYR K 647 1.35 -6.78 80.66
CA TYR K 647 2.76 -6.44 80.78
C TYR K 647 3.05 -5.21 79.94
N GLU K 648 4.30 -4.74 79.98
CA GLU K 648 4.73 -3.68 79.08
C GLU K 648 4.76 -4.20 77.65
N CYS K 649 4.57 -3.28 76.71
CA CYS K 649 4.54 -3.67 75.31
C CYS K 649 5.94 -4.04 74.86
N ASP K 650 6.07 -5.23 74.27
CA ASP K 650 7.34 -5.69 73.70
C ASP K 650 7.34 -5.53 72.19
N ILE K 651 6.39 -6.17 71.51
CA ILE K 651 6.19 -6.03 70.08
C ILE K 651 4.75 -5.55 69.88
N PRO K 652 4.53 -4.40 69.25
CA PRO K 652 3.15 -3.90 69.11
C PRO K 652 2.42 -4.58 67.97
N ILE K 653 1.22 -5.10 68.27
CA ILE K 653 0.32 -5.60 67.25
C ILE K 653 -0.69 -4.53 66.84
N GLY K 654 -1.35 -3.92 67.82
CA GLY K 654 -2.30 -2.86 67.51
C GLY K 654 -3.55 -2.88 68.35
N ALA K 655 -4.22 -1.74 68.43
CA ALA K 655 -5.45 -1.58 69.22
C ALA K 655 -5.25 -2.01 70.66
N GLY K 656 -4.06 -1.72 71.20
CA GLY K 656 -3.73 -2.07 72.56
C GLY K 656 -3.22 -3.48 72.77
N ILE K 657 -3.03 -4.24 71.71
CA ILE K 657 -2.55 -5.62 71.82
C ILE K 657 -1.07 -5.66 71.48
N CYS K 658 -0.31 -6.36 72.32
CA CYS K 658 1.12 -6.57 72.12
C CYS K 658 1.43 -8.05 72.24
N ALA K 659 2.62 -8.42 71.76
CA ALA K 659 3.09 -9.80 71.76
C ALA K 659 4.46 -9.89 72.41
N SER K 660 4.76 -11.05 73.01
CA SER K 660 6.04 -11.25 73.66
C SER K 660 6.37 -12.73 73.72
N TYR K 661 7.64 -13.01 73.98
CA TYR K 661 8.15 -14.37 74.07
C TYR K 661 8.41 -14.72 75.53
N GLN K 662 7.88 -15.85 75.99
CA GLN K 662 8.16 -16.32 77.33
C GLN K 662 8.25 -17.84 77.39
N SER K 678 6.73 -20.08 74.73
CA SER K 678 5.91 -19.82 73.55
C SER K 678 5.71 -18.33 73.33
N ILE K 679 4.88 -17.99 72.35
CA ILE K 679 4.57 -16.60 72.02
C ILE K 679 3.20 -16.29 72.60
N ILE K 680 3.12 -15.20 73.37
CA ILE K 680 1.89 -14.80 74.03
C ILE K 680 1.46 -13.44 73.50
N ALA K 681 0.15 -13.21 73.52
CA ALA K 681 -0.46 -11.94 73.14
C ALA K 681 -1.31 -11.45 74.29
N TYR K 682 -1.21 -10.15 74.59
CA TYR K 682 -1.87 -9.61 75.77
C TYR K 682 -2.26 -8.15 75.51
N THR K 683 -3.06 -7.62 76.42
CA THR K 683 -3.36 -6.20 76.49
C THR K 683 -2.31 -5.51 77.34
N MET K 684 -1.64 -4.52 76.77
CA MET K 684 -0.51 -3.88 77.44
C MET K 684 -0.97 -3.00 78.59
N SER K 685 -0.13 -2.92 79.62
CA SER K 685 -0.38 -2.06 80.76
C SER K 685 0.34 -0.73 80.58
N LEU K 686 -0.28 0.33 81.09
CA LEU K 686 0.29 1.67 80.98
C LEU K 686 1.35 1.92 82.03
N GLY K 687 1.32 1.19 83.13
CA GLY K 687 2.30 1.34 84.18
C GLY K 687 1.72 1.08 85.55
N ALA K 688 3.91 1.31 87.66
CA ALA K 688 2.96 0.74 88.60
C ALA K 688 1.85 1.72 88.94
N GLU K 689 0.72 1.20 89.38
CA GLU K 689 -0.37 2.04 89.86
C GLU K 689 0.00 2.64 91.22
N ASN K 690 -0.19 3.94 91.36
CA ASN K 690 0.22 4.66 92.55
C ASN K 690 -0.90 5.61 92.99
N SER K 691 -1.16 5.65 94.28
CA SER K 691 -2.15 6.56 94.86
C SER K 691 -1.47 7.34 95.98
N VAL K 692 -1.11 8.59 95.70
CA VAL K 692 -0.40 9.43 96.65
C VAL K 692 -1.36 9.85 97.77
N ALA K 693 -0.83 9.92 98.98
CA ALA K 693 -1.64 10.13 100.19
C ALA K 693 -1.91 11.62 100.40
N TYR K 694 -2.93 12.11 99.71
CA TYR K 694 -3.31 13.51 99.83
C TYR K 694 -4.12 13.76 101.09
N SER K 695 -3.86 14.89 101.73
CA SER K 695 -4.60 15.35 102.89
C SER K 695 -4.51 16.87 102.92
N ASN K 696 -5.40 17.49 103.68
CA ASN K 696 -5.46 18.94 103.70
C ASN K 696 -4.47 19.59 104.66
N ASN K 697 -3.70 18.80 105.43
CA ASN K 697 -2.64 19.39 106.23
C ASN K 697 -1.38 18.52 106.28
N SER K 698 -1.11 17.73 105.25
CA SER K 698 0.02 16.81 105.24
C SER K 698 1.00 17.22 104.15
N ILE K 699 2.30 17.16 104.44
CA ILE K 699 3.32 17.50 103.46
C ILE K 699 4.43 16.46 103.50
N ALA K 700 5.15 16.35 102.38
CA ALA K 700 6.31 15.47 102.26
C ALA K 700 7.53 16.31 101.88
N ILE K 701 8.64 16.09 102.58
CA ILE K 701 9.87 16.85 102.36
C ILE K 701 11.00 15.85 102.13
N PRO K 702 11.87 16.07 101.13
CA PRO K 702 12.99 15.14 100.91
C PRO K 702 14.13 15.36 101.89
N THR K 703 14.85 14.28 102.20
CA THR K 703 15.97 14.33 103.14
C THR K 703 17.32 14.10 102.49
N ASN K 704 17.38 13.52 101.29
CA ASN K 704 18.63 13.42 100.53
C ASN K 704 18.40 13.78 99.08
N PHE K 705 19.43 13.54 98.28
CA PHE K 705 19.41 13.80 96.85
C PHE K 705 20.32 12.81 96.14
N THR K 706 20.17 12.77 94.83
CA THR K 706 21.01 11.99 93.94
C THR K 706 21.49 12.92 92.83
N ILE K 707 22.74 12.76 92.45
CA ILE K 707 23.29 13.45 91.27
C ILE K 707 23.16 12.49 90.10
N SER K 708 22.45 12.91 89.06
CA SER K 708 22.16 12.03 87.94
C SER K 708 22.79 12.58 86.66
N VAL K 709 23.28 11.68 85.81
CA VAL K 709 23.84 12.02 84.51
C VAL K 709 23.15 11.20 83.44
N THR K 710 22.63 11.87 82.42
CA THR K 710 21.96 11.20 81.30
C THR K 710 22.50 11.71 79.98
N THR K 711 22.16 11.01 78.89
CA THR K 711 22.69 11.30 77.57
C THR K 711 21.56 11.65 76.61
N GLU K 712 21.89 12.52 75.64
CA GLU K 712 20.98 12.85 74.55
C GLU K 712 21.76 12.93 73.25
N ILE K 713 21.29 12.26 72.21
CA ILE K 713 22.01 12.15 70.95
C ILE K 713 21.21 12.85 69.85
N LEU K 714 21.85 13.74 69.10
CA LEU K 714 21.17 14.50 68.05
C LEU K 714 21.98 14.46 66.76
N PRO K 715 21.38 14.13 65.62
CA PRO K 715 22.06 14.26 64.34
C PRO K 715 22.15 15.71 63.89
N VAL K 716 23.24 16.03 63.18
CA VAL K 716 23.55 17.40 62.79
C VAL K 716 23.63 17.56 61.27
N SER K 717 24.27 16.62 60.58
CA SER K 717 24.53 16.78 59.17
C SER K 717 24.43 15.44 58.43
N MET K 718 24.26 15.54 57.12
CA MET K 718 24.26 14.39 56.21
C MET K 718 25.55 14.38 55.40
N THR K 719 25.66 13.39 54.52
CA THR K 719 26.77 13.31 53.59
C THR K 719 26.48 14.16 52.36
N LYS K 720 27.50 14.82 51.83
CA LYS K 720 27.34 15.75 50.72
C LYS K 720 27.56 14.99 49.41
N THR K 721 26.50 14.82 48.64
CA THR K 721 26.51 14.00 47.44
C THR K 721 26.12 14.84 46.23
N SER K 722 26.82 14.62 45.13
CA SER K 722 26.53 15.25 43.85
C SER K 722 26.31 14.19 42.80
N VAL K 723 25.29 14.38 41.96
CA VAL K 723 24.98 13.47 40.87
C VAL K 723 24.92 14.27 39.58
N ASP K 724 25.76 13.92 38.62
CA ASP K 724 25.78 14.58 37.32
C ASP K 724 24.65 14.04 36.46
N CYS K 725 23.75 14.93 36.02
CA CYS K 725 22.53 14.51 35.35
C CYS K 725 22.81 13.87 33.99
N THR K 726 23.66 14.51 33.18
CA THR K 726 23.97 13.98 31.85
C THR K 726 24.69 12.64 31.93
N MET K 727 25.68 12.52 32.82
CA MET K 727 26.40 11.26 32.97
C MET K 727 25.48 10.14 33.44
N TYR K 728 24.55 10.43 34.34
CA TYR K 728 23.67 9.38 34.83
C TYR K 728 22.71 8.93 33.74
N ILE K 729 22.13 9.88 33.01
CA ILE K 729 21.10 9.49 32.04
C ILE K 729 21.71 8.84 30.81
N CYS K 730 22.81 9.41 30.30
CA CYS K 730 23.29 9.08 28.97
C CYS K 730 24.65 8.44 28.93
N GLY K 731 25.41 8.48 30.00
CA GLY K 731 26.78 7.98 29.92
C GLY K 731 27.59 8.91 29.04
N ASP K 732 28.44 8.32 28.20
CA ASP K 732 29.29 9.06 27.28
C ASP K 732 28.74 9.09 25.85
N SER K 733 27.51 8.65 25.64
CA SER K 733 26.90 8.65 24.32
C SER K 733 26.59 10.08 23.90
N THR K 734 26.75 10.39 22.62
CA THR K 734 26.46 11.73 22.12
C THR K 734 25.04 11.85 21.58
N GLU K 735 24.51 10.78 20.99
CA GLU K 735 23.13 10.80 20.51
C GLU K 735 22.15 11.00 21.66
N CYS K 736 22.38 10.32 22.79
CA CYS K 736 21.52 10.48 23.94
C CYS K 736 21.57 11.91 24.46
N SER K 737 22.76 12.51 24.51
CA SER K 737 22.86 13.89 24.97
C SER K 737 22.14 14.85 24.03
N ASN K 738 22.29 14.66 22.71
CA ASN K 738 21.58 15.51 21.76
C ASN K 738 20.07 15.37 21.90
N LEU K 739 19.59 14.16 22.19
CA LEU K 739 18.16 13.98 22.42
C LEU K 739 17.72 14.60 23.74
N LEU K 740 18.58 14.52 24.77
CA LEU K 740 18.24 15.08 26.08
C LEU K 740 18.21 16.61 26.04
N LEU K 741 18.94 17.21 25.10
CA LEU K 741 18.90 18.67 24.98
C LEU K 741 17.50 19.22 24.71
N GLN K 742 16.58 18.40 24.19
CA GLN K 742 15.25 18.89 23.85
C GLN K 742 14.35 19.06 25.07
N TYR K 743 14.79 18.62 26.25
CA TYR K 743 13.95 18.67 27.43
C TYR K 743 14.10 19.94 28.26
N GLY K 744 14.96 20.87 27.83
CA GLY K 744 15.05 22.15 28.51
C GLY K 744 16.12 22.20 29.58
N SER K 745 15.75 22.70 30.76
CA SER K 745 16.69 22.93 31.85
C SER K 745 16.37 22.09 33.08
N PHE K 746 16.12 20.80 32.92
CA PHE K 746 15.85 19.94 34.07
C PHE K 746 17.13 19.64 34.84
N CYS K 747 18.22 19.34 34.11
CA CYS K 747 19.47 18.94 34.76
C CYS K 747 20.05 20.08 35.58
N THR K 748 19.92 21.31 35.09
CA THR K 748 20.37 22.47 35.86
C THR K 748 19.60 22.59 37.17
N GLN K 749 18.29 22.35 37.13
CA GLN K 749 17.48 22.40 38.34
C GLN K 749 17.93 21.35 39.35
N LEU K 750 18.17 20.13 38.88
CA LEU K 750 18.58 19.07 39.79
C LEU K 750 19.95 19.38 40.42
N ASN K 751 20.88 19.87 39.62
CA ASN K 751 22.20 20.22 40.15
C ASN K 751 22.09 21.36 41.17
N ARG K 752 21.24 22.35 40.89
CA ARG K 752 21.07 23.46 41.81
C ARG K 752 20.51 22.98 43.15
N ALA K 753 19.52 22.09 43.11
CA ALA K 753 18.95 21.58 44.36
C ALA K 753 19.99 20.82 45.18
N LEU K 754 20.76 19.94 44.53
CA LEU K 754 21.75 19.18 45.28
C LEU K 754 22.83 20.09 45.86
N THR K 755 23.24 21.12 45.11
CA THR K 755 24.25 22.05 45.62
C THR K 755 23.72 22.83 46.83
N GLY K 756 22.45 23.22 46.80
CA GLY K 756 21.88 23.87 47.97
C GLY K 756 21.90 22.99 49.21
N ILE K 757 21.53 21.71 49.06
CA ILE K 757 21.61 20.80 50.19
C ILE K 757 23.05 20.71 50.72
N ALA K 758 24.02 20.63 49.79
CA ALA K 758 25.41 20.48 50.19
C ALA K 758 25.91 21.67 51.01
N VAL K 759 25.54 22.90 50.62
CA VAL K 759 25.97 24.03 51.43
C VAL K 759 25.21 24.11 52.75
N GLU K 760 23.95 23.69 52.79
CA GLU K 760 23.21 23.70 54.04
C GLU K 760 23.86 22.80 55.09
N GLN K 761 24.48 21.69 54.67
CA GLN K 761 25.13 20.83 55.65
C GLN K 761 26.24 21.55 56.43
N ASP K 762 27.10 22.29 55.71
CA ASP K 762 28.17 23.02 56.37
C ASP K 762 27.61 24.13 57.25
N LYS K 763 26.53 24.78 56.80
CA LYS K 763 25.90 25.78 57.66
C LYS K 763 25.39 25.17 58.96
N ASN K 764 24.81 23.96 58.88
CA ASN K 764 24.36 23.27 60.08
C ASN K 764 25.49 23.07 61.07
N THR K 765 26.61 22.50 60.59
CA THR K 765 27.72 22.24 61.49
C THR K 765 28.27 23.52 62.10
N GLN K 766 28.37 24.59 61.31
CA GLN K 766 28.83 25.87 61.85
C GLN K 766 27.91 26.36 62.95
N GLU K 767 26.59 26.32 62.75
CA GLU K 767 25.68 26.85 63.76
C GLU K 767 25.70 26.03 65.04
N VAL K 768 26.00 24.74 64.96
CA VAL K 768 26.02 23.95 66.19
C VAL K 768 27.34 24.11 66.94
N PHE K 769 28.48 24.04 66.24
CA PHE K 769 29.74 23.87 66.96
C PHE K 769 30.58 25.13 67.09
N ALA K 770 30.48 26.09 66.18
CA ALA K 770 31.38 27.25 66.20
C ALA K 770 30.69 28.43 66.86
N GLN K 771 30.40 28.27 68.14
CA GLN K 771 29.67 29.29 68.90
C GLN K 771 30.58 30.20 69.72
N VAL K 772 31.85 29.86 69.87
CA VAL K 772 32.81 30.69 70.60
C VAL K 772 34.02 30.93 69.70
N LYS K 773 34.59 32.12 69.79
CA LYS K 773 35.73 32.49 68.97
C LYS K 773 37.05 32.49 69.73
N GLN K 774 37.05 32.05 70.99
CA GLN K 774 38.27 31.90 71.78
C GLN K 774 38.48 30.42 72.05
N ILE K 775 39.73 29.98 71.99
CA ILE K 775 40.08 28.60 72.29
C ILE K 775 40.62 28.56 73.71
N TYR K 776 39.90 27.88 74.59
CA TYR K 776 40.28 27.83 76.00
C TYR K 776 40.99 26.51 76.32
N LYS K 777 41.88 26.58 77.31
CA LYS K 777 42.64 25.43 77.78
C LYS K 777 42.45 25.26 79.28
N THR K 778 42.49 24.01 79.73
CA THR K 778 42.43 23.71 81.16
C THR K 778 43.81 23.86 81.78
N PRO K 779 43.88 24.14 83.08
CA PRO K 779 45.18 24.27 83.74
C PRO K 779 45.90 22.93 83.75
N PRO K 780 47.24 22.95 83.77
CA PRO K 780 47.99 21.68 83.77
C PRO K 780 47.75 20.83 85.00
N ILE K 781 47.31 21.42 86.11
CA ILE K 781 47.00 20.67 87.33
C ILE K 781 45.49 20.53 87.44
N LYS K 782 45.01 19.29 87.44
CA LYS K 782 43.58 18.99 87.46
C LYS K 782 43.08 18.82 88.89
N ASP K 783 43.03 19.93 89.62
CA ASP K 783 42.57 19.96 91.01
C ASP K 783 41.31 20.81 91.07
N PHE K 784 40.16 20.15 90.98
CA PHE K 784 38.86 20.82 90.94
C PHE K 784 38.01 20.51 92.16
N GLY K 785 38.64 20.36 93.32
CA GLY K 785 37.92 20.15 94.55
C GLY K 785 37.39 18.75 94.77
N GLY K 786 37.91 17.79 94.01
CA GLY K 786 37.49 16.41 94.11
C GLY K 786 36.70 15.91 92.93
N PHE K 787 36.24 16.79 92.05
CA PHE K 787 35.51 16.39 90.86
C PHE K 787 36.50 15.93 89.79
N ASN K 788 36.14 14.88 89.06
CA ASN K 788 37.03 14.24 88.11
C ASN K 788 36.42 14.33 86.72
N PHE K 789 37.13 14.98 85.80
CA PHE K 789 36.64 15.19 84.44
C PHE K 789 37.46 14.43 83.40
N SER K 790 38.14 13.35 83.81
CA SER K 790 39.13 12.73 82.93
C SER K 790 38.48 12.00 81.76
N GLN K 791 37.27 11.48 81.94
CA GLN K 791 36.61 10.72 80.88
C GLN K 791 36.07 11.61 79.76
N ILE K 792 35.96 12.91 79.98
CA ILE K 792 35.47 13.82 78.96
C ILE K 792 36.51 14.80 78.46
N LEU K 793 37.66 14.91 79.12
CA LEU K 793 38.71 15.80 78.68
C LEU K 793 39.61 15.10 77.66
N PRO K 794 40.26 15.86 76.78
CA PRO K 794 41.09 15.25 75.73
C PRO K 794 42.22 14.41 76.30
N ASP K 795 42.51 13.30 75.63
CA ASP K 795 43.54 12.38 76.08
C ASP K 795 44.83 12.64 75.32
N PRO K 796 45.90 13.09 75.99
CA PRO K 796 47.16 13.34 75.28
C PRO K 796 47.78 12.09 74.66
N SER K 797 47.59 10.92 75.26
CA SER K 797 48.23 9.71 74.75
C SER K 797 47.77 9.35 73.35
N LYS K 798 46.48 9.47 73.06
CA LYS K 798 46.02 9.12 71.71
C LYS K 798 46.48 10.15 70.69
N PRO K 799 46.82 9.71 69.48
CA PRO K 799 47.17 10.68 68.43
C PRO K 799 46.02 11.56 68.00
N SER K 800 44.77 11.14 68.22
CA SER K 800 43.60 11.88 67.77
C SER K 800 43.20 13.01 68.69
N LYS K 801 43.78 13.08 69.89
CA LYS K 801 43.43 14.11 70.88
C LYS K 801 41.95 14.08 71.22
N ARG K 802 41.39 12.87 71.31
CA ARG K 802 40.00 12.69 71.66
C ARG K 802 39.88 12.25 73.11
N SER K 803 38.69 12.49 73.68
CA SER K 803 38.39 12.00 75.00
C SER K 803 38.03 10.52 74.93
N PRO K 804 38.10 9.79 76.05
CA PRO K 804 37.71 8.37 76.03
C PRO K 804 36.30 8.13 75.53
N ILE K 805 35.33 8.97 75.92
CA ILE K 805 33.96 8.77 75.49
C ILE K 805 33.80 9.07 74.01
N GLU K 806 34.48 10.12 73.52
CA GLU K 806 34.45 10.39 72.08
C GLU K 806 35.09 9.28 71.28
N ASP K 807 36.18 8.70 71.80
CA ASP K 807 36.80 7.56 71.14
C ASP K 807 35.85 6.38 71.06
N LEU K 808 35.14 6.10 72.16
CA LEU K 808 34.16 5.02 72.15
C LEU K 808 33.03 5.30 71.17
N LEU K 809 32.55 6.54 71.11
CA LEU K 809 31.47 6.89 70.19
C LEU K 809 31.90 6.74 68.74
N PHE K 810 33.14 7.13 68.43
CA PHE K 810 33.60 7.01 67.05
C PHE K 810 33.88 5.57 66.67
N ASN K 811 34.26 4.74 67.65
CA ASN K 811 34.41 3.32 67.37
C ASN K 811 33.07 2.63 67.17
N LYS K 812 32.02 3.08 67.88
CA LYS K 812 30.74 2.38 67.87
C LYS K 812 29.84 2.75 66.70
N VAL K 813 30.22 3.69 65.85
CA VAL K 813 29.43 4.08 64.69
C VAL K 813 30.26 3.82 63.44
N THR K 814 29.71 3.03 62.52
CA THR K 814 30.37 2.73 61.25
C THR K 814 29.45 3.06 60.08
N ASN K 843 29.04 6.50 38.14
CA ASN K 843 28.02 6.80 37.14
C ASN K 843 27.62 8.26 37.18
N GLY K 844 28.59 9.12 37.50
CA GLY K 844 28.31 10.52 37.75
C GLY K 844 28.13 10.86 39.21
N LEU K 845 28.32 9.91 40.12
CA LEU K 845 28.11 10.11 41.53
C LEU K 845 29.43 10.48 42.21
N THR K 846 29.42 11.56 42.98
CA THR K 846 30.59 12.01 43.72
C THR K 846 30.19 12.41 45.13
N VAL K 847 31.15 12.38 46.04
CA VAL K 847 30.95 12.76 47.43
C VAL K 847 31.93 13.87 47.77
N LEU K 848 31.43 14.97 48.33
CA LEU K 848 32.26 16.10 48.67
C LEU K 848 32.72 16.00 50.13
N PRO K 849 33.94 16.41 50.45
CA PRO K 849 34.38 16.38 51.84
C PRO K 849 33.84 17.57 52.61
N PRO K 850 33.55 17.40 53.90
CA PRO K 850 33.07 18.53 54.70
C PRO K 850 34.16 19.57 54.95
N LEU K 851 33.72 20.81 55.15
CA LEU K 851 34.66 21.91 55.37
C LEU K 851 35.47 21.73 56.64
N LEU K 852 34.81 21.34 57.74
CA LEU K 852 35.47 21.12 59.02
C LEU K 852 35.82 19.64 59.14
N THR K 853 37.07 19.36 59.51
CA THR K 853 37.46 18.00 59.79
C THR K 853 37.00 17.59 61.20
N ASP K 854 37.06 16.30 61.48
CA ASP K 854 36.64 15.80 62.78
C ASP K 854 37.55 16.29 63.90
N GLU K 855 38.83 16.50 63.59
CA GLU K 855 39.78 16.99 64.59
C GLU K 855 39.45 18.41 65.02
N MET K 856 39.02 19.27 64.08
CA MET K 856 38.66 20.64 64.45
C MET K 856 37.35 20.69 65.22
N ILE K 857 36.40 19.80 64.93
CA ILE K 857 35.19 19.71 65.73
C ILE K 857 35.52 19.26 67.16
N ALA K 858 36.42 18.29 67.29
CA ALA K 858 36.86 17.88 68.62
C ALA K 858 37.55 19.01 69.36
N GLN K 859 38.31 19.84 68.65
CA GLN K 859 38.94 21.01 69.27
C GLN K 859 37.90 22.02 69.75
N TYR K 860 36.84 22.25 68.96
CA TYR K 860 35.75 23.11 69.39
C TYR K 860 35.09 22.59 70.67
N THR K 861 34.82 21.29 70.72
CA THR K 861 34.17 20.74 71.91
C THR K 861 35.08 20.84 73.13
N SER K 862 36.39 20.63 72.96
CA SER K 862 37.29 20.76 74.09
C SER K 862 37.38 22.20 74.58
N ALA K 863 37.31 23.17 73.66
CA ALA K 863 37.26 24.56 74.09
C ALA K 863 36.00 24.87 74.89
N LEU K 864 34.86 24.33 74.46
CA LEU K 864 33.62 24.54 75.23
C LEU K 864 33.72 23.93 76.62
N LEU K 865 34.30 22.72 76.73
CA LEU K 865 34.47 22.11 78.04
C LEU K 865 35.38 22.93 78.94
N ALA K 866 36.52 23.38 78.42
CA ALA K 866 37.43 24.17 79.24
C ALA K 866 36.78 25.46 79.69
N GLY K 867 36.06 26.13 78.79
CA GLY K 867 35.37 27.35 79.16
C GLY K 867 34.37 27.13 80.27
N THR K 868 33.57 26.07 80.18
CA THR K 868 32.57 25.86 81.21
C THR K 868 33.15 25.35 82.52
N ILE K 869 34.33 24.72 82.49
CA ILE K 869 34.91 24.20 83.74
C ILE K 869 35.66 25.30 84.48
N THR K 870 36.35 26.19 83.77
CA THR K 870 37.17 27.17 84.48
C THR K 870 36.46 28.48 84.78
N SER K 871 35.34 28.78 84.14
CA SER K 871 34.75 30.10 84.27
C SER K 871 33.23 30.13 84.40
N GLY K 872 32.56 28.98 84.45
CA GLY K 872 31.13 28.98 84.68
C GLY K 872 30.37 29.31 83.41
N TRP K 873 29.34 30.15 83.56
CA TRP K 873 28.59 30.66 82.41
C TRP K 873 29.04 32.03 81.95
N THR K 874 30.12 32.58 82.50
CA THR K 874 30.49 33.95 82.17
C THR K 874 31.07 34.06 80.77
N PHE K 875 31.69 32.99 80.25
CA PHE K 875 32.34 33.08 78.96
C PHE K 875 31.35 33.11 77.79
N GLY K 876 30.09 32.75 78.03
CA GLY K 876 29.10 32.82 76.98
C GLY K 876 28.42 34.16 76.81
N ALA K 877 28.68 35.12 77.71
CA ALA K 877 28.04 36.42 77.66
C ALA K 877 29.03 37.59 77.70
N GLY K 878 30.33 37.33 77.56
CA GLY K 878 31.32 38.37 77.65
C GLY K 878 32.69 37.79 77.92
N PRO K 879 33.56 38.57 78.55
CA PRO K 879 34.86 38.02 78.97
C PRO K 879 34.70 36.90 79.97
N ALA K 880 35.61 35.93 79.90
CA ALA K 880 35.59 34.77 80.78
C ALA K 880 36.22 35.13 82.12
N LEU K 881 35.47 34.93 83.20
CA LEU K 881 35.94 35.26 84.55
C LEU K 881 36.09 33.98 85.36
N GLN K 882 37.28 33.77 85.92
CA GLN K 882 37.56 32.54 86.63
C GLN K 882 36.87 32.50 87.99
N ILE K 883 36.58 31.28 88.44
CA ILE K 883 35.91 31.03 89.72
C ILE K 883 36.23 29.59 90.10
N PRO K 884 36.48 29.28 91.38
CA PRO K 884 36.68 27.88 91.76
C PRO K 884 35.43 27.04 91.52
N PHE K 885 35.64 25.79 91.14
CA PHE K 885 34.53 24.93 90.72
C PHE K 885 33.52 24.65 91.82
N PRO K 886 33.90 24.36 93.08
CA PRO K 886 32.87 24.22 94.12
C PRO K 886 32.00 25.46 94.33
N MET K 887 32.57 26.65 94.18
CA MET K 887 31.75 27.86 94.25
C MET K 887 30.77 27.95 93.08
N GLN K 888 31.21 27.55 91.89
CA GLN K 888 30.30 27.46 90.75
C GLN K 888 29.15 26.50 91.02
N MET K 889 29.45 25.34 91.59
CA MET K 889 28.41 24.36 91.89
C MET K 889 27.47 24.88 92.97
N ALA K 890 27.98 25.69 93.90
CA ALA K 890 27.12 26.34 94.89
C ALA K 890 26.19 27.35 94.24
N TYR K 891 26.68 28.10 93.26
CA TYR K 891 25.83 29.00 92.49
C TYR K 891 24.70 28.24 91.81
N ARG K 892 25.04 27.09 91.22
CA ARG K 892 24.04 26.31 90.52
C ARG K 892 23.04 25.67 91.49
N PHE K 893 23.46 25.35 92.71
CA PHE K 893 22.48 24.93 93.71
C PHE K 893 21.53 26.06 94.07
N ASN K 894 22.05 27.28 94.22
CA ASN K 894 21.13 28.41 94.39
C ASN K 894 20.18 28.54 93.22
N GLY K 895 20.60 28.17 92.01
CA GLY K 895 19.73 28.29 90.86
C GLY K 895 18.48 27.43 90.94
N ILE K 896 18.54 26.32 91.68
CA ILE K 896 17.40 25.41 91.75
C ILE K 896 16.70 25.49 93.09
N GLY K 897 17.05 26.49 93.89
CA GLY K 897 16.35 26.71 95.15
C GLY K 897 16.88 25.96 96.35
N VAL K 898 18.17 25.64 96.39
CA VAL K 898 18.80 24.98 97.52
C VAL K 898 19.93 25.87 98.02
N THR K 899 20.05 26.02 99.34
CA THR K 899 21.04 26.93 99.90
C THR K 899 22.45 26.39 99.73
N GLN K 900 23.43 27.29 99.83
CA GLN K 900 24.83 26.97 99.54
C GLN K 900 25.42 26.00 100.56
N ASN K 901 25.04 26.15 101.83
CA ASN K 901 25.63 25.33 102.88
C ASN K 901 25.33 23.86 102.66
N VAL K 902 24.25 23.56 101.95
CA VAL K 902 23.92 22.17 101.62
C VAL K 902 25.03 21.57 100.76
N LEU K 903 25.54 22.34 99.81
CA LEU K 903 26.63 21.87 98.97
C LEU K 903 27.96 21.87 99.71
N TYR K 904 28.23 22.93 100.48
CA TYR K 904 29.53 23.02 101.14
C TYR K 904 29.67 21.98 102.24
N GLU K 905 28.55 21.49 102.78
CA GLU K 905 28.63 20.53 103.88
C GLU K 905 28.56 19.09 103.37
N ASN K 906 28.27 18.89 102.10
CA ASN K 906 28.20 17.55 101.50
C ASN K 906 29.11 17.42 100.29
N GLN K 907 30.26 18.08 100.29
CA GLN K 907 31.03 18.24 99.07
C GLN K 907 31.64 16.93 98.58
N LYS K 908 32.24 16.15 99.47
CA LYS K 908 32.86 14.89 99.07
C LYS K 908 31.84 13.90 98.53
N LEU K 909 30.68 13.82 99.19
CA LEU K 909 29.63 12.91 98.75
C LEU K 909 29.14 13.28 97.35
N ILE K 910 28.94 14.57 97.10
CA ILE K 910 28.46 15.02 95.79
C ILE K 910 29.51 14.73 94.72
N ALA K 911 30.79 14.97 95.02
CA ALA K 911 31.83 14.65 94.06
C ALA K 911 31.88 13.16 93.74
N ASN K 912 31.75 12.32 94.77
CA ASN K 912 31.76 10.87 94.55
C ASN K 912 30.58 10.43 93.70
N GLN K 913 29.39 10.98 93.96
CA GLN K 913 28.23 10.65 93.15
C GLN K 913 28.42 11.06 91.70
N PHE K 914 28.97 12.25 91.46
CA PHE K 914 29.21 12.70 90.10
C PHE K 914 30.20 11.78 89.37
N ASN K 915 31.29 11.39 90.04
CA ASN K 915 32.26 10.50 89.42
C ASN K 915 31.65 9.14 89.08
N SER K 916 30.87 8.58 90.01
CA SER K 916 30.22 7.31 89.75
C SER K 916 29.27 7.40 88.56
N ALA K 917 28.52 8.49 88.47
CA ALA K 917 27.56 8.63 87.36
C ALA K 917 28.26 8.73 86.02
N ILE K 918 29.39 9.45 85.96
CA ILE K 918 30.15 9.50 84.71
C ILE K 918 30.68 8.12 84.32
N GLY K 919 31.21 7.38 85.30
CA GLY K 919 31.66 6.02 85.01
C GLY K 919 30.56 5.12 84.51
N LYS K 920 29.37 5.22 85.11
CA LYS K 920 28.23 4.45 84.63
C LYS K 920 27.85 4.84 83.21
N ILE K 921 27.93 6.12 82.86
CA ILE K 921 27.66 6.52 81.48
C ILE K 921 28.60 5.80 80.53
N GLN K 922 29.89 5.78 80.86
CA GLN K 922 30.83 5.08 79.99
C GLN K 922 30.49 3.60 79.86
N ASP K 923 30.20 2.94 80.99
CA ASP K 923 29.87 1.52 80.95
C ASP K 923 28.62 1.26 80.11
N SER K 924 27.57 2.08 80.30
CA SER K 924 26.33 1.89 79.57
C SER K 924 26.52 2.08 78.07
N LEU K 925 27.27 3.10 77.66
CA LEU K 925 27.55 3.26 76.24
C LEU K 925 28.31 2.06 75.69
N SER K 926 29.30 1.56 76.45
CA SER K 926 30.11 0.46 75.97
C SER K 926 29.40 -0.89 76.02
N SER K 927 28.26 -0.99 76.71
CA SER K 927 27.59 -2.27 76.89
C SER K 927 26.29 -2.41 76.10
N THR K 928 25.70 -1.32 75.62
CA THR K 928 24.45 -1.38 74.87
C THR K 928 24.73 -1.07 73.41
N PRO K 929 24.49 -2.01 72.49
CA PRO K 929 24.89 -1.79 71.09
C PRO K 929 23.93 -0.93 70.28
N SER K 930 22.72 -0.70 70.81
CA SER K 930 21.69 0.05 70.09
C SER K 930 21.56 1.50 70.57
N ALA K 931 22.57 2.01 71.28
CA ALA K 931 22.44 3.34 71.88
C ALA K 931 22.44 4.44 70.83
N LEU K 932 23.21 4.26 69.76
CA LEU K 932 23.45 5.30 68.77
C LEU K 932 22.65 5.10 67.49
N GLY K 933 21.39 4.68 67.62
CA GLY K 933 20.61 4.27 66.47
C GLY K 933 20.14 5.39 65.56
N LYS K 934 20.08 6.63 66.06
CA LYS K 934 19.58 7.73 65.23
C LYS K 934 20.57 8.09 64.12
N LEU K 935 21.85 8.21 64.48
CA LEU K 935 22.87 8.47 63.47
C LEU K 935 22.94 7.33 62.46
N GLN K 936 22.83 6.09 62.96
CA GLN K 936 22.81 4.93 62.08
C GLN K 936 21.62 4.97 61.13
N ASP K 937 20.45 5.39 61.61
CA ASP K 937 19.30 5.49 60.73
C ASP K 937 19.53 6.50 59.62
N VAL K 938 20.10 7.65 59.95
CA VAL K 938 20.39 8.64 58.91
C VAL K 938 21.33 8.04 57.85
N VAL K 939 22.42 7.42 58.30
CA VAL K 939 23.40 6.86 57.37
C VAL K 939 22.76 5.77 56.50
N ASN K 940 21.99 4.89 57.12
CA ASN K 940 21.38 3.78 56.39
C ASN K 940 20.36 4.26 55.37
N GLN K 941 19.54 5.26 55.73
CA GLN K 941 18.57 5.78 54.78
C GLN K 941 19.25 6.41 53.58
N ASN K 942 20.32 7.17 53.81
CA ASN K 942 21.01 7.77 52.67
C ASN K 942 21.61 6.70 51.76
N ALA K 943 22.28 5.70 52.35
CA ALA K 943 22.89 4.65 51.54
C ALA K 943 21.85 3.86 50.77
N GLN K 944 20.72 3.56 51.39
CA GLN K 944 19.67 2.81 50.71
C GLN K 944 19.09 3.59 49.54
N ALA K 945 18.82 4.88 49.72
CA ALA K 945 18.30 5.67 48.61
C ALA K 945 19.29 5.72 47.45
N LEU K 946 20.58 5.87 47.76
CA LEU K 946 21.57 5.95 46.69
C LEU K 946 21.68 4.62 45.95
N ASN K 947 21.61 3.50 46.68
CA ASN K 947 21.63 2.20 46.04
C ASN K 947 20.42 2.00 45.14
N THR K 948 19.23 2.42 45.59
CA THR K 948 18.05 2.31 44.75
C THR K 948 18.20 3.13 43.46
N LEU K 949 18.77 4.34 43.58
CA LEU K 949 19.00 5.14 42.38
C LEU K 949 19.95 4.44 41.42
N VAL K 950 21.05 3.87 41.93
CA VAL K 950 22.00 3.20 41.05
C VAL K 950 21.37 1.97 40.42
N LYS K 951 20.53 1.25 41.17
CA LYS K 951 19.94 0.02 40.66
C LYS K 951 18.88 0.30 39.60
N GLN K 952 18.16 1.43 39.71
CA GLN K 952 17.16 1.77 38.71
C GLN K 952 17.75 1.93 37.31
N LEU K 953 19.06 1.95 37.18
CA LEU K 953 19.69 2.26 35.91
C LEU K 953 19.77 1.04 34.99
N SER K 954 19.44 -0.15 35.50
CA SER K 954 19.43 -1.35 34.69
C SER K 954 18.03 -1.84 34.35
N SER K 955 17.04 -0.94 34.32
CA SER K 955 15.69 -1.27 33.87
C SER K 955 15.48 -0.70 32.47
N ASN K 956 14.72 -1.41 31.64
CA ASN K 956 14.53 -0.99 30.27
C ASN K 956 13.30 -0.12 30.05
N PHE K 957 12.40 -0.06 31.03
CA PHE K 957 11.24 0.85 31.00
C PHE K 957 10.39 0.64 29.76
N GLY K 958 10.32 -0.60 29.29
CA GLY K 958 9.53 -0.91 28.12
C GLY K 958 10.25 -0.83 26.79
N ALA K 959 11.55 -0.55 26.79
CA ALA K 959 12.32 -0.58 25.55
C ALA K 959 12.79 -2.00 25.28
N ILE K 960 13.68 -2.12 24.27
CA ILE K 960 14.22 -3.44 23.92
C ILE K 960 15.39 -3.81 24.81
N SER K 961 16.16 -2.82 25.25
CA SER K 961 17.33 -3.10 26.08
C SER K 961 17.57 -1.93 27.02
N SER K 962 18.26 -2.23 28.12
CA SER K 962 18.68 -1.22 29.08
C SER K 962 20.11 -0.74 28.84
N VAL K 963 20.76 -1.19 27.78
CA VAL K 963 22.11 -0.77 27.44
C VAL K 963 22.03 0.10 26.19
N LEU K 964 22.50 1.34 26.30
CA LEU K 964 22.46 2.25 25.16
C LEU K 964 23.35 1.77 24.02
N ASN K 965 24.53 1.23 24.36
CA ASN K 965 25.47 0.81 23.33
C ASN K 965 24.91 -0.35 22.50
N ASP K 966 24.24 -1.31 23.14
CA ASP K 966 23.65 -2.43 22.40
C ASP K 966 22.59 -1.95 21.42
N ILE K 967 21.69 -1.06 21.87
CA ILE K 967 20.67 -0.55 20.98
C ILE K 967 21.29 0.25 19.83
N LEU K 968 22.29 1.07 20.13
CA LEU K 968 22.95 1.84 19.10
C LEU K 968 23.65 0.96 18.07
N SER K 969 24.27 -0.13 18.51
CA SER K 969 25.01 -1.00 17.61
C SER K 969 24.11 -2.02 16.92
N ARG K 970 22.86 -2.18 17.33
CA ARG K 970 22.01 -3.17 16.70
C ARG K 970 20.85 -2.58 15.92
N LEU K 971 20.54 -1.29 16.10
CA LEU K 971 19.43 -0.64 15.41
C LEU K 971 19.86 0.71 14.85
N ASP K 972 19.09 1.19 13.88
CA ASP K 972 19.40 2.44 13.20
C ASP K 972 18.81 3.64 13.94
N PRO K 973 19.30 4.85 13.69
CA PRO K 973 18.87 6.03 14.47
C PRO K 973 17.37 6.28 14.41
N PRO K 974 16.67 6.03 13.29
CA PRO K 974 15.23 6.33 13.27
C PRO K 974 14.43 5.65 14.37
N GLU K 975 14.80 4.44 14.77
CA GLU K 975 14.09 3.69 15.80
C GLU K 975 14.84 3.61 17.12
N ALA K 976 16.18 3.61 17.04
CA ALA K 976 16.97 3.79 18.25
C ALA K 976 16.60 5.09 18.94
N GLU K 977 16.14 6.08 18.18
CA GLU K 977 15.68 7.33 18.78
C GLU K 977 14.50 7.09 19.72
N VAL K 978 13.51 6.30 19.28
CA VAL K 978 12.35 6.01 20.11
C VAL K 978 12.77 5.22 21.35
N GLN K 979 13.60 4.20 21.17
CA GLN K 979 14.04 3.41 22.31
C GLN K 979 14.81 4.26 23.32
N ILE K 980 15.71 5.12 22.82
CA ILE K 980 16.51 5.98 23.67
C ILE K 980 15.62 6.98 24.41
N ASP K 981 14.56 7.48 23.75
CA ASP K 981 13.65 8.39 24.40
C ASP K 981 12.93 7.72 25.56
N ARG K 982 12.54 6.45 25.39
CA ARG K 982 11.96 5.71 26.51
C ARG K 982 12.94 5.60 27.67
N LEU K 983 14.18 5.24 27.36
CA LEU K 983 15.19 5.13 28.43
C LEU K 983 15.37 6.46 29.15
N ILE K 984 15.42 7.56 28.39
CA ILE K 984 15.65 8.87 28.99
C ILE K 984 14.50 9.26 29.91
N THR K 985 13.25 9.04 29.47
CA THR K 985 12.15 9.43 30.35
C THR K 985 12.16 8.62 31.64
N GLY K 986 12.44 7.32 31.56
CA GLY K 986 12.50 6.52 32.79
C GLY K 986 13.59 7.00 33.74
N ARG K 987 14.79 7.24 33.21
CA ARG K 987 15.90 7.63 34.08
C ARG K 987 15.70 9.03 34.66
N LEU K 988 15.11 9.94 33.88
CA LEU K 988 14.82 11.27 34.41
C LEU K 988 13.80 11.21 35.54
N GLN K 989 12.79 10.35 35.40
CA GLN K 989 11.83 10.20 36.50
C GLN K 989 12.51 9.68 37.76
N SER K 990 13.40 8.70 37.60
CA SER K 990 14.11 8.18 38.78
C SER K 990 14.93 9.27 39.46
N LEU K 991 15.65 10.08 38.67
CA LEU K 991 16.46 11.14 39.24
C LEU K 991 15.61 12.17 39.98
N GLN K 992 14.45 12.55 39.41
CA GLN K 992 13.60 13.53 40.07
C GLN K 992 13.06 12.99 41.40
N THR K 993 12.68 11.72 41.43
CA THR K 993 12.21 11.13 42.69
C THR K 993 13.29 11.18 43.76
N TYR K 994 14.52 10.82 43.38
CA TYR K 994 15.62 10.85 44.34
C TYR K 994 15.84 12.26 44.88
N VAL K 995 15.82 13.26 44.01
CA VAL K 995 16.07 14.63 44.46
C VAL K 995 14.99 15.11 45.40
N THR K 996 13.71 14.80 45.12
CA THR K 996 12.65 15.26 46.00
C THR K 996 12.76 14.65 47.40
N GLN K 997 13.01 13.35 47.47
CA GLN K 997 13.14 12.76 48.81
C GLN K 997 14.38 13.27 49.53
N GLN K 998 15.45 13.61 48.80
CA GLN K 998 16.61 14.23 49.44
C GLN K 998 16.25 15.59 50.04
N LEU K 999 15.46 16.38 49.33
CA LEU K 999 15.06 17.69 49.87
C LEU K 999 14.26 17.54 51.16
N ILE K 1000 13.35 16.58 51.20
CA ILE K 1000 12.54 16.39 52.40
C ILE K 1000 13.40 15.95 53.59
N ARG K 1001 14.31 15.00 53.37
CA ARG K 1001 15.19 14.59 54.46
C ARG K 1001 16.11 15.73 54.90
N ALA K 1002 16.55 16.57 53.98
CA ALA K 1002 17.37 17.71 54.36
C ALA K 1002 16.62 18.66 55.26
N ALA K 1003 15.34 18.90 54.99
CA ALA K 1003 14.55 19.76 55.88
C ALA K 1003 14.47 19.17 57.29
N GLU K 1004 14.26 17.85 57.38
CA GLU K 1004 14.21 17.22 58.70
C GLU K 1004 15.55 17.36 59.46
N ILE K 1005 16.67 17.15 58.75
CA ILE K 1005 17.98 17.30 59.38
C ILE K 1005 18.21 18.73 59.84
N ARG K 1006 17.75 19.72 59.07
CA ARG K 1006 17.92 21.10 59.47
C ARG K 1006 17.16 21.41 60.74
N ALA K 1007 15.95 20.86 60.88
CA ALA K 1007 15.22 21.04 62.14
C ALA K 1007 15.98 20.45 63.31
N SER K 1008 16.54 19.25 63.14
CA SER K 1008 17.30 18.64 64.23
C SER K 1008 18.53 19.47 64.60
N ALA K 1009 19.22 20.02 63.61
CA ALA K 1009 20.40 20.84 63.89
C ALA K 1009 20.03 22.15 64.59
N ASN K 1010 18.89 22.75 64.25
CA ASN K 1010 18.45 23.93 64.98
C ASN K 1010 18.17 23.61 66.44
N LEU K 1011 17.55 22.46 66.71
CA LEU K 1011 17.34 22.05 68.09
C LEU K 1011 18.68 21.87 68.82
N ALA K 1012 19.66 21.26 68.17
CA ALA K 1012 20.96 21.06 68.80
C ALA K 1012 21.65 22.38 69.10
N ALA K 1013 21.53 23.36 68.20
CA ALA K 1013 22.11 24.67 68.46
C ALA K 1013 21.46 25.35 69.65
N THR K 1014 20.14 25.25 69.76
CA THR K 1014 19.46 25.81 70.93
C THR K 1014 19.90 25.14 72.22
N LYS K 1015 20.04 23.81 72.21
CA LYS K 1015 20.50 23.11 73.41
C LYS K 1015 21.93 23.48 73.78
N MET K 1016 22.80 23.66 72.79
CA MET K 1016 24.16 24.09 73.11
C MET K 1016 24.17 25.49 73.73
N SER K 1017 23.33 26.40 73.24
CA SER K 1017 23.27 27.72 73.85
C SER K 1017 22.70 27.68 75.26
N GLU K 1018 21.66 26.88 75.49
CA GLU K 1018 20.88 27.03 76.73
C GLU K 1018 21.22 26.02 77.83
N CYS K 1019 21.79 24.88 77.50
CA CYS K 1019 22.16 23.91 78.53
C CYS K 1019 23.66 23.86 78.80
N VAL K 1020 24.49 24.21 77.83
CA VAL K 1020 25.93 24.20 78.01
C VAL K 1020 26.46 25.57 78.39
N LEU K 1021 25.87 26.63 77.86
CA LEU K 1021 26.31 27.99 78.12
C LEU K 1021 25.48 28.69 79.19
N GLY K 1022 24.56 27.98 79.84
CA GLY K 1022 23.78 28.57 80.90
C GLY K 1022 23.14 27.48 81.73
N GLN K 1023 22.31 27.90 82.68
CA GLN K 1023 21.48 27.00 83.47
C GLN K 1023 20.02 27.25 83.12
N SER K 1024 19.29 26.18 82.81
CA SER K 1024 17.96 26.29 82.23
C SER K 1024 16.88 26.01 83.27
N LYS K 1025 15.81 26.81 83.23
CA LYS K 1025 14.65 26.57 84.07
C LYS K 1025 13.52 25.85 83.36
N ARG K 1026 13.64 25.62 82.05
CA ARG K 1026 12.59 24.93 81.31
C ARG K 1026 12.55 23.46 81.71
N VAL K 1027 11.35 22.95 81.96
CA VAL K 1027 11.18 21.60 82.47
C VAL K 1027 11.41 20.60 81.35
N ASP K 1028 12.30 19.64 81.58
CA ASP K 1028 12.64 18.54 80.69
C ASP K 1028 13.35 18.97 79.42
N PHE K 1029 13.96 20.16 79.41
CA PHE K 1029 14.70 20.59 78.24
C PHE K 1029 16.13 20.08 78.26
N CYS K 1030 16.74 19.96 79.43
CA CYS K 1030 18.12 19.53 79.59
C CYS K 1030 18.19 18.35 80.55
N GLY K 1031 17.34 17.35 80.35
CA GLY K 1031 17.37 16.15 81.15
C GLY K 1031 16.12 15.97 82.00
N LYS K 1032 16.17 14.98 82.88
CA LYS K 1032 15.06 14.65 83.77
C LYS K 1032 15.44 14.92 85.22
N GLY K 1033 14.86 15.96 85.79
CA GLY K 1033 15.23 16.48 87.09
C GLY K 1033 15.42 17.98 87.05
N TYR K 1034 16.11 18.50 88.07
CA TYR K 1034 16.45 19.91 88.11
C TYR K 1034 17.83 20.12 87.51
N HIS K 1035 17.89 20.86 86.41
CA HIS K 1035 19.12 20.95 85.63
C HIS K 1035 20.22 21.66 86.43
N LEU K 1036 21.40 21.03 86.48
CA LEU K 1036 22.59 21.66 87.04
C LEU K 1036 23.54 22.12 85.93
N MET K 1037 23.95 21.22 85.04
CA MET K 1037 24.87 21.61 83.97
C MET K 1037 24.89 20.55 82.87
N SER K 1038 25.59 20.84 81.78
CA SER K 1038 25.63 19.95 80.64
C SER K 1038 27.01 20.02 79.98
N PHE K 1039 27.40 18.90 79.36
CA PHE K 1039 28.69 18.74 78.70
C PHE K 1039 28.50 18.22 77.28
N PRO K 1040 29.13 18.83 76.28
CA PRO K 1040 29.03 18.32 74.91
C PRO K 1040 30.15 17.37 74.52
N GLN K 1041 29.82 16.42 73.65
CA GLN K 1041 30.80 15.52 73.03
C GLN K 1041 30.43 15.37 71.56
N SER K 1042 31.43 15.26 70.70
CA SER K 1042 31.16 15.14 69.27
C SER K 1042 31.07 13.67 68.85
N ALA K 1043 30.23 13.43 67.86
CA ALA K 1043 30.02 12.10 67.31
C ALA K 1043 29.93 12.24 65.80
N PRO K 1044 30.17 11.15 65.04
CA PRO K 1044 30.05 11.24 63.58
C PRO K 1044 28.72 11.78 63.12
N HIS K 1045 28.73 12.98 62.53
CA HIS K 1045 27.53 13.68 62.06
C HIS K 1045 26.54 13.96 63.20
N GLY K 1046 27.03 14.17 64.41
CA GLY K 1046 26.09 14.43 65.49
C GLY K 1046 26.77 14.92 66.75
N VAL K 1047 25.95 15.16 67.75
CA VAL K 1047 26.39 15.67 69.04
C VAL K 1047 25.73 14.86 70.14
N VAL K 1048 26.43 14.67 71.24
CA VAL K 1048 25.92 13.98 72.42
C VAL K 1048 26.03 14.94 73.60
N PHE K 1049 24.95 15.07 74.36
CA PHE K 1049 24.92 15.92 75.54
C PHE K 1049 24.85 15.05 76.78
N LEU K 1050 25.73 15.31 77.74
CA LEU K 1050 25.67 14.73 79.08
C LEU K 1050 25.02 15.75 80.00
N HIS K 1051 23.81 15.46 80.46
CA HIS K 1051 23.07 16.34 81.34
C HIS K 1051 23.24 15.90 82.78
N VAL K 1052 23.65 16.82 83.64
CA VAL K 1052 23.82 16.60 85.07
C VAL K 1052 22.70 17.31 85.80
N THR K 1053 21.90 16.56 86.56
CA THR K 1053 20.72 17.06 87.25
C THR K 1053 20.71 16.59 88.71
N TYR K 1054 19.82 17.23 89.47
CA TYR K 1054 19.60 17.03 90.90
C TYR K 1054 18.26 16.34 91.10
N VAL K 1055 18.24 15.24 91.84
CA VAL K 1055 17.01 14.47 92.04
C VAL K 1055 16.76 14.34 93.53
N PRO K 1056 15.59 14.72 94.04
CA PRO K 1056 15.29 14.52 95.46
C PRO K 1056 15.14 13.05 95.83
N ALA K 1057 15.39 12.73 97.10
CA ALA K 1057 15.33 11.35 97.54
C ALA K 1057 15.00 11.27 99.02
N GLN K 1058 14.44 10.13 99.42
CA GLN K 1058 14.17 9.77 100.81
C GLN K 1058 13.27 10.78 101.52
N GLU K 1059 12.04 10.89 101.05
CA GLU K 1059 11.11 11.88 101.62
C GLU K 1059 10.52 11.38 102.93
N LYS K 1060 9.93 12.32 103.67
CA LYS K 1060 9.33 12.04 104.97
C LYS K 1060 8.10 12.92 105.15
N ASN K 1061 7.14 12.43 105.95
CA ASN K 1061 5.87 13.11 106.14
C ASN K 1061 5.89 14.02 107.36
N PHE K 1062 5.18 15.15 107.26
CA PHE K 1062 5.07 16.13 108.33
C PHE K 1062 3.69 16.76 108.30
N THR K 1063 3.32 17.42 109.39
CA THR K 1063 2.10 18.21 109.46
C THR K 1063 2.46 19.64 109.08
N THR K 1064 1.54 20.34 108.43
CA THR K 1064 1.86 21.69 107.93
C THR K 1064 0.71 22.64 108.21
N ALA K 1065 1.02 23.93 108.14
CA ALA K 1065 0.06 25.00 108.38
C ALA K 1065 0.37 26.17 107.46
N PRO K 1066 -0.63 26.98 107.10
CA PRO K 1066 -0.37 28.14 106.24
C PRO K 1066 0.19 29.34 106.97
N ALA K 1067 -0.10 29.51 108.26
CA ALA K 1067 0.37 30.67 109.00
C ALA K 1067 0.44 30.32 110.48
N ILE K 1068 1.13 31.16 111.24
CA ILE K 1068 1.24 31.03 112.69
C ILE K 1068 0.56 32.21 113.34
N CYS K 1069 -0.30 31.94 114.30
CA CYS K 1069 -0.98 33.00 115.06
C CYS K 1069 -0.23 33.24 116.36
N HIS K 1070 0.24 34.46 116.58
CA HIS K 1070 0.97 34.80 117.79
C HIS K 1070 0.72 36.25 118.13
N ASP K 1071 0.36 36.51 119.38
CA ASP K 1071 0.16 37.87 119.90
C ASP K 1071 -0.88 38.60 119.07
N GLY K 1072 -1.88 37.86 118.59
CA GLY K 1072 -2.94 38.44 117.79
C GLY K 1072 -2.57 38.80 116.38
N LYS K 1073 -1.45 38.28 115.87
CA LYS K 1073 -0.99 38.59 114.53
C LYS K 1073 -0.69 37.30 113.77
N ALA K 1074 -0.78 37.38 112.44
CA ALA K 1074 -0.57 36.23 111.57
C ALA K 1074 0.79 36.33 110.89
N HIS K 1075 1.56 35.26 110.95
CA HIS K 1075 2.93 35.23 110.44
C HIS K 1075 3.03 34.19 109.33
N PHE K 1076 3.75 34.57 108.26
CA PHE K 1076 4.00 33.77 107.08
C PHE K 1076 5.50 33.63 106.86
N PRO K 1077 5.96 32.52 106.31
CA PRO K 1077 7.40 32.34 106.09
C PRO K 1077 7.92 33.20 104.97
N ARG K 1078 9.13 33.72 105.14
CA ARG K 1078 9.75 34.51 104.07
C ARG K 1078 10.12 33.64 102.88
N GLU K 1079 10.74 32.48 103.13
CA GLU K 1079 11.26 31.65 102.06
C GLU K 1079 10.89 30.19 102.16
N GLY K 1080 10.43 29.70 103.30
CA GLY K 1080 10.22 28.27 103.46
C GLY K 1080 8.79 27.87 103.76
N VAL K 1081 8.62 26.84 104.58
CA VAL K 1081 7.31 26.28 104.89
C VAL K 1081 7.33 25.83 106.35
N PHE K 1082 6.20 26.01 107.03
CA PHE K 1082 6.05 25.58 108.41
C PHE K 1082 5.77 24.07 108.47
N VAL K 1083 6.54 23.36 109.26
CA VAL K 1083 6.36 21.92 109.42
C VAL K 1083 6.33 21.56 110.90
N SER K 1084 5.74 20.40 111.18
CA SER K 1084 5.61 19.90 112.54
C SER K 1084 5.83 18.40 112.53
N ASN K 1085 6.66 17.93 113.48
CA ASN K 1085 6.95 16.52 113.68
C ASN K 1085 6.00 15.85 114.68
N GLY K 1086 5.01 16.58 115.19
CA GLY K 1086 4.07 16.03 116.14
C GLY K 1086 3.99 16.84 117.41
N THR K 1087 5.09 17.49 117.78
CA THR K 1087 5.15 18.22 119.04
C THR K 1087 5.60 19.66 118.85
N HIS K 1088 6.55 19.88 117.95
CA HIS K 1088 7.18 21.18 117.78
C HIS K 1088 7.05 21.67 116.34
N TRP K 1089 7.15 22.98 116.16
CA TRP K 1089 7.02 23.60 114.85
C TRP K 1089 8.33 24.23 114.41
N PHE K 1090 8.66 24.06 113.14
CA PHE K 1090 9.89 24.59 112.54
C PHE K 1090 9.58 25.20 111.18
N VAL K 1091 10.57 25.92 110.65
CA VAL K 1091 10.54 26.42 109.28
C VAL K 1091 11.62 25.69 108.49
N THR K 1092 11.27 25.15 107.34
CA THR K 1092 12.27 24.52 106.48
C THR K 1092 12.28 25.20 105.12
N GLN K 1093 13.39 25.03 104.41
CA GLN K 1093 13.40 25.26 102.98
C GLN K 1093 12.66 24.13 102.27
N ARG K 1094 12.09 24.43 101.11
CA ARG K 1094 11.08 23.56 100.54
C ARG K 1094 11.65 22.30 99.90
N ASN K 1095 12.89 22.32 99.42
CA ASN K 1095 13.42 21.20 98.65
C ASN K 1095 14.40 20.34 99.44
N PHE K 1096 14.64 20.65 100.70
CA PHE K 1096 15.60 19.91 101.51
C PHE K 1096 15.24 20.13 102.96
N TYR K 1097 15.21 19.05 103.74
CA TYR K 1097 14.75 19.13 105.12
C TYR K 1097 15.85 19.70 106.01
N GLU K 1098 15.57 20.84 106.63
CA GLU K 1098 16.56 21.54 107.46
C GLU K 1098 15.82 22.43 108.45
N PRO K 1099 15.31 21.86 109.53
CA PRO K 1099 14.41 22.61 110.41
C PRO K 1099 15.12 23.69 111.23
N GLN K 1100 14.39 24.77 111.51
CA GLN K 1100 14.90 25.90 112.25
C GLN K 1100 13.80 26.50 113.12
N ILE K 1101 14.22 27.29 114.11
CA ILE K 1101 13.29 27.88 115.07
C ILE K 1101 12.56 29.06 114.42
N ILE K 1102 11.25 29.13 114.64
CA ILE K 1102 10.42 30.19 114.06
C ILE K 1102 10.71 31.48 114.81
N THR K 1103 11.47 32.38 114.20
CA THR K 1103 11.77 33.68 114.77
C THR K 1103 11.17 34.77 113.89
N THR K 1104 11.39 36.03 114.27
CA THR K 1104 10.89 37.16 113.50
C THR K 1104 11.80 37.49 112.32
N ASP K 1105 12.92 36.79 112.16
CA ASP K 1105 13.83 37.08 111.06
C ASP K 1105 13.51 36.24 109.83
N ASN K 1106 12.87 35.09 110.00
CA ASN K 1106 12.48 34.26 108.87
C ASN K 1106 10.97 34.24 108.64
N THR K 1107 10.24 35.19 109.22
CA THR K 1107 8.82 35.34 108.97
C THR K 1107 8.50 36.80 108.71
N PHE K 1108 7.28 37.05 108.24
CA PHE K 1108 6.74 38.40 108.15
C PHE K 1108 5.27 38.36 108.56
N VAL K 1109 4.77 39.51 108.99
CA VAL K 1109 3.47 39.61 109.63
C VAL K 1109 2.52 40.42 108.76
N SER K 1110 1.27 39.97 108.67
CA SER K 1110 0.28 40.64 107.83
C SER K 1110 -1.12 40.28 108.35
N GLY K 1111 -1.79 41.25 108.96
CA GLY K 1111 -3.17 41.04 109.37
C GLY K 1111 -3.30 40.31 110.69
N ASN K 1112 -4.54 39.97 111.02
CA ASN K 1112 -4.86 39.27 112.25
C ASN K 1112 -5.22 37.82 111.94
N CYS K 1113 -5.64 37.08 112.97
CA CYS K 1113 -5.87 35.65 112.87
C CYS K 1113 -7.30 35.28 112.56
N ASP K 1114 -8.06 36.13 111.87
CA ASP K 1114 -9.47 35.88 111.66
C ASP K 1114 -9.83 35.51 110.22
N VAL K 1115 -8.93 35.68 109.27
CA VAL K 1115 -9.26 35.48 107.86
C VAL K 1115 -8.66 34.19 107.31
N VAL K 1116 -7.49 33.78 107.80
CA VAL K 1116 -6.79 32.63 107.23
C VAL K 1116 -7.43 31.35 107.74
N ILE K 1117 -7.63 30.39 106.84
CA ILE K 1117 -8.21 29.10 107.20
C ILE K 1117 -7.08 28.13 107.53
N GLY K 1118 -7.13 27.56 108.73
CA GLY K 1118 -6.12 26.61 109.14
C GLY K 1118 -4.96 27.19 109.91
N ILE K 1119 -5.10 28.38 110.47
CA ILE K 1119 -4.00 29.02 111.20
C ILE K 1119 -3.79 28.30 112.53
N VAL K 1120 -2.54 28.28 112.99
CA VAL K 1120 -2.13 27.50 114.15
C VAL K 1120 -1.51 28.44 115.19
N ASN K 1121 -1.81 28.17 116.46
CA ASN K 1121 -1.28 28.95 117.58
C ASN K 1121 0.09 28.41 117.97
N ASN K 1122 1.08 29.30 118.03
CA ASN K 1122 2.41 28.93 118.49
C ASN K 1122 3.19 30.20 118.78
N THR K 1123 4.37 30.03 119.38
CA THR K 1123 5.21 31.17 119.73
C THR K 1123 6.17 31.52 118.60
N VAL K 1124 6.53 32.80 118.52
CA VAL K 1124 7.49 33.30 117.56
C VAL K 1124 8.61 33.99 118.33
N TYR K 1125 9.76 33.34 118.41
CA TYR K 1125 10.86 33.83 119.23
C TYR K 1125 11.39 35.15 118.69
N ASP K 1126 11.79 36.03 119.61
CA ASP K 1126 12.34 37.34 119.25
C ASP K 1126 13.82 37.35 119.59
N PRO K 1127 14.72 37.35 118.60
CA PRO K 1127 16.15 37.22 118.92
C PRO K 1127 16.70 38.37 119.74
N LEU K 1128 16.17 39.58 119.57
CA LEU K 1128 16.63 40.72 120.34
C LEU K 1128 16.19 40.67 121.80
N GLN K 1129 15.22 39.82 122.13
CA GLN K 1129 14.67 39.83 123.48
C GLN K 1129 15.70 39.49 124.56
N PRO K 1130 16.57 38.49 124.41
CA PRO K 1130 17.69 38.35 125.36
C PRO K 1130 18.58 39.58 125.45
N GLU K 1131 18.78 40.31 124.36
CA GLU K 1131 19.82 41.34 124.31
C GLU K 1131 19.49 42.51 125.23
N LEU K 1132 18.27 43.05 125.16
CA LEU K 1132 17.92 44.16 126.05
C LEU K 1132 17.67 43.68 127.47
N ASP K 1133 17.40 42.39 127.66
CA ASP K 1133 17.22 41.85 129.00
C ASP K 1133 18.53 41.92 129.80
N SER K 1134 19.65 41.65 129.14
CA SER K 1134 20.95 41.69 129.79
C SER K 1134 21.61 43.06 129.63
N GLN L 1 -63.90 -45.43 14.78
CA GLN L 1 -65.17 -45.71 14.09
C GLN L 1 -65.94 -44.41 13.87
N ILE L 2 -66.51 -44.26 12.67
CA ILE L 2 -67.25 -43.06 12.30
C ILE L 2 -68.60 -43.47 11.75
N THR L 3 -69.52 -42.51 11.71
CA THR L 3 -70.85 -42.71 11.15
C THR L 3 -71.19 -41.54 10.23
N LEU L 4 -71.95 -41.84 9.18
CA LEU L 4 -72.47 -40.83 8.27
C LEU L 4 -73.94 -41.09 8.02
N LYS L 5 -74.75 -40.03 8.01
CA LYS L 5 -76.19 -40.17 7.84
C LYS L 5 -76.68 -39.11 6.85
N GLU L 6 -77.60 -39.53 5.98
CA GLU L 6 -78.22 -38.65 5.00
C GLU L 6 -79.63 -38.30 5.45
N SER L 7 -79.99 -37.02 5.28
CA SER L 7 -81.30 -36.53 5.69
C SER L 7 -81.79 -35.52 4.67
N GLY L 8 -83.12 -35.39 4.61
CA GLY L 8 -83.74 -34.48 3.68
C GLY L 8 -85.03 -35.06 3.10
N PRO L 9 -85.80 -34.22 2.42
CA PRO L 9 -87.06 -34.69 1.82
C PRO L 9 -86.79 -35.69 0.70
N THR L 10 -87.33 -36.90 0.88
CA THR L 10 -87.13 -37.96 -0.09
C THR L 10 -88.04 -37.84 -1.31
N LEU L 11 -89.08 -37.01 -1.24
CA LEU L 11 -90.02 -36.81 -2.33
C LEU L 11 -90.00 -35.34 -2.75
N VAL L 12 -89.50 -35.09 -3.96
CA VAL L 12 -89.44 -33.75 -4.54
C VAL L 12 -89.99 -33.82 -5.95
N LYS L 13 -90.89 -32.89 -6.30
CA LYS L 13 -91.52 -32.87 -7.60
C LYS L 13 -90.50 -32.55 -8.71
N PRO L 14 -90.79 -32.99 -9.93
CA PRO L 14 -89.84 -32.78 -11.03
C PRO L 14 -89.64 -31.29 -11.34
N THR L 15 -88.45 -30.97 -11.84
CA THR L 15 -88.08 -29.62 -12.26
C THR L 15 -88.07 -28.65 -11.07
N GLN L 16 -87.72 -29.16 -9.90
CA GLN L 16 -87.40 -28.34 -8.76
C GLN L 16 -86.00 -28.69 -8.26
N THR L 17 -85.61 -28.12 -7.12
CA THR L 17 -84.29 -28.36 -6.54
C THR L 17 -84.42 -29.25 -5.31
N LEU L 18 -83.39 -30.06 -5.07
CA LEU L 18 -83.33 -30.93 -3.92
C LEU L 18 -82.15 -30.53 -3.04
N THR L 19 -82.37 -30.59 -1.73
CA THR L 19 -81.34 -30.24 -0.74
C THR L 19 -81.22 -31.36 0.26
N LEU L 20 -80.11 -32.08 0.23
CA LEU L 20 -79.82 -33.16 1.16
C LEU L 20 -78.67 -32.76 2.08
N THR L 21 -78.64 -33.33 3.27
CA THR L 21 -77.61 -33.02 4.25
C THR L 21 -77.02 -34.31 4.80
N CYS L 22 -75.70 -34.41 4.77
CA CYS L 22 -74.98 -35.52 5.39
C CYS L 22 -74.35 -35.03 6.68
N THR L 23 -74.72 -35.66 7.79
CA THR L 23 -74.15 -35.39 9.09
C THR L 23 -73.23 -36.55 9.47
N PHE L 24 -72.00 -36.21 9.85
CA PHE L 24 -70.99 -37.21 10.15
C PHE L 24 -70.49 -37.04 11.57
N SER L 25 -70.24 -38.17 12.22
CA SER L 25 -69.70 -38.20 13.58
C SER L 25 -68.50 -39.12 13.61
N GLY L 26 -67.57 -38.83 14.52
CA GLY L 26 -66.34 -39.57 14.63
C GLY L 26 -65.14 -38.92 13.96
N PHE L 27 -65.37 -37.94 13.09
CA PHE L 27 -64.28 -37.20 12.47
C PHE L 27 -64.77 -35.79 12.18
N SER L 28 -63.81 -34.88 11.99
CA SER L 28 -64.10 -33.48 11.76
C SER L 28 -63.40 -33.01 10.49
N LEU L 29 -63.95 -31.96 9.87
CA LEU L 29 -63.41 -31.42 8.64
C LEU L 29 -62.25 -30.48 8.94
N SER L 30 -61.25 -30.97 9.69
CA SER L 30 -60.11 -30.15 10.05
C SER L 30 -58.78 -30.88 9.93
N THR L 31 -58.78 -32.15 9.55
CA THR L 31 -57.55 -32.91 9.38
C THR L 31 -57.23 -33.08 7.90
N SER L 32 -55.96 -32.87 7.56
CA SER L 32 -55.52 -33.01 6.18
C SER L 32 -55.71 -34.44 5.69
N GLY L 33 -56.07 -34.59 4.43
CA GLY L 33 -56.31 -35.90 3.85
C GLY L 33 -57.68 -36.48 4.08
N VAL L 34 -58.61 -35.70 4.64
CA VAL L 34 -59.97 -36.16 4.91
C VAL L 34 -60.92 -35.40 4.01
N GLY L 35 -61.86 -36.11 3.39
CA GLY L 35 -62.85 -35.49 2.53
C GLY L 35 -64.18 -36.23 2.59
N VAL L 36 -65.20 -35.59 2.03
CA VAL L 36 -66.56 -36.12 2.03
C VAL L 36 -67.07 -36.13 0.59
N ALA L 37 -67.58 -37.27 0.15
CA ALA L 37 -68.03 -37.43 -1.23
C ALA L 37 -69.49 -37.84 -1.29
N TRP L 38 -70.18 -37.32 -2.31
CA TRP L 38 -71.55 -37.70 -2.62
C TRP L 38 -71.54 -38.65 -3.79
N ILE L 39 -72.26 -39.77 -3.65
CA ILE L 39 -72.38 -40.80 -4.67
C ILE L 39 -73.86 -41.11 -4.84
N ARG L 40 -74.25 -41.49 -6.06
CA ARG L 40 -75.61 -41.92 -6.31
C ARG L 40 -75.60 -43.24 -7.06
N GLN L 41 -76.58 -44.08 -6.76
CA GLN L 41 -76.71 -45.37 -7.41
C GLN L 41 -78.16 -45.57 -7.87
N PRO L 42 -78.41 -45.64 -9.17
CA PRO L 42 -79.76 -45.92 -9.65
C PRO L 42 -80.18 -47.34 -9.27
N PRO L 43 -81.48 -47.57 -9.05
CA PRO L 43 -81.92 -48.91 -8.64
C PRO L 43 -81.65 -49.96 -9.71
N GLY L 44 -80.79 -50.92 -9.40
CA GLY L 44 -80.40 -51.93 -10.35
C GLY L 44 -79.27 -51.55 -11.28
N LYS L 45 -78.71 -50.36 -11.13
CA LYS L 45 -77.62 -49.89 -11.97
C LYS L 45 -76.34 -49.79 -11.15
N ALA L 46 -75.26 -49.41 -11.80
CA ALA L 46 -73.95 -49.35 -11.16
C ALA L 46 -73.78 -48.04 -10.39
N LEU L 47 -72.86 -48.09 -9.42
CA LEU L 47 -72.54 -46.91 -8.62
C LEU L 47 -71.86 -45.86 -9.48
N GLU L 48 -72.15 -44.59 -9.19
CA GLU L 48 -71.59 -43.48 -9.94
C GLU L 48 -71.19 -42.38 -8.97
N TRP L 49 -69.93 -41.97 -9.02
CA TRP L 49 -69.46 -40.87 -8.18
C TRP L 49 -70.09 -39.57 -8.65
N LEU L 50 -70.64 -38.81 -7.70
CA LEU L 50 -71.33 -37.55 -8.01
C LEU L 50 -70.45 -36.34 -7.75
N ALA L 51 -69.96 -36.19 -6.52
CA ALA L 51 -69.20 -35.00 -6.15
C ALA L 51 -68.29 -35.33 -4.97
N LEU L 52 -67.41 -34.38 -4.64
CA LEU L 52 -66.45 -34.55 -3.56
C LEU L 52 -66.05 -33.19 -3.03
N ILE L 53 -65.73 -33.13 -1.74
CA ILE L 53 -65.28 -31.90 -1.09
C ILE L 53 -64.17 -32.26 -0.10
N TYR L 54 -63.26 -31.32 0.12
CA TYR L 54 -62.04 -31.57 0.87
C TYR L 54 -62.05 -30.78 2.19
N TRP L 55 -60.93 -30.90 2.93
CA TRP L 55 -60.80 -30.21 4.20
C TRP L 55 -60.50 -28.72 4.02
N ASP L 56 -59.84 -28.35 2.91
CA ASP L 56 -59.36 -26.99 2.70
C ASP L 56 -60.30 -26.18 1.82
N ASN L 57 -61.60 -26.42 1.91
CA ASN L 57 -62.64 -25.71 1.16
C ASN L 57 -62.54 -25.95 -0.34
N ASP L 58 -61.75 -26.92 -0.77
CA ASP L 58 -61.69 -27.28 -2.18
C ASP L 58 -62.75 -28.33 -2.50
N LYS L 59 -63.42 -28.15 -3.63
CA LYS L 59 -64.49 -29.05 -4.05
C LYS L 59 -64.30 -29.45 -5.50
N ARG L 60 -64.82 -30.63 -5.84
CA ARG L 60 -64.78 -31.16 -7.19
C ARG L 60 -66.11 -31.80 -7.52
N SER L 61 -66.50 -31.74 -8.79
CA SER L 61 -67.78 -32.29 -9.24
C SER L 61 -67.60 -32.95 -10.59
N SER L 62 -68.49 -33.88 -10.90
CA SER L 62 -68.46 -34.54 -12.19
C SER L 62 -68.75 -33.53 -13.30
N PRO L 63 -68.03 -33.59 -14.42
CA PRO L 63 -68.27 -32.60 -15.49
C PRO L 63 -69.68 -32.63 -16.04
N SER L 64 -70.33 -33.81 -16.01
CA SER L 64 -71.67 -33.94 -16.57
C SER L 64 -72.71 -33.11 -15.84
N LEU L 65 -72.67 -33.06 -14.51
CA LEU L 65 -73.70 -32.38 -13.73
C LEU L 65 -73.17 -31.17 -12.98
N ASN L 66 -71.94 -30.73 -13.28
CA ASN L 66 -71.34 -29.63 -12.54
C ASN L 66 -72.17 -28.36 -12.61
N ASN L 67 -72.95 -28.20 -13.69
CA ASN L 67 -73.80 -27.01 -13.81
C ASN L 67 -74.87 -26.98 -12.74
N ARG L 68 -75.45 -28.13 -12.41
CA ARG L 68 -76.56 -28.20 -11.46
C ARG L 68 -76.17 -28.93 -10.17
N LEU L 69 -74.96 -28.69 -9.69
CA LEU L 69 -74.47 -29.29 -8.46
C LEU L 69 -73.83 -28.22 -7.59
N THR L 70 -74.27 -28.13 -6.33
CA THR L 70 -73.63 -27.25 -5.36
C THR L 70 -73.39 -28.02 -4.07
N ILE L 71 -72.20 -27.86 -3.49
CA ILE L 71 -71.83 -28.56 -2.27
C ILE L 71 -71.21 -27.55 -1.29
N THR L 72 -71.65 -27.62 -0.04
CA THR L 72 -71.12 -26.77 1.02
C THR L 72 -70.79 -27.62 2.24
N LYS L 73 -69.88 -27.13 3.06
CA LYS L 73 -69.44 -27.84 4.26
C LYS L 73 -69.36 -26.85 5.42
N ASP L 74 -69.77 -27.30 6.61
CA ASP L 74 -69.59 -26.51 7.83
C ASP L 74 -69.04 -27.41 8.92
N THR L 75 -67.95 -26.97 9.56
CA THR L 75 -67.31 -27.75 10.60
C THR L 75 -67.91 -27.44 11.97
N SER L 76 -68.71 -26.39 12.07
CA SER L 76 -69.32 -26.02 13.36
C SER L 76 -70.19 -27.16 13.88
N LYS L 77 -71.09 -27.67 13.05
CA LYS L 77 -71.89 -28.83 13.39
C LYS L 77 -71.53 -30.06 12.55
N ASN L 78 -70.42 -29.98 11.81
CA ASN L 78 -69.89 -31.13 11.06
C ASN L 78 -70.93 -31.68 10.07
N GLN L 79 -71.29 -30.86 9.10
CA GLN L 79 -72.28 -31.24 8.11
C GLN L 79 -71.83 -30.86 6.72
N VAL L 80 -72.39 -31.55 5.73
CA VAL L 80 -72.18 -31.25 4.32
C VAL L 80 -73.54 -31.20 3.63
N VAL L 81 -73.82 -30.10 2.95
CA VAL L 81 -75.11 -29.86 2.30
C VAL L 81 -74.92 -29.91 0.79
N LEU L 82 -75.73 -30.74 0.12
CA LEU L 82 -75.71 -30.86 -1.33
C LEU L 82 -77.04 -30.37 -1.89
N THR L 83 -76.96 -29.55 -2.94
CA THR L 83 -78.15 -29.02 -3.60
C THR L 83 -78.03 -29.26 -5.10
N MET L 84 -79.10 -29.81 -5.67
CA MET L 84 -79.17 -30.09 -7.11
C MET L 84 -80.38 -29.39 -7.72
N THR L 85 -80.19 -28.83 -8.91
CA THR L 85 -81.22 -28.09 -9.62
C THR L 85 -81.53 -28.75 -10.95
N ASN L 86 -82.64 -28.33 -11.57
CA ASN L 86 -83.09 -28.84 -12.87
C ASN L 86 -83.18 -30.36 -12.84
N MET L 87 -84.03 -30.83 -11.94
CA MET L 87 -84.11 -32.23 -11.59
C MET L 87 -85.00 -33.01 -12.57
N ASP L 88 -84.54 -34.19 -12.95
CA ASP L 88 -85.13 -34.98 -14.03
C ASP L 88 -85.80 -36.24 -13.51
N PRO L 89 -86.78 -36.79 -14.25
CA PRO L 89 -87.49 -37.97 -13.76
C PRO L 89 -86.69 -39.27 -13.84
N GLU L 90 -85.62 -39.32 -14.63
CA GLU L 90 -84.79 -40.52 -14.74
C GLU L 90 -83.64 -40.52 -13.74
N ASP L 91 -83.64 -39.60 -12.78
CA ASP L 91 -82.60 -39.52 -11.76
C ASP L 91 -83.02 -40.16 -10.45
N THR L 92 -84.14 -40.89 -10.43
CA THR L 92 -84.54 -41.63 -9.25
C THR L 92 -83.47 -42.66 -8.89
N ALA L 93 -82.98 -42.61 -7.66
CA ALA L 93 -81.82 -43.40 -7.27
C ALA L 93 -81.73 -43.44 -5.74
N THR L 94 -80.61 -43.93 -5.24
CA THR L 94 -80.28 -43.89 -3.81
C THR L 94 -78.99 -43.12 -3.63
N TYR L 95 -78.99 -42.17 -2.69
CA TYR L 95 -77.88 -41.26 -2.49
C TYR L 95 -77.11 -41.63 -1.22
N TYR L 96 -75.79 -41.72 -1.34
CA TYR L 96 -74.88 -42.03 -0.26
C TYR L 96 -73.88 -40.91 -0.07
N CYS L 97 -73.47 -40.68 1.17
CA CYS L 97 -72.34 -39.81 1.49
C CYS L 97 -71.26 -40.65 2.17
N ALA L 98 -70.02 -40.51 1.69
CA ALA L 98 -68.95 -41.42 2.05
C ALA L 98 -67.70 -40.65 2.44
N HIS L 99 -66.85 -41.31 3.22
CA HIS L 99 -65.58 -40.75 3.64
C HIS L 99 -64.52 -40.94 2.54
N PHE L 100 -63.51 -40.07 2.55
CA PHE L 100 -62.39 -40.15 1.61
C PHE L 100 -61.10 -39.86 2.38
N PHE L 101 -60.08 -40.68 2.17
CA PHE L 101 -58.83 -40.53 2.88
C PHE L 101 -57.70 -41.14 2.05
N SER L 102 -56.50 -40.57 2.20
CA SER L 102 -55.31 -41.03 1.51
C SER L 102 -54.23 -41.34 2.55
N HIS L 103 -53.34 -42.27 2.21
CA HIS L 103 -52.39 -42.83 3.16
C HIS L 103 -50.98 -42.43 2.74
N TYR L 104 -50.25 -41.82 3.66
CA TYR L 104 -48.83 -41.53 3.50
C TYR L 104 -48.09 -42.02 4.73
N ASP L 105 -46.84 -42.44 4.54
CA ASP L 105 -46.02 -42.97 5.64
C ASP L 105 -44.69 -42.24 5.68
N SER L 106 -44.68 -41.05 6.28
CA SER L 106 -43.47 -40.29 6.57
C SER L 106 -42.65 -39.97 5.33
N SER L 107 -43.15 -40.36 4.14
CA SER L 107 -42.39 -40.18 2.91
C SER L 107 -43.23 -39.67 1.75
N ASN L 108 -44.53 -39.43 1.95
CA ASN L 108 -45.40 -38.87 0.92
C ASN L 108 -45.40 -39.73 -0.35
N TYR L 109 -45.52 -41.04 -0.12
CA TYR L 109 -45.44 -41.99 -1.22
C TYR L 109 -46.81 -42.43 -1.73
N TYR L 110 -47.88 -42.11 -0.99
CA TYR L 110 -49.26 -42.30 -1.47
C TYR L 110 -49.56 -43.77 -1.79
N TYR L 111 -49.74 -44.59 -0.75
CA TYR L 111 -50.27 -45.93 -0.95
C TYR L 111 -51.77 -45.90 -1.29
N GLY L 112 -52.13 -45.23 -2.38
CA GLY L 112 -53.50 -45.20 -2.84
C GLY L 112 -54.42 -44.36 -1.97
N SER L 113 -55.69 -44.36 -2.36
CA SER L 113 -56.76 -43.72 -1.60
C SER L 113 -58.02 -44.55 -1.76
N TRP L 114 -58.99 -44.35 -0.87
CA TRP L 114 -60.16 -45.22 -0.85
C TRP L 114 -61.34 -44.46 -0.25
N PHE L 115 -62.53 -44.95 -0.55
CA PHE L 115 -63.78 -44.45 0.03
C PHE L 115 -64.09 -45.30 1.26
N ASP L 116 -63.74 -44.75 2.43
CA ASP L 116 -63.91 -45.41 3.72
C ASP L 116 -65.31 -44.94 4.13
N PRO L 117 -65.91 -45.38 5.27
CA PRO L 117 -67.33 -45.77 5.27
C PRO L 117 -68.31 -44.88 4.50
N TRP L 118 -69.31 -45.53 3.92
CA TRP L 118 -70.39 -44.88 3.19
C TRP L 118 -71.59 -44.68 4.11
N GLY L 119 -72.44 -43.72 3.73
CA GLY L 119 -73.63 -43.44 4.50
C GLY L 119 -74.74 -44.43 4.24
N GLN L 120 -75.78 -44.36 5.07
CA GLN L 120 -76.93 -45.24 4.90
C GLN L 120 -77.71 -44.91 3.62
N GLY L 121 -77.76 -43.63 3.26
CA GLY L 121 -78.34 -43.23 2.00
C GLY L 121 -79.84 -43.03 2.03
N THR L 122 -80.35 -42.22 1.10
CA THR L 122 -81.77 -41.95 1.00
C THR L 122 -82.25 -42.23 -0.43
N LEU L 123 -83.43 -42.85 -0.54
CA LEU L 123 -84.02 -43.16 -1.84
C LEU L 123 -84.81 -41.96 -2.32
N VAL L 124 -84.39 -41.38 -3.45
CA VAL L 124 -85.07 -40.24 -4.05
C VAL L 124 -85.80 -40.74 -5.30
N THR L 125 -87.12 -40.53 -5.32
CA THR L 125 -87.97 -40.84 -6.46
C THR L 125 -88.51 -39.55 -7.05
N VAL L 126 -88.59 -39.51 -8.38
CA VAL L 126 -88.97 -38.31 -9.13
C VAL L 126 -90.17 -38.68 -9.98
N SER L 127 -91.33 -38.16 -9.60
CA SER L 127 -92.54 -38.35 -10.39
C SER L 127 -93.51 -37.23 -10.03
N SER L 128 -94.40 -36.92 -10.96
CA SER L 128 -95.46 -35.93 -10.75
C SER L 128 -96.76 -36.70 -10.58
N ALA L 129 -97.12 -36.95 -9.32
CA ALA L 129 -98.31 -37.74 -9.01
C ALA L 129 -98.76 -37.38 -7.59
N SER L 130 -99.87 -38.00 -7.19
CA SER L 130 -100.46 -37.80 -5.87
C SER L 130 -100.50 -39.11 -5.12
N THR L 131 -100.39 -39.03 -3.79
CA THR L 131 -100.39 -40.24 -2.97
C THR L 131 -101.79 -40.82 -2.89
N LYS L 132 -101.91 -42.11 -3.18
CA LYS L 132 -103.19 -42.81 -3.11
C LYS L 132 -102.97 -44.22 -2.58
N GLY L 133 -103.95 -44.70 -1.82
CA GLY L 133 -103.84 -45.96 -1.12
C GLY L 133 -103.77 -47.16 -2.03
N PRO L 134 -103.02 -48.18 -1.60
CA PRO L 134 -102.93 -49.41 -2.39
C PRO L 134 -104.24 -50.18 -2.39
N SER L 135 -104.40 -51.00 -3.43
CA SER L 135 -105.55 -51.89 -3.55
C SER L 135 -105.05 -53.32 -3.62
N VAL L 136 -105.66 -54.21 -2.85
CA VAL L 136 -105.26 -55.60 -2.78
C VAL L 136 -106.31 -56.47 -3.42
N PHE L 137 -105.87 -57.40 -4.26
CA PHE L 137 -106.73 -58.33 -4.96
C PHE L 137 -106.35 -59.75 -4.59
N PRO L 138 -107.29 -60.57 -4.11
CA PRO L 138 -106.96 -61.92 -3.63
C PRO L 138 -106.85 -62.92 -4.77
N LEU L 139 -105.63 -63.37 -5.04
CA LEU L 139 -105.39 -64.41 -6.04
C LEU L 139 -105.58 -65.76 -5.34
N ALA L 140 -106.78 -66.30 -5.46
CA ALA L 140 -107.12 -67.57 -4.84
C ALA L 140 -106.41 -68.72 -5.55
N PRO L 141 -106.19 -69.84 -4.87
CA PRO L 141 -105.59 -71.01 -5.52
C PRO L 141 -106.52 -71.61 -6.56
N SER L 142 -105.92 -72.34 -7.49
CA SER L 142 -106.68 -72.95 -8.58
C SER L 142 -107.61 -74.03 -8.05
N SER L 143 -108.66 -74.32 -8.83
CA SER L 143 -109.63 -75.35 -8.48
C SER L 143 -109.02 -76.72 -8.76
N LYS L 144 -108.15 -77.14 -7.84
CA LYS L 144 -107.44 -78.41 -7.96
C LYS L 144 -107.54 -79.17 -6.65
N SER L 145 -107.69 -80.49 -6.76
CA SER L 145 -107.86 -81.33 -5.56
C SER L 145 -106.53 -81.52 -4.85
N THR L 146 -105.56 -82.16 -5.51
CA THR L 146 -104.23 -82.34 -4.96
C THR L 146 -103.14 -81.76 -5.84
N SER L 147 -103.15 -82.05 -7.15
CA SER L 147 -102.11 -81.59 -8.07
C SER L 147 -100.72 -81.91 -7.56
N GLY L 148 -100.55 -83.13 -7.04
CA GLY L 148 -99.31 -83.50 -6.39
C GLY L 148 -99.19 -83.01 -4.97
N GLY L 149 -100.29 -82.63 -4.34
CA GLY L 149 -100.25 -82.12 -2.98
C GLY L 149 -99.56 -80.79 -2.82
N THR L 150 -99.72 -79.89 -3.80
CA THR L 150 -99.09 -78.58 -3.75
C THR L 150 -99.95 -77.58 -4.52
N ALA L 151 -100.14 -76.41 -3.93
CA ALA L 151 -100.89 -75.34 -4.58
C ALA L 151 -100.30 -74.01 -4.11
N ALA L 152 -100.68 -72.93 -4.80
CA ALA L 152 -100.19 -71.60 -4.43
C ALA L 152 -101.36 -70.63 -4.44
N LEU L 153 -101.22 -69.58 -3.63
CA LEU L 153 -102.23 -68.55 -3.48
C LEU L 153 -101.52 -67.25 -3.13
N GLY L 154 -102.28 -66.17 -2.96
CA GLY L 154 -101.66 -64.95 -2.49
C GLY L 154 -102.51 -63.73 -2.76
N CYS L 155 -101.83 -62.58 -2.78
CA CYS L 155 -102.47 -61.30 -2.99
C CYS L 155 -101.65 -60.46 -3.98
N LEU L 156 -102.34 -59.53 -4.64
CA LEU L 156 -101.73 -58.60 -5.59
C LEU L 156 -101.96 -57.19 -5.07
N VAL L 157 -100.88 -56.44 -4.87
CA VAL L 157 -100.95 -55.05 -4.42
C VAL L 157 -100.73 -54.17 -5.64
N LYS L 158 -101.66 -53.26 -5.88
CA LYS L 158 -101.67 -52.45 -7.09
C LYS L 158 -102.00 -51.00 -6.73
N ASP L 159 -101.53 -50.07 -7.57
CA ASP L 159 -101.96 -48.66 -7.52
C ASP L 159 -101.62 -48.03 -6.17
N TYR L 160 -100.31 -47.96 -5.90
CA TYR L 160 -99.78 -47.29 -4.73
C TYR L 160 -98.63 -46.39 -5.13
N PHE L 161 -98.43 -45.32 -4.36
CA PHE L 161 -97.41 -44.33 -4.65
C PHE L 161 -97.22 -43.46 -3.43
N PRO L 162 -95.97 -43.27 -2.94
CA PRO L 162 -94.75 -43.92 -3.42
C PRO L 162 -94.44 -45.24 -2.70
N GLU L 163 -93.21 -45.71 -2.87
CA GLU L 163 -92.74 -46.92 -2.22
C GLU L 163 -92.17 -46.58 -0.84
N PRO L 164 -91.92 -47.60 0.00
CA PRO L 164 -92.14 -49.01 0.20
C PRO L 164 -93.60 -49.45 0.31
N VAL L 165 -93.80 -50.77 0.35
CA VAL L 165 -95.04 -51.40 0.80
C VAL L 165 -94.66 -52.63 1.63
N THR L 166 -95.17 -52.70 2.86
CA THR L 166 -94.85 -53.81 3.75
C THR L 166 -96.02 -54.79 3.76
N VAL L 167 -95.74 -56.04 3.39
CA VAL L 167 -96.75 -57.08 3.28
C VAL L 167 -96.41 -58.20 4.25
N SER L 168 -97.40 -58.62 5.04
CA SER L 168 -97.23 -59.69 6.01
C SER L 168 -98.27 -60.76 5.76
N TRP L 169 -97.98 -61.98 6.21
CA TRP L 169 -98.87 -63.11 6.05
C TRP L 169 -99.17 -63.74 7.39
N ASN L 170 -100.45 -63.85 7.73
CA ASN L 170 -100.91 -64.44 8.99
C ASN L 170 -100.30 -63.72 10.19
N SER L 171 -100.16 -62.40 10.06
CA SER L 171 -99.61 -61.53 11.12
C SER L 171 -98.26 -62.03 11.60
N GLY L 172 -97.39 -62.44 10.68
CA GLY L 172 -96.07 -62.91 11.01
C GLY L 172 -95.98 -64.35 11.46
N ALA L 173 -97.09 -65.08 11.52
CA ALA L 173 -97.08 -66.47 11.93
C ALA L 173 -96.80 -67.44 10.79
N LEU L 174 -96.80 -66.97 9.55
CA LEU L 174 -96.52 -67.81 8.38
C LEU L 174 -95.33 -67.21 7.63
N THR L 175 -94.31 -68.03 7.40
CA THR L 175 -93.13 -67.58 6.68
C THR L 175 -92.70 -68.57 5.60
N SER L 176 -93.13 -69.82 5.69
CA SER L 176 -92.72 -70.87 4.75
C SER L 176 -93.36 -70.61 3.38
N GLY L 177 -92.55 -70.66 2.34
CA GLY L 177 -93.05 -70.49 0.99
C GLY L 177 -93.64 -69.14 0.67
N VAL L 178 -93.10 -68.08 1.28
CA VAL L 178 -93.57 -66.72 1.04
C VAL L 178 -92.54 -66.01 0.17
N HIS L 179 -92.99 -65.49 -0.98
CA HIS L 179 -92.14 -64.75 -1.90
C HIS L 179 -92.83 -63.43 -2.23
N THR L 180 -92.14 -62.32 -1.99
CA THR L 180 -92.67 -60.98 -2.24
C THR L 180 -91.74 -60.29 -3.24
N PHE L 181 -92.14 -60.31 -4.51
CA PHE L 181 -91.32 -59.73 -5.56
C PHE L 181 -91.24 -58.21 -5.41
N PRO L 182 -90.11 -57.61 -5.77
CA PRO L 182 -90.02 -56.15 -5.76
C PRO L 182 -91.01 -55.54 -6.74
N ALA L 183 -91.55 -54.37 -6.37
CA ALA L 183 -92.57 -53.73 -7.17
C ALA L 183 -91.99 -53.20 -8.48
N VAL L 184 -92.79 -53.30 -9.55
CA VAL L 184 -92.41 -52.80 -10.86
C VAL L 184 -93.19 -51.52 -11.12
N LEU L 185 -92.53 -50.58 -11.79
CA LEU L 185 -93.14 -49.31 -12.15
C LEU L 185 -93.71 -49.40 -13.56
N GLN L 186 -95.00 -49.09 -13.70
CA GLN L 186 -95.68 -49.20 -14.98
C GLN L 186 -95.42 -47.94 -15.82
N SER L 187 -96.07 -47.88 -16.98
CA SER L 187 -95.91 -46.75 -17.88
C SER L 187 -96.69 -45.51 -17.43
N SER L 188 -97.56 -45.65 -16.43
CA SER L 188 -98.36 -44.54 -15.93
C SER L 188 -97.81 -43.97 -14.62
N GLY L 189 -96.58 -44.30 -14.26
CA GLY L 189 -96.00 -43.82 -13.01
C GLY L 189 -96.69 -44.36 -11.78
N LEU L 190 -97.03 -45.65 -11.79
CA LEU L 190 -97.77 -46.27 -10.70
C LEU L 190 -97.15 -47.62 -10.39
N TYR L 191 -97.29 -48.05 -9.13
CA TYR L 191 -96.55 -49.20 -8.63
C TYR L 191 -97.47 -50.40 -8.42
N SER L 192 -96.85 -51.58 -8.37
CA SER L 192 -97.55 -52.85 -8.25
C SER L 192 -96.58 -53.99 -7.91
N LEU L 193 -96.94 -54.80 -6.91
CA LEU L 193 -96.18 -55.98 -6.58
C LEU L 193 -97.15 -57.08 -6.16
N SER L 194 -96.60 -58.21 -5.71
CA SER L 194 -97.42 -59.36 -5.33
C SER L 194 -96.79 -60.05 -4.12
N SER L 195 -97.62 -60.84 -3.43
CA SER L 195 -97.16 -61.72 -2.38
C SER L 195 -97.80 -63.08 -2.61
N VAL L 196 -96.98 -64.14 -2.56
CA VAL L 196 -97.45 -65.48 -2.90
C VAL L 196 -97.01 -66.45 -1.81
N VAL L 197 -97.90 -67.37 -1.46
CA VAL L 197 -97.66 -68.39 -0.44
C VAL L 197 -98.02 -69.74 -1.04
N THR L 198 -97.11 -70.71 -0.90
CA THR L 198 -97.34 -72.07 -1.37
C THR L 198 -97.76 -72.95 -0.20
N VAL L 199 -98.93 -73.58 -0.35
CA VAL L 199 -99.50 -74.42 0.72
C VAL L 199 -99.92 -75.75 0.11
N PRO L 200 -99.95 -76.80 0.94
CA PRO L 200 -100.50 -78.07 0.48
C PRO L 200 -101.97 -77.94 0.10
N SER L 201 -102.37 -78.70 -0.92
CA SER L 201 -103.74 -78.61 -1.41
C SER L 201 -104.74 -79.08 -0.36
N SER L 202 -104.34 -80.05 0.47
CA SER L 202 -105.23 -80.57 1.49
C SER L 202 -105.51 -79.57 2.60
N SER L 203 -104.72 -78.51 2.72
CA SER L 203 -104.90 -77.51 3.76
C SER L 203 -105.62 -76.26 3.27
N LEU L 204 -106.17 -76.29 2.06
CA LEU L 204 -106.83 -75.11 1.51
C LEU L 204 -108.07 -74.74 2.31
N GLY L 205 -108.87 -75.72 2.70
CA GLY L 205 -110.13 -75.44 3.35
C GLY L 205 -110.10 -75.51 4.87
N THR L 206 -109.08 -76.16 5.42
CA THR L 206 -108.97 -76.30 6.87
C THR L 206 -108.24 -75.13 7.52
N GLN L 207 -107.67 -74.23 6.73
CA GLN L 207 -106.98 -73.05 7.25
C GLN L 207 -107.33 -71.85 6.38
N THR L 208 -107.63 -70.72 7.03
CA THR L 208 -107.92 -69.48 6.33
C THR L 208 -106.66 -68.61 6.31
N TYR L 209 -106.35 -68.05 5.15
CA TYR L 209 -105.14 -67.27 4.95
C TYR L 209 -105.47 -65.79 4.81
N ILE L 210 -104.68 -64.96 5.49
CA ILE L 210 -104.86 -63.52 5.53
C ILE L 210 -103.57 -62.85 5.08
N CYS L 211 -103.69 -61.84 4.23
CA CYS L 211 -102.55 -61.05 3.80
C CYS L 211 -102.78 -59.60 4.22
N ASN L 212 -101.78 -59.00 4.86
CA ASN L 212 -101.88 -57.66 5.41
C ASN L 212 -100.95 -56.73 4.64
N VAL L 213 -101.49 -55.63 4.13
CA VAL L 213 -100.75 -54.64 3.38
C VAL L 213 -100.69 -53.36 4.20
N ASN L 214 -99.49 -52.76 4.28
CA ASN L 214 -99.27 -51.54 5.02
C ASN L 214 -98.46 -50.59 4.16
N HIS L 215 -98.90 -49.32 4.12
CA HIS L 215 -98.32 -48.28 3.29
C HIS L 215 -98.27 -47.00 4.12
N LYS L 216 -97.06 -46.62 4.54
CA LYS L 216 -96.90 -45.41 5.36
C LYS L 216 -97.32 -44.13 4.64
N PRO L 217 -96.84 -43.83 3.41
CA PRO L 217 -97.21 -42.54 2.80
C PRO L 217 -98.71 -42.37 2.59
N SER L 218 -99.42 -43.45 2.29
CA SER L 218 -100.87 -43.39 2.17
C SER L 218 -101.60 -43.70 3.47
N ASN L 219 -100.87 -44.11 4.51
CA ASN L 219 -101.45 -44.48 5.80
C ASN L 219 -102.54 -45.53 5.62
N THR L 220 -102.19 -46.61 4.92
CA THR L 220 -103.14 -47.66 4.57
C THR L 220 -102.74 -48.95 5.27
N LYS L 221 -103.68 -49.58 5.95
CA LYS L 221 -103.49 -50.88 6.60
C LYS L 221 -104.71 -51.72 6.29
N VAL L 222 -104.58 -52.67 5.37
CA VAL L 222 -105.72 -53.43 4.86
C VAL L 222 -105.40 -54.92 4.92
N ASP L 223 -106.33 -55.70 5.47
CA ASP L 223 -106.19 -57.15 5.54
C ASP L 223 -107.19 -57.78 4.57
N LYS L 224 -106.70 -58.68 3.72
CA LYS L 224 -107.51 -59.35 2.71
C LYS L 224 -107.44 -60.86 2.92
N ARG L 225 -108.60 -61.50 2.96
CA ARG L 225 -108.67 -62.94 3.15
C ARG L 225 -108.65 -63.63 1.79
N VAL L 226 -107.90 -64.73 1.70
CA VAL L 226 -107.80 -65.51 0.47
C VAL L 226 -108.28 -66.92 0.77
N GLU L 227 -109.24 -67.40 -0.01
CA GLU L 227 -109.80 -68.74 0.11
C GLU L 227 -110.01 -69.31 -1.29
N PRO L 228 -109.84 -70.62 -1.45
CA PRO L 228 -110.03 -71.22 -2.78
C PRO L 228 -111.47 -71.05 -3.27
N LYS L 229 -111.59 -70.80 -4.57
CA LYS L 229 -112.89 -70.60 -5.21
C LYS L 229 -113.07 -71.63 -6.33
N SER L 230 -114.30 -72.08 -6.48
CA SER L 230 -114.62 -73.12 -7.45
C SER L 230 -115.07 -72.50 -8.78
N CYS L 231 -115.39 -73.37 -9.73
CA CYS L 231 -115.82 -72.93 -11.06
C CYS L 231 -117.33 -72.66 -11.09
N GLU M 1 -63.41 -40.03 -21.31
CA GLU M 1 -63.31 -40.56 -19.95
C GLU M 1 -62.74 -41.98 -19.94
N ILE M 2 -62.45 -42.48 -18.75
CA ILE M 2 -61.89 -43.82 -18.58
C ILE M 2 -63.02 -44.79 -18.30
N VAL M 3 -63.06 -45.89 -19.05
CA VAL M 3 -64.14 -46.87 -18.99
C VAL M 3 -63.58 -48.17 -18.42
N LEU M 4 -64.25 -48.72 -17.42
CA LEU M 4 -63.81 -49.93 -16.74
C LEU M 4 -64.74 -51.09 -17.11
N THR M 5 -64.14 -52.21 -17.49
CA THR M 5 -64.86 -53.42 -17.85
C THR M 5 -64.59 -54.51 -16.83
N GLN M 6 -65.64 -55.08 -16.27
CA GLN M 6 -65.53 -56.18 -15.31
C GLN M 6 -65.88 -57.50 -16.00
N SER M 7 -65.05 -58.52 -15.73
CA SER M 7 -65.18 -59.81 -16.38
C SER M 7 -65.04 -60.92 -15.34
N PRO M 8 -65.93 -61.92 -15.35
CA PRO M 8 -67.11 -61.95 -16.23
C PRO M 8 -68.30 -61.20 -15.63
N GLY M 9 -69.35 -61.00 -16.42
CA GLY M 9 -70.52 -60.31 -15.91
C GLY M 9 -71.18 -61.05 -14.77
N THR M 10 -71.37 -62.36 -14.92
CA THR M 10 -71.89 -63.20 -13.86
C THR M 10 -70.96 -64.40 -13.69
N LEU M 11 -70.55 -64.66 -12.45
CA LEU M 11 -69.68 -65.78 -12.14
C LEU M 11 -70.37 -66.66 -11.11
N SER M 12 -70.70 -67.88 -11.49
CA SER M 12 -71.38 -68.83 -10.62
C SER M 12 -70.39 -69.89 -10.18
N LEU M 13 -70.21 -70.02 -8.87
CA LEU M 13 -69.27 -70.97 -8.29
C LEU M 13 -69.87 -71.56 -7.01
N SER M 14 -69.46 -72.77 -6.69
CA SER M 14 -69.85 -73.45 -5.46
C SER M 14 -68.97 -73.01 -4.30
N PRO M 15 -69.49 -73.01 -3.08
CA PRO M 15 -68.66 -72.67 -1.92
C PRO M 15 -67.51 -73.67 -1.75
N GLY M 16 -66.29 -73.15 -1.72
CA GLY M 16 -65.13 -73.98 -1.51
C GLY M 16 -64.01 -73.75 -2.51
N GLU M 17 -64.37 -73.30 -3.71
CA GLU M 17 -63.40 -73.12 -4.77
C GLU M 17 -62.98 -71.65 -4.85
N ARG M 18 -62.24 -71.30 -5.89
CA ARG M 18 -61.61 -69.99 -6.03
C ARG M 18 -62.32 -69.16 -7.09
N ALA M 19 -62.56 -67.89 -6.77
CA ALA M 19 -63.25 -66.97 -7.66
C ALA M 19 -62.31 -65.86 -8.10
N THR M 20 -62.28 -65.62 -9.41
CA THR M 20 -61.37 -64.63 -10.01
C THR M 20 -62.18 -63.60 -10.79
N LEU M 21 -61.85 -62.33 -10.58
CA LEU M 21 -62.50 -61.22 -11.26
C LEU M 21 -61.45 -60.35 -11.92
N SER M 22 -61.73 -59.88 -13.14
CA SER M 22 -60.78 -59.07 -13.88
C SER M 22 -61.39 -57.72 -14.23
N CYS M 23 -60.64 -56.66 -13.95
CA CYS M 23 -61.07 -55.30 -14.27
C CYS M 23 -60.08 -54.71 -15.26
N ARG M 24 -60.60 -54.26 -16.41
CA ARG M 24 -59.79 -53.73 -17.49
C ARG M 24 -60.10 -52.26 -17.69
N ALA M 25 -59.07 -51.44 -17.83
CA ALA M 25 -59.22 -50.01 -18.01
C ALA M 25 -58.99 -49.64 -19.47
N SER M 26 -59.84 -48.74 -19.98
CA SER M 26 -59.69 -48.28 -21.35
C SER M 26 -58.38 -47.56 -21.56
N GLN M 27 -57.96 -46.75 -20.58
CA GLN M 27 -56.70 -46.04 -20.61
C GLN M 27 -55.69 -46.75 -19.71
N SER M 28 -54.49 -46.19 -19.65
CA SER M 28 -53.42 -46.73 -18.82
C SER M 28 -53.05 -45.72 -17.73
N PHE M 29 -53.34 -46.09 -16.48
CA PHE M 29 -52.99 -45.25 -15.34
C PHE M 29 -52.26 -46.11 -14.32
N ASP M 30 -51.67 -45.44 -13.33
CA ASP M 30 -50.92 -46.14 -12.30
C ASP M 30 -51.84 -47.04 -11.48
N SER M 31 -51.31 -48.21 -11.10
CA SER M 31 -52.13 -49.21 -10.41
C SER M 31 -52.58 -48.77 -9.03
N ARG M 32 -51.99 -47.71 -8.48
CA ARG M 32 -52.33 -47.24 -7.13
C ARG M 32 -53.63 -46.44 -7.11
N TYR M 33 -54.24 -46.18 -8.26
CA TYR M 33 -55.51 -45.46 -8.35
C TYR M 33 -56.72 -46.37 -8.47
N LEU M 34 -56.53 -47.69 -8.40
CA LEU M 34 -57.62 -48.63 -8.59
C LEU M 34 -57.89 -49.40 -7.30
N GLY M 35 -59.16 -49.50 -6.93
CA GLY M 35 -59.56 -50.21 -5.73
C GLY M 35 -60.76 -51.09 -5.99
N TRP M 36 -61.03 -51.98 -5.03
CA TRP M 36 -62.11 -52.94 -5.11
C TRP M 36 -63.03 -52.77 -3.90
N TYR M 37 -64.33 -52.73 -4.17
CA TYR M 37 -65.37 -52.57 -3.16
C TYR M 37 -66.38 -53.70 -3.29
N GLN M 38 -67.01 -54.06 -2.17
CA GLN M 38 -67.98 -55.15 -2.14
C GLN M 38 -69.30 -54.66 -1.54
N GLN M 39 -70.40 -54.95 -2.23
CA GLN M 39 -71.74 -54.56 -1.81
C GLN M 39 -72.61 -55.80 -1.66
N LYS M 40 -73.39 -55.84 -0.58
CA LYS M 40 -74.32 -56.93 -0.33
C LYS M 40 -75.70 -56.58 -0.90
N SER M 41 -76.70 -57.40 -0.58
CA SER M 41 -78.05 -57.18 -1.05
C SER M 41 -78.82 -56.34 -0.03
N GLY M 42 -79.26 -55.16 -0.46
CA GLY M 42 -79.93 -54.25 0.46
C GLY M 42 -79.01 -53.78 1.57
N GLN M 43 -77.74 -53.53 1.26
CA GLN M 43 -76.76 -53.10 2.24
C GLN M 43 -75.77 -52.16 1.55
N ALA M 44 -75.12 -51.30 2.35
CA ALA M 44 -74.18 -50.32 1.85
C ALA M 44 -72.91 -50.98 1.34
N PRO M 45 -72.41 -50.55 0.18
CA PRO M 45 -71.12 -51.07 -0.30
C PRO M 45 -70.01 -50.76 0.69
N ARG M 46 -69.10 -51.71 0.85
CA ARG M 46 -68.01 -51.58 1.79
C ARG M 46 -66.68 -51.86 1.09
N LEU M 47 -65.63 -51.18 1.55
CA LEU M 47 -64.32 -51.28 0.90
C LEU M 47 -63.72 -52.66 1.11
N LEU M 48 -63.07 -53.16 0.06
CA LEU M 48 -62.34 -54.42 0.12
C LEU M 48 -60.83 -54.22 0.03
N ILE M 49 -60.35 -53.56 -1.02
CA ILE M 49 -58.93 -53.36 -1.23
C ILE M 49 -58.68 -51.98 -1.80
N TYR M 50 -57.64 -51.30 -1.29
CA TYR M 50 -57.25 -49.99 -1.78
C TYR M 50 -55.90 -50.07 -2.48
N GLY M 51 -55.79 -49.40 -3.61
CA GLY M 51 -54.57 -49.43 -4.39
C GLY M 51 -54.38 -50.68 -5.21
N ALA M 52 -55.40 -51.54 -5.29
CA ALA M 52 -55.41 -52.75 -6.12
C ALA M 52 -54.42 -53.81 -5.61
N SER M 53 -53.68 -53.49 -4.54
CA SER M 53 -52.75 -54.46 -3.98
C SER M 53 -52.68 -54.44 -2.46
N SER M 54 -53.48 -53.61 -1.79
CA SER M 54 -53.40 -53.48 -0.33
C SER M 54 -54.77 -53.71 0.28
N ARG M 55 -54.83 -54.64 1.24
CA ARG M 55 -56.06 -54.93 1.94
C ARG M 55 -56.41 -53.81 2.92
N ALA M 56 -57.71 -53.60 3.12
CA ALA M 56 -58.17 -52.66 4.13
C ALA M 56 -58.13 -53.31 5.51
N THR M 57 -58.38 -52.50 6.53
CA THR M 57 -58.38 -53.00 7.90
C THR M 57 -59.58 -53.92 8.12
N GLY M 58 -59.32 -55.08 8.74
CA GLY M 58 -60.36 -56.03 9.04
C GLY M 58 -60.72 -56.95 7.90
N ILE M 59 -59.98 -56.94 6.80
CA ILE M 59 -60.29 -57.78 5.65
C ILE M 59 -59.52 -59.09 5.76
N PRO M 60 -60.19 -60.24 5.81
CA PRO M 60 -59.48 -61.52 5.86
C PRO M 60 -58.46 -61.65 4.73
N ASP M 61 -57.50 -62.56 4.94
CA ASP M 61 -56.45 -62.82 3.97
C ASP M 61 -56.95 -63.51 2.72
N ARG M 62 -58.22 -63.92 2.69
CA ARG M 62 -58.77 -64.63 1.54
C ARG M 62 -58.69 -63.79 0.28
N PHE M 63 -59.05 -62.51 0.36
CA PHE M 63 -59.07 -61.64 -0.80
C PHE M 63 -57.66 -61.17 -1.12
N SER M 64 -57.27 -61.27 -2.39
CA SER M 64 -56.00 -60.73 -2.86
C SER M 64 -56.22 -60.05 -4.20
N GLY M 65 -55.34 -59.12 -4.54
CA GLY M 65 -55.46 -58.39 -5.78
C GLY M 65 -54.11 -57.97 -6.31
N SER M 66 -54.01 -57.91 -7.63
CA SER M 66 -52.78 -57.48 -8.28
C SER M 66 -53.08 -57.12 -9.73
N GLY M 67 -52.33 -56.17 -10.27
CA GLY M 67 -52.57 -55.75 -11.65
C GLY M 67 -51.41 -54.97 -12.20
N SER M 68 -51.49 -54.71 -13.51
CA SER M 68 -50.48 -53.95 -14.23
C SER M 68 -51.08 -53.57 -15.58
N GLY M 69 -50.44 -52.59 -16.23
CA GLY M 69 -50.91 -52.12 -17.51
C GLY M 69 -52.34 -51.62 -17.49
N THR M 70 -53.24 -52.38 -18.09
CA THR M 70 -54.67 -52.08 -18.06
C THR M 70 -55.49 -53.17 -17.39
N ASP M 71 -54.85 -54.25 -16.93
CA ASP M 71 -55.55 -55.41 -16.40
C ASP M 71 -55.25 -55.58 -14.92
N PHE M 72 -56.30 -55.77 -14.13
CA PHE M 72 -56.16 -56.03 -12.70
C PHE M 72 -57.05 -57.22 -12.37
N THR M 73 -56.64 -57.98 -11.34
CA THR M 73 -57.33 -59.21 -10.99
C THR M 73 -57.46 -59.32 -9.48
N LEU M 74 -58.66 -59.71 -9.05
CA LEU M 74 -58.97 -60.00 -7.66
C LEU M 74 -59.32 -61.48 -7.52
N THR M 75 -58.69 -62.14 -6.56
CA THR M 75 -58.85 -63.56 -6.36
C THR M 75 -59.28 -63.86 -4.92
N ILE M 76 -60.25 -64.75 -4.78
CA ILE M 76 -60.70 -65.28 -3.50
C ILE M 76 -60.46 -66.78 -3.51
N SER M 77 -59.75 -67.26 -2.48
CA SER M 77 -59.34 -68.67 -2.46
C SER M 77 -60.41 -69.58 -1.87
N ARG M 78 -60.81 -69.33 -0.64
CA ARG M 78 -61.82 -70.14 0.04
C ARG M 78 -62.96 -69.22 0.43
N LEU M 79 -63.97 -69.14 -0.44
CA LEU M 79 -65.11 -68.24 -0.21
C LEU M 79 -66.17 -68.92 0.63
N GLU M 80 -66.72 -68.19 1.57
CA GLU M 80 -67.73 -68.66 2.50
C GLU M 80 -69.12 -68.36 1.96
N PRO M 81 -70.17 -68.89 2.59
CA PRO M 81 -71.54 -68.50 2.20
C PRO M 81 -71.78 -67.01 2.28
N GLU M 82 -71.09 -66.30 3.15
CA GLU M 82 -71.21 -64.86 3.28
C GLU M 82 -70.37 -64.11 2.25
N ASP M 83 -69.58 -64.82 1.45
CA ASP M 83 -68.70 -64.19 0.47
C ASP M 83 -69.36 -63.93 -0.87
N PHE M 84 -70.64 -64.27 -1.03
CA PHE M 84 -71.37 -64.00 -2.27
C PHE M 84 -71.92 -62.58 -2.21
N ALA M 85 -71.42 -61.71 -3.09
CA ALA M 85 -71.87 -60.32 -3.13
C ALA M 85 -71.48 -59.74 -4.50
N VAL M 86 -71.78 -58.46 -4.69
CA VAL M 86 -71.46 -57.74 -5.92
C VAL M 86 -70.12 -57.03 -5.71
N TYR M 87 -69.26 -57.09 -6.71
CA TYR M 87 -67.93 -56.50 -6.62
C TYR M 87 -67.78 -55.40 -7.65
N TYR M 88 -67.26 -54.25 -7.22
CA TYR M 88 -67.04 -53.11 -8.10
C TYR M 88 -65.57 -52.71 -8.06
N CYS M 89 -65.01 -52.42 -9.23
CA CYS M 89 -63.67 -51.84 -9.31
C CYS M 89 -63.78 -50.36 -9.66
N GLN M 90 -63.20 -49.53 -8.80
CA GLN M 90 -63.19 -48.08 -9.00
C GLN M 90 -61.79 -47.62 -9.34
N GLN M 91 -61.70 -46.49 -10.03
CA GLN M 91 -60.43 -45.92 -10.46
C GLN M 91 -60.29 -44.51 -9.90
N PHE M 92 -59.04 -44.06 -9.80
CA PHE M 92 -58.73 -42.69 -9.41
C PHE M 92 -57.82 -42.00 -10.44
N GLY M 93 -57.73 -42.54 -11.67
CA GLY M 93 -56.79 -42.01 -12.63
C GLY M 93 -57.13 -40.58 -13.04
N ASP M 94 -58.39 -40.32 -13.35
CA ASP M 94 -58.81 -38.99 -13.78
C ASP M 94 -60.29 -38.81 -13.51
N SER M 95 -60.65 -37.63 -13.01
CA SER M 95 -62.05 -37.29 -12.78
C SER M 95 -62.80 -37.17 -14.11
N PRO M 96 -64.07 -37.60 -14.17
CA PRO M 96 -64.86 -38.14 -13.07
C PRO M 96 -64.49 -39.58 -12.70
N PHE M 97 -64.66 -39.93 -11.43
CA PHE M 97 -64.35 -41.29 -10.97
C PHE M 97 -65.51 -42.20 -11.28
N THR M 98 -65.21 -43.37 -11.84
CA THR M 98 -66.22 -44.31 -12.31
C THR M 98 -66.08 -45.65 -11.61
N PHE M 99 -67.21 -46.28 -11.36
CA PHE M 99 -67.28 -47.65 -10.88
C PHE M 99 -67.42 -48.60 -12.06
N GLY M 100 -67.08 -49.86 -11.84
CA GLY M 100 -67.38 -50.88 -12.82
C GLY M 100 -68.86 -51.20 -12.85
N GLN M 101 -69.27 -51.92 -13.91
CA GLN M 101 -70.68 -52.28 -14.03
C GLN M 101 -71.11 -53.25 -12.94
N GLY M 102 -70.18 -53.92 -12.29
CA GLY M 102 -70.49 -54.85 -11.22
C GLY M 102 -70.46 -56.29 -11.68
N THR M 103 -69.98 -57.17 -10.80
CA THR M 103 -69.94 -58.59 -11.07
C THR M 103 -70.63 -59.32 -9.92
N LYS M 104 -71.64 -60.11 -10.25
CA LYS M 104 -72.44 -60.79 -9.24
C LYS M 104 -71.92 -62.21 -9.03
N LEU M 105 -71.67 -62.55 -7.77
CA LEU M 105 -71.23 -63.88 -7.37
C LEU M 105 -72.47 -64.70 -7.04
N GLU M 106 -72.70 -65.76 -7.81
CA GLU M 106 -73.88 -66.60 -7.66
C GLU M 106 -73.47 -67.99 -7.16
N ILE M 107 -74.22 -68.50 -6.19
CA ILE M 107 -73.96 -69.82 -5.64
C ILE M 107 -74.41 -70.86 -6.66
N LYS M 108 -73.69 -71.98 -6.72
CA LYS M 108 -73.94 -73.02 -7.71
C LYS M 108 -74.64 -74.21 -7.06
N ARG M 109 -75.71 -74.68 -7.70
CA ARG M 109 -76.49 -75.80 -7.21
C ARG M 109 -76.99 -76.61 -8.41
N THR M 110 -77.92 -77.53 -8.16
CA THR M 110 -78.45 -78.39 -9.20
C THR M 110 -79.59 -77.70 -9.95
N VAL M 111 -79.92 -78.26 -11.11
CA VAL M 111 -80.99 -77.73 -11.94
C VAL M 111 -82.33 -78.04 -11.29
N ALA M 112 -83.20 -77.03 -11.22
CA ALA M 112 -84.51 -77.15 -10.61
C ALA M 112 -85.60 -76.97 -11.66
N ALA M 113 -86.65 -77.79 -11.54
CA ALA M 113 -87.78 -77.73 -12.45
C ALA M 113 -88.84 -76.79 -11.90
N PRO M 114 -89.23 -75.75 -12.64
CA PRO M 114 -90.20 -74.79 -12.10
C PRO M 114 -91.59 -75.37 -12.02
N SER M 115 -92.39 -74.80 -11.11
CA SER M 115 -93.81 -75.09 -11.02
C SER M 115 -94.58 -73.86 -11.48
N VAL M 116 -95.55 -74.06 -12.36
CA VAL M 116 -96.33 -72.98 -12.95
C VAL M 116 -97.70 -72.94 -12.30
N PHE M 117 -98.09 -71.76 -11.83
CA PHE M 117 -99.36 -71.57 -11.16
C PHE M 117 -100.09 -70.36 -11.74
N ILE M 118 -101.34 -70.57 -12.15
CA ILE M 118 -102.14 -69.55 -12.84
C ILE M 118 -103.09 -68.90 -11.86
N PHE M 119 -103.37 -67.61 -12.08
CA PHE M 119 -104.26 -66.84 -11.23
C PHE M 119 -105.00 -65.78 -12.05
N PRO M 120 -106.30 -65.95 -12.25
CA PRO M 120 -107.08 -64.93 -12.95
C PRO M 120 -107.36 -63.74 -12.05
N PRO M 121 -107.78 -62.61 -12.60
CA PRO M 121 -108.21 -61.49 -11.76
C PRO M 121 -109.41 -61.86 -10.91
N SER M 122 -109.45 -61.30 -9.70
CA SER M 122 -110.52 -61.59 -8.76
C SER M 122 -111.72 -60.68 -9.03
N ASP M 123 -112.85 -61.03 -8.42
CA ASP M 123 -114.08 -60.26 -8.61
C ASP M 123 -113.92 -58.83 -8.09
N GLU M 124 -113.14 -58.65 -7.01
CA GLU M 124 -112.86 -57.30 -6.53
C GLU M 124 -112.09 -56.50 -7.56
N GLN M 125 -111.21 -57.16 -8.33
CA GLN M 125 -110.53 -56.52 -9.43
C GLN M 125 -111.35 -56.53 -10.72
N LEU M 126 -112.32 -57.45 -10.82
CA LEU M 126 -113.18 -57.55 -11.99
C LEU M 126 -114.33 -56.55 -11.97
N LYS M 127 -114.29 -55.57 -11.07
CA LYS M 127 -115.28 -54.51 -11.02
C LYS M 127 -114.70 -53.12 -11.18
N SER M 128 -113.37 -52.98 -11.19
CA SER M 128 -112.71 -51.69 -11.29
C SER M 128 -112.38 -51.32 -12.73
N GLY M 129 -112.73 -52.17 -13.70
CA GLY M 129 -112.46 -51.89 -15.09
C GLY M 129 -111.13 -52.39 -15.61
N THR M 130 -110.32 -53.02 -14.78
CA THR M 130 -109.03 -53.56 -15.19
C THR M 130 -108.93 -55.01 -14.73
N ALA M 131 -108.43 -55.87 -15.61
CA ALA M 131 -108.25 -57.29 -15.31
C ALA M 131 -106.78 -57.66 -15.46
N SER M 132 -106.24 -58.32 -14.45
CA SER M 132 -104.84 -58.71 -14.41
C SER M 132 -104.74 -60.20 -14.16
N VAL M 133 -104.07 -60.91 -15.08
CA VAL M 133 -103.85 -62.35 -14.95
C VAL M 133 -102.37 -62.57 -14.67
N VAL M 134 -102.07 -63.38 -13.65
CA VAL M 134 -100.70 -63.57 -13.19
C VAL M 134 -100.40 -65.06 -13.15
N CYS M 135 -99.26 -65.45 -13.74
CA CYS M 135 -98.79 -66.82 -13.58
C CYS M 135 -97.36 -66.82 -13.07
N LEU M 136 -97.09 -67.80 -12.20
CA LEU M 136 -95.87 -67.85 -11.41
C LEU M 136 -95.06 -69.09 -11.75
N LEU M 137 -93.76 -68.89 -11.95
CA LEU M 137 -92.76 -69.95 -12.02
C LEU M 137 -92.05 -70.00 -10.68
N ASN M 138 -92.03 -71.18 -10.06
CA ASN M 138 -91.46 -71.33 -8.73
C ASN M 138 -90.36 -72.39 -8.74
N ASN M 139 -89.29 -72.13 -7.99
CA ASN M 139 -88.24 -73.12 -7.75
C ASN M 139 -87.59 -73.57 -9.05
N PHE M 140 -86.96 -72.63 -9.74
CA PHE M 140 -86.23 -72.90 -10.96
C PHE M 140 -84.81 -72.37 -10.86
N TYR M 141 -83.86 -73.12 -11.42
CA TYR M 141 -82.45 -72.79 -11.41
C TYR M 141 -81.83 -73.20 -12.74
N PRO M 142 -80.97 -72.34 -13.34
CA PRO M 142 -80.63 -71.00 -12.87
C PRO M 142 -81.70 -69.94 -13.15
N ARG M 143 -81.28 -68.68 -13.17
CA ARG M 143 -82.20 -67.56 -13.33
C ARG M 143 -82.89 -67.57 -14.69
N GLU M 144 -82.21 -68.06 -15.73
CA GLU M 144 -82.74 -67.97 -17.09
C GLU M 144 -84.05 -68.75 -17.22
N ALA M 145 -85.04 -68.10 -17.84
CA ALA M 145 -86.35 -68.71 -18.06
C ALA M 145 -87.10 -67.85 -19.09
N LYS M 146 -87.83 -68.51 -19.98
CA LYS M 146 -88.57 -67.83 -21.04
C LYS M 146 -90.07 -67.95 -20.79
N VAL M 147 -90.77 -66.82 -20.78
CA VAL M 147 -92.19 -66.77 -20.52
C VAL M 147 -92.88 -66.09 -21.69
N GLN M 148 -94.01 -66.68 -22.13
CA GLN M 148 -94.77 -66.15 -23.26
C GLN M 148 -96.25 -66.16 -22.91
N TRP M 149 -96.90 -65.00 -22.97
CA TRP M 149 -98.33 -64.92 -22.71
C TRP M 149 -99.11 -65.09 -24.02
N LYS M 150 -100.10 -65.97 -24.00
CA LYS M 150 -100.90 -66.24 -25.18
C LYS M 150 -102.38 -66.11 -24.84
N VAL M 151 -103.13 -65.47 -25.74
CA VAL M 151 -104.55 -65.25 -25.57
C VAL M 151 -105.25 -65.76 -26.83
N ASP M 152 -106.14 -66.72 -26.65
CA ASP M 152 -106.86 -67.36 -27.77
C ASP M 152 -105.88 -67.88 -28.82
N ASN M 153 -104.83 -68.57 -28.34
CA ASN M 153 -103.79 -69.14 -29.18
C ASN M 153 -103.08 -68.08 -30.02
N ALA M 154 -103.00 -66.86 -29.50
CA ALA M 154 -102.30 -65.76 -30.14
C ALA M 154 -101.28 -65.19 -29.16
N LEU M 155 -100.04 -65.01 -29.62
CA LEU M 155 -98.96 -64.57 -28.76
C LEU M 155 -99.06 -63.08 -28.49
N GLN M 156 -99.40 -62.72 -27.26
CA GLN M 156 -99.39 -61.32 -26.86
C GLN M 156 -97.97 -60.83 -26.62
N SER M 157 -97.77 -59.53 -26.84
CA SER M 157 -96.45 -58.93 -26.68
C SER M 157 -96.61 -57.44 -26.46
N GLY M 158 -95.76 -56.87 -25.59
CA GLY M 158 -95.78 -55.45 -25.32
C GLY M 158 -96.81 -55.00 -24.30
N ASN M 159 -97.57 -55.92 -23.72
CA ASN M 159 -98.59 -55.59 -22.73
C ASN M 159 -98.40 -56.37 -21.44
N SER M 160 -97.23 -56.97 -21.24
CA SER M 160 -96.97 -57.83 -20.09
C SER M 160 -95.84 -57.25 -19.26
N GLN M 161 -95.80 -57.66 -18.00
CA GLN M 161 -94.75 -57.25 -17.07
C GLN M 161 -94.21 -58.48 -16.36
N GLU M 162 -92.93 -58.42 -15.99
CA GLU M 162 -92.24 -59.53 -15.35
C GLU M 162 -91.58 -59.04 -14.06
N SER M 163 -91.64 -59.88 -13.02
CA SER M 163 -91.03 -59.55 -11.74
C SER M 163 -90.26 -60.76 -11.22
N VAL M 164 -89.02 -60.52 -10.81
CA VAL M 164 -88.14 -61.56 -10.31
C VAL M 164 -87.66 -61.17 -8.92
N THR M 165 -87.60 -62.15 -8.02
CA THR M 165 -87.14 -61.96 -6.66
C THR M 165 -85.67 -62.34 -6.52
N GLU M 166 -85.15 -62.17 -5.31
CA GLU M 166 -83.78 -62.57 -5.03
C GLU M 166 -83.67 -64.09 -4.96
N GLN M 167 -82.44 -64.57 -5.04
CA GLN M 167 -82.18 -66.01 -4.95
C GLN M 167 -82.60 -66.54 -3.59
N ASP M 168 -83.29 -67.67 -3.59
CA ASP M 168 -83.75 -68.27 -2.33
C ASP M 168 -82.58 -68.65 -1.45
N SER M 169 -82.67 -68.32 -0.16
CA SER M 169 -81.64 -68.67 0.79
C SER M 169 -81.67 -70.15 1.18
N LYS M 170 -82.83 -70.79 1.13
CA LYS M 170 -82.99 -72.16 1.61
C LYS M 170 -82.89 -73.21 0.51
N ASP M 171 -83.20 -72.86 -0.75
CA ASP M 171 -83.11 -73.79 -1.86
C ASP M 171 -82.26 -73.28 -3.02
N SER M 172 -81.78 -72.04 -2.97
CA SER M 172 -80.96 -71.45 -4.04
C SER M 172 -81.69 -71.49 -5.38
N THR M 173 -82.99 -71.22 -5.36
CA THR M 173 -83.84 -71.22 -6.53
C THR M 173 -84.40 -69.82 -6.75
N TYR M 174 -85.34 -69.71 -7.70
CA TYR M 174 -85.88 -68.40 -8.07
C TYR M 174 -87.39 -68.49 -8.24
N SER M 175 -88.04 -67.34 -8.14
CA SER M 175 -89.46 -67.18 -8.41
C SER M 175 -89.66 -66.04 -9.39
N LEU M 176 -90.46 -66.29 -10.42
CA LEU M 176 -90.72 -65.30 -11.46
C LEU M 176 -92.22 -65.19 -11.69
N SER M 177 -92.77 -63.99 -11.54
CA SER M 177 -94.19 -63.75 -11.73
C SER M 177 -94.40 -62.90 -12.97
N SER M 178 -95.21 -63.41 -13.90
CA SER M 178 -95.53 -62.71 -15.13
C SER M 178 -97.00 -62.29 -15.10
N THR M 179 -97.25 -61.01 -15.35
CA THR M 179 -98.59 -60.44 -15.26
C THR M 179 -98.98 -59.80 -16.60
N LEU M 180 -100.26 -59.93 -16.93
CA LEU M 180 -100.83 -59.32 -18.12
C LEU M 180 -102.07 -58.53 -17.71
N THR M 181 -102.09 -57.25 -18.07
CA THR M 181 -103.15 -56.32 -17.68
C THR M 181 -103.92 -55.86 -18.91
N LEU M 182 -105.25 -55.91 -18.83
CA LEU M 182 -106.11 -55.49 -19.92
C LEU M 182 -107.33 -54.78 -19.35
N SER M 183 -108.14 -54.22 -20.24
CA SER M 183 -109.38 -53.54 -19.87
C SER M 183 -110.55 -54.49 -20.03
N LYS M 184 -111.73 -54.04 -19.59
CA LYS M 184 -112.93 -54.88 -19.68
C LYS M 184 -113.28 -55.23 -21.11
N ALA M 185 -113.17 -54.26 -22.03
CA ALA M 185 -113.44 -54.55 -23.44
C ALA M 185 -112.45 -55.57 -23.98
N ASP M 186 -111.17 -55.44 -23.62
CA ASP M 186 -110.15 -56.37 -24.08
C ASP M 186 -110.25 -57.72 -23.38
N TYR M 187 -110.83 -57.77 -22.18
CA TYR M 187 -110.85 -59.00 -21.40
C TYR M 187 -111.98 -59.92 -21.85
N GLU M 188 -113.17 -59.36 -22.08
CA GLU M 188 -114.34 -60.16 -22.41
C GLU M 188 -114.45 -60.48 -23.90
N LYS M 189 -113.51 -60.03 -24.72
CA LYS M 189 -113.51 -60.33 -26.14
C LYS M 189 -112.67 -61.56 -26.47
N HIS M 190 -112.14 -62.25 -25.47
CA HIS M 190 -111.39 -63.47 -25.67
C HIS M 190 -111.78 -64.48 -24.59
N LYS M 191 -111.45 -65.74 -24.83
CA LYS M 191 -111.99 -66.84 -24.03
C LYS M 191 -110.94 -67.53 -23.18
N VAL M 192 -109.86 -68.03 -23.76
CA VAL M 192 -108.87 -68.84 -23.05
C VAL M 192 -107.57 -68.05 -22.96
N TYR M 193 -106.96 -68.07 -21.79
CA TYR M 193 -105.70 -67.37 -21.54
C TYR M 193 -104.67 -68.35 -21.01
N ALA M 194 -103.43 -68.24 -21.47
CA ALA M 194 -102.41 -69.20 -21.10
C ALA M 194 -101.05 -68.51 -21.02
N CYS M 195 -100.13 -69.14 -20.29
CA CYS M 195 -98.74 -68.72 -20.32
C CYS M 195 -97.85 -69.94 -20.52
N GLU M 196 -96.76 -69.71 -21.24
CA GLU M 196 -95.81 -70.72 -21.64
C GLU M 196 -94.47 -70.48 -20.95
N VAL M 197 -93.93 -71.55 -20.36
CA VAL M 197 -92.61 -71.55 -19.76
C VAL M 197 -91.70 -72.45 -20.59
N THR M 198 -90.53 -71.92 -20.94
CA THR M 198 -89.44 -72.68 -21.51
C THR M 198 -88.24 -72.55 -20.58
N HIS M 199 -87.67 -73.68 -20.20
CA HIS M 199 -86.62 -73.72 -19.19
C HIS M 199 -85.65 -74.83 -19.55
N GLN M 200 -84.40 -74.70 -19.11
CA GLN M 200 -83.41 -75.71 -19.45
C GLN M 200 -83.69 -77.03 -18.74
N GLY M 201 -84.26 -76.96 -17.54
CA GLY M 201 -84.62 -78.15 -16.79
C GLY M 201 -85.91 -78.81 -17.24
N LEU M 202 -86.62 -78.19 -18.16
CA LEU M 202 -87.83 -78.74 -18.75
C LEU M 202 -87.50 -79.30 -20.13
N SER M 203 -87.74 -80.60 -20.33
CA SER M 203 -87.42 -81.23 -21.60
C SER M 203 -88.22 -80.61 -22.74
N SER M 204 -89.49 -80.31 -22.51
CA SER M 204 -90.34 -79.70 -23.51
C SER M 204 -91.01 -78.46 -22.95
N PRO M 205 -91.35 -77.50 -23.81
CA PRO M 205 -92.07 -76.31 -23.32
C PRO M 205 -93.38 -76.69 -22.65
N VAL M 206 -93.70 -75.97 -21.57
CA VAL M 206 -94.88 -76.28 -20.76
C VAL M 206 -95.82 -75.08 -20.80
N THR M 207 -97.04 -75.30 -21.28
CA THR M 207 -98.05 -74.26 -21.38
C THR M 207 -99.18 -74.54 -20.42
N LYS M 208 -99.51 -73.56 -19.58
CA LYS M 208 -100.62 -73.66 -18.64
C LYS M 208 -101.73 -72.72 -19.10
N SER M 209 -102.93 -73.27 -19.26
CA SER M 209 -104.06 -72.56 -19.83
C SER M 209 -105.26 -72.61 -18.89
N PHE M 210 -106.11 -71.59 -18.99
CA PHE M 210 -107.35 -71.57 -18.23
C PHE M 210 -108.41 -70.83 -19.05
N ASN M 211 -109.65 -71.31 -18.96
CA ASN M 211 -110.78 -70.74 -19.66
C ASN M 211 -111.67 -69.99 -18.68
N ARG M 212 -112.00 -68.73 -19.01
CA ARG M 212 -112.83 -67.93 -18.12
C ARG M 212 -114.27 -68.42 -18.09
N GLY M 213 -114.79 -68.90 -19.22
CA GLY M 213 -116.17 -69.39 -19.24
C GLY M 213 -116.36 -70.63 -18.40
N GLU M 214 -115.45 -71.59 -18.53
CA GLU M 214 -115.57 -72.84 -17.77
C GLU M 214 -115.35 -72.60 -16.28
N CYS M 215 -114.32 -71.83 -15.93
CA CYS M 215 -113.99 -71.61 -14.52
C CYS M 215 -113.67 -70.14 -14.26
N GLU N 1 -46.35 -14.80 -42.01
CA GLU N 1 -45.32 -15.52 -42.75
C GLU N 1 -44.10 -15.81 -41.87
N VAL N 2 -44.24 -16.80 -40.98
CA VAL N 2 -43.12 -17.24 -40.16
C VAL N 2 -42.18 -18.08 -41.02
N GLN N 3 -40.89 -17.76 -40.98
CA GLN N 3 -39.92 -18.54 -41.74
C GLN N 3 -38.61 -18.62 -40.96
N LEU N 4 -37.96 -19.78 -41.03
CA LEU N 4 -36.64 -19.98 -40.43
C LEU N 4 -35.70 -20.46 -41.51
N VAL N 5 -34.58 -19.75 -41.69
CA VAL N 5 -33.67 -19.99 -42.81
C VAL N 5 -32.28 -20.27 -42.24
N GLU N 6 -31.63 -21.31 -42.75
CA GLU N 6 -30.26 -21.66 -42.40
C GLU N 6 -29.29 -21.15 -43.44
N SER N 7 -28.13 -20.67 -42.98
CA SER N 7 -27.08 -20.27 -43.90
C SER N 7 -25.72 -20.43 -43.23
N GLY N 8 -24.70 -20.60 -44.06
CA GLY N 8 -23.33 -20.63 -43.59
C GLY N 8 -22.70 -22.01 -43.44
N GLY N 9 -23.42 -23.08 -43.78
CA GLY N 9 -22.86 -24.40 -43.65
C GLY N 9 -21.90 -24.74 -44.77
N GLY N 10 -21.19 -25.86 -44.58
CA GLY N 10 -20.23 -26.29 -45.59
C GLY N 10 -19.25 -27.30 -45.03
N LEU N 11 -18.09 -27.38 -45.69
CA LEU N 11 -17.04 -28.32 -45.37
C LEU N 11 -15.87 -27.60 -44.72
N VAL N 12 -15.38 -28.13 -43.60
CA VAL N 12 -14.27 -27.54 -42.88
C VAL N 12 -13.26 -28.63 -42.53
N GLN N 13 -12.02 -28.21 -42.34
CA GLN N 13 -10.97 -29.11 -41.90
C GLN N 13 -11.17 -29.48 -40.42
N PRO N 14 -10.58 -30.59 -39.97
CA PRO N 14 -10.64 -30.90 -38.53
C PRO N 14 -10.02 -29.79 -37.69
N GLY N 15 -10.63 -29.52 -36.54
CA GLY N 15 -10.21 -28.43 -35.70
C GLY N 15 -10.62 -27.06 -36.17
N GLY N 16 -11.50 -26.97 -37.18
CA GLY N 16 -11.86 -25.71 -37.76
C GLY N 16 -12.98 -25.01 -37.02
N SER N 17 -13.35 -23.84 -37.54
CA SER N 17 -14.37 -22.99 -36.94
C SER N 17 -15.33 -22.49 -38.01
N LEU N 18 -16.57 -22.29 -37.62
CA LEU N 18 -17.60 -21.82 -38.55
C LEU N 18 -18.62 -21.00 -37.79
N ARG N 19 -19.42 -20.25 -38.54
CA ARG N 19 -20.45 -19.37 -37.99
C ARG N 19 -21.72 -19.51 -38.83
N LEU N 20 -22.70 -20.21 -38.29
CA LEU N 20 -23.97 -20.45 -38.95
C LEU N 20 -24.99 -19.41 -38.54
N SER N 21 -25.82 -19.00 -39.50
CA SER N 21 -26.81 -17.95 -39.29
C SER N 21 -28.21 -18.49 -39.49
N CYS N 22 -29.10 -18.13 -38.56
CA CYS N 22 -30.51 -18.47 -38.60
C CYS N 22 -31.30 -17.18 -38.79
N ALA N 23 -31.93 -17.05 -39.95
CA ALA N 23 -32.76 -15.88 -40.27
C ALA N 23 -34.21 -16.18 -39.93
N ALA N 24 -34.89 -15.19 -39.36
CA ALA N 24 -36.24 -15.35 -38.87
C ALA N 24 -37.20 -14.44 -39.64
N SER N 25 -38.46 -14.86 -39.69
CA SER N 25 -39.52 -14.08 -40.31
C SER N 25 -40.80 -14.24 -39.51
N GLU N 26 -41.37 -13.12 -39.07
CA GLU N 26 -42.62 -12.94 -38.35
C GLU N 26 -42.49 -13.32 -36.86
N ILE N 27 -41.38 -13.88 -36.42
CA ILE N 27 -41.18 -14.22 -35.01
C ILE N 27 -39.94 -13.50 -34.49
N THR N 28 -40.00 -13.05 -33.25
CA THR N 28 -38.92 -12.29 -32.64
C THR N 28 -37.92 -13.26 -32.01
N VAL N 29 -36.64 -13.09 -32.35
CA VAL N 29 -35.61 -14.00 -31.87
C VAL N 29 -35.38 -13.81 -30.38
N SER N 30 -35.29 -12.55 -29.94
CA SER N 30 -34.96 -12.25 -28.55
C SER N 30 -36.17 -12.33 -27.61
N SER N 31 -37.33 -12.72 -28.11
CA SER N 31 -38.54 -12.76 -27.30
C SER N 31 -39.02 -14.17 -26.98
N ASN N 32 -38.50 -15.19 -27.66
CA ASN N 32 -38.96 -16.56 -27.46
C ASN N 32 -37.77 -17.51 -27.48
N TYR N 33 -38.01 -18.74 -27.03
CA TYR N 33 -36.95 -19.74 -26.87
C TYR N 33 -36.53 -20.25 -28.24
N MET N 34 -35.23 -20.23 -28.51
CA MET N 34 -34.69 -20.67 -29.79
C MET N 34 -33.65 -21.76 -29.58
N ASN N 35 -33.79 -22.86 -30.32
CA ASN N 35 -32.95 -24.03 -30.13
C ASN N 35 -32.17 -24.36 -31.41
N TRP N 36 -30.98 -24.90 -31.21
CA TRP N 36 -30.14 -25.43 -32.28
C TRP N 36 -29.98 -26.93 -32.03
N VAL N 37 -30.36 -27.74 -33.02
CA VAL N 37 -30.41 -29.18 -32.89
C VAL N 37 -29.70 -29.82 -34.07
N ARG N 38 -28.75 -30.72 -33.80
CA ARG N 38 -28.02 -31.39 -34.86
C ARG N 38 -28.53 -32.81 -35.03
N GLN N 39 -28.44 -33.31 -36.27
CA GLN N 39 -28.85 -34.66 -36.62
C GLN N 39 -27.79 -35.26 -37.53
N ALA N 40 -27.19 -36.36 -37.10
CA ALA N 40 -26.17 -37.03 -37.90
C ALA N 40 -26.81 -37.75 -39.08
N PRO N 41 -26.09 -37.92 -40.18
CA PRO N 41 -26.62 -38.71 -41.30
C PRO N 41 -26.90 -40.14 -40.89
N GLY N 42 -28.18 -40.54 -40.95
CA GLY N 42 -28.59 -41.86 -40.56
C GLY N 42 -28.99 -42.02 -39.10
N LYS N 43 -28.80 -40.99 -38.28
CA LYS N 43 -29.14 -41.04 -36.87
C LYS N 43 -30.36 -40.16 -36.59
N GLY N 44 -30.77 -40.13 -35.33
CA GLY N 44 -31.95 -39.37 -34.93
C GLY N 44 -31.63 -37.92 -34.58
N LEU N 45 -32.65 -37.25 -34.04
CA LEU N 45 -32.53 -35.86 -33.67
C LEU N 45 -31.86 -35.72 -32.31
N GLU N 46 -30.92 -34.78 -32.22
CA GLU N 46 -30.13 -34.60 -31.00
C GLU N 46 -30.04 -33.13 -30.66
N TRP N 47 -30.59 -32.76 -29.50
CA TRP N 47 -30.52 -31.38 -29.04
C TRP N 47 -29.07 -30.97 -28.77
N VAL N 48 -28.75 -29.71 -29.09
CA VAL N 48 -27.42 -29.16 -28.87
C VAL N 48 -27.47 -27.96 -27.93
N SER N 49 -28.17 -26.89 -28.34
CA SER N 49 -28.11 -25.65 -27.58
C SER N 49 -29.48 -24.99 -27.55
N VAL N 50 -29.67 -24.14 -26.55
CA VAL N 50 -30.91 -23.38 -26.38
C VAL N 50 -30.59 -21.99 -25.86
N VAL N 51 -31.38 -21.01 -26.30
CA VAL N 51 -31.29 -19.64 -25.83
C VAL N 51 -32.68 -19.17 -25.40
N TYR N 52 -32.75 -18.54 -24.23
CA TYR N 52 -33.98 -18.07 -23.64
C TYR N 52 -34.27 -16.63 -24.06
N PRO N 53 -35.51 -16.16 -23.89
CA PRO N 53 -35.79 -14.74 -24.15
C PRO N 53 -34.97 -13.79 -23.30
N GLY N 54 -34.63 -14.18 -22.08
CA GLY N 54 -33.86 -13.33 -21.20
C GLY N 54 -32.38 -13.26 -21.50
N GLY N 55 -31.92 -14.01 -22.49
CA GLY N 55 -30.52 -14.04 -22.87
C GLY N 55 -29.75 -15.25 -22.39
N SER N 56 -30.32 -16.05 -21.50
CA SER N 56 -29.61 -17.21 -20.98
C SER N 56 -29.31 -18.21 -22.10
N THR N 57 -28.14 -18.84 -22.00
CA THR N 57 -27.68 -19.78 -23.00
C THR N 57 -27.29 -21.09 -22.32
N PHE N 58 -27.76 -22.20 -22.89
CA PHE N 58 -27.43 -23.51 -22.35
C PHE N 58 -27.05 -24.45 -23.48
N TYR N 59 -26.17 -25.40 -23.18
CA TYR N 59 -25.58 -26.27 -24.17
C TYR N 59 -25.65 -27.72 -23.69
N THR N 60 -25.29 -28.63 -24.59
CA THR N 60 -25.08 -30.02 -24.19
C THR N 60 -23.66 -30.20 -23.66
N ASP N 61 -23.46 -31.28 -22.89
CA ASP N 61 -22.16 -31.51 -22.26
C ASP N 61 -21.07 -31.77 -23.28
N SER N 62 -21.43 -32.31 -24.45
CA SER N 62 -20.43 -32.64 -25.45
C SER N 62 -19.72 -31.39 -26.00
N VAL N 63 -20.48 -30.33 -26.26
CA VAL N 63 -19.95 -29.16 -26.94
C VAL N 63 -19.63 -28.02 -26.00
N LYS N 64 -19.83 -28.19 -24.69
CA LYS N 64 -19.60 -27.11 -23.74
C LYS N 64 -18.14 -26.66 -23.79
N GLY N 65 -17.94 -25.35 -23.92
CA GLY N 65 -16.62 -24.77 -24.04
C GLY N 65 -16.17 -24.50 -25.46
N ARG N 66 -16.85 -25.04 -26.46
CA ARG N 66 -16.49 -24.79 -27.85
C ARG N 66 -17.53 -24.01 -28.63
N PHE N 67 -18.80 -24.07 -28.24
CA PHE N 67 -19.89 -23.46 -29.00
C PHE N 67 -20.30 -22.14 -28.34
N THR N 68 -20.63 -21.16 -29.18
CA THR N 68 -21.09 -19.86 -28.71
C THR N 68 -22.32 -19.46 -29.50
N ILE N 69 -23.42 -19.18 -28.79
CA ILE N 69 -24.67 -18.78 -29.41
C ILE N 69 -24.93 -17.31 -29.07
N SER N 70 -25.35 -16.54 -30.09
CA SER N 70 -25.59 -15.12 -29.95
C SER N 70 -26.77 -14.73 -30.81
N ARG N 71 -27.31 -13.54 -30.53
CA ARG N 71 -28.47 -13.02 -31.23
C ARG N 71 -28.17 -11.63 -31.77
N ASP N 72 -28.93 -11.22 -32.78
CA ASP N 72 -28.82 -9.88 -33.35
C ASP N 72 -30.23 -9.35 -33.57
N ASN N 73 -30.57 -8.27 -32.88
CA ASN N 73 -31.93 -7.75 -32.89
C ASN N 73 -32.22 -6.89 -34.12
N SER N 74 -31.23 -6.17 -34.63
CA SER N 74 -31.46 -5.32 -35.80
C SER N 74 -31.84 -6.16 -37.02
N LYS N 75 -31.07 -7.22 -37.28
CA LYS N 75 -31.36 -8.12 -38.37
C LYS N 75 -32.24 -9.29 -37.97
N ASN N 76 -32.57 -9.41 -36.68
CA ASN N 76 -33.39 -10.52 -36.16
C ASN N 76 -32.80 -11.86 -36.55
N THR N 77 -31.49 -12.01 -36.33
CA THR N 77 -30.76 -13.21 -36.75
C THR N 77 -30.15 -13.89 -35.54
N LEU N 78 -29.78 -15.15 -35.73
CA LEU N 78 -29.12 -15.94 -34.70
C LEU N 78 -27.78 -16.43 -35.24
N TYR N 79 -26.74 -16.34 -34.41
CA TYR N 79 -25.40 -16.73 -34.80
C TYR N 79 -24.91 -17.87 -33.91
N LEU N 80 -24.40 -18.93 -34.54
CA LEU N 80 -23.78 -20.04 -33.82
C LEU N 80 -22.35 -20.18 -34.30
N GLN N 81 -21.39 -19.97 -33.40
CA GLN N 81 -19.98 -20.11 -33.72
C GLN N 81 -19.47 -21.40 -33.08
N MET N 82 -18.93 -22.29 -33.90
CA MET N 82 -18.29 -23.50 -33.42
C MET N 82 -16.80 -23.44 -33.73
N ASN N 83 -15.97 -23.78 -32.74
CA ASN N 83 -14.53 -23.73 -32.87
C ASN N 83 -13.96 -25.11 -32.57
N SER N 84 -12.81 -25.42 -33.18
CA SER N 84 -12.10 -26.68 -32.97
C SER N 84 -13.01 -27.88 -33.21
N LEU N 85 -13.51 -27.98 -34.45
CA LEU N 85 -14.47 -29.02 -34.78
C LEU N 85 -13.79 -30.39 -34.85
N ARG N 86 -14.59 -31.43 -34.71
CA ARG N 86 -14.10 -32.80 -34.69
C ARG N 86 -14.89 -33.63 -35.70
N ALA N 87 -14.45 -34.87 -35.89
CA ALA N 87 -15.09 -35.75 -36.87
C ALA N 87 -16.52 -36.09 -36.47
N GLU N 88 -16.86 -35.98 -35.18
CA GLU N 88 -18.19 -36.31 -34.72
C GLU N 88 -19.22 -35.24 -35.07
N ASP N 89 -18.79 -34.05 -35.46
CA ASP N 89 -19.71 -32.92 -35.65
C ASP N 89 -20.31 -32.88 -37.06
N THR N 90 -19.91 -33.77 -37.95
CA THR N 90 -20.49 -33.81 -39.29
C THR N 90 -21.96 -34.22 -39.19
N ALA N 91 -22.85 -33.30 -39.54
CA ALA N 91 -24.29 -33.53 -39.37
C ALA N 91 -25.04 -32.46 -40.15
N VAL N 92 -26.36 -32.42 -39.95
CA VAL N 92 -27.23 -31.37 -40.46
C VAL N 92 -27.81 -30.64 -39.25
N TYR N 93 -27.74 -29.32 -39.27
CA TYR N 93 -28.05 -28.48 -38.13
C TYR N 93 -29.33 -27.69 -38.40
N TYR N 94 -30.23 -27.71 -37.43
CA TYR N 94 -31.58 -27.21 -37.57
C TYR N 94 -31.80 -26.12 -36.54
N CYS N 95 -32.32 -24.98 -36.98
CA CYS N 95 -32.73 -23.88 -36.11
C CYS N 95 -34.23 -24.00 -35.90
N ALA N 96 -34.67 -23.93 -34.64
CA ALA N 96 -36.07 -24.14 -34.34
C ALA N 96 -36.54 -23.21 -33.23
N ARG N 97 -37.85 -23.02 -33.16
CA ARG N 97 -38.50 -22.28 -32.07
C ARG N 97 -39.10 -23.26 -31.09
N GLU N 98 -39.15 -22.88 -29.82
CA GLU N 98 -39.66 -23.77 -28.78
C GLU N 98 -40.77 -23.08 -28.00
N SER N 99 -41.71 -23.88 -27.49
CA SER N 99 -42.87 -23.42 -26.74
C SER N 99 -43.73 -22.48 -27.59
N GLY N 100 -44.22 -23.03 -28.70
CA GLY N 100 -45.08 -22.28 -29.59
C GLY N 100 -46.38 -22.99 -29.89
N GLY N 101 -46.94 -22.75 -31.07
CA GLY N 101 -48.19 -23.38 -31.47
C GLY N 101 -49.40 -22.75 -30.82
N PHE N 102 -50.56 -22.83 -31.50
CA PHE N 102 -51.78 -22.26 -30.92
C PHE N 102 -52.14 -22.89 -29.58
N PRO N 103 -52.11 -24.22 -29.40
CA PRO N 103 -52.39 -24.79 -28.08
C PRO N 103 -51.29 -24.55 -27.05
N LEU N 104 -50.24 -23.79 -27.39
CA LEU N 104 -49.16 -23.43 -26.47
C LEU N 104 -48.50 -24.69 -25.89
N ALA N 105 -47.88 -25.44 -26.79
CA ALA N 105 -47.12 -26.64 -26.43
C ALA N 105 -45.87 -26.20 -25.68
N GLU N 106 -45.92 -26.25 -24.35
CA GLU N 106 -44.79 -25.81 -23.53
C GLU N 106 -43.67 -26.84 -23.58
N GLY N 107 -42.50 -26.41 -24.03
CA GLY N 107 -41.35 -27.28 -24.13
C GLY N 107 -41.31 -28.13 -25.38
N ALA N 108 -42.18 -27.87 -26.35
CA ALA N 108 -42.23 -28.62 -27.59
C ALA N 108 -41.83 -27.74 -28.76
N PHE N 109 -41.68 -28.36 -29.93
CA PHE N 109 -41.18 -27.69 -31.12
C PHE N 109 -42.28 -27.67 -32.18
N ASP N 110 -42.67 -26.47 -32.62
CA ASP N 110 -43.63 -26.34 -33.69
C ASP N 110 -43.04 -25.86 -35.00
N ILE N 111 -42.01 -25.03 -34.97
CA ILE N 111 -41.42 -24.44 -36.17
C ILE N 111 -39.94 -24.78 -36.21
N TRP N 112 -39.49 -25.30 -37.35
CA TRP N 112 -38.13 -25.74 -37.59
C TRP N 112 -37.53 -24.99 -38.77
N GLY N 113 -36.19 -24.97 -38.82
CA GLY N 113 -35.47 -24.43 -39.95
C GLY N 113 -35.41 -25.40 -41.13
N GLN N 114 -34.95 -24.89 -42.26
CA GLN N 114 -34.71 -25.76 -43.41
C GLN N 114 -33.53 -26.70 -43.18
N GLY N 115 -32.56 -26.28 -42.37
CA GLY N 115 -31.39 -27.09 -42.05
C GLY N 115 -30.21 -26.80 -42.95
N THR N 116 -29.01 -26.91 -42.38
CA THR N 116 -27.77 -26.70 -43.14
C THR N 116 -26.81 -27.85 -42.87
N MET N 117 -26.05 -28.23 -43.89
CA MET N 117 -25.10 -29.33 -43.77
C MET N 117 -23.74 -28.80 -43.35
N VAL N 118 -23.20 -29.36 -42.28
CA VAL N 118 -21.86 -29.02 -41.81
C VAL N 118 -21.06 -30.31 -41.71
N THR N 119 -19.98 -30.40 -42.48
CA THR N 119 -19.13 -31.59 -42.49
C THR N 119 -17.70 -31.20 -42.14
N VAL N 120 -17.03 -32.05 -41.38
CA VAL N 120 -15.66 -31.82 -40.94
C VAL N 120 -14.82 -33.00 -41.43
N SER N 121 -13.89 -32.73 -42.34
CA SER N 121 -13.01 -33.78 -42.85
C SER N 121 -11.78 -33.14 -43.47
N SER N 122 -10.73 -33.95 -43.61
CA SER N 122 -9.50 -33.55 -44.27
C SER N 122 -9.18 -34.51 -45.42
N ALA N 123 -10.20 -34.83 -46.22
CA ALA N 123 -10.08 -35.89 -47.21
C ALA N 123 -9.50 -35.42 -48.54
N SER N 124 -9.04 -34.17 -48.64
CA SER N 124 -8.34 -33.68 -49.82
C SER N 124 -9.21 -33.81 -51.08
N THR N 125 -10.25 -32.97 -51.11
CA THR N 125 -11.25 -32.93 -52.18
C THR N 125 -10.66 -33.24 -53.55
N LYS N 126 -11.25 -34.21 -54.25
CA LYS N 126 -10.63 -34.80 -55.43
C LYS N 126 -11.71 -35.43 -56.30
N GLY N 127 -11.35 -35.66 -57.57
CA GLY N 127 -12.29 -36.13 -58.55
C GLY N 127 -12.55 -37.63 -58.48
N PRO N 128 -13.72 -38.04 -58.98
CA PRO N 128 -14.08 -39.46 -58.95
C PRO N 128 -13.43 -40.26 -60.06
N SER N 129 -13.47 -41.58 -59.90
CA SER N 129 -13.06 -42.52 -60.93
C SER N 129 -14.18 -43.52 -61.18
N VAL N 130 -14.44 -43.83 -62.44
CA VAL N 130 -15.55 -44.68 -62.85
C VAL N 130 -15.02 -45.97 -63.44
N PHE N 131 -15.63 -47.09 -63.05
CA PHE N 131 -15.25 -48.40 -63.54
C PHE N 131 -16.48 -49.10 -64.10
N PRO N 132 -16.37 -49.76 -65.25
CA PRO N 132 -17.53 -50.46 -65.81
C PRO N 132 -17.84 -51.74 -65.05
N LEU N 133 -19.10 -52.15 -65.12
CA LEU N 133 -19.57 -53.44 -64.61
C LEU N 133 -20.42 -54.03 -65.72
N ALA N 134 -19.78 -54.79 -66.61
CA ALA N 134 -20.47 -55.30 -67.78
C ALA N 134 -21.37 -56.48 -67.40
N PRO N 135 -22.49 -56.67 -68.11
CA PRO N 135 -23.33 -57.83 -67.83
C PRO N 135 -22.62 -59.12 -68.22
N SER N 136 -22.96 -60.20 -67.51
CA SER N 136 -22.25 -61.46 -67.66
C SER N 136 -22.50 -62.08 -69.03
N SER N 137 -21.61 -62.98 -69.42
CA SER N 137 -21.68 -63.65 -70.72
C SER N 137 -22.82 -64.67 -70.68
N LYS N 138 -24.00 -64.25 -71.13
CA LYS N 138 -25.17 -65.12 -71.12
C LYS N 138 -26.03 -64.78 -72.33
N SER N 139 -26.73 -65.78 -72.86
CA SER N 139 -27.51 -65.59 -74.08
C SER N 139 -28.80 -64.84 -73.80
N THR N 140 -29.69 -65.44 -73.01
CA THR N 140 -30.94 -64.81 -72.63
C THR N 140 -31.12 -64.66 -71.13
N SER N 141 -30.89 -65.74 -70.37
CA SER N 141 -31.11 -65.74 -68.92
C SER N 141 -32.50 -65.22 -68.56
N GLY N 142 -33.50 -65.68 -69.30
CA GLY N 142 -34.84 -65.19 -69.11
C GLY N 142 -35.06 -63.77 -69.60
N GLY N 143 -34.24 -63.31 -70.54
CA GLY N 143 -34.37 -61.95 -71.06
C GLY N 143 -34.10 -60.88 -70.03
N THR N 144 -33.16 -61.12 -69.12
CA THR N 144 -32.85 -60.18 -68.05
C THR N 144 -31.34 -60.17 -67.81
N ALA N 145 -30.75 -59.00 -67.94
CA ALA N 145 -29.33 -58.80 -67.63
C ALA N 145 -29.17 -57.50 -66.85
N ALA N 146 -28.07 -57.40 -66.11
CA ALA N 146 -27.79 -56.24 -65.29
C ALA N 146 -26.40 -55.71 -65.62
N LEU N 147 -26.31 -54.39 -65.81
CA LEU N 147 -25.02 -53.75 -66.07
C LEU N 147 -24.94 -52.52 -65.17
N GLY N 148 -23.79 -51.85 -65.18
CA GLY N 148 -23.70 -50.64 -64.40
C GLY N 148 -22.33 -50.02 -64.37
N CYS N 149 -22.20 -49.00 -63.52
CA CYS N 149 -20.95 -48.29 -63.28
C CYS N 149 -20.68 -48.24 -61.79
N LEU N 150 -19.40 -48.17 -61.43
CA LEU N 150 -18.97 -48.02 -60.04
C LEU N 150 -18.13 -46.76 -59.92
N VAL N 151 -18.58 -45.84 -59.08
CA VAL N 151 -17.88 -44.58 -58.84
C VAL N 151 -17.11 -44.74 -57.53
N LYS N 152 -15.82 -44.43 -57.56
CA LYS N 152 -14.93 -44.64 -56.43
C LYS N 152 -14.03 -43.43 -56.25
N ASP N 153 -13.63 -43.18 -55.01
CA ASP N 153 -12.57 -42.23 -54.68
C ASP N 153 -12.92 -40.81 -55.13
N TYR N 154 -14.01 -40.28 -54.54
CA TYR N 154 -14.39 -38.89 -54.76
C TYR N 154 -14.75 -38.26 -53.42
N PHE N 155 -14.56 -36.94 -53.34
CA PHE N 155 -14.81 -36.17 -52.14
C PHE N 155 -14.93 -34.71 -52.51
N PRO N 156 -15.91 -33.98 -51.96
CA PRO N 156 -16.99 -34.51 -51.11
C PRO N 156 -18.26 -34.74 -51.92
N GLU N 157 -19.36 -35.02 -51.23
CA GLU N 157 -20.64 -35.15 -51.90
C GLU N 157 -21.10 -33.80 -52.43
N PRO N 158 -21.95 -33.79 -53.48
CA PRO N 158 -22.55 -34.91 -54.18
C PRO N 158 -21.94 -35.29 -55.54
N VAL N 159 -22.68 -36.11 -56.27
CA VAL N 159 -22.23 -36.59 -57.58
C VAL N 159 -23.47 -37.07 -58.31
N THR N 160 -23.54 -36.78 -59.62
CA THR N 160 -24.70 -37.15 -60.41
C THR N 160 -24.28 -38.09 -61.54
N VAL N 161 -24.97 -39.23 -61.63
CA VAL N 161 -24.66 -40.28 -62.58
C VAL N 161 -25.89 -40.51 -63.46
N SER N 162 -25.67 -40.53 -64.78
CA SER N 162 -26.75 -40.68 -65.74
C SER N 162 -26.37 -41.71 -66.79
N TRP N 163 -27.39 -42.28 -67.42
CA TRP N 163 -27.23 -43.31 -68.44
C TRP N 163 -27.78 -42.82 -69.76
N ASN N 164 -26.92 -42.78 -70.78
CA ASN N 164 -27.30 -42.32 -72.12
C ASN N 164 -27.91 -40.93 -72.08
N SER N 165 -27.34 -40.07 -71.23
CA SER N 165 -27.80 -38.69 -71.05
C SER N 165 -29.29 -38.64 -70.70
N GLY N 166 -29.73 -39.56 -69.85
CA GLY N 166 -31.12 -39.56 -69.41
C GLY N 166 -32.10 -40.21 -70.36
N ALA N 167 -31.63 -40.76 -71.49
CA ALA N 167 -32.53 -41.44 -72.41
C ALA N 167 -33.14 -42.70 -71.81
N LEU N 168 -32.50 -43.30 -70.83
CA LEU N 168 -33.02 -44.48 -70.15
C LEU N 168 -33.15 -44.18 -68.67
N THR N 169 -34.34 -44.38 -68.12
CA THR N 169 -34.61 -44.15 -66.71
C THR N 169 -35.33 -45.34 -66.10
N SER N 170 -35.85 -46.21 -66.96
CA SER N 170 -36.57 -47.39 -66.49
C SER N 170 -35.58 -48.39 -65.87
N GLY N 171 -35.92 -48.88 -64.68
CA GLY N 171 -35.11 -49.90 -64.03
C GLY N 171 -33.71 -49.46 -63.66
N VAL N 172 -33.54 -48.22 -63.21
CA VAL N 172 -32.24 -47.69 -62.82
C VAL N 172 -32.19 -47.62 -61.30
N HIS N 173 -31.19 -48.28 -60.71
CA HIS N 173 -30.96 -48.24 -59.27
C HIS N 173 -29.64 -47.54 -59.01
N THR N 174 -29.69 -46.37 -58.38
CA THR N 174 -28.50 -45.61 -58.03
C THR N 174 -28.26 -45.79 -56.54
N PHE N 175 -27.37 -46.71 -56.19
CA PHE N 175 -27.10 -46.98 -54.79
C PHE N 175 -26.44 -45.78 -54.12
N PRO N 176 -26.87 -45.45 -52.89
CA PRO N 176 -26.26 -44.34 -52.18
C PRO N 176 -24.80 -44.63 -51.82
N ALA N 177 -24.04 -43.55 -51.65
CA ALA N 177 -22.62 -43.68 -51.36
C ALA N 177 -22.40 -44.31 -49.98
N VAL N 178 -21.25 -44.96 -49.83
CA VAL N 178 -20.86 -45.62 -48.59
C VAL N 178 -19.52 -45.06 -48.15
N LEU N 179 -19.25 -45.11 -46.84
CA LEU N 179 -18.01 -44.61 -46.29
C LEU N 179 -17.00 -45.75 -46.18
N GLN N 180 -15.83 -45.56 -46.78
CA GLN N 180 -14.76 -46.53 -46.67
C GLN N 180 -13.74 -46.08 -45.62
N SER N 181 -12.69 -46.88 -45.44
CA SER N 181 -11.70 -46.59 -44.40
C SER N 181 -10.94 -45.30 -44.68
N SER N 182 -10.61 -45.04 -45.94
CA SER N 182 -9.82 -43.86 -46.30
C SER N 182 -10.60 -42.55 -46.17
N GLY N 183 -11.91 -42.61 -45.93
CA GLY N 183 -12.72 -41.42 -45.81
C GLY N 183 -13.31 -40.91 -47.10
N LEU N 184 -12.96 -41.53 -48.23
CA LEU N 184 -13.48 -41.12 -49.52
C LEU N 184 -14.90 -41.64 -49.71
N TYR N 185 -15.41 -41.56 -50.94
CA TYR N 185 -16.78 -41.93 -51.25
C TYR N 185 -16.81 -42.90 -52.42
N SER N 186 -17.78 -43.81 -52.37
CA SER N 186 -17.96 -44.82 -53.41
C SER N 186 -19.41 -45.23 -53.46
N LEU N 187 -19.90 -45.49 -54.68
CA LEU N 187 -21.25 -45.97 -54.89
C LEU N 187 -21.32 -46.70 -56.23
N SER N 188 -22.49 -47.28 -56.51
CA SER N 188 -22.72 -47.99 -57.75
C SER N 188 -24.05 -47.57 -58.34
N SER N 189 -24.09 -47.48 -59.67
CA SER N 189 -25.32 -47.17 -60.40
C SER N 189 -25.55 -48.26 -61.43
N VAL N 190 -26.58 -49.08 -61.22
CA VAL N 190 -26.82 -50.24 -62.06
C VAL N 190 -28.17 -50.08 -62.74
N VAL N 191 -28.36 -50.88 -63.80
CA VAL N 191 -29.59 -50.88 -64.57
C VAL N 191 -29.85 -52.29 -65.10
N THR N 192 -31.11 -52.69 -65.07
CA THR N 192 -31.55 -53.98 -65.58
C THR N 192 -32.17 -53.77 -66.96
N VAL N 193 -31.65 -54.48 -67.95
CA VAL N 193 -32.07 -54.34 -69.35
C VAL N 193 -32.27 -55.73 -69.95
N PRO N 194 -33.06 -55.87 -71.00
CA PRO N 194 -33.18 -57.17 -71.66
C PRO N 194 -31.85 -57.58 -72.29
N SER N 195 -31.67 -58.90 -72.43
CA SER N 195 -30.43 -59.42 -73.00
C SER N 195 -30.26 -58.97 -74.45
N SER N 196 -31.36 -58.94 -75.22
CA SER N 196 -31.28 -58.54 -76.62
C SER N 196 -30.82 -57.10 -76.79
N SER N 197 -30.95 -56.27 -75.75
CA SER N 197 -30.49 -54.89 -75.80
C SER N 197 -28.99 -54.76 -75.51
N LEU N 198 -28.32 -55.88 -75.18
CA LEU N 198 -26.87 -55.87 -75.02
C LEU N 198 -26.13 -55.77 -76.35
N GLY N 199 -26.79 -56.05 -77.46
CA GLY N 199 -26.10 -56.17 -78.73
C GLY N 199 -25.98 -54.89 -79.55
N THR N 200 -27.10 -54.21 -79.79
CA THR N 200 -27.07 -53.07 -80.71
C THR N 200 -27.12 -51.73 -79.98
N GLN N 201 -27.86 -51.64 -78.88
CA GLN N 201 -27.95 -50.37 -78.15
C GLN N 201 -26.59 -49.96 -77.61
N THR N 202 -26.32 -48.65 -77.68
CA THR N 202 -25.11 -48.07 -77.10
C THR N 202 -25.42 -47.56 -75.71
N TYR N 203 -24.56 -47.91 -74.75
CA TYR N 203 -24.74 -47.51 -73.36
C TYR N 203 -23.69 -46.47 -73.00
N ILE N 204 -24.14 -45.30 -72.56
CA ILE N 204 -23.26 -44.20 -72.20
C ILE N 204 -23.44 -43.92 -70.71
N CYS N 205 -22.32 -43.89 -69.99
CA CYS N 205 -22.31 -43.67 -68.54
C CYS N 205 -21.64 -42.33 -68.28
N ASN N 206 -22.40 -41.40 -67.68
CA ASN N 206 -21.91 -40.06 -67.39
C ASN N 206 -21.87 -39.85 -65.89
N VAL N 207 -20.75 -39.34 -65.39
CA VAL N 207 -20.57 -39.05 -63.97
C VAL N 207 -20.05 -37.63 -63.83
N ASN N 208 -20.75 -36.81 -63.06
CA ASN N 208 -20.41 -35.40 -62.89
C ASN N 208 -20.21 -35.09 -61.41
N HIS N 209 -19.10 -34.44 -61.10
CA HIS N 209 -18.71 -34.06 -59.74
C HIS N 209 -18.43 -32.57 -59.74
N LYS N 210 -19.28 -31.80 -59.05
CA LYS N 210 -19.18 -30.34 -59.05
C LYS N 210 -18.02 -29.82 -58.20
N PRO N 211 -17.84 -30.26 -56.95
CA PRO N 211 -16.74 -29.70 -56.15
C PRO N 211 -15.36 -29.90 -56.76
N SER N 212 -15.11 -31.04 -57.40
CA SER N 212 -13.86 -31.27 -58.11
C SER N 212 -13.92 -30.87 -59.57
N ASN N 213 -15.11 -30.49 -60.07
CA ASN N 213 -15.29 -30.07 -61.46
C ASN N 213 -14.84 -31.15 -62.43
N THR N 214 -15.14 -32.41 -62.10
CA THR N 214 -14.74 -33.55 -62.91
C THR N 214 -15.98 -34.15 -63.58
N LYS N 215 -16.03 -34.07 -64.90
CA LYS N 215 -17.14 -34.62 -65.68
C LYS N 215 -16.57 -35.65 -66.64
N VAL N 216 -17.05 -36.88 -66.55
CA VAL N 216 -16.52 -38.00 -67.33
C VAL N 216 -17.67 -38.72 -68.02
N ASP N 217 -17.43 -39.15 -69.25
CA ASP N 217 -18.34 -40.01 -70.00
C ASP N 217 -17.58 -41.23 -70.50
N LYS N 218 -18.21 -42.39 -70.41
CA LYS N 218 -17.56 -43.64 -70.80
C LYS N 218 -18.61 -44.60 -71.34
N ARG N 219 -18.12 -45.76 -71.78
CA ARG N 219 -18.93 -46.75 -72.47
C ARG N 219 -18.82 -48.09 -71.76
N VAL N 220 -19.94 -48.79 -71.64
CA VAL N 220 -20.00 -50.11 -71.05
C VAL N 220 -20.28 -51.11 -72.16
N GLU N 221 -19.35 -52.05 -72.36
CA GLU N 221 -19.48 -53.07 -73.39
C GLU N 221 -19.11 -54.42 -72.80
N PRO N 222 -19.88 -55.46 -73.09
CA PRO N 222 -19.55 -56.79 -72.58
C PRO N 222 -18.21 -57.28 -73.12
N LYS N 223 -17.54 -58.09 -72.32
CA LYS N 223 -16.27 -58.70 -72.70
C LYS N 223 -16.49 -60.17 -73.05
N SER N 224 -15.60 -60.68 -73.89
CA SER N 224 -15.65 -62.08 -74.33
C SER N 224 -14.59 -62.87 -73.57
N CYS N 225 -15.01 -63.93 -72.90
CA CYS N 225 -14.09 -64.74 -72.11
C CYS N 225 -13.25 -65.66 -72.99
N ASP O 1 -31.19 -37.46 -17.42
CA ASP O 1 -30.68 -38.70 -18.01
C ASP O 1 -31.82 -39.63 -18.41
N ILE O 2 -32.87 -39.07 -19.01
CA ILE O 2 -33.99 -39.89 -19.46
C ILE O 2 -33.68 -40.48 -20.82
N GLN O 3 -33.79 -41.79 -20.93
CA GLN O 3 -33.59 -42.52 -22.18
C GLN O 3 -34.91 -43.12 -22.62
N MET O 4 -35.25 -42.93 -23.90
CA MET O 4 -36.52 -43.36 -24.44
C MET O 4 -36.30 -44.55 -25.37
N THR O 5 -37.21 -45.51 -25.32
CA THR O 5 -37.21 -46.67 -26.19
C THR O 5 -38.51 -46.68 -26.98
N GLN O 6 -38.40 -46.89 -28.29
CA GLN O 6 -39.54 -46.84 -29.19
C GLN O 6 -39.81 -48.22 -29.76
N SER O 7 -41.09 -48.54 -29.94
CA SER O 7 -41.49 -49.84 -30.46
C SER O 7 -42.63 -49.67 -31.45
N PRO O 8 -42.60 -50.36 -32.60
CA PRO O 8 -41.48 -51.20 -33.04
C PRO O 8 -40.38 -50.40 -33.74
N SER O 9 -39.25 -51.04 -34.03
CA SER O 9 -38.21 -50.39 -34.82
C SER O 9 -38.72 -50.05 -36.22
N SER O 10 -39.45 -50.98 -36.84
CA SER O 10 -40.07 -50.75 -38.14
C SER O 10 -41.38 -51.53 -38.20
N LEU O 11 -42.39 -50.93 -38.82
CA LEU O 11 -43.70 -51.55 -38.94
C LEU O 11 -44.18 -51.42 -40.38
N SER O 12 -44.71 -52.51 -40.92
CA SER O 12 -45.20 -52.55 -42.29
C SER O 12 -46.72 -52.52 -42.28
N ALA O 13 -47.30 -51.56 -43.01
CA ALA O 13 -48.75 -51.40 -43.02
C ALA O 13 -49.18 -50.87 -44.38
N SER O 14 -50.44 -51.09 -44.72
CA SER O 14 -51.03 -50.67 -45.98
C SER O 14 -52.05 -49.57 -45.74
N VAL O 15 -52.74 -49.21 -46.83
CA VAL O 15 -53.72 -48.12 -46.79
C VAL O 15 -54.93 -48.55 -45.95
N GLY O 16 -55.38 -47.64 -45.09
CA GLY O 16 -56.58 -47.86 -44.30
C GLY O 16 -56.41 -48.69 -43.05
N ASP O 17 -55.18 -49.09 -42.72
CA ASP O 17 -54.93 -49.89 -41.54
C ASP O 17 -54.66 -49.02 -40.32
N ARG O 18 -54.84 -49.61 -39.14
CA ARG O 18 -54.64 -48.92 -37.87
C ARG O 18 -53.34 -49.39 -37.24
N VAL O 19 -52.48 -48.43 -36.89
CA VAL O 19 -51.15 -48.73 -36.40
C VAL O 19 -50.89 -47.94 -35.12
N SER O 20 -50.27 -48.59 -34.13
CA SER O 20 -49.94 -47.96 -32.87
C SER O 20 -48.45 -48.09 -32.58
N ILE O 21 -47.86 -47.01 -32.08
CA ILE O 21 -46.44 -46.94 -31.76
C ILE O 21 -46.29 -46.58 -30.30
N THR O 22 -45.42 -47.31 -29.59
CA THR O 22 -45.24 -47.14 -28.16
C THR O 22 -43.91 -46.47 -27.86
N CYS O 23 -43.92 -45.56 -26.89
CA CYS O 23 -42.73 -44.92 -26.38
C CYS O 23 -42.66 -45.14 -24.88
N ARG O 24 -41.49 -45.58 -24.40
CA ARG O 24 -41.29 -45.87 -22.99
C ARG O 24 -40.07 -45.12 -22.48
N ALA O 25 -40.18 -44.61 -21.26
CA ALA O 25 -39.08 -43.91 -20.60
C ALA O 25 -38.63 -44.70 -19.37
N SER O 26 -37.34 -44.59 -19.06
CA SER O 26 -36.79 -45.29 -17.90
C SER O 26 -37.37 -44.79 -16.58
N GLN O 27 -38.02 -43.63 -16.59
CA GLN O 27 -38.74 -43.13 -15.43
C GLN O 27 -39.95 -42.34 -15.90
N SER O 28 -40.93 -42.21 -15.01
CA SER O 28 -42.18 -41.56 -15.37
C SER O 28 -41.95 -40.09 -15.70
N ILE O 29 -42.63 -39.61 -16.75
CA ILE O 29 -42.53 -38.22 -17.18
C ILE O 29 -43.89 -37.52 -17.14
N SER O 30 -44.86 -38.11 -16.43
CA SER O 30 -46.22 -37.58 -16.33
C SER O 30 -46.78 -37.48 -17.73
N THR O 31 -47.21 -36.30 -18.21
CA THR O 31 -47.70 -36.14 -19.57
C THR O 31 -46.85 -35.16 -20.37
N HIS O 32 -45.54 -35.15 -20.11
CA HIS O 32 -44.63 -34.24 -20.81
C HIS O 32 -43.92 -34.99 -21.93
N LEU O 33 -44.71 -35.32 -22.95
CA LEU O 33 -44.18 -35.98 -24.14
C LEU O 33 -44.90 -35.43 -25.37
N HIS O 34 -44.15 -35.36 -26.48
CA HIS O 34 -44.69 -34.88 -27.74
C HIS O 34 -44.30 -35.84 -28.85
N TRP O 35 -45.22 -36.03 -29.79
CA TRP O 35 -45.03 -36.91 -30.94
C TRP O 35 -44.75 -36.09 -32.18
N TYR O 36 -43.61 -36.38 -32.82
CA TYR O 36 -43.13 -35.67 -33.99
C TYR O 36 -43.11 -36.62 -35.18
N GLN O 37 -43.37 -36.09 -36.36
CA GLN O 37 -43.29 -36.86 -37.60
C GLN O 37 -42.31 -36.19 -38.55
N GLN O 38 -41.45 -36.99 -39.16
CA GLN O 38 -40.51 -36.50 -40.15
C GLN O 38 -40.50 -37.43 -41.36
N LYS O 39 -40.70 -36.86 -42.56
CA LYS O 39 -40.42 -37.57 -43.79
C LYS O 39 -38.95 -37.41 -44.15
N PRO O 40 -38.36 -38.40 -44.83
CA PRO O 40 -36.96 -38.26 -45.22
C PRO O 40 -36.76 -37.08 -46.17
N GLY O 41 -35.65 -36.36 -45.98
CA GLY O 41 -35.32 -35.24 -46.81
C GLY O 41 -35.96 -33.91 -46.46
N LYS O 42 -36.57 -33.79 -45.27
CA LYS O 42 -37.05 -32.51 -44.77
C LYS O 42 -37.06 -32.51 -43.24
N ALA O 43 -37.27 -31.34 -42.68
CA ALA O 43 -37.46 -31.14 -41.25
C ALA O 43 -38.77 -31.79 -40.79
N PRO O 44 -38.85 -32.21 -39.53
CA PRO O 44 -40.04 -32.85 -39.06
C PRO O 44 -41.20 -31.90 -38.82
N LYS O 45 -42.30 -32.47 -38.32
CA LYS O 45 -43.50 -31.68 -38.07
C LYS O 45 -44.11 -32.07 -36.73
N LEU O 46 -44.75 -31.12 -36.08
CA LEU O 46 -45.32 -31.35 -34.75
C LEU O 46 -46.69 -32.00 -34.90
N LEU O 47 -46.79 -33.26 -34.46
CA LEU O 47 -48.06 -34.00 -34.50
C LEU O 47 -48.86 -33.84 -33.21
N ILE O 48 -48.30 -34.28 -32.10
CA ILE O 48 -49.02 -34.34 -30.84
C ILE O 48 -48.25 -33.57 -29.77
N SER O 49 -48.94 -32.69 -29.07
CA SER O 49 -48.38 -31.94 -27.96
C SER O 49 -48.98 -32.43 -26.65
N ALA O 50 -48.14 -32.46 -25.61
CA ALA O 50 -48.51 -32.96 -24.29
C ALA O 50 -48.96 -34.41 -24.32
N ALA O 51 -48.66 -35.12 -25.42
CA ALA O 51 -48.94 -36.54 -25.60
C ALA O 51 -50.43 -36.85 -25.70
N SER O 52 -51.27 -35.82 -25.55
CA SER O 52 -52.71 -36.04 -25.63
C SER O 52 -53.48 -34.97 -26.42
N THR O 53 -52.89 -33.82 -26.72
CA THR O 53 -53.60 -32.73 -27.36
C THR O 53 -53.14 -32.58 -28.80
N LEU O 54 -54.08 -32.66 -29.74
CA LEU O 54 -53.77 -32.53 -31.15
C LEU O 54 -53.53 -31.07 -31.52
N GLN O 55 -52.56 -30.85 -32.42
CA GLN O 55 -52.28 -29.52 -32.92
C GLN O 55 -53.25 -29.15 -34.03
N SER O 56 -53.51 -27.85 -34.15
CA SER O 56 -54.40 -27.35 -35.19
C SER O 56 -53.76 -27.52 -36.56
N GLY O 57 -54.56 -27.93 -37.53
CA GLY O 57 -54.05 -28.22 -38.86
C GLY O 57 -53.58 -29.64 -39.08
N VAL O 58 -53.64 -30.48 -38.05
CA VAL O 58 -53.22 -31.88 -38.14
C VAL O 58 -54.47 -32.73 -38.28
N PRO O 59 -54.48 -33.74 -39.16
CA PRO O 59 -55.70 -34.54 -39.36
C PRO O 59 -56.12 -35.26 -38.09
N SER O 60 -57.44 -35.45 -37.97
CA SER O 60 -58.05 -35.99 -36.76
C SER O 60 -57.83 -37.49 -36.60
N ARG O 61 -57.25 -38.18 -37.58
CA ARG O 61 -57.02 -39.60 -37.45
C ARG O 61 -55.95 -39.91 -36.40
N PHE O 62 -54.96 -39.05 -36.27
CA PHE O 62 -53.92 -39.25 -35.26
C PHE O 62 -54.49 -39.08 -33.86
N SER O 63 -54.04 -39.94 -32.95
CA SER O 63 -54.47 -39.86 -31.55
C SER O 63 -53.32 -40.28 -30.66
N GLY O 64 -53.40 -39.86 -29.40
CA GLY O 64 -52.38 -40.20 -28.43
C GLY O 64 -52.98 -40.53 -27.09
N SER O 65 -52.30 -41.39 -26.35
CA SER O 65 -52.77 -41.83 -25.05
C SER O 65 -51.58 -42.27 -24.21
N GLY O 66 -51.84 -42.57 -22.95
CA GLY O 66 -50.81 -43.03 -22.04
C GLY O 66 -50.42 -41.96 -21.03
N SER O 67 -49.57 -42.37 -20.09
CA SER O 67 -49.15 -41.49 -19.01
C SER O 67 -48.02 -42.16 -18.24
N GLY O 68 -47.14 -41.34 -17.68
CA GLY O 68 -46.05 -41.83 -16.86
C GLY O 68 -44.86 -42.28 -17.67
N THR O 69 -44.69 -43.60 -17.78
CA THR O 69 -43.59 -44.19 -18.54
C THR O 69 -44.06 -44.96 -19.76
N ASP O 70 -45.33 -44.85 -20.14
CA ASP O 70 -45.89 -45.60 -21.25
C ASP O 70 -46.78 -44.69 -22.07
N PHE O 71 -46.45 -44.49 -23.35
CA PHE O 71 -47.22 -43.63 -24.23
C PHE O 71 -47.47 -44.34 -25.55
N THR O 72 -48.64 -44.08 -26.13
CA THR O 72 -49.08 -44.73 -27.36
C THR O 72 -49.59 -43.70 -28.34
N LEU O 73 -49.22 -43.87 -29.61
CA LEU O 73 -49.65 -43.01 -30.71
C LEU O 73 -50.32 -43.86 -31.77
N THR O 74 -51.56 -43.54 -32.11
CA THR O 74 -52.41 -44.40 -32.93
C THR O 74 -52.88 -43.67 -34.18
N ILE O 75 -52.84 -44.37 -35.31
CA ILE O 75 -53.42 -43.91 -36.57
C ILE O 75 -54.51 -44.90 -36.97
N THR O 76 -55.72 -44.40 -37.14
CA THR O 76 -56.86 -45.27 -37.43
C THR O 76 -56.87 -45.69 -38.89
N SER O 77 -56.98 -44.71 -39.80
CA SER O 77 -56.91 -44.97 -41.23
C SER O 77 -55.57 -44.45 -41.75
N LEU O 78 -54.83 -45.32 -42.40
CA LEU O 78 -53.51 -44.97 -42.92
C LEU O 78 -53.65 -44.49 -44.36
N GLN O 79 -53.56 -43.17 -44.55
CA GLN O 79 -53.51 -42.62 -45.89
C GLN O 79 -52.14 -42.88 -46.51
N PRO O 80 -52.06 -42.91 -47.85
CA PRO O 80 -50.79 -43.25 -48.49
C PRO O 80 -49.65 -42.28 -48.19
N GLU O 81 -49.95 -41.06 -47.76
CA GLU O 81 -48.92 -40.07 -47.46
C GLU O 81 -48.38 -40.18 -46.04
N ASP O 82 -48.83 -41.15 -45.26
CA ASP O 82 -48.47 -41.28 -43.85
C ASP O 82 -47.19 -42.07 -43.63
N PHE O 83 -46.56 -42.59 -44.69
CA PHE O 83 -45.37 -43.41 -44.55
C PHE O 83 -44.18 -42.50 -44.27
N ALA O 84 -43.83 -42.40 -42.99
CA ALA O 84 -42.72 -41.54 -42.57
C ALA O 84 -42.10 -42.12 -41.32
N THR O 85 -41.28 -41.32 -40.64
CA THR O 85 -40.60 -41.70 -39.41
C THR O 85 -41.20 -40.91 -38.25
N TYR O 86 -41.26 -41.53 -37.07
CA TYR O 86 -41.94 -40.95 -35.93
C TYR O 86 -41.03 -40.94 -34.71
N TYR O 87 -41.08 -39.85 -33.96
CA TYR O 87 -40.25 -39.65 -32.78
C TYR O 87 -41.12 -39.27 -31.58
N CYS O 88 -40.67 -39.66 -30.39
CA CYS O 88 -41.24 -39.19 -29.14
C CYS O 88 -40.19 -38.41 -28.38
N GLN O 89 -40.56 -37.23 -27.88
CA GLN O 89 -39.63 -36.33 -27.22
C GLN O 89 -40.21 -35.90 -25.88
N GLN O 90 -39.37 -35.90 -24.84
CA GLN O 90 -39.80 -35.58 -23.49
C GLN O 90 -39.38 -34.16 -23.12
N SER O 91 -40.06 -33.61 -22.11
CA SER O 91 -39.74 -32.31 -21.53
C SER O 91 -39.74 -32.38 -20.02
N TYR O 92 -39.40 -33.54 -19.46
CA TYR O 92 -39.43 -33.74 -18.02
C TYR O 92 -38.13 -33.29 -17.35
N SER O 93 -36.99 -33.66 -17.94
CA SER O 93 -35.71 -33.16 -17.44
C SER O 93 -35.60 -31.67 -17.73
N THR O 94 -35.60 -30.86 -16.66
CA THR O 94 -35.74 -29.42 -16.78
C THR O 94 -34.54 -28.72 -17.41
N PRO O 95 -33.34 -28.73 -16.77
CA PRO O 95 -32.32 -27.76 -17.18
C PRO O 95 -31.70 -28.02 -18.55
N ARG O 96 -31.16 -29.22 -18.76
CA ARG O 96 -30.40 -29.51 -19.98
C ARG O 96 -30.66 -30.93 -20.46
N GLY O 97 -31.82 -31.48 -20.13
CA GLY O 97 -32.05 -32.90 -20.37
C GLY O 97 -33.03 -33.25 -21.47
N LEU O 98 -33.14 -32.40 -22.49
CA LEU O 98 -34.03 -32.70 -23.61
C LEU O 98 -33.42 -33.80 -24.46
N SER O 99 -34.25 -34.77 -24.88
CA SER O 99 -33.77 -35.90 -25.65
C SER O 99 -34.85 -36.37 -26.60
N PHE O 100 -34.44 -37.10 -27.62
CA PHE O 100 -35.36 -37.72 -28.58
C PHE O 100 -35.28 -39.24 -28.49
N GLY O 101 -36.23 -39.89 -29.18
CA GLY O 101 -36.29 -41.34 -29.19
C GLY O 101 -35.59 -41.95 -30.40
N GLY O 102 -35.66 -43.28 -30.47
CA GLY O 102 -35.00 -43.98 -31.56
C GLY O 102 -35.62 -43.72 -32.92
N GLY O 103 -36.94 -43.73 -32.98
CA GLY O 103 -37.63 -43.49 -34.24
C GLY O 103 -38.21 -44.77 -34.81
N THR O 104 -39.46 -44.68 -35.27
CA THR O 104 -40.17 -45.80 -35.87
C THR O 104 -40.52 -45.48 -37.31
N LYS O 105 -40.21 -46.39 -38.21
CA LYS O 105 -40.42 -46.20 -39.64
C LYS O 105 -41.55 -47.08 -40.13
N VAL O 106 -42.49 -46.49 -40.88
CA VAL O 106 -43.64 -47.19 -41.42
C VAL O 106 -43.41 -47.39 -42.91
N GLU O 107 -43.54 -48.62 -43.37
CA GLU O 107 -43.28 -48.97 -44.76
C GLU O 107 -44.49 -49.71 -45.34
N ILE O 108 -44.57 -49.72 -46.67
CA ILE O 108 -45.64 -50.40 -47.39
C ILE O 108 -45.38 -51.90 -47.38
N LYS O 109 -46.42 -52.68 -47.12
CA LYS O 109 -46.36 -54.13 -47.26
C LYS O 109 -46.91 -54.55 -48.62
N ARG O 110 -46.42 -55.69 -49.10
CA ARG O 110 -46.82 -56.25 -50.40
C ARG O 110 -46.59 -57.75 -50.36
N THR O 111 -46.61 -58.38 -51.54
CA THR O 111 -46.42 -59.82 -51.62
C THR O 111 -44.93 -60.14 -51.50
N VAL O 112 -44.57 -61.40 -51.73
CA VAL O 112 -43.19 -61.87 -51.60
C VAL O 112 -42.55 -61.89 -52.97
N ALA O 113 -41.39 -61.24 -53.10
CA ALA O 113 -40.67 -61.14 -54.36
C ALA O 113 -39.29 -61.75 -54.23
N ALA O 114 -38.92 -62.59 -55.20
CA ALA O 114 -37.62 -63.27 -55.21
C ALA O 114 -36.57 -62.36 -55.82
N PRO O 115 -35.45 -62.11 -55.14
CA PRO O 115 -34.38 -61.31 -55.72
C PRO O 115 -33.70 -62.02 -56.87
N SER O 116 -33.21 -61.22 -57.82
CA SER O 116 -32.37 -61.71 -58.91
C SER O 116 -30.93 -61.37 -58.59
N VAL O 117 -30.03 -62.35 -58.76
CA VAL O 117 -28.64 -62.24 -58.35
C VAL O 117 -27.77 -62.06 -59.58
N PHE O 118 -26.88 -61.07 -59.53
CA PHE O 118 -25.90 -60.83 -60.57
C PHE O 118 -24.54 -60.60 -59.93
N ILE O 119 -23.48 -60.88 -60.69
CA ILE O 119 -22.12 -60.76 -60.19
C ILE O 119 -21.28 -60.00 -61.23
N PHE O 120 -20.40 -59.14 -60.74
CA PHE O 120 -19.48 -58.38 -61.57
C PHE O 120 -18.07 -58.52 -60.99
N PRO O 121 -17.18 -59.26 -61.63
CA PRO O 121 -15.79 -59.32 -61.19
C PRO O 121 -15.05 -58.06 -61.58
N PRO O 122 -13.89 -57.79 -60.98
CA PRO O 122 -13.11 -56.61 -61.36
C PRO O 122 -12.65 -56.68 -62.80
N SER O 123 -12.59 -55.52 -63.45
CA SER O 123 -12.19 -55.43 -64.84
C SER O 123 -10.71 -55.07 -64.95
N ASP O 124 -10.17 -55.23 -66.16
CA ASP O 124 -8.76 -54.95 -66.40
C ASP O 124 -8.46 -53.46 -66.26
N GLU O 125 -9.42 -52.60 -66.60
CA GLU O 125 -9.27 -51.18 -66.35
C GLU O 125 -9.08 -50.91 -64.87
N GLN O 126 -9.84 -51.61 -64.02
CA GLN O 126 -9.59 -51.54 -62.58
C GLN O 126 -8.27 -52.22 -62.21
N LEU O 127 -7.94 -53.31 -62.91
CA LEU O 127 -6.78 -54.11 -62.54
C LEU O 127 -5.46 -53.41 -62.84
N LYS O 128 -5.43 -52.42 -63.74
CA LYS O 128 -4.16 -51.75 -64.00
C LYS O 128 -3.77 -50.83 -62.84
N SER O 129 -4.74 -50.46 -62.00
CA SER O 129 -4.51 -49.53 -60.90
C SER O 129 -4.21 -50.23 -59.58
N GLY O 130 -4.11 -51.56 -59.57
CA GLY O 130 -3.78 -52.27 -58.36
C GLY O 130 -4.91 -52.48 -57.39
N THR O 131 -6.15 -52.50 -57.87
CA THR O 131 -7.31 -52.73 -57.04
C THR O 131 -8.21 -53.76 -57.70
N ALA O 132 -8.92 -54.54 -56.88
CA ALA O 132 -9.86 -55.54 -57.37
C ALA O 132 -11.13 -55.48 -56.53
N SER O 133 -12.24 -55.09 -57.15
CA SER O 133 -13.52 -55.02 -56.46
C SER O 133 -14.51 -55.93 -57.17
N VAL O 134 -15.14 -56.81 -56.42
CA VAL O 134 -16.15 -57.73 -56.92
C VAL O 134 -17.49 -57.34 -56.30
N VAL O 135 -18.54 -57.34 -57.12
CA VAL O 135 -19.86 -56.85 -56.70
C VAL O 135 -20.89 -57.95 -56.91
N CYS O 136 -21.71 -58.20 -55.90
CA CYS O 136 -22.88 -59.07 -55.99
C CYS O 136 -24.12 -58.23 -55.76
N LEU O 137 -25.06 -58.28 -56.71
CA LEU O 137 -26.23 -57.43 -56.70
C LEU O 137 -27.50 -58.28 -56.63
N LEU O 138 -28.39 -57.94 -55.69
CA LEU O 138 -29.69 -58.54 -55.55
C LEU O 138 -30.75 -57.51 -55.93
N ASN O 139 -31.63 -57.88 -56.85
CA ASN O 139 -32.64 -56.98 -57.38
C ASN O 139 -34.04 -57.45 -57.01
N ASN O 140 -34.89 -56.50 -56.61
CA ASN O 140 -36.34 -56.69 -56.49
C ASN O 140 -36.66 -57.81 -55.50
N PHE O 141 -36.33 -57.55 -54.24
CA PHE O 141 -36.67 -58.46 -53.15
C PHE O 141 -37.46 -57.73 -52.07
N TYR O 142 -38.35 -58.47 -51.43
CA TYR O 142 -39.15 -58.00 -50.31
C TYR O 142 -39.47 -59.21 -49.44
N PRO O 143 -39.30 -59.11 -48.11
CA PRO O 143 -38.86 -57.92 -47.37
C PRO O 143 -37.35 -57.71 -47.40
N ARG O 144 -36.90 -56.61 -46.79
CA ARG O 144 -35.49 -56.22 -46.87
C ARG O 144 -34.58 -57.16 -46.08
N GLU O 145 -35.16 -57.95 -45.18
CA GLU O 145 -34.37 -58.85 -44.33
C GLU O 145 -33.73 -59.94 -45.19
N ALA O 146 -32.42 -59.82 -45.42
CA ALA O 146 -31.69 -60.79 -46.21
C ALA O 146 -30.22 -60.72 -45.82
N LYS O 147 -29.53 -61.84 -45.95
CA LYS O 147 -28.12 -61.92 -45.57
C LYS O 147 -27.28 -62.42 -46.74
N VAL O 148 -26.19 -61.70 -47.01
CA VAL O 148 -25.28 -62.01 -48.11
C VAL O 148 -23.89 -62.27 -47.54
N GLN O 149 -23.28 -63.37 -47.95
CA GLN O 149 -21.95 -63.76 -47.51
C GLN O 149 -21.03 -63.89 -48.71
N TRP O 150 -19.74 -63.69 -48.47
CA TRP O 150 -18.72 -63.72 -49.51
C TRP O 150 -17.76 -64.87 -49.26
N LYS O 151 -17.46 -65.64 -50.31
CA LYS O 151 -16.53 -66.75 -50.24
C LYS O 151 -15.40 -66.51 -51.22
N VAL O 152 -14.17 -66.56 -50.74
CA VAL O 152 -12.97 -66.50 -51.57
C VAL O 152 -12.36 -67.89 -51.58
N ASP O 153 -12.57 -68.63 -52.66
CA ASP O 153 -12.15 -70.02 -52.78
C ASP O 153 -12.66 -70.86 -51.61
N ASN O 154 -13.98 -70.79 -51.40
CA ASN O 154 -14.69 -71.54 -50.36
C ASN O 154 -14.18 -71.20 -48.96
N ALA O 155 -13.80 -69.95 -48.73
CA ALA O 155 -13.31 -69.51 -47.42
C ALA O 155 -14.18 -68.39 -46.91
N LEU O 156 -14.47 -68.44 -45.60
CA LEU O 156 -15.26 -67.39 -44.98
C LEU O 156 -14.52 -66.05 -45.02
N GLN O 157 -15.24 -65.01 -45.44
CA GLN O 157 -14.68 -63.69 -45.62
C GLN O 157 -15.38 -62.70 -44.70
N SER O 158 -14.59 -61.80 -44.10
CA SER O 158 -15.14 -60.82 -43.17
C SER O 158 -14.21 -59.62 -43.12
N GLY O 159 -14.76 -58.48 -42.70
CA GLY O 159 -13.99 -57.28 -42.50
C GLY O 159 -13.70 -56.47 -43.74
N ASN O 160 -14.15 -56.93 -44.92
CA ASN O 160 -13.88 -56.24 -46.18
C ASN O 160 -15.10 -56.24 -47.08
N SER O 161 -16.30 -56.20 -46.50
CA SER O 161 -17.55 -56.23 -47.25
C SER O 161 -18.29 -54.90 -47.07
N GLN O 162 -18.65 -54.27 -48.18
CA GLN O 162 -19.42 -53.03 -48.16
C GLN O 162 -20.78 -53.27 -48.80
N GLU O 163 -21.85 -52.92 -48.10
CA GLU O 163 -23.21 -53.19 -48.54
C GLU O 163 -23.98 -51.89 -48.67
N SER O 164 -24.80 -51.80 -49.72
CA SER O 164 -25.69 -50.67 -49.95
C SER O 164 -27.09 -51.19 -50.26
N VAL O 165 -28.09 -50.41 -49.87
CA VAL O 165 -29.49 -50.80 -50.03
C VAL O 165 -30.26 -49.62 -50.61
N THR O 166 -31.35 -49.94 -51.32
CA THR O 166 -32.21 -48.92 -51.92
C THR O 166 -33.60 -48.97 -51.30
N GLU O 167 -34.16 -47.79 -51.05
CA GLU O 167 -35.45 -47.67 -50.40
C GLU O 167 -36.57 -48.12 -51.36
N GLN O 168 -37.78 -48.20 -50.82
CA GLN O 168 -38.93 -48.70 -51.56
C GLN O 168 -39.16 -47.88 -52.83
N ASP O 169 -39.43 -48.58 -53.93
CA ASP O 169 -39.64 -47.92 -55.22
C ASP O 169 -41.10 -47.49 -55.36
N SER O 170 -41.32 -46.55 -56.29
CA SER O 170 -42.62 -45.90 -56.44
C SER O 170 -43.64 -46.72 -57.22
N LYS O 171 -43.24 -47.83 -57.84
CA LYS O 171 -44.18 -48.69 -58.56
C LYS O 171 -44.21 -50.13 -58.06
N ASP O 172 -43.06 -50.66 -57.63
CA ASP O 172 -42.99 -52.02 -57.11
C ASP O 172 -42.79 -52.09 -55.60
N SER O 173 -42.22 -51.06 -54.99
CA SER O 173 -42.03 -51.00 -53.54
C SER O 173 -41.24 -52.20 -53.02
N THR O 174 -40.06 -52.43 -53.61
CA THR O 174 -39.12 -53.45 -53.16
C THR O 174 -37.82 -52.79 -52.74
N TYR O 175 -36.83 -53.63 -52.42
CA TYR O 175 -35.49 -53.16 -52.07
C TYR O 175 -34.47 -53.79 -53.01
N SER O 176 -33.35 -53.08 -53.18
CA SER O 176 -32.24 -53.56 -53.98
C SER O 176 -30.96 -53.47 -53.16
N LEU O 177 -30.20 -54.56 -53.17
CA LEU O 177 -29.01 -54.68 -52.33
C LEU O 177 -27.79 -54.89 -53.21
N SER O 178 -26.65 -54.36 -52.77
CA SER O 178 -25.39 -54.53 -53.49
C SER O 178 -24.27 -54.67 -52.47
N SER O 179 -23.60 -55.82 -52.49
CA SER O 179 -22.44 -56.05 -51.64
C SER O 179 -21.19 -56.07 -52.52
N THR O 180 -20.06 -55.68 -51.93
CA THR O 180 -18.82 -55.60 -52.69
C THR O 180 -17.63 -55.90 -51.80
N LEU O 181 -16.64 -56.56 -52.38
CA LEU O 181 -15.34 -56.78 -51.75
C LEU O 181 -14.29 -56.00 -52.52
N THR O 182 -13.49 -55.21 -51.80
CA THR O 182 -12.37 -54.48 -52.37
C THR O 182 -11.08 -55.02 -51.77
N LEU O 183 -10.13 -55.38 -52.63
CA LEU O 183 -8.87 -55.99 -52.21
C LEU O 183 -7.75 -55.53 -53.14
N SER O 184 -6.53 -55.93 -52.80
CA SER O 184 -5.37 -55.64 -53.62
C SER O 184 -5.16 -56.74 -54.66
N LYS O 185 -4.33 -56.44 -55.66
CA LYS O 185 -4.09 -57.40 -56.73
C LYS O 185 -3.35 -58.63 -56.26
N ALA O 186 -2.46 -58.48 -55.27
CA ALA O 186 -1.74 -59.62 -54.74
C ALA O 186 -2.69 -60.63 -54.10
N ASP O 187 -3.68 -60.14 -53.34
CA ASP O 187 -4.67 -61.02 -52.73
C ASP O 187 -5.63 -61.62 -53.74
N TYR O 188 -5.71 -61.06 -54.94
CA TYR O 188 -6.67 -61.51 -55.94
C TYR O 188 -6.06 -62.53 -56.91
N GLU O 189 -4.86 -62.25 -57.42
CA GLU O 189 -4.24 -63.13 -58.40
C GLU O 189 -3.94 -64.50 -57.83
N LYS O 190 -3.69 -64.59 -56.52
CA LYS O 190 -3.38 -65.87 -55.91
C LYS O 190 -4.59 -66.80 -55.96
N HIS O 191 -5.78 -66.28 -55.68
CA HIS O 191 -6.99 -67.09 -55.66
C HIS O 191 -7.61 -67.18 -57.06
N LYS O 192 -8.52 -68.13 -57.22
CA LYS O 192 -9.18 -68.37 -58.49
C LYS O 192 -10.69 -68.38 -58.40
N VAL O 193 -11.26 -68.91 -57.32
CA VAL O 193 -12.70 -69.07 -57.17
C VAL O 193 -13.24 -67.98 -56.26
N TYR O 194 -14.31 -67.33 -56.67
CA TYR O 194 -15.00 -66.35 -55.85
C TYR O 194 -16.50 -66.61 -55.92
N ALA O 195 -17.21 -66.26 -54.85
CA ALA O 195 -18.64 -66.56 -54.80
C ALA O 195 -19.34 -65.62 -53.84
N CYS O 196 -20.62 -65.37 -54.12
CA CYS O 196 -21.50 -64.68 -53.19
C CYS O 196 -22.73 -65.56 -52.94
N GLU O 197 -23.06 -65.75 -51.67
CA GLU O 197 -24.20 -66.53 -51.24
C GLU O 197 -25.26 -65.60 -50.68
N VAL O 198 -26.51 -65.79 -51.08
CA VAL O 198 -27.60 -64.91 -50.67
C VAL O 198 -28.72 -65.75 -50.06
N THR O 199 -29.24 -65.27 -48.92
CA THR O 199 -30.34 -65.91 -48.22
C THR O 199 -31.42 -64.88 -47.95
N HIS O 200 -32.66 -65.23 -48.28
CA HIS O 200 -33.81 -64.34 -48.13
C HIS O 200 -35.06 -65.18 -47.85
N GLN O 201 -36.11 -64.50 -47.39
CA GLN O 201 -37.33 -65.20 -46.98
C GLN O 201 -37.99 -65.92 -48.15
N GLY O 202 -37.99 -65.31 -49.33
CA GLY O 202 -38.61 -65.89 -50.50
C GLY O 202 -37.81 -67.00 -51.16
N LEU O 203 -36.61 -67.29 -50.66
CA LEU O 203 -35.75 -68.33 -51.20
C LEU O 203 -35.96 -69.63 -50.43
N SER O 204 -36.35 -70.69 -51.14
CA SER O 204 -36.43 -72.01 -50.52
C SER O 204 -35.06 -72.46 -50.06
N SER O 205 -34.03 -72.23 -50.88
CA SER O 205 -32.65 -72.52 -50.54
C SER O 205 -31.79 -71.31 -50.85
N PRO O 206 -30.68 -71.13 -50.15
CA PRO O 206 -29.77 -70.03 -50.46
C PRO O 206 -29.24 -70.15 -51.88
N VAL O 207 -29.10 -69.00 -52.54
CA VAL O 207 -28.66 -68.94 -53.93
C VAL O 207 -27.19 -68.56 -53.98
N THR O 208 -26.41 -69.34 -54.70
CA THR O 208 -25.00 -69.05 -54.92
C THR O 208 -24.80 -68.42 -56.30
N LYS O 209 -23.81 -67.52 -56.38
CA LYS O 209 -23.36 -67.02 -57.67
C LYS O 209 -21.84 -66.94 -57.60
N SER O 210 -21.17 -67.78 -58.41
CA SER O 210 -19.73 -67.95 -58.30
C SER O 210 -19.09 -67.84 -59.67
N PHE O 211 -17.80 -67.50 -59.66
CA PHE O 211 -17.01 -67.44 -60.88
C PHE O 211 -15.58 -67.87 -60.58
N ASN O 212 -14.98 -68.58 -61.54
CA ASN O 212 -13.58 -68.96 -61.49
C ASN O 212 -12.77 -67.99 -62.33
N ARG O 213 -11.78 -67.34 -61.71
CA ARG O 213 -11.00 -66.32 -62.42
C ARG O 213 -10.20 -66.92 -63.56
N GLY O 214 -9.71 -68.16 -63.39
CA GLY O 214 -8.92 -68.76 -64.45
C GLY O 214 -9.71 -68.98 -65.72
N GLU O 215 -11.00 -69.32 -65.60
CA GLU O 215 -11.83 -69.54 -66.78
C GLU O 215 -12.02 -68.25 -67.56
N CYS O 216 -12.42 -67.18 -66.88
CA CYS O 216 -12.71 -65.91 -67.54
C CYS O 216 -12.22 -64.72 -66.73
#